data_8RDJ
#
_entry.id   8RDJ
#
_cell.length_a   1.00
_cell.length_b   1.00
_cell.length_c   1.00
_cell.angle_alpha   90.00
_cell.angle_beta   90.00
_cell.angle_gamma   90.00
#
_symmetry.space_group_name_H-M   'P 1'
#
loop_
_entity.id
_entity.type
_entity.pdbx_description
1 polymer 'DNA-directed RNA polymerase subunit alpha'
2 polymer 'DNA-directed RNA polymerase subunit beta'
3 polymer "DNA-directed RNA polymerase subunit beta'"
4 polymer "DNA-directed RNA polymerase subunit beta''"
5 polymer PAP1
6 polymer PAP2
7 polymer PAP3
8 polymer PAP4
9 polymer PAP5
10 polymer PAP6
11 polymer PAP7
12 polymer PAP8
13 polymer PAP9
14 polymer PAP10
15 polymer PAP11
16 polymer PAP12
17 polymer FLN2
18 polymer PTAC18
19 polymer PRIN2
20 polymer 'DNA (81-MER)'
21 polymer 'DNA (81-MER)'
22 polymer 'RNA (40-MER)'
23 non-polymer 'MAGNESIUM ION'
24 non-polymer 'ZINC ION'
25 non-polymer 'FE (III) ION'
26 non-polymer S-ADENOSYL-L-HOMOCYSTEINE
27 water water
#
loop_
_entity_poly.entity_id
_entity_poly.type
_entity_poly.pdbx_seq_one_letter_code
_entity_poly.pdbx_strand_id
1 'polypeptide(L)'
;MVREKVKVSTRTLQWKCVESRRDSKRLYYGRFILSPLMKGQADTIGIAMRRALLGEIEGTCITRAKFENIPHDYSNIVGI
QESVHEILMNLNEIVLKSNLYGTRNALICVQGPGYITARDIILPPSVEIVDNTQHIATLTEPINLCIGLKIERNRGYSLK
MSNNFEDRSYPIDAVFMPVQNANHSIHSYGNGNEKQEILFIEIWTNGSLTPKEALHEASRNLINLFIPFLHVEEETFYLE
NNQHQVTLPLFPFHNKLVNLRQKKKELAFQYIFIDQLELPPRIYNCLKKSNIHTLLDLLNNSQEDLIKMEHFHIEDVKKL
LDILEKK
;
A,B
2 'polypeptide(L)'
;MLGDGKEGTSTIPGFNQIQFEGFYRFIDQGLIEELSKFPKIEDIDHEIEFQLFVETYQLVEPLIKERDAVYESLTYSSEL
YVSAGLIWKTNRNMQEQRIFIGNIPLMNSLGTFIVNGIYRVVINQILQSPGIYYQSELDHNGISVYTGTIISDWGGRLEL
EIDKKARIWARVSRKQKISILVLSSAMGSNLREILENVCYPEIFLSFLTDKEKKKIGSKENAILEFYQQFSCVGGDPIFS
ESLCKELQKKFFHQRCELGRIGRRNINWRLNLNIPQNNIFLLPRDILAAADHLIGMKFGMGTLDDMNHLKNKRIRSVADL
LQDQLGLALARLENVVKGTIGGAIRHKLIPTPQNLVTSTPLTTTYESFFGLHPLSQVLDRTNPLTQIVHGRKLSYLGPGG
LTGRTANFRIRDIHPSHYGRICPIDTSEGINVGLIGSLSIHARIGDWGSLESPFYELVEKSKKAQIRMLFLSPSQDEYYM
IAAGNSLALNRGIQEEQVVPARYRQEFLTIAWEEVHLRSIFPFQYFSIGASLIPFIEHNDANRALMSSNMQRQAVPLSRS
EKCIVGTGLERQVALDSGVPAIAEHEGKILYTDTEKIILSGNENTLSIPLIMYQRSNKNTCMHQKPQVRRGKCIKKGQIL
ADGAATVGGELALGKNVLVAYMPWEGYNFEDAVLISECLVYGDIYTSFHIRKYEIQTHVTTQGPERITKEIPHLEGRLLR
NLDKNGIVMLGSWVETGDILVGKLTPQVAKESSYAPEDRLLRAILGIQVSTSKETCLKLPIGGRGRVIDVRWVQKKGGSS
YNPEIIRVYISQKREIKVGDKVAGRHGNKGIISKILPRQDMPYLQDGRPVDMVFNPLGVPSRMNVGQIFECSLGLAGSLL
DRHYRIAPFDERYEQEASRKLVFSELYEASKQTANPWVFEPEYPGKSRIFDGRTGDPFEQPVIIGKPYILKLIHQVDDKI
HGRSSGHYALVTQQPLRGRSKQGGQRVGEMEVWALEGFGVAHILQEMLTYKSDHIRARQEVLGTTIIGGTIPKPEDAPES
FRLLVRELRSLALELNHFLVSEKNFQINRKEV
;
C
3 'polypeptide(L)'
;MIDRYKHQQLRIGLVSPQQISAWATKKIPNGEIVGEVTKPYTFHYKTNKPEKDGLFCERIFGPIKSGICACGNYRVIGDE
KEDPKFCEQCGVEFVDSRIRRYQMGYIKLTCPVTHVWYLKRLPSYIANLLDKPLKELEGLVYCDFSFARPITKKPTFLRL
RGSFEYEIQSWKYSIPLFFTTQGFEIFRNREISTGAGAIREQLADLDLRIIIENSLVEWKQLGEEGPTGNEWEDRKIVRR
KDFLVRRMELAKHFIRTNIEPEWMVLCLLPVLPPELRPIIQIEGGKLMSSDINELYRRVIYRNNTLTDLLTTSRSTPGEL
VMCQEKLVQEAVDTLLDNGIRGQPMRDGHNKVYKSFSDVIEGKEGRFRETLLGKRVDYSGRSVIVVGPSLSLHRCGLPRE
IAIELFQTFVIRGLIRQHLASNIGVAKSQIREKKPIVWEILQEVMQGHPVLLNRAPTLHRLGIQSFQPILVEGRTICLHP
LVCKGFNADFDGDQMAVHVPLSLEAQAEARLLMFSHMNLLSPAIGDPISVPTQDMLIGLYVLTSGTRRGICANRYNPCNR
KNYQNERIYETNYKYMKEPFFCNSYDAIGAYRQKRINLDSPLWLRWQLDQRVIASKEVPIEVHYESFGNYHEIYAHYLIV
RSVKKETLYIYIRTTVGHISFYREIEEAIQGFSQACSYDT
;
D
4 'polypeptide(L)'
;MAERANLVFHNKVIDGTAIKRLISRLIDHFGMAYTSHILDQVKTLGFQQATATSISLGIDDLLTIPSKGWLVQDAEQQSL
ILEKHHHYGNVHAVEKLRQSIEIWYATSEYLRQEMNPNFRMTDPFNPVHMMSFSGARGNASQVHQLVGMRGLMSDPQGQM
IDLPIQSNLREGLSLTEYIISCYGARKGVVDTAVRTSDAGYLTRRLVEVVQHIVVRRTDCGTIRGISVSPRNKSRMMSER
IFIQTLIGRVLADDIYIGSRCVAFRNQDLGIGLVNRFITFGTQSISIRTPFTCRSTSWICRLCYGRSPTHGDLVELGEAV
GIIAGQSIGEPGTQLTLRTFHTGGVFTGGTAEHVRAPYNGKIKFNEDLVHPTRTRHGHPAFLCYIDLSVIIESEDIIHSV
TIPPKSFLLVQNDQYVESEQVIAEIREGTYTFHFKERVRKYIYSDSEGEMHWSTDVSHAPEFTYSNVHLLPKTSHLWILS
GGSCGSSLILFSIHKDQDQMNIPFLSVERKSISSLSVNNDQVSQKFFSSDFSDKKKSGIPNYSELNGIVGTSHYNFIYSA
IFHENSDLLAKRRRNRFLIPFQSIQEQEQEKEFIPHSGISVEIPINGIFRRNSIFAFFDDPRYRRKSSGILKYGTLKADS
IIQKEDMIEYRGVQKFKTKYEMKVDRFFFIPEEVHILPESSAIMVENYSIIGVDTRITLNIRSQVGGLIRVERKKKRIEL
KIFSGDIHFPDKTDKISRHSGILIPPGRGKTNSKESKNLKNWIYVQRITPTKKKFFVLVRPVATYEIADSINLATLFPKD
LFREKDNIQLRVFNYILYGNGKPTRGISDTSIQLVRTCLVLNWDQDNKNSSLEEVRAFFVEVNTKGLIRDFIRIGLVKSH
ISYIRKRNNPPDSGLISADSMNPFYSISPKAGILHQSLRQNHGTIRMFLNRNKESQSLLILSSSNCFRIGPFNHVKYHNV
INQSIKKKPLITIKNSSGPLGTAIQISNFYSFLPLLTYNQISVIKYLQLDNFKYIFQVIHSYLIDENGRIFNLDPYSNLV
LNPFKLNWYFLHQNYNNNYCEETSTIISLGQFFCENVCIAKKEPYLKSGQVLIVQRDSVVIRSAKPYLATPGAKVHGHYR
EILYEGDTLVTFIYEKSRSGDITQGLPKVEQVLEVRSIDSISLNLEKRIKGWNRCITRILGIPWGFLIGAELTIVQSRIS
LVNKIQKVYRSQGVQIHNRHIEIIVRQITSKVLVSEEGMSNVFLPGELIGLLRAERTGRALEEAICYRAVLLGITRASLN
TQSFISEASFQETARVLAKAALRGRIDWLKGLKENVVLGGVIPAGTGFNKGLVHCSRQHTNILLEKKTKNLSLLEGDMRD
ILFYHREFCDSSI
;
E
5 'polypeptide(L)'
;MSLFFLNPALPSNSIHPIPRRAAGISSIRCSISAPEKKPRRRRKQQQKRENEDSSSFGSSEAVSALERSLRLTFMDELME
RARNRDPSGVSEVIYDMIAAGLSPGPRSFHGLVVAHALNGDEQGAMHSLRKELGAGQRPLPETMIALVRLSGSKGNAQRG
LELLAAMEKLNYDIRQAWLILVEELVRTNHLEEANKVFLKGARGGMRATDQLYDLMIEEDCKAGDHSNALDISYEMEAAG
RFATTFHFNCLLSVQATCGIPEVAYATFENMEYGEDFMKPDTETYNWVIQAYTRADSYDRVQDVAELLGMMVEDYKRVQP
NVKTHALLVECFTKYCVVKEAIRHFRALKNFEGGTKVLHNAGNFEDPLSLYLRALCREGRIVELIDALDAMRRDNQPIPP
RAMIMSRKYRTLVSSWIEPLQEEAELGYEIDYLARYVEEGGLTGERKRWVPRRGKTPLDPDAAGFIYSNPIETSFKQRCL
EDWKVHHRKLLRTLQSEGLPVLGDASESDYMRVMERLRNIIKGPAQNLLKPKAASKMVVSELKEELEAQGLPIDGTRNVL
YQRVQKARRINKSRGRPLWVPPIEEEEEEVDEEVDELICRIKLHEGDTEFWKRRFLGEGLIETTAETKETDESSVATGEI
ENKTEVVAKEADDDEDDEEEEQEGDEDDDENEEEEEAVVVEPENRAEGEDLIKNKAADAKRHLQMIGVQLLKESDEANRT
KKRGKRASRMTLEDDADEDWFPEEPFEAFKEMRERKVFDVSDMYTIADVWGWTWEKDFKNKTPRRWSQEWEVELAIVLMA
KVIELGGVPTIGDCAVILRAAIRAPMPSSFLKILQTTHSLGYAFGSPLYDEIITLCLDLGELDAAIAIVADMETTGITVP
DQTLDKVISARQSNEIPKSEHEEPPSSSESS
;
F
6 'polypeptide(L)'
;MNLAIPNPNSHHLSFLIQNSTFIGNRRFANSNHLSFLSGGKRPCSVAKINAKTKDLVLGNPSVSVEKGKYSYDVESLINK
LSSLPPRGSIARCLDIFKNKLSLNDFALVFKEFAGRGDWQRSLRLFKYMQRQIWCKPNEHIYTIMISLLGREGLLDKCLE
VFEEMPSQGVARSVFSYTALINAYGRNGRYETSLELLDRMKSEKISPSILTYNTVINACARGGLDWEGLLGLFAEMRHEG
IQPDIVTYNTLLSACAIRGLGDEAEMVFRTMNDGGIVPDLTTYSHLVETFGKLGRLEKVSDLLSEMASGGSLPDITSYNV
LLEAYAKSGSIKEAMGVFHQMQAAGCSPNANTYSVLLNLFGQNGRYDDVRQLFLEMKSSNTDPDAATYNILIDVFGEGGY
FKEVVTLFHDMVEENIEPDMETYEGIIFACGKGGLHEDARKILQYMTAKDVVPSSKAYTGVIEAFGQAALYEEALVAFNT
MHEVGSNPSIETFHSLLYSFARGGLFKESEVILSRLVNSGIPRNRDTFNATIEAYKQGGKFEEAVKTYVDMEKSRCDPDE
RTLEAVLSVYSCARLVDECREQFEEMKASDILPSIMCYCMMLSVYGKTESWDDVNELLEEMLSNRVSNIHQVIGQMIKGN
YDDDSNWQIVEYVLDKLNSEGCGLGIRFYNALLDALWWLGQKERAARVLNEATKRGIFPELFRKNKLVWSVDVHRMSEGG
MYTALSVWLNDLSDILVKGQDLPQLAVVVSVRGQLEKSSAARESPITRAAFSFLQDHVSSSFSFTGWNGGRIMCQRSQLK
QLLSTQEPTSEESPKSNIVALTNSPIFAAGTRTSTSSDTNHSGGNPSQRKTKMKKELAGSPA
;
G
7 'polypeptide(L)'
;MQICQATLTTFTFTNPSNPNFCKPKPLFPSFQPPRRVTLPPCRGFSSDEFPVDETFLEKFGPKDKDTEDEARRRNWIERG
WAPWEEILTPEADFARKSLNEGEEVPLQSPEAIEAFKMLRPSYRKKKIKEMGITEDEWYAKQFEIRGDKPPPLDTSWAGP
LVVRQIPPRDWPPKGWEVDRKELEFIREAHKLMAERVWLEDLDKDLKVGEDATVDKMCLERFKVFLKQYNEWVEANKDRL
EEDSYKYDQDFYPGRRIRGKDYKEGMYELPFYYPGMICEGTVTTLHLYQGAFVDIGGVHEGWVPIKGNDWFWIRHFIRVG
MHVIVEITAKRDPYRFRFPLELRFVHPNIDHMIFNKFDFPPIFHRDGDTNPDEIRRDCGRPPEPRKDPGSKPEEEGLLSD
HPYVDKLWQLHVAEQMILDDYEANPEKYKGKKLSELSDDEGFDERKEIEHGEAYYKKTKLPKVILKTSVKELDLEAALIE
RKYHNKLMMEAKARGEGYKIEKLRRNIEMDEYDSLHWRRSLEEREALLRDISSRQALGLPLEEPGRYKPGSFFGKDQYDP
TSALYQYDYWGEPKNSEISKQERMKDAHNKSIVGKGNVWYDMSYDDAIKQTIERRKAESNVVTQKEEETESKEEEEDDDD
EYEFDDFDYSILSDESSIGYSEQQPLVNGTQVFTD
;
H
8 'polypeptide(L)'
;MASCLVTTSSFYTVSDSSLRLKPSNLVHLSNQQRRRSLGSRGGLKVEAYYGLKTPPYPLDALEPYMSQRTLEVHWGKHHR
GYVDNLNKQLGKDDRLYGYTMEELIKATYNNGNPLPEFNNAAQVYNHDFFWESMQPGGGDMPIKGVLEQIEKDFGSFTNF
REKFTNAALTQFGSGWVWLVLKREERRLEVVKTSNAINPLVWDDIPIINLDVWEHSYYLDYKNERGKYINTFLNHLVSWN
AAMSRMARAEAFVNLGEPTIPIA
;
I
9 'polypeptide(L)'
;MASISTTSWLYRDKLCTESGKLGTCILQRPVKCGFPVKRLYVGITSKDVLMRDCIKCKKDDDDDDASEGSSKKDGQGYEY
VSVERAPYYSYMDSTSGKMEPASGARASIPGEDYWPEGTSSRVRAARAPQPAGESSSFPSYGKNPGSRRKKNRKATEGNA
AVETYDEVSDSEDSSEEEESDSSNGFVVYNNEVEGEDEEETGFELDKKLGRPHPFIDPTKKKQIETTLTSDESWWNWRKP
EKEQWSRWQRRRPDVETVFLKAMAETGQVKLYGKEPTLTETSLYRARRHLFKEERLQAERERLAKEGPMAFYSEWVKAWK
RDTSREAVQKHFEETGEDENTQLIEMFSHQTDREYRIMMGTDVRIKRDPLAMRMKEDQIKQIWGGDPVYPTINYIQAPDA
VMDFRGPDFHEPTPNMLSYLKENCKVISREMHETLLAKEKTEQVEVPDIDDAMAQAVDIGENDDEEEDTEEAEKDEKVAR
NWSVLKSTPELRNSKPKPKKEGRMSLDEAVDDSENLTDFLMDFDEETDP
;
J
10 'polypeptide(L)'
;MASLHLFPHLHHFDSIIHRREIAAHSRRQFLSPKASINGGVVTNGASAAETAKPSRKGRNKKKQTEETNPDSDPALVDYD
DGIDFPYDDPPLVCCFGAVQKEFVPVVRVHDNPMHPDIYSQWKMLQWDPPEFGRAPGGPPSNVAISHVRLGGRAAFMGKV
GGDDYGEELVLMMNKERVQTRGVKFDEGASTACTRVKIKFEDGKMKAETVKEPPEDSLLASELNLAVLKEARIFHFNSEV
LTSPTMESTLFKAIQWSKKFGGLIFFDLNLPLPLWRSRNETRKLIKKSWDEANIIEVSQQELEFLLDEEYYERRRNYTPQ
YFAEDFEQTKNRRDYYHYTPEEIKPLWHDDLKLLVVTDGTLRLHYYTPKFDGVVVGTEDVLITPFTCDRTGSGDAVVAGI
MRKLTTCPEMFEDQDVLERQLRFAVAAGIISQWTIGAVRGFPTESATQNLKEQVYVPSMW
;
K
11 'polypeptide(L)'
;MASPVSLHYLINTFISKPQGFCNGTVSSPRPRSSFVRERQNSVKPIKVASLETQPFPLFQSPASEESSSSELESADPDFY
KIGYVRRVRAYGVEFKEGPDGFGIYASKDIEPRRRARVIMEIPHELMITIRQKHPWMFFPDIVPIGHPIFDIINSTDPER
DWDLRLACLLLFSFDREDHFWRLYGDFLPAADECSSLLLATEEDLAELQDPQLVSTIRQQQKRVLEFWEKNWHSGVPLKI
KRLAEDAERFIWAVSIAQTRCISMKTRIGALVQDLNMMIPYADMLNHSFEPNCFLHWRPKDRILEVMSNAGQAIKKGEEM
TINYMPGQKNNMLMERYGFSTPVNPWDAIPFSGDSRIHLNSFLSVFNIFGLPEEYYHDSELSGDDSFVDGAVIAAARTLP
TWSDIDLPPIPSAERKAVKELQDECRKMLAEYPTTSEQDQKLLDSLSEARTTFATAVKYRMHRKMFIGKIIKALDIYQER
LLF
;
L
12 'polypeptide(L)'
;MASSAASPSLSLLSLTPKPPPSPSTASATSHRLFPSFRTNGCFAPLTLKPRRGRSIIVKVDDGDADGGGQDEYDMDDEEV
EEVDNKKDYDVEYDPLAAAMAAASGGGGDGDIAFVQSKSFISTQGWDSEMVVDYRINEDEFHKISLLDCDFFIRKPPDPD
NDVYDFREMYVTPPDTDIYSVPRVLAPMPQKYIRCAMSDYGCYDVTEPPIDAPRDPLYKSEREISKVFLTKHYRNRRLND
PEFVLDFEEIYVIDSKTKSITRARVLVTVPGGRKRDRKDDLLVIRDNGNSFKIIHVGERDDPTTVIEREEWTKTREDMEK
HLRKLRDFSVSNWF
;
M
13 'polypeptide(L)'
;MMTSTCSFLSSCSLLPSQEPNQRMQWKRHEKRQFSRKVAVSGVIRAGFELKPPPYPLDALEPHMSRETLDYHWGKHHKTY
VENLNKQIVGTDLDGLSLEEVVLLSYNRGNMLPAFNNAAQAWNHEFFWESIQPGGGGKPSGDLLRLIERDFGSFSDFVER
FKAAAASNFGSGWTWLAYKANRLDVANAVNPLPKEEDKKLVIVKTPNAVNPLVWDYSPLLTIDTWEHAYYLDFENRRIEY
INTFMEKLVSWETVSTRLESAMARAAQREQEGSDTEAEENPDDEEPEVYLDDASEVD
;
N
14 'polypeptide(L)'
;MALVQSRALPRLNVSLSPILSTLHAPPSSLFLRREIRPVVTSPFSSSTTGNLPFSPLTHPRKILCPPPRGKFVREDYLVR
KLSAQELQDLVKGERKVPLIVDFYATWCGPCILMAQELEMLAVEYESNAMIVKVDTDDEYEFARDMQVRGLPTLFFISPD
PSKDAIRTEGLIPLQMMRDIIDNDM
;
O,P
15 'polypeptide(L)'
;MAFTFFSPHPVFLPLGRTTSSFSYKPVYSPFPRNSRNLQLAAGPARRNSYPNPADDDPPEAPEDSMHGVSKFQQIQRQAA
RARKLEEEDFEKNRNTYLSAIADVEDAPETGRDDVESGGDLFSDIDRAISMKRSEFVKKGLLQPNPPKTTSSKKLDEEED
DVTDVVDELDEEEVVDLDEIDKLTGLTEVSDEEDWVDEEGNPRINKKKETGSDHHFEFDLDDFGGSKARIVEPKFRLSLA
ELLDESKVVPISVYGDLDVEITGIQHDSRGVSSGDLFVCCENEGDSVLSEADKRGAVAVVASKEIDIEDTLGCRALVIVE
DTEAVLAALASSFYRHPSKNMAVIGVTGTNGKTTTTYLIKSLYEAMGVRTGMFSTVSCYVHGDNKMDSPTTTSPDAVLVQ
SMMAKMLHNGTEALVMEASPQELASGKCDEVDFDIAVFTNLTREDSDFRGTDEEYRDAEAKLFARMVDPERHRKVVNIDD
PNAAFFVQQGNPDVPVVTFAMENTKADVHPLKFELSLFETQVLVNTPQGILEISSGLLGRHNIYNILAAVAVGIAVGAPL
EDIVRGVEEVDAVPGRCELIDEEQAFGVIVDHANTPDGLSRLLDSVRELKPRRIITVIGCAGENERGKRPVMTKIATEKS
DVTMLTSDNPGNEDPLDILDDMLSGIGWTMQEYLKHGEHDYYPPLSNGHRLFLHDVRRVAVRCAVAMGEEGDMVVVAGKG
HESYQLEGDKKEFYDDREECREALQYVDELHQAGIDTSEFPWRLPESH
;
Q
16 'polypeptide(L)'
;MFCSSFTSSISRIGDARSGNSRASSFTFQTQVSCGIQRDDNGRRIWRRRTLTKKDDMLRYKLQRVPFVEEQVRKIKEVGK
VMTMDIERLLLSEDNRFEFVNSVAAEATEYVEKNRDEYGGTKKAIFHVLSNRVNDLGFDRPEAYAESDPYKPGPGYLKEY
YT
;
R
17 'polypeptide(L)'
;MASLSFTQFLPFPRCSVDVPCLQPHGFVKFRGERWKGKHSFLMVAGRRKLSESAPLDEDDGGNGAVGGKKPTKVPKKSGA
RTAKKKVVAKDEPLEESSQLLVDSDNVSDNESDTKEPVRRTRKKAAASSDVNEGKTEKKVRRKRTVKKDKEVEDGLVTYD
EASDVEEALTVEATDADSEGEEIDLSKHESEDISHTYGWPPLVCCFGSAQHAFVPSGRPANRLLDYERQERMKDAVWAPE
KYIRAPGGCAGGVAIALASLGGKAAFMGKLGDDDFGQAMLYYLNVCQVQTRSVKIDSKRVTACSTMKISKRGRLKSTCVK
PCAEDSLSKSEINVDVLKEAKMFYFTTHSLLDKKMMSTTLQAIKISKQLGNVIFYDLNLPLPLWQSLEETKSLIQEVWDL
ADVIEVTKQELEFLCGIEPTEEFDTKNNDSSKFVHYEPETVEPLWHENLKILFVTNGTSKIHYYTKEHNGAVLGMEDVPI
TPFTRDMSASGDGIVAGLIRMLTVQPDLMNDKGYLERTARYAIECGVVDQWLLAQTRGYPPKDDMEEEEDDDEEEEMESD
PNGIRSITEREYRTSKPYDEPDGPYVMKPVEEREYRKLELVGSMGEDDDSS
;
S
18 'polypeptide(L)'
;MASLVMATPFSGSLTQCKKKTKNLSVQRAFFKVTCSMQTPLEELYNVKVERKVSQRRLEELGVSRWSVWKTGKCKLPWDW
QVDQLVYIEEGEVRVVPEGSKRFMQFLAGDLVRYPKWLEADLFFNAPYSERYCFKAYADD
;
T
19 'polypeptide(L)'
;MQMASLDAALFSSRLQFHSSSSSSSSIRCALPTIFNLSSPAGSSCVLKSTQFLKRRLRAKSTNFSLSSLPRRGFVCRAAE
YKFPDPIPEFAEAETKKFRDHMAKKLAKRDLFEDSVDEIVGVCTEIFETFLRNEYGGPGTLLVIPFIDMADTLNERELPG
GPQAARAAIKWAQDHVDKDWKEWTGTD
;
U
20 'polydeoxyribonucleotide'
;(DT)(DT)(DA)(DT)(DT)(DT)(DG)(DG)(DT)(DT)(DC)(DC)(DT)(DA)(DA)(DA)(DA)(DT)(DG)(DG)
(DA)(DG)(DG)(DT)(DC)(DA)(DG)(DT)(DA)(DC)(DG)(DT)(DC)(DC)(DT)(DA)(DT)(DC)(DG)(DA)
(DT)(DC)(DT)(DT)(DC)(DG)(DG)(DA)(DC)(DT)(DG)(DC)(DA)(DA)(DT)(DT)(DT)(DT)(DA)(DG)
(DA)(DG)(DA)(DG)(DA)(DC)(DG)(DC)(DG)(DA)(DA)(DA)(DG)(DC)(DG)(DA)(DA)(DA)(DG)(DC)
(DC)
;
X
21 'polydeoxyribonucleotide'
;(DG)(DG)(DC)(DT)(DT)(DT)(DC)(DG)(DC)(DT)(DT)(DT)(DC)(DG)(DC)(DG)(DT)(DC)(DT)(DC)
(DT)(DC)(DT)(DA)(DA)(DA)(DA)(DT)(DT)(DG)(DC)(DA)(DG)(DT)(DC)(DC)(DC)(DG)(DC)(DG)
(DC)(DG)(DC)(DC)(DG)(DT)(DA)(DG)(DG)(DA)(DC)(DG)(DT)(DA)(DC)(DT)(DG)(DA)(DC)(DC)
(DT)(DC)(DC)(DA)(DT)(DT)(DT)(DT)(DA)(DG)(DG)(DA)(DA)(DC)(DC)(DA)(DA)(DA)(DT)(DA)
(DA)
;
Y
22 'polyribonucleotide' CCUGAUGAUUAAAUAAACCAAGGAUUUUACCCGGCGCGCG Z
#
loop_
_chem_comp.id
_chem_comp.type
_chem_comp.name
_chem_comp.formula
A RNA linking ADENOSINE-5'-MONOPHOSPHATE 'C10 H14 N5 O7 P'
C RNA linking CYTIDINE-5'-MONOPHOSPHATE 'C9 H14 N3 O8 P'
DA DNA linking 2'-DEOXYADENOSINE-5'-MONOPHOSPHATE 'C10 H14 N5 O6 P'
DC DNA linking 2'-DEOXYCYTIDINE-5'-MONOPHOSPHATE 'C9 H14 N3 O7 P'
DG DNA linking 2'-DEOXYGUANOSINE-5'-MONOPHOSPHATE 'C10 H14 N5 O7 P'
DT DNA linking THYMIDINE-5'-MONOPHOSPHATE 'C10 H15 N2 O8 P'
FE non-polymer 'FE (III) ION' 'Fe 3'
G RNA linking GUANOSINE-5'-MONOPHOSPHATE 'C10 H14 N5 O8 P'
MG non-polymer 'MAGNESIUM ION' 'Mg 2'
SAH non-polymer S-ADENOSYL-L-HOMOCYSTEINE 'C14 H20 N6 O5 S'
U RNA linking URIDINE-5'-MONOPHOSPHATE 'C9 H13 N2 O9 P'
ZN non-polymer 'ZINC ION' 'Zn 2'
#
# COMPACT_ATOMS: atom_id res chain seq x y z
N THR A 10 -64.52 34.59 -32.78
CA THR A 10 -65.72 33.76 -32.67
C THR A 10 -65.57 32.73 -31.55
N ARG A 11 -64.46 32.02 -31.55
CA ARG A 11 -64.20 31.03 -30.52
C ARG A 11 -63.87 31.70 -29.20
N THR A 12 -64.40 31.14 -28.11
CA THR A 12 -64.08 31.66 -26.79
C THR A 12 -62.61 31.42 -26.46
N LEU A 13 -62.07 30.26 -26.83
CA LEU A 13 -60.66 29.94 -26.64
C LEU A 13 -59.96 30.06 -27.98
N GLN A 14 -58.97 30.93 -28.05
CA GLN A 14 -58.29 31.24 -29.30
C GLN A 14 -56.79 31.02 -29.16
N TRP A 15 -56.15 30.78 -30.29
CA TRP A 15 -54.70 30.71 -30.38
C TRP A 15 -54.24 31.54 -31.57
N LYS A 16 -53.05 32.11 -31.46
CA LYS A 16 -52.51 32.94 -32.53
C LYS A 16 -51.00 33.00 -32.40
N CYS A 17 -50.33 33.17 -33.53
CA CYS A 17 -48.89 33.40 -33.55
C CYS A 17 -48.65 34.89 -33.30
N VAL A 18 -48.09 35.21 -32.14
CA VAL A 18 -47.87 36.61 -31.78
C VAL A 18 -46.53 37.15 -32.26
N GLU A 19 -45.64 36.28 -32.75
CA GLU A 19 -44.39 36.73 -33.35
C GLU A 19 -43.80 35.61 -34.17
N SER A 20 -43.35 35.95 -35.38
CA SER A 20 -42.65 35.02 -36.25
C SER A 20 -41.39 35.70 -36.76
N ARG A 21 -40.27 34.99 -36.70
CA ARG A 21 -38.99 35.61 -37.03
C ARG A 21 -38.07 34.57 -37.65
N ARG A 22 -37.43 34.94 -38.75
CA ARG A 22 -36.45 34.11 -39.45
C ARG A 22 -35.08 34.71 -39.22
N ASP A 23 -34.40 34.23 -38.17
CA ASP A 23 -33.07 34.74 -37.86
C ASP A 23 -32.09 34.44 -38.98
N SER A 24 -32.13 33.23 -39.52
CA SER A 24 -31.30 32.84 -40.65
C SER A 24 -32.05 31.79 -41.46
N LYS A 25 -31.37 31.20 -42.44
CA LYS A 25 -32.01 30.20 -43.27
C LYS A 25 -32.28 28.90 -42.51
N ARG A 26 -31.56 28.66 -41.41
CA ARG A 26 -31.72 27.44 -40.64
C ARG A 26 -31.97 27.74 -39.17
N LEU A 27 -32.68 28.82 -38.87
CA LEU A 27 -33.09 29.13 -37.51
C LEU A 27 -34.37 29.96 -37.58
N TYR A 28 -35.51 29.33 -37.39
CA TYR A 28 -36.79 30.00 -37.36
C TYR A 28 -37.28 30.13 -35.93
N TYR A 29 -38.02 31.21 -35.66
CA TYR A 29 -38.56 31.46 -34.35
C TYR A 29 -40.03 31.77 -34.46
N GLY A 30 -40.79 31.35 -33.44
CA GLY A 30 -42.20 31.67 -33.36
C GLY A 30 -42.69 31.65 -31.93
N ARG A 31 -43.55 32.60 -31.58
CA ARG A 31 -44.20 32.65 -30.28
C ARG A 31 -45.71 32.61 -30.49
N PHE A 32 -46.39 31.80 -29.68
CA PHE A 32 -47.82 31.57 -29.84
C PHE A 32 -48.51 31.80 -28.51
N ILE A 33 -49.78 32.21 -28.59
CA ILE A 33 -50.58 32.46 -27.40
C ILE A 33 -51.79 31.53 -27.42
N LEU A 34 -52.33 31.28 -26.23
CA LEU A 34 -53.50 30.42 -26.07
C LEU A 34 -54.22 30.86 -24.80
N SER A 35 -55.34 31.55 -24.96
CA SER A 35 -56.10 32.06 -23.83
C SER A 35 -57.55 32.13 -24.22
N PRO A 36 -58.46 32.08 -23.24
CA PRO A 36 -58.23 31.86 -21.81
C PRO A 36 -58.30 30.38 -21.44
N LEU A 37 -57.42 29.92 -20.56
CA LEU A 37 -57.42 28.54 -20.10
C LEU A 37 -57.81 28.49 -18.64
N MET A 38 -58.51 27.43 -18.26
CA MET A 38 -58.85 27.22 -16.86
C MET A 38 -57.61 26.86 -16.07
N LYS A 39 -57.63 27.19 -14.78
CA LYS A 39 -56.45 27.00 -13.95
C LYS A 39 -56.03 25.54 -13.92
N GLY A 40 -54.75 25.30 -14.19
CA GLY A 40 -54.19 23.98 -14.24
C GLY A 40 -54.08 23.39 -15.64
N GLN A 41 -54.88 23.88 -16.60
CA GLN A 41 -54.80 23.37 -17.95
C GLN A 41 -53.53 23.83 -18.65
N ALA A 42 -53.09 25.06 -18.37
CA ALA A 42 -51.91 25.60 -19.02
C ALA A 42 -50.67 24.80 -18.68
N ASP A 43 -50.54 24.36 -17.43
CA ASP A 43 -49.38 23.56 -17.03
C ASP A 43 -49.35 22.24 -17.79
N THR A 44 -50.48 21.55 -17.87
CA THR A 44 -50.55 20.28 -18.58
C THR A 44 -50.22 20.45 -20.05
N ILE A 45 -50.85 21.45 -20.68
CA ILE A 45 -50.59 21.69 -22.10
C ILE A 45 -49.13 22.03 -22.32
N GLY A 46 -48.55 22.87 -21.45
CA GLY A 46 -47.17 23.28 -21.63
C GLY A 46 -46.20 22.13 -21.51
N ILE A 47 -46.37 21.30 -20.48
CA ILE A 47 -45.41 20.22 -20.28
C ILE A 47 -45.56 19.17 -21.39
N ALA A 48 -46.79 18.81 -21.75
CA ALA A 48 -46.96 17.82 -22.81
C ALA A 48 -46.46 18.35 -24.15
N MET A 49 -46.73 19.62 -24.44
CA MET A 49 -46.27 20.22 -25.69
C MET A 49 -44.75 20.31 -25.73
N ARG A 50 -44.12 20.67 -24.62
CA ARG A 50 -42.66 20.73 -24.57
C ARG A 50 -42.05 19.36 -24.83
N ARG A 51 -42.59 18.32 -24.17
CA ARG A 51 -42.03 16.99 -24.36
C ARG A 51 -42.27 16.48 -25.78
N ALA A 52 -43.43 16.80 -26.36
CA ALA A 52 -43.68 16.40 -27.75
C ALA A 52 -42.76 17.12 -28.72
N LEU A 53 -42.54 18.42 -28.51
CA LEU A 53 -41.66 19.18 -29.39
C LEU A 53 -40.22 18.69 -29.29
N LEU A 54 -39.75 18.39 -28.09
CA LEU A 54 -38.37 17.98 -27.91
C LEU A 54 -38.14 16.51 -28.21
N GLY A 55 -39.17 15.67 -28.21
CA GLY A 55 -38.93 14.25 -28.36
C GLY A 55 -39.71 13.53 -29.44
N GLU A 56 -40.81 14.09 -29.90
CA GLU A 56 -41.75 13.36 -30.74
C GLU A 56 -41.81 13.84 -32.19
N ILE A 57 -41.10 14.90 -32.55
CA ILE A 57 -41.11 15.44 -33.90
C ILE A 57 -39.94 14.83 -34.67
N GLU A 58 -40.23 14.33 -35.87
CA GLU A 58 -39.25 13.62 -36.67
C GLU A 58 -38.64 14.52 -37.73
N GLY A 59 -37.41 14.19 -38.13
CA GLY A 59 -36.71 14.94 -39.15
C GLY A 59 -36.01 14.02 -40.13
N THR A 60 -35.54 14.61 -41.21
CA THR A 60 -34.89 13.90 -42.31
C THR A 60 -33.44 14.32 -42.38
N CYS A 61 -32.53 13.34 -42.41
CA CYS A 61 -31.11 13.62 -42.35
C CYS A 61 -30.35 12.65 -43.24
N ILE A 62 -29.14 13.06 -43.63
CA ILE A 62 -28.21 12.15 -44.30
C ILE A 62 -27.57 11.24 -43.26
N THR A 63 -27.60 9.93 -43.53
CA THR A 63 -27.12 8.94 -42.57
C THR A 63 -25.97 8.08 -43.05
N ARG A 64 -25.68 8.06 -44.35
CA ARG A 64 -24.60 7.22 -44.86
C ARG A 64 -24.13 7.76 -46.19
N ALA A 65 -22.82 7.97 -46.32
CA ALA A 65 -22.20 8.46 -47.54
C ALA A 65 -21.14 7.47 -47.98
N LYS A 66 -21.11 7.16 -49.28
CA LYS A 66 -20.21 6.17 -49.83
C LYS A 66 -19.19 6.86 -50.73
N PHE A 67 -17.91 6.65 -50.44
CA PHE A 67 -16.82 7.12 -51.28
C PHE A 67 -16.25 5.95 -52.08
N GLU A 68 -15.24 6.24 -52.88
CA GLU A 68 -14.73 5.21 -53.79
C GLU A 68 -13.22 5.00 -53.67
N ASN A 69 -12.45 6.06 -53.46
CA ASN A 69 -10.99 5.98 -53.48
C ASN A 69 -10.40 6.44 -52.16
N ILE A 70 -10.95 5.97 -51.04
CA ILE A 70 -10.58 6.40 -49.72
C ILE A 70 -10.16 5.18 -48.91
N PRO A 71 -8.95 5.16 -48.32
CA PRO A 71 -8.57 4.05 -47.45
C PRO A 71 -9.39 4.03 -46.16
N HIS A 72 -9.50 5.19 -45.51
CA HIS A 72 -10.29 5.33 -44.30
C HIS A 72 -10.69 6.78 -44.16
N ASP A 73 -11.73 7.01 -43.37
CA ASP A 73 -12.31 8.34 -43.19
C ASP A 73 -11.36 9.33 -42.53
N TYR A 74 -10.14 8.93 -42.19
CA TYR A 74 -9.15 9.82 -41.61
C TYR A 74 -8.00 10.06 -42.58
N SER A 75 -8.31 10.23 -43.86
CA SER A 75 -7.33 10.48 -44.90
C SER A 75 -7.76 11.67 -45.73
N ASN A 76 -6.87 12.11 -46.62
CA ASN A 76 -7.09 13.28 -47.45
C ASN A 76 -7.31 12.86 -48.91
N ILE A 77 -7.74 13.84 -49.70
CA ILE A 77 -7.87 13.71 -51.15
C ILE A 77 -7.05 14.82 -51.79
N VAL A 78 -6.23 14.48 -52.78
CA VAL A 78 -5.41 15.47 -53.46
C VAL A 78 -6.30 16.40 -54.26
N GLY A 79 -6.13 17.71 -54.06
CA GLY A 79 -6.93 18.71 -54.72
C GLY A 79 -8.19 19.11 -53.98
N ILE A 80 -8.57 18.41 -52.92
CA ILE A 80 -9.70 18.77 -52.08
C ILE A 80 -9.16 19.30 -50.77
N GLN A 81 -9.56 20.52 -50.40
CA GLN A 81 -8.97 21.18 -49.24
C GLN A 81 -9.35 20.48 -47.94
N GLU A 82 -10.54 19.87 -47.88
CA GLU A 82 -11.00 19.21 -46.67
C GLU A 82 -10.73 17.71 -46.75
N SER A 83 -10.32 17.13 -45.62
CA SER A 83 -10.15 15.69 -45.54
C SER A 83 -11.51 15.00 -45.54
N VAL A 84 -11.49 13.66 -45.52
CA VAL A 84 -12.74 12.90 -45.54
C VAL A 84 -13.54 13.17 -44.27
N HIS A 85 -12.85 13.32 -43.14
CA HIS A 85 -13.55 13.58 -41.88
C HIS A 85 -14.30 14.90 -41.93
N GLU A 86 -13.66 15.94 -42.46
CA GLU A 86 -14.34 17.23 -42.57
C GLU A 86 -15.51 17.16 -43.56
N ILE A 87 -15.36 16.39 -44.63
CA ILE A 87 -16.45 16.24 -45.59
C ILE A 87 -17.64 15.56 -44.93
N LEU A 88 -17.38 14.52 -44.14
CA LEU A 88 -18.46 13.84 -43.43
C LEU A 88 -19.11 14.76 -42.40
N MET A 89 -18.31 15.56 -41.70
CA MET A 89 -18.87 16.51 -40.74
C MET A 89 -19.75 17.55 -41.44
N ASN A 90 -19.32 18.03 -42.60
CA ASN A 90 -20.15 18.97 -43.36
C ASN A 90 -21.44 18.31 -43.85
N LEU A 91 -21.35 17.05 -44.26
CA LEU A 91 -22.55 16.34 -44.69
C LEU A 91 -23.52 16.12 -43.55
N ASN A 92 -23.02 15.94 -42.32
CA ASN A 92 -23.89 15.75 -41.18
C ASN A 92 -24.71 17.00 -40.85
N GLU A 93 -24.29 18.16 -41.33
CA GLU A 93 -24.95 19.43 -41.00
C GLU A 93 -25.99 19.85 -42.03
N ILE A 94 -26.26 19.03 -43.05
CA ILE A 94 -27.22 19.38 -44.07
C ILE A 94 -28.62 19.15 -43.53
N VAL A 95 -29.46 20.18 -43.62
CA VAL A 95 -30.83 20.13 -43.13
C VAL A 95 -31.75 19.79 -44.30
N LEU A 96 -32.49 18.70 -44.18
CA LEU A 96 -33.39 18.23 -45.20
C LEU A 96 -34.82 18.28 -44.68
N LYS A 97 -35.78 18.16 -45.61
CA LYS A 97 -37.18 18.11 -45.26
C LYS A 97 -37.88 17.06 -46.11
N SER A 98 -38.71 16.25 -45.46
CA SER A 98 -39.48 15.23 -46.15
C SER A 98 -40.62 14.78 -45.26
N ASN A 99 -41.72 14.39 -45.89
CA ASN A 99 -42.91 13.90 -45.19
C ASN A 99 -43.03 12.39 -45.23
N LEU A 100 -42.07 11.70 -45.84
CA LEU A 100 -42.18 10.27 -46.09
C LEU A 100 -41.06 9.51 -45.38
N TYR A 101 -41.28 8.21 -45.22
CA TYR A 101 -40.34 7.32 -44.56
C TYR A 101 -39.63 6.45 -45.59
N GLY A 102 -38.60 5.77 -45.14
CA GLY A 102 -37.79 4.91 -45.99
C GLY A 102 -36.40 5.48 -46.22
N THR A 103 -35.53 4.62 -46.73
CA THR A 103 -34.13 4.96 -46.93
C THR A 103 -33.93 5.40 -48.37
N ARG A 104 -34.25 6.66 -48.63
CA ARG A 104 -33.98 7.25 -49.93
C ARG A 104 -32.48 7.46 -50.10
N ASN A 105 -32.06 7.54 -51.35
CA ASN A 105 -30.66 7.79 -51.67
C ASN A 105 -30.55 8.96 -52.63
N ALA A 106 -29.49 9.74 -52.44
CA ALA A 106 -29.20 10.91 -53.27
C ALA A 106 -27.81 10.75 -53.87
N LEU A 107 -27.41 11.74 -54.68
CA LEU A 107 -26.15 11.65 -55.39
C LEU A 107 -25.45 13.00 -55.40
N ILE A 108 -24.14 12.97 -55.17
CA ILE A 108 -23.27 14.11 -55.41
C ILE A 108 -22.28 13.68 -56.48
N CYS A 109 -22.35 14.30 -57.66
CA CYS A 109 -21.52 13.90 -58.79
C CYS A 109 -21.16 15.16 -59.57
N VAL A 110 -20.03 15.76 -59.23
CA VAL A 110 -19.60 17.01 -59.84
C VAL A 110 -18.12 16.91 -60.18
N GLN A 111 -17.67 17.81 -61.05
CA GLN A 111 -16.26 17.96 -61.39
C GLN A 111 -15.81 19.36 -61.04
N GLY A 112 -14.63 19.46 -60.42
CA GLY A 112 -14.11 20.72 -59.96
C GLY A 112 -13.45 21.51 -61.08
N PRO A 113 -12.82 22.63 -60.72
CA PRO A 113 -12.72 23.22 -59.39
C PRO A 113 -13.96 24.00 -59.01
N GLY A 114 -14.14 24.34 -57.74
CA GLY A 114 -15.29 25.11 -57.32
C GLY A 114 -15.72 24.70 -55.93
N TYR A 115 -16.88 25.23 -55.53
CA TYR A 115 -17.46 24.98 -54.21
C TYR A 115 -18.63 24.04 -54.34
N ILE A 116 -18.64 23.00 -53.50
CA ILE A 116 -19.72 22.01 -53.46
C ILE A 116 -20.65 22.41 -52.34
N THR A 117 -21.79 23.03 -52.69
CA THR A 117 -22.78 23.46 -51.72
C THR A 117 -23.94 22.45 -51.70
N ALA A 118 -24.90 22.71 -50.82
CA ALA A 118 -26.03 21.80 -50.64
C ALA A 118 -26.96 21.79 -51.84
N ARG A 119 -26.80 22.71 -52.78
CA ARG A 119 -27.61 22.69 -54.00
C ARG A 119 -27.05 21.75 -55.06
N ASP A 120 -25.91 21.13 -54.81
CA ASP A 120 -25.31 20.18 -55.73
C ASP A 120 -25.75 18.74 -55.47
N ILE A 121 -26.66 18.53 -54.52
CA ILE A 121 -27.14 17.20 -54.20
C ILE A 121 -28.34 16.89 -55.09
N ILE A 122 -28.29 15.74 -55.77
CA ILE A 122 -29.38 15.29 -56.62
C ILE A 122 -30.36 14.54 -55.72
N LEU A 123 -31.47 15.19 -55.39
CA LEU A 123 -32.39 14.61 -54.42
C LEU A 123 -33.53 13.88 -55.13
N PRO A 124 -34.06 12.85 -54.51
CA PRO A 124 -35.30 12.25 -54.99
C PRO A 124 -36.45 13.23 -54.82
N PRO A 125 -37.53 13.07 -55.58
CA PRO A 125 -38.59 14.10 -55.56
C PRO A 125 -39.27 14.29 -54.21
N SER A 126 -39.11 13.36 -53.28
CA SER A 126 -39.74 13.45 -51.97
C SER A 126 -38.89 14.18 -50.94
N VAL A 127 -37.67 14.57 -51.28
CA VAL A 127 -36.76 15.23 -50.35
C VAL A 127 -36.37 16.58 -50.91
N GLU A 128 -36.31 17.60 -50.05
CA GLU A 128 -35.99 18.95 -50.44
C GLU A 128 -34.87 19.50 -49.56
N ILE A 129 -34.15 20.48 -50.10
CA ILE A 129 -33.06 21.14 -49.39
C ILE A 129 -33.59 22.38 -48.69
N VAL A 130 -33.21 22.55 -47.43
CA VAL A 130 -33.65 23.73 -46.67
C VAL A 130 -32.73 24.92 -46.96
N ASP A 131 -31.42 24.69 -46.95
CA ASP A 131 -30.44 25.77 -47.13
C ASP A 131 -29.50 25.38 -48.27
N ASN A 132 -29.60 26.09 -49.39
CA ASN A 132 -28.77 25.80 -50.55
C ASN A 132 -27.31 26.16 -50.35
N THR A 133 -27.01 27.09 -49.44
CA THR A 133 -25.67 27.63 -49.28
C THR A 133 -24.80 26.83 -48.32
N GLN A 134 -25.32 25.76 -47.72
CA GLN A 134 -24.52 24.96 -46.82
C GLN A 134 -23.33 24.34 -47.54
N HIS A 135 -22.16 24.41 -46.91
CA HIS A 135 -20.91 24.02 -47.54
C HIS A 135 -20.60 22.55 -47.27
N ILE A 136 -20.07 21.88 -48.29
CA ILE A 136 -19.67 20.49 -48.16
C ILE A 136 -18.15 20.39 -48.32
N ALA A 137 -17.64 20.81 -49.47
CA ALA A 137 -16.21 20.76 -49.74
C ALA A 137 -15.90 21.74 -50.85
N THR A 138 -14.62 22.05 -51.01
CA THR A 138 -14.13 22.91 -52.08
C THR A 138 -13.12 22.15 -52.92
N LEU A 139 -13.33 22.15 -54.23
CA LEU A 139 -12.43 21.52 -55.18
C LEU A 139 -11.50 22.59 -55.75
N THR A 140 -10.19 22.36 -55.61
CA THR A 140 -9.20 23.33 -56.08
C THR A 140 -8.80 23.10 -57.52
N GLU A 141 -8.87 21.88 -58.01
CA GLU A 141 -8.47 21.53 -59.36
C GLU A 141 -9.51 20.57 -59.94
N PRO A 142 -9.58 20.43 -61.27
CA PRO A 142 -10.64 19.61 -61.87
C PRO A 142 -10.48 18.12 -61.62
N ILE A 143 -10.91 17.68 -60.44
CA ILE A 143 -10.91 16.25 -60.10
C ILE A 143 -12.34 15.74 -60.12
N ASN A 144 -12.47 14.43 -60.26
CA ASN A 144 -13.77 13.77 -60.17
C ASN A 144 -14.14 13.52 -58.71
N LEU A 145 -15.42 13.67 -58.40
CA LEU A 145 -15.90 13.41 -57.04
C LEU A 145 -17.34 12.93 -57.13
N CYS A 146 -17.56 11.65 -56.81
CA CYS A 146 -18.88 11.04 -56.79
C CYS A 146 -19.13 10.50 -55.39
N ILE A 147 -20.20 10.96 -54.75
CA ILE A 147 -20.57 10.55 -53.41
C ILE A 147 -22.00 10.06 -53.43
N GLY A 148 -22.23 8.84 -52.95
CA GLY A 148 -23.57 8.29 -52.83
C GLY A 148 -24.07 8.45 -51.40
N LEU A 149 -25.25 9.03 -51.27
CA LEU A 149 -25.82 9.37 -49.97
C LEU A 149 -27.01 8.47 -49.65
N LYS A 150 -27.30 8.37 -48.35
CA LYS A 150 -28.46 7.64 -47.86
C LYS A 150 -29.25 8.55 -46.94
N ILE A 151 -30.56 8.64 -47.16
CA ILE A 151 -31.42 9.59 -46.48
C ILE A 151 -32.64 8.85 -45.96
N GLU A 152 -32.98 9.08 -44.69
CA GLU A 152 -34.21 8.54 -44.13
C GLU A 152 -34.76 9.49 -43.06
N ARG A 153 -36.05 9.35 -42.80
CA ARG A 153 -36.76 10.14 -41.81
C ARG A 153 -36.95 9.31 -40.55
N ASN A 154 -36.64 9.89 -39.40
CA ASN A 154 -36.61 9.12 -38.16
C ASN A 154 -36.74 10.09 -36.99
N ARG A 155 -36.76 9.53 -35.78
CA ARG A 155 -36.87 10.28 -34.55
C ARG A 155 -35.60 10.11 -33.72
N GLY A 156 -35.28 11.15 -32.95
CA GLY A 156 -34.13 11.09 -32.06
C GLY A 156 -32.81 11.28 -32.77
N TYR A 157 -31.92 10.29 -32.65
CA TYR A 157 -30.62 10.36 -33.29
C TYR A 157 -30.12 8.94 -33.54
N SER A 158 -29.11 8.83 -34.40
CA SER A 158 -28.52 7.54 -34.72
C SER A 158 -27.73 6.99 -33.54
N SER A 169 -18.86 3.06 -47.89
CA SER A 169 -19.97 3.61 -47.14
C SER A 169 -19.60 3.88 -45.69
N TYR A 170 -19.63 5.14 -45.29
CA TYR A 170 -19.31 5.55 -43.93
C TYR A 170 -20.55 6.03 -43.22
N PRO A 171 -20.85 5.50 -42.03
CA PRO A 171 -22.03 5.97 -41.29
C PRO A 171 -21.88 7.41 -40.86
N ILE A 172 -23.00 8.13 -40.84
CA ILE A 172 -23.05 9.53 -40.43
C ILE A 172 -23.96 9.62 -39.22
N ASP A 173 -23.44 10.19 -38.13
CA ASP A 173 -24.23 10.33 -36.92
C ASP A 173 -25.28 11.41 -37.09
N ALA A 174 -26.49 10.99 -37.47
CA ALA A 174 -27.57 11.91 -37.80
C ALA A 174 -28.40 12.23 -36.57
N VAL A 175 -28.63 13.51 -36.33
CA VAL A 175 -29.53 13.97 -35.28
C VAL A 175 -30.81 14.41 -35.97
N PHE A 176 -31.90 13.66 -35.74
CA PHE A 176 -33.13 13.87 -36.47
C PHE A 176 -34.03 14.93 -35.87
N MET A 177 -33.73 15.44 -34.70
CA MET A 177 -34.61 16.39 -34.04
C MET A 177 -34.55 17.75 -34.74
N PRO A 178 -35.66 18.24 -35.30
CA PRO A 178 -35.63 19.53 -36.00
C PRO A 178 -35.95 20.72 -35.12
N VAL A 179 -36.53 20.52 -33.95
CA VAL A 179 -36.80 21.60 -33.01
C VAL A 179 -35.53 21.83 -32.19
N GLN A 180 -35.03 23.06 -32.20
CA GLN A 180 -33.79 23.35 -31.50
C GLN A 180 -34.03 23.60 -30.02
N ASN A 181 -35.04 24.40 -29.69
CA ASN A 181 -35.38 24.66 -28.30
C ASN A 181 -36.85 25.02 -28.23
N ALA A 182 -37.41 24.89 -27.03
CA ALA A 182 -38.79 25.25 -26.78
C ALA A 182 -38.88 25.89 -25.40
N ASN A 183 -39.90 26.72 -25.22
CA ASN A 183 -40.14 27.37 -23.95
C ASN A 183 -41.62 27.72 -23.86
N HIS A 184 -42.11 27.84 -22.63
CA HIS A 184 -43.49 28.23 -22.42
C HIS A 184 -43.60 28.98 -21.10
N SER A 185 -44.64 29.81 -21.00
CA SER A 185 -44.88 30.60 -19.80
C SER A 185 -46.38 30.67 -19.55
N ILE A 186 -46.74 30.82 -18.27
CA ILE A 186 -48.12 30.82 -17.83
C ILE A 186 -48.35 32.08 -17.01
N HIS A 187 -49.40 32.83 -17.36
CA HIS A 187 -49.69 34.10 -16.71
C HIS A 187 -51.15 34.14 -16.30
N SER A 188 -51.41 34.70 -15.13
CA SER A 188 -52.78 34.88 -14.67
C SER A 188 -53.55 35.79 -15.61
N TYR A 189 -54.75 35.37 -16.00
CA TYR A 189 -55.55 36.16 -16.92
C TYR A 189 -56.02 37.46 -16.28
N GLY A 190 -56.46 37.40 -15.03
CA GLY A 190 -56.93 38.60 -14.37
C GLY A 190 -57.69 38.34 -13.09
N ASN A 191 -58.86 38.98 -12.95
CA ASN A 191 -59.69 38.78 -11.77
C ASN A 191 -60.12 37.32 -11.67
N GLY A 192 -60.15 36.81 -10.44
CA GLY A 192 -60.40 35.41 -10.20
C GLY A 192 -61.84 34.97 -10.35
N ASN A 193 -62.46 35.26 -11.50
CA ASN A 193 -63.77 34.69 -11.79
C ASN A 193 -63.67 33.17 -11.91
N GLU A 194 -62.71 32.69 -12.70
CA GLU A 194 -62.36 31.28 -12.72
C GLU A 194 -60.84 31.10 -12.68
N LYS A 195 -60.11 32.13 -12.26
CA LYS A 195 -58.65 32.16 -12.28
C LYS A 195 -58.12 31.60 -13.60
N GLN A 196 -58.52 32.25 -14.69
CA GLN A 196 -58.07 31.83 -16.00
C GLN A 196 -56.59 32.16 -16.18
N GLU A 197 -56.00 31.59 -17.23
CA GLU A 197 -54.57 31.69 -17.45
C GLU A 197 -54.29 31.92 -18.92
N ILE A 198 -53.11 32.47 -19.19
CA ILE A 198 -52.62 32.74 -20.53
C ILE A 198 -51.38 31.91 -20.75
N LEU A 199 -51.33 31.18 -21.87
CA LEU A 199 -50.21 30.33 -22.20
C LEU A 199 -49.47 30.89 -23.41
N PHE A 200 -48.16 31.04 -23.29
CA PHE A 200 -47.28 31.39 -24.40
C PHE A 200 -46.36 30.23 -24.68
N ILE A 201 -46.10 29.96 -25.96
CA ILE A 201 -45.20 28.89 -26.37
C ILE A 201 -44.20 29.46 -27.36
N GLU A 202 -42.92 29.24 -27.10
CA GLU A 202 -41.83 29.65 -27.98
C GLU A 202 -41.19 28.42 -28.59
N ILE A 203 -40.98 28.44 -29.90
CA ILE A 203 -40.42 27.30 -30.63
C ILE A 203 -39.27 27.79 -31.51
N TRP A 204 -38.16 27.06 -31.48
CA TRP A 204 -37.02 27.31 -32.36
C TRP A 204 -36.81 26.08 -33.23
N THR A 205 -36.84 26.26 -34.54
CA THR A 205 -36.64 25.16 -35.48
C THR A 205 -35.44 25.44 -36.37
N ASN A 206 -35.01 24.43 -37.10
CA ASN A 206 -33.88 24.53 -38.00
C ASN A 206 -34.28 24.84 -39.44
N GLY A 207 -35.53 25.23 -39.66
CA GLY A 207 -36.00 25.57 -40.99
C GLY A 207 -36.60 24.42 -41.77
N SER A 208 -36.37 23.17 -41.35
CA SER A 208 -37.02 22.05 -42.00
C SER A 208 -38.53 22.08 -41.85
N LEU A 209 -39.03 22.76 -40.82
CA LEU A 209 -40.44 23.03 -40.67
C LEU A 209 -40.59 24.30 -39.84
N THR A 210 -41.65 25.04 -40.10
CA THR A 210 -41.85 26.29 -39.39
C THR A 210 -42.33 26.02 -37.96
N PRO A 211 -42.18 26.99 -37.05
CA PRO A 211 -42.68 26.78 -35.68
C PRO A 211 -44.17 26.49 -35.62
N LYS A 212 -44.97 27.05 -36.52
CA LYS A 212 -46.39 26.72 -36.57
C LYS A 212 -46.60 25.27 -37.00
N GLU A 213 -45.83 24.81 -37.98
CA GLU A 213 -45.89 23.40 -38.37
C GLU A 213 -45.45 22.49 -37.24
N ALA A 214 -44.42 22.89 -36.50
CA ALA A 214 -44.00 22.11 -35.34
C ALA A 214 -45.09 22.04 -34.28
N LEU A 215 -45.77 23.16 -34.04
CA LEU A 215 -46.86 23.17 -33.06
C LEU A 215 -47.99 22.24 -33.49
N HIS A 216 -48.38 22.30 -34.77
CA HIS A 216 -49.45 21.43 -35.25
C HIS A 216 -49.05 19.96 -35.22
N GLU A 217 -47.81 19.66 -35.62
CA GLU A 217 -47.35 18.28 -35.61
C GLU A 217 -47.25 17.74 -34.20
N ALA A 218 -46.81 18.58 -33.24
CA ALA A 218 -46.75 18.14 -31.86
C ALA A 218 -48.15 17.86 -31.32
N SER A 219 -49.12 18.71 -31.67
CA SER A 219 -50.49 18.45 -31.25
C SER A 219 -51.01 17.14 -31.81
N ARG A 220 -50.77 16.90 -33.12
CA ARG A 220 -51.24 15.67 -33.74
C ARG A 220 -50.54 14.44 -33.15
N ASN A 221 -49.24 14.53 -32.89
CA ASN A 221 -48.52 13.41 -32.30
C ASN A 221 -49.03 13.10 -30.89
N LEU A 222 -49.29 14.15 -30.10
CA LEU A 222 -49.86 13.93 -28.77
C LEU A 222 -51.22 13.27 -28.85
N ILE A 223 -52.06 13.72 -29.80
CA ILE A 223 -53.37 13.10 -29.96
C ILE A 223 -53.24 11.63 -30.34
N ASN A 224 -52.33 11.32 -31.27
CA ASN A 224 -52.09 9.93 -31.64
C ASN A 224 -51.52 9.12 -30.49
N LEU A 225 -50.82 9.76 -29.55
CA LEU A 225 -50.32 9.05 -28.38
C LEU A 225 -51.42 8.79 -27.35
N PHE A 226 -52.42 9.67 -27.28
CA PHE A 226 -53.49 9.53 -26.30
C PHE A 226 -54.72 8.82 -26.86
N ILE A 227 -54.83 8.70 -28.18
CA ILE A 227 -55.98 8.07 -28.82
C ILE A 227 -56.04 6.56 -28.62
N PRO A 228 -54.94 5.81 -28.43
CA PRO A 228 -55.10 4.35 -28.27
C PRO A 228 -55.95 3.93 -27.09
N PHE A 229 -55.95 4.70 -26.00
CA PHE A 229 -56.76 4.36 -24.85
C PHE A 229 -58.25 4.48 -25.11
N LEU A 230 -58.66 5.10 -26.21
CA LEU A 230 -60.06 5.21 -26.58
C LEU A 230 -60.50 4.14 -27.57
N HIS A 231 -59.59 3.24 -27.95
CA HIS A 231 -59.97 2.07 -28.72
C HIS A 231 -60.66 1.05 -27.82
N VAL A 232 -60.97 -0.11 -28.39
CA VAL A 232 -61.50 -1.21 -27.62
C VAL A 232 -60.35 -1.93 -26.92
N GLU A 233 -60.60 -2.39 -25.70
CA GLU A 233 -59.56 -3.06 -24.93
C GLU A 233 -59.08 -4.31 -25.65
N GLU A 234 -57.82 -4.66 -25.43
CA GLU A 234 -57.25 -5.84 -26.07
C GLU A 234 -58.01 -7.09 -25.63
N GLU A 235 -58.24 -7.98 -26.60
CA GLU A 235 -59.04 -9.18 -26.41
C GLU A 235 -60.47 -8.83 -25.98
N THR A 236 -61.13 -8.05 -26.83
CA THR A 236 -62.55 -7.72 -26.69
C THR A 236 -63.41 -8.36 -27.76
N PHE A 237 -62.95 -8.35 -29.01
CA PHE A 237 -63.64 -9.01 -30.10
C PHE A 237 -62.91 -10.29 -30.47
N TYR A 238 -63.66 -11.23 -31.04
CA TYR A 238 -63.09 -12.52 -31.43
C TYR A 238 -62.10 -12.34 -32.57
N LEU A 239 -61.00 -13.06 -32.49
CA LEU A 239 -60.00 -13.07 -33.55
C LEU A 239 -59.80 -14.46 -34.12
N THR A 247 -59.53 -4.72 -39.14
CA THR A 247 -60.22 -3.80 -40.04
C THR A 247 -61.73 -3.88 -39.82
N LEU A 248 -62.28 -5.08 -39.90
CA LEU A 248 -63.70 -5.33 -39.67
C LEU A 248 -63.86 -6.42 -38.63
N PRO A 249 -64.03 -6.07 -37.36
CA PRO A 249 -64.09 -7.10 -36.30
C PRO A 249 -65.28 -8.03 -36.43
N LEU A 250 -66.33 -7.63 -37.15
CA LEU A 250 -67.51 -8.49 -37.28
C LEU A 250 -67.19 -9.78 -38.01
N PHE A 251 -66.38 -9.69 -39.07
CA PHE A 251 -66.20 -10.83 -39.97
C PHE A 251 -65.56 -12.06 -39.33
N PRO A 252 -64.51 -11.96 -38.50
CA PRO A 252 -63.95 -13.19 -37.91
C PRO A 252 -64.95 -13.98 -37.08
N PHE A 253 -65.84 -13.30 -36.36
CA PHE A 253 -66.88 -14.02 -35.63
C PHE A 253 -67.87 -14.68 -36.57
N HIS A 254 -68.16 -14.04 -37.71
CA HIS A 254 -69.01 -14.69 -38.71
C HIS A 254 -68.34 -15.94 -39.26
N ASN A 255 -67.03 -15.89 -39.49
CA ASN A 255 -66.31 -17.08 -39.94
C ASN A 255 -66.34 -18.17 -38.89
N LYS A 256 -66.22 -17.79 -37.61
CA LYS A 256 -66.35 -18.76 -36.54
C LYS A 256 -67.73 -19.40 -36.52
N LEU A 257 -68.77 -18.60 -36.71
CA LEU A 257 -70.13 -19.14 -36.77
C LEU A 257 -70.31 -20.08 -37.95
N VAL A 258 -69.74 -19.73 -39.11
CA VAL A 258 -69.80 -20.60 -40.27
C VAL A 258 -69.12 -21.92 -39.99
N ASN A 259 -67.94 -21.87 -39.37
CA ASN A 259 -67.24 -23.10 -39.02
C ASN A 259 -68.03 -23.92 -38.01
N LEU A 260 -68.69 -23.27 -37.05
CA LEU A 260 -69.50 -23.99 -36.08
C LEU A 260 -70.74 -24.60 -36.71
N ARG A 261 -71.22 -24.02 -37.82
CA ARG A 261 -72.40 -24.58 -38.49
C ARG A 261 -72.12 -26.00 -38.96
N GLN A 262 -70.96 -26.22 -39.56
CA GLN A 262 -70.49 -27.59 -39.77
C GLN A 262 -69.97 -28.15 -38.46
N LYS A 263 -70.11 -29.46 -38.29
CA LYS A 263 -69.74 -30.15 -37.06
C LYS A 263 -70.44 -29.49 -35.86
N LYS A 264 -71.77 -29.60 -35.87
CA LYS A 264 -72.62 -28.85 -34.96
C LYS A 264 -72.22 -29.07 -33.50
N LYS A 265 -71.75 -28.00 -32.86
CA LYS A 265 -71.39 -28.02 -31.45
C LYS A 265 -71.93 -26.81 -30.70
N GLU A 266 -72.76 -25.99 -31.35
CA GLU A 266 -73.35 -24.80 -30.74
C GLU A 266 -72.31 -23.79 -30.31
N LEU A 267 -72.74 -22.73 -29.63
CA LEU A 267 -71.88 -21.63 -29.25
C LEU A 267 -71.56 -21.70 -27.76
N ALA A 268 -70.35 -21.28 -27.40
CA ALA A 268 -69.92 -21.31 -26.02
C ALA A 268 -70.73 -20.33 -25.18
N PHE A 269 -70.82 -20.61 -23.88
CA PHE A 269 -71.59 -19.77 -22.98
C PHE A 269 -70.98 -18.38 -22.84
N GLN A 270 -69.67 -18.26 -23.04
CA GLN A 270 -69.02 -16.96 -22.96
C GLN A 270 -69.51 -16.02 -24.06
N TYR A 271 -69.88 -16.57 -25.22
CA TYR A 271 -70.35 -15.77 -26.34
C TYR A 271 -71.87 -15.60 -26.34
N ILE A 272 -72.57 -16.12 -25.33
CA ILE A 272 -74.01 -15.97 -25.19
C ILE A 272 -74.27 -15.02 -24.03
N PHE A 273 -75.08 -13.99 -24.28
CA PHE A 273 -75.32 -12.93 -23.30
C PHE A 273 -76.71 -13.08 -22.71
N ILE A 274 -76.87 -12.54 -21.49
CA ILE A 274 -78.15 -12.63 -20.79
C ILE A 274 -79.25 -11.80 -21.45
N ASP A 275 -78.91 -11.01 -22.47
CA ASP A 275 -79.94 -10.27 -23.19
C ASP A 275 -80.88 -11.21 -23.93
N GLN A 276 -80.35 -12.28 -24.52
CA GLN A 276 -81.14 -13.23 -25.28
C GLN A 276 -81.80 -14.28 -24.41
N LEU A 277 -81.57 -14.26 -23.10
CA LEU A 277 -82.30 -15.10 -22.17
C LEU A 277 -83.52 -14.33 -21.66
N GLU A 278 -84.70 -14.91 -21.83
CA GLU A 278 -85.93 -14.25 -21.45
C GLU A 278 -85.98 -14.09 -19.94
N LEU A 279 -85.76 -12.87 -19.46
CA LEU A 279 -85.69 -12.56 -18.04
C LEU A 279 -86.64 -11.41 -17.73
N PRO A 280 -87.18 -11.38 -16.51
CA PRO A 280 -87.93 -10.21 -16.06
C PRO A 280 -87.03 -8.98 -16.04
N PRO A 281 -87.55 -7.80 -16.40
CA PRO A 281 -86.69 -6.62 -16.51
C PRO A 281 -85.98 -6.25 -15.21
N ARG A 282 -86.63 -6.45 -14.06
CA ARG A 282 -85.98 -6.14 -12.80
C ARG A 282 -84.75 -7.01 -12.57
N ILE A 283 -84.87 -8.32 -12.85
CA ILE A 283 -83.73 -9.20 -12.69
C ILE A 283 -82.64 -8.88 -13.70
N TYR A 284 -83.03 -8.52 -14.92
CA TYR A 284 -82.05 -8.12 -15.93
C TYR A 284 -81.25 -6.92 -15.46
N ASN A 285 -81.94 -5.90 -14.93
CA ASN A 285 -81.25 -4.71 -14.45
C ASN A 285 -80.37 -5.02 -13.26
N CYS A 286 -80.85 -5.86 -12.34
CA CYS A 286 -80.05 -6.23 -11.18
C CYS A 286 -78.77 -6.95 -11.60
N LEU A 287 -78.88 -7.87 -12.56
CA LEU A 287 -77.69 -8.55 -13.06
C LEU A 287 -76.76 -7.59 -13.78
N LYS A 288 -77.31 -6.67 -14.57
CA LYS A 288 -76.49 -5.72 -15.32
C LYS A 288 -75.71 -4.81 -14.38
N LYS A 289 -76.36 -4.31 -13.32
CA LYS A 289 -75.66 -3.43 -12.40
C LYS A 289 -74.61 -4.16 -11.58
N SER A 290 -74.64 -5.50 -11.55
CA SER A 290 -73.64 -6.30 -10.88
C SER A 290 -72.57 -6.80 -11.85
N ASN A 291 -72.51 -6.21 -13.05
CA ASN A 291 -71.52 -6.57 -14.07
C ASN A 291 -71.62 -8.04 -14.47
N ILE A 292 -72.84 -8.48 -14.76
CA ILE A 292 -73.11 -9.80 -15.30
C ILE A 292 -73.63 -9.61 -16.72
N HIS A 293 -72.88 -10.11 -17.69
CA HIS A 293 -73.19 -9.84 -19.10
C HIS A 293 -73.39 -11.10 -19.93
N THR A 294 -72.58 -12.13 -19.72
CA THR A 294 -72.63 -13.32 -20.55
C THR A 294 -73.14 -14.51 -19.75
N LEU A 295 -73.49 -15.57 -20.49
CA LEU A 295 -74.03 -16.77 -19.85
C LEU A 295 -72.99 -17.48 -18.99
N LEU A 296 -71.72 -17.43 -19.38
CA LEU A 296 -70.67 -18.05 -18.58
C LEU A 296 -70.56 -17.40 -17.22
N ASP A 297 -70.65 -16.06 -17.17
CA ASP A 297 -70.63 -15.37 -15.89
C ASP A 297 -71.84 -15.74 -15.04
N LEU A 298 -73.01 -15.87 -15.66
CA LEU A 298 -74.20 -16.26 -14.93
C LEU A 298 -74.06 -17.65 -14.35
N LEU A 299 -73.51 -18.58 -15.13
CA LEU A 299 -73.32 -19.95 -14.65
C LEU A 299 -72.25 -20.03 -13.57
N ASN A 300 -71.20 -19.22 -13.66
CA ASN A 300 -70.13 -19.26 -12.68
C ASN A 300 -70.49 -18.50 -11.41
N ASN A 301 -71.59 -17.75 -11.41
CA ASN A 301 -72.03 -17.06 -10.20
C ASN A 301 -72.57 -18.06 -9.19
N SER A 302 -72.63 -17.62 -7.94
CA SER A 302 -73.18 -18.42 -6.85
C SER A 302 -74.51 -17.83 -6.39
N GLN A 303 -75.34 -18.70 -5.81
CA GLN A 303 -76.65 -18.25 -5.33
C GLN A 303 -76.50 -17.26 -4.18
N GLU A 304 -75.53 -17.48 -3.29
CA GLU A 304 -75.35 -16.60 -2.15
C GLU A 304 -75.00 -15.19 -2.58
N ASP A 305 -74.12 -15.04 -3.56
CA ASP A 305 -73.74 -13.71 -4.03
C ASP A 305 -74.93 -12.98 -4.63
N LEU A 306 -75.76 -13.67 -5.40
CA LEU A 306 -76.97 -13.06 -5.93
C LEU A 306 -77.96 -12.71 -4.83
N ILE A 307 -77.99 -13.50 -3.75
CA ILE A 307 -78.81 -13.14 -2.60
C ILE A 307 -78.29 -11.87 -1.95
N LYS A 308 -76.96 -11.69 -1.94
CA LYS A 308 -76.37 -10.49 -1.37
C LYS A 308 -76.76 -9.22 -2.11
N MET A 309 -77.29 -9.35 -3.33
CA MET A 309 -77.78 -8.21 -4.09
C MET A 309 -79.23 -7.93 -3.73
N GLU A 310 -79.54 -6.65 -3.52
CA GLU A 310 -80.90 -6.26 -3.19
C GLU A 310 -81.82 -6.45 -4.41
N HIS A 311 -83.13 -6.42 -4.14
CA HIS A 311 -84.16 -6.64 -5.15
C HIS A 311 -84.04 -8.02 -5.80
N PHE A 312 -83.38 -8.96 -5.12
CA PHE A 312 -83.16 -10.32 -5.63
C PHE A 312 -83.51 -11.30 -4.51
N HIS A 313 -84.77 -11.70 -4.46
CA HIS A 313 -85.26 -12.56 -3.40
C HIS A 313 -85.16 -14.03 -3.80
N ILE A 314 -85.53 -14.92 -2.87
CA ILE A 314 -85.43 -16.35 -3.13
C ILE A 314 -86.40 -16.76 -4.24
N GLU A 315 -87.54 -16.07 -4.36
CA GLU A 315 -88.42 -16.31 -5.49
C GLU A 315 -87.73 -15.97 -6.81
N ASP A 316 -86.99 -14.86 -6.84
CA ASP A 316 -86.20 -14.53 -8.01
C ASP A 316 -85.15 -15.59 -8.28
N VAL A 317 -84.52 -16.11 -7.23
CA VAL A 317 -83.50 -17.15 -7.41
C VAL A 317 -84.11 -18.39 -8.06
N LYS A 318 -85.27 -18.83 -7.55
CA LYS A 318 -85.87 -20.06 -8.06
C LYS A 318 -86.39 -19.85 -9.47
N LYS A 319 -86.95 -18.68 -9.78
CA LYS A 319 -87.45 -18.45 -11.14
C LYS A 319 -86.29 -18.33 -12.12
N LEU A 320 -85.18 -17.72 -11.70
CA LEU A 320 -84.01 -17.66 -12.57
C LEU A 320 -83.43 -19.05 -12.82
N LEU A 321 -83.39 -19.89 -11.77
CA LEU A 321 -82.93 -21.26 -11.95
C LEU A 321 -83.85 -22.02 -12.90
N ASP A 322 -85.17 -21.82 -12.77
CA ASP A 322 -86.10 -22.48 -13.67
C ASP A 322 -85.89 -22.02 -15.12
N ILE A 323 -85.69 -20.72 -15.32
CA ILE A 323 -85.44 -20.19 -16.66
C ILE A 323 -84.17 -20.78 -17.25
N LEU A 324 -83.10 -20.84 -16.45
CA LEU A 324 -81.85 -21.41 -16.94
C LEU A 324 -82.01 -22.89 -17.25
N GLU A 325 -82.75 -23.62 -16.42
CA GLU A 325 -83.03 -25.03 -16.70
C GLU A 325 -83.81 -25.20 -17.99
N LYS A 326 -84.70 -24.25 -18.30
CA LYS A 326 -85.45 -24.33 -19.55
C LYS A 326 -84.55 -24.25 -20.77
N LYS A 327 -83.43 -23.54 -20.66
CA LYS A 327 -82.48 -23.39 -21.77
C LYS A 327 -81.86 -24.73 -22.16
N THR B 12 -49.28 -3.95 -33.26
CA THR B 12 -50.13 -2.77 -33.17
C THR B 12 -50.24 -2.27 -31.74
N LEU B 13 -50.46 -0.97 -31.57
CA LEU B 13 -50.51 -0.34 -30.26
C LEU B 13 -51.87 -0.62 -29.62
N GLN B 14 -51.88 -1.38 -28.54
CA GLN B 14 -53.10 -1.79 -27.86
C GLN B 14 -52.94 -1.58 -26.36
N TRP B 15 -54.09 -1.54 -25.68
CA TRP B 15 -54.13 -1.38 -24.23
C TRP B 15 -54.99 -2.47 -23.62
N LYS B 16 -54.73 -2.77 -22.35
CA LYS B 16 -55.47 -3.81 -21.66
C LYS B 16 -55.40 -3.57 -20.16
N CYS B 17 -56.46 -3.93 -19.46
CA CYS B 17 -56.49 -3.90 -18.01
C CYS B 17 -55.94 -5.22 -17.47
N VAL B 18 -54.84 -5.14 -16.71
CA VAL B 18 -54.16 -6.34 -16.22
C VAL B 18 -54.46 -6.64 -14.76
N GLU B 19 -55.18 -5.76 -14.06
CA GLU B 19 -55.54 -6.00 -12.67
C GLU B 19 -56.66 -5.05 -12.29
N SER B 20 -57.56 -5.55 -11.45
CA SER B 20 -58.69 -4.75 -10.98
C SER B 20 -59.16 -5.30 -9.64
N ARG B 21 -59.61 -4.40 -8.78
CA ARG B 21 -60.05 -4.77 -7.44
C ARG B 21 -61.09 -3.77 -6.94
N ARG B 22 -61.86 -4.20 -5.95
CA ARG B 22 -62.79 -3.34 -5.20
C ARG B 22 -62.67 -3.73 -3.74
N ASP B 23 -61.74 -3.09 -3.02
CA ASP B 23 -61.58 -3.41 -1.60
C ASP B 23 -62.81 -3.02 -0.80
N SER B 24 -63.36 -1.83 -1.06
CA SER B 24 -64.60 -1.39 -0.45
C SER B 24 -65.42 -0.68 -1.51
N LYS B 25 -66.49 -0.01 -1.09
CA LYS B 25 -67.31 0.72 -2.05
C LYS B 25 -66.74 2.09 -2.38
N ARG B 26 -65.78 2.59 -1.60
CA ARG B 26 -65.13 3.86 -1.85
C ARG B 26 -63.63 3.68 -2.06
N LEU B 27 -63.22 2.55 -2.63
CA LEU B 27 -61.81 2.28 -2.88
C LEU B 27 -61.73 1.27 -4.02
N TYR B 28 -61.42 1.75 -5.22
CA TYR B 28 -61.26 0.89 -6.39
C TYR B 28 -59.83 1.01 -6.89
N TYR B 29 -59.30 -0.10 -7.40
CA TYR B 29 -57.96 -0.13 -7.94
C TYR B 29 -57.96 -0.79 -9.30
N GLY B 30 -57.07 -0.33 -10.17
CA GLY B 30 -56.91 -0.91 -11.48
C GLY B 30 -55.51 -0.68 -12.01
N ARG B 31 -55.04 -1.61 -12.81
CA ARG B 31 -53.73 -1.52 -13.44
C ARG B 31 -53.90 -1.75 -14.94
N PHE B 32 -53.28 -0.89 -15.74
CA PHE B 32 -53.48 -0.91 -17.18
C PHE B 32 -52.15 -0.95 -17.90
N ILE B 33 -52.17 -1.46 -19.12
CA ILE B 33 -50.96 -1.69 -19.91
C ILE B 33 -51.13 -1.01 -21.26
N LEU B 34 -50.01 -0.61 -21.85
CA LEU B 34 -50.00 -0.02 -23.19
C LEU B 34 -48.68 -0.37 -23.85
N SER B 35 -48.74 -1.12 -24.94
CA SER B 35 -47.55 -1.58 -25.63
C SER B 35 -47.94 -1.98 -27.05
N PRO B 36 -46.99 -2.02 -27.99
CA PRO B 36 -45.59 -1.60 -27.88
C PRO B 36 -45.40 -0.10 -28.08
N LEU B 37 -44.40 0.50 -27.42
CA LEU B 37 -44.12 1.92 -27.54
C LEU B 37 -42.67 2.13 -27.94
N MET B 38 -42.41 3.30 -28.52
CA MET B 38 -41.07 3.69 -28.91
C MET B 38 -40.39 4.40 -27.74
N LYS B 39 -39.07 4.56 -27.85
CA LYS B 39 -38.29 5.10 -26.75
C LYS B 39 -38.71 6.53 -26.44
N GLY B 40 -38.98 6.80 -25.17
CA GLY B 40 -39.36 8.10 -24.71
C GLY B 40 -40.84 8.40 -24.75
N GLN B 41 -41.63 7.60 -25.48
CA GLN B 41 -43.06 7.87 -25.57
C GLN B 41 -43.78 7.51 -24.28
N ALA B 42 -43.37 6.40 -23.64
CA ALA B 42 -44.08 5.93 -22.45
C ALA B 42 -44.00 6.94 -21.32
N ASP B 43 -42.84 7.57 -21.14
CA ASP B 43 -42.70 8.56 -20.07
C ASP B 43 -43.60 9.76 -20.30
N THR B 44 -43.64 10.27 -21.53
CA THR B 44 -44.49 11.41 -21.84
C THR B 44 -45.95 11.08 -21.64
N ILE B 45 -46.37 9.90 -22.13
CA ILE B 45 -47.76 9.49 -21.96
C ILE B 45 -48.12 9.35 -20.49
N GLY B 46 -47.22 8.73 -19.71
CA GLY B 46 -47.49 8.56 -18.30
C GLY B 46 -47.59 9.88 -17.55
N ILE B 47 -46.69 10.82 -17.86
CA ILE B 47 -46.72 12.12 -17.19
C ILE B 47 -48.02 12.85 -17.51
N ALA B 48 -48.38 12.90 -18.80
CA ALA B 48 -49.61 13.59 -19.18
C ALA B 48 -50.84 12.93 -18.58
N MET B 49 -50.88 11.59 -18.61
CA MET B 49 -52.02 10.87 -18.06
C MET B 49 -52.13 11.06 -16.55
N ARG B 50 -51.00 11.09 -15.84
CA ARG B 50 -51.06 11.30 -14.40
C ARG B 50 -51.56 12.70 -14.08
N ARG B 51 -51.09 13.71 -14.82
CA ARG B 51 -51.62 15.06 -14.60
C ARG B 51 -53.11 15.13 -14.86
N ALA B 52 -53.56 14.51 -15.96
CA ALA B 52 -54.98 14.52 -16.29
C ALA B 52 -55.80 13.80 -15.23
N LEU B 53 -55.34 12.64 -14.78
CA LEU B 53 -56.06 11.87 -13.78
C LEU B 53 -56.14 12.62 -12.46
N LEU B 54 -55.06 13.30 -12.07
CA LEU B 54 -55.04 13.96 -10.77
C LEU B 54 -55.76 15.30 -10.77
N GLY B 55 -55.85 16.00 -11.89
CA GLY B 55 -56.49 17.29 -11.82
C GLY B 55 -57.50 17.69 -12.87
N GLU B 56 -57.58 16.96 -13.97
CA GLU B 56 -58.49 17.34 -15.05
C GLU B 56 -59.82 16.59 -15.01
N ILE B 57 -59.97 15.62 -14.12
CA ILE B 57 -61.20 14.86 -14.01
C ILE B 57 -62.13 15.56 -13.04
N GLU B 58 -63.40 15.66 -13.41
CA GLU B 58 -64.38 16.38 -12.62
C GLU B 58 -64.95 15.49 -11.52
N GLY B 59 -65.09 16.07 -10.34
CA GLY B 59 -65.67 15.35 -9.21
C GLY B 59 -66.83 16.11 -8.61
N THR B 60 -67.66 15.42 -7.83
CA THR B 60 -68.86 16.00 -7.22
C THR B 60 -68.71 15.96 -5.71
N CYS B 61 -68.90 17.12 -5.07
CA CYS B 61 -68.69 17.23 -3.63
C CYS B 61 -69.68 18.23 -3.05
N ILE B 62 -69.94 18.09 -1.76
CA ILE B 62 -70.72 19.07 -1.01
C ILE B 62 -69.79 20.24 -0.65
N THR B 63 -70.12 21.43 -1.13
CA THR B 63 -69.25 22.59 -0.99
C THR B 63 -69.73 23.60 0.03
N ARG B 64 -70.95 23.46 0.56
CA ARG B 64 -71.49 24.45 1.48
C ARG B 64 -72.69 23.84 2.19
N ALA B 65 -72.84 24.17 3.47
CA ALA B 65 -73.91 23.64 4.30
C ALA B 65 -74.60 24.78 5.04
N LYS B 66 -75.92 24.76 5.05
CA LYS B 66 -76.73 25.74 5.77
C LYS B 66 -77.52 25.03 6.86
N PHE B 67 -77.42 25.52 8.09
CA PHE B 67 -78.09 24.92 9.23
C PHE B 67 -79.35 25.72 9.55
N GLU B 68 -80.50 25.05 9.45
CA GLU B 68 -81.79 25.67 9.74
C GLU B 68 -82.15 25.42 11.20
N ASN B 69 -83.41 25.71 11.55
CA ASN B 69 -83.96 25.45 12.88
C ASN B 69 -83.24 26.24 13.97
N ILE B 70 -82.64 27.36 13.61
CA ILE B 70 -82.03 28.30 14.54
C ILE B 70 -81.07 27.59 15.48
N PRO B 71 -79.89 27.17 15.02
CA PRO B 71 -78.94 26.49 15.91
C PRO B 71 -78.23 27.45 16.86
N HIS B 72 -78.66 28.71 16.88
CA HIS B 72 -78.07 29.79 17.66
C HIS B 72 -76.62 30.09 17.27
N ASP B 73 -76.14 29.52 16.15
CA ASP B 73 -74.78 29.75 15.67
C ASP B 73 -73.74 29.38 16.71
N TYR B 74 -74.00 28.30 17.45
CA TYR B 74 -73.09 27.84 18.49
C TYR B 74 -72.31 26.62 18.01
N SER B 75 -71.39 26.16 18.85
CA SER B 75 -70.54 25.03 18.50
C SER B 75 -71.27 23.69 18.58
N ASN B 76 -72.40 23.63 19.29
CA ASN B 76 -73.16 22.40 19.41
C ASN B 76 -74.64 22.70 19.31
N ILE B 77 -75.40 21.69 18.92
CA ILE B 77 -76.86 21.76 18.82
C ILE B 77 -77.44 20.76 19.81
N VAL B 78 -78.45 21.19 20.56
CA VAL B 78 -79.04 20.33 21.58
C VAL B 78 -79.67 19.11 20.94
N GLY B 79 -79.29 17.93 21.41
CA GLY B 79 -79.80 16.67 20.91
C GLY B 79 -78.91 15.97 19.92
N ILE B 80 -77.92 16.66 19.36
CA ILE B 80 -77.02 16.09 18.36
C ILE B 80 -75.71 15.74 19.04
N GLN B 81 -75.29 14.48 18.91
CA GLN B 81 -74.05 14.04 19.54
C GLN B 81 -72.83 14.76 18.96
N GLU B 82 -72.78 14.89 17.63
CA GLU B 82 -71.65 15.53 16.98
C GLU B 82 -71.81 17.05 16.98
N SER B 83 -70.68 17.75 17.03
CA SER B 83 -70.69 19.20 16.96
C SER B 83 -70.87 19.65 15.51
N VAL B 84 -71.04 20.97 15.33
CA VAL B 84 -71.24 21.52 14.00
C VAL B 84 -69.99 21.30 13.14
N HIS B 85 -68.81 21.52 13.72
CA HIS B 85 -67.57 21.25 13.00
C HIS B 85 -67.43 19.76 12.69
N GLU B 86 -67.83 18.91 13.64
CA GLU B 86 -67.82 17.48 13.38
C GLU B 86 -68.78 17.10 12.26
N ILE B 87 -69.95 17.76 12.23
CA ILE B 87 -70.91 17.51 11.16
C ILE B 87 -70.34 17.93 9.81
N LEU B 88 -69.68 19.09 9.76
CA LEU B 88 -69.06 19.52 8.51
C LEU B 88 -67.97 18.56 8.06
N MET B 89 -67.15 18.09 9.01
CA MET B 89 -66.11 17.12 8.66
C MET B 89 -66.72 15.84 8.13
N ASN B 90 -67.82 15.37 8.73
CA ASN B 90 -68.51 14.19 8.23
C ASN B 90 -69.05 14.42 6.82
N LEU B 91 -69.61 15.60 6.58
CA LEU B 91 -70.15 15.92 5.26
C LEU B 91 -69.06 15.98 4.21
N ASN B 92 -67.86 16.42 4.59
CA ASN B 92 -66.77 16.51 3.62
C ASN B 92 -66.32 15.14 3.12
N GLU B 93 -66.64 14.07 3.84
CA GLU B 93 -66.21 12.73 3.47
C GLU B 93 -67.18 11.98 2.57
N ILE B 94 -68.33 12.58 2.26
CA ILE B 94 -69.34 11.89 1.46
C ILE B 94 -68.93 11.91 -0.01
N VAL B 95 -68.91 10.72 -0.62
CA VAL B 95 -68.48 10.57 -2.01
C VAL B 95 -69.71 10.57 -2.90
N LEU B 96 -69.71 11.46 -3.90
CA LEU B 96 -70.84 11.63 -4.80
C LEU B 96 -70.37 11.53 -6.25
N LYS B 97 -71.29 11.19 -7.14
CA LYS B 97 -71.06 11.26 -8.57
C LYS B 97 -72.30 11.86 -9.22
N SER B 98 -72.09 12.55 -10.33
CA SER B 98 -73.18 13.22 -11.04
C SER B 98 -72.67 13.68 -12.40
N ASN B 99 -73.60 14.26 -13.16
CA ASN B 99 -73.30 14.94 -14.42
C ASN B 99 -73.81 16.38 -14.41
N LEU B 100 -74.00 16.95 -13.22
CA LEU B 100 -74.69 18.23 -13.11
C LEU B 100 -73.85 19.36 -13.69
N TYR B 101 -74.54 20.34 -14.26
CA TYR B 101 -73.92 21.53 -14.83
C TYR B 101 -74.38 22.73 -14.02
N GLY B 102 -73.43 23.47 -13.46
CA GLY B 102 -73.77 24.57 -12.58
C GLY B 102 -73.69 24.17 -11.13
N THR B 103 -74.68 24.57 -10.34
CA THR B 103 -74.74 24.22 -8.92
C THR B 103 -76.17 23.89 -8.55
N ARG B 104 -76.36 22.79 -7.82
CA ARG B 104 -77.67 22.34 -7.37
C ARG B 104 -77.71 22.41 -5.85
N ASN B 105 -78.84 22.00 -5.28
CA ASN B 105 -79.04 22.00 -3.84
C ASN B 105 -79.57 20.64 -3.39
N ALA B 106 -79.09 20.19 -2.24
CA ALA B 106 -79.58 18.98 -1.60
C ALA B 106 -80.05 19.32 -0.20
N LEU B 107 -80.87 18.44 0.37
CA LEU B 107 -81.50 18.72 1.64
C LEU B 107 -81.43 17.49 2.54
N ILE B 108 -81.17 17.74 3.83
CA ILE B 108 -81.23 16.71 4.86
C ILE B 108 -82.31 17.12 5.85
N CYS B 109 -83.29 16.24 6.06
CA CYS B 109 -84.37 16.51 7.01
C CYS B 109 -84.79 15.17 7.62
N VAL B 110 -84.23 14.88 8.80
CA VAL B 110 -84.47 13.64 9.50
C VAL B 110 -85.35 13.94 10.72
N GLN B 111 -86.33 13.07 10.95
CA GLN B 111 -87.35 13.34 11.96
C GLN B 111 -86.75 13.52 13.35
N GLY B 112 -85.93 12.57 13.80
CA GLY B 112 -85.48 12.58 15.16
C GLY B 112 -84.41 11.53 15.47
N PRO B 113 -84.58 10.84 16.60
CA PRO B 113 -83.50 9.97 17.09
C PRO B 113 -83.14 8.88 16.10
N GLY B 114 -81.86 8.53 16.06
CA GLY B 114 -81.31 7.57 15.14
C GLY B 114 -80.02 8.09 14.56
N TYR B 115 -79.54 7.40 13.53
CA TYR B 115 -78.30 7.74 12.85
C TYR B 115 -78.62 8.38 11.50
N ILE B 116 -78.00 9.51 11.23
CA ILE B 116 -78.13 10.19 9.94
C ILE B 116 -76.93 9.80 9.09
N THR B 117 -77.20 9.19 7.94
CA THR B 117 -76.16 8.74 7.02
C THR B 117 -76.35 9.44 5.67
N ALA B 118 -75.53 9.03 4.69
CA ALA B 118 -75.66 9.59 3.35
C ALA B 118 -77.02 9.25 2.74
N ARG B 119 -77.60 8.12 3.15
CA ARG B 119 -78.91 7.72 2.64
C ARG B 119 -80.00 8.74 2.94
N ASP B 120 -79.79 9.59 3.95
CA ASP B 120 -80.78 10.57 4.37
C ASP B 120 -80.64 11.92 3.65
N ILE B 121 -80.06 11.92 2.46
CA ILE B 121 -79.85 13.14 1.69
C ILE B 121 -80.77 13.09 0.47
N ILE B 122 -81.63 14.10 0.34
CA ILE B 122 -82.47 14.24 -0.85
C ILE B 122 -81.63 14.92 -1.92
N LEU B 123 -81.46 14.24 -3.06
CA LEU B 123 -80.47 14.67 -4.04
C LEU B 123 -81.11 15.34 -5.23
N PRO B 124 -80.38 16.25 -5.89
CA PRO B 124 -80.81 16.76 -7.19
C PRO B 124 -80.82 15.64 -8.23
N PRO B 125 -81.46 15.86 -9.38
CA PRO B 125 -81.76 14.73 -10.28
C PRO B 125 -80.56 13.92 -10.73
N SER B 126 -79.42 14.55 -11.00
CA SER B 126 -78.28 13.85 -11.57
C SER B 126 -77.35 13.24 -10.53
N VAL B 127 -77.47 13.61 -9.27
CA VAL B 127 -76.49 13.24 -8.26
C VAL B 127 -76.85 11.88 -7.68
N GLU B 128 -75.84 11.01 -7.56
CA GLU B 128 -75.96 9.73 -6.89
C GLU B 128 -75.02 9.70 -5.68
N ILE B 129 -75.13 8.64 -4.90
CA ILE B 129 -74.33 8.46 -3.70
C ILE B 129 -73.59 7.13 -3.82
N VAL B 130 -72.26 7.18 -3.69
CA VAL B 130 -71.46 5.98 -3.84
C VAL B 130 -71.65 5.03 -2.67
N ASP B 131 -71.66 5.56 -1.44
CA ASP B 131 -71.81 4.76 -0.24
C ASP B 131 -72.86 5.40 0.64
N ASN B 132 -73.96 4.68 0.89
CA ASN B 132 -75.06 5.16 1.70
C ASN B 132 -74.84 4.94 3.19
N THR B 133 -73.74 4.30 3.58
CA THR B 133 -73.46 4.00 4.97
C THR B 133 -72.55 5.02 5.64
N GLN B 134 -72.17 6.09 4.93
CA GLN B 134 -71.29 7.09 5.50
C GLN B 134 -72.03 7.90 6.55
N HIS B 135 -71.47 7.94 7.76
CA HIS B 135 -72.13 8.59 8.89
C HIS B 135 -72.06 10.10 8.78
N ILE B 136 -73.13 10.76 9.23
CA ILE B 136 -73.19 12.22 9.23
C ILE B 136 -73.33 12.73 10.65
N ALA B 137 -74.43 12.37 11.31
CA ALA B 137 -74.69 12.84 12.67
C ALA B 137 -75.54 11.83 13.41
N THR B 138 -75.47 11.87 14.74
CA THR B 138 -76.25 11.00 15.61
C THR B 138 -77.24 11.83 16.41
N LEU B 139 -78.51 11.46 16.33
CA LEU B 139 -79.57 12.14 17.06
C LEU B 139 -80.09 11.22 18.16
N THR B 140 -80.20 11.77 19.37
CA THR B 140 -80.72 11.02 20.52
C THR B 140 -82.11 11.49 20.93
N GLU B 141 -82.33 12.80 20.98
CA GLU B 141 -83.61 13.40 21.35
C GLU B 141 -84.46 13.63 20.10
N PRO B 142 -85.80 13.57 20.23
CA PRO B 142 -86.65 13.73 19.05
C PRO B 142 -86.69 15.18 18.57
N ILE B 143 -85.65 15.60 17.86
CA ILE B 143 -85.53 16.95 17.34
C ILE B 143 -85.24 16.88 15.85
N ASN B 144 -85.96 17.68 15.06
CA ASN B 144 -85.80 17.67 13.62
C ASN B 144 -84.59 18.50 13.23
N LEU B 145 -83.66 17.88 12.49
CA LEU B 145 -82.46 18.54 11.98
C LEU B 145 -82.62 18.78 10.49
N CYS B 146 -82.46 20.03 10.07
CA CYS B 146 -82.60 20.41 8.66
C CYS B 146 -81.31 21.08 8.21
N ILE B 147 -80.65 20.48 7.23
CA ILE B 147 -79.41 21.00 6.68
C ILE B 147 -79.58 21.20 5.18
N GLY B 148 -79.16 22.37 4.70
CA GLY B 148 -79.23 22.67 3.28
C GLY B 148 -77.88 22.58 2.60
N LEU B 149 -77.69 21.56 1.78
CA LEU B 149 -76.41 21.27 1.17
C LEU B 149 -76.32 21.90 -0.22
N LYS B 150 -75.14 22.44 -0.54
CA LYS B 150 -74.81 22.92 -1.87
C LYS B 150 -73.84 21.94 -2.52
N ILE B 151 -74.15 21.52 -3.75
CA ILE B 151 -73.39 20.50 -4.44
C ILE B 151 -72.87 21.08 -5.74
N GLU B 152 -71.57 20.92 -5.99
CA GLU B 152 -70.92 21.44 -7.18
C GLU B 152 -70.16 20.32 -7.88
N ARG B 153 -69.73 20.60 -9.10
CA ARG B 153 -68.93 19.67 -9.87
C ARG B 153 -67.80 20.44 -10.54
N ASN B 154 -66.56 20.15 -10.17
CA ASN B 154 -65.42 20.91 -10.64
C ASN B 154 -64.22 19.99 -10.82
N ARG B 155 -63.19 20.52 -11.47
CA ARG B 155 -61.94 19.82 -11.65
C ARG B 155 -61.08 19.91 -10.39
N GLY B 156 -60.09 19.02 -10.31
CA GLY B 156 -59.17 19.05 -9.18
C GLY B 156 -58.31 20.30 -9.16
N TYR B 157 -57.79 20.69 -10.32
CA TYR B 157 -56.95 21.88 -10.45
C TYR B 157 -57.75 23.17 -10.39
N SER B 158 -59.04 23.10 -10.12
CA SER B 158 -59.90 24.28 -10.05
C SER B 158 -59.69 25.00 -8.73
N LEU B 159 -60.60 25.92 -8.40
CA LEU B 159 -60.39 26.86 -7.31
C LEU B 159 -61.72 27.08 -6.60
N LYS B 160 -61.75 28.12 -5.76
CA LYS B 160 -62.95 28.50 -5.02
C LYS B 160 -63.73 29.54 -5.82
N MET B 161 -65.05 29.35 -5.92
CA MET B 161 -65.89 30.23 -6.71
C MET B 161 -66.29 31.45 -5.87
N SER B 162 -67.24 32.25 -6.37
CA SER B 162 -67.71 33.40 -5.63
C SER B 162 -68.35 32.96 -4.32
N ASN B 163 -67.84 33.52 -3.22
CA ASN B 163 -68.31 33.11 -1.90
C ASN B 163 -69.66 33.74 -1.56
N ASN B 164 -70.53 32.94 -0.94
CA ASN B 164 -71.81 33.43 -0.44
C ASN B 164 -71.60 33.87 0.99
N PHE B 165 -71.33 35.16 1.18
CA PHE B 165 -71.11 35.72 2.50
C PHE B 165 -72.39 35.82 3.32
N GLU B 166 -73.54 35.56 2.71
CA GLU B 166 -74.83 35.82 3.32
C GLU B 166 -75.35 34.58 4.06
N ASP B 167 -76.44 34.77 4.82
CA ASP B 167 -77.29 33.73 5.40
C ASP B 167 -76.52 32.75 6.29
N ARG B 168 -75.31 33.10 6.71
CA ARG B 168 -74.54 32.35 7.70
C ARG B 168 -74.44 30.87 7.34
N SER B 169 -73.90 30.61 6.16
CA SER B 169 -73.70 29.24 5.68
C SER B 169 -72.24 28.85 5.82
N TYR B 170 -72.00 27.69 6.41
CA TYR B 170 -70.63 27.26 6.67
C TYR B 170 -70.07 26.58 5.43
N PRO B 171 -68.93 27.06 4.92
CA PRO B 171 -68.33 26.42 3.74
C PRO B 171 -67.71 25.08 4.09
N ILE B 172 -67.58 24.23 3.07
CA ILE B 172 -66.90 22.95 3.19
C ILE B 172 -65.75 22.97 2.19
N ASP B 173 -64.52 22.81 2.69
CA ASP B 173 -63.33 22.90 1.83
C ASP B 173 -63.16 21.57 1.11
N ALA B 174 -63.94 21.41 0.03
CA ALA B 174 -63.96 20.18 -0.73
C ALA B 174 -62.76 20.09 -1.65
N VAL B 175 -62.16 18.90 -1.71
CA VAL B 175 -61.06 18.61 -2.62
C VAL B 175 -61.60 17.67 -3.68
N PHE B 176 -61.70 18.16 -4.92
CA PHE B 176 -62.31 17.41 -6.02
C PHE B 176 -61.27 16.46 -6.60
N MET B 177 -61.09 15.33 -5.93
CA MET B 177 -60.13 14.30 -6.34
C MET B 177 -60.82 12.95 -6.37
N PRO B 178 -61.62 12.69 -7.42
CA PRO B 178 -62.17 11.34 -7.58
C PRO B 178 -61.10 10.27 -7.74
N VAL B 179 -59.98 10.61 -8.36
CA VAL B 179 -58.85 9.70 -8.47
C VAL B 179 -57.92 9.96 -7.30
N GLN B 180 -57.89 9.02 -6.34
CA GLN B 180 -57.11 9.22 -5.13
C GLN B 180 -55.62 9.27 -5.41
N ASN B 181 -55.13 8.40 -6.29
CA ASN B 181 -53.72 8.34 -6.59
C ASN B 181 -53.53 7.76 -7.99
N ALA B 182 -52.36 8.02 -8.57
CA ALA B 182 -52.04 7.52 -9.90
C ALA B 182 -50.53 7.40 -10.04
N ASN B 183 -50.09 6.35 -10.73
CA ASN B 183 -48.67 6.10 -10.94
C ASN B 183 -48.46 5.52 -12.34
N HIS B 184 -47.25 5.67 -12.85
CA HIS B 184 -46.87 5.07 -14.12
C HIS B 184 -45.47 4.50 -14.01
N SER B 185 -45.21 3.43 -14.77
CA SER B 185 -43.93 2.78 -14.77
C SER B 185 -43.64 2.25 -16.17
N ILE B 186 -42.35 2.06 -16.46
CA ILE B 186 -41.89 1.71 -17.80
C ILE B 186 -41.06 0.44 -17.72
N HIS B 187 -41.35 -0.51 -18.60
CA HIS B 187 -40.54 -1.71 -18.79
C HIS B 187 -39.96 -1.66 -20.20
N SER B 188 -38.65 -1.84 -20.32
CA SER B 188 -37.97 -1.77 -21.61
C SER B 188 -37.42 -3.13 -22.00
N TYR B 189 -37.53 -3.44 -23.29
CA TYR B 189 -37.04 -4.70 -23.83
C TYR B 189 -36.33 -4.43 -25.15
N GLY B 190 -35.46 -5.35 -25.53
CA GLY B 190 -34.75 -5.22 -26.79
C GLY B 190 -33.81 -6.36 -27.11
N ASN B 191 -33.64 -6.64 -28.41
CA ASN B 191 -32.68 -7.64 -28.89
C ASN B 191 -31.86 -6.99 -30.01
N GLY B 192 -30.80 -6.30 -29.64
CA GLY B 192 -29.94 -5.65 -30.61
C GLY B 192 -30.42 -4.24 -30.93
N ASN B 193 -30.59 -3.95 -32.21
CA ASN B 193 -30.87 -2.59 -32.66
C ASN B 193 -32.33 -2.18 -32.46
N GLU B 194 -33.24 -3.13 -32.28
CA GLU B 194 -34.66 -2.83 -32.16
C GLU B 194 -35.07 -2.91 -30.69
N LYS B 195 -35.71 -1.86 -30.20
CA LYS B 195 -36.10 -1.75 -28.80
C LYS B 195 -37.61 -1.59 -28.70
N GLN B 196 -38.12 -1.79 -27.48
CA GLN B 196 -39.55 -1.72 -27.24
C GLN B 196 -39.78 -1.52 -25.75
N GLU B 197 -40.73 -0.66 -25.41
CA GLU B 197 -41.03 -0.37 -24.02
C GLU B 197 -42.53 -0.45 -23.78
N ILE B 198 -42.88 -0.68 -22.52
CA ILE B 198 -44.24 -0.95 -22.09
C ILE B 198 -44.62 0.04 -21.00
N LEU B 199 -45.82 0.59 -21.10
CA LEU B 199 -46.33 1.54 -20.11
C LEU B 199 -47.35 0.87 -19.20
N PHE B 200 -47.17 1.06 -17.90
CA PHE B 200 -48.10 0.59 -16.88
C PHE B 200 -48.68 1.79 -16.16
N ILE B 201 -49.99 1.81 -15.97
CA ILE B 201 -50.67 2.90 -15.28
C ILE B 201 -51.52 2.32 -14.16
N GLU B 202 -51.34 2.83 -12.95
CA GLU B 202 -52.14 2.45 -11.80
C GLU B 202 -53.06 3.59 -11.42
N ILE B 203 -54.33 3.28 -11.18
CA ILE B 203 -55.34 4.27 -10.85
C ILE B 203 -56.07 3.82 -9.60
N TRP B 204 -56.17 4.70 -8.61
CA TRP B 204 -56.98 4.48 -7.42
C TRP B 204 -58.10 5.51 -7.41
N THR B 205 -59.34 5.05 -7.34
CA THR B 205 -60.50 5.93 -7.33
C THR B 205 -61.32 5.67 -6.07
N ASN B 206 -62.13 6.68 -5.71
CA ASN B 206 -62.96 6.62 -4.50
C ASN B 206 -64.33 6.00 -4.76
N GLY B 207 -64.47 5.22 -5.83
CA GLY B 207 -65.71 4.53 -6.13
C GLY B 207 -66.69 5.32 -6.97
N SER B 208 -66.53 6.64 -7.07
CA SER B 208 -67.38 7.45 -7.94
C SER B 208 -67.03 7.29 -9.40
N LEU B 209 -66.09 6.41 -9.73
CA LEU B 209 -65.58 6.22 -11.07
C LEU B 209 -64.72 4.97 -11.06
N THR B 210 -64.80 4.18 -12.10
CA THR B 210 -63.92 3.03 -12.18
C THR B 210 -62.58 3.45 -12.76
N PRO B 211 -61.51 2.70 -12.47
CA PRO B 211 -60.21 3.05 -13.05
C PRO B 211 -60.21 3.05 -14.57
N LYS B 212 -61.00 2.18 -15.20
CA LYS B 212 -61.14 2.21 -16.65
C LYS B 212 -61.85 3.48 -17.12
N GLU B 213 -62.91 3.87 -16.42
CA GLU B 213 -63.59 5.13 -16.72
C GLU B 213 -62.65 6.31 -16.51
N ALA B 214 -61.84 6.27 -15.45
CA ALA B 214 -60.88 7.35 -15.21
C ALA B 214 -59.86 7.42 -16.34
N LEU B 215 -59.38 6.27 -16.79
CA LEU B 215 -58.42 6.24 -17.90
C LEU B 215 -59.03 6.85 -19.16
N HIS B 216 -60.25 6.46 -19.50
CA HIS B 216 -60.91 6.99 -20.69
C HIS B 216 -61.17 8.49 -20.57
N GLU B 217 -61.62 8.93 -19.39
CA GLU B 217 -61.90 10.35 -19.19
C GLU B 217 -60.61 11.18 -19.27
N ALA B 218 -59.51 10.67 -18.71
CA ALA B 218 -58.25 11.38 -18.80
C ALA B 218 -57.78 11.49 -20.25
N SER B 219 -57.91 10.40 -21.02
CA SER B 219 -57.52 10.45 -22.42
C SER B 219 -58.36 11.47 -23.18
N ARG B 220 -59.68 11.46 -22.95
CA ARG B 220 -60.56 12.41 -23.63
C ARG B 220 -60.25 13.85 -23.24
N ASN B 221 -59.97 14.09 -21.95
CA ASN B 221 -59.65 15.44 -21.51
C ASN B 221 -58.35 15.93 -22.13
N LEU B 222 -57.33 15.06 -22.20
CA LEU B 222 -56.08 15.45 -22.87
C LEU B 222 -56.32 15.78 -24.34
N ILE B 223 -57.07 14.93 -25.04
CA ILE B 223 -57.33 15.18 -26.45
C ILE B 223 -58.09 16.49 -26.63
N ASN B 224 -59.09 16.76 -25.78
CA ASN B 224 -59.80 18.02 -25.85
C ASN B 224 -58.89 19.20 -25.54
N LEU B 225 -57.87 19.00 -24.71
CA LEU B 225 -56.92 20.06 -24.45
C LEU B 225 -55.99 20.33 -25.62
N PHE B 226 -55.76 19.34 -26.49
CA PHE B 226 -54.87 19.54 -27.62
C PHE B 226 -55.59 19.68 -28.96
N ILE B 227 -56.92 19.57 -28.99
CA ILE B 227 -57.66 19.87 -30.22
C ILE B 227 -57.53 21.35 -30.61
N PRO B 228 -57.68 22.33 -29.71
CA PRO B 228 -57.75 23.73 -30.18
C PRO B 228 -56.54 24.21 -30.96
N PHE B 229 -55.37 23.63 -30.77
CA PHE B 229 -54.21 24.05 -31.55
C PHE B 229 -54.37 23.76 -33.04
N LEU B 230 -55.30 22.89 -33.41
CA LEU B 230 -55.58 22.56 -34.80
C LEU B 230 -56.75 23.36 -35.36
N HIS B 231 -57.29 24.31 -34.59
CA HIS B 231 -58.43 25.11 -35.05
C HIS B 231 -58.00 26.09 -36.14
N VAL B 232 -58.89 26.27 -37.11
CA VAL B 232 -58.73 27.30 -38.14
C VAL B 232 -59.92 28.24 -38.06
N GLU B 233 -59.78 29.40 -38.69
CA GLU B 233 -60.79 30.46 -38.61
C GLU B 233 -61.39 30.74 -39.98
N GLU B 234 -62.64 31.18 -39.97
CA GLU B 234 -63.31 31.56 -41.20
C GLU B 234 -62.68 32.81 -41.80
N GLU B 235 -62.63 32.85 -43.12
CA GLU B 235 -62.01 33.97 -43.83
C GLU B 235 -63.07 34.98 -44.27
N PHE B 269 -27.57 53.77 -39.95
CA PHE B 269 -27.92 54.98 -39.21
C PHE B 269 -27.35 54.95 -37.79
N GLN B 270 -26.72 53.83 -37.41
CA GLN B 270 -26.14 53.71 -36.09
C GLN B 270 -24.93 54.60 -35.90
N TYR B 271 -24.30 55.06 -36.98
CA TYR B 271 -23.06 55.82 -36.89
C TYR B 271 -23.18 57.20 -37.52
N ILE B 272 -24.40 57.67 -37.77
CA ILE B 272 -24.68 59.04 -38.18
C ILE B 272 -25.31 59.73 -36.98
N PHE B 273 -24.55 60.61 -36.34
CA PHE B 273 -24.96 61.19 -35.06
C PHE B 273 -25.64 62.54 -35.26
N ILE B 274 -26.33 62.97 -34.21
CA ILE B 274 -27.05 64.25 -34.23
C ILE B 274 -26.08 65.42 -34.35
N ASP B 275 -24.92 65.32 -33.72
CA ASP B 275 -23.99 66.44 -33.71
C ASP B 275 -23.48 66.78 -35.10
N GLN B 276 -23.20 65.76 -35.91
CA GLN B 276 -22.73 65.99 -37.27
C GLN B 276 -23.78 66.64 -38.15
N LEU B 277 -25.06 66.50 -37.79
CA LEU B 277 -26.13 67.20 -38.49
C LEU B 277 -26.20 68.64 -38.00
N GLU B 278 -26.30 69.58 -38.93
CA GLU B 278 -26.37 70.99 -38.57
C GLU B 278 -27.76 71.33 -38.02
N LEU B 279 -27.95 71.15 -36.72
CA LEU B 279 -29.22 71.41 -36.06
C LEU B 279 -29.16 72.71 -35.24
N PRO B 280 -30.30 73.37 -35.05
CA PRO B 280 -30.32 74.52 -34.18
C PRO B 280 -29.98 74.12 -32.76
N PRO B 281 -29.35 75.02 -31.99
CA PRO B 281 -29.00 74.68 -30.61
C PRO B 281 -30.20 74.30 -29.74
N ARG B 282 -31.36 74.91 -29.99
CA ARG B 282 -32.54 74.60 -29.19
C ARG B 282 -33.00 73.16 -29.41
N ILE B 283 -33.02 72.71 -30.66
CA ILE B 283 -33.44 71.34 -30.95
C ILE B 283 -32.39 70.34 -30.48
N TYR B 284 -31.12 70.68 -30.66
CA TYR B 284 -30.04 69.76 -30.29
C TYR B 284 -30.05 69.47 -28.79
N ASN B 285 -30.20 70.51 -27.97
CA ASN B 285 -30.14 70.33 -26.53
C ASN B 285 -31.35 69.57 -25.99
N CYS B 286 -32.52 69.76 -26.62
CA CYS B 286 -33.71 69.03 -26.20
C CYS B 286 -33.54 67.53 -26.40
N LEU B 287 -32.90 67.13 -27.50
CA LEU B 287 -32.69 65.71 -27.77
C LEU B 287 -31.83 65.06 -26.70
N LYS B 288 -30.78 65.76 -26.25
CA LYS B 288 -29.92 65.21 -25.21
C LYS B 288 -30.66 65.10 -23.87
N LYS B 289 -31.51 66.08 -23.56
CA LYS B 289 -32.29 66.02 -22.33
C LYS B 289 -33.21 64.81 -22.31
N SER B 290 -33.67 64.36 -23.48
CA SER B 290 -34.51 63.17 -23.60
C SER B 290 -33.69 61.93 -23.97
N ASN B 291 -32.36 62.02 -23.91
CA ASN B 291 -31.46 60.89 -24.14
C ASN B 291 -31.61 60.31 -25.55
N ILE B 292 -31.41 61.17 -26.53
CA ILE B 292 -31.32 60.78 -27.93
C ILE B 292 -29.98 61.28 -28.47
N HIS B 293 -29.19 60.36 -29.02
CA HIS B 293 -27.82 60.69 -29.39
C HIS B 293 -27.52 60.33 -30.85
N THR B 294 -28.28 59.41 -31.42
CA THR B 294 -28.03 58.91 -32.76
C THR B 294 -29.27 59.04 -33.61
N LEU B 295 -29.06 59.21 -34.92
CA LEU B 295 -30.16 59.35 -35.86
C LEU B 295 -31.05 58.11 -35.89
N LEU B 296 -30.51 56.94 -35.54
CA LEU B 296 -31.33 55.74 -35.44
C LEU B 296 -32.40 55.92 -34.37
N ASP B 297 -32.02 56.45 -33.20
CA ASP B 297 -32.99 56.68 -32.14
C ASP B 297 -33.96 57.79 -32.49
N LEU B 298 -33.52 58.79 -33.26
CA LEU B 298 -34.42 59.86 -33.68
C LEU B 298 -35.54 59.30 -34.56
N LEU B 299 -35.20 58.38 -35.46
CA LEU B 299 -36.20 57.73 -36.29
C LEU B 299 -36.99 56.66 -35.56
N ASN B 300 -36.55 56.25 -34.36
CA ASN B 300 -37.28 55.28 -33.57
C ASN B 300 -38.46 55.89 -32.84
N ASN B 301 -38.52 57.21 -32.73
CA ASN B 301 -39.58 57.90 -32.00
C ASN B 301 -40.57 58.51 -32.99
N SER B 302 -41.85 58.20 -32.80
CA SER B 302 -42.90 58.82 -33.60
C SER B 302 -43.04 60.29 -33.24
N GLN B 303 -43.69 61.05 -34.13
CA GLN B 303 -43.90 62.47 -33.89
C GLN B 303 -44.74 62.73 -32.65
N GLU B 304 -45.51 61.74 -32.18
CA GLU B 304 -46.29 61.93 -30.97
C GLU B 304 -45.40 62.12 -29.75
N ASP B 305 -44.36 61.29 -29.62
CA ASP B 305 -43.46 61.39 -28.47
C ASP B 305 -42.49 62.56 -28.56
N LEU B 306 -42.18 63.02 -29.77
CA LEU B 306 -41.25 64.14 -29.91
C LEU B 306 -41.82 65.41 -29.29
N ILE B 307 -43.12 65.65 -29.49
CA ILE B 307 -43.76 66.84 -28.93
C ILE B 307 -43.91 66.74 -27.42
N LYS B 308 -43.99 65.52 -26.88
CA LYS B 308 -44.26 65.35 -25.46
C LYS B 308 -43.15 65.91 -24.58
N MET B 309 -41.90 65.71 -25.01
CA MET B 309 -40.77 66.16 -24.20
C MET B 309 -40.75 67.68 -24.11
N GLU B 310 -40.21 68.18 -22.99
CA GLU B 310 -40.32 69.59 -22.65
C GLU B 310 -39.57 70.48 -23.64
N HIS B 311 -40.09 71.70 -23.81
CA HIS B 311 -39.47 72.73 -24.63
C HIS B 311 -39.32 72.28 -26.09
N PHE B 312 -40.32 71.55 -26.58
CA PHE B 312 -40.36 71.13 -27.97
C PHE B 312 -41.69 71.60 -28.58
N HIS B 313 -41.60 72.23 -29.74
CA HIS B 313 -42.76 72.85 -30.37
C HIS B 313 -43.00 72.25 -31.75
N ILE B 314 -44.13 72.64 -32.35
CA ILE B 314 -44.50 72.13 -33.67
C ILE B 314 -43.52 72.61 -34.72
N GLU B 315 -43.01 73.84 -34.58
CA GLU B 315 -42.06 74.37 -35.54
C GLU B 315 -40.79 73.54 -35.60
N ASP B 316 -40.31 73.08 -34.44
CA ASP B 316 -39.11 72.24 -34.41
C ASP B 316 -39.35 70.91 -35.11
N VAL B 317 -40.57 70.36 -35.01
CA VAL B 317 -40.87 69.10 -35.68
C VAL B 317 -40.76 69.26 -37.20
N LYS B 318 -41.30 70.36 -37.74
CA LYS B 318 -41.21 70.59 -39.17
C LYS B 318 -39.77 70.85 -39.60
N LYS B 319 -39.00 71.57 -38.78
CA LYS B 319 -37.60 71.84 -39.11
C LYS B 319 -36.78 70.55 -39.18
N LEU B 320 -37.07 69.60 -38.29
CA LEU B 320 -36.34 68.33 -38.29
C LEU B 320 -36.55 67.58 -39.59
N LEU B 321 -37.80 67.54 -40.08
CA LEU B 321 -38.09 66.79 -41.30
C LEU B 321 -37.38 67.36 -42.51
N ASP B 322 -37.31 68.69 -42.61
CA ASP B 322 -36.68 69.33 -43.77
C ASP B 322 -35.21 69.00 -43.84
N ILE B 323 -34.49 69.06 -42.71
CA ILE B 323 -33.06 68.78 -42.71
C ILE B 323 -32.80 67.32 -43.08
N LEU B 324 -33.59 66.40 -42.54
CA LEU B 324 -33.43 64.99 -42.89
C LEU B 324 -33.70 64.74 -44.36
N GLU B 325 -34.70 65.43 -44.93
CA GLU B 325 -34.96 65.31 -46.35
C GLU B 325 -33.81 65.85 -47.20
N LYS B 326 -33.04 66.80 -46.67
CA LYS B 326 -31.91 67.35 -47.40
C LYS B 326 -30.63 66.52 -47.26
N LYS B 327 -30.63 65.53 -46.37
CA LYS B 327 -29.47 64.66 -46.20
C LYS B 327 -29.84 63.20 -46.42
N GLY C 8 14.08 37.06 -18.31
CA GLY C 8 12.84 37.01 -17.58
C GLY C 8 12.65 38.17 -16.62
N THR C 9 13.27 39.30 -16.95
CA THR C 9 13.16 40.49 -16.10
C THR C 9 11.80 41.16 -16.25
N SER C 10 11.25 41.17 -17.46
CA SER C 10 10.02 41.89 -17.73
C SER C 10 8.91 41.04 -18.32
N THR C 11 9.19 39.80 -18.71
CA THR C 11 8.18 38.90 -19.23
C THR C 11 8.31 37.55 -18.55
N ILE C 12 7.27 36.74 -18.69
CA ILE C 12 7.35 35.35 -18.23
C ILE C 12 8.34 34.60 -19.12
N PRO C 13 9.36 33.95 -18.56
CA PRO C 13 10.36 33.29 -19.40
C PRO C 13 9.80 32.03 -20.05
N GLY C 14 10.51 31.57 -21.07
CA GLY C 14 10.12 30.32 -21.71
C GLY C 14 10.18 29.18 -20.73
N PHE C 15 9.14 28.33 -20.77
CA PHE C 15 9.05 27.23 -19.83
C PHE C 15 10.12 26.17 -20.06
N ASN C 16 10.72 26.13 -21.25
CA ASN C 16 11.81 25.22 -21.55
C ASN C 16 13.17 25.92 -21.56
N GLN C 17 13.24 27.16 -21.05
CA GLN C 17 14.48 27.92 -21.14
C GLN C 17 15.58 27.33 -20.27
N ILE C 18 15.21 26.66 -19.18
CA ILE C 18 16.22 26.04 -18.33
C ILE C 18 16.85 24.85 -19.04
N GLN C 19 16.03 24.02 -19.69
CA GLN C 19 16.57 22.93 -20.51
C GLN C 19 17.38 23.49 -21.68
N PHE C 20 16.87 24.53 -22.34
CA PHE C 20 17.56 25.09 -23.49
C PHE C 20 18.92 25.66 -23.10
N GLU C 21 18.99 26.40 -22.00
CA GLU C 21 20.25 27.02 -21.61
C GLU C 21 21.22 26.00 -21.05
N GLY C 22 20.72 24.99 -20.34
CA GLY C 22 21.60 23.97 -19.79
C GLY C 22 22.32 23.19 -20.88
N PHE C 23 21.59 22.76 -21.91
CA PHE C 23 22.20 22.00 -22.99
C PHE C 23 23.22 22.84 -23.75
N TYR C 24 22.91 24.11 -23.99
CA TYR C 24 23.86 24.99 -24.66
C TYR C 24 25.12 25.20 -23.82
N ARG C 25 24.98 25.22 -22.50
CA ARG C 25 26.15 25.30 -21.64
C ARG C 25 27.02 24.06 -21.77
N PHE C 26 26.39 22.89 -21.90
CA PHE C 26 27.13 21.65 -22.08
C PHE C 26 27.93 21.66 -23.38
N ILE C 27 27.34 22.16 -24.46
CA ILE C 27 28.04 22.19 -25.74
C ILE C 27 29.24 23.12 -25.67
N ASP C 28 29.08 24.30 -25.09
CA ASP C 28 30.16 25.27 -25.04
C ASP C 28 31.30 24.80 -24.13
N GLN C 29 30.99 24.57 -22.85
CA GLN C 29 32.01 24.32 -21.84
C GLN C 29 32.07 22.89 -21.35
N GLY C 30 30.97 22.13 -21.45
CA GLY C 30 30.98 20.77 -20.95
C GLY C 30 31.87 19.85 -21.76
N LEU C 31 31.86 20.00 -23.09
CA LEU C 31 32.68 19.15 -23.94
C LEU C 31 34.17 19.42 -23.73
N ILE C 32 34.56 20.69 -23.77
CA ILE C 32 35.97 21.03 -23.63
C ILE C 32 36.48 20.66 -22.24
N GLU C 33 35.71 20.97 -21.21
CA GLU C 33 36.13 20.64 -19.84
C GLU C 33 36.23 19.14 -19.61
N GLU C 34 35.56 18.33 -20.44
CA GLU C 34 35.61 16.89 -20.29
C GLU C 34 36.50 16.21 -21.32
N LEU C 35 36.65 16.80 -22.51
CA LEU C 35 37.64 16.29 -23.44
C LEU C 35 39.06 16.49 -22.92
N SER C 36 39.27 17.44 -22.03
CA SER C 36 40.49 17.50 -21.24
C SER C 36 40.42 16.37 -20.21
N LYS C 37 41.45 16.26 -19.37
CA LYS C 37 41.55 15.20 -18.37
C LYS C 37 41.67 13.83 -19.02
N PHE C 38 41.71 13.78 -20.36
CA PHE C 38 41.91 12.53 -21.07
C PHE C 38 43.40 12.26 -21.13
N PRO C 39 43.87 11.22 -20.43
CA PRO C 39 45.32 11.02 -20.31
C PRO C 39 45.99 10.76 -21.65
N LYS C 40 47.20 11.27 -21.79
CA LYS C 40 48.05 10.97 -22.93
C LYS C 40 48.51 9.52 -22.79
N ILE C 41 47.85 8.61 -23.51
CA ILE C 41 48.01 7.19 -23.24
C ILE C 41 49.36 6.73 -23.76
N GLU C 42 50.16 6.14 -22.88
CA GLU C 42 51.48 5.63 -23.21
C GLU C 42 51.55 4.16 -22.79
N ASP C 43 52.28 3.37 -23.57
CA ASP C 43 52.48 1.98 -23.21
C ASP C 43 53.47 1.86 -22.05
N ILE C 44 53.56 0.64 -21.52
CA ILE C 44 54.51 0.39 -20.43
C ILE C 44 55.94 0.66 -20.89
N ASP C 45 56.26 0.27 -22.12
CA ASP C 45 57.59 0.52 -22.68
C ASP C 45 57.80 1.97 -23.07
N HIS C 46 56.75 2.80 -23.04
CA HIS C 46 56.77 4.20 -23.46
C HIS C 46 57.06 4.35 -24.95
N GLU C 47 57.05 3.25 -25.72
CA GLU C 47 57.32 3.33 -27.15
C GLU C 47 56.23 4.10 -27.89
N ILE C 48 54.97 3.73 -27.68
CA ILE C 48 53.85 4.25 -28.43
C ILE C 48 53.03 5.15 -27.51
N GLU C 49 52.88 6.41 -27.90
CA GLU C 49 52.13 7.41 -27.14
C GLU C 49 50.94 7.86 -27.96
N PHE C 50 49.74 7.72 -27.40
CA PHE C 50 48.51 8.15 -28.03
C PHE C 50 47.92 9.32 -27.25
N GLN C 51 47.56 10.38 -27.95
CA GLN C 51 47.02 11.57 -27.31
C GLN C 51 45.97 12.21 -28.20
N LEU C 52 45.13 13.03 -27.58
CA LEU C 52 44.07 13.75 -28.27
C LEU C 52 44.39 15.23 -28.32
N PHE C 53 43.99 15.88 -29.40
CA PHE C 53 44.12 17.33 -29.55
C PHE C 53 42.73 17.92 -29.34
N VAL C 54 42.45 18.30 -28.08
CA VAL C 54 41.10 18.69 -27.71
C VAL C 54 40.67 19.97 -28.40
N GLU C 55 41.61 20.85 -28.74
CA GLU C 55 41.25 22.08 -29.44
C GLU C 55 40.74 21.83 -30.85
N THR C 56 40.92 20.63 -31.38
CA THR C 56 40.44 20.28 -32.71
C THR C 56 39.07 19.60 -32.68
N TYR C 57 38.42 19.55 -31.52
CA TYR C 57 37.13 18.86 -31.40
C TYR C 57 36.07 19.56 -32.24
N GLN C 58 35.16 18.76 -32.77
CA GLN C 58 34.08 19.29 -33.61
C GLN C 58 32.85 18.42 -33.47
N LEU C 59 31.70 19.03 -33.78
CA LEU C 59 30.43 18.33 -33.89
C LEU C 59 29.84 18.66 -35.25
N VAL C 60 29.32 17.64 -35.93
CA VAL C 60 28.68 17.83 -37.23
C VAL C 60 27.20 17.54 -37.08
N GLU C 61 26.40 18.24 -37.87
CA GLU C 61 24.95 18.13 -37.74
C GLU C 61 24.52 16.70 -38.03
N PRO C 62 23.48 16.19 -37.35
CA PRO C 62 23.08 14.80 -37.55
C PRO C 62 22.65 14.54 -38.99
N LEU C 63 22.96 13.34 -39.47
CA LEU C 63 22.60 12.97 -40.84
C LEU C 63 21.12 12.65 -40.95
N ILE C 64 20.55 12.02 -39.93
CA ILE C 64 19.12 11.73 -39.92
C ILE C 64 18.36 12.96 -39.44
N LYS C 65 17.23 13.23 -40.08
CA LYS C 65 16.38 14.32 -39.64
C LYS C 65 15.62 13.91 -38.39
N GLU C 66 15.25 14.92 -37.59
CA GLU C 66 14.62 14.65 -36.31
C GLU C 66 13.31 13.88 -36.46
N ARG C 67 12.57 14.16 -37.54
CA ARG C 67 11.37 13.37 -37.82
C ARG C 67 11.75 11.93 -38.18
N ASP C 68 12.84 11.75 -38.92
CA ASP C 68 13.25 10.40 -39.30
C ASP C 68 13.74 9.58 -38.11
N ALA C 69 14.36 10.24 -37.12
CA ALA C 69 14.90 9.51 -35.98
C ALA C 69 13.79 8.80 -35.20
N VAL C 70 12.66 9.49 -34.99
CA VAL C 70 11.55 8.88 -34.26
C VAL C 70 10.73 7.98 -35.17
N TYR C 71 10.68 8.27 -36.47
CA TYR C 71 9.85 7.50 -37.39
C TYR C 71 10.29 6.05 -37.46
N GLU C 72 11.60 5.81 -37.55
CA GLU C 72 12.13 4.47 -37.73
C GLU C 72 12.94 4.02 -36.51
N SER C 73 12.62 4.57 -35.34
CA SER C 73 13.20 4.14 -34.06
C SER C 73 14.72 4.29 -34.06
N LEU C 74 15.17 5.53 -34.23
CA LEU C 74 16.59 5.86 -34.18
C LEU C 74 16.85 6.85 -33.04
N THR C 75 18.11 7.25 -32.92
CA THR C 75 18.55 8.19 -31.89
C THR C 75 19.05 9.45 -32.56
N TYR C 76 18.54 10.60 -32.11
CA TYR C 76 18.91 11.89 -32.68
C TYR C 76 20.20 12.35 -31.99
N SER C 77 21.32 12.21 -32.68
CA SER C 77 22.61 12.52 -32.10
C SER C 77 23.55 13.04 -33.19
N SER C 78 24.63 13.68 -32.75
CA SER C 78 25.61 14.27 -33.65
C SER C 78 26.97 13.62 -33.44
N GLU C 79 27.78 13.61 -34.49
CA GLU C 79 29.08 12.94 -34.46
C GLU C 79 30.12 13.81 -33.76
N LEU C 80 31.02 13.17 -33.03
CA LEU C 80 32.17 13.83 -32.41
C LEU C 80 33.42 13.38 -33.16
N TYR C 81 34.21 14.36 -33.61
CA TYR C 81 35.30 14.11 -34.56
C TYR C 81 36.59 14.79 -34.12
N VAL C 82 36.99 14.57 -32.88
CA VAL C 82 38.28 15.11 -32.42
C VAL C 82 39.42 14.44 -33.19
N SER C 83 40.58 15.09 -33.16
CA SER C 83 41.78 14.60 -33.83
C SER C 83 42.77 14.07 -32.80
N ALA C 84 43.53 13.05 -33.20
CA ALA C 84 44.48 12.40 -32.32
C ALA C 84 45.86 12.34 -32.97
N GLY C 85 46.88 12.27 -32.13
CA GLY C 85 48.23 12.09 -32.61
C GLY C 85 48.90 10.89 -31.98
N LEU C 86 49.28 9.92 -32.80
CA LEU C 86 49.95 8.70 -32.33
C LEU C 86 51.44 8.81 -32.63
N ILE C 87 52.26 8.52 -31.62
CA ILE C 87 53.70 8.70 -31.70
C ILE C 87 54.35 7.33 -31.70
N TRP C 88 55.00 6.99 -32.81
CA TRP C 88 55.85 5.81 -32.89
C TRP C 88 57.30 6.29 -32.74
N LYS C 89 57.80 6.25 -31.51
CA LYS C 89 59.20 6.61 -31.28
C LYS C 89 60.15 5.63 -31.97
N THR C 90 59.67 4.45 -32.35
CA THR C 90 60.48 3.54 -33.14
C THR C 90 60.82 4.15 -34.50
N ASN C 91 59.84 4.80 -35.14
CA ASN C 91 60.06 5.45 -36.42
C ASN C 91 60.20 6.97 -36.31
N ARG C 92 59.85 7.55 -35.16
CA ARG C 92 59.90 9.00 -34.96
C ARG C 92 59.10 9.74 -36.03
N ASN C 93 57.92 9.20 -36.34
CA ASN C 93 57.02 9.80 -37.30
C ASN C 93 55.65 10.02 -36.67
N MET C 94 55.03 11.15 -36.98
CA MET C 94 53.73 11.50 -36.42
C MET C 94 52.64 11.31 -37.47
N GLN C 95 51.50 10.78 -37.04
CA GLN C 95 50.34 10.63 -37.89
C GLN C 95 49.12 11.19 -37.14
N GLU C 96 48.47 12.18 -37.74
CA GLU C 96 47.31 12.83 -37.14
C GLU C 96 46.13 12.67 -38.08
N GLN C 97 45.03 12.10 -37.57
CA GLN C 97 43.84 11.88 -38.36
C GLN C 97 42.60 12.28 -37.56
N ARG C 98 41.54 12.64 -38.30
CA ARG C 98 40.26 12.95 -37.71
C ARG C 98 39.55 11.68 -37.26
N ILE C 99 39.81 11.24 -36.04
CA ILE C 99 39.28 9.97 -35.55
C ILE C 99 37.84 10.17 -35.09
N PHE C 100 37.13 9.07 -34.87
CA PHE C 100 35.72 9.06 -34.52
C PHE C 100 35.57 8.64 -33.07
N ILE C 101 34.94 9.47 -32.27
CA ILE C 101 34.82 9.24 -30.83
C ILE C 101 33.47 8.66 -30.47
N GLY C 102 32.39 9.24 -30.99
CA GLY C 102 31.06 8.72 -30.68
C GLY C 102 29.99 9.68 -31.16
N ASN C 103 28.77 9.45 -30.66
CA ASN C 103 27.62 10.28 -30.98
C ASN C 103 27.11 10.96 -29.72
N ILE C 104 26.90 12.27 -29.80
CA ILE C 104 26.36 13.06 -28.70
C ILE C 104 24.90 13.34 -28.98
N PRO C 105 23.97 12.88 -28.13
CA PRO C 105 22.55 13.17 -28.36
C PRO C 105 22.29 14.67 -28.34
N LEU C 106 21.36 15.10 -29.19
CA LEU C 106 20.99 16.50 -29.32
C LEU C 106 19.62 16.74 -28.73
N MET C 107 19.49 17.85 -28.00
CA MET C 107 18.24 18.23 -27.38
C MET C 107 17.37 18.99 -28.39
N ASN C 108 16.09 18.66 -28.42
CA ASN C 108 15.14 19.37 -29.25
C ASN C 108 14.91 20.79 -28.71
N SER C 109 14.42 21.66 -29.58
CA SER C 109 14.06 23.01 -29.15
C SER C 109 13.02 22.98 -28.04
N LEU C 110 12.22 21.92 -27.95
CA LEU C 110 11.28 21.72 -26.86
C LEU C 110 11.94 21.21 -25.59
N GLY C 111 13.20 20.79 -25.66
CA GLY C 111 13.92 20.34 -24.49
C GLY C 111 13.96 18.84 -24.26
N THR C 112 13.65 18.03 -25.27
CA THR C 112 13.58 16.59 -25.12
C THR C 112 14.49 15.90 -26.12
N PHE C 113 15.09 14.79 -25.70
CA PHE C 113 15.96 14.00 -26.57
C PHE C 113 15.16 12.88 -27.24
N ILE C 114 15.78 12.25 -28.23
CA ILE C 114 15.19 11.11 -28.93
C ILE C 114 16.23 9.99 -28.95
N VAL C 115 15.91 8.87 -28.30
CA VAL C 115 16.73 7.68 -28.33
C VAL C 115 15.88 6.50 -28.76
N ASN C 116 16.32 5.78 -29.79
CA ASN C 116 15.60 4.63 -30.33
C ASN C 116 14.18 5.01 -30.76
N GLY C 117 13.99 6.26 -31.16
CA GLY C 117 12.67 6.74 -31.52
C GLY C 117 11.76 7.03 -30.35
N ILE C 118 12.31 7.23 -29.15
CA ILE C 118 11.52 7.50 -27.95
C ILE C 118 11.95 8.85 -27.41
N TYR C 119 10.98 9.75 -27.21
CA TYR C 119 11.25 11.04 -26.59
C TYR C 119 11.63 10.85 -25.13
N ARG C 120 12.69 11.53 -24.70
CA ARG C 120 13.19 11.41 -23.34
C ARG C 120 13.41 12.80 -22.76
N VAL C 121 13.19 12.91 -21.44
CA VAL C 121 13.37 14.15 -20.71
C VAL C 121 14.30 13.89 -19.55
N VAL C 122 15.23 14.82 -19.33
CA VAL C 122 16.17 14.75 -18.21
C VAL C 122 15.71 15.76 -17.17
N ILE C 123 15.31 15.26 -16.00
CA ILE C 123 14.76 16.11 -14.96
C ILE C 123 15.87 16.54 -14.02
N ASN C 124 15.61 17.61 -13.28
CA ASN C 124 16.60 18.19 -12.39
C ASN C 124 16.58 17.48 -11.03
N GLN C 125 17.72 17.52 -10.35
CA GLN C 125 17.89 16.85 -9.07
C GLN C 125 18.33 17.83 -8.00
N ILE C 126 17.87 17.62 -6.78
CA ILE C 126 18.24 18.44 -5.63
C ILE C 126 19.05 17.58 -4.68
N LEU C 127 20.15 18.11 -4.19
CA LEU C 127 20.98 17.41 -3.22
C LEU C 127 21.76 18.43 -2.42
N GLN C 128 22.27 17.99 -1.26
CA GLN C 128 22.94 18.90 -0.34
C GLN C 128 24.16 19.53 -0.98
N SER C 129 24.26 20.85 -0.88
CA SER C 129 25.37 21.58 -1.46
C SER C 129 26.66 21.30 -0.69
N PRO C 130 27.81 21.29 -1.37
CA PRO C 130 29.07 21.12 -0.66
C PRO C 130 29.38 22.28 0.27
N GLY C 131 30.11 21.97 1.33
CA GLY C 131 30.49 22.96 2.32
C GLY C 131 30.59 22.31 3.69
N ILE C 132 30.51 23.14 4.72
CA ILE C 132 30.59 22.70 6.11
C ILE C 132 29.23 22.94 6.76
N TYR C 133 28.73 21.94 7.48
CA TYR C 133 27.41 22.01 8.09
C TYR C 133 27.52 21.67 9.57
N TYR C 134 26.88 22.48 10.41
CA TYR C 134 26.96 22.34 11.86
C TYR C 134 25.61 21.84 12.38
N GLN C 135 25.64 20.69 13.05
CA GLN C 135 24.44 20.09 13.63
C GLN C 135 24.74 19.63 15.04
N SER C 136 23.68 19.53 15.85
CA SER C 136 23.80 19.00 17.20
C SER C 136 22.64 18.05 17.47
N GLU C 137 22.96 16.86 17.98
CA GLU C 137 21.95 15.86 18.27
C GLU C 137 22.06 15.42 19.73
N LEU C 138 20.91 15.22 20.36
CA LEU C 138 20.89 14.76 21.74
C LEU C 138 21.27 13.29 21.82
N ASP C 139 21.91 12.92 22.92
CA ASP C 139 22.28 11.54 23.19
C ASP C 139 21.16 10.87 23.99
N HIS C 140 21.44 9.67 24.52
CA HIS C 140 20.44 8.97 25.31
C HIS C 140 20.07 9.73 26.57
N ASN C 141 21.04 10.37 27.21
CA ASN C 141 20.81 11.10 28.46
C ASN C 141 20.46 12.57 28.23
N GLY C 142 20.34 13.01 26.98
CA GLY C 142 19.99 14.38 26.69
C GLY C 142 21.15 15.35 26.64
N ILE C 143 22.39 14.88 26.77
CA ILE C 143 23.55 15.74 26.69
C ILE C 143 23.75 16.16 25.24
N SER C 144 23.88 17.47 25.03
CA SER C 144 24.01 17.99 23.67
C SER C 144 25.37 17.62 23.08
N VAL C 145 25.35 17.11 21.85
CA VAL C 145 26.55 16.72 21.14
C VAL C 145 26.58 17.46 19.81
N TYR C 146 27.55 18.35 19.64
CA TYR C 146 27.67 19.15 18.43
C TYR C 146 28.45 18.40 17.36
N THR C 147 28.28 18.81 16.11
CA THR C 147 28.90 18.11 15.00
C THR C 147 29.07 19.06 13.82
N GLY C 148 30.24 18.97 13.17
CA GLY C 148 30.47 19.68 11.93
C GLY C 148 30.81 18.70 10.82
N THR C 149 30.19 18.86 9.65
CA THR C 149 30.31 17.90 8.58
C THR C 149 30.78 18.58 7.31
N ILE C 150 31.86 18.06 6.72
CA ILE C 150 32.37 18.52 5.44
C ILE C 150 31.69 17.74 4.34
N ILE C 151 31.14 18.44 3.35
CA ILE C 151 30.54 17.81 2.18
C ILE C 151 31.33 18.26 0.96
N SER C 152 31.82 17.29 0.19
CA SER C 152 32.69 17.56 -0.95
C SER C 152 31.84 17.72 -2.21
N ASP C 153 32.51 17.75 -3.37
CA ASP C 153 31.83 17.89 -4.65
C ASP C 153 31.21 16.58 -5.12
N TRP C 154 31.46 15.47 -4.42
CA TRP C 154 30.96 14.16 -4.81
C TRP C 154 30.20 13.49 -3.68
N GLY C 155 29.75 14.26 -2.69
CA GLY C 155 28.98 13.71 -1.59
C GLY C 155 29.78 13.10 -0.47
N GLY C 156 31.11 13.23 -0.49
CA GLY C 156 31.93 12.70 0.59
C GLY C 156 31.71 13.49 1.86
N ARG C 157 31.30 12.82 2.93
CA ARG C 157 31.00 13.46 4.21
C ARG C 157 32.12 13.17 5.19
N LEU C 158 32.73 14.23 5.73
CA LEU C 158 33.77 14.13 6.74
C LEU C 158 33.19 14.70 8.04
N GLU C 159 32.85 13.81 8.96
CA GLU C 159 32.13 14.19 10.17
C GLU C 159 33.11 14.53 11.29
N LEU C 160 33.01 15.75 11.82
CA LEU C 160 33.76 16.18 12.98
C LEU C 160 32.83 16.18 14.19
N GLU C 161 33.19 15.39 15.20
CA GLU C 161 32.31 15.16 16.34
C GLU C 161 33.03 15.44 17.64
N ILE C 162 32.26 15.88 18.64
CA ILE C 162 32.74 16.07 20.00
C ILE C 162 32.09 14.99 20.86
N ASP C 163 32.91 14.20 21.54
CA ASP C 163 32.40 13.09 22.33
C ASP C 163 32.11 13.57 23.77
N LYS C 164 31.86 12.61 24.66
CA LYS C 164 31.62 12.95 26.06
C LYS C 164 32.88 13.52 26.70
N LYS C 165 34.05 12.97 26.38
CA LYS C 165 35.32 13.42 26.92
C LYS C 165 35.93 14.57 26.13
N ALA C 166 35.11 15.27 25.34
CA ALA C 166 35.51 16.42 24.53
C ALA C 166 36.58 16.06 23.49
N ARG C 167 36.77 14.78 23.21
CA ARG C 167 37.76 14.35 22.23
C ARG C 167 37.18 14.42 20.83
N ILE C 168 37.90 15.06 19.92
CA ILE C 168 37.42 15.22 18.54
C ILE C 168 37.86 14.03 17.72
N TRP C 169 36.92 13.41 17.01
CA TRP C 169 37.18 12.24 16.18
C TRP C 169 36.66 12.52 14.77
N ALA C 170 37.53 12.35 13.78
CA ALA C 170 37.16 12.54 12.38
C ALA C 170 36.52 11.25 11.88
N ARG C 171 35.25 11.06 12.22
CA ARG C 171 34.53 9.86 11.84
C ARG C 171 34.37 9.79 10.32
N VAL C 172 34.65 8.61 9.76
CA VAL C 172 34.52 8.38 8.33
C VAL C 172 33.42 7.37 8.02
N SER C 173 33.33 6.30 8.81
CA SER C 173 32.25 5.33 8.65
C SER C 173 31.58 5.10 10.00
N ARG C 174 30.66 4.13 10.06
CA ARG C 174 29.96 3.87 11.31
C ARG C 174 30.88 3.32 12.40
N LYS C 175 32.03 2.77 12.03
CA LYS C 175 32.98 2.22 12.99
C LYS C 175 34.35 2.88 12.94
N GLN C 176 34.84 3.21 11.74
CA GLN C 176 36.17 3.77 11.59
C GLN C 176 36.24 5.15 12.24
N LYS C 177 37.00 5.25 13.33
CA LYS C 177 37.13 6.48 14.09
C LYS C 177 38.60 6.89 14.14
N ILE C 178 38.86 8.15 13.81
CA ILE C 178 40.22 8.69 13.76
C ILE C 178 40.23 10.03 14.48
N SER C 179 41.26 10.25 15.31
CA SER C 179 41.38 11.51 16.02
C SER C 179 41.82 12.61 15.08
N ILE C 180 41.62 13.85 15.51
CA ILE C 180 41.99 15.00 14.70
C ILE C 180 43.51 15.13 14.59
N LEU C 181 44.22 14.89 15.69
CA LEU C 181 45.67 15.08 15.70
C LEU C 181 46.35 14.13 14.72
N VAL C 182 45.93 12.85 14.70
CA VAL C 182 46.48 11.91 13.73
C VAL C 182 46.14 12.34 12.32
N LEU C 183 44.89 12.74 12.09
CA LEU C 183 44.50 13.22 10.76
C LEU C 183 45.23 14.50 10.39
N SER C 184 45.34 15.43 11.34
CA SER C 184 46.05 16.68 11.06
C SER C 184 47.53 16.42 10.78
N SER C 185 48.15 15.54 11.55
CA SER C 185 49.55 15.19 11.32
C SER C 185 49.72 14.21 10.17
N ALA C 186 48.63 13.61 9.67
CA ALA C 186 48.73 12.76 8.50
C ALA C 186 49.18 13.56 7.28
N MET C 187 48.67 14.78 7.13
CA MET C 187 49.09 15.66 6.04
C MET C 187 50.37 16.42 6.35
N GLY C 188 50.82 16.41 7.60
CA GLY C 188 52.04 17.07 7.98
C GLY C 188 51.91 18.29 8.88
N SER C 189 50.72 18.54 9.44
CA SER C 189 50.55 19.63 10.38
C SER C 189 51.31 19.29 11.65
N ASN C 190 52.44 19.94 11.86
CA ASN C 190 53.26 19.67 13.04
C ASN C 190 52.50 19.99 14.31
N LEU C 191 52.73 19.17 15.34
CA LEU C 191 51.99 19.30 16.59
C LEU C 191 52.16 20.67 17.23
N ARG C 192 53.24 21.39 16.91
CA ARG C 192 53.45 22.71 17.48
C ARG C 192 52.43 23.71 16.94
N GLU C 193 52.26 23.75 15.62
CA GLU C 193 51.42 24.79 15.01
C GLU C 193 49.93 24.52 15.17
N ILE C 194 49.54 23.27 15.47
CA ILE C 194 48.12 22.97 15.68
C ILE C 194 47.61 23.71 16.91
N LEU C 195 48.46 23.85 17.93
CA LEU C 195 48.03 24.48 19.18
C LEU C 195 47.90 25.99 19.03
N GLU C 196 48.80 26.61 18.25
CA GLU C 196 48.83 28.07 18.18
C GLU C 196 47.64 28.62 17.39
N ASN C 197 47.16 27.90 16.41
CA ASN C 197 46.12 28.41 15.51
C ASN C 197 44.72 28.27 16.07
N VAL C 198 44.56 27.66 17.24
CA VAL C 198 43.25 27.53 17.88
C VAL C 198 43.25 28.33 19.17
N CYS C 199 42.05 28.68 19.62
CA CYS C 199 41.91 29.43 20.86
C CYS C 199 42.11 28.55 22.09
N TYR C 200 41.99 27.23 21.96
CA TYR C 200 42.10 26.30 23.07
C TYR C 200 43.19 25.27 22.76
N PRO C 201 44.46 25.63 22.92
CA PRO C 201 45.52 24.62 22.78
C PRO C 201 45.46 23.54 23.84
N GLU C 202 44.88 23.84 25.01
CA GLU C 202 44.86 22.88 26.11
C GLU C 202 44.02 21.66 25.77
N ILE C 203 42.88 21.85 25.10
CA ILE C 203 41.96 20.75 24.85
C ILE C 203 42.64 19.68 23.99
N PHE C 204 43.33 20.10 22.93
CA PHE C 204 44.01 19.13 22.08
C PHE C 204 45.16 18.44 22.83
N LEU C 205 45.90 19.21 23.64
CA LEU C 205 47.02 18.64 24.36
C LEU C 205 46.61 17.67 25.45
N SER C 206 45.39 17.80 25.99
CA SER C 206 44.95 16.91 27.06
C SER C 206 44.72 15.49 26.58
N PHE C 207 44.46 15.29 25.29
CA PHE C 207 44.17 13.97 24.74
C PHE C 207 45.40 13.30 24.14
N LEU C 208 46.59 13.85 24.38
CA LEU C 208 47.83 13.34 23.79
C LEU C 208 48.40 12.24 24.67
N THR C 209 48.04 11.00 24.35
CA THR C 209 48.70 9.86 24.97
C THR C 209 50.11 9.71 24.42
N ASP C 210 50.99 9.10 25.23
CA ASP C 210 52.37 8.96 24.82
C ASP C 210 52.54 8.11 23.57
N LYS C 211 51.56 7.27 23.25
CA LYS C 211 51.63 6.49 22.01
C LYS C 211 51.37 7.36 20.78
N GLU C 212 50.41 8.28 20.88
CA GLU C 212 50.08 9.13 19.74
C GLU C 212 51.17 10.16 19.47
N LYS C 213 51.85 10.64 20.52
CA LYS C 213 52.86 11.68 20.33
C LYS C 213 54.01 11.20 19.44
N LYS C 214 54.47 9.97 19.65
CA LYS C 214 55.57 9.44 18.85
C LYS C 214 55.19 9.33 17.38
N LYS C 215 53.97 8.88 17.11
CA LYS C 215 53.50 8.79 15.73
C LYS C 215 53.27 10.16 15.12
N ILE C 216 52.86 11.13 15.93
CA ILE C 216 52.66 12.50 15.44
C ILE C 216 54.00 13.15 15.10
N GLY C 217 55.04 12.86 15.89
CA GLY C 217 56.31 13.55 15.73
C GLY C 217 56.90 13.42 14.33
N SER C 218 56.66 12.31 13.66
CA SER C 218 57.10 12.11 12.28
C SER C 218 55.91 12.04 11.35
N LYS C 219 56.08 12.59 10.14
CA LYS C 219 54.96 12.65 9.21
C LYS C 219 54.49 11.26 8.79
N GLU C 220 55.42 10.34 8.54
CA GLU C 220 55.05 9.03 8.02
C GLU C 220 54.35 8.17 9.06
N ASN C 221 54.78 8.25 10.32
CA ASN C 221 54.14 7.45 11.36
C ASN C 221 52.69 7.85 11.58
N ALA C 222 52.36 9.14 11.39
CA ALA C 222 50.97 9.56 11.44
C ALA C 222 50.19 8.96 10.27
N ILE C 223 50.81 8.88 9.09
CA ILE C 223 50.14 8.32 7.93
C ILE C 223 49.82 6.85 8.15
N LEU C 224 50.79 6.08 8.66
CA LEU C 224 50.57 4.66 8.91
C LEU C 224 49.50 4.45 9.98
N GLU C 225 49.55 5.23 11.06
CA GLU C 225 48.53 5.12 12.09
C GLU C 225 47.16 5.55 11.57
N PHE C 226 47.13 6.60 10.73
CA PHE C 226 45.88 7.00 10.11
C PHE C 226 45.33 5.90 9.22
N TYR C 227 46.21 5.21 8.47
CA TYR C 227 45.77 4.08 7.67
C TYR C 227 45.24 2.96 8.53
N GLN C 228 45.89 2.68 9.66
CA GLN C 228 45.44 1.60 10.54
C GLN C 228 44.04 1.89 11.08
N GLN C 229 43.79 3.13 11.53
CA GLN C 229 42.49 3.46 12.09
C GLN C 229 41.43 3.57 11.00
N PHE C 230 41.82 4.05 9.82
CA PHE C 230 40.85 4.19 8.73
C PHE C 230 40.48 2.84 8.13
N SER C 231 41.43 1.91 8.05
CA SER C 231 41.20 0.63 7.41
C SER C 231 40.88 -0.49 8.40
N CYS C 232 41.21 -0.32 9.68
CA CYS C 232 40.93 -1.33 10.71
C CYS C 232 41.55 -2.67 10.34
N VAL C 233 42.77 -2.65 9.80
CA VAL C 233 43.47 -3.83 9.35
C VAL C 233 44.58 -4.15 10.34
N GLY C 234 44.55 -5.37 10.88
CA GLY C 234 45.58 -5.82 11.80
C GLY C 234 46.96 -5.88 11.16
N GLY C 235 47.96 -5.38 11.86
CA GLY C 235 49.32 -5.36 11.38
C GLY C 235 49.83 -3.95 11.16
N ASP C 236 51.15 -3.87 10.92
CA ASP C 236 51.80 -2.59 10.70
C ASP C 236 52.05 -2.39 9.21
N PRO C 237 51.35 -1.47 8.55
CA PRO C 237 51.60 -1.23 7.13
C PRO C 237 52.94 -0.57 6.90
N ILE C 238 53.50 -0.82 5.71
CA ILE C 238 54.74 -0.19 5.29
C ILE C 238 54.41 1.05 4.47
N PHE C 239 55.15 2.13 4.70
CA PHE C 239 54.95 3.34 3.92
C PHE C 239 55.45 3.15 2.49
N SER C 240 54.60 3.45 1.52
CA SER C 240 54.95 3.29 0.11
C SER C 240 54.16 4.29 -0.71
N GLU C 241 54.66 4.53 -1.93
CA GLU C 241 53.98 5.43 -2.85
C GLU C 241 52.60 4.89 -3.23
N SER C 242 52.50 3.58 -3.42
CA SER C 242 51.21 2.98 -3.77
C SER C 242 50.21 3.10 -2.63
N LEU C 243 50.67 3.02 -1.37
CA LEU C 243 49.77 3.16 -0.24
C LEU C 243 49.11 4.53 -0.21
N CYS C 244 49.89 5.58 -0.43
CA CYS C 244 49.32 6.92 -0.48
C CYS C 244 48.37 7.08 -1.67
N LYS C 245 48.76 6.56 -2.84
CA LYS C 245 47.88 6.62 -3.99
C LYS C 245 46.60 5.82 -3.76
N GLU C 246 46.72 4.64 -3.16
CA GLU C 246 45.53 3.86 -2.81
C GLU C 246 44.65 4.62 -1.82
N LEU C 247 45.27 5.27 -0.84
CA LEU C 247 44.52 6.09 0.10
C LEU C 247 43.96 7.34 -0.58
N GLN C 248 44.75 7.95 -1.48
CA GLN C 248 44.32 9.20 -2.12
C GLN C 248 43.06 8.99 -2.95
N LYS C 249 42.99 7.89 -3.71
CA LYS C 249 41.78 7.62 -4.48
C LYS C 249 40.59 7.35 -3.57
N LYS C 250 40.79 6.58 -2.50
CA LYS C 250 39.69 6.26 -1.61
C LYS C 250 39.32 7.44 -0.72
N PHE C 251 40.31 8.16 -0.19
CA PHE C 251 40.07 9.19 0.81
C PHE C 251 40.20 10.61 0.25
N PHE C 252 41.35 10.94 -0.35
CA PHE C 252 41.55 12.30 -0.82
C PHE C 252 40.72 12.61 -2.06
N HIS C 253 40.52 11.62 -2.93
CA HIS C 253 39.78 11.86 -4.16
C HIS C 253 38.28 12.01 -3.90
N GLN C 254 37.77 11.39 -2.84
CA GLN C 254 36.34 11.39 -2.57
C GLN C 254 35.93 12.27 -1.39
N ARG C 255 36.88 12.68 -0.54
CA ARG C 255 36.53 13.36 0.69
C ARG C 255 37.33 14.65 0.92
N CYS C 256 38.08 15.12 -0.06
CA CYS C 256 38.91 16.29 0.15
C CYS C 256 38.88 17.31 -0.99
N GLU C 257 38.14 17.05 -2.07
CA GLU C 257 38.02 18.00 -3.17
C GLU C 257 36.67 18.70 -3.07
N LEU C 258 36.69 19.97 -2.65
CA LEU C 258 35.45 20.70 -2.44
C LEU C 258 34.81 21.12 -3.77
N GLY C 259 35.62 21.58 -4.72
CA GLY C 259 35.10 22.15 -5.94
C GLY C 259 34.91 23.65 -5.82
N ARG C 260 34.49 24.25 -6.93
CA ARG C 260 34.25 25.68 -6.96
C ARG C 260 33.14 26.08 -6.00
N ILE C 261 32.05 25.31 -5.97
CA ILE C 261 30.95 25.62 -5.06
C ILE C 261 31.35 25.33 -3.62
N GLY C 262 32.03 24.20 -3.39
CA GLY C 262 32.40 23.84 -2.03
C GLY C 262 33.34 24.84 -1.37
N ARG C 263 34.29 25.38 -2.14
CA ARG C 263 35.15 26.43 -1.60
C ARG C 263 34.36 27.68 -1.26
N ARG C 264 33.38 28.03 -2.11
CA ARG C 264 32.61 29.26 -1.92
C ARG C 264 31.90 29.25 -0.57
N ASN C 265 31.23 28.15 -0.23
CA ASN C 265 30.50 28.08 1.03
C ASN C 265 31.45 28.06 2.23
N ILE C 266 32.56 27.33 2.12
CA ILE C 266 33.48 27.23 3.24
C ILE C 266 34.11 28.59 3.54
N ASN C 267 34.39 29.38 2.50
CA ASN C 267 34.88 30.74 2.72
C ASN C 267 33.86 31.59 3.46
N TRP C 268 32.56 31.30 3.26
CA TRP C 268 31.51 32.06 3.92
C TRP C 268 31.25 31.54 5.33
N ARG C 269 30.88 30.26 5.45
CA ARG C 269 30.44 29.73 6.74
C ARG C 269 31.56 29.78 7.77
N LEU C 270 32.79 29.50 7.36
CA LEU C 270 33.94 29.59 8.24
C LEU C 270 34.62 30.96 8.19
N ASN C 271 34.06 31.90 7.44
CA ASN C 271 34.54 33.28 7.39
C ASN C 271 36.04 33.33 7.05
N LEU C 272 36.33 32.86 5.84
CA LEU C 272 37.71 32.73 5.36
C LEU C 272 37.93 33.55 4.12
N ASN C 273 39.06 34.24 4.07
CA ASN C 273 39.45 35.03 2.90
C ASN C 273 40.43 34.24 2.03
N ILE C 274 39.92 33.15 1.46
CA ILE C 274 40.73 32.24 0.65
C ILE C 274 40.38 32.47 -0.82
N PRO C 275 41.37 32.45 -1.72
CA PRO C 275 41.09 32.69 -3.14
C PRO C 275 40.14 31.64 -3.72
N GLN C 276 39.35 32.08 -4.70
CA GLN C 276 38.31 31.23 -5.28
C GLN C 276 38.91 30.02 -5.99
N ASN C 277 40.04 30.19 -6.66
CA ASN C 277 40.60 29.12 -7.49
C ASN C 277 41.00 27.90 -6.68
N ASN C 278 41.14 28.03 -5.36
CA ASN C 278 41.49 26.90 -4.51
C ASN C 278 40.29 25.99 -4.38
N ILE C 279 40.24 24.94 -5.21
CA ILE C 279 39.11 24.02 -5.21
C ILE C 279 39.33 22.81 -4.32
N PHE C 280 40.38 22.81 -3.50
CA PHE C 280 40.67 21.70 -2.61
C PHE C 280 40.53 22.14 -1.17
N LEU C 281 40.23 21.18 -0.30
CA LEU C 281 40.02 21.44 1.11
C LEU C 281 41.37 21.76 1.77
N LEU C 282 41.62 23.05 2.00
CA LEU C 282 42.86 23.46 2.62
C LEU C 282 42.92 22.96 4.07
N PRO C 283 44.12 22.62 4.55
CA PRO C 283 44.22 22.12 5.93
C PRO C 283 43.79 23.14 6.98
N ARG C 284 43.86 24.43 6.68
CA ARG C 284 43.39 25.43 7.63
C ARG C 284 41.89 25.31 7.89
N ASP C 285 41.11 24.95 6.87
CA ASP C 285 39.67 24.84 7.04
C ASP C 285 39.31 23.86 8.14
N ILE C 286 39.99 22.71 8.17
CA ILE C 286 39.73 21.72 9.22
C ILE C 286 40.03 22.31 10.59
N LEU C 287 41.19 22.97 10.72
CA LEU C 287 41.54 23.58 12.00
C LEU C 287 40.63 24.77 12.31
N ALA C 288 40.23 25.53 11.29
CA ALA C 288 39.29 26.62 11.50
C ALA C 288 37.91 26.08 11.87
N ALA C 289 37.50 24.96 11.28
CA ALA C 289 36.21 24.37 11.62
C ALA C 289 36.17 23.93 13.07
N ALA C 290 37.26 23.34 13.56
CA ALA C 290 37.32 22.92 14.96
C ALA C 290 37.19 24.11 15.91
N ASP C 291 37.61 25.30 15.48
CA ASP C 291 37.46 26.49 16.30
C ASP C 291 35.99 26.82 16.52
N HIS C 292 35.21 26.86 15.43
CA HIS C 292 33.78 27.12 15.56
C HIS C 292 33.07 25.98 16.27
N LEU C 293 33.44 24.73 15.96
CA LEU C 293 32.76 23.58 16.56
C LEU C 293 32.84 23.62 18.07
N ILE C 294 34.04 23.80 18.62
CA ILE C 294 34.18 23.96 20.06
C ILE C 294 33.63 25.33 20.50
N GLY C 295 33.84 26.35 19.68
CA GLY C 295 33.36 27.68 20.03
C GLY C 295 31.85 27.78 20.05
N MET C 296 31.18 27.14 19.10
CA MET C 296 29.72 27.18 19.06
C MET C 296 29.08 26.48 20.26
N LYS C 297 29.81 25.56 20.88
CA LYS C 297 29.28 24.90 22.08
C LYS C 297 29.02 25.88 23.21
N PHE C 298 29.64 27.06 23.17
CA PHE C 298 29.53 28.05 24.23
C PHE C 298 28.68 29.24 23.79
N GLY C 299 27.64 28.97 22.99
CA GLY C 299 26.69 29.98 22.61
C GLY C 299 27.11 30.89 21.48
N MET C 300 28.24 30.63 20.84
CA MET C 300 28.77 31.48 19.77
C MET C 300 28.28 30.96 18.42
N GLY C 301 27.26 31.60 17.87
CA GLY C 301 26.77 31.29 16.54
C GLY C 301 25.44 30.56 16.56
N THR C 302 25.05 30.11 15.37
CA THR C 302 23.79 29.39 15.18
C THR C 302 24.05 28.12 14.37
N LEU C 303 23.17 27.14 14.55
CA LEU C 303 23.28 25.89 13.82
C LEU C 303 22.89 26.08 12.36
N ASP C 304 23.42 25.20 11.51
CA ASP C 304 23.12 25.25 10.09
C ASP C 304 21.78 24.59 9.79
N ASP C 305 20.95 25.26 9.00
CA ASP C 305 19.65 24.74 8.60
C ASP C 305 19.84 23.84 7.39
N MET C 306 19.67 22.53 7.57
CA MET C 306 19.97 21.60 6.49
C MET C 306 18.91 21.63 5.40
N ASN C 307 17.67 21.96 5.74
CA ASN C 307 16.60 22.05 4.76
C ASN C 307 16.55 23.39 4.05
N HIS C 308 17.44 24.31 4.42
CA HIS C 308 17.51 25.60 3.74
C HIS C 308 17.95 25.40 2.29
N LEU C 309 17.29 26.12 1.37
CA LEU C 309 17.65 26.03 -0.03
C LEU C 309 19.02 26.62 -0.32
N LYS C 310 19.56 27.43 0.59
CA LYS C 310 20.92 27.93 0.39
C LYS C 310 21.97 26.85 0.60
N ASN C 311 21.58 25.69 1.11
CA ASN C 311 22.46 24.56 1.30
C ASN C 311 22.22 23.47 0.25
N LYS C 312 21.61 23.82 -0.88
CA LYS C 312 21.27 22.86 -1.91
C LYS C 312 21.91 23.26 -3.24
N ARG C 313 21.85 22.34 -4.20
CA ARG C 313 22.26 22.61 -5.56
C ARG C 313 21.30 21.90 -6.51
N ILE C 314 21.21 22.41 -7.73
CA ILE C 314 20.32 21.87 -8.75
C ILE C 314 21.17 21.40 -9.92
N ARG C 315 21.02 20.12 -10.29
CA ARG C 315 21.77 19.54 -11.38
C ARG C 315 20.85 19.41 -12.59
N SER C 316 21.16 20.15 -13.64
CA SER C 316 20.34 20.18 -14.84
C SER C 316 20.83 19.12 -15.82
N VAL C 317 20.33 19.19 -17.06
CA VAL C 317 20.81 18.29 -18.10
C VAL C 317 22.28 18.58 -18.41
N ALA C 318 22.74 19.80 -18.14
CA ALA C 318 24.14 20.13 -18.36
C ALA C 318 25.06 19.31 -17.45
N ASP C 319 24.68 19.15 -16.19
CA ASP C 319 25.51 18.38 -15.27
C ASP C 319 25.40 16.89 -15.53
N LEU C 320 24.22 16.42 -15.94
CA LEU C 320 24.03 14.98 -16.14
C LEU C 320 24.67 14.52 -17.45
N LEU C 321 24.61 15.33 -18.50
CA LEU C 321 25.24 14.96 -19.76
C LEU C 321 26.76 15.09 -19.67
N GLN C 322 27.27 16.07 -18.93
CA GLN C 322 28.71 16.22 -18.77
C GLN C 322 29.29 15.09 -17.93
N ASP C 323 28.57 14.67 -16.89
CA ASP C 323 29.07 13.58 -16.04
C ASP C 323 29.18 12.28 -16.82
N GLN C 324 28.17 11.96 -17.64
CA GLN C 324 28.24 10.76 -18.45
C GLN C 324 29.38 10.83 -19.46
N LEU C 325 29.75 12.03 -19.90
CA LEU C 325 30.94 12.18 -20.72
C LEU C 325 32.20 11.89 -19.92
N GLY C 326 32.18 12.15 -18.61
CA GLY C 326 33.28 11.72 -17.76
C GLY C 326 33.41 10.21 -17.72
N LEU C 327 32.28 9.50 -17.71
CA LEU C 327 32.32 8.05 -17.81
C LEU C 327 32.62 7.58 -19.23
N ALA C 328 32.19 8.33 -20.24
CA ALA C 328 32.39 7.92 -21.63
C ALA C 328 33.87 7.89 -22.00
N LEU C 329 34.60 8.95 -21.64
CA LEU C 329 36.01 9.04 -22.02
C LEU C 329 36.89 8.17 -21.14
N ALA C 330 36.53 8.03 -19.86
CA ALA C 330 37.21 7.05 -19.01
C ALA C 330 36.98 5.63 -19.50
N ARG C 331 35.83 5.39 -20.14
CA ARG C 331 35.58 4.08 -20.74
C ARG C 331 36.35 3.93 -22.05
N LEU C 332 36.69 5.04 -22.69
CA LEU C 332 37.44 4.99 -23.95
C LEU C 332 38.92 4.67 -23.70
N GLU C 333 39.50 5.22 -22.63
CA GLU C 333 40.90 4.99 -22.36
C GLU C 333 41.19 3.52 -22.08
N ASN C 334 40.26 2.84 -21.40
CA ASN C 334 40.41 1.41 -21.17
C ASN C 334 40.28 0.61 -22.46
N VAL C 335 39.50 1.11 -23.42
CA VAL C 335 39.43 0.50 -24.73
C VAL C 335 40.75 0.68 -25.47
N VAL C 336 41.29 1.90 -25.44
CA VAL C 336 42.54 2.18 -26.15
C VAL C 336 43.70 1.41 -25.53
N LYS C 337 43.77 1.35 -24.19
CA LYS C 337 44.87 0.66 -23.53
C LYS C 337 44.93 -0.80 -23.93
N GLY C 338 43.78 -1.47 -24.00
CA GLY C 338 43.76 -2.81 -24.53
C GLY C 338 44.11 -2.86 -26.01
N THR C 339 43.72 -1.83 -26.76
CA THR C 339 43.98 -1.81 -28.19
C THR C 339 45.45 -1.52 -28.51
N ILE C 340 46.07 -0.58 -27.78
CA ILE C 340 47.47 -0.27 -28.03
C ILE C 340 48.36 -1.44 -27.60
N GLY C 341 48.01 -2.09 -26.48
CA GLY C 341 48.77 -3.25 -26.06
C GLY C 341 48.62 -4.42 -27.01
N GLY C 342 47.43 -4.60 -27.58
CA GLY C 342 47.23 -5.69 -28.53
C GLY C 342 48.02 -5.48 -29.82
N ALA C 343 48.02 -4.25 -30.34
CA ALA C 343 48.73 -3.99 -31.58
C ALA C 343 50.24 -3.95 -31.37
N ILE C 344 50.69 -3.55 -30.18
CA ILE C 344 52.13 -3.53 -29.90
C ILE C 344 52.69 -4.95 -29.90
N ARG C 345 51.96 -5.89 -29.31
CA ARG C 345 52.41 -7.28 -29.28
C ARG C 345 52.52 -7.89 -30.68
N HIS C 346 51.87 -7.27 -31.67
CA HIS C 346 52.02 -7.70 -33.06
C HIS C 346 53.03 -6.86 -33.83
N LYS C 347 53.67 -5.88 -33.18
CA LYS C 347 54.70 -5.04 -33.78
C LYS C 347 54.19 -4.29 -35.01
N LEU C 348 52.90 -4.01 -35.06
CA LEU C 348 52.28 -3.34 -36.19
C LEU C 348 52.19 -1.84 -35.94
N ILE C 349 51.94 -1.09 -37.00
CA ILE C 349 51.70 0.34 -36.92
C ILE C 349 50.21 0.57 -37.13
N PRO C 350 49.43 0.78 -36.06
CA PRO C 350 47.99 0.99 -36.22
C PRO C 350 47.64 2.44 -36.45
N THR C 351 46.76 2.67 -37.42
CA THR C 351 46.25 4.01 -37.66
C THR C 351 45.47 4.50 -36.45
N PRO C 352 45.51 5.81 -36.16
CA PRO C 352 44.81 6.32 -34.97
C PRO C 352 43.32 6.04 -34.97
N GLN C 353 42.71 5.92 -36.14
CA GLN C 353 41.28 5.61 -36.19
C GLN C 353 40.99 4.23 -35.61
N ASN C 354 41.84 3.24 -35.91
CA ASN C 354 41.59 1.89 -35.46
C ASN C 354 41.88 1.68 -33.97
N LEU C 355 42.55 2.63 -33.31
CA LEU C 355 42.76 2.51 -31.88
C LEU C 355 41.53 2.91 -31.07
N VAL C 356 40.58 3.60 -31.69
CA VAL C 356 39.41 4.14 -30.99
C VAL C 356 38.16 3.67 -31.71
N THR C 357 37.24 3.07 -30.96
CA THR C 357 35.93 2.69 -31.46
C THR C 357 34.88 3.63 -30.87
N SER C 358 33.72 3.69 -31.51
CA SER C 358 32.66 4.59 -31.10
C SER C 358 31.77 4.01 -30.01
N THR C 359 31.99 2.76 -29.61
CA THR C 359 31.15 2.14 -28.59
C THR C 359 31.16 2.86 -27.24
N PRO C 360 32.29 3.34 -26.70
CA PRO C 360 32.24 3.94 -25.36
C PRO C 360 31.27 5.12 -25.26
N LEU C 361 31.41 6.12 -26.13
CA LEU C 361 30.51 7.28 -26.06
C LEU C 361 29.07 6.89 -26.40
N THR C 362 28.89 6.18 -27.51
CA THR C 362 27.53 5.91 -27.99
C THR C 362 26.75 5.03 -27.02
N THR C 363 27.39 4.01 -26.46
CA THR C 363 26.66 3.08 -25.60
C THR C 363 26.34 3.70 -24.24
N THR C 364 27.30 4.44 -23.66
CA THR C 364 27.07 5.02 -22.35
C THR C 364 26.02 6.12 -22.38
N TYR C 365 25.78 6.72 -23.55
CA TYR C 365 24.66 7.66 -23.69
C TYR C 365 23.38 6.92 -24.08
N GLU C 366 23.52 5.85 -24.85
CA GLU C 366 22.37 5.00 -25.15
C GLU C 366 21.81 4.38 -23.88
N SER C 367 22.68 3.96 -22.96
CA SER C 367 22.25 3.33 -21.73
C SER C 367 21.99 4.33 -20.61
N PHE C 368 22.33 5.60 -20.79
CA PHE C 368 21.99 6.60 -19.78
C PHE C 368 20.51 6.95 -19.85
N PHE C 369 19.99 7.18 -21.06
CA PHE C 369 18.57 7.48 -21.19
C PHE C 369 17.70 6.26 -20.92
N GLY C 370 18.21 5.07 -21.25
CA GLY C 370 17.44 3.86 -21.02
C GLY C 370 17.25 3.52 -19.55
N LEU C 371 18.30 3.68 -18.75
CA LEU C 371 18.32 3.13 -17.40
C LEU C 371 18.26 4.17 -16.28
N HIS C 372 18.79 5.37 -16.50
CA HIS C 372 18.89 6.33 -15.41
C HIS C 372 17.49 6.77 -14.97
N PRO C 373 17.24 6.81 -13.65
CA PRO C 373 15.91 7.25 -13.19
C PRO C 373 15.58 8.68 -13.53
N LEU C 374 16.57 9.56 -13.59
CA LEU C 374 16.32 10.97 -13.92
C LEU C 374 16.04 11.18 -15.40
N SER C 375 16.23 10.15 -16.24
CA SER C 375 15.85 10.19 -17.63
C SER C 375 14.53 9.46 -17.78
N GLN C 376 13.49 10.19 -18.19
CA GLN C 376 12.14 9.67 -18.21
C GLN C 376 11.52 9.87 -19.58
N VAL C 377 10.53 9.04 -19.89
CA VAL C 377 9.81 9.16 -21.15
C VAL C 377 8.91 10.38 -21.09
N LEU C 378 8.99 11.23 -22.12
CA LEU C 378 8.16 12.41 -22.17
C LEU C 378 6.69 12.04 -22.19
N ASP C 379 5.91 12.68 -21.31
CA ASP C 379 4.47 12.47 -21.27
C ASP C 379 3.81 13.38 -22.29
N ARG C 380 3.12 12.79 -23.26
CA ARG C 380 2.54 13.53 -24.38
C ARG C 380 1.03 13.39 -24.41
N THR C 381 0.41 13.33 -23.24
CA THR C 381 -1.05 13.28 -23.18
C THR C 381 -1.66 14.53 -23.77
N ASN C 382 -1.19 15.70 -23.35
CA ASN C 382 -1.68 16.97 -23.84
C ASN C 382 -0.55 17.98 -23.78
N PRO C 383 -0.71 19.16 -24.38
CA PRO C 383 0.38 20.15 -24.35
C PRO C 383 0.82 20.54 -22.94
N LEU C 384 -0.06 20.45 -21.95
CA LEU C 384 0.34 20.79 -20.58
C LEU C 384 1.35 19.78 -20.04
N THR C 385 1.19 18.50 -20.37
CA THR C 385 2.10 17.49 -19.82
C THR C 385 3.48 17.54 -20.46
N GLN C 386 3.57 18.04 -21.69
CA GLN C 386 4.87 18.06 -22.38
C GLN C 386 5.85 19.01 -21.72
N ILE C 387 5.38 20.11 -21.15
CA ILE C 387 6.26 21.15 -20.63
C ILE C 387 6.47 21.00 -19.12
N VAL C 388 5.45 20.57 -18.37
CA VAL C 388 5.61 20.45 -16.93
C VAL C 388 6.51 19.29 -16.55
N HIS C 389 6.67 18.30 -17.41
CA HIS C 389 7.50 17.15 -17.09
C HIS C 389 8.97 17.55 -16.96
N GLY C 390 9.42 18.47 -17.82
CA GLY C 390 10.81 18.90 -17.81
C GLY C 390 11.18 19.86 -16.71
N ARG C 391 10.21 20.36 -15.95
CA ARG C 391 10.46 21.35 -14.91
C ARG C 391 10.37 20.75 -13.50
N LYS C 392 10.51 19.44 -13.38
CA LYS C 392 10.38 18.79 -12.07
C LYS C 392 11.72 18.78 -11.34
N LEU C 393 11.63 18.86 -10.01
CA LEU C 393 12.79 18.77 -9.14
C LEU C 393 12.60 17.57 -8.23
N SER C 394 13.60 16.70 -8.18
CA SER C 394 13.51 15.46 -7.43
C SER C 394 14.66 15.33 -6.45
N TYR C 395 14.35 14.90 -5.24
CA TYR C 395 15.37 14.50 -4.28
C TYR C 395 15.83 13.07 -4.47
N LEU C 396 15.15 12.30 -5.30
CA LEU C 396 15.49 10.90 -5.54
C LEU C 396 16.62 10.83 -6.56
N GLY C 397 16.88 9.62 -7.07
CA GLY C 397 17.95 9.41 -8.02
C GLY C 397 19.26 9.11 -7.34
N PRO C 398 20.27 8.73 -8.13
CA PRO C 398 21.59 8.45 -7.55
C PRO C 398 22.15 9.66 -6.83
N GLY C 399 22.72 9.41 -5.65
CA GLY C 399 23.19 10.49 -4.81
C GLY C 399 22.11 11.17 -4.00
N GLY C 400 20.86 10.74 -4.13
CA GLY C 400 19.76 11.36 -3.41
C GLY C 400 19.05 10.41 -2.49
N LEU C 401 18.30 10.95 -1.53
CA LEU C 401 17.62 10.13 -0.54
C LEU C 401 16.46 9.36 -1.16
N THR C 402 16.24 8.15 -0.66
CA THR C 402 15.09 7.34 -1.03
C THR C 402 13.89 7.71 -0.16
N GLY C 403 12.72 7.21 -0.54
CA GLY C 403 11.52 7.49 0.25
C GLY C 403 11.63 6.97 1.67
N ARG C 404 12.15 5.75 1.84
CA ARG C 404 12.42 5.24 3.18
C ARG C 404 13.56 6.02 3.85
N THR C 405 14.57 6.39 3.06
CA THR C 405 15.70 7.17 3.58
C THR C 405 15.28 8.58 3.96
N ALA C 406 14.27 9.13 3.28
CA ALA C 406 13.92 10.54 3.44
C ALA C 406 13.55 10.86 4.89
N ASN C 407 14.08 11.98 5.38
CA ASN C 407 13.76 12.48 6.71
C ASN C 407 12.36 13.09 6.71
N PHE C 408 11.74 13.10 7.89
CA PHE C 408 10.39 13.64 8.02
C PHE C 408 10.37 15.16 8.08
N ARG C 409 11.50 15.80 8.44
CA ARG C 409 11.57 17.25 8.37
C ARG C 409 11.69 17.73 6.94
N ILE C 410 12.29 16.92 6.06
CA ILE C 410 12.16 17.10 4.62
C ILE C 410 10.75 16.68 4.27
N ARG C 411 10.30 16.97 3.05
CA ARG C 411 8.93 16.89 2.55
C ARG C 411 8.11 18.07 3.04
N ASP C 412 8.64 18.93 3.90
CA ASP C 412 7.93 20.10 4.39
C ASP C 412 8.28 21.33 3.58
N ILE C 413 7.47 22.36 3.73
CA ILE C 413 7.71 23.63 3.05
C ILE C 413 8.69 24.44 3.86
N HIS C 414 9.74 24.92 3.21
CA HIS C 414 10.71 25.79 3.86
C HIS C 414 10.55 27.21 3.34
N PRO C 415 10.77 28.22 4.19
CA PRO C 415 10.60 29.61 3.72
C PRO C 415 11.52 29.98 2.57
N SER C 416 12.63 29.28 2.38
CA SER C 416 13.51 29.55 1.25
C SER C 416 12.92 29.10 -0.08
N HIS C 417 11.82 28.35 -0.07
CA HIS C 417 11.22 27.86 -1.30
C HIS C 417 10.42 28.93 -2.04
N TYR C 418 10.09 30.03 -1.39
CA TYR C 418 9.13 30.99 -1.93
C TYR C 418 9.69 31.65 -3.18
N GLY C 419 9.01 31.44 -4.31
CA GLY C 419 9.45 31.95 -5.59
C GLY C 419 10.34 31.02 -6.36
N ARG C 420 10.78 29.92 -5.75
CA ARG C 420 11.69 28.97 -6.40
C ARG C 420 11.07 27.61 -6.57
N ILE C 421 10.49 27.03 -5.52
CA ILE C 421 9.79 25.76 -5.59
C ILE C 421 8.33 25.99 -5.26
N CYS C 422 7.44 25.45 -6.09
CA CYS C 422 6.01 25.65 -5.86
C CYS C 422 5.60 24.94 -4.57
N PRO C 423 4.92 25.65 -3.65
CA PRO C 423 4.50 25.01 -2.40
C PRO C 423 3.32 24.06 -2.57
N ILE C 424 2.63 24.10 -3.70
CA ILE C 424 1.46 23.25 -3.91
C ILE C 424 1.83 21.96 -4.62
N ASP C 425 2.56 22.06 -5.74
CA ASP C 425 2.77 20.91 -6.60
C ASP C 425 3.73 19.91 -5.95
N THR C 426 3.26 18.68 -5.78
CA THR C 426 4.08 17.59 -5.28
C THR C 426 3.44 16.28 -5.74
N SER C 427 4.21 15.21 -5.62
CA SER C 427 3.71 13.89 -6.01
C SER C 427 2.87 13.29 -4.90
N GLU C 428 1.95 12.41 -5.29
CA GLU C 428 1.06 11.74 -4.36
C GLU C 428 1.57 10.35 -4.06
N GLY C 429 1.57 9.97 -2.78
CA GLY C 429 2.04 8.66 -2.37
C GLY C 429 3.28 8.69 -1.51
N ILE C 430 4.08 7.63 -1.59
CA ILE C 430 5.29 7.53 -0.78
C ILE C 430 6.29 8.63 -1.12
N ASN C 431 6.25 9.12 -2.37
CA ASN C 431 7.18 10.14 -2.82
C ASN C 431 6.64 11.56 -2.63
N VAL C 432 5.78 11.77 -1.65
CA VAL C 432 5.20 13.10 -1.41
C VAL C 432 6.25 13.99 -0.76
N GLY C 433 6.37 15.21 -1.26
CA GLY C 433 7.34 16.15 -0.75
C GLY C 433 8.76 15.94 -1.25
N LEU C 434 8.99 14.92 -2.08
CA LEU C 434 10.31 14.64 -2.61
C LEU C 434 10.44 14.97 -4.10
N ILE C 435 9.33 15.08 -4.82
CA ILE C 435 9.33 15.54 -6.20
C ILE C 435 8.68 16.92 -6.21
N GLY C 436 9.46 17.95 -6.51
CA GLY C 436 8.98 19.31 -6.52
C GLY C 436 8.62 19.78 -7.92
N SER C 437 8.60 21.09 -8.09
CA SER C 437 8.29 21.71 -9.37
C SER C 437 8.72 23.16 -9.33
N LEU C 438 9.37 23.59 -10.41
CA LEU C 438 9.86 24.97 -10.48
C LEU C 438 8.71 25.96 -10.66
N SER C 439 8.91 27.16 -10.13
CA SER C 439 7.93 28.23 -10.27
C SER C 439 7.99 28.82 -11.68
N ILE C 440 7.00 29.66 -11.99
CA ILE C 440 6.90 30.23 -13.33
C ILE C 440 8.10 31.12 -13.64
N HIS C 441 8.52 31.95 -12.68
CA HIS C 441 9.60 32.90 -12.89
C HIS C 441 10.93 32.42 -12.33
N ALA C 442 11.00 31.18 -11.87
CA ALA C 442 12.24 30.66 -11.30
C ALA C 442 13.32 30.53 -12.36
N ARG C 443 14.56 30.70 -11.93
CA ARG C 443 15.72 30.57 -12.80
C ARG C 443 16.82 29.83 -12.06
N ILE C 444 17.62 29.07 -12.80
CA ILE C 444 18.76 28.37 -12.24
C ILE C 444 19.98 29.26 -12.37
N GLY C 445 20.63 29.54 -11.25
CA GLY C 445 21.79 30.41 -11.23
C GLY C 445 23.05 29.70 -11.67
N ASP C 446 24.17 30.40 -11.48
CA ASP C 446 25.48 29.90 -11.87
C ASP C 446 26.17 29.11 -10.76
N TRP C 447 25.50 28.89 -9.64
CA TRP C 447 26.02 28.07 -8.56
C TRP C 447 25.10 26.90 -8.24
N GLY C 448 24.21 26.55 -9.16
CA GLY C 448 23.23 25.52 -8.90
C GLY C 448 22.10 25.93 -8.00
N SER C 449 21.95 27.21 -7.73
CA SER C 449 20.90 27.72 -6.85
C SER C 449 19.75 28.28 -7.68
N LEU C 450 18.55 28.20 -7.11
CA LEU C 450 17.36 28.71 -7.76
C LEU C 450 17.16 30.18 -7.42
N GLU C 451 16.78 30.97 -8.43
CA GLU C 451 16.62 32.41 -8.27
C GLU C 451 15.25 32.83 -8.75
N SER C 452 14.68 33.82 -8.06
CA SER C 452 13.43 34.43 -8.46
C SER C 452 13.60 35.95 -8.47
N PRO C 453 12.91 36.63 -9.39
CA PRO C 453 13.11 38.08 -9.51
C PRO C 453 12.28 38.85 -8.51
N PHE C 454 12.90 39.89 -7.93
CA PHE C 454 12.24 40.80 -7.03
C PHE C 454 12.54 42.23 -7.45
N TYR C 455 11.59 43.13 -7.19
CA TYR C 455 11.72 44.53 -7.57
C TYR C 455 12.34 45.32 -6.42
N GLU C 456 13.44 46.01 -6.71
CA GLU C 456 14.22 46.70 -5.69
C GLU C 456 13.72 48.13 -5.51
N LEU C 457 13.50 48.52 -4.26
CA LEU C 457 13.16 49.88 -3.88
C LEU C 457 14.38 50.50 -3.21
N VAL C 458 14.90 51.59 -3.79
CA VAL C 458 16.14 52.19 -3.34
C VAL C 458 15.92 53.66 -3.05
N GLU C 459 16.96 54.29 -2.50
CA GLU C 459 16.91 55.70 -2.12
C GLU C 459 16.96 56.59 -3.35
N LYS C 460 16.97 57.91 -3.11
CA LYS C 460 16.99 58.87 -4.20
C LYS C 460 18.31 58.80 -4.97
N SER C 461 19.44 58.82 -4.25
CA SER C 461 20.75 58.90 -4.88
C SER C 461 21.22 57.50 -5.25
N LYS C 462 20.63 56.95 -6.30
CA LYS C 462 21.05 55.66 -6.85
C LYS C 462 20.57 55.56 -8.29
N LYS C 463 21.47 55.14 -9.18
CA LYS C 463 21.12 55.01 -10.59
C LYS C 463 20.03 53.96 -10.78
N ALA C 464 20.34 52.71 -10.44
CA ALA C 464 19.40 51.59 -10.52
C ALA C 464 18.79 51.48 -11.93
N GLN C 465 19.67 51.17 -12.87
CA GLN C 465 19.25 51.04 -14.26
C GLN C 465 18.19 49.96 -14.43
N ILE C 466 18.41 48.79 -13.82
CA ILE C 466 17.43 47.72 -13.80
C ILE C 466 17.15 47.38 -12.34
N ARG C 467 15.89 47.51 -11.94
CA ARG C 467 15.48 47.28 -10.56
C ARG C 467 14.94 45.87 -10.34
N MET C 468 14.99 45.02 -11.35
CA MET C 468 14.61 43.62 -11.22
C MET C 468 15.87 42.79 -11.07
N LEU C 469 16.09 42.26 -9.87
CA LEU C 469 17.26 41.45 -9.59
C LEU C 469 16.84 40.08 -9.11
N PHE C 470 17.49 39.05 -9.63
CA PHE C 470 17.22 37.68 -9.23
C PHE C 470 17.93 37.38 -7.92
N LEU C 471 17.22 36.77 -6.98
CA LEU C 471 17.70 36.59 -5.62
C LEU C 471 17.87 35.12 -5.32
N SER C 472 19.08 34.73 -4.94
CA SER C 472 19.36 33.37 -4.48
C SER C 472 18.86 33.19 -3.04
N PRO C 473 18.55 31.96 -2.64
CA PRO C 473 18.01 31.75 -1.29
C PRO C 473 18.96 32.17 -0.18
N SER C 474 20.27 32.15 -0.42
CA SER C 474 21.23 32.54 0.62
C SER C 474 21.05 34.00 1.01
N GLN C 475 20.83 34.86 0.02
CA GLN C 475 20.60 36.27 0.28
C GLN C 475 19.12 36.61 0.38
N ASP C 476 18.24 35.61 0.31
CA ASP C 476 16.81 35.86 0.38
C ASP C 476 16.38 36.28 1.79
N GLU C 477 16.98 35.67 2.81
CA GLU C 477 16.56 35.94 4.18
C GLU C 477 16.82 37.38 4.59
N TYR C 478 17.96 37.94 4.16
CA TYR C 478 18.42 39.22 4.65
C TYR C 478 17.83 40.40 3.89
N TYR C 479 16.70 40.20 3.21
CA TYR C 479 15.96 41.29 2.60
C TYR C 479 14.54 41.30 3.15
N MET C 480 14.01 42.50 3.38
CA MET C 480 12.63 42.66 3.81
C MET C 480 11.76 42.75 2.56
N ILE C 481 11.08 41.66 2.23
CA ILE C 481 10.31 41.55 0.99
C ILE C 481 8.84 41.65 1.33
N ALA C 482 8.15 42.59 0.68
CA ALA C 482 6.73 42.82 0.87
C ALA C 482 5.94 42.32 -0.33
N ALA C 483 4.71 41.87 -0.06
CA ALA C 483 3.80 41.43 -1.12
C ALA C 483 2.54 42.28 -1.20
N GLY C 484 2.38 43.27 -0.32
CA GLY C 484 1.23 44.13 -0.36
C GLY C 484 1.38 45.26 -1.37
N ASN C 485 0.39 46.16 -1.34
CA ASN C 485 0.33 47.28 -2.25
C ASN C 485 0.35 48.59 -1.47
N SER C 486 0.46 49.69 -2.20
CA SER C 486 0.59 51.02 -1.62
C SER C 486 -0.67 51.86 -1.78
N LEU C 487 -1.83 51.21 -1.75
CA LEU C 487 -3.10 51.91 -1.88
C LEU C 487 -3.73 52.16 -0.50
N ALA C 488 -3.04 52.96 0.30
CA ALA C 488 -3.48 53.24 1.66
C ALA C 488 -2.92 54.58 2.08
N LEU C 489 -3.78 55.47 2.58
CA LEU C 489 -3.35 56.78 2.99
C LEU C 489 -4.17 57.24 4.20
N ASN C 490 -3.49 57.84 5.17
CA ASN C 490 -4.15 58.51 6.27
C ASN C 490 -3.61 59.93 6.38
N ARG C 491 -3.90 60.62 7.49
CA ARG C 491 -3.45 62.00 7.66
C ARG C 491 -1.94 62.12 7.75
N GLY C 492 -1.20 61.01 7.82
CA GLY C 492 0.25 61.05 7.74
C GLY C 492 0.73 61.03 6.31
N ILE C 493 1.84 60.33 6.04
CA ILE C 493 2.36 60.17 4.70
C ILE C 493 2.41 58.67 4.38
N GLN C 494 2.62 58.38 3.10
CA GLN C 494 2.46 57.01 2.61
C GLN C 494 3.55 56.08 3.15
N GLU C 495 4.75 56.60 3.41
CA GLU C 495 5.87 55.75 3.80
C GLU C 495 5.66 55.10 5.16
N GLU C 496 4.75 55.61 5.98
CA GLU C 496 4.52 55.06 7.32
C GLU C 496 3.36 54.06 7.36
N GLN C 497 2.73 53.77 6.22
CA GLN C 497 1.70 52.75 6.17
C GLN C 497 2.35 51.37 6.27
N VAL C 498 1.66 50.45 6.95
CA VAL C 498 2.23 49.16 7.29
C VAL C 498 1.74 48.12 6.30
N VAL C 499 2.62 47.18 5.95
CA VAL C 499 2.29 46.08 5.05
C VAL C 499 2.94 44.80 5.54
N PRO C 500 2.34 43.66 5.20
CA PRO C 500 2.98 42.39 5.53
C PRO C 500 4.25 42.17 4.73
N ALA C 501 5.26 41.60 5.38
CA ALA C 501 6.56 41.41 4.75
C ALA C 501 7.21 40.14 5.29
N ARG C 502 8.24 39.68 4.59
CA ARG C 502 9.03 38.52 4.99
C ARG C 502 10.44 38.96 5.34
N TYR C 503 10.97 38.44 6.43
CA TYR C 503 12.33 38.75 6.84
C TYR C 503 12.80 37.67 7.81
N ARG C 504 13.94 37.05 7.52
CA ARG C 504 14.51 36.00 8.36
C ARG C 504 13.52 34.86 8.59
N GLN C 505 12.92 34.40 7.51
CA GLN C 505 12.03 33.23 7.51
C GLN C 505 10.83 33.42 8.42
N GLU C 506 10.35 34.65 8.56
CA GLU C 506 9.14 34.92 9.33
C GLU C 506 8.36 36.03 8.63
N PHE C 507 7.12 36.21 9.07
CA PHE C 507 6.21 37.19 8.49
C PHE C 507 6.01 38.33 9.48
N LEU C 508 6.18 39.56 8.99
CA LEU C 508 6.12 40.75 9.83
C LEU C 508 5.03 41.70 9.32
N THR C 509 4.97 42.87 9.93
CA THR C 509 4.07 43.95 9.50
C THR C 509 4.79 45.26 9.80
N ILE C 510 5.49 45.78 8.80
CA ILE C 510 6.35 46.94 8.96
C ILE C 510 5.96 48.01 7.95
N ALA C 511 6.54 49.19 8.13
CA ALA C 511 6.25 50.34 7.28
C ALA C 511 6.92 50.21 5.92
N TRP C 512 6.41 50.97 4.94
CA TRP C 512 6.95 50.89 3.59
C TRP C 512 8.39 51.39 3.52
N GLU C 513 8.76 52.35 4.37
CA GLU C 513 10.10 52.91 4.33
C GLU C 513 11.16 51.90 4.76
N GLU C 514 10.77 50.77 5.33
CA GLU C 514 11.69 49.73 5.75
C GLU C 514 11.67 48.54 4.80
N VAL C 515 10.99 48.65 3.67
CA VAL C 515 10.90 47.57 2.70
C VAL C 515 12.00 47.73 1.67
N HIS C 516 12.71 46.64 1.38
CA HIS C 516 13.74 46.63 0.37
C HIS C 516 13.24 46.15 -0.98
N LEU C 517 12.60 44.99 -1.03
CA LEU C 517 12.17 44.37 -2.26
C LEU C 517 10.66 44.17 -2.25
N ARG C 518 10.07 44.17 -3.44
CA ARG C 518 8.66 43.89 -3.63
C ARG C 518 8.49 42.70 -4.56
N SER C 519 7.54 41.83 -4.23
CA SER C 519 7.14 40.75 -5.12
C SER C 519 5.92 41.21 -5.91
N ILE C 520 6.12 41.43 -7.20
CA ILE C 520 5.09 42.06 -8.02
C ILE C 520 4.53 41.15 -9.11
N PHE C 521 5.23 40.09 -9.48
CA PHE C 521 4.74 39.22 -10.53
C PHE C 521 3.53 38.41 -10.03
N PRO C 522 2.49 38.26 -10.86
CA PRO C 522 1.30 37.54 -10.37
C PRO C 522 1.50 36.04 -10.23
N PHE C 523 2.24 35.42 -11.15
CA PHE C 523 2.48 33.98 -11.12
C PHE C 523 3.83 33.63 -10.51
N GLN C 524 4.31 34.43 -9.56
CA GLN C 524 5.68 34.26 -9.08
C GLN C 524 5.86 32.96 -8.32
N TYR C 525 4.92 32.60 -7.45
CA TYR C 525 5.13 31.53 -6.49
C TYR C 525 4.56 30.18 -6.94
N PHE C 526 4.07 30.07 -8.16
CA PHE C 526 3.34 28.88 -8.58
C PHE C 526 4.00 28.22 -9.78
N SER C 527 3.68 26.95 -9.98
CA SER C 527 4.07 26.20 -11.15
C SER C 527 3.03 26.38 -12.25
N ILE C 528 3.26 25.72 -13.39
CA ILE C 528 2.34 25.86 -14.51
C ILE C 528 0.98 25.27 -14.17
N GLY C 529 0.96 24.16 -13.44
CA GLY C 529 -0.31 23.52 -13.13
C GLY C 529 -1.21 24.38 -12.27
N ALA C 530 -0.65 24.96 -11.21
CA ALA C 530 -1.44 25.80 -10.31
C ALA C 530 -1.76 27.16 -10.92
N SER C 531 -1.02 27.57 -11.95
CA SER C 531 -1.22 28.86 -12.59
C SER C 531 -2.29 28.83 -13.67
N LEU C 532 -2.96 27.69 -13.85
CA LEU C 532 -4.03 27.56 -14.81
C LEU C 532 -5.40 27.44 -14.14
N ILE C 533 -5.49 27.78 -12.86
CA ILE C 533 -6.70 27.66 -12.06
C ILE C 533 -7.26 29.07 -11.85
N PRO C 534 -8.36 29.43 -12.49
CA PRO C 534 -8.94 30.76 -12.24
C PRO C 534 -9.59 30.81 -10.86
N PHE C 535 -9.50 31.99 -10.24
CA PHE C 535 -10.03 32.21 -8.90
C PHE C 535 -9.44 31.21 -7.91
N ILE C 536 -8.14 30.95 -8.02
CA ILE C 536 -7.48 29.96 -7.17
C ILE C 536 -7.46 30.41 -5.72
N GLU C 537 -7.53 31.72 -5.47
CA GLU C 537 -7.47 32.21 -4.09
C GLU C 537 -8.74 31.88 -3.30
N HIS C 538 -9.78 31.39 -3.95
CA HIS C 538 -11.01 30.98 -3.29
C HIS C 538 -11.10 29.48 -3.11
N ASN C 539 -10.11 28.73 -3.59
CA ASN C 539 -10.03 27.30 -3.41
C ASN C 539 -9.06 26.98 -2.28
N ASP C 540 -9.40 25.96 -1.50
CA ASP C 540 -8.47 25.47 -0.48
C ASP C 540 -7.25 24.87 -1.15
N ALA C 541 -6.08 25.10 -0.55
CA ALA C 541 -4.82 24.68 -1.17
C ALA C 541 -4.73 23.17 -1.31
N ASN C 542 -5.50 22.41 -0.53
CA ASN C 542 -5.49 20.96 -0.69
C ASN C 542 -6.03 20.54 -2.06
N ARG C 543 -7.12 21.19 -2.51
CA ARG C 543 -7.69 20.87 -3.81
C ARG C 543 -6.86 21.45 -4.95
N ALA C 544 -6.02 22.44 -4.69
CA ALA C 544 -5.15 22.98 -5.73
C ALA C 544 -4.15 21.92 -6.20
N LEU C 545 -3.62 21.12 -5.27
CA LEU C 545 -2.74 20.03 -5.65
C LEU C 545 -3.46 19.00 -6.50
N MET C 546 -4.69 18.63 -6.10
CA MET C 546 -5.48 17.68 -6.88
C MET C 546 -5.84 18.26 -8.24
N SER C 547 -6.20 19.54 -8.29
CA SER C 547 -6.58 20.16 -9.56
C SER C 547 -5.42 20.16 -10.55
N SER C 548 -4.21 20.40 -10.07
CA SER C 548 -3.05 20.40 -10.95
C SER C 548 -2.85 19.04 -11.58
N ASN C 549 -3.02 17.96 -10.81
CA ASN C 549 -2.86 16.62 -11.34
C ASN C 549 -3.91 16.30 -12.40
N MET C 550 -5.15 16.71 -12.17
CA MET C 550 -6.24 16.36 -13.08
C MET C 550 -6.07 17.04 -14.44
N GLN C 551 -5.55 18.26 -14.46
CA GLN C 551 -5.34 18.93 -15.73
C GLN C 551 -4.30 18.21 -16.58
N ARG C 552 -3.40 17.46 -15.95
CA ARG C 552 -2.43 16.66 -16.66
C ARG C 552 -3.02 15.37 -17.23
N GLN C 553 -4.23 15.01 -16.82
CA GLN C 553 -4.88 13.81 -17.31
C GLN C 553 -5.97 14.11 -18.33
N ALA C 554 -6.13 15.37 -18.74
CA ALA C 554 -7.16 15.72 -19.69
C ALA C 554 -6.84 15.16 -21.07
N VAL C 555 -7.85 14.61 -21.74
CA VAL C 555 -7.72 14.04 -23.07
C VAL C 555 -8.02 15.10 -24.11
N PRO C 556 -7.17 15.29 -25.11
CA PRO C 556 -7.53 16.17 -26.23
C PRO C 556 -8.76 15.66 -26.95
N LEU C 557 -9.72 16.56 -27.18
CA LEU C 557 -10.97 16.20 -27.81
C LEU C 557 -10.86 16.35 -29.32
N SER C 558 -11.70 15.59 -30.04
CA SER C 558 -11.67 15.64 -31.50
C SER C 558 -11.92 17.04 -32.02
N ARG C 559 -12.68 17.86 -31.29
CA ARG C 559 -12.82 19.27 -31.55
C ARG C 559 -12.53 20.03 -30.27
N SER C 560 -11.77 21.11 -30.38
CA SER C 560 -11.34 21.87 -29.22
C SER C 560 -11.92 23.28 -29.26
N GLU C 561 -12.11 23.86 -28.07
CA GLU C 561 -12.58 25.24 -27.96
C GLU C 561 -11.93 25.87 -26.75
N LYS C 562 -11.76 27.18 -26.81
CA LYS C 562 -11.13 27.93 -25.73
C LYS C 562 -12.08 28.11 -24.55
N CYS C 563 -11.50 28.26 -23.38
CA CYS C 563 -12.28 28.48 -22.16
C CYS C 563 -12.78 29.92 -22.11
N ILE C 564 -14.01 30.09 -21.65
CA ILE C 564 -14.56 31.44 -21.48
C ILE C 564 -13.81 32.18 -20.38
N VAL C 565 -13.46 31.49 -19.31
CA VAL C 565 -12.75 32.07 -18.18
C VAL C 565 -11.40 31.39 -18.05
N GLY C 566 -10.33 32.18 -18.02
CA GLY C 566 -9.00 31.64 -17.86
C GLY C 566 -8.12 32.52 -17.00
N THR C 567 -6.82 32.26 -16.98
CA THR C 567 -5.88 33.05 -16.20
C THR C 567 -4.93 33.88 -17.06
N GLY C 568 -4.91 33.66 -18.38
CA GLY C 568 -3.97 34.33 -19.24
C GLY C 568 -2.67 33.60 -19.46
N LEU C 569 -2.47 32.45 -18.82
CA LEU C 569 -1.29 31.64 -19.03
C LEU C 569 -1.51 30.56 -20.08
N GLU C 570 -2.72 30.45 -20.62
CA GLU C 570 -2.98 29.45 -21.66
C GLU C 570 -2.21 29.77 -22.93
N ARG C 571 -2.05 31.06 -23.25
CA ARG C 571 -1.27 31.44 -24.42
C ARG C 571 0.21 31.13 -24.23
N GLN C 572 0.72 31.29 -23.00
CA GLN C 572 2.11 30.93 -22.72
C GLN C 572 2.33 29.43 -22.90
N VAL C 573 1.38 28.61 -22.43
CA VAL C 573 1.52 27.16 -22.51
C VAL C 573 1.52 26.71 -23.97
N ALA C 574 0.64 27.29 -24.79
CA ALA C 574 0.56 26.90 -26.19
C ALA C 574 1.84 27.22 -26.94
N LEU C 575 2.42 28.40 -26.67
CA LEU C 575 3.62 28.81 -27.38
C LEU C 575 4.81 27.92 -27.04
N ASP C 576 4.98 27.57 -25.77
CA ASP C 576 6.15 26.85 -25.30
C ASP C 576 6.02 25.34 -25.40
N SER C 577 4.89 24.83 -25.89
CA SER C 577 4.72 23.39 -26.02
C SER C 577 5.14 22.86 -27.38
N GLY C 578 5.21 23.71 -28.40
CA GLY C 578 5.55 23.28 -29.73
C GLY C 578 4.43 22.61 -30.49
N VAL C 579 3.27 22.42 -29.87
CA VAL C 579 2.13 21.82 -30.56
C VAL C 579 1.66 22.67 -31.73
N PRO C 580 1.46 23.99 -31.59
CA PRO C 580 1.13 24.80 -32.76
C PRO C 580 2.35 25.05 -33.63
N ALA C 581 2.08 25.50 -34.85
CA ALA C 581 3.15 25.83 -35.79
C ALA C 581 3.52 27.30 -35.64
N ILE C 582 4.80 27.56 -35.41
CA ILE C 582 5.31 28.90 -35.17
C ILE C 582 6.26 29.24 -36.32
N ALA C 583 6.06 30.41 -36.92
CA ALA C 583 6.86 30.83 -38.06
C ALA C 583 8.31 31.05 -37.65
N GLU C 584 9.23 30.59 -38.49
CA GLU C 584 10.65 30.79 -38.30
C GLU C 584 11.20 31.88 -39.22
N HIS C 585 10.34 32.56 -39.97
CA HIS C 585 10.77 33.55 -40.94
C HIS C 585 9.57 34.41 -41.31
N GLU C 586 9.78 35.73 -41.38
CA GLU C 586 8.70 36.61 -41.77
C GLU C 586 8.42 36.47 -43.26
N GLY C 587 7.18 36.78 -43.64
CA GLY C 587 6.81 36.68 -45.05
C GLY C 587 5.30 36.70 -45.21
N LYS C 588 4.85 36.07 -46.29
CA LYS C 588 3.45 36.02 -46.67
C LYS C 588 3.01 34.58 -46.80
N ILE C 589 1.73 34.34 -46.52
CA ILE C 589 1.14 33.01 -46.70
C ILE C 589 0.67 32.88 -48.14
N LEU C 590 1.09 31.81 -48.80
CA LEU C 590 0.74 31.58 -50.20
C LEU C 590 -0.15 30.37 -50.44
N TYR C 591 -0.04 29.33 -49.62
CA TYR C 591 -0.83 28.12 -49.83
C TYR C 591 -1.05 27.45 -48.49
N THR C 592 -2.27 26.92 -48.30
CA THR C 592 -2.65 26.23 -47.08
C THR C 592 -3.54 25.04 -47.42
N ASP C 593 -3.32 23.93 -46.74
CA ASP C 593 -4.18 22.76 -46.83
C ASP C 593 -3.92 21.89 -45.59
N THR C 594 -4.51 20.69 -45.58
CA THR C 594 -4.35 19.81 -44.44
C THR C 594 -2.91 19.35 -44.27
N GLU C 595 -2.24 19.01 -45.38
CA GLU C 595 -0.94 18.35 -45.29
C GLU C 595 0.22 19.32 -45.14
N LYS C 596 0.07 20.59 -45.52
CA LYS C 596 1.20 21.51 -45.47
C LYS C 596 0.71 22.94 -45.43
N ILE C 597 1.61 23.83 -45.01
CA ILE C 597 1.43 25.27 -45.13
C ILE C 597 2.69 25.83 -45.78
N ILE C 598 2.53 26.64 -46.81
CA ILE C 598 3.65 27.20 -47.58
C ILE C 598 3.78 28.67 -47.24
N LEU C 599 4.94 29.05 -46.72
CA LEU C 599 5.26 30.43 -46.37
C LEU C 599 6.49 30.87 -47.12
N SER C 600 6.43 32.08 -47.69
CA SER C 600 7.52 32.64 -48.47
C SER C 600 7.83 34.04 -47.97
N GLY C 601 9.10 34.30 -47.69
CA GLY C 601 9.51 35.62 -47.24
C GLY C 601 10.97 35.91 -47.50
N ASN C 602 11.25 37.08 -48.07
CA ASN C 602 12.60 37.54 -48.35
C ASN C 602 13.36 36.51 -49.19
N GLU C 603 12.77 36.17 -50.33
CA GLU C 603 13.33 35.22 -51.29
C GLU C 603 13.57 33.84 -50.70
N ASN C 604 12.94 33.54 -49.56
CA ASN C 604 13.08 32.25 -48.89
C ASN C 604 11.69 31.63 -48.76
N THR C 605 11.41 30.61 -49.56
CA THR C 605 10.13 29.93 -49.55
C THR C 605 10.28 28.61 -48.79
N LEU C 606 9.50 28.45 -47.73
CA LEU C 606 9.53 27.26 -46.90
C LEU C 606 8.21 26.51 -47.00
N SER C 607 8.25 25.24 -46.59
CA SER C 607 7.07 24.39 -46.59
C SER C 607 7.00 23.68 -45.24
N ILE C 608 5.93 23.92 -44.50
CA ILE C 608 5.78 23.41 -43.14
C ILE C 608 4.74 22.28 -43.18
N PRO C 609 5.13 21.03 -42.97
CA PRO C 609 4.14 19.95 -42.91
C PRO C 609 3.34 20.02 -41.63
N LEU C 610 2.16 19.41 -41.66
CA LEU C 610 1.25 19.38 -40.53
C LEU C 610 0.99 17.95 -40.10
N ILE C 611 1.02 17.73 -38.78
CA ILE C 611 0.79 16.40 -38.23
C ILE C 611 -0.69 16.04 -38.38
N MET C 612 -0.95 14.83 -38.87
CA MET C 612 -2.32 14.37 -39.14
C MET C 612 -2.52 13.02 -38.46
N TYR C 613 -3.29 13.01 -37.38
CA TYR C 613 -3.71 11.79 -36.70
C TYR C 613 -2.51 10.90 -36.34
N GLN C 614 -1.63 11.46 -35.51
CA GLN C 614 -0.48 10.73 -34.99
C GLN C 614 -0.74 10.30 -33.55
N ARG C 615 0.06 9.34 -33.10
CA ARG C 615 -0.13 8.72 -31.80
C ARG C 615 0.91 9.22 -30.80
N SER C 616 0.49 9.40 -29.55
CA SER C 616 1.37 9.74 -28.46
C SER C 616 1.81 8.48 -27.72
N ASN C 617 2.62 8.66 -26.68
CA ASN C 617 2.97 7.53 -25.83
C ASN C 617 1.82 7.11 -24.94
N LYS C 618 0.79 7.96 -24.80
CA LYS C 618 -0.38 7.67 -23.98
C LYS C 618 -1.61 7.36 -24.81
N ASN C 619 -1.43 6.98 -26.07
CA ASN C 619 -2.52 6.58 -26.96
C ASN C 619 -3.51 7.72 -27.18
N THR C 620 -3.00 8.93 -27.30
CA THR C 620 -3.80 10.10 -27.58
C THR C 620 -3.44 10.67 -28.95
N CYS C 621 -4.44 11.12 -29.68
CA CYS C 621 -4.25 11.56 -31.06
C CYS C 621 -3.61 12.94 -31.12
N MET C 622 -2.73 13.13 -32.10
CA MET C 622 -2.12 14.41 -32.38
C MET C 622 -2.54 14.85 -33.78
N HIS C 623 -2.98 16.10 -33.90
CA HIS C 623 -3.51 16.60 -35.15
C HIS C 623 -3.37 18.11 -35.18
N GLN C 624 -3.09 18.64 -36.37
CA GLN C 624 -2.88 20.08 -36.55
C GLN C 624 -3.78 20.58 -37.66
N LYS C 625 -4.31 21.79 -37.48
CA LYS C 625 -5.11 22.46 -38.48
C LYS C 625 -4.59 23.87 -38.71
N PRO C 626 -4.64 24.36 -39.96
CA PRO C 626 -4.09 25.69 -40.24
C PRO C 626 -4.86 26.79 -39.51
N GLN C 627 -4.14 27.85 -39.16
CA GLN C 627 -4.72 29.00 -38.48
C GLN C 627 -4.57 30.28 -39.28
N VAL C 628 -4.03 30.22 -40.50
CA VAL C 628 -3.85 31.40 -41.34
C VAL C 628 -4.41 31.10 -42.72
N ARG C 629 -4.65 32.17 -43.47
CA ARG C 629 -5.17 32.08 -44.83
C ARG C 629 -4.14 32.65 -45.80
N ARG C 630 -4.29 32.27 -47.07
CA ARG C 630 -3.39 32.75 -48.11
C ARG C 630 -3.48 34.27 -48.23
N GLY C 631 -2.31 34.90 -48.35
CA GLY C 631 -2.25 36.35 -48.46
C GLY C 631 -2.07 37.11 -47.18
N LYS C 632 -1.69 36.43 -46.10
CA LYS C 632 -1.55 37.05 -44.79
C LYS C 632 -0.07 37.24 -44.47
N CYS C 633 0.30 38.45 -44.05
CA CYS C 633 1.67 38.74 -43.67
C CYS C 633 1.95 38.21 -42.27
N ILE C 634 3.13 37.63 -42.09
CA ILE C 634 3.50 36.94 -40.87
C ILE C 634 4.81 37.49 -40.34
N LYS C 635 4.88 37.72 -39.03
CA LYS C 635 6.12 38.02 -38.37
C LYS C 635 6.82 36.73 -37.93
N LYS C 636 8.13 36.79 -37.78
CA LYS C 636 8.87 35.66 -37.25
C LYS C 636 8.46 35.42 -35.80
N GLY C 637 7.97 34.22 -35.52
CA GLY C 637 7.53 33.87 -34.19
C GLY C 637 6.04 33.91 -33.98
N GLN C 638 5.26 34.18 -35.02
CA GLN C 638 3.81 34.21 -34.92
C GLN C 638 3.22 32.87 -35.34
N ILE C 639 2.03 32.58 -34.83
CA ILE C 639 1.41 31.28 -35.03
C ILE C 639 1.00 31.11 -36.49
N LEU C 640 1.16 29.88 -36.99
CA LEU C 640 0.73 29.51 -38.34
C LEU C 640 -0.40 28.50 -38.34
N ALA C 641 -0.43 27.59 -37.38
CA ALA C 641 -1.45 26.55 -37.33
C ALA C 641 -1.71 26.17 -35.88
N ASP C 642 -2.87 25.56 -35.65
CA ASP C 642 -3.27 25.09 -34.33
C ASP C 642 -3.16 23.58 -34.26
N GLY C 643 -2.59 23.08 -33.17
CA GLY C 643 -2.47 21.66 -32.93
C GLY C 643 -3.62 21.13 -32.09
N ALA C 644 -3.41 19.92 -31.56
CA ALA C 644 -4.41 19.30 -30.72
C ALA C 644 -4.46 19.98 -29.36
N ALA C 645 -5.68 20.14 -28.84
CA ALA C 645 -5.91 20.84 -27.57
C ALA C 645 -5.34 22.25 -27.61
N THR C 646 -5.48 22.91 -28.75
CA THR C 646 -4.98 24.26 -28.93
C THR C 646 -5.88 24.97 -29.93
N VAL C 647 -6.45 26.12 -29.52
CA VAL C 647 -7.32 26.91 -30.37
C VAL C 647 -6.82 28.34 -30.34
N GLY C 648 -6.51 28.89 -31.52
CA GLY C 648 -6.09 30.27 -31.61
C GLY C 648 -4.84 30.62 -30.85
N GLY C 649 -4.00 29.64 -30.53
CA GLY C 649 -2.80 29.89 -29.76
C GLY C 649 -2.97 29.81 -28.27
N GLU C 650 -3.98 29.08 -27.78
CA GLU C 650 -4.19 28.89 -26.35
C GLU C 650 -4.42 27.43 -26.05
N LEU C 651 -4.09 27.02 -24.83
CA LEU C 651 -4.36 25.67 -24.38
C LEU C 651 -5.86 25.47 -24.20
N ALA C 652 -6.40 24.42 -24.82
CA ALA C 652 -7.84 24.15 -24.83
C ALA C 652 -8.06 22.67 -24.51
N LEU C 653 -8.17 22.35 -23.23
CA LEU C 653 -8.30 20.97 -22.78
C LEU C 653 -9.73 20.51 -22.54
N GLY C 654 -10.71 21.41 -22.65
CA GLY C 654 -12.08 21.04 -22.32
C GLY C 654 -13.15 21.74 -23.13
N LYS C 655 -14.35 21.80 -22.57
CA LYS C 655 -15.52 22.38 -23.24
C LYS C 655 -16.30 23.22 -22.26
N ASN C 656 -17.03 24.19 -22.79
CA ASN C 656 -17.93 25.03 -22.00
C ASN C 656 -19.35 24.46 -22.16
N VAL C 657 -19.90 23.96 -21.07
CA VAL C 657 -21.19 23.28 -21.11
C VAL C 657 -22.11 23.91 -20.07
N LEU C 658 -23.41 23.86 -20.34
CA LEU C 658 -24.40 24.35 -19.40
C LEU C 658 -24.51 23.39 -18.21
N VAL C 659 -24.47 23.93 -17.00
CA VAL C 659 -24.31 23.14 -15.79
C VAL C 659 -25.23 23.68 -14.71
N ALA C 660 -25.84 22.77 -13.95
CA ALA C 660 -26.59 23.11 -12.75
C ALA C 660 -25.99 22.39 -11.56
N TYR C 661 -26.14 22.98 -10.38
CA TYR C 661 -25.62 22.44 -9.12
C TYR C 661 -26.81 22.12 -8.21
N MET C 662 -27.33 20.90 -8.33
CA MET C 662 -28.46 20.47 -7.51
C MET C 662 -28.45 18.96 -7.42
N PRO C 663 -29.03 18.39 -6.38
CA PRO C 663 -29.19 16.93 -6.34
C PRO C 663 -30.34 16.49 -7.24
N TRP C 664 -30.13 15.38 -7.93
CA TRP C 664 -31.11 14.85 -8.87
C TRP C 664 -31.28 13.35 -8.64
N GLU C 665 -32.21 13.00 -7.76
CA GLU C 665 -32.70 11.62 -7.59
C GLU C 665 -31.59 10.62 -7.28
N GLY C 666 -30.50 11.08 -6.67
CA GLY C 666 -29.43 10.19 -6.27
C GLY C 666 -28.46 9.80 -7.36
N TYR C 667 -28.66 10.28 -8.60
CA TYR C 667 -27.74 9.94 -9.67
C TYR C 667 -26.49 10.81 -9.66
N ASN C 668 -26.42 11.80 -8.77
CA ASN C 668 -25.18 12.50 -8.47
C ASN C 668 -24.78 12.30 -7.01
N PHE C 669 -25.11 11.13 -6.46
CA PHE C 669 -24.73 10.80 -5.10
C PHE C 669 -23.22 10.71 -4.98
N GLU C 670 -22.70 11.20 -3.84
CA GLU C 670 -21.26 11.31 -3.61
C GLU C 670 -20.61 12.18 -4.67
N ASP C 671 -20.00 11.55 -5.68
CA ASP C 671 -19.31 12.31 -6.73
C ASP C 671 -19.77 11.89 -8.12
N ALA C 672 -20.96 11.31 -8.25
CA ALA C 672 -21.47 10.94 -9.56
C ALA C 672 -21.93 12.18 -10.31
N VAL C 673 -21.93 12.09 -11.64
CA VAL C 673 -22.28 13.19 -12.52
C VAL C 673 -23.38 12.75 -13.44
N LEU C 674 -24.46 13.55 -13.52
CA LEU C 674 -25.56 13.31 -14.44
C LEU C 674 -25.39 14.22 -15.65
N ILE C 675 -25.37 13.63 -16.84
CA ILE C 675 -25.18 14.38 -18.08
C ILE C 675 -26.38 14.15 -18.99
N SER C 676 -26.43 14.93 -20.06
CA SER C 676 -27.50 14.88 -21.05
C SER C 676 -27.02 14.16 -22.30
N GLU C 677 -27.99 13.66 -23.07
CA GLU C 677 -27.67 13.03 -24.34
C GLU C 677 -27.06 13.99 -25.35
N CYS C 678 -27.28 15.29 -25.19
CA CYS C 678 -26.73 16.27 -26.13
C CYS C 678 -25.21 16.21 -26.17
N LEU C 679 -24.58 15.94 -25.02
CA LEU C 679 -23.14 15.77 -24.98
C LEU C 679 -22.70 14.53 -25.73
N VAL C 680 -23.60 13.58 -25.98
CA VAL C 680 -23.24 12.34 -26.65
C VAL C 680 -23.42 12.48 -28.16
N TYR C 681 -24.65 12.76 -28.61
CA TYR C 681 -24.88 12.86 -30.04
C TYR C 681 -24.33 14.14 -30.63
N GLY C 682 -23.97 15.13 -29.80
CA GLY C 682 -23.29 16.30 -30.29
C GLY C 682 -21.79 16.16 -30.42
N ASP C 683 -21.24 15.02 -29.98
CA ASP C 683 -19.80 14.76 -30.01
C ASP C 683 -19.02 15.84 -29.26
N ILE C 684 -19.57 16.29 -28.13
CA ILE C 684 -18.92 17.32 -27.34
C ILE C 684 -17.66 16.78 -26.68
N TYR C 685 -17.72 15.54 -26.17
CA TYR C 685 -16.59 14.95 -25.49
C TYR C 685 -16.11 13.69 -26.18
N THR C 686 -15.98 13.76 -27.50
CA THR C 686 -15.48 12.63 -28.30
C THR C 686 -13.99 12.80 -28.54
N SER C 687 -13.22 11.75 -28.27
CA SER C 687 -11.77 11.80 -28.40
C SER C 687 -11.28 10.61 -29.22
N PHE C 688 -10.20 10.84 -29.96
CA PHE C 688 -9.56 9.79 -30.74
C PHE C 688 -8.47 9.12 -29.91
N HIS C 689 -8.42 7.80 -29.94
CA HIS C 689 -7.42 7.03 -29.21
C HIS C 689 -6.79 6.02 -30.16
N ILE C 690 -5.47 6.02 -30.22
CA ILE C 690 -4.72 5.21 -31.17
C ILE C 690 -3.79 4.28 -30.39
N ARG C 691 -3.95 2.98 -30.58
CA ARG C 691 -3.05 1.99 -30.02
C ARG C 691 -2.09 1.49 -31.08
N LYS C 692 -0.95 0.96 -30.63
CA LYS C 692 0.09 0.43 -31.49
C LYS C 692 0.35 -1.02 -31.15
N TYR C 693 0.38 -1.87 -32.17
CA TYR C 693 0.63 -3.31 -32.00
C TYR C 693 1.85 -3.69 -32.81
N GLU C 694 2.88 -4.19 -32.16
CA GLU C 694 4.15 -4.53 -32.79
C GLU C 694 4.36 -6.04 -32.79
N ILE C 695 4.92 -6.54 -33.88
CA ILE C 695 5.35 -7.94 -33.98
C ILE C 695 6.76 -7.95 -34.53
N GLN C 696 7.58 -8.87 -34.01
CA GLN C 696 8.98 -8.97 -34.40
C GLN C 696 9.25 -10.36 -34.95
N THR C 697 10.13 -10.42 -35.95
CA THR C 697 10.54 -11.68 -36.56
C THR C 697 11.90 -12.09 -36.01
N HIS C 698 11.99 -13.29 -35.47
CA HIS C 698 13.20 -13.78 -34.84
C HIS C 698 13.69 -15.04 -35.56
N VAL C 699 14.98 -15.30 -35.44
CA VAL C 699 15.61 -16.47 -36.05
C VAL C 699 15.71 -17.53 -34.96
N THR C 700 14.95 -18.61 -35.13
CA THR C 700 14.96 -19.72 -34.18
C THR C 700 15.90 -20.82 -34.65
N THR C 701 16.05 -21.86 -33.82
CA THR C 701 16.88 -22.99 -34.21
C THR C 701 16.31 -23.72 -35.41
N GLN C 702 14.98 -23.87 -35.45
CA GLN C 702 14.31 -24.51 -36.58
C GLN C 702 14.27 -23.62 -37.82
N GLY C 703 14.57 -22.34 -37.68
CA GLY C 703 14.51 -21.42 -38.78
C GLY C 703 13.84 -20.12 -38.40
N PRO C 704 14.02 -19.09 -39.22
CA PRO C 704 13.40 -17.79 -38.92
C PRO C 704 11.88 -17.84 -39.05
N GLU C 705 11.22 -16.96 -38.31
CA GLU C 705 9.77 -16.84 -38.40
C GLU C 705 9.37 -16.30 -39.77
N ARG C 706 8.25 -16.81 -40.28
CA ARG C 706 7.75 -16.42 -41.59
C ARG C 706 6.40 -15.72 -41.46
N ILE C 707 6.16 -14.76 -42.34
CA ILE C 707 4.92 -13.99 -42.37
C ILE C 707 4.20 -14.31 -43.68
N THR C 708 2.96 -14.77 -43.58
CA THR C 708 2.20 -15.16 -44.75
C THR C 708 0.71 -15.05 -44.47
N LYS C 709 -0.06 -14.79 -45.53
CA LYS C 709 -1.51 -14.76 -45.41
C LYS C 709 -2.07 -16.16 -45.15
N GLU C 710 -1.48 -17.17 -45.77
CA GLU C 710 -1.95 -18.55 -45.63
C GLU C 710 -1.58 -19.08 -44.25
N ILE C 711 -2.57 -19.22 -43.38
CA ILE C 711 -2.37 -19.74 -42.04
C ILE C 711 -3.30 -20.94 -41.86
N PRO C 712 -2.77 -22.11 -41.50
CA PRO C 712 -3.65 -23.28 -41.29
C PRO C 712 -4.49 -23.15 -40.04
N HIS C 713 -5.58 -23.91 -40.02
CA HIS C 713 -6.48 -23.97 -38.85
C HIS C 713 -7.09 -22.62 -38.52
N LEU C 714 -7.31 -21.79 -39.55
CA LEU C 714 -7.92 -20.49 -39.37
C LEU C 714 -8.98 -20.26 -40.44
N GLU C 715 -10.02 -19.53 -40.08
CA GLU C 715 -11.11 -19.24 -41.00
C GLU C 715 -10.75 -18.04 -41.88
N GLY C 716 -11.38 -18.00 -43.06
CA GLY C 716 -11.21 -16.84 -43.93
C GLY C 716 -11.83 -15.57 -43.39
N ARG C 717 -12.83 -15.70 -42.51
CA ARG C 717 -13.43 -14.52 -41.89
C ARG C 717 -12.43 -13.81 -40.98
N LEU C 718 -11.64 -14.56 -40.23
CA LEU C 718 -10.60 -13.96 -39.40
C LEU C 718 -9.51 -13.30 -40.24
N LEU C 719 -9.13 -13.93 -41.36
CA LEU C 719 -8.07 -13.44 -42.22
C LEU C 719 -8.57 -12.56 -43.35
N ARG C 720 -9.83 -12.11 -43.27
CA ARG C 720 -10.43 -11.38 -44.39
C ARG C 720 -9.77 -10.02 -44.62
N ASN C 721 -9.12 -9.45 -43.62
CA ASN C 721 -8.55 -8.11 -43.72
C ASN C 721 -7.07 -8.12 -44.05
N LEU C 722 -6.50 -9.28 -44.36
CA LEU C 722 -5.09 -9.39 -44.67
C LEU C 722 -4.84 -9.19 -46.16
N ASP C 723 -3.64 -8.71 -46.48
CA ASP C 723 -3.20 -8.58 -47.86
C ASP C 723 -2.42 -9.84 -48.26
N LYS C 724 -1.79 -9.81 -49.43
CA LYS C 724 -1.02 -10.96 -49.89
C LYS C 724 0.18 -11.24 -49.00
N ASN C 725 0.82 -10.19 -48.47
CA ASN C 725 2.01 -10.36 -47.65
C ASN C 725 1.70 -10.98 -46.29
N GLY C 726 0.43 -10.96 -45.86
CA GLY C 726 0.06 -11.50 -44.58
C GLY C 726 -0.18 -10.47 -43.49
N ILE C 727 -0.36 -9.20 -43.84
CA ILE C 727 -0.55 -8.12 -42.89
C ILE C 727 -1.91 -7.49 -43.13
N VAL C 728 -2.51 -6.96 -42.06
CA VAL C 728 -3.83 -6.36 -42.17
C VAL C 728 -3.80 -5.20 -43.16
N MET C 729 -4.89 -5.06 -43.92
CA MET C 729 -4.97 -4.01 -44.93
C MET C 729 -5.19 -2.65 -44.30
N LEU C 730 -4.56 -1.64 -44.87
CA LEU C 730 -4.72 -0.26 -44.40
C LEU C 730 -6.15 0.21 -44.63
N GLY C 731 -6.84 0.54 -43.54
CA GLY C 731 -8.20 1.03 -43.63
C GLY C 731 -9.24 -0.07 -43.50
N SER C 732 -9.00 -1.00 -42.58
CA SER C 732 -9.91 -2.12 -42.34
C SER C 732 -10.41 -2.07 -40.91
N TRP C 733 -11.69 -2.40 -40.72
CA TRP C 733 -12.31 -2.41 -39.40
C TRP C 733 -12.04 -3.76 -38.75
N VAL C 734 -11.04 -3.82 -37.88
CA VAL C 734 -10.68 -5.04 -37.17
C VAL C 734 -11.65 -5.27 -36.02
N GLU C 735 -11.61 -6.47 -35.43
CA GLU C 735 -12.51 -6.83 -34.34
C GLU C 735 -11.73 -7.64 -33.31
N THR C 736 -12.33 -7.82 -32.14
CA THR C 736 -11.70 -8.57 -31.06
C THR C 736 -11.51 -10.02 -31.50
N GLY C 737 -10.25 -10.47 -31.48
CA GLY C 737 -9.91 -11.79 -31.98
C GLY C 737 -9.50 -11.84 -33.44
N ASP C 738 -9.67 -10.74 -34.18
CA ASP C 738 -9.25 -10.70 -35.57
C ASP C 738 -7.73 -10.78 -35.66
N ILE C 739 -7.24 -11.00 -36.87
CA ILE C 739 -5.82 -11.20 -37.13
C ILE C 739 -5.22 -9.89 -37.65
N LEU C 740 -4.03 -9.56 -37.16
CA LEU C 740 -3.30 -8.38 -37.60
C LEU C 740 -2.08 -8.74 -38.44
N VAL C 741 -1.19 -9.58 -37.93
CA VAL C 741 -0.03 -10.05 -38.67
C VAL C 741 0.00 -11.57 -38.58
N GLY C 742 -0.08 -12.24 -39.73
CA GLY C 742 -0.01 -13.68 -39.77
C GLY C 742 1.41 -14.20 -39.78
N LYS C 743 1.82 -14.90 -38.73
CA LYS C 743 3.19 -15.37 -38.60
C LYS C 743 3.20 -16.84 -38.22
N LEU C 744 4.13 -17.59 -38.80
CA LEU C 744 4.26 -19.02 -38.57
C LEU C 744 5.64 -19.30 -37.99
N THR C 745 5.68 -20.05 -36.89
CA THR C 745 6.93 -20.44 -36.25
C THR C 745 7.11 -21.94 -36.38
N PRO C 746 8.12 -22.42 -37.12
CA PRO C 746 8.36 -23.86 -37.31
C PRO C 746 8.93 -24.52 -36.06
N SER C 772 4.44 -26.01 -38.47
CA SER C 772 4.75 -24.70 -37.90
C SER C 772 3.60 -24.20 -37.02
N LYS C 773 3.92 -23.89 -35.76
CA LYS C 773 2.90 -23.41 -34.84
C LYS C 773 2.49 -21.98 -35.18
N GLU C 774 1.20 -21.69 -35.00
CA GLU C 774 0.69 -20.35 -35.23
C GLU C 774 1.16 -19.40 -34.14
N THR C 775 1.96 -18.41 -34.51
CA THR C 775 2.42 -17.37 -33.59
C THR C 775 2.06 -16.00 -34.13
N CYS C 776 0.84 -15.88 -34.65
CA CYS C 776 0.39 -14.65 -35.31
C CYS C 776 0.02 -13.59 -34.28
N LEU C 777 -0.13 -12.36 -34.76
CA LEU C 777 -0.51 -11.23 -33.93
C LEU C 777 -2.02 -10.99 -34.06
N LYS C 778 -2.74 -11.14 -32.96
CA LYS C 778 -4.18 -10.98 -32.94
C LYS C 778 -4.57 -9.74 -32.15
N LEU C 779 -5.76 -9.23 -32.45
CA LEU C 779 -6.26 -8.04 -31.78
C LEU C 779 -6.78 -8.41 -30.39
N PRO C 780 -6.31 -7.75 -29.33
CA PRO C 780 -6.77 -8.09 -27.97
C PRO C 780 -8.22 -7.73 -27.70
N ILE C 781 -8.66 -7.96 -26.47
CA ILE C 781 -10.04 -7.72 -26.09
C ILE C 781 -10.31 -6.23 -26.04
N GLY C 782 -11.40 -5.80 -26.68
CA GLY C 782 -11.82 -4.42 -26.63
C GLY C 782 -11.09 -3.48 -27.55
N GLY C 783 -10.19 -3.99 -28.39
CA GLY C 783 -9.38 -3.18 -29.28
C GLY C 783 -9.98 -2.91 -30.64
N ARG C 784 -11.28 -3.18 -30.83
CA ARG C 784 -11.90 -2.98 -32.14
C ARG C 784 -11.79 -1.53 -32.59
N GLY C 785 -11.48 -1.35 -33.86
CA GLY C 785 -11.30 -0.01 -34.39
C GLY C 785 -10.96 -0.05 -35.86
N ARG C 786 -10.42 1.06 -36.36
CA ARG C 786 -10.03 1.19 -37.75
C ARG C 786 -8.52 1.26 -37.85
N VAL C 787 -7.94 0.41 -38.70
CA VAL C 787 -6.51 0.44 -38.95
C VAL C 787 -6.17 1.66 -39.80
N ILE C 788 -5.22 2.46 -39.33
CA ILE C 788 -4.88 3.72 -39.99
C ILE C 788 -3.44 3.79 -40.46
N ASP C 789 -2.52 3.01 -39.88
CA ASP C 789 -1.13 3.08 -40.30
C ASP C 789 -0.48 1.71 -40.17
N VAL C 790 0.23 1.30 -41.22
CA VAL C 790 0.99 0.04 -41.22
C VAL C 790 2.41 0.36 -41.66
N ARG C 791 3.38 -0.24 -40.98
CA ARG C 791 4.80 0.04 -41.20
C ARG C 791 5.58 -1.27 -41.30
N TRP C 792 5.71 -1.79 -42.51
CA TRP C 792 6.51 -2.98 -42.79
C TRP C 792 7.93 -2.51 -43.08
N VAL C 793 8.84 -2.70 -42.12
CA VAL C 793 10.17 -2.12 -42.15
C VAL C 793 11.19 -3.16 -41.72
N GLN C 794 12.34 -3.18 -42.40
CA GLN C 794 13.45 -4.06 -42.07
C GLN C 794 14.57 -3.25 -41.42
N LYS C 795 15.10 -3.76 -40.31
CA LYS C 795 16.26 -3.16 -39.66
C LYS C 795 17.51 -3.79 -40.26
N LYS C 796 18.24 -3.01 -41.06
CA LYS C 796 19.43 -3.52 -41.74
C LYS C 796 20.53 -3.82 -40.72
N GLY C 797 21.06 -5.03 -40.77
CA GLY C 797 22.11 -5.46 -39.86
C GLY C 797 23.17 -6.26 -40.57
N GLY C 798 24.17 -6.67 -39.79
CA GLY C 798 25.30 -7.42 -40.32
C GLY C 798 25.07 -8.91 -40.49
N SER C 799 23.87 -9.40 -40.17
CA SER C 799 23.58 -10.82 -40.28
C SER C 799 22.96 -11.14 -41.64
N SER C 800 22.87 -12.43 -41.95
CA SER C 800 22.21 -12.86 -43.18
C SER C 800 20.71 -12.63 -43.14
N TYR C 801 20.13 -12.47 -41.95
CA TYR C 801 18.72 -12.17 -41.78
C TYR C 801 18.59 -10.87 -41.01
N ASN C 802 17.67 -10.01 -41.46
CA ASN C 802 17.43 -8.73 -40.81
C ASN C 802 16.10 -8.76 -40.09
N PRO C 803 16.03 -8.26 -38.85
CA PRO C 803 14.77 -8.32 -38.09
C PRO C 803 13.71 -7.44 -38.75
N GLU C 804 12.59 -8.06 -39.10
CA GLU C 804 11.45 -7.34 -39.65
C GLU C 804 10.51 -6.92 -38.54
N ILE C 805 10.04 -5.69 -38.60
CA ILE C 805 9.16 -5.12 -37.59
C ILE C 805 7.91 -4.57 -38.28
N ILE C 806 6.75 -4.84 -37.70
CA ILE C 806 5.48 -4.39 -38.23
C ILE C 806 4.73 -3.66 -37.12
N ARG C 807 4.26 -2.46 -37.42
CA ARG C 807 3.55 -1.63 -36.46
C ARG C 807 2.17 -1.30 -37.02
N VAL C 808 1.12 -1.73 -36.31
CA VAL C 808 -0.25 -1.50 -36.71
C VAL C 808 -0.86 -0.50 -35.75
N TYR C 809 -1.38 0.60 -36.28
CA TYR C 809 -1.99 1.66 -35.49
C TYR C 809 -3.49 1.66 -35.74
N ILE C 810 -4.27 1.59 -34.66
CA ILE C 810 -5.72 1.45 -34.74
C ILE C 810 -6.35 2.63 -34.01
N SER C 811 -7.14 3.41 -34.73
CA SER C 811 -7.87 4.53 -34.15
C SER C 811 -9.19 4.07 -33.55
N GLN C 812 -9.56 4.66 -32.42
CA GLN C 812 -10.82 4.36 -31.75
C GLN C 812 -11.50 5.65 -31.37
N LYS C 813 -12.68 5.89 -31.95
CA LYS C 813 -13.48 7.06 -31.62
C LYS C 813 -14.30 6.76 -30.38
N ARG C 814 -14.01 7.47 -29.29
CA ARG C 814 -14.65 7.22 -27.99
C ARG C 814 -15.49 8.43 -27.61
N GLU C 815 -16.80 8.29 -27.73
CA GLU C 815 -17.69 9.30 -27.19
C GLU C 815 -17.83 9.10 -25.68
N ILE C 816 -18.33 10.12 -25.00
CA ILE C 816 -18.47 10.05 -23.55
C ILE C 816 -19.50 9.00 -23.19
N LYS C 817 -19.26 8.29 -22.09
CA LYS C 817 -20.07 7.15 -21.70
C LYS C 817 -20.22 7.13 -20.19
N VAL C 818 -21.15 6.30 -19.71
CA VAL C 818 -21.27 6.07 -18.28
C VAL C 818 -20.03 5.38 -17.76
N GLY C 819 -19.47 5.91 -16.68
CA GLY C 819 -18.22 5.43 -16.14
C GLY C 819 -17.01 6.27 -16.51
N ASP C 820 -17.14 7.19 -17.47
CA ASP C 820 -16.05 8.09 -17.79
C ASP C 820 -15.90 9.14 -16.68
N LYS C 821 -14.71 9.69 -16.59
CA LYS C 821 -14.36 10.65 -15.54
C LYS C 821 -14.23 12.03 -16.14
N VAL C 822 -14.93 13.00 -15.55
CA VAL C 822 -14.83 14.39 -15.94
C VAL C 822 -14.43 15.19 -14.72
N ALA C 823 -13.78 16.33 -14.96
CA ALA C 823 -13.32 17.18 -13.88
C ALA C 823 -13.24 18.62 -14.34
N GLY C 824 -13.38 19.54 -13.38
CA GLY C 824 -13.10 20.93 -13.60
C GLY C 824 -11.72 21.31 -13.09
N ARG C 825 -11.38 22.58 -13.27
CA ARG C 825 -10.06 23.07 -12.90
C ARG C 825 -9.95 23.47 -11.44
N HIS C 826 -10.87 23.01 -10.58
CA HIS C 826 -10.87 23.36 -9.16
C HIS C 826 -10.87 22.13 -8.28
N GLY C 827 -10.35 21.01 -8.78
CA GLY C 827 -10.34 19.80 -8.00
C GLY C 827 -11.69 19.12 -7.90
N ASN C 828 -12.63 19.45 -8.80
CA ASN C 828 -13.97 18.90 -8.77
C ASN C 828 -14.04 17.79 -9.83
N LYS C 829 -13.83 16.56 -9.39
CA LYS C 829 -13.84 15.40 -10.26
C LYS C 829 -15.11 14.57 -10.03
N GLY C 830 -15.44 13.76 -11.03
CA GLY C 830 -16.62 12.93 -10.93
C GLY C 830 -16.79 11.92 -12.04
N ILE C 831 -17.53 10.86 -11.76
CA ILE C 831 -17.82 9.80 -12.72
C ILE C 831 -19.20 10.02 -13.30
N ILE C 832 -19.35 9.83 -14.60
CA ILE C 832 -20.66 9.88 -15.23
C ILE C 832 -21.41 8.59 -14.88
N SER C 833 -22.56 8.74 -14.24
CA SER C 833 -23.37 7.61 -13.81
C SER C 833 -24.71 7.51 -14.51
N LYS C 834 -25.14 8.55 -15.23
CA LYS C 834 -26.45 8.54 -15.85
C LYS C 834 -26.44 9.51 -17.03
N ILE C 835 -27.10 9.11 -18.11
CA ILE C 835 -27.26 9.94 -19.31
C ILE C 835 -28.76 10.04 -19.60
N LEU C 836 -29.28 11.27 -19.67
CA LEU C 836 -30.71 11.46 -19.87
C LEU C 836 -31.01 12.09 -21.21
N PRO C 837 -32.20 11.87 -21.76
CA PRO C 837 -32.64 12.65 -22.91
C PRO C 837 -32.84 14.10 -22.52
N ARG C 838 -32.73 14.98 -23.52
CA ARG C 838 -32.78 16.42 -23.25
C ARG C 838 -34.12 16.84 -22.65
N GLN C 839 -35.20 16.12 -22.95
CA GLN C 839 -36.49 16.48 -22.39
C GLN C 839 -36.63 16.09 -20.93
N ASP C 840 -35.71 15.29 -20.39
CA ASP C 840 -35.73 14.92 -18.98
C ASP C 840 -34.83 15.77 -18.11
N MET C 841 -33.87 16.47 -18.70
CA MET C 841 -32.96 17.30 -17.93
C MET C 841 -33.70 18.54 -17.40
N PRO C 842 -33.27 19.09 -16.27
CA PRO C 842 -33.81 20.38 -15.84
C PRO C 842 -33.42 21.48 -16.81
N TYR C 843 -34.31 22.46 -16.96
CA TYR C 843 -34.13 23.50 -17.96
C TYR C 843 -34.33 24.86 -17.33
N LEU C 844 -33.77 25.88 -17.99
CA LEU C 844 -33.74 27.23 -17.46
C LEU C 844 -34.99 28.00 -17.86
N GLN C 845 -35.06 29.26 -17.44
CA GLN C 845 -36.20 30.11 -17.76
C GLN C 845 -36.22 30.57 -19.21
N ASP C 846 -35.14 30.32 -19.96
CA ASP C 846 -35.17 30.48 -21.40
C ASP C 846 -35.49 29.18 -22.13
N GLY C 847 -35.77 28.11 -21.39
CA GLY C 847 -36.18 26.85 -21.96
C GLY C 847 -35.04 25.90 -22.33
N ARG C 848 -33.80 26.32 -22.16
CA ARG C 848 -32.69 25.46 -22.53
C ARG C 848 -32.41 24.45 -21.42
N PRO C 849 -32.38 23.16 -21.74
CA PRO C 849 -31.95 22.17 -20.74
C PRO C 849 -30.45 22.28 -20.47
N VAL C 850 -30.08 21.89 -19.26
CA VAL C 850 -28.66 21.89 -18.89
C VAL C 850 -27.99 20.62 -19.42
N ASP C 851 -26.66 20.64 -19.47
CA ASP C 851 -25.90 19.50 -19.97
C ASP C 851 -25.35 18.62 -18.87
N MET C 852 -24.97 19.18 -17.74
CA MET C 852 -24.50 18.42 -16.59
C MET C 852 -25.21 18.90 -15.34
N VAL C 853 -25.38 17.99 -14.39
CA VAL C 853 -25.91 18.31 -13.07
C VAL C 853 -24.90 17.84 -12.04
N PHE C 854 -24.45 18.75 -11.19
CA PHE C 854 -23.45 18.46 -10.17
C PHE C 854 -24.09 18.51 -8.78
N ASN C 855 -23.57 17.68 -7.89
CA ASN C 855 -24.06 17.66 -6.52
C ASN C 855 -23.56 18.89 -5.78
N PRO C 856 -24.44 19.69 -5.18
CA PRO C 856 -23.97 20.88 -4.46
C PRO C 856 -23.28 20.56 -3.15
N LEU C 857 -23.44 19.34 -2.62
CA LEU C 857 -22.79 18.96 -1.38
C LEU C 857 -21.29 18.79 -1.52
N GLY C 858 -20.76 18.75 -2.74
CA GLY C 858 -19.34 18.59 -2.94
C GLY C 858 -18.51 19.84 -2.73
N VAL C 859 -19.14 21.00 -2.63
CA VAL C 859 -18.42 22.25 -2.41
C VAL C 859 -18.03 22.42 -0.94
N PRO C 860 -18.96 22.36 0.02
CA PRO C 860 -18.58 22.69 1.41
C PRO C 860 -17.51 21.80 1.99
N SER C 861 -17.54 20.50 1.70
CA SER C 861 -16.54 19.60 2.25
C SER C 861 -15.20 19.76 1.53
N ARG C 862 -15.23 19.97 0.21
CA ARG C 862 -14.01 20.14 -0.56
C ARG C 862 -13.47 21.56 -0.52
N MET C 863 -14.31 22.53 -0.15
CA MET C 863 -13.90 23.91 0.09
C MET C 863 -13.23 24.54 -1.15
N ASN C 864 -13.81 24.30 -2.31
CA ASN C 864 -13.37 24.94 -3.55
C ASN C 864 -14.50 25.87 -4.03
N VAL C 865 -14.43 27.12 -3.59
CA VAL C 865 -15.43 28.12 -3.96
C VAL C 865 -15.17 28.70 -5.35
N GLY C 866 -13.94 28.55 -5.87
CA GLY C 866 -13.60 29.14 -7.15
C GLY C 866 -14.37 28.57 -8.32
N GLN C 867 -14.96 27.38 -8.17
CA GLN C 867 -15.78 26.83 -9.24
C GLN C 867 -17.14 27.53 -9.34
N ILE C 868 -17.66 28.04 -8.22
CA ILE C 868 -18.89 28.81 -8.27
C ILE C 868 -18.66 30.15 -8.96
N PHE C 869 -17.50 30.76 -8.73
CA PHE C 869 -17.16 32.00 -9.44
C PHE C 869 -17.02 31.76 -10.93
N GLU C 870 -16.40 30.64 -11.32
CA GLU C 870 -16.11 30.41 -12.73
C GLU C 870 -17.39 30.11 -13.53
N CYS C 871 -18.32 29.34 -12.95
CA CYS C 871 -19.51 28.98 -13.70
C CYS C 871 -20.40 30.19 -13.95
N SER C 872 -20.54 31.07 -12.96
CA SER C 872 -21.35 32.27 -13.15
C SER C 872 -20.73 33.20 -14.19
N LEU C 873 -19.40 33.36 -14.15
CA LEU C 873 -18.75 34.23 -15.13
C LEU C 873 -18.70 33.59 -16.51
N GLY C 874 -18.63 32.26 -16.58
CA GLY C 874 -18.68 31.60 -17.86
C GLY C 874 -20.02 31.77 -18.56
N LEU C 875 -21.11 31.77 -17.79
CA LEU C 875 -22.42 32.06 -18.34
C LEU C 875 -22.49 33.49 -18.86
N ALA C 876 -21.97 34.44 -18.09
CA ALA C 876 -22.00 35.84 -18.50
C ALA C 876 -21.19 36.05 -19.77
N GLY C 877 -20.03 35.41 -19.87
CA GLY C 877 -19.19 35.58 -21.04
C GLY C 877 -19.83 35.03 -22.31
N SER C 878 -20.56 33.92 -22.19
CA SER C 878 -21.20 33.33 -23.36
C SER C 878 -22.32 34.22 -23.90
N LEU C 879 -23.05 34.90 -23.01
CA LEU C 879 -24.12 35.79 -23.45
C LEU C 879 -23.56 37.10 -23.99
N LEU C 880 -22.48 37.60 -23.41
CA LEU C 880 -21.86 38.85 -23.82
C LEU C 880 -20.85 38.67 -24.95
N ASP C 881 -20.59 37.44 -25.38
CA ASP C 881 -19.57 37.14 -26.37
C ASP C 881 -18.20 37.65 -25.91
N ARG C 882 -17.84 37.31 -24.67
CA ARG C 882 -16.60 37.75 -24.07
C ARG C 882 -15.84 36.56 -23.51
N HIS C 883 -14.52 36.69 -23.49
CA HIS C 883 -13.65 35.78 -22.77
C HIS C 883 -12.90 36.57 -21.71
N TYR C 884 -12.56 35.90 -20.62
CA TYR C 884 -11.91 36.54 -19.49
C TYR C 884 -10.63 35.82 -19.15
N ARG C 885 -9.54 36.57 -19.04
CA ARG C 885 -8.23 36.05 -18.64
C ARG C 885 -7.81 36.83 -17.40
N ILE C 886 -8.02 36.27 -16.23
CA ILE C 886 -7.91 36.97 -14.95
C ILE C 886 -6.72 36.41 -14.20
N ALA C 887 -5.80 37.29 -13.80
CA ALA C 887 -4.67 36.87 -12.99
C ALA C 887 -5.14 36.57 -11.57
N PRO C 888 -4.48 35.64 -10.88
CA PRO C 888 -4.94 35.23 -9.55
C PRO C 888 -4.75 36.34 -8.54
N PHE C 889 -5.41 36.17 -7.39
CA PHE C 889 -5.32 37.09 -6.26
C PHE C 889 -5.71 38.51 -6.67
N ASP C 890 -6.91 38.62 -7.26
CA ASP C 890 -7.39 39.93 -7.67
C ASP C 890 -7.90 40.77 -6.50
N GLU C 891 -7.99 40.20 -5.31
CA GLU C 891 -8.40 40.97 -4.14
C GLU C 891 -7.30 41.89 -3.63
N ARG C 892 -6.13 41.87 -4.26
CA ARG C 892 -5.10 42.85 -3.92
C ARG C 892 -5.50 44.26 -4.36
N TYR C 893 -6.42 44.39 -5.31
CA TYR C 893 -6.92 45.71 -5.68
C TYR C 893 -7.94 46.21 -4.66
N GLU C 894 -8.90 45.37 -4.30
CA GLU C 894 -9.99 45.76 -3.41
C GLU C 894 -10.59 44.51 -2.80
N GLN C 895 -11.36 44.72 -1.73
CA GLN C 895 -12.08 43.62 -1.12
C GLN C 895 -13.19 43.12 -2.04
N GLU C 896 -13.37 41.80 -2.07
CA GLU C 896 -14.41 41.16 -2.88
C GLU C 896 -14.27 41.53 -4.35
N ALA C 897 -13.03 41.54 -4.85
CA ALA C 897 -12.80 41.92 -6.24
C ALA C 897 -13.39 40.91 -7.21
N SER C 898 -13.29 39.62 -6.89
CA SER C 898 -13.88 38.60 -7.75
C SER C 898 -15.40 38.66 -7.71
N ARG C 899 -15.98 38.99 -6.57
CA ARG C 899 -17.43 39.12 -6.48
C ARG C 899 -17.94 40.28 -7.32
N LYS C 900 -17.24 41.43 -7.27
CA LYS C 900 -17.66 42.57 -8.07
C LYS C 900 -17.52 42.28 -9.56
N LEU C 901 -16.46 41.57 -9.95
CA LEU C 901 -16.27 41.22 -11.35
C LEU C 901 -17.37 40.31 -11.85
N VAL C 902 -17.69 39.26 -11.09
CA VAL C 902 -18.67 38.29 -11.55
C VAL C 902 -20.08 38.87 -11.52
N PHE C 903 -20.43 39.57 -10.44
CA PHE C 903 -21.77 40.12 -10.32
C PHE C 903 -22.04 41.19 -11.37
N SER C 904 -21.07 42.06 -11.61
CA SER C 904 -21.29 43.13 -12.59
C SER C 904 -21.35 42.59 -14.01
N GLU C 905 -20.58 41.54 -14.31
CA GLU C 905 -20.64 40.93 -15.63
C GLU C 905 -21.89 40.08 -15.80
N LEU C 906 -22.40 39.49 -14.72
CA LEU C 906 -23.68 38.79 -14.78
C LEU C 906 -24.83 39.76 -15.04
N TYR C 907 -24.79 40.93 -14.41
CA TYR C 907 -25.84 41.92 -14.64
C TYR C 907 -25.76 42.53 -16.03
N GLU C 908 -24.54 42.71 -16.55
CA GLU C 908 -24.38 43.24 -17.90
C GLU C 908 -24.94 42.26 -18.94
N ALA C 909 -24.70 40.96 -18.74
CA ALA C 909 -25.27 39.96 -19.65
C ALA C 909 -26.79 39.90 -19.51
N SER C 910 -27.29 40.03 -18.29
CA SER C 910 -28.74 40.03 -18.08
C SER C 910 -29.39 41.22 -18.76
N LYS C 911 -28.78 42.41 -18.66
CA LYS C 911 -29.38 43.62 -19.20
C LYS C 911 -29.30 43.66 -20.72
N GLN C 912 -28.15 43.30 -21.29
CA GLN C 912 -27.98 43.43 -22.73
C GLN C 912 -28.82 42.40 -23.49
N THR C 913 -28.92 41.18 -22.97
CA THR C 913 -29.63 40.12 -23.67
C THR C 913 -31.09 40.01 -23.24
N ALA C 914 -31.54 40.86 -22.31
CA ALA C 914 -32.91 40.85 -21.80
C ALA C 914 -33.27 39.48 -21.23
N ASN C 915 -32.42 39.00 -20.33
CA ASN C 915 -32.59 37.71 -19.66
C ASN C 915 -32.53 37.95 -18.15
N PRO C 916 -33.65 38.37 -17.55
CA PRO C 916 -33.62 38.74 -16.12
C PRO C 916 -33.25 37.60 -15.19
N TRP C 917 -33.35 36.34 -15.63
CA TRP C 917 -32.96 35.22 -14.81
C TRP C 917 -31.45 35.08 -14.68
N VAL C 918 -30.68 35.71 -15.57
CA VAL C 918 -29.23 35.58 -15.53
C VAL C 918 -28.65 36.27 -14.31
N PHE C 919 -29.20 37.42 -13.93
CA PHE C 919 -28.84 38.06 -12.68
C PHE C 919 -30.11 38.33 -11.89
N GLU C 920 -30.20 37.72 -10.71
CA GLU C 920 -31.35 37.88 -9.82
C GLU C 920 -30.95 38.76 -8.65
N PRO C 921 -31.55 39.95 -8.50
CA PRO C 921 -31.21 40.78 -7.33
C PRO C 921 -31.46 40.09 -6.00
N GLU C 922 -32.48 39.23 -5.91
CA GLU C 922 -32.76 38.53 -4.67
C GLU C 922 -31.64 37.56 -4.30
N TYR C 923 -31.11 36.84 -5.28
CA TYR C 923 -30.06 35.84 -5.04
C TYR C 923 -29.16 35.77 -6.25
N PRO C 924 -28.16 36.66 -6.32
CA PRO C 924 -27.31 36.72 -7.51
C PRO C 924 -26.58 35.41 -7.77
N GLY C 925 -26.55 35.03 -9.04
CA GLY C 925 -25.92 33.80 -9.46
C GLY C 925 -26.84 32.59 -9.47
N LYS C 926 -27.99 32.66 -8.81
CA LYS C 926 -28.91 31.54 -8.72
C LYS C 926 -30.24 31.91 -9.39
N SER C 927 -30.88 30.90 -9.96
CA SER C 927 -32.13 31.10 -10.68
C SER C 927 -33.02 29.89 -10.47
N ARG C 928 -34.32 30.12 -10.56
CA ARG C 928 -35.30 29.04 -10.50
C ARG C 928 -35.31 28.28 -11.82
N ILE C 929 -35.17 26.97 -11.75
CA ILE C 929 -35.21 26.12 -12.94
C ILE C 929 -36.35 25.12 -12.77
N PHE C 930 -36.69 24.44 -13.86
CA PHE C 930 -37.88 23.62 -13.92
C PHE C 930 -37.50 22.16 -14.11
N ASP C 931 -38.32 21.28 -13.54
CA ASP C 931 -38.14 19.85 -13.69
C ASP C 931 -38.58 19.44 -15.09
N GLY C 932 -37.66 18.80 -15.84
CA GLY C 932 -37.98 18.39 -17.19
C GLY C 932 -39.01 17.28 -17.27
N ARG C 933 -39.27 16.60 -16.16
CA ARG C 933 -40.24 15.51 -16.15
C ARG C 933 -41.65 15.98 -15.80
N THR C 934 -41.78 17.07 -15.04
CA THR C 934 -43.08 17.56 -14.61
C THR C 934 -43.39 18.97 -15.08
N GLY C 935 -42.38 19.76 -15.44
CA GLY C 935 -42.60 21.14 -15.79
C GLY C 935 -42.77 22.08 -14.63
N ASP C 936 -42.73 21.57 -13.40
CA ASP C 936 -42.84 22.33 -12.17
C ASP C 936 -41.47 22.84 -11.74
N PRO C 937 -41.39 24.06 -11.23
CA PRO C 937 -40.09 24.58 -10.79
C PRO C 937 -39.61 23.88 -9.54
N PHE C 938 -38.30 23.72 -9.45
CA PHE C 938 -37.69 23.31 -8.19
C PHE C 938 -37.83 24.43 -7.17
N GLU C 939 -38.00 24.05 -5.91
CA GLU C 939 -38.36 25.03 -4.89
C GLU C 939 -37.26 26.07 -4.68
N GLN C 940 -36.05 25.65 -4.64
CA GLN C 940 -35.04 26.65 -4.34
C GLN C 940 -34.32 27.08 -5.61
N PRO C 941 -33.86 28.33 -5.69
CA PRO C 941 -33.05 28.75 -6.83
C PRO C 941 -31.74 27.98 -6.89
N VAL C 942 -31.30 27.68 -8.11
CA VAL C 942 -30.15 26.83 -8.34
C VAL C 942 -29.05 27.66 -9.00
N ILE C 943 -27.83 27.51 -8.51
CA ILE C 943 -26.68 28.15 -9.15
C ILE C 943 -26.40 27.44 -10.46
N ILE C 944 -26.53 28.17 -11.57
CA ILE C 944 -26.29 27.63 -12.89
C ILE C 944 -25.20 28.45 -13.56
N GLY C 945 -24.64 27.91 -14.63
CA GLY C 945 -23.57 28.58 -15.32
C GLY C 945 -22.99 27.71 -16.42
N LYS C 946 -21.86 28.16 -16.96
CA LYS C 946 -21.20 27.52 -18.09
C LYS C 946 -19.72 27.38 -17.78
N PRO C 947 -19.34 26.42 -16.94
CA PRO C 947 -17.94 26.24 -16.57
C PRO C 947 -17.19 25.47 -17.65
N TYR C 948 -15.91 25.19 -17.35
CA TYR C 948 -15.01 24.51 -18.27
C TYR C 948 -14.70 23.14 -17.67
N ILE C 949 -15.14 22.09 -18.36
CA ILE C 949 -15.07 20.73 -17.85
C ILE C 949 -14.19 19.90 -18.78
N LEU C 950 -13.34 19.06 -18.20
CA LEU C 950 -12.37 18.28 -18.95
C LEU C 950 -12.76 16.81 -18.91
N LYS C 951 -12.30 16.06 -19.91
CA LYS C 951 -12.47 14.61 -19.98
C LYS C 951 -11.12 13.95 -19.73
N LEU C 952 -11.07 13.05 -18.76
CA LEU C 952 -9.82 12.48 -18.28
C LEU C 952 -9.55 11.11 -18.88
N ILE C 953 -8.30 10.69 -18.80
CA ILE C 953 -7.88 9.41 -19.38
C ILE C 953 -8.49 8.24 -18.63
N HIS C 954 -8.73 8.38 -17.32
CA HIS C 954 -9.27 7.30 -16.52
C HIS C 954 -10.72 7.07 -16.90
N GLN C 955 -10.97 6.00 -17.65
CA GLN C 955 -12.30 5.72 -18.16
C GLN C 955 -12.47 4.23 -18.34
N VAL C 956 -13.71 3.79 -18.42
CA VAL C 956 -14.04 2.41 -18.72
C VAL C 956 -13.63 2.14 -20.17
N ASP C 957 -13.67 0.87 -20.57
CA ASP C 957 -13.07 0.28 -21.75
C ASP C 957 -11.57 0.10 -21.57
N ASP C 958 -10.99 0.59 -20.47
CA ASP C 958 -9.60 0.34 -20.11
C ASP C 958 -9.47 -0.21 -18.70
N LYS C 959 -10.59 -0.43 -18.01
CA LYS C 959 -10.58 -0.90 -16.63
C LYS C 959 -11.49 -2.09 -16.36
N ILE C 960 -12.47 -2.36 -17.22
CA ILE C 960 -13.37 -3.49 -17.03
C ILE C 960 -12.62 -4.77 -17.37
N HIS C 961 -12.61 -5.71 -16.43
CA HIS C 961 -11.87 -6.95 -16.60
C HIS C 961 -12.71 -8.11 -16.10
N GLY C 962 -12.60 -9.25 -16.79
CA GLY C 962 -13.29 -10.45 -16.37
C GLY C 962 -12.41 -11.67 -16.64
N ARG C 963 -12.70 -12.74 -15.90
CA ARG C 963 -11.93 -13.97 -16.03
C ARG C 963 -12.76 -15.14 -15.54
N SER C 964 -12.82 -16.19 -16.34
CA SER C 964 -13.36 -17.48 -15.90
C SER C 964 -12.24 -18.39 -15.41
N SER C 965 -11.27 -18.66 -16.27
CA SER C 965 -10.10 -19.48 -15.99
C SER C 965 -9.10 -19.19 -17.11
N GLY C 966 -8.01 -19.95 -17.15
CA GLY C 966 -7.02 -19.72 -18.20
C GLY C 966 -5.60 -20.07 -17.83
N HIS C 967 -4.68 -19.14 -18.00
CA HIS C 967 -3.27 -19.40 -17.80
C HIS C 967 -2.88 -19.12 -16.35
N TYR C 968 -1.97 -19.93 -15.83
CA TYR C 968 -1.50 -19.82 -14.47
C TYR C 968 0.02 -19.64 -14.47
N ALA C 969 0.54 -19.18 -13.33
CA ALA C 969 1.97 -18.99 -13.19
C ALA C 969 2.70 -20.33 -13.25
N LEU C 970 3.97 -20.28 -13.64
CA LEU C 970 4.73 -21.51 -13.83
C LEU C 970 5.12 -22.14 -12.49
N VAL C 971 5.46 -21.33 -11.50
CA VAL C 971 5.92 -21.86 -10.22
C VAL C 971 4.76 -21.98 -9.24
N THR C 972 4.11 -20.85 -8.93
CA THR C 972 3.05 -20.87 -7.95
C THR C 972 1.78 -21.54 -8.46
N GLN C 973 1.63 -21.64 -9.78
CA GLN C 973 0.45 -22.25 -10.42
C GLN C 973 -0.83 -21.51 -10.10
N GLN C 974 -0.73 -20.28 -9.61
CA GLN C 974 -1.85 -19.41 -9.37
C GLN C 974 -2.18 -18.61 -10.63
N PRO C 975 -3.41 -18.10 -10.74
CA PRO C 975 -3.76 -17.29 -11.91
C PRO C 975 -2.87 -16.07 -12.03
N LEU C 976 -2.67 -15.64 -13.27
CA LEU C 976 -1.76 -14.54 -13.57
C LEU C 976 -2.24 -13.23 -12.94
N ARG C 977 -1.38 -12.22 -13.04
CA ARG C 977 -1.66 -10.89 -12.52
C ARG C 977 -1.73 -9.90 -13.68
N GLY C 978 -2.81 -9.14 -13.73
CA GLY C 978 -2.92 -8.09 -14.74
C GLY C 978 -4.09 -8.26 -15.69
N ARG C 979 -4.73 -7.14 -16.04
CA ARG C 979 -5.81 -7.18 -17.02
C ARG C 979 -5.31 -7.57 -18.40
N SER C 980 -4.12 -7.08 -18.77
CA SER C 980 -3.57 -7.38 -20.09
C SER C 980 -3.23 -8.85 -20.24
N LYS C 981 -2.93 -9.54 -19.13
CA LYS C 981 -2.58 -10.95 -19.16
C LYS C 981 -3.78 -11.85 -18.87
N GLN C 982 -4.99 -11.30 -18.88
CA GLN C 982 -6.20 -12.05 -18.55
C GLN C 982 -6.10 -12.69 -17.16
N GLY C 983 -5.48 -11.96 -16.23
CA GLY C 983 -5.26 -12.48 -14.90
C GLY C 983 -6.48 -12.35 -14.01
N GLY C 984 -6.36 -12.94 -12.82
CA GLY C 984 -7.44 -12.92 -11.86
C GLY C 984 -7.22 -11.89 -10.76
N GLN C 985 -8.21 -11.76 -9.90
CA GLN C 985 -8.16 -10.83 -8.78
C GLN C 985 -7.59 -11.51 -7.57
N ARG C 986 -6.80 -10.76 -6.79
CA ARG C 986 -6.12 -11.32 -5.64
C ARG C 986 -6.98 -11.17 -4.39
N VAL C 987 -7.07 -12.24 -3.62
CA VAL C 987 -7.76 -12.24 -2.33
C VAL C 987 -6.65 -12.22 -1.28
N GLY C 988 -6.29 -11.03 -0.83
CA GLY C 988 -5.20 -10.86 0.11
C GLY C 988 -5.60 -11.23 1.53
N GLU C 989 -4.65 -11.03 2.44
CA GLU C 989 -4.86 -11.43 3.82
C GLU C 989 -5.99 -10.63 4.48
N MET C 990 -6.08 -9.34 4.16
CA MET C 990 -7.17 -8.53 4.71
C MET C 990 -8.53 -8.99 4.19
N GLU C 991 -8.58 -9.50 2.97
CA GLU C 991 -9.82 -10.09 2.46
C GLU C 991 -10.09 -11.44 3.11
N VAL C 992 -9.03 -12.18 3.48
CA VAL C 992 -9.21 -13.44 4.18
C VAL C 992 -9.74 -13.19 5.58
N TRP C 993 -9.27 -12.12 6.23
CA TRP C 993 -9.78 -11.77 7.56
C TRP C 993 -11.28 -11.51 7.53
N ALA C 994 -11.76 -10.80 6.51
CA ALA C 994 -13.18 -10.51 6.40
C ALA C 994 -13.99 -11.78 6.25
N LEU C 995 -13.52 -12.72 5.41
CA LEU C 995 -14.21 -13.99 5.25
C LEU C 995 -14.21 -14.80 6.54
N GLU C 996 -13.14 -14.68 7.33
CA GLU C 996 -13.12 -15.34 8.63
C GLU C 996 -13.99 -14.62 9.64
N GLY C 997 -14.19 -13.32 9.47
CA GLY C 997 -15.12 -12.61 10.33
C GLY C 997 -16.56 -13.04 10.09
N PHE C 998 -16.92 -13.29 8.84
CA PHE C 998 -18.26 -13.79 8.52
C PHE C 998 -18.43 -15.25 8.94
N GLY C 999 -17.34 -16.00 9.07
CA GLY C 999 -17.43 -17.42 9.31
C GLY C 999 -17.69 -18.25 8.09
N VAL C 1000 -17.50 -17.71 6.89
CA VAL C 1000 -17.81 -18.43 5.65
C VAL C 1000 -16.57 -19.25 5.32
N ALA C 1001 -16.51 -20.44 5.92
CA ALA C 1001 -15.34 -21.29 5.78
C ALA C 1001 -15.27 -22.02 4.45
N HIS C 1002 -16.39 -22.13 3.73
CA HIS C 1002 -16.37 -22.83 2.45
C HIS C 1002 -16.16 -21.88 1.28
N ILE C 1003 -16.56 -20.61 1.41
CA ILE C 1003 -16.17 -19.60 0.44
C ILE C 1003 -14.66 -19.39 0.48
N LEU C 1004 -14.08 -19.42 1.68
CA LEU C 1004 -12.65 -19.21 1.83
C LEU C 1004 -11.85 -20.36 1.23
N GLN C 1005 -12.32 -21.59 1.38
CA GLN C 1005 -11.57 -22.73 0.84
C GLN C 1005 -11.63 -22.74 -0.68
N GLU C 1006 -12.71 -22.27 -1.28
CA GLU C 1006 -12.78 -22.18 -2.74
C GLU C 1006 -11.71 -21.26 -3.28
N MET C 1007 -11.54 -20.10 -2.66
CA MET C 1007 -10.57 -19.12 -3.11
C MET C 1007 -9.15 -19.48 -2.71
N LEU C 1008 -8.96 -20.57 -1.97
CA LEU C 1008 -7.64 -21.03 -1.57
C LEU C 1008 -7.16 -22.26 -2.31
N THR C 1009 -8.06 -23.14 -2.77
CA THR C 1009 -7.62 -24.39 -3.38
C THR C 1009 -7.97 -24.47 -4.87
N TYR C 1010 -9.24 -24.53 -5.24
CA TYR C 1010 -9.57 -24.92 -6.60
C TYR C 1010 -10.00 -23.76 -7.47
N LYS C 1011 -9.90 -22.53 -6.98
CA LYS C 1011 -9.95 -21.36 -7.85
C LYS C 1011 -8.59 -20.71 -8.02
N SER C 1012 -7.58 -21.14 -7.25
CA SER C 1012 -6.25 -20.54 -7.36
C SER C 1012 -5.20 -21.53 -7.84
N ASP C 1013 -4.92 -22.61 -7.10
CA ASP C 1013 -3.73 -23.39 -7.41
C ASP C 1013 -3.86 -24.91 -7.24
N HIS C 1014 -4.99 -25.43 -6.78
CA HIS C 1014 -5.12 -26.88 -6.67
C HIS C 1014 -5.30 -27.44 -8.07
N ILE C 1015 -4.21 -27.94 -8.66
CA ILE C 1015 -4.20 -28.29 -10.09
C ILE C 1015 -5.24 -29.36 -10.39
N ARG C 1016 -5.28 -30.40 -9.57
CA ARG C 1016 -6.23 -31.48 -9.81
C ARG C 1016 -7.66 -31.00 -9.67
N ALA C 1017 -7.93 -30.20 -8.64
CA ALA C 1017 -9.30 -29.77 -8.36
C ALA C 1017 -9.78 -28.65 -9.25
N ARG C 1018 -8.88 -27.91 -9.90
CA ARG C 1018 -9.31 -26.91 -10.87
C ARG C 1018 -9.90 -27.56 -12.11
N GLN C 1019 -9.34 -28.69 -12.53
CA GLN C 1019 -9.83 -29.37 -13.72
C GLN C 1019 -11.15 -30.10 -13.46
N GLU C 1020 -11.37 -30.56 -12.23
CA GLU C 1020 -12.64 -31.19 -11.90
C GLU C 1020 -13.76 -30.18 -11.76
N VAL C 1021 -13.45 -28.98 -11.25
CA VAL C 1021 -14.46 -27.93 -11.14
C VAL C 1021 -14.93 -27.49 -12.52
N LEU C 1022 -13.99 -27.40 -13.46
CA LEU C 1022 -14.36 -27.07 -14.84
C LEU C 1022 -15.29 -28.11 -15.43
N GLY C 1023 -15.16 -29.36 -15.00
CA GLY C 1023 -15.99 -30.43 -15.53
C GLY C 1023 -17.36 -30.52 -14.89
N THR C 1024 -17.41 -30.42 -13.55
CA THR C 1024 -18.69 -30.56 -12.86
C THR C 1024 -19.63 -29.41 -13.19
N THR C 1025 -19.11 -28.18 -13.27
CA THR C 1025 -19.97 -27.03 -13.51
C THR C 1025 -20.58 -27.04 -14.90
N ILE C 1026 -19.95 -27.70 -15.87
CA ILE C 1026 -20.55 -27.82 -17.20
C ILE C 1026 -21.58 -28.93 -17.25
N ILE C 1027 -21.52 -29.87 -16.31
CA ILE C 1027 -22.56 -30.89 -16.19
C ILE C 1027 -23.46 -30.67 -14.99
N GLY C 1028 -23.12 -29.74 -14.10
CA GLY C 1028 -23.96 -29.42 -12.96
C GLY C 1028 -24.10 -30.55 -11.96
N GLY C 1029 -22.98 -31.17 -11.58
CA GLY C 1029 -23.05 -32.36 -10.75
C GLY C 1029 -22.32 -32.30 -9.43
N THR C 1030 -22.38 -31.16 -8.75
CA THR C 1030 -21.92 -30.99 -7.37
C THR C 1030 -20.39 -31.05 -7.25
N ILE C 1031 -19.82 -30.09 -6.53
CA ILE C 1031 -18.37 -29.95 -6.39
C ILE C 1031 -17.97 -30.52 -5.03
N PRO C 1032 -17.04 -31.47 -4.96
CA PRO C 1032 -16.60 -32.00 -3.67
C PRO C 1032 -15.39 -31.25 -3.12
N LYS C 1033 -15.10 -31.52 -1.86
CA LYS C 1033 -13.99 -30.86 -1.19
C LYS C 1033 -12.66 -31.34 -1.77
N PRO C 1034 -11.65 -30.47 -1.83
CA PRO C 1034 -10.37 -30.86 -2.43
C PRO C 1034 -9.64 -31.92 -1.63
N GLU C 1035 -9.49 -31.67 -0.32
CA GLU C 1035 -8.98 -32.64 0.65
C GLU C 1035 -7.48 -32.88 0.48
N ASP C 1036 -6.86 -32.27 -0.52
CA ASP C 1036 -5.43 -32.39 -0.75
C ASP C 1036 -4.77 -31.01 -0.61
N ALA C 1037 -3.44 -31.00 -0.67
CA ALA C 1037 -2.79 -29.71 -0.49
C ALA C 1037 -2.65 -28.98 -1.82
N PRO C 1038 -2.83 -27.67 -1.82
CA PRO C 1038 -2.61 -26.90 -3.04
C PRO C 1038 -1.13 -26.77 -3.36
N GLU C 1039 -0.86 -26.38 -4.60
CA GLU C 1039 0.52 -26.31 -5.08
C GLU C 1039 1.34 -25.23 -4.40
N SER C 1040 0.71 -24.31 -3.67
CA SER C 1040 1.48 -23.32 -2.92
C SER C 1040 2.08 -23.90 -1.66
N PHE C 1041 1.38 -24.85 -1.01
CA PHE C 1041 1.92 -25.49 0.17
C PHE C 1041 3.00 -26.49 -0.20
N ARG C 1042 2.79 -27.27 -1.26
CA ARG C 1042 3.82 -28.20 -1.73
C ARG C 1042 5.05 -27.45 -2.21
N LEU C 1043 4.87 -26.26 -2.77
CA LEU C 1043 6.01 -25.42 -3.14
C LEU C 1043 6.80 -25.00 -1.90
N LEU C 1044 6.10 -24.69 -0.81
CA LEU C 1044 6.80 -24.31 0.42
C LEU C 1044 7.56 -25.47 1.02
N VAL C 1045 7.01 -26.68 0.94
CA VAL C 1045 7.66 -27.85 1.54
C VAL C 1045 8.99 -28.12 0.87
N ARG C 1046 9.03 -28.04 -0.47
CA ARG C 1046 10.28 -28.30 -1.18
C ARG C 1046 11.34 -27.25 -0.83
N GLU C 1047 10.93 -25.99 -0.69
CA GLU C 1047 11.87 -24.95 -0.30
C GLU C 1047 12.42 -25.20 1.10
N LEU C 1048 11.56 -25.63 2.02
CA LEU C 1048 12.03 -26.00 3.35
C LEU C 1048 12.92 -27.24 3.30
N ARG C 1049 12.65 -28.15 2.36
CA ARG C 1049 13.56 -29.27 2.16
C ARG C 1049 14.94 -28.80 1.71
N SER C 1050 15.00 -27.70 0.96
CA SER C 1050 16.28 -27.17 0.49
C SER C 1050 17.09 -26.56 1.62
N LEU C 1051 16.48 -26.34 2.79
CA LEU C 1051 17.18 -25.91 3.98
C LEU C 1051 17.38 -27.04 4.97
N ALA C 1052 17.33 -28.29 4.49
CA ALA C 1052 17.50 -29.48 5.32
C ALA C 1052 16.44 -29.59 6.40
N LEU C 1053 15.23 -29.10 6.12
CA LEU C 1053 14.10 -29.16 7.04
C LEU C 1053 12.99 -29.98 6.41
N GLU C 1054 12.42 -30.91 7.16
CA GLU C 1054 11.32 -31.74 6.69
C GLU C 1054 10.04 -31.31 7.40
N LEU C 1055 8.99 -31.11 6.62
CA LEU C 1055 7.68 -30.69 7.13
C LEU C 1055 6.65 -31.72 6.68
N ASN C 1056 6.15 -32.51 7.63
CA ASN C 1056 5.21 -33.57 7.34
C ASN C 1056 3.85 -33.25 7.95
N HIS C 1057 2.78 -33.61 7.23
CA HIS C 1057 1.42 -33.42 7.69
C HIS C 1057 0.83 -34.78 8.03
N PHE C 1058 0.44 -34.96 9.30
CA PHE C 1058 -0.09 -36.22 9.78
C PHE C 1058 -1.54 -36.08 10.18
N LEU C 1059 -2.34 -37.11 9.88
CA LEU C 1059 -3.72 -37.19 10.32
C LEU C 1059 -3.86 -38.35 11.29
N VAL C 1060 -4.36 -38.07 12.48
CA VAL C 1060 -4.59 -39.08 13.50
C VAL C 1060 -6.07 -39.40 13.53
N SER C 1061 -6.41 -40.65 13.25
CA SER C 1061 -7.80 -41.06 13.23
C SER C 1061 -8.39 -41.01 14.62
N GLU C 1062 -9.58 -40.42 14.75
CA GLU C 1062 -10.27 -40.40 16.03
C GLU C 1062 -10.92 -41.74 16.35
N LYS C 1063 -10.94 -42.67 15.40
CA LYS C 1063 -11.55 -43.98 15.61
C LYS C 1063 -10.56 -44.97 16.22
N ASN C 1064 -9.43 -45.21 15.54
CA ASN C 1064 -8.46 -46.20 15.98
C ASN C 1064 -7.08 -45.62 16.23
N PHE C 1065 -6.93 -44.29 16.16
CA PHE C 1065 -5.68 -43.61 16.50
C PHE C 1065 -4.53 -44.04 15.58
N GLN C 1066 -4.85 -44.31 14.32
CA GLN C 1066 -3.84 -44.60 13.33
C GLN C 1066 -3.32 -43.30 12.72
N ILE C 1067 -2.00 -43.18 12.66
CA ILE C 1067 -1.36 -41.98 12.11
C ILE C 1067 -1.23 -42.15 10.60
N ASN C 1068 -1.81 -41.22 9.85
CA ASN C 1068 -1.79 -41.25 8.39
C ASN C 1068 -0.96 -40.10 7.87
N ARG C 1069 -0.02 -40.41 6.99
CA ARG C 1069 0.88 -39.40 6.43
C ARG C 1069 0.27 -38.84 5.16
N LYS C 1070 -0.03 -37.54 5.17
CA LYS C 1070 -0.57 -36.87 4.00
C LYS C 1070 0.52 -36.68 2.95
N GLU C 1071 0.15 -36.88 1.68
CA GLU C 1071 1.10 -36.78 0.57
C GLU C 1071 1.51 -35.33 0.38
N VAL C 1072 2.67 -34.96 0.89
CA VAL C 1072 3.19 -33.61 0.71
C VAL C 1072 4.68 -33.58 1.02
N MET D 1 -23.12 -33.06 24.35
CA MET D 1 -22.69 -33.38 22.99
C MET D 1 -21.22 -33.79 22.97
N ILE D 2 -20.92 -34.83 22.19
CA ILE D 2 -19.54 -35.27 21.99
C ILE D 2 -18.97 -34.50 20.81
N ASP D 3 -17.84 -33.83 21.03
CA ASP D 3 -17.23 -33.03 19.99
C ASP D 3 -16.73 -33.92 18.85
N ARG D 4 -16.89 -33.43 17.62
CA ARG D 4 -16.39 -34.12 16.44
C ARG D 4 -14.88 -33.93 16.42
N TYR D 5 -14.17 -34.85 17.06
CA TYR D 5 -12.74 -34.71 17.24
C TYR D 5 -12.01 -34.80 15.89
N LYS D 6 -11.05 -33.90 15.70
CA LYS D 6 -10.15 -33.94 14.56
C LYS D 6 -8.74 -33.71 15.06
N HIS D 7 -7.87 -34.69 14.86
CA HIS D 7 -6.50 -34.65 15.35
C HIS D 7 -5.58 -34.62 14.12
N GLN D 8 -5.22 -33.43 13.70
CA GLN D 8 -4.30 -33.24 12.59
C GLN D 8 -3.14 -32.37 13.03
N GLN D 9 -1.93 -32.73 12.59
CA GLN D 9 -0.72 -32.06 13.02
C GLN D 9 0.24 -31.94 11.85
N LEU D 10 1.14 -30.96 11.95
CA LEU D 10 2.32 -30.92 11.11
C LEU D 10 3.50 -30.49 11.96
N ARG D 11 4.66 -31.07 11.67
CA ARG D 11 5.87 -30.82 12.45
C ARG D 11 7.06 -30.64 11.52
N ILE D 12 7.94 -29.71 11.87
CA ILE D 12 9.22 -29.60 11.21
C ILE D 12 10.28 -30.26 12.07
N GLY D 13 11.32 -30.77 11.43
CA GLY D 13 12.46 -31.30 12.15
C GLY D 13 13.70 -31.21 11.28
N LEU D 14 14.85 -31.05 11.93
CA LEU D 14 16.10 -31.08 11.20
C LEU D 14 16.27 -32.45 10.56
N VAL D 15 16.68 -32.46 9.29
CA VAL D 15 16.66 -33.68 8.49
C VAL D 15 18.01 -34.38 8.57
N SER D 16 18.03 -35.66 8.25
CA SER D 16 19.22 -36.50 8.26
C SER D 16 19.72 -36.71 6.84
N PRO D 17 21.03 -36.95 6.68
CA PRO D 17 21.55 -37.29 5.34
C PRO D 17 20.90 -38.52 4.75
N GLN D 18 20.51 -39.49 5.58
CA GLN D 18 19.80 -40.66 5.07
C GLN D 18 18.45 -40.27 4.51
N GLN D 19 17.75 -39.36 5.17
CA GLN D 19 16.48 -38.88 4.63
C GLN D 19 16.68 -38.07 3.36
N ILE D 20 17.79 -37.32 3.27
CA ILE D 20 18.10 -36.62 2.03
C ILE D 20 18.29 -37.61 0.89
N SER D 21 19.04 -38.69 1.14
CA SER D 21 19.22 -39.72 0.13
C SER D 21 17.89 -40.35 -0.26
N ALA D 22 17.03 -40.62 0.73
CA ALA D 22 15.72 -41.20 0.42
C ALA D 22 14.86 -40.23 -0.37
N TRP D 23 15.04 -38.93 -0.16
CA TRP D 23 14.37 -37.94 -1.01
C TRP D 23 14.87 -38.03 -2.44
N ALA D 24 16.20 -38.07 -2.61
CA ALA D 24 16.76 -38.04 -3.96
C ALA D 24 16.61 -39.39 -4.66
N THR D 25 16.71 -40.48 -3.91
CA THR D 25 16.60 -41.82 -4.51
C THR D 25 15.14 -42.17 -4.79
N GLY D 35 20.47 -40.50 -8.37
CA GLY D 35 19.68 -39.32 -8.06
C GLY D 35 20.51 -38.18 -7.50
N GLU D 36 21.82 -38.21 -7.74
CA GLU D 36 22.73 -37.19 -7.27
C GLU D 36 23.14 -36.29 -8.43
N VAL D 37 23.07 -34.98 -8.21
CA VAL D 37 23.52 -34.01 -9.21
C VAL D 37 25.03 -33.88 -9.09
N THR D 38 25.74 -34.16 -10.19
CA THR D 38 27.19 -34.16 -10.20
C THR D 38 27.81 -33.09 -11.07
N LYS D 39 27.11 -32.63 -12.11
CA LYS D 39 27.65 -31.64 -13.01
C LYS D 39 26.89 -30.31 -12.91
N PRO D 40 27.57 -29.17 -13.10
CA PRO D 40 26.89 -27.88 -13.02
C PRO D 40 26.22 -27.43 -14.31
N TYR D 41 26.15 -28.30 -15.31
CA TYR D 41 25.53 -27.92 -16.57
C TYR D 41 24.02 -27.85 -16.43
N THR D 42 23.42 -26.79 -16.97
CA THR D 42 21.97 -26.65 -16.91
C THR D 42 21.33 -27.18 -18.18
N PHE D 43 21.68 -26.59 -19.33
CA PHE D 43 21.15 -27.02 -20.61
C PHE D 43 22.24 -26.97 -21.67
N HIS D 44 22.02 -27.68 -22.76
CA HIS D 44 22.90 -27.58 -23.91
C HIS D 44 22.80 -26.19 -24.52
N TYR D 45 23.95 -25.61 -24.85
CA TYR D 45 23.97 -24.27 -25.44
C TYR D 45 23.27 -24.24 -26.79
N LYS D 46 23.32 -25.35 -27.54
CA LYS D 46 22.75 -25.41 -28.88
C LYS D 46 21.33 -25.96 -28.89
N THR D 47 21.15 -27.18 -28.38
CA THR D 47 19.86 -27.85 -28.46
C THR D 47 18.89 -27.45 -27.35
N ASN D 48 19.39 -26.81 -26.29
CA ASN D 48 18.59 -26.47 -25.12
C ASN D 48 17.89 -27.71 -24.54
N LYS D 49 18.63 -28.82 -24.50
CA LYS D 49 18.18 -30.05 -23.86
C LYS D 49 18.82 -30.19 -22.49
N PRO D 50 18.16 -30.89 -21.56
CA PRO D 50 18.71 -31.04 -20.20
C PRO D 50 19.99 -31.86 -20.24
N GLU D 51 21.08 -31.24 -19.78
CA GLU D 51 22.36 -31.93 -19.70
C GLU D 51 22.30 -33.06 -18.68
N LYS D 52 22.87 -34.20 -19.05
CA LYS D 52 22.88 -35.36 -18.15
C LYS D 52 23.70 -35.05 -16.90
N ASP D 53 23.22 -35.53 -15.76
CA ASP D 53 23.84 -35.34 -14.46
C ASP D 53 23.90 -33.88 -14.04
N GLY D 54 23.21 -32.99 -14.75
CA GLY D 54 23.22 -31.57 -14.46
C GLY D 54 22.10 -31.15 -13.52
N LEU D 55 21.99 -29.83 -13.36
CA LEU D 55 20.95 -29.28 -12.49
C LEU D 55 19.55 -29.55 -13.01
N PHE D 56 19.39 -29.83 -14.30
CA PHE D 56 18.09 -30.11 -14.90
C PHE D 56 18.02 -31.50 -15.49
N CYS D 57 18.86 -32.41 -15.02
CA CYS D 57 18.96 -33.74 -15.63
C CYS D 57 17.61 -34.44 -15.65
N GLU D 58 17.27 -35.01 -16.80
CA GLU D 58 15.96 -35.64 -16.96
C GLU D 58 15.90 -37.00 -16.28
N ARG D 59 17.05 -37.67 -16.12
CA ARG D 59 17.07 -38.94 -15.40
C ARG D 59 16.91 -38.71 -13.90
N ILE D 60 17.54 -37.66 -13.38
CA ILE D 60 17.49 -37.39 -11.95
C ILE D 60 16.11 -36.94 -11.51
N PHE D 61 15.53 -36.00 -12.26
CA PHE D 61 14.34 -35.28 -11.77
C PHE D 61 13.04 -35.72 -12.42
N GLY D 62 13.07 -36.17 -13.67
CA GLY D 62 11.86 -36.60 -14.33
C GLY D 62 11.72 -36.07 -15.74
N PRO D 63 10.77 -36.62 -16.49
CA PRO D 63 10.66 -36.33 -17.93
C PRO D 63 9.99 -34.98 -18.20
N ILE D 64 10.70 -34.10 -18.89
CA ILE D 64 10.06 -32.99 -19.58
C ILE D 64 9.21 -33.56 -20.71
N LYS D 65 8.09 -32.90 -21.01
CA LYS D 65 7.18 -33.36 -22.07
C LYS D 65 6.70 -34.78 -21.77
N SER D 66 5.86 -34.86 -20.73
CA SER D 66 5.48 -36.11 -20.06
C SER D 66 5.37 -37.31 -20.99
N GLY D 67 6.04 -38.40 -20.64
CA GLY D 67 5.99 -39.62 -21.40
C GLY D 67 7.06 -39.78 -22.46
N ILE D 68 8.11 -38.96 -22.44
CA ILE D 68 9.20 -39.07 -23.41
C ILE D 68 10.52 -39.15 -22.66
N CYS D 69 11.52 -39.75 -23.30
CA CYS D 69 12.84 -39.91 -22.72
C CYS D 69 13.78 -38.80 -23.21
N ALA D 70 14.99 -38.81 -22.65
CA ALA D 70 16.03 -37.90 -23.13
C ALA D 70 16.40 -38.16 -24.59
N CYS D 71 16.13 -39.37 -25.09
CA CYS D 71 16.39 -39.68 -26.48
C CYS D 71 15.30 -39.13 -27.39
N GLY D 72 14.04 -39.40 -27.06
CA GLY D 72 12.93 -38.95 -27.88
C GLY D 72 11.85 -40.00 -28.05
N ASN D 73 12.01 -41.14 -27.40
CA ASN D 73 11.01 -42.19 -27.44
C ASN D 73 9.77 -41.76 -26.65
N TYR D 74 8.66 -42.45 -26.90
CA TYR D 74 7.40 -42.16 -26.23
C TYR D 74 6.69 -43.43 -25.81
N ARG D 75 5.96 -43.34 -24.70
CA ARG D 75 5.08 -44.40 -24.23
C ARG D 75 3.84 -43.78 -23.64
N VAL D 76 2.78 -44.58 -23.58
CA VAL D 76 1.49 -44.10 -23.06
C VAL D 76 1.57 -44.00 -21.54
N ILE D 77 1.11 -42.87 -21.01
CA ILE D 77 1.13 -42.65 -19.57
C ILE D 77 0.09 -43.54 -18.89
N LYS D 85 8.83 -48.80 -17.14
CA LYS D 85 8.80 -47.51 -16.46
C LYS D 85 10.03 -46.68 -16.77
N PHE D 86 11.20 -47.32 -16.75
CA PHE D 86 12.46 -46.65 -17.00
C PHE D 86 12.97 -46.96 -18.40
N CYS D 87 13.63 -45.99 -19.03
CA CYS D 87 14.27 -46.22 -20.31
C CYS D 87 15.56 -47.01 -20.11
N GLU D 88 16.08 -47.54 -21.21
CA GLU D 88 17.30 -48.34 -21.17
C GLU D 88 18.54 -47.52 -21.48
N GLN D 89 18.50 -46.72 -22.55
CA GLN D 89 19.67 -45.95 -22.96
C GLN D 89 19.94 -44.82 -21.98
N CYS D 90 19.01 -43.88 -21.87
CA CYS D 90 19.16 -42.73 -20.98
C CYS D 90 18.65 -42.98 -19.58
N GLY D 91 17.86 -44.03 -19.36
CA GLY D 91 17.35 -44.33 -18.04
C GLY D 91 16.38 -43.31 -17.49
N VAL D 92 15.51 -42.76 -18.32
CA VAL D 92 14.52 -41.78 -17.89
C VAL D 92 13.19 -42.48 -17.67
N GLU D 93 12.48 -42.08 -16.62
CA GLU D 93 11.23 -42.70 -16.25
C GLU D 93 10.13 -42.37 -17.27
N PHE D 94 9.05 -43.14 -17.22
CA PHE D 94 7.86 -42.90 -18.04
C PHE D 94 6.74 -42.49 -17.10
N VAL D 95 6.69 -41.19 -16.78
CA VAL D 95 5.68 -40.63 -15.89
C VAL D 95 5.34 -39.22 -16.40
N ASP D 96 4.40 -38.59 -15.72
CA ASP D 96 4.01 -37.21 -16.03
C ASP D 96 5.12 -36.26 -15.60
N SER D 97 5.15 -35.08 -16.25
CA SER D 97 6.10 -34.04 -15.87
C SER D 97 5.77 -33.39 -14.54
N ARG D 98 4.68 -33.81 -13.88
CA ARG D 98 4.40 -33.35 -12.52
C ARG D 98 5.57 -33.64 -11.59
N ILE D 99 6.25 -34.77 -11.80
CA ILE D 99 7.32 -35.20 -10.89
C ILE D 99 8.45 -34.18 -10.86
N ARG D 100 8.64 -33.43 -11.94
CA ARG D 100 9.70 -32.41 -11.95
C ARG D 100 9.41 -31.27 -10.99
N ARG D 101 8.18 -31.17 -10.47
CA ARG D 101 7.86 -30.18 -9.45
C ARG D 101 8.14 -30.68 -8.04
N TYR D 102 8.30 -31.99 -7.86
CA TYR D 102 8.39 -32.58 -6.53
C TYR D 102 9.63 -33.42 -6.29
N GLN D 103 10.23 -33.99 -7.34
CA GLN D 103 11.38 -34.86 -7.15
C GLN D 103 12.61 -34.04 -6.78
N MET D 104 13.25 -34.41 -5.67
CA MET D 104 14.44 -33.74 -5.19
C MET D 104 15.69 -34.48 -5.66
N GLY D 105 16.82 -33.77 -5.62
CA GLY D 105 18.11 -34.39 -5.84
C GLY D 105 19.02 -34.14 -4.64
N TYR D 106 20.30 -34.42 -4.76
CA TYR D 106 21.22 -34.07 -3.69
C TYR D 106 22.62 -33.90 -4.29
N ILE D 107 23.46 -33.18 -3.56
CA ILE D 107 24.85 -32.96 -3.92
C ILE D 107 25.71 -33.62 -2.85
N LYS D 108 26.54 -34.58 -3.25
CA LYS D 108 27.39 -35.30 -2.31
C LYS D 108 28.61 -34.45 -2.01
N LEU D 109 28.57 -33.72 -0.90
CA LEU D 109 29.69 -32.88 -0.53
C LEU D 109 30.86 -33.74 -0.06
N THR D 110 32.05 -33.44 -0.60
CA THR D 110 33.24 -34.18 -0.19
C THR D 110 33.54 -33.96 1.29
N CYS D 111 33.45 -32.70 1.74
CA CYS D 111 33.63 -32.37 3.14
C CYS D 111 32.31 -31.90 3.73
N PRO D 112 32.06 -32.22 5.00
CA PRO D 112 30.84 -31.69 5.65
C PRO D 112 30.93 -30.18 5.80
N VAL D 113 29.79 -29.51 5.59
CA VAL D 113 29.68 -28.07 5.74
C VAL D 113 28.58 -27.79 6.77
N THR D 114 28.85 -26.85 7.67
CA THR D 114 27.89 -26.50 8.69
C THR D 114 26.71 -25.74 8.11
N HIS D 115 25.55 -25.88 8.76
CA HIS D 115 24.39 -25.11 8.38
C HIS D 115 24.50 -23.70 8.95
N VAL D 116 24.36 -22.70 8.08
CA VAL D 116 24.58 -21.32 8.48
C VAL D 116 23.61 -20.89 9.58
N TRP D 117 22.36 -21.37 9.52
CA TRP D 117 21.37 -20.99 10.51
C TRP D 117 21.79 -21.36 11.92
N TYR D 118 22.51 -22.46 12.07
CA TYR D 118 22.84 -23.00 13.39
C TYR D 118 24.24 -22.64 13.86
N LEU D 119 25.00 -21.89 13.07
CA LEU D 119 26.31 -21.42 13.48
C LEU D 119 26.39 -19.91 13.57
N LYS D 120 25.93 -19.19 12.55
CA LYS D 120 26.12 -17.75 12.47
C LYS D 120 24.98 -16.95 13.09
N ARG D 121 23.78 -17.51 13.18
CA ARG D 121 22.68 -16.78 13.79
C ARG D 121 22.88 -16.70 15.30
N LEU D 122 22.38 -15.61 15.88
CA LEU D 122 22.63 -15.29 17.27
C LEU D 122 21.38 -15.52 18.11
N PRO D 123 21.48 -16.24 19.23
CA PRO D 123 22.68 -16.93 19.74
C PRO D 123 22.93 -18.23 18.99
N SER D 124 24.19 -18.62 18.82
CA SER D 124 24.51 -19.81 18.04
C SER D 124 24.13 -21.06 18.81
N TYR D 125 23.44 -21.98 18.13
CA TYR D 125 23.07 -23.25 18.75
C TYR D 125 24.28 -24.17 18.87
N ILE D 126 25.10 -24.23 17.83
CA ILE D 126 26.30 -25.08 17.87
C ILE D 126 27.25 -24.59 18.96
N ALA D 127 27.44 -23.27 19.06
CA ALA D 127 28.35 -22.73 20.05
C ALA D 127 27.88 -23.02 21.47
N ASN D 128 26.56 -22.94 21.71
CA ASN D 128 26.05 -23.19 23.04
C ASN D 128 26.07 -24.67 23.39
N LEU D 129 25.83 -25.54 22.41
CA LEU D 129 25.84 -26.97 22.68
C LEU D 129 27.27 -27.48 22.87
N LEU D 130 28.22 -26.94 22.13
CA LEU D 130 29.63 -27.27 22.33
C LEU D 130 30.26 -26.46 23.45
N ASP D 131 29.65 -25.34 23.84
CA ASP D 131 30.12 -24.49 24.93
C ASP D 131 31.51 -23.93 24.64
N LYS D 132 31.60 -23.18 23.54
CA LYS D 132 32.77 -22.41 23.18
C LYS D 132 32.33 -21.06 22.65
N PRO D 133 33.16 -20.02 22.80
CA PRO D 133 32.77 -18.71 22.26
C PRO D 133 32.60 -18.78 20.76
N LEU D 134 31.68 -17.94 20.26
CA LEU D 134 31.31 -18.00 18.84
C LEU D 134 32.51 -17.66 17.95
N LYS D 135 33.34 -16.71 18.38
CA LYS D 135 34.51 -16.34 17.59
C LYS D 135 35.45 -17.53 17.39
N GLU D 136 35.56 -18.40 18.39
CA GLU D 136 36.42 -19.57 18.26
C GLU D 136 35.92 -20.52 17.18
N LEU D 137 34.62 -20.81 17.18
CA LEU D 137 34.05 -21.68 16.15
C LEU D 137 34.15 -21.03 14.77
N GLU D 138 33.92 -19.72 14.70
CA GLU D 138 34.01 -19.02 13.42
C GLU D 138 35.43 -19.08 12.87
N GLY D 139 36.43 -18.87 13.73
CA GLY D 139 37.80 -19.04 13.30
C GLY D 139 38.11 -20.47 12.87
N LEU D 140 37.56 -21.45 13.58
CA LEU D 140 37.79 -22.85 13.21
C LEU D 140 37.18 -23.19 11.86
N VAL D 141 36.01 -22.62 11.54
CA VAL D 141 35.31 -22.99 10.31
C VAL D 141 35.78 -22.17 9.12
N TYR D 142 36.16 -20.91 9.33
CA TYR D 142 36.54 -20.01 8.24
C TYR D 142 38.04 -19.82 8.12
N CYS D 143 38.73 -19.53 9.21
CA CYS D 143 40.16 -19.29 9.18
C CYS D 143 40.92 -20.61 9.18
N ASP D 144 42.24 -20.55 9.20
CA ASP D 144 43.07 -21.75 9.17
C ASP D 144 43.47 -22.13 10.60
N PHE D 145 42.46 -22.48 11.39
CA PHE D 145 42.65 -22.91 12.76
C PHE D 145 42.36 -24.40 12.87
N SER D 146 43.11 -25.09 13.72
CA SER D 146 42.94 -26.50 13.96
C SER D 146 42.58 -26.74 15.42
N PHE D 147 41.59 -27.59 15.64
CA PHE D 147 41.06 -27.85 16.97
C PHE D 147 41.71 -29.09 17.56
N ALA D 148 42.16 -28.98 18.81
CA ALA D 148 42.82 -30.08 19.50
C ALA D 148 41.80 -30.91 20.26
N ARG D 149 41.98 -32.24 20.21
CA ARG D 149 41.12 -33.19 20.92
C ARG D 149 39.67 -33.03 20.48
N PRO D 150 39.34 -33.38 19.23
CA PRO D 150 37.96 -33.18 18.75
C PRO D 150 36.98 -34.19 19.34
N ILE D 151 37.44 -35.40 19.63
CA ILE D 151 36.56 -36.46 20.12
C ILE D 151 37.11 -36.97 21.45
N THR D 152 36.25 -37.69 22.18
CA THR D 152 36.59 -38.18 23.51
C THR D 152 36.37 -39.69 23.61
N LYS D 153 35.40 -40.22 22.86
CA LYS D 153 35.10 -41.64 22.91
C LYS D 153 36.21 -42.52 22.34
N LYS D 154 37.31 -41.93 21.85
CA LYS D 154 38.46 -42.68 21.39
C LYS D 154 39.70 -42.14 22.09
N PRO D 155 40.62 -43.02 22.50
CA PRO D 155 41.76 -42.56 23.30
C PRO D 155 42.75 -41.73 22.48
N THR D 156 43.48 -40.87 23.19
CA THR D 156 44.53 -40.04 22.63
C THR D 156 45.79 -40.20 23.46
N PHE D 157 46.86 -39.53 23.03
CA PHE D 157 48.13 -39.59 23.77
C PHE D 157 48.82 -38.23 23.84
N LEU D 158 48.14 -37.15 23.47
CA LEU D 158 48.73 -35.83 23.42
C LEU D 158 48.07 -34.92 24.46
N ARG D 159 48.76 -33.82 24.77
CA ARG D 159 48.27 -32.85 25.74
C ARG D 159 48.03 -31.49 25.08
N LEU D 160 47.43 -31.50 23.90
CA LEU D 160 47.02 -30.28 23.22
C LEU D 160 45.56 -30.00 23.56
N ARG D 161 45.30 -28.83 24.14
CA ARG D 161 43.96 -28.43 24.53
C ARG D 161 43.61 -27.10 23.90
N GLY D 162 42.31 -26.87 23.72
CA GLY D 162 41.85 -25.67 23.06
C GLY D 162 42.02 -25.76 21.56
N SER D 163 42.04 -24.58 20.92
CA SER D 163 42.21 -24.45 19.48
C SER D 163 43.43 -23.58 19.23
N PHE D 164 44.57 -24.22 18.99
CA PHE D 164 45.81 -23.47 18.75
C PHE D 164 45.75 -22.80 17.40
N GLU D 165 45.85 -21.46 17.39
CA GLU D 165 45.79 -20.71 16.15
C GLU D 165 46.97 -21.05 15.25
N TYR D 166 48.18 -21.03 15.81
CA TYR D 166 49.37 -21.37 15.05
C TYR D 166 49.47 -22.88 14.86
N GLU D 167 49.94 -23.28 13.68
CA GLU D 167 50.20 -24.69 13.42
C GLU D 167 51.33 -25.19 14.31
N ILE D 168 51.15 -26.38 14.88
CA ILE D 168 52.16 -26.95 15.75
C ILE D 168 53.37 -27.37 14.90
N GLN D 169 54.55 -26.86 15.27
CA GLN D 169 55.75 -27.14 14.50
C GLN D 169 56.08 -28.63 14.50
N SER D 170 56.00 -29.26 15.67
CA SER D 170 56.26 -30.70 15.75
C SER D 170 55.23 -31.49 14.95
N TRP D 171 53.95 -31.11 15.07
CA TRP D 171 52.90 -31.85 14.37
C TRP D 171 52.98 -31.70 12.86
N LYS D 172 53.74 -30.72 12.36
CA LYS D 172 53.83 -30.52 10.92
C LYS D 172 54.86 -31.45 10.28
N TYR D 173 56.03 -31.59 10.90
CA TYR D 173 57.11 -32.40 10.35
C TYR D 173 57.46 -33.59 11.22
N SER D 174 57.70 -33.37 12.51
CA SER D 174 58.26 -34.41 13.37
C SER D 174 57.34 -35.64 13.45
N ILE D 175 56.14 -35.45 13.99
CA ILE D 175 55.23 -36.59 14.18
C ILE D 175 54.86 -37.26 12.86
N PRO D 176 54.50 -36.54 11.79
CA PRO D 176 54.24 -37.24 10.52
C PRO D 176 55.45 -38.02 10.00
N LEU D 177 56.66 -37.50 10.22
CA LEU D 177 57.85 -38.23 9.76
C LEU D 177 58.07 -39.48 10.61
N PHE D 178 57.87 -39.38 11.93
CA PHE D 178 58.05 -40.54 12.79
C PHE D 178 56.93 -41.55 12.60
N PHE D 179 55.70 -41.08 12.46
CA PHE D 179 54.54 -41.94 12.32
C PHE D 179 54.19 -42.26 10.88
N THR D 180 55.03 -41.89 9.93
CA THR D 180 54.83 -42.15 8.49
C THR D 180 53.51 -41.51 8.06
N THR D 181 52.86 -42.06 7.04
CA THR D 181 51.71 -41.43 6.42
C THR D 181 50.42 -42.20 6.60
N GLN D 182 50.41 -43.50 6.30
CA GLN D 182 49.16 -44.26 6.27
C GLN D 182 48.54 -44.36 7.66
N GLY D 183 49.24 -44.98 8.60
CA GLY D 183 48.71 -45.10 9.95
C GLY D 183 48.50 -43.73 10.60
N PHE D 184 49.38 -42.79 10.30
CA PHE D 184 49.23 -41.43 10.82
C PHE D 184 47.90 -40.83 10.40
N GLU D 185 47.57 -40.90 9.12
CA GLU D 185 46.27 -40.43 8.65
C GLU D 185 45.13 -41.27 9.21
N ILE D 186 45.38 -42.55 9.48
CA ILE D 186 44.36 -43.40 10.06
C ILE D 186 43.96 -42.88 11.45
N PHE D 187 44.92 -42.48 12.26
CA PHE D 187 44.62 -41.90 13.56
C PHE D 187 44.72 -40.38 13.56
N ARG D 188 44.84 -39.75 12.40
CA ARG D 188 44.99 -38.30 12.33
C ARG D 188 43.80 -37.57 12.91
N ASN D 189 42.59 -37.91 12.46
CA ASN D 189 41.41 -37.16 12.85
C ASN D 189 40.88 -37.63 14.20
N ARG D 190 41.76 -37.72 15.19
CA ARG D 190 41.37 -38.04 16.55
C ARG D 190 42.05 -37.17 17.61
N GLU D 191 43.02 -36.34 17.24
CA GLU D 191 43.69 -35.46 18.20
C GLU D 191 43.66 -34.03 17.70
N ILE D 192 43.80 -33.85 16.39
CA ILE D 192 43.79 -32.52 15.77
C ILE D 192 42.93 -32.59 14.51
N SER D 193 42.05 -31.61 14.35
CA SER D 193 41.23 -31.51 13.15
C SER D 193 40.83 -30.05 12.98
N THR D 194 40.18 -29.75 11.86
CA THR D 194 39.85 -28.37 11.52
C THR D 194 38.58 -28.34 10.68
N GLY D 195 37.95 -27.16 10.66
CA GLY D 195 36.79 -26.94 9.84
C GLY D 195 35.53 -27.56 10.41
N ALA D 196 34.51 -27.66 9.55
CA ALA D 196 33.22 -28.19 9.96
C ALA D 196 33.27 -29.67 10.30
N GLY D 197 34.25 -30.40 9.78
CA GLY D 197 34.39 -31.81 10.16
C GLY D 197 34.66 -31.99 11.64
N ALA D 198 35.54 -31.15 12.19
CA ALA D 198 35.80 -31.20 13.63
C ALA D 198 34.54 -30.88 14.43
N ILE D 199 33.77 -29.90 13.98
CA ILE D 199 32.53 -29.55 14.68
C ILE D 199 31.55 -30.71 14.64
N ARG D 200 31.41 -31.35 13.48
CA ARG D 200 30.50 -32.48 13.38
C ARG D 200 30.95 -33.64 14.24
N GLU D 201 32.27 -33.88 14.32
CA GLU D 201 32.77 -34.93 15.20
C GLU D 201 32.49 -34.60 16.66
N GLN D 202 32.65 -33.33 17.04
CA GLN D 202 32.34 -32.94 18.41
C GLN D 202 30.85 -33.11 18.71
N LEU D 203 29.99 -32.79 17.75
CA LEU D 203 28.55 -32.92 17.97
C LEU D 203 28.13 -34.40 18.03
N ALA D 204 28.79 -35.25 17.24
CA ALA D 204 28.36 -36.65 17.16
C ALA D 204 28.64 -37.40 18.46
N ASP D 205 29.75 -37.11 19.12
CA ASP D 205 30.16 -37.84 20.31
C ASP D 205 29.73 -37.16 21.60
N LEU D 206 28.88 -36.13 21.51
CA LEU D 206 28.38 -35.48 22.72
C LEU D 206 27.53 -36.43 23.55
N ASP D 207 27.69 -36.36 24.87
CA ASP D 207 26.82 -37.05 25.81
C ASP D 207 25.89 -36.00 26.41
N LEU D 208 24.62 -36.00 25.98
CA LEU D 208 23.71 -34.92 26.33
C LEU D 208 23.38 -34.94 27.82
N ARG D 209 23.24 -36.13 28.41
CA ARG D 209 22.93 -36.21 29.83
C ARG D 209 24.06 -35.66 30.69
N ILE D 210 25.30 -35.93 30.30
CA ILE D 210 26.44 -35.34 31.00
C ILE D 210 26.41 -33.82 30.86
N ILE D 211 26.01 -33.33 29.67
CA ILE D 211 25.90 -31.89 29.47
C ILE D 211 24.88 -31.30 30.44
N ILE D 212 23.72 -31.96 30.56
CA ILE D 212 22.67 -31.46 31.45
C ILE D 212 23.17 -31.43 32.89
N GLU D 213 23.81 -32.51 33.32
CA GLU D 213 24.26 -32.58 34.72
C GLU D 213 25.33 -31.55 35.01
N ASN D 214 26.31 -31.40 34.11
CA ASN D 214 27.35 -30.40 34.33
C ASN D 214 26.79 -29.00 34.35
N SER D 215 25.85 -28.70 33.44
CA SER D 215 25.23 -27.39 33.42
C SER D 215 24.46 -27.12 34.71
N LEU D 216 23.72 -28.12 35.19
CA LEU D 216 22.95 -27.94 36.42
C LEU D 216 23.88 -27.71 37.61
N VAL D 217 24.97 -28.48 37.70
CA VAL D 217 25.84 -28.34 38.85
C VAL D 217 26.59 -27.01 38.80
N GLU D 218 26.96 -26.55 37.61
CA GLU D 218 27.60 -25.25 37.49
C GLU D 218 26.64 -24.13 37.82
N TRP D 219 25.37 -24.27 37.42
CA TRP D 219 24.35 -23.29 37.77
C TRP D 219 24.17 -23.22 39.28
N LYS D 220 24.13 -24.37 39.95
CA LYS D 220 24.02 -24.36 41.41
C LYS D 220 25.23 -23.72 42.06
N GLN D 221 26.43 -24.03 41.56
CA GLN D 221 27.63 -23.42 42.11
C GLN D 221 27.61 -21.90 41.96
N LEU D 222 27.18 -21.42 40.79
CA LEU D 222 27.06 -19.98 40.59
C LEU D 222 26.02 -19.37 41.53
N GLY D 223 24.90 -20.07 41.72
CA GLY D 223 23.84 -19.52 42.55
C GLY D 223 24.21 -19.45 44.02
N GLU D 224 24.96 -20.43 44.52
CA GLU D 224 25.26 -20.48 45.94
C GLU D 224 26.19 -19.35 46.40
N GLU D 225 26.80 -18.63 45.48
CA GLU D 225 27.67 -17.52 45.84
C GLU D 225 26.85 -16.32 46.32
N ASP D 234 26.55 -7.32 39.23
CA ASP D 234 25.96 -8.65 39.10
C ASP D 234 25.31 -8.84 37.73
N ARG D 235 26.05 -8.52 36.67
CA ARG D 235 25.53 -8.66 35.32
C ARG D 235 25.93 -9.99 34.69
N LYS D 236 27.23 -10.21 34.53
CA LYS D 236 27.73 -11.41 33.87
C LYS D 236 27.81 -12.61 34.80
N ILE D 237 27.62 -12.42 36.11
CA ILE D 237 27.35 -13.54 36.99
C ILE D 237 25.95 -14.10 36.71
N VAL D 238 25.08 -13.28 36.14
CA VAL D 238 23.75 -13.72 35.73
C VAL D 238 23.76 -14.21 34.29
N ARG D 239 24.49 -13.52 33.40
CA ARG D 239 24.50 -13.91 31.99
C ARG D 239 25.11 -15.30 31.80
N ARG D 240 26.08 -15.67 32.62
CA ARG D 240 26.61 -17.03 32.57
C ARG D 240 25.55 -18.03 33.02
N LYS D 241 24.75 -17.66 34.02
CA LYS D 241 23.65 -18.52 34.44
C LYS D 241 22.65 -18.74 33.32
N ASP D 242 22.28 -17.66 32.62
CA ASP D 242 21.32 -17.78 31.53
C ASP D 242 21.85 -18.65 30.40
N PHE D 243 23.16 -18.64 30.19
CA PHE D 243 23.75 -19.58 29.24
C PHE D 243 23.57 -21.02 29.71
N LEU D 244 23.76 -21.26 31.01
CA LEU D 244 23.62 -22.61 31.55
C LEU D 244 22.18 -23.09 31.47
N VAL D 245 21.23 -22.21 31.79
CA VAL D 245 19.82 -22.56 31.64
C VAL D 245 19.49 -22.82 30.17
N ARG D 246 20.01 -21.98 29.29
CA ARG D 246 19.76 -22.16 27.86
C ARG D 246 20.38 -23.46 27.35
N ARG D 247 21.56 -23.83 27.85
CA ARG D 247 22.24 -25.00 27.32
C ARG D 247 21.57 -26.29 27.76
N MET D 248 21.16 -26.37 29.04
CA MET D 248 20.48 -27.58 29.49
C MET D 248 19.07 -27.67 28.95
N GLU D 249 18.42 -26.54 28.70
CA GLU D 249 17.17 -26.55 27.96
C GLU D 249 17.37 -27.06 26.54
N LEU D 250 18.42 -26.58 25.88
CA LEU D 250 18.73 -27.04 24.54
C LEU D 250 19.11 -28.53 24.54
N ALA D 251 19.87 -28.96 25.54
CA ALA D 251 20.30 -30.35 25.60
C ALA D 251 19.13 -31.30 25.85
N LYS D 252 18.14 -30.87 26.64
CA LYS D 252 17.00 -31.74 26.94
C LYS D 252 16.20 -32.07 25.69
N HIS D 253 16.01 -31.09 24.80
CA HIS D 253 15.13 -31.29 23.66
C HIS D 253 15.68 -32.32 22.69
N PHE D 254 17.00 -32.49 22.62
CA PHE D 254 17.56 -33.52 21.76
C PHE D 254 17.28 -34.91 22.28
N ILE D 255 17.20 -35.07 23.60
CA ILE D 255 17.02 -36.40 24.18
C ILE D 255 15.63 -36.96 23.85
N ARG D 256 14.60 -36.13 23.98
CA ARG D 256 13.23 -36.61 23.82
C ARG D 256 12.78 -36.66 22.36
N THR D 257 13.48 -35.98 21.46
CA THR D 257 13.12 -36.00 20.05
C THR D 257 13.98 -37.02 19.30
N ASN D 258 13.78 -37.10 18.00
CA ASN D 258 14.58 -37.94 17.12
C ASN D 258 15.62 -37.14 16.35
N ILE D 259 15.85 -35.89 16.73
CA ILE D 259 16.84 -35.04 16.08
C ILE D 259 18.22 -35.36 16.62
N GLU D 260 19.23 -35.25 15.77
CA GLU D 260 20.61 -35.44 16.16
C GLU D 260 21.37 -34.13 16.04
N PRO D 261 22.14 -33.74 17.05
CA PRO D 261 22.84 -32.45 16.98
C PRO D 261 23.89 -32.38 15.88
N GLU D 262 24.33 -33.51 15.33
CA GLU D 262 25.29 -33.46 14.23
C GLU D 262 24.65 -33.17 12.89
N TRP D 263 23.31 -33.18 12.81
CA TRP D 263 22.63 -32.82 11.57
C TRP D 263 22.72 -31.32 11.30
N MET D 264 23.17 -30.53 12.26
CA MET D 264 23.41 -29.11 12.05
C MET D 264 24.63 -28.85 11.17
N VAL D 265 25.40 -29.90 10.86
CA VAL D 265 26.47 -29.85 9.87
C VAL D 265 26.08 -30.80 8.74
N LEU D 266 26.09 -30.30 7.52
CA LEU D 266 25.50 -31.02 6.39
C LEU D 266 26.54 -31.90 5.71
N CYS D 267 26.18 -33.15 5.46
CA CYS D 267 26.97 -34.05 4.64
C CYS D 267 26.45 -34.15 3.21
N LEU D 268 25.15 -33.96 3.01
CA LEU D 268 24.55 -33.92 1.70
C LEU D 268 23.76 -32.62 1.56
N LEU D 269 23.57 -32.19 0.32
CA LEU D 269 22.86 -30.95 0.03
C LEU D 269 21.67 -31.23 -0.86
N PRO D 270 20.44 -31.22 -0.33
CA PRO D 270 19.27 -31.46 -1.19
C PRO D 270 19.13 -30.37 -2.25
N VAL D 271 18.61 -30.77 -3.42
CA VAL D 271 18.53 -29.90 -4.58
C VAL D 271 17.06 -29.67 -4.91
N LEU D 272 16.69 -28.41 -5.10
CA LEU D 272 15.31 -28.05 -5.41
C LEU D 272 14.91 -28.64 -6.76
N PRO D 273 13.65 -29.05 -6.90
CA PRO D 273 13.18 -29.55 -8.19
C PRO D 273 13.32 -28.50 -9.26
N PRO D 274 13.60 -28.89 -10.50
CA PRO D 274 13.85 -27.90 -11.56
C PRO D 274 12.66 -27.00 -11.86
N GLU D 275 11.44 -27.55 -11.81
CA GLU D 275 10.27 -26.77 -12.20
C GLU D 275 9.96 -25.66 -11.20
N LEU D 276 10.57 -25.68 -10.02
CA LEU D 276 10.46 -24.58 -9.07
C LEU D 276 11.56 -23.54 -9.25
N ARG D 277 12.55 -23.82 -10.11
CA ARG D 277 13.61 -22.87 -10.44
C ARG D 277 13.79 -22.86 -11.96
N PRO D 278 12.80 -22.35 -12.70
CA PRO D 278 12.84 -22.40 -14.17
C PRO D 278 13.95 -21.51 -14.74
N ASP D 291 19.06 -17.46 -10.70
CA ASP D 291 19.67 -17.00 -9.46
C ASP D 291 19.95 -18.19 -8.54
N ILE D 292 18.91 -18.96 -8.23
CA ILE D 292 19.07 -20.16 -7.43
C ILE D 292 19.94 -21.18 -8.18
N ASN D 293 19.71 -21.33 -9.49
CA ASN D 293 20.52 -22.23 -10.29
C ASN D 293 21.98 -21.79 -10.32
N GLU D 294 22.23 -20.49 -10.25
CA GLU D 294 23.60 -20.00 -10.21
C GLU D 294 24.31 -20.44 -8.94
N LEU D 295 23.61 -20.37 -7.80
CA LEU D 295 24.21 -20.77 -6.53
C LEU D 295 24.43 -22.27 -6.47
N TYR D 296 23.52 -23.05 -7.08
CA TYR D 296 23.71 -24.50 -7.15
C TYR D 296 24.93 -24.84 -8.01
N ARG D 297 25.17 -24.07 -9.07
CA ARG D 297 26.34 -24.30 -9.91
C ARG D 297 27.63 -24.10 -9.12
N ARG D 298 27.69 -23.05 -8.30
CA ARG D 298 28.91 -22.74 -7.57
C ARG D 298 29.25 -23.85 -6.58
N VAL D 299 28.24 -24.42 -5.93
CA VAL D 299 28.49 -25.55 -5.03
C VAL D 299 29.13 -26.70 -5.79
N ILE D 300 28.56 -27.05 -6.95
CA ILE D 300 29.15 -28.08 -7.79
C ILE D 300 30.47 -27.59 -8.36
N TYR D 301 30.58 -26.30 -8.65
CA TYR D 301 31.83 -25.76 -9.21
C TYR D 301 32.99 -25.92 -8.24
N ARG D 302 32.73 -25.73 -6.95
CA ARG D 302 33.78 -25.80 -5.95
C ARG D 302 33.88 -27.15 -5.25
N ASN D 303 32.80 -27.93 -5.22
CA ASN D 303 32.89 -29.28 -4.67
C ASN D 303 33.61 -30.22 -5.63
N ASN D 304 33.30 -30.13 -6.93
CA ASN D 304 33.99 -30.97 -7.91
C ASN D 304 35.45 -30.57 -8.06
N THR D 305 35.78 -29.30 -7.80
CA THR D 305 37.18 -28.91 -7.73
C THR D 305 37.87 -29.55 -6.54
N LEU D 306 37.17 -29.61 -5.39
CA LEU D 306 37.77 -30.15 -4.18
C LEU D 306 38.05 -31.64 -4.32
N THR D 307 37.14 -32.39 -4.93
CA THR D 307 37.35 -33.82 -5.10
C THR D 307 38.47 -34.13 -6.10
N ASP D 308 38.79 -33.20 -6.99
CA ASP D 308 39.94 -33.38 -7.87
C ASP D 308 41.24 -33.33 -7.08
N LEU D 309 41.33 -32.42 -6.10
CA LEU D 309 42.52 -32.34 -5.26
C LEU D 309 42.71 -33.62 -4.45
N LEU D 310 41.63 -34.17 -3.93
CA LEU D 310 41.71 -35.38 -3.12
C LEU D 310 41.64 -36.63 -3.99
N VAL D 321 44.53 -26.94 -0.26
CA VAL D 321 43.33 -27.76 -0.19
C VAL D 321 42.38 -27.17 0.85
N MET D 322 42.95 -26.50 1.86
CA MET D 322 42.14 -25.89 2.90
C MET D 322 41.27 -24.76 2.34
N CYS D 323 41.83 -23.95 1.43
CA CYS D 323 41.09 -22.84 0.87
C CYS D 323 39.86 -23.31 0.10
N GLN D 324 40.00 -24.38 -0.69
CA GLN D 324 38.87 -24.86 -1.47
C GLN D 324 37.78 -25.44 -0.58
N GLU D 325 38.15 -26.01 0.58
CA GLU D 325 37.14 -26.46 1.53
C GLU D 325 36.31 -25.28 2.04
N LYS D 326 36.95 -24.14 2.28
CA LYS D 326 36.21 -22.96 2.72
C LYS D 326 35.33 -22.41 1.61
N LEU D 327 35.78 -22.48 0.36
CA LEU D 327 34.98 -21.98 -0.75
C LEU D 327 33.69 -22.76 -0.92
N VAL D 328 33.74 -24.08 -0.71
CA VAL D 328 32.53 -24.89 -0.74
C VAL D 328 31.58 -24.46 0.37
N GLN D 329 32.12 -24.22 1.56
CA GLN D 329 31.28 -23.83 2.69
C GLN D 329 30.59 -22.50 2.43
N GLU D 330 31.32 -21.53 1.88
CA GLU D 330 30.72 -20.23 1.58
C GLU D 330 29.70 -20.33 0.46
N ALA D 331 29.90 -21.24 -0.49
CA ALA D 331 28.91 -21.45 -1.53
C ALA D 331 27.59 -21.95 -0.94
N VAL D 332 27.67 -22.84 0.04
CA VAL D 332 26.45 -23.34 0.67
C VAL D 332 25.79 -22.26 1.51
N ASP D 333 26.59 -21.44 2.19
CA ASP D 333 26.03 -20.36 3.00
C ASP D 333 25.27 -19.35 2.14
N THR D 334 25.87 -18.96 1.01
CA THR D 334 25.19 -18.04 0.10
C THR D 334 23.92 -18.68 -0.46
N LEU D 335 23.99 -19.97 -0.80
CA LEU D 335 22.80 -20.68 -1.26
C LEU D 335 21.72 -20.72 -0.19
N LEU D 336 22.11 -20.99 1.06
CA LEU D 336 21.14 -21.14 2.12
C LEU D 336 20.70 -19.81 2.70
N ASP D 337 21.66 -18.95 3.07
CA ASP D 337 21.31 -17.69 3.72
C ASP D 337 22.42 -16.67 3.46
N ASN D 338 22.14 -15.71 2.59
CA ASN D 338 23.02 -14.58 2.36
C ASN D 338 22.66 -13.42 3.30
N GLY D 339 23.66 -12.58 3.56
CA GLY D 339 23.43 -11.37 4.33
C GLY D 339 23.68 -11.46 5.83
N ILE D 340 23.90 -12.67 6.35
CA ILE D 340 24.20 -12.82 7.78
C ILE D 340 25.69 -12.65 8.08
N ARG D 341 26.57 -12.89 7.11
CA ARG D 341 28.01 -12.90 7.32
C ARG D 341 28.65 -11.52 7.12
N GLY D 342 27.90 -10.45 7.33
CA GLY D 342 28.42 -9.12 7.13
C GLY D 342 28.22 -8.65 5.70
N GLN D 343 29.27 -8.75 4.89
CA GLN D 343 29.15 -8.47 3.47
C GLN D 343 28.51 -9.66 2.77
N PRO D 344 27.36 -9.50 2.11
CA PRO D 344 26.77 -10.61 1.38
C PRO D 344 27.34 -10.71 -0.02
N MET D 345 27.54 -11.95 -0.47
CA MET D 345 28.13 -12.18 -1.78
C MET D 345 27.22 -11.65 -2.87
N ARG D 346 27.82 -10.91 -3.81
CA ARG D 346 27.10 -10.34 -4.94
C ARG D 346 27.47 -11.06 -6.23
N ASP D 347 26.73 -10.76 -7.29
CA ASP D 347 26.98 -11.32 -8.60
C ASP D 347 27.86 -10.35 -9.40
N GLY D 348 27.99 -10.61 -10.71
CA GLY D 348 28.80 -9.75 -11.54
C GLY D 348 28.27 -8.35 -11.69
N HIS D 349 26.97 -8.15 -11.47
CA HIS D 349 26.34 -6.84 -11.59
C HIS D 349 26.33 -6.07 -10.28
N ASN D 350 27.11 -6.51 -9.29
CA ASN D 350 27.12 -5.91 -7.95
C ASN D 350 25.71 -5.89 -7.36
N LYS D 351 25.01 -7.00 -7.49
CA LYS D 351 23.69 -7.19 -6.92
C LYS D 351 23.73 -8.37 -5.96
N VAL D 352 23.13 -8.20 -4.78
CA VAL D 352 23.16 -9.24 -3.77
C VAL D 352 22.36 -10.44 -4.24
N TYR D 353 22.92 -11.63 -4.05
CA TYR D 353 22.19 -12.85 -4.37
C TYR D 353 20.99 -13.03 -3.44
N LYS D 354 20.03 -13.81 -3.88
CA LYS D 354 18.82 -14.09 -3.12
C LYS D 354 18.83 -15.57 -2.74
N SER D 355 18.84 -15.84 -1.44
CA SER D 355 18.93 -17.19 -0.92
C SER D 355 17.54 -17.74 -0.60
N PHE D 356 17.51 -18.99 -0.12
CA PHE D 356 16.24 -19.60 0.27
C PHE D 356 15.62 -18.87 1.44
N SER D 357 16.43 -18.43 2.40
CA SER D 357 15.91 -17.66 3.52
C SER D 357 15.25 -16.37 3.04
N ASP D 358 15.87 -15.70 2.07
CA ASP D 358 15.28 -14.47 1.53
C ASP D 358 13.95 -14.75 0.85
N VAL D 359 13.85 -15.87 0.14
CA VAL D 359 12.63 -16.17 -0.62
C VAL D 359 11.52 -16.76 0.25
N ILE D 360 11.84 -17.26 1.44
CA ILE D 360 10.81 -17.74 2.34
C ILE D 360 10.39 -16.71 3.38
N GLU D 361 11.21 -15.69 3.61
CA GLU D 361 10.93 -14.68 4.63
C GLU D 361 10.60 -13.35 3.99
N GLY D 362 10.13 -12.42 4.81
CA GLY D 362 9.79 -11.08 4.36
C GLY D 362 8.35 -10.96 3.91
N LYS D 363 7.95 -9.72 3.64
CA LYS D 363 6.58 -9.46 3.19
C LYS D 363 6.30 -10.11 1.84
N GLU D 364 7.31 -10.18 0.97
CA GLU D 364 7.16 -10.78 -0.35
C GLU D 364 7.56 -12.26 -0.38
N GLY D 365 7.80 -12.86 0.78
CA GLY D 365 8.21 -14.24 0.84
C GLY D 365 7.06 -15.20 0.61
N ARG D 366 7.37 -16.49 0.76
CA ARG D 366 6.37 -17.52 0.50
C ARG D 366 5.21 -17.44 1.50
N PHE D 367 5.52 -17.26 2.79
CA PHE D 367 4.49 -17.30 3.81
C PHE D 367 3.51 -16.15 3.67
N ARG D 368 4.02 -14.93 3.53
CA ARG D 368 3.17 -13.74 3.59
C ARG D 368 2.62 -13.30 2.24
N GLU D 369 3.07 -13.89 1.14
CA GLU D 369 2.60 -13.46 -0.17
C GLU D 369 1.92 -14.56 -0.97
N THR D 370 2.43 -15.79 -0.92
CA THR D 370 1.87 -16.88 -1.69
C THR D 370 0.83 -17.67 -0.91
N LEU D 371 0.98 -17.77 0.41
CA LEU D 371 0.13 -18.63 1.22
C LEU D 371 -1.00 -17.89 1.92
N LEU D 372 -0.76 -16.69 2.43
CA LEU D 372 -1.80 -15.95 3.14
C LEU D 372 -2.74 -15.20 2.19
N GLY D 373 -2.39 -15.09 0.92
CA GLY D 373 -3.25 -14.47 -0.06
C GLY D 373 -3.04 -15.06 -1.43
N LYS D 374 -4.12 -15.26 -2.19
CA LYS D 374 -4.02 -15.91 -3.49
C LYS D 374 -4.85 -15.17 -4.52
N ARG D 375 -4.45 -15.28 -5.78
CA ARG D 375 -5.24 -14.81 -6.90
C ARG D 375 -6.16 -15.94 -7.36
N VAL D 376 -7.38 -15.60 -7.74
CA VAL D 376 -8.41 -16.59 -7.95
C VAL D 376 -9.01 -16.46 -9.34
N ASP D 377 -9.60 -17.56 -9.81
CA ASP D 377 -10.36 -17.59 -11.05
C ASP D 377 -11.78 -17.11 -10.80
N TYR D 378 -12.55 -16.98 -11.89
CA TYR D 378 -13.95 -16.57 -11.81
C TYR D 378 -14.11 -15.25 -11.07
N SER D 379 -13.22 -14.31 -11.38
CA SER D 379 -13.21 -13.00 -10.75
C SER D 379 -13.08 -11.91 -11.79
N GLY D 380 -13.68 -10.76 -11.50
CA GLY D 380 -13.65 -9.64 -12.42
C GLY D 380 -13.41 -8.31 -11.71
N ARG D 381 -13.50 -7.21 -12.46
CA ARG D 381 -13.23 -5.89 -11.90
C ARG D 381 -13.69 -4.83 -12.89
N SER D 382 -14.26 -3.75 -12.38
CA SER D 382 -14.69 -2.63 -13.20
C SER D 382 -14.94 -1.43 -12.29
N VAL D 383 -15.19 -0.29 -12.92
CA VAL D 383 -15.53 0.91 -12.17
C VAL D 383 -16.97 0.81 -11.68
N ILE D 384 -17.23 1.34 -10.49
CA ILE D 384 -18.54 1.28 -9.87
C ILE D 384 -19.24 2.62 -10.03
N VAL D 385 -20.51 2.57 -10.42
CA VAL D 385 -21.36 3.75 -10.49
C VAL D 385 -22.55 3.53 -9.58
N VAL D 386 -23.21 4.62 -9.23
CA VAL D 386 -24.32 4.57 -8.29
C VAL D 386 -25.60 4.18 -9.00
N GLY D 387 -26.36 3.27 -8.41
CA GLY D 387 -27.72 3.01 -8.84
C GLY D 387 -28.69 3.20 -7.70
N PRO D 388 -29.50 4.27 -7.76
CA PRO D 388 -30.48 4.52 -6.71
C PRO D 388 -31.76 3.71 -6.85
N SER D 389 -32.00 3.08 -7.99
CA SER D 389 -33.17 2.25 -8.19
C SER D 389 -32.94 0.80 -7.76
N LEU D 390 -31.72 0.43 -7.43
CA LEU D 390 -31.43 -0.94 -7.02
C LEU D 390 -32.07 -1.25 -5.68
N SER D 391 -32.35 -2.53 -5.45
CA SER D 391 -32.74 -2.99 -4.14
C SER D 391 -31.49 -3.12 -3.26
N LEU D 392 -31.72 -3.20 -1.94
CA LEU D 392 -30.61 -3.27 -1.02
C LEU D 392 -29.82 -4.57 -1.14
N HIS D 393 -30.39 -5.60 -1.78
CA HIS D 393 -29.74 -6.88 -1.93
C HIS D 393 -29.32 -7.16 -3.37
N ARG D 394 -29.25 -6.15 -4.21
CA ARG D 394 -28.95 -6.33 -5.62
C ARG D 394 -27.75 -5.50 -6.04
N CYS D 395 -27.09 -5.96 -7.10
CA CYS D 395 -26.03 -5.22 -7.77
C CYS D 395 -26.19 -5.40 -9.27
N GLY D 396 -25.52 -4.55 -10.03
CA GLY D 396 -25.54 -4.60 -11.48
C GLY D 396 -24.19 -5.03 -12.03
N LEU D 397 -24.22 -6.00 -12.94
CA LEU D 397 -23.00 -6.52 -13.54
C LEU D 397 -22.97 -6.22 -15.03
N PRO D 398 -21.83 -5.79 -15.56
CA PRO D 398 -21.70 -5.63 -17.01
C PRO D 398 -21.82 -6.97 -17.71
N ARG D 399 -22.24 -6.92 -18.98
CA ARG D 399 -22.42 -8.14 -19.76
C ARG D 399 -21.11 -8.90 -19.89
N GLU D 400 -20.00 -8.21 -20.07
CA GLU D 400 -18.72 -8.88 -20.29
C GLU D 400 -18.25 -9.58 -19.03
N ILE D 401 -18.28 -8.88 -17.89
CA ILE D 401 -17.88 -9.50 -16.63
C ILE D 401 -18.78 -10.68 -16.31
N ALA D 402 -20.09 -10.51 -16.49
CA ALA D 402 -21.02 -11.59 -16.19
C ALA D 402 -20.80 -12.80 -17.10
N ILE D 403 -20.57 -12.57 -18.39
CA ILE D 403 -20.39 -13.69 -19.30
C ILE D 403 -19.05 -14.38 -19.05
N GLU D 404 -18.05 -13.64 -18.59
CA GLU D 404 -16.78 -14.29 -18.23
C GLU D 404 -16.94 -15.11 -16.96
N LEU D 405 -17.54 -14.53 -15.92
CA LEU D 405 -17.62 -15.20 -14.63
C LEU D 405 -18.52 -16.44 -14.69
N PHE D 406 -19.66 -16.35 -15.37
CA PHE D 406 -20.62 -17.43 -15.47
C PHE D 406 -20.48 -18.24 -16.75
N GLN D 407 -19.28 -18.34 -17.30
CA GLN D 407 -19.11 -18.95 -18.61
C GLN D 407 -19.49 -20.42 -18.60
N THR D 408 -19.03 -21.16 -17.58
CA THR D 408 -19.33 -22.59 -17.52
C THR D 408 -20.82 -22.83 -17.33
N PHE D 409 -21.48 -21.99 -16.53
CA PHE D 409 -22.92 -22.13 -16.36
C PHE D 409 -23.68 -21.79 -17.64
N VAL D 410 -23.19 -20.84 -18.42
CA VAL D 410 -23.81 -20.54 -19.70
C VAL D 410 -23.62 -21.71 -20.67
N ILE D 411 -22.45 -22.34 -20.63
CA ILE D 411 -22.22 -23.53 -21.45
C ILE D 411 -23.18 -24.64 -21.07
N ARG D 412 -23.37 -24.86 -19.77
CA ARG D 412 -24.32 -25.87 -19.33
C ARG D 412 -25.74 -25.52 -19.77
N GLY D 413 -26.12 -24.26 -19.67
CA GLY D 413 -27.44 -23.85 -20.13
C GLY D 413 -27.64 -24.06 -21.61
N LEU D 414 -26.60 -23.77 -22.40
CA LEU D 414 -26.68 -23.99 -23.85
C LEU D 414 -26.84 -25.47 -24.16
N ILE D 415 -25.99 -26.31 -23.58
CA ILE D 415 -26.02 -27.74 -23.90
C ILE D 415 -27.30 -28.38 -23.39
N ARG D 416 -27.79 -27.93 -22.22
CA ARG D 416 -28.91 -28.61 -21.58
C ARG D 416 -30.17 -28.54 -22.42
N GLN D 417 -30.45 -27.39 -23.05
CA GLN D 417 -31.61 -27.24 -23.90
C GLN D 417 -31.29 -27.47 -25.38
N HIS D 418 -30.29 -28.30 -25.65
CA HIS D 418 -30.01 -28.83 -26.98
C HIS D 418 -29.68 -27.76 -28.01
N LEU D 419 -29.29 -26.57 -27.57
CA LEU D 419 -28.90 -25.52 -28.50
C LEU D 419 -27.41 -25.54 -28.82
N ALA D 420 -26.63 -26.39 -28.14
CA ALA D 420 -25.23 -26.59 -28.45
C ALA D 420 -24.94 -28.09 -28.49
N SER D 421 -24.20 -28.51 -29.50
CA SER D 421 -23.91 -29.93 -29.66
C SER D 421 -22.89 -30.41 -28.64
N ASN D 422 -21.84 -29.63 -28.40
CA ASN D 422 -20.79 -30.01 -27.47
C ASN D 422 -20.28 -28.76 -26.76
N ILE D 423 -19.19 -28.93 -26.01
CA ILE D 423 -18.61 -27.80 -25.28
C ILE D 423 -17.96 -26.82 -26.24
N GLY D 424 -17.25 -27.31 -27.25
CA GLY D 424 -16.58 -26.43 -28.18
C GLY D 424 -17.54 -25.56 -28.96
N VAL D 425 -18.65 -26.15 -29.43
CA VAL D 425 -19.64 -25.37 -30.15
C VAL D 425 -20.26 -24.31 -29.25
N ALA D 426 -20.52 -24.66 -27.98
CA ALA D 426 -21.07 -23.68 -27.04
C ALA D 426 -20.10 -22.53 -26.81
N LYS D 427 -18.81 -22.84 -26.65
CA LYS D 427 -17.83 -21.79 -26.46
C LYS D 427 -17.71 -20.91 -27.69
N SER D 428 -17.78 -21.51 -28.88
CA SER D 428 -17.77 -20.72 -30.11
C SER D 428 -18.98 -19.79 -30.18
N GLN D 429 -20.16 -20.30 -29.78
CA GLN D 429 -21.35 -19.45 -29.74
C GLN D 429 -21.18 -18.31 -28.75
N ILE D 430 -20.57 -18.58 -27.60
CA ILE D 430 -20.33 -17.53 -26.61
C ILE D 430 -19.38 -16.48 -27.16
N ARG D 431 -18.36 -16.90 -27.91
CA ARG D 431 -17.43 -15.94 -28.49
C ARG D 431 -18.09 -15.05 -29.53
N GLU D 432 -19.11 -15.56 -30.21
CA GLU D 432 -19.77 -14.82 -31.28
C GLU D 432 -20.81 -13.83 -30.77
N LYS D 433 -21.08 -13.80 -29.46
CA LYS D 433 -22.06 -12.92 -28.87
C LYS D 433 -23.44 -13.13 -29.51
N LYS D 434 -23.83 -14.40 -29.63
CA LYS D 434 -25.13 -14.72 -30.18
C LYS D 434 -26.23 -14.25 -29.24
N PRO D 435 -27.38 -13.80 -29.78
CA PRO D 435 -28.43 -13.24 -28.92
C PRO D 435 -29.02 -14.23 -27.94
N ILE D 436 -28.87 -15.54 -28.17
CA ILE D 436 -29.40 -16.53 -27.23
C ILE D 436 -28.45 -16.81 -26.09
N VAL D 437 -27.19 -16.36 -26.19
CA VAL D 437 -26.26 -16.52 -25.08
C VAL D 437 -26.71 -15.67 -23.90
N TRP D 438 -27.29 -14.50 -24.19
CA TRP D 438 -27.67 -13.58 -23.12
C TRP D 438 -28.93 -14.02 -22.38
N GLU D 439 -29.85 -14.70 -23.07
CA GLU D 439 -31.00 -15.26 -22.37
C GLU D 439 -30.57 -16.32 -21.37
N ILE D 440 -29.65 -17.19 -21.77
CA ILE D 440 -29.18 -18.23 -20.87
C ILE D 440 -28.38 -17.63 -19.72
N LEU D 441 -27.58 -16.61 -20.01
CA LEU D 441 -26.84 -15.93 -18.95
C LEU D 441 -27.79 -15.30 -17.94
N GLN D 442 -28.82 -14.60 -18.43
CA GLN D 442 -29.78 -13.99 -17.53
C GLN D 442 -30.56 -15.03 -16.75
N GLU D 443 -30.79 -16.21 -17.34
CA GLU D 443 -31.49 -17.27 -16.62
C GLU D 443 -30.63 -17.87 -15.52
N VAL D 444 -29.35 -18.14 -15.83
CA VAL D 444 -28.49 -18.80 -14.87
C VAL D 444 -27.99 -17.85 -13.79
N MET D 445 -28.02 -16.54 -14.02
CA MET D 445 -27.62 -15.61 -12.97
C MET D 445 -28.68 -15.46 -11.89
N GLN D 446 -29.92 -15.88 -12.16
CA GLN D 446 -30.98 -15.78 -11.16
C GLN D 446 -30.71 -16.75 -10.03
N GLY D 447 -30.69 -16.23 -8.80
CA GLY D 447 -30.48 -17.06 -7.63
C GLY D 447 -29.04 -17.41 -7.34
N HIS D 448 -28.09 -16.95 -8.14
CA HIS D 448 -26.68 -17.21 -7.91
C HIS D 448 -26.00 -15.94 -7.44
N PRO D 449 -25.60 -15.85 -6.17
CA PRO D 449 -25.04 -14.60 -5.65
C PRO D 449 -23.59 -14.39 -6.08
N VAL D 450 -23.13 -13.16 -5.92
CA VAL D 450 -21.75 -12.79 -6.19
C VAL D 450 -21.23 -12.00 -4.99
N LEU D 451 -19.91 -11.90 -4.90
CA LEU D 451 -19.25 -11.20 -3.82
C LEU D 451 -18.53 -9.97 -4.37
N LEU D 452 -18.87 -8.80 -3.85
CA LEU D 452 -18.19 -7.56 -4.19
C LEU D 452 -17.16 -7.23 -3.13
N ASN D 453 -16.14 -6.47 -3.52
CA ASN D 453 -15.03 -6.20 -2.63
C ASN D 453 -14.30 -4.94 -3.09
N ARG D 454 -14.18 -3.96 -2.21
CA ARG D 454 -13.34 -2.82 -2.47
C ARG D 454 -11.94 -3.07 -1.93
N ALA D 455 -10.99 -2.25 -2.39
CA ALA D 455 -9.58 -2.58 -2.20
C ALA D 455 -9.17 -2.59 -0.73
N PRO D 456 -9.27 -1.47 0.03
CA PRO D 456 -8.78 -1.51 1.42
C PRO D 456 -9.79 -2.13 2.36
N THR D 457 -9.81 -3.46 2.43
CA THR D 457 -10.77 -4.16 3.28
C THR D 457 -10.41 -3.99 4.75
N LEU D 458 -10.97 -2.97 5.39
CA LEU D 458 -10.61 -2.64 6.76
C LEU D 458 -11.42 -3.42 7.80
N HIS D 459 -12.64 -3.83 7.45
CA HIS D 459 -13.46 -4.67 8.31
C HIS D 459 -14.19 -5.67 7.43
N ARG D 460 -15.05 -6.50 8.04
CA ARG D 460 -15.66 -7.58 7.29
C ARG D 460 -16.73 -7.08 6.32
N LEU D 461 -17.33 -5.92 6.57
CA LEU D 461 -18.27 -5.35 5.62
C LEU D 461 -17.60 -4.78 4.37
N GLY D 462 -16.28 -4.92 4.25
CA GLY D 462 -15.60 -4.55 3.03
C GLY D 462 -15.81 -5.51 1.89
N ILE D 463 -16.37 -6.69 2.16
CA ILE D 463 -16.82 -7.62 1.13
C ILE D 463 -18.22 -8.08 1.51
N GLN D 464 -19.16 -7.93 0.58
CA GLN D 464 -20.56 -8.28 0.81
C GLN D 464 -21.08 -9.04 -0.40
N SER D 465 -22.24 -9.66 -0.22
CA SER D 465 -22.84 -10.51 -1.25
C SER D 465 -24.13 -9.86 -1.75
N PHE D 466 -24.33 -9.92 -3.07
CA PHE D 466 -25.48 -9.31 -3.71
C PHE D 466 -26.02 -10.26 -4.77
N GLN D 467 -27.25 -9.98 -5.22
CA GLN D 467 -27.85 -10.73 -6.32
C GLN D 467 -27.57 -9.98 -7.61
N PRO D 468 -26.78 -10.53 -8.54
CA PRO D 468 -26.42 -9.80 -9.75
C PRO D 468 -27.57 -9.73 -10.75
N ILE D 469 -27.66 -8.59 -11.42
CA ILE D 469 -28.58 -8.41 -12.55
C ILE D 469 -27.79 -7.81 -13.71
N LEU D 470 -28.26 -8.07 -14.92
CA LEU D 470 -27.57 -7.59 -16.11
C LEU D 470 -27.94 -6.13 -16.37
N VAL D 471 -26.93 -5.27 -16.45
CA VAL D 471 -27.13 -3.85 -16.74
C VAL D 471 -26.30 -3.50 -17.96
N GLU D 472 -26.77 -2.50 -18.70
CA GLU D 472 -26.03 -2.05 -19.87
C GLU D 472 -24.80 -1.25 -19.46
N GLY D 473 -23.81 -1.24 -20.34
CA GLY D 473 -22.57 -0.53 -20.10
C GLY D 473 -21.46 -1.45 -19.65
N ARG D 474 -20.46 -0.84 -19.03
CA ARG D 474 -19.27 -1.56 -18.57
C ARG D 474 -18.94 -1.25 -17.12
N THR D 475 -19.91 -0.79 -16.34
CA THR D 475 -19.69 -0.41 -14.95
C THR D 475 -20.52 -1.28 -14.03
N ILE D 476 -20.08 -1.39 -12.79
CA ILE D 476 -20.78 -2.14 -11.76
C ILE D 476 -21.76 -1.19 -11.07
N CYS D 477 -23.02 -1.58 -11.03
CA CYS D 477 -24.05 -0.75 -10.40
C CYS D 477 -24.13 -1.13 -8.92
N LEU D 478 -23.97 -0.13 -8.05
CA LEU D 478 -23.90 -0.35 -6.61
C LEU D 478 -24.99 0.44 -5.91
N HIS D 479 -25.59 -0.17 -4.88
CA HIS D 479 -26.61 0.49 -4.10
C HIS D 479 -25.99 1.65 -3.32
N PRO D 480 -26.71 2.75 -3.13
CA PRO D 480 -26.13 3.90 -2.42
C PRO D 480 -26.00 3.68 -0.92
N LEU D 481 -26.83 2.84 -0.32
CA LEU D 481 -26.82 2.67 1.13
C LEU D 481 -25.70 1.74 1.62
N VAL D 482 -25.03 1.04 0.72
CA VAL D 482 -23.94 0.15 1.12
C VAL D 482 -22.57 0.78 0.86
N CYS D 483 -22.53 2.05 0.48
CA CYS D 483 -21.26 2.70 0.19
C CYS D 483 -20.47 2.98 1.46
N LYS D 484 -21.15 3.27 2.57
CA LYS D 484 -20.44 3.57 3.81
C LYS D 484 -19.71 2.34 4.34
N GLY D 485 -20.32 1.16 4.21
CA GLY D 485 -19.65 -0.06 4.64
C GLY D 485 -18.40 -0.35 3.82
N PHE D 486 -18.48 -0.17 2.50
CA PHE D 486 -17.32 -0.29 1.63
C PHE D 486 -16.40 0.92 1.70
N ASN D 487 -16.83 2.01 2.32
CA ASN D 487 -16.11 3.28 2.29
C ASN D 487 -15.85 3.71 0.85
N ALA D 488 -16.89 3.62 0.03
CA ALA D 488 -16.80 3.86 -1.40
C ALA D 488 -17.55 5.12 -1.80
N ASP D 489 -16.93 5.91 -2.67
CA ASP D 489 -17.59 7.00 -3.36
C ASP D 489 -17.32 6.87 -4.86
N PHE D 490 -18.16 7.51 -5.65
CA PHE D 490 -18.16 7.30 -7.10
C PHE D 490 -17.35 8.39 -7.81
N ASP D 491 -16.05 8.39 -7.51
CA ASP D 491 -15.11 9.31 -8.15
C ASP D 491 -13.91 8.58 -8.73
N GLY D 492 -14.04 7.28 -9.00
CA GLY D 492 -12.95 6.53 -9.60
C GLY D 492 -12.72 5.18 -8.95
N ASP D 493 -13.48 4.86 -7.92
CA ASP D 493 -13.28 3.60 -7.21
C ASP D 493 -13.68 2.41 -8.07
N GLN D 494 -13.07 1.27 -7.80
CA GLN D 494 -13.35 0.04 -8.50
C GLN D 494 -13.56 -1.08 -7.49
N MET D 495 -14.21 -2.15 -7.95
CA MET D 495 -14.52 -3.29 -7.09
C MET D 495 -14.22 -4.58 -7.83
N ALA D 496 -13.92 -5.62 -7.06
CA ALA D 496 -13.72 -6.96 -7.58
C ALA D 496 -14.96 -7.80 -7.32
N VAL D 497 -15.26 -8.71 -8.24
CA VAL D 497 -16.44 -9.56 -8.16
C VAL D 497 -15.98 -11.01 -8.12
N HIS D 498 -16.62 -11.82 -7.28
CA HIS D 498 -16.30 -13.23 -7.15
C HIS D 498 -17.58 -14.04 -7.19
N VAL D 499 -17.49 -15.24 -7.75
CA VAL D 499 -18.63 -16.13 -7.94
C VAL D 499 -18.42 -17.36 -7.07
N PRO D 500 -19.26 -17.60 -6.06
CA PRO D 500 -19.23 -18.89 -5.37
C PRO D 500 -19.69 -20.01 -6.30
N LEU D 501 -18.93 -21.11 -6.31
CA LEU D 501 -19.17 -22.20 -7.24
C LEU D 501 -19.95 -23.35 -6.61
N SER D 502 -19.44 -23.92 -5.52
CA SER D 502 -20.11 -25.04 -4.88
C SER D 502 -21.38 -24.57 -4.18
N LEU D 503 -22.26 -25.53 -3.92
CA LEU D 503 -23.52 -25.21 -3.24
C LEU D 503 -23.27 -24.71 -1.82
N GLU D 504 -22.25 -25.23 -1.15
CA GLU D 504 -21.95 -24.75 0.21
C GLU D 504 -21.55 -23.29 0.19
N ALA D 505 -20.71 -22.88 -0.77
CA ALA D 505 -20.30 -21.49 -0.86
C ALA D 505 -21.46 -20.58 -1.21
N GLN D 506 -22.33 -21.02 -2.13
CA GLN D 506 -23.51 -20.22 -2.48
C GLN D 506 -24.44 -20.07 -1.28
N ALA D 507 -24.63 -21.15 -0.52
CA ALA D 507 -25.45 -21.07 0.69
C ALA D 507 -24.84 -20.11 1.70
N GLU D 508 -23.51 -20.17 1.87
CA GLU D 508 -22.84 -19.26 2.80
C GLU D 508 -23.02 -17.81 2.37
N ALA D 509 -22.84 -17.54 1.08
CA ALA D 509 -23.00 -16.18 0.57
C ALA D 509 -24.43 -15.69 0.72
N ARG D 510 -25.42 -16.56 0.48
CA ARG D 510 -26.80 -16.13 0.53
C ARG D 510 -27.29 -15.96 1.97
N LEU D 511 -26.84 -16.81 2.89
CA LEU D 511 -27.38 -16.84 4.24
C LEU D 511 -26.50 -16.14 5.27
N LEU D 512 -25.33 -15.64 4.89
CA LEU D 512 -24.46 -15.02 5.89
C LEU D 512 -23.94 -13.65 5.47
N MET D 513 -23.78 -13.43 4.17
CA MET D 513 -23.07 -12.25 3.68
C MET D 513 -23.96 -11.22 2.99
N PHE D 514 -25.25 -11.47 2.88
CA PHE D 514 -26.13 -10.51 2.22
C PHE D 514 -26.33 -9.28 3.10
N SER D 515 -26.58 -8.15 2.45
CA SER D 515 -26.60 -6.86 3.14
C SER D 515 -27.79 -6.71 4.07
N HIS D 516 -28.92 -7.34 3.77
CA HIS D 516 -30.10 -7.16 4.60
C HIS D 516 -30.01 -7.86 5.95
N MET D 517 -29.02 -8.73 6.15
CA MET D 517 -28.79 -9.36 7.43
C MET D 517 -27.55 -8.80 8.13
N ASN D 518 -26.94 -7.76 7.57
CA ASN D 518 -25.75 -7.13 8.11
C ASN D 518 -25.96 -5.63 8.28
N LEU D 519 -27.08 -5.26 8.88
CA LEU D 519 -27.42 -3.86 9.07
C LEU D 519 -26.68 -3.21 10.24
N LEU D 520 -26.02 -4.00 11.09
CA LEU D 520 -25.30 -3.47 12.24
C LEU D 520 -23.81 -3.71 12.08
N SER D 521 -23.01 -2.75 12.53
CA SER D 521 -21.57 -2.86 12.49
C SER D 521 -21.07 -3.62 13.72
N PRO D 522 -20.15 -4.57 13.53
CA PRO D 522 -19.68 -5.36 14.68
C PRO D 522 -18.86 -4.57 15.69
N ALA D 523 -18.38 -3.38 15.33
CA ALA D 523 -17.49 -2.64 16.23
C ALA D 523 -18.22 -2.23 17.50
N ILE D 524 -19.38 -1.59 17.37
CA ILE D 524 -20.10 -1.09 18.54
C ILE D 524 -21.56 -1.51 18.46
N GLY D 525 -21.99 -1.97 17.29
CA GLY D 525 -23.38 -2.32 17.08
C GLY D 525 -24.25 -1.25 16.48
N ASP D 526 -23.65 -0.19 15.94
CA ASP D 526 -24.43 0.87 15.32
C ASP D 526 -24.86 0.48 13.91
N PRO D 527 -25.97 1.02 13.42
CA PRO D 527 -26.38 0.75 12.04
C PRO D 527 -25.34 1.25 11.04
N ILE D 528 -25.16 0.50 9.96
CA ILE D 528 -24.16 0.85 8.96
C ILE D 528 -24.85 1.37 7.70
N SER D 529 -26.06 0.89 7.44
CA SER D 529 -26.83 1.31 6.26
C SER D 529 -27.84 2.39 6.64
N VAL D 530 -27.33 3.54 7.06
CA VAL D 530 -28.16 4.68 7.45
C VAL D 530 -28.13 5.71 6.31
N PRO D 531 -29.26 6.34 6.00
CA PRO D 531 -29.25 7.37 4.95
C PRO D 531 -28.27 8.49 5.27
N THR D 532 -27.55 8.94 4.24
CA THR D 532 -26.53 9.94 4.40
C THR D 532 -26.63 10.98 3.29
N GLN D 533 -26.16 12.19 3.59
CA GLN D 533 -26.00 13.26 2.61
C GLN D 533 -27.31 13.66 1.93
N ASP D 534 -27.47 13.27 0.67
CA ASP D 534 -28.64 13.72 -0.10
C ASP D 534 -29.94 13.23 0.51
N MET D 535 -30.00 11.95 0.89
CA MET D 535 -31.20 11.42 1.53
C MET D 535 -31.46 12.10 2.86
N LEU D 536 -30.39 12.33 3.63
CA LEU D 536 -30.53 13.00 4.92
C LEU D 536 -31.02 14.43 4.74
N ILE D 537 -30.51 15.14 3.74
CA ILE D 537 -30.98 16.50 3.46
C ILE D 537 -32.44 16.48 3.04
N GLY D 538 -32.82 15.51 2.21
CA GLY D 538 -34.22 15.42 1.80
C GLY D 538 -35.14 15.18 2.98
N LEU D 539 -34.76 14.27 3.88
CA LEU D 539 -35.56 14.01 5.07
C LEU D 539 -35.62 15.23 5.98
N TYR D 540 -34.48 15.93 6.13
CA TYR D 540 -34.45 17.10 7.00
C TYR D 540 -35.35 18.20 6.46
N VAL D 541 -35.36 18.41 5.14
CA VAL D 541 -36.24 19.40 4.54
C VAL D 541 -37.69 18.95 4.65
N LEU D 542 -37.95 17.65 4.47
CA LEU D 542 -39.31 17.15 4.55
C LEU D 542 -39.90 17.35 5.95
N THR D 543 -39.11 17.07 6.98
CA THR D 543 -39.61 17.09 8.34
C THR D 543 -39.33 18.41 9.06
N SER D 544 -38.81 19.42 8.35
CA SER D 544 -38.69 20.75 8.91
C SER D 544 -40.05 21.43 8.81
N GLY D 545 -40.69 21.69 9.94
CA GLY D 545 -42.08 22.11 9.95
C GLY D 545 -42.33 23.54 9.52
N THR D 546 -43.41 24.11 10.04
CA THR D 546 -43.85 25.44 9.63
C THR D 546 -42.89 26.51 10.13
N ARG D 547 -42.83 27.62 9.39
CA ARG D 547 -42.28 28.85 9.94
C ARG D 547 -43.20 29.36 11.03
N ARG D 548 -42.62 29.79 12.14
CA ARG D 548 -43.39 30.09 13.34
C ARG D 548 -43.00 31.44 13.91
N GLY D 549 -43.97 32.10 14.53
CA GLY D 549 -43.69 33.33 15.23
C GLY D 549 -43.49 34.49 14.28
N ILE D 550 -42.43 35.26 14.50
CA ILE D 550 -42.14 36.42 13.67
C ILE D 550 -41.70 36.04 12.27
N CYS D 551 -41.34 34.78 12.04
CA CYS D 551 -41.00 34.30 10.72
C CYS D 551 -42.20 33.80 9.93
N ALA D 552 -43.40 33.90 10.50
CA ALA D 552 -44.63 33.50 9.83
C ALA D 552 -45.58 34.66 9.59
N ASN D 553 -45.68 35.58 10.54
CA ASN D 553 -46.54 36.75 10.40
C ASN D 553 -45.71 38.00 10.61
N ARG D 554 -45.97 39.03 9.81
CA ARG D 554 -45.28 40.30 10.00
C ARG D 554 -45.74 40.99 11.28
N TYR D 555 -47.03 40.89 11.58
CA TYR D 555 -47.61 41.54 12.75
C TYR D 555 -48.05 40.51 13.78
N ASN D 556 -48.09 40.94 15.03
CA ASN D 556 -48.54 40.09 16.12
C ASN D 556 -50.01 39.72 15.90
N PRO D 557 -50.36 38.44 15.88
CA PRO D 557 -51.77 38.07 15.67
C PRO D 557 -52.65 38.43 16.85
N CYS D 558 -52.79 39.73 17.10
CA CYS D 558 -53.58 40.24 18.23
C CYS D 558 -53.15 39.62 19.55
N GLU D 578 -56.04 28.04 8.47
CA GLU D 578 -55.39 26.77 8.20
C GLU D 578 -56.41 25.67 7.92
N PRO D 579 -56.20 24.94 6.83
CA PRO D 579 -57.19 23.93 6.42
C PRO D 579 -57.29 22.77 7.40
N PHE D 580 -58.49 22.20 7.48
CA PHE D 580 -58.74 20.98 8.23
C PHE D 580 -58.94 19.84 7.25
N PHE D 581 -58.23 18.73 7.48
CA PHE D 581 -58.30 17.57 6.62
C PHE D 581 -58.83 16.38 7.41
N CYS D 582 -59.77 15.65 6.80
CA CYS D 582 -60.35 14.49 7.46
C CYS D 582 -59.32 13.39 7.67
N ASN D 583 -58.46 13.15 6.67
CA ASN D 583 -57.44 12.12 6.76
C ASN D 583 -56.19 12.59 6.01
N SER D 584 -55.09 11.87 6.22
CA SER D 584 -53.82 12.26 5.64
C SER D 584 -53.84 12.18 4.11
N TYR D 585 -54.64 11.26 3.56
CA TYR D 585 -54.73 11.14 2.10
C TYR D 585 -55.31 12.40 1.48
N ASP D 586 -56.29 13.02 2.15
CA ASP D 586 -56.84 14.28 1.65
C ASP D 586 -55.78 15.37 1.65
N ALA D 587 -54.96 15.45 2.70
CA ALA D 587 -53.90 16.45 2.75
C ALA D 587 -52.89 16.23 1.64
N ILE D 588 -52.48 14.98 1.43
CA ILE D 588 -51.50 14.69 0.39
C ILE D 588 -52.08 14.97 -0.99
N GLY D 589 -53.36 14.66 -1.19
CA GLY D 589 -53.98 14.98 -2.46
C GLY D 589 -54.09 16.47 -2.71
N ALA D 590 -54.39 17.24 -1.66
CA ALA D 590 -54.40 18.69 -1.80
C ALA D 590 -53.01 19.22 -2.10
N TYR D 591 -51.98 18.60 -1.52
CA TYR D 591 -50.61 18.99 -1.84
C TYR D 591 -50.27 18.69 -3.29
N ARG D 592 -50.75 17.56 -3.81
CA ARG D 592 -50.50 17.22 -5.21
C ARG D 592 -51.17 18.20 -6.15
N GLN D 593 -52.36 18.69 -5.80
CA GLN D 593 -53.08 19.67 -6.60
C GLN D 593 -52.64 21.09 -6.33
N LYS D 594 -51.47 21.27 -5.71
CA LYS D 594 -50.86 22.58 -5.47
C LYS D 594 -51.74 23.49 -4.61
N ARG D 595 -52.64 22.90 -3.80
CA ARG D 595 -53.47 23.71 -2.92
C ARG D 595 -52.70 24.18 -1.70
N ILE D 596 -51.74 23.40 -1.23
CA ILE D 596 -50.94 23.73 -0.06
C ILE D 596 -49.48 23.44 -0.37
N ASN D 597 -48.60 24.04 0.43
CA ASN D 597 -47.17 23.85 0.27
C ASN D 597 -46.69 22.69 1.14
N LEU D 598 -45.39 22.40 1.06
CA LEU D 598 -44.83 21.30 1.83
C LEU D 598 -44.76 21.60 3.32
N ASP D 599 -44.62 22.88 3.69
CA ASP D 599 -44.46 23.27 5.08
C ASP D 599 -45.56 24.20 5.57
N SER D 600 -46.63 24.37 4.81
CA SER D 600 -47.74 25.19 5.28
C SER D 600 -48.51 24.45 6.36
N PRO D 601 -48.88 25.11 7.46
CA PRO D 601 -49.56 24.41 8.56
C PRO D 601 -50.95 23.94 8.17
N LEU D 602 -51.37 22.84 8.78
CA LEU D 602 -52.70 22.29 8.57
C LEU D 602 -53.09 21.48 9.80
N TRP D 603 -54.40 21.25 9.95
CA TRP D 603 -54.93 20.44 11.03
C TRP D 603 -55.38 19.10 10.47
N LEU D 604 -54.91 18.02 11.09
CA LEU D 604 -55.22 16.66 10.65
C LEU D 604 -56.03 15.97 11.73
N ARG D 605 -57.21 15.45 11.34
CA ARG D 605 -58.02 14.70 12.28
C ARG D 605 -57.33 13.38 12.62
N TRP D 606 -57.18 13.12 13.92
CA TRP D 606 -56.49 11.94 14.41
C TRP D 606 -57.50 10.99 15.02
N GLN D 607 -57.50 9.75 14.54
CA GLN D 607 -58.41 8.72 15.02
C GLN D 607 -57.67 7.54 15.62
N LEU D 608 -56.46 7.77 16.10
CA LEU D 608 -55.69 6.79 16.84
C LEU D 608 -55.41 7.36 18.23
N ASP D 609 -54.58 6.65 18.99
CA ASP D 609 -54.18 7.13 20.31
C ASP D 609 -53.17 8.27 20.15
N GLN D 610 -53.03 9.05 21.22
CA GLN D 610 -52.05 10.14 21.26
C GLN D 610 -50.65 9.55 21.14
N ARG D 611 -50.01 9.74 19.99
CA ARG D 611 -48.68 9.18 19.75
C ARG D 611 -47.77 10.19 19.08
N VAL D 612 -48.03 11.48 19.29
CA VAL D 612 -47.25 12.54 18.68
C VAL D 612 -46.20 13.02 19.68
N ILE D 613 -44.93 12.96 19.28
CA ILE D 613 -43.86 13.44 20.14
C ILE D 613 -43.97 14.95 20.26
N ALA D 614 -44.11 15.45 21.49
CA ALA D 614 -44.20 16.88 21.73
C ALA D 614 -43.73 17.14 23.15
N SER D 615 -43.44 18.42 23.42
CA SER D 615 -43.02 18.82 24.75
C SER D 615 -44.11 18.54 25.78
N LYS D 616 -43.70 17.97 26.91
CA LYS D 616 -44.64 17.57 27.96
C LYS D 616 -45.11 18.83 28.68
N GLU D 617 -46.12 19.47 28.09
CA GLU D 617 -46.62 20.76 28.57
C GLU D 617 -48.14 20.73 28.68
N VAL D 618 -48.65 21.52 29.62
CA VAL D 618 -50.08 21.67 29.83
C VAL D 618 -50.66 22.48 28.68
N PRO D 619 -51.98 22.48 28.47
CA PRO D 619 -52.55 23.25 27.36
C PRO D 619 -52.25 24.73 27.50
N ILE D 620 -52.04 25.38 26.35
CA ILE D 620 -51.88 26.83 26.33
C ILE D 620 -53.16 27.50 26.81
N GLU D 621 -54.30 27.01 26.36
CA GLU D 621 -55.58 27.67 26.61
C GLU D 621 -56.69 26.63 26.54
N VAL D 622 -57.60 26.67 27.51
CA VAL D 622 -58.72 25.74 27.58
C VAL D 622 -60.00 26.56 27.39
N HIS D 623 -60.79 26.19 26.38
CA HIS D 623 -62.04 26.87 26.07
C HIS D 623 -63.19 26.00 26.58
N TYR D 624 -63.67 26.32 27.78
CA TYR D 624 -64.70 25.53 28.44
C TYR D 624 -66.06 26.15 28.16
N GLU D 625 -66.97 25.36 27.58
CA GLU D 625 -68.31 25.83 27.29
C GLU D 625 -69.25 25.48 28.42
N SER D 626 -70.30 26.30 28.57
CA SER D 626 -71.26 26.07 29.64
C SER D 626 -72.13 24.83 29.39
N PHE D 627 -72.14 24.32 28.16
CA PHE D 627 -72.88 23.10 27.86
C PHE D 627 -72.12 21.84 28.27
N GLY D 628 -70.84 21.94 28.61
CA GLY D 628 -70.04 20.82 29.08
C GLY D 628 -68.80 20.56 28.26
N ASN D 629 -68.86 20.80 26.96
CA ASN D 629 -67.70 20.57 26.10
C ASN D 629 -66.61 21.59 26.37
N TYR D 630 -65.35 21.13 26.38
CA TYR D 630 -64.22 22.02 26.51
C TYR D 630 -63.14 21.63 25.51
N HIS D 631 -62.45 22.63 24.99
CA HIS D 631 -61.40 22.45 23.99
C HIS D 631 -60.06 22.74 24.66
N GLU D 632 -59.15 21.77 24.62
CA GLU D 632 -57.81 21.94 25.16
C GLU D 632 -56.85 22.19 24.01
N ILE D 633 -56.20 23.34 24.03
CA ILE D 633 -55.33 23.78 22.94
C ILE D 633 -53.89 23.65 23.40
N TYR D 634 -53.15 22.75 22.78
CA TYR D 634 -51.74 22.56 23.05
C TYR D 634 -50.92 23.25 21.98
N ALA D 635 -49.60 23.07 22.05
CA ALA D 635 -48.72 23.69 21.07
C ALA D 635 -48.83 23.03 19.71
N HIS D 636 -49.16 21.74 19.65
CA HIS D 636 -49.18 21.01 18.40
C HIS D 636 -50.44 20.19 18.15
N TYR D 637 -51.42 20.24 19.06
CA TYR D 637 -52.65 19.50 18.81
C TYR D 637 -53.79 20.13 19.60
N LEU D 638 -55.00 19.80 19.17
CA LEU D 638 -56.24 20.26 19.79
C LEU D 638 -57.05 19.04 20.19
N ILE D 639 -57.54 19.03 21.43
CA ILE D 639 -58.29 17.90 21.98
C ILE D 639 -59.63 18.42 22.46
N VAL D 640 -60.70 17.79 21.97
CA VAL D 640 -62.07 18.18 22.32
C VAL D 640 -62.63 17.11 23.25
N ARG D 641 -63.01 17.51 24.46
CA ARG D 641 -63.57 16.61 25.44
C ARG D 641 -64.89 17.18 25.97
N SER D 642 -65.69 16.31 26.57
CA SER D 642 -66.98 16.69 27.11
C SER D 642 -67.19 16.00 28.45
N VAL D 643 -68.03 16.60 29.29
CA VAL D 643 -68.38 15.98 30.56
C VAL D 643 -69.62 15.11 30.47
N LYS D 644 -70.51 15.39 29.52
CA LYS D 644 -71.70 14.55 29.35
C LYS D 644 -71.35 13.23 28.67
N LYS D 645 -70.48 13.27 27.65
CA LYS D 645 -70.13 12.10 26.88
C LYS D 645 -68.70 11.64 27.18
N GLU D 646 -68.36 10.47 26.65
CA GLU D 646 -67.00 9.95 26.69
C GLU D 646 -66.25 10.19 25.38
N THR D 647 -66.81 11.02 24.50
CA THR D 647 -66.16 11.30 23.23
C THR D 647 -64.85 12.06 23.43
N LEU D 648 -63.93 11.88 22.49
CA LEU D 648 -62.63 12.53 22.57
C LEU D 648 -62.07 12.64 21.15
N TYR D 649 -62.03 13.86 20.63
CA TYR D 649 -61.52 14.11 19.28
C TYR D 649 -60.14 14.75 19.36
N ILE D 650 -59.27 14.37 18.44
CA ILE D 650 -57.88 14.84 18.41
C ILE D 650 -57.59 15.38 17.02
N TYR D 651 -57.01 16.58 16.97
CA TYR D 651 -56.56 17.19 15.72
C TYR D 651 -55.10 17.58 15.88
N ILE D 652 -54.25 17.13 14.97
CA ILE D 652 -52.82 17.35 15.03
C ILE D 652 -52.46 18.48 14.07
N ARG D 653 -51.74 19.48 14.57
CA ARG D 653 -51.25 20.58 13.76
C ARG D 653 -49.89 20.19 13.21
N THR D 654 -49.80 20.01 11.89
CA THR D 654 -48.59 19.49 11.27
C THR D 654 -48.52 20.00 9.84
N THR D 655 -47.62 19.41 9.06
CA THR D 655 -47.43 19.75 7.65
C THR D 655 -47.61 18.50 6.81
N VAL D 656 -47.50 18.68 5.48
CA VAL D 656 -47.54 17.54 4.58
C VAL D 656 -46.26 16.73 4.70
N GLY D 657 -45.15 17.35 5.11
CA GLY D 657 -43.89 16.63 5.20
C GLY D 657 -43.87 15.57 6.30
N HIS D 658 -44.33 15.93 7.50
CA HIS D 658 -44.40 14.94 8.58
C HIS D 658 -45.36 13.82 8.23
N ILE D 659 -46.51 14.17 7.63
CA ILE D 659 -47.47 13.18 7.19
C ILE D 659 -46.83 12.26 6.16
N SER D 660 -46.05 12.81 5.23
CA SER D 660 -45.41 12.00 4.20
C SER D 660 -44.38 11.05 4.80
N PHE D 661 -43.58 11.52 5.75
CA PHE D 661 -42.59 10.66 6.38
C PHE D 661 -43.25 9.52 7.15
N TYR D 662 -44.24 9.86 7.97
CA TYR D 662 -44.96 8.86 8.74
C TYR D 662 -45.64 7.85 7.82
N ARG D 663 -46.29 8.33 6.76
CA ARG D 663 -46.96 7.44 5.82
C ARG D 663 -45.98 6.57 5.07
N GLU D 664 -44.80 7.11 4.74
CA GLU D 664 -43.79 6.30 4.07
C GLU D 664 -43.37 5.13 4.93
N ILE D 665 -43.04 5.39 6.20
CA ILE D 665 -42.60 4.29 7.05
C ILE D 665 -43.75 3.31 7.31
N GLU D 666 -44.95 3.83 7.58
CA GLU D 666 -46.10 2.98 7.83
C GLU D 666 -46.44 2.10 6.63
N GLU D 667 -46.42 2.68 5.42
CA GLU D 667 -46.72 1.91 4.23
C GLU D 667 -45.62 0.89 3.94
N ALA D 668 -44.37 1.23 4.24
CA ALA D 668 -43.30 0.24 4.07
C ALA D 668 -43.56 -0.97 4.96
N ILE D 669 -43.90 -0.73 6.22
CA ILE D 669 -44.16 -1.83 7.15
C ILE D 669 -45.36 -2.65 6.68
N GLN D 670 -46.44 -1.97 6.32
CA GLN D 670 -47.67 -2.66 5.96
C GLN D 670 -47.51 -3.43 4.64
N GLY D 671 -46.81 -2.86 3.67
CA GLY D 671 -46.58 -3.56 2.43
C GLY D 671 -45.68 -4.77 2.59
N PHE D 672 -44.65 -4.65 3.44
CA PHE D 672 -43.81 -5.81 3.70
C PHE D 672 -44.61 -6.90 4.41
N SER D 673 -45.49 -6.52 5.33
CA SER D 673 -46.33 -7.51 6.00
C SER D 673 -47.29 -8.18 5.01
N GLN D 674 -47.90 -7.41 4.12
CA GLN D 674 -48.87 -7.96 3.20
C GLN D 674 -48.21 -8.84 2.14
N ALA D 675 -46.99 -8.51 1.74
CA ALA D 675 -46.28 -9.32 0.76
C ALA D 675 -45.90 -10.69 1.28
N CYS D 676 -46.01 -10.93 2.59
CA CYS D 676 -45.68 -12.23 3.16
C CYS D 676 -46.93 -12.91 3.70
N ALA E 5 -48.63 -1.57 12.99
CA ALA E 5 -47.41 -0.84 13.28
C ALA E 5 -47.69 0.32 14.24
N ASN E 6 -47.22 0.18 15.48
CA ASN E 6 -47.39 1.21 16.50
C ASN E 6 -46.18 2.15 16.49
N LEU E 7 -46.11 2.95 15.43
CA LEU E 7 -45.03 3.90 15.27
C LEU E 7 -45.38 5.22 15.93
N VAL E 8 -44.41 5.80 16.63
CA VAL E 8 -44.61 7.13 17.19
C VAL E 8 -44.59 8.16 16.07
N PHE E 9 -45.33 9.25 16.26
CA PHE E 9 -45.50 10.28 15.23
C PHE E 9 -44.51 11.40 15.51
N HIS E 10 -43.39 11.39 14.79
CA HIS E 10 -42.43 12.48 14.90
C HIS E 10 -43.00 13.75 14.28
N ASN E 11 -42.91 14.87 15.00
CA ASN E 11 -43.50 16.11 14.53
C ASN E 11 -42.54 17.29 14.63
N LYS E 12 -41.24 17.07 14.86
CA LYS E 12 -40.31 18.18 15.03
C LYS E 12 -39.26 18.25 13.92
N VAL E 13 -38.40 17.24 13.78
CA VAL E 13 -37.35 17.25 12.77
C VAL E 13 -36.74 15.86 12.72
N ILE E 14 -36.14 15.52 11.58
CA ILE E 14 -35.38 14.29 11.42
C ILE E 14 -33.98 14.69 10.95
N ASP E 15 -33.02 14.69 11.87
CA ASP E 15 -31.63 14.98 11.55
C ASP E 15 -30.83 13.67 11.49
N GLY E 16 -29.51 13.80 11.36
CA GLY E 16 -28.67 12.62 11.26
C GLY E 16 -28.72 11.74 12.50
N THR E 17 -28.75 12.37 13.68
CA THR E 17 -28.82 11.60 14.92
C THR E 17 -30.18 10.91 15.06
N ALA E 18 -31.26 11.60 14.67
CA ALA E 18 -32.59 11.02 14.82
C ALA E 18 -32.79 9.83 13.91
N ILE E 19 -32.33 9.91 12.66
CA ILE E 19 -32.53 8.82 11.72
C ILE E 19 -31.69 7.60 12.13
N LYS E 20 -30.49 7.83 12.67
CA LYS E 20 -29.67 6.72 13.13
C LYS E 20 -30.30 6.04 14.34
N ARG E 21 -30.84 6.82 15.26
CA ARG E 21 -31.50 6.24 16.43
C ARG E 21 -32.80 5.56 16.05
N LEU E 22 -33.53 6.11 15.08
CA LEU E 22 -34.79 5.51 14.65
C LEU E 22 -34.56 4.16 14.01
N ILE E 23 -33.52 4.04 13.17
CA ILE E 23 -33.24 2.77 12.51
C ILE E 23 -32.85 1.70 13.51
N SER E 24 -32.05 2.07 14.52
CA SER E 24 -31.64 1.10 15.53
C SER E 24 -32.84 0.56 16.31
N ARG E 25 -33.79 1.44 16.63
CA ARG E 25 -34.99 0.98 17.34
C ARG E 25 -35.88 0.12 16.45
N LEU E 26 -35.88 0.38 15.14
CA LEU E 26 -36.67 -0.43 14.23
C LEU E 26 -36.10 -1.84 14.09
N ILE E 27 -34.77 -1.95 14.11
CA ILE E 27 -34.14 -3.27 14.03
C ILE E 27 -34.49 -4.10 15.27
N ASP E 28 -34.43 -3.48 16.45
CA ASP E 28 -34.77 -4.19 17.67
C ASP E 28 -36.24 -4.62 17.68
N HIS E 29 -37.13 -3.75 17.20
CA HIS E 29 -38.56 -4.04 17.28
C HIS E 29 -39.03 -4.92 16.13
N PHE E 30 -38.64 -4.60 14.91
CA PHE E 30 -39.15 -5.29 13.73
C PHE E 30 -38.19 -6.32 13.16
N GLY E 31 -36.89 -6.18 13.39
CA GLY E 31 -35.91 -7.08 12.82
C GLY E 31 -35.24 -6.47 11.60
N MET E 32 -34.22 -7.19 11.11
CA MET E 32 -33.42 -6.68 10.00
C MET E 32 -34.10 -6.86 8.65
N ALA E 33 -35.05 -7.80 8.52
CA ALA E 33 -35.74 -7.95 7.24
C ALA E 33 -36.74 -6.82 7.02
N TYR E 34 -37.51 -6.48 8.05
CA TYR E 34 -38.44 -5.36 7.96
C TYR E 34 -37.68 -4.05 7.77
N THR E 35 -36.64 -3.83 8.57
CA THR E 35 -35.91 -2.57 8.50
C THR E 35 -35.17 -2.41 7.19
N SER E 36 -34.76 -3.51 6.56
CA SER E 36 -34.10 -3.43 5.26
C SER E 36 -35.04 -2.86 4.21
N HIS E 37 -36.32 -3.21 4.27
CA HIS E 37 -37.30 -2.63 3.36
C HIS E 37 -37.63 -1.19 3.74
N ILE E 38 -37.65 -0.88 5.03
CA ILE E 38 -37.89 0.49 5.47
C ILE E 38 -36.76 1.40 4.99
N LEU E 39 -35.52 0.90 5.01
CA LEU E 39 -34.39 1.68 4.53
C LEU E 39 -34.50 1.96 3.04
N ASP E 40 -34.96 0.98 2.26
CA ASP E 40 -35.13 1.19 0.82
C ASP E 40 -36.18 2.26 0.54
N GLN E 41 -37.27 2.26 1.31
CA GLN E 41 -38.32 3.25 1.09
C GLN E 41 -37.89 4.64 1.55
N VAL E 42 -37.23 4.72 2.71
CA VAL E 42 -36.74 6.00 3.19
C VAL E 42 -35.64 6.55 2.28
N LYS E 43 -34.85 5.67 1.68
CA LYS E 43 -33.82 6.12 0.74
C LYS E 43 -34.44 6.84 -0.44
N THR E 44 -35.53 6.30 -0.99
CA THR E 44 -36.19 6.95 -2.11
C THR E 44 -36.84 8.26 -1.70
N LEU E 45 -37.46 8.28 -0.51
CA LEU E 45 -38.13 9.50 -0.05
C LEU E 45 -37.13 10.62 0.17
N GLY E 46 -35.97 10.32 0.74
CA GLY E 46 -34.95 11.34 0.93
C GLY E 46 -34.38 11.84 -0.38
N PHE E 47 -34.16 10.94 -1.33
CA PHE E 47 -33.70 11.35 -2.65
C PHE E 47 -34.76 12.15 -3.39
N GLN E 48 -36.03 11.78 -3.22
CA GLN E 48 -37.10 12.43 -3.97
C GLN E 48 -37.37 13.85 -3.46
N GLN E 49 -37.08 14.11 -2.18
CA GLN E 49 -37.30 15.45 -1.65
C GLN E 49 -36.06 16.33 -1.75
N ALA E 50 -34.87 15.74 -1.80
CA ALA E 50 -33.68 16.52 -2.08
C ALA E 50 -33.75 17.12 -3.48
N THR E 51 -34.24 16.35 -4.44
CA THR E 51 -34.39 16.86 -5.80
C THR E 51 -35.51 17.89 -5.88
N ALA E 52 -36.64 17.62 -5.24
CA ALA E 52 -37.79 18.52 -5.32
C ALA E 52 -37.46 19.90 -4.74
N THR E 53 -36.80 19.93 -3.59
CA THR E 53 -36.36 21.20 -3.02
C THR E 53 -35.17 21.77 -3.77
N SER E 54 -34.24 20.90 -4.19
CA SER E 54 -33.08 21.30 -4.98
C SER E 54 -32.24 22.35 -4.27
N ILE E 55 -31.69 21.94 -3.12
CA ILE E 55 -30.74 22.78 -2.42
C ILE E 55 -29.53 23.00 -3.32
N SER E 56 -29.00 24.23 -3.28
CA SER E 56 -27.89 24.62 -4.14
C SER E 56 -26.90 25.38 -3.28
N LEU E 57 -25.97 26.11 -3.91
CA LEU E 57 -24.98 26.87 -3.16
C LEU E 57 -24.49 28.04 -3.99
N GLY E 58 -24.81 29.26 -3.57
CA GLY E 58 -24.39 30.46 -4.23
C GLY E 58 -23.31 31.21 -3.45
N ILE E 59 -22.84 32.30 -4.08
CA ILE E 59 -21.79 33.11 -3.46
C ILE E 59 -22.33 33.84 -2.24
N ASP E 60 -23.53 34.39 -2.33
CA ASP E 60 -24.11 35.12 -1.22
C ASP E 60 -24.76 34.21 -0.18
N ASP E 61 -24.83 32.91 -0.44
CA ASP E 61 -25.28 31.97 0.58
C ASP E 61 -24.22 31.72 1.63
N LEU E 62 -22.94 31.93 1.29
CA LEU E 62 -21.86 31.82 2.24
C LEU E 62 -21.88 33.03 3.17
N LEU E 63 -22.50 32.88 4.34
CA LEU E 63 -22.87 34.00 5.19
C LEU E 63 -21.81 34.21 6.27
N THR E 64 -21.08 35.31 6.17
CA THR E 64 -20.26 35.78 7.27
C THR E 64 -21.15 36.47 8.29
N ILE E 65 -20.82 36.31 9.57
CA ILE E 65 -21.61 36.93 10.63
C ILE E 65 -21.47 38.44 10.52
N PRO E 66 -22.49 39.21 10.90
CA PRO E 66 -22.44 40.66 10.67
C PRO E 66 -21.31 41.38 11.39
N SER E 67 -20.75 40.80 12.45
CA SER E 67 -19.80 41.50 13.31
C SER E 67 -18.35 41.16 13.02
N LYS E 68 -18.05 40.54 11.88
CA LYS E 68 -16.65 40.23 11.57
C LYS E 68 -15.85 41.52 11.35
N GLY E 69 -16.39 42.46 10.58
CA GLY E 69 -15.68 43.69 10.31
C GLY E 69 -15.43 44.49 11.58
N TRP E 70 -16.37 44.46 12.52
CA TRP E 70 -16.16 45.11 13.81
C TRP E 70 -15.02 44.46 14.58
N LEU E 71 -14.97 43.13 14.58
CA LEU E 71 -13.99 42.41 15.36
C LEU E 71 -12.61 42.41 14.71
N VAL E 72 -12.55 42.39 13.37
CA VAL E 72 -11.26 42.44 12.70
C VAL E 72 -10.61 43.81 12.89
N GLN E 73 -11.41 44.88 12.83
CA GLN E 73 -10.87 46.21 13.07
C GLN E 73 -10.38 46.37 14.51
N ASP E 74 -11.10 45.79 15.47
CA ASP E 74 -10.66 45.86 16.86
C ASP E 74 -9.32 45.17 17.05
N ALA E 75 -9.17 43.99 16.46
CA ALA E 75 -7.89 43.28 16.56
C ALA E 75 -6.79 44.00 15.80
N GLU E 76 -7.12 44.68 14.71
CA GLU E 76 -6.13 45.43 13.97
C GLU E 76 -5.67 46.66 14.74
N GLN E 77 -6.59 47.31 15.45
CA GLN E 77 -6.22 48.47 16.25
C GLN E 77 -5.33 48.09 17.42
N GLN E 78 -5.59 46.95 18.05
CA GLN E 78 -4.73 46.52 19.15
C GLN E 78 -3.37 46.05 18.67
N SER E 79 -3.30 45.47 17.47
CA SER E 79 -2.00 45.07 16.93
C SER E 79 -1.19 46.27 16.46
N LEU E 80 -1.85 47.35 16.03
CA LEU E 80 -1.13 48.55 15.64
C LEU E 80 -0.53 49.25 16.85
N ILE E 81 -1.26 49.28 17.97
CA ILE E 81 -0.79 49.97 19.16
C ILE E 81 0.41 49.25 19.77
N LEU E 82 0.35 47.91 19.82
CA LEU E 82 1.43 47.16 20.45
C LEU E 82 2.72 47.22 19.64
N GLU E 83 2.61 47.26 18.30
CA GLU E 83 3.80 47.32 17.48
C GLU E 83 4.52 48.65 17.66
N LYS E 84 3.79 49.74 17.85
CA LYS E 84 4.41 51.03 18.12
C LYS E 84 5.14 51.01 19.46
N HIS E 85 4.49 50.46 20.50
CA HIS E 85 5.11 50.42 21.82
C HIS E 85 6.19 49.34 21.92
N HIS E 86 6.10 48.27 21.13
CA HIS E 86 7.22 47.36 21.01
C HIS E 86 8.42 48.06 20.38
N HIS E 87 8.18 48.90 19.38
CA HIS E 87 9.25 49.71 18.80
C HIS E 87 9.78 50.73 19.80
N TYR E 88 8.91 51.23 20.69
CA TYR E 88 9.34 52.13 21.75
C TYR E 88 10.17 51.45 22.81
N GLY E 89 10.18 50.12 22.85
CA GLY E 89 10.82 49.40 23.92
C GLY E 89 9.99 49.28 25.18
N ASN E 90 8.66 49.36 25.06
CA ASN E 90 7.78 49.23 26.22
C ASN E 90 7.29 47.81 26.44
N VAL E 91 7.39 46.94 25.43
CA VAL E 91 7.16 45.52 25.58
C VAL E 91 8.28 44.80 24.86
N HIS E 92 8.53 43.55 25.25
CA HIS E 92 9.58 42.77 24.63
C HIS E 92 8.98 41.85 23.57
N ALA E 93 9.86 41.12 22.88
CA ALA E 93 9.45 40.40 21.68
C ALA E 93 8.46 39.28 21.98
N VAL E 94 8.67 38.56 23.09
CA VAL E 94 7.76 37.46 23.42
C VAL E 94 6.37 37.99 23.73
N GLU E 95 6.28 39.14 24.41
CA GLU E 95 4.99 39.74 24.68
C GLU E 95 4.28 40.14 23.40
N LYS E 96 5.03 40.60 22.40
CA LYS E 96 4.41 40.93 21.11
C LYS E 96 4.05 39.67 20.35
N LEU E 97 4.90 38.64 20.41
CA LEU E 97 4.62 37.39 19.70
C LEU E 97 3.39 36.69 20.26
N ARG E 98 3.25 36.69 21.60
CA ARG E 98 2.07 36.07 22.21
C ARG E 98 0.81 36.82 21.84
N GLN E 99 0.86 38.15 21.85
CA GLN E 99 -0.35 38.96 21.70
C GLN E 99 -0.97 38.75 20.32
N SER E 100 -0.15 38.80 19.27
CA SER E 100 -0.68 38.67 17.92
C SER E 100 -1.30 37.29 17.71
N ILE E 101 -0.66 36.24 18.22
CA ILE E 101 -1.18 34.89 18.06
C ILE E 101 -2.53 34.75 18.78
N GLU E 102 -2.56 35.18 20.05
CA GLU E 102 -3.73 34.90 20.87
C GLU E 102 -4.90 35.83 20.56
N ILE E 103 -4.64 37.07 20.15
CA ILE E 103 -5.74 37.97 19.84
C ILE E 103 -6.46 37.51 18.57
N TRP E 104 -5.71 36.98 17.60
CA TRP E 104 -6.33 36.50 16.37
C TRP E 104 -6.88 35.09 16.50
N TYR E 105 -6.40 34.31 17.46
CA TYR E 105 -7.01 33.02 17.73
C TYR E 105 -8.34 33.20 18.46
N ALA E 106 -8.40 34.14 19.41
CA ALA E 106 -9.65 34.44 20.09
C ALA E 106 -10.69 34.99 19.12
N THR E 107 -10.26 35.87 18.21
CA THR E 107 -11.20 36.41 17.21
C THR E 107 -11.69 35.31 16.29
N SER E 108 -10.80 34.43 15.85
CA SER E 108 -11.20 33.33 14.97
C SER E 108 -12.16 32.37 15.66
N GLU E 109 -11.91 32.07 16.93
CA GLU E 109 -12.78 31.14 17.65
C GLU E 109 -14.12 31.75 17.99
N TYR E 110 -14.18 33.08 18.15
CA TYR E 110 -15.46 33.71 18.44
C TYR E 110 -16.37 33.72 17.22
N LEU E 111 -15.79 33.87 16.03
CA LEU E 111 -16.59 33.79 14.81
C LEU E 111 -17.21 32.42 14.65
N ARG E 112 -16.47 31.37 15.00
CA ARG E 112 -16.99 30.01 14.87
C ARG E 112 -18.17 29.78 15.81
N GLN E 113 -18.10 30.32 17.02
CA GLN E 113 -19.18 30.13 17.98
C GLN E 113 -20.46 30.81 17.53
N GLU E 114 -20.36 32.03 17.02
CA GLU E 114 -21.53 32.79 16.61
C GLU E 114 -22.02 32.44 15.21
N MET E 115 -21.32 31.55 14.50
CA MET E 115 -21.71 31.19 13.16
C MET E 115 -23.06 30.46 13.15
N ASN E 116 -23.28 29.56 14.10
CA ASN E 116 -24.50 28.75 14.12
C ASN E 116 -25.72 29.55 14.60
N PRO E 117 -25.64 30.30 15.71
CA PRO E 117 -26.80 31.12 16.09
C PRO E 117 -27.17 32.16 15.04
N ASN E 118 -26.19 32.68 14.30
CA ASN E 118 -26.50 33.55 13.18
C ASN E 118 -27.27 32.80 12.10
N PHE E 119 -26.88 31.55 11.81
CA PHE E 119 -27.62 30.74 10.87
C PHE E 119 -28.98 30.33 11.41
N ARG E 120 -29.06 30.02 12.70
CA ARG E 120 -30.32 29.53 13.25
C ARG E 120 -31.37 30.63 13.39
N MET E 121 -30.95 31.85 13.68
CA MET E 121 -31.90 32.92 13.95
C MET E 121 -32.28 33.71 12.70
N THR E 122 -31.33 33.92 11.78
CA THR E 122 -31.56 34.81 10.65
C THR E 122 -31.70 34.10 9.31
N ASP E 123 -31.13 32.91 9.14
CA ASP E 123 -31.21 32.19 7.87
C ASP E 123 -31.29 30.69 8.15
N PRO E 124 -32.38 30.23 8.76
CA PRO E 124 -32.47 28.80 9.10
C PRO E 124 -32.40 27.88 7.90
N PHE E 125 -32.94 28.32 6.75
CA PHE E 125 -32.95 27.52 5.54
C PHE E 125 -31.79 27.85 4.61
N ASN E 126 -30.75 28.51 5.13
CA ASN E 126 -29.57 28.76 4.33
C ASN E 126 -28.95 27.44 3.89
N PRO E 127 -28.58 27.31 2.62
CA PRO E 127 -28.06 26.01 2.14
C PRO E 127 -26.83 25.52 2.89
N VAL E 128 -25.90 26.40 3.24
CA VAL E 128 -24.71 25.97 3.97
C VAL E 128 -25.10 25.44 5.34
N HIS E 129 -26.03 26.11 6.01
CA HIS E 129 -26.50 25.65 7.31
C HIS E 129 -27.14 24.28 7.21
N MET E 130 -28.05 24.10 6.24
CA MET E 130 -28.75 22.84 6.11
C MET E 130 -27.81 21.69 5.74
N MET E 131 -26.80 21.97 4.92
CA MET E 131 -25.85 20.94 4.53
C MET E 131 -25.01 20.41 5.68
N SER E 132 -24.99 21.10 6.82
CA SER E 132 -24.14 20.68 7.93
C SER E 132 -24.94 20.47 9.20
N PHE E 133 -25.97 21.30 9.42
CA PHE E 133 -26.79 21.15 10.61
C PHE E 133 -27.59 19.86 10.58
N SER E 134 -28.03 19.45 9.38
CA SER E 134 -28.71 18.17 9.23
C SER E 134 -27.79 16.97 9.40
N GLY E 135 -26.48 17.18 9.44
CA GLY E 135 -25.55 16.07 9.55
C GLY E 135 -25.24 15.39 8.23
N ALA E 136 -25.53 16.04 7.11
CA ALA E 136 -25.38 15.40 5.81
C ALA E 136 -23.92 15.38 5.35
N ARG E 137 -23.33 16.55 5.16
CA ARG E 137 -21.98 16.64 4.59
C ARG E 137 -21.35 17.95 5.03
N GLY E 138 -20.32 17.86 5.85
CA GLY E 138 -19.63 19.05 6.32
C GLY E 138 -19.93 19.33 7.79
N ASN E 139 -18.94 19.85 8.48
CA ASN E 139 -19.04 20.20 9.89
C ASN E 139 -18.79 21.69 10.07
N ALA E 140 -18.94 22.16 11.32
CA ALA E 140 -18.82 23.58 11.60
C ALA E 140 -17.43 24.10 11.30
N SER E 141 -16.40 23.28 11.50
CA SER E 141 -15.04 23.73 11.24
C SER E 141 -14.83 24.08 9.77
N GLN E 142 -15.35 23.25 8.86
CA GLN E 142 -15.16 23.50 7.44
C GLN E 142 -15.99 24.67 6.94
N VAL E 143 -17.18 24.88 7.52
CA VAL E 143 -17.97 26.05 7.17
C VAL E 143 -17.30 27.32 7.67
N HIS E 144 -16.66 27.25 8.85
CA HIS E 144 -15.91 28.39 9.35
C HIS E 144 -14.79 28.79 8.40
N GLN E 145 -14.17 27.80 7.73
CA GLN E 145 -13.16 28.09 6.73
C GLN E 145 -13.73 28.82 5.53
N LEU E 146 -15.06 28.74 5.32
CA LEU E 146 -15.72 29.37 4.18
C LEU E 146 -16.34 30.71 4.50
N VAL E 147 -16.87 30.88 5.71
CA VAL E 147 -17.62 32.08 6.07
C VAL E 147 -17.01 32.85 7.22
N GLY E 148 -16.07 32.27 7.96
CA GLY E 148 -15.45 32.98 9.06
C GLY E 148 -14.05 33.45 8.72
N MET E 149 -13.05 32.79 9.29
CA MET E 149 -11.66 33.06 8.93
C MET E 149 -10.86 31.79 9.19
N ARG E 150 -9.82 31.60 8.37
CA ARG E 150 -9.02 30.39 8.47
C ARG E 150 -8.14 30.36 9.71
N GLY E 151 -8.03 31.47 10.43
CA GLY E 151 -7.34 31.44 11.72
C GLY E 151 -5.83 31.45 11.55
N LEU E 152 -5.16 30.63 12.34
CA LEU E 152 -3.71 30.58 12.40
C LEU E 152 -3.20 29.24 11.91
N MET E 153 -2.08 29.26 11.22
CA MET E 153 -1.38 28.06 10.77
C MET E 153 -0.14 27.85 11.62
N SER E 154 0.62 26.82 11.27
CA SER E 154 1.83 26.47 12.01
C SER E 154 2.92 26.03 11.05
N ASP E 155 4.15 26.43 11.33
CA ASP E 155 5.28 25.97 10.55
C ASP E 155 5.58 24.51 10.87
N PRO E 156 6.34 23.82 10.02
CA PRO E 156 6.57 22.37 10.25
C PRO E 156 7.15 22.03 11.61
N GLN E 157 7.99 22.88 12.19
CA GLN E 157 8.58 22.58 13.49
C GLN E 157 7.72 23.12 14.63
N GLY E 158 6.44 22.79 14.56
CA GLY E 158 5.54 23.00 15.69
C GLY E 158 5.07 24.42 15.91
N GLN E 159 5.97 25.40 15.73
CA GLN E 159 5.66 26.78 16.07
C GLN E 159 4.57 27.35 15.19
N MET E 160 3.83 28.30 15.73
CA MET E 160 2.78 28.99 15.00
C MET E 160 3.35 30.19 14.27
N ILE E 161 2.75 30.51 13.12
CA ILE E 161 3.20 31.63 12.30
C ILE E 161 2.58 32.92 12.83
N ASP E 162 3.42 33.93 13.04
CA ASP E 162 2.95 35.18 13.64
C ASP E 162 2.29 36.08 12.59
N LEU E 163 1.33 35.53 11.86
CA LEU E 163 0.52 36.27 10.91
C LEU E 163 -0.78 35.51 10.68
N PRO E 164 -1.93 36.10 11.00
CA PRO E 164 -3.20 35.38 10.87
C PRO E 164 -3.73 35.40 9.46
N ILE E 165 -4.52 34.38 9.14
CA ILE E 165 -5.31 34.35 7.90
C ILE E 165 -6.69 34.85 8.31
N GLN E 166 -6.89 36.16 8.16
CA GLN E 166 -8.11 36.81 8.63
C GLN E 166 -9.22 36.81 7.58
N SER E 167 -8.99 36.21 6.42
CA SER E 167 -10.00 36.11 5.38
C SER E 167 -10.43 34.67 5.20
N ASN E 168 -11.66 34.49 4.73
CA ASN E 168 -12.21 33.17 4.44
C ASN E 168 -12.13 32.90 2.95
N LEU E 169 -12.51 31.68 2.55
CA LEU E 169 -12.39 31.28 1.16
C LEU E 169 -13.37 32.01 0.25
N ARG E 170 -14.49 32.50 0.78
CA ARG E 170 -15.40 33.28 -0.05
C ARG E 170 -14.80 34.64 -0.39
N GLU E 171 -14.15 35.28 0.60
CA GLU E 171 -13.54 36.57 0.35
C GLU E 171 -12.32 36.45 -0.55
N GLY E 172 -11.55 35.39 -0.38
CA GLY E 172 -10.35 35.21 -1.18
C GLY E 172 -9.09 35.50 -0.38
N LEU E 173 -8.22 34.51 -0.26
CA LEU E 173 -6.98 34.69 0.49
C LEU E 173 -6.02 35.59 -0.28
N SER E 174 -5.28 36.41 0.45
CA SER E 174 -4.21 37.16 -0.15
C SER E 174 -3.05 36.24 -0.51
N LEU E 175 -2.10 36.77 -1.27
CA LEU E 175 -0.95 35.98 -1.69
C LEU E 175 -0.15 35.48 -0.49
N THR E 176 0.03 36.35 0.51
CA THR E 176 0.73 35.93 1.74
C THR E 176 -0.07 34.87 2.48
N GLU E 177 -1.38 35.06 2.59
CA GLU E 177 -2.21 34.11 3.33
C GLU E 177 -2.29 32.77 2.62
N TYR E 178 -2.32 32.78 1.29
CA TYR E 178 -2.40 31.52 0.55
C TYR E 178 -1.14 30.69 0.71
N ILE E 179 0.02 31.34 0.72
CA ILE E 179 1.28 30.64 0.96
C ILE E 179 1.29 30.02 2.35
N ILE E 180 0.83 30.77 3.35
CA ILE E 180 0.80 30.27 4.72
C ILE E 180 -0.15 29.08 4.82
N SER E 181 -1.30 29.16 4.16
CA SER E 181 -2.26 28.05 4.19
C SER E 181 -1.74 26.80 3.50
N CYS E 182 -0.67 26.91 2.71
CA CYS E 182 -0.07 25.72 2.11
C CYS E 182 0.71 24.89 3.12
N TYR E 183 1.03 25.46 4.29
CA TYR E 183 1.69 24.69 5.34
C TYR E 183 0.80 23.54 5.80
N GLY E 184 -0.49 23.82 6.03
CA GLY E 184 -1.40 22.77 6.45
C GLY E 184 -1.76 21.81 5.33
N ALA E 185 -1.73 22.28 4.09
CA ALA E 185 -1.98 21.40 2.96
C ALA E 185 -0.89 20.34 2.84
N ARG E 186 0.37 20.73 3.06
CA ARG E 186 1.47 19.78 2.98
C ARG E 186 1.39 18.76 4.11
N LYS E 187 0.99 19.19 5.31
CA LYS E 187 0.89 18.27 6.43
C LYS E 187 -0.16 17.19 6.17
N GLY E 188 -1.32 17.57 5.62
CA GLY E 188 -2.38 16.60 5.42
C GLY E 188 -1.99 15.49 4.48
N VAL E 189 -1.32 15.82 3.39
CA VAL E 189 -0.90 14.79 2.43
C VAL E 189 0.22 13.94 3.03
N VAL E 190 1.14 14.57 3.76
CA VAL E 190 2.25 13.84 4.36
C VAL E 190 1.76 12.95 5.49
N ASP E 191 0.89 13.48 6.36
CA ASP E 191 0.35 12.68 7.45
C ASP E 191 -0.53 11.55 6.95
N THR E 192 -1.08 11.66 5.74
CA THR E 192 -1.80 10.54 5.14
C THR E 192 -0.86 9.38 4.86
N ALA E 193 0.35 9.68 4.39
CA ALA E 193 1.31 8.63 4.05
C ALA E 193 1.84 7.89 5.27
N VAL E 194 1.59 8.38 6.48
CA VAL E 194 2.03 7.70 7.69
C VAL E 194 0.86 7.16 8.50
N ARG E 195 -0.33 7.74 8.39
CA ARG E 195 -1.50 7.17 9.05
C ARG E 195 -1.83 5.79 8.49
N THR E 196 -1.61 5.59 7.19
CA THR E 196 -1.95 4.30 6.58
C THR E 196 -0.87 3.25 6.85
N SER E 197 0.40 3.61 6.65
CA SER E 197 1.48 2.64 6.82
C SER E 197 1.65 2.21 8.27
N ASP E 198 1.18 3.01 9.23
CA ASP E 198 1.26 2.65 10.64
C ASP E 198 0.04 1.89 11.12
N ALA E 199 -1.16 2.37 10.76
CA ALA E 199 -2.38 1.66 11.15
C ALA E 199 -2.48 0.30 10.47
N GLY E 200 -2.02 0.20 9.22
CA GLY E 200 -1.99 -1.10 8.56
C GLY E 200 -1.09 -2.08 9.26
N TYR E 201 0.09 -1.62 9.69
CA TYR E 201 0.96 -2.46 10.50
C TYR E 201 0.32 -2.77 11.86
N LEU E 202 -0.33 -1.77 12.46
CA LEU E 202 -0.96 -1.99 13.76
C LEU E 202 -2.12 -2.99 13.65
N THR E 203 -2.89 -2.91 12.57
CA THR E 203 -4.02 -3.82 12.39
C THR E 203 -3.54 -5.25 12.22
N ARG E 204 -2.47 -5.46 11.46
CA ARG E 204 -1.97 -6.81 11.24
C ARG E 204 -1.51 -7.45 12.54
N ARG E 205 -0.83 -6.68 13.40
CA ARG E 205 -0.40 -7.21 14.68
C ARG E 205 -1.59 -7.42 15.63
N LEU E 206 -2.63 -6.60 15.52
CA LEU E 206 -3.80 -6.77 16.37
C LEU E 206 -4.57 -8.04 16.00
N VAL E 207 -4.78 -8.27 14.71
CA VAL E 207 -5.44 -9.49 14.27
C VAL E 207 -4.57 -10.70 14.59
N GLU E 208 -3.26 -10.55 14.49
CA GLU E 208 -2.35 -11.68 14.68
C GLU E 208 -2.43 -12.26 16.08
N VAL E 209 -2.50 -11.39 17.10
CA VAL E 209 -2.40 -11.86 18.47
C VAL E 209 -3.65 -12.59 18.93
N VAL E 210 -4.79 -12.36 18.30
CA VAL E 210 -6.05 -12.95 18.75
C VAL E 210 -6.75 -13.70 17.63
N GLN E 211 -6.01 -14.04 16.57
CA GLN E 211 -6.62 -14.71 15.42
C GLN E 211 -7.18 -16.07 15.80
N HIS E 212 -6.63 -16.72 16.82
CA HIS E 212 -7.04 -18.06 17.21
C HIS E 212 -8.20 -18.08 18.20
N ILE E 213 -8.72 -16.93 18.60
CA ILE E 213 -9.77 -16.88 19.61
C ILE E 213 -11.11 -17.10 18.91
N VAL E 214 -11.78 -18.21 19.24
CA VAL E 214 -13.06 -18.58 18.66
C VAL E 214 -13.96 -19.07 19.79
N VAL E 215 -15.24 -18.72 19.73
CA VAL E 215 -16.21 -19.20 20.71
C VAL E 215 -16.39 -20.70 20.51
N ARG E 216 -15.89 -21.49 21.45
CA ARG E 216 -15.88 -22.94 21.29
C ARG E 216 -16.63 -23.69 22.39
N ARG E 217 -17.07 -23.02 23.44
CA ARG E 217 -17.80 -23.64 24.53
C ARG E 217 -18.99 -22.78 24.90
N THR E 218 -20.00 -23.42 25.49
CA THR E 218 -21.16 -22.67 25.96
C THR E 218 -20.89 -22.03 27.32
N ASP E 219 -20.15 -22.72 28.19
CA ASP E 219 -19.85 -22.21 29.52
C ASP E 219 -18.60 -22.90 30.03
N CYS E 220 -17.53 -22.14 30.25
CA CYS E 220 -16.29 -22.70 30.77
C CYS E 220 -16.44 -23.18 32.21
N GLY E 221 -17.43 -22.70 32.94
CA GLY E 221 -17.65 -23.09 34.31
C GLY E 221 -17.00 -22.21 35.35
N THR E 222 -16.51 -21.04 34.96
CA THR E 222 -15.82 -20.16 35.89
C THR E 222 -16.78 -19.60 36.93
N ILE E 223 -16.23 -19.25 38.09
CA ILE E 223 -17.00 -18.59 39.14
C ILE E 223 -16.53 -17.15 39.37
N ARG E 224 -15.37 -16.78 38.86
CA ARG E 224 -14.88 -15.41 38.99
C ARG E 224 -15.79 -14.43 38.25
N GLY E 225 -15.85 -13.20 38.78
CA GLY E 225 -16.61 -12.16 38.12
C GLY E 225 -16.05 -10.78 38.39
N ILE E 226 -15.81 -10.00 37.33
CA ILE E 226 -15.33 -8.64 37.51
C ILE E 226 -16.40 -7.81 38.21
N SER E 227 -16.01 -7.10 39.26
CA SER E 227 -16.93 -6.30 40.04
C SER E 227 -17.04 -4.91 39.46
N VAL E 228 -18.26 -4.44 39.26
CA VAL E 228 -18.55 -3.11 38.74
C VAL E 228 -19.32 -2.35 39.81
N SER E 229 -18.84 -1.18 40.17
CA SER E 229 -19.44 -0.39 41.23
C SER E 229 -19.88 0.96 40.68
N PRO E 230 -21.11 1.40 40.95
CA PRO E 230 -21.56 2.70 40.45
C PRO E 230 -21.04 3.86 41.28
N ARG E 231 -20.93 3.68 42.58
CA ARG E 231 -20.57 4.77 43.49
C ARG E 231 -19.10 4.64 43.90
N ASN E 232 -18.33 5.70 43.65
CA ASN E 232 -16.95 5.81 44.11
C ASN E 232 -16.79 7.17 44.77
N LYS E 233 -16.22 7.17 45.99
CA LYS E 233 -16.13 8.39 46.76
C LYS E 233 -15.12 9.39 46.21
N SER E 234 -14.40 9.06 45.14
CA SER E 234 -13.44 9.99 44.55
C SER E 234 -14.00 10.76 43.36
N ARG E 235 -15.10 10.29 42.76
CA ARG E 235 -15.68 10.95 41.60
C ARG E 235 -17.13 10.49 41.44
N MET E 236 -18.00 11.43 41.07
CA MET E 236 -19.39 11.09 40.76
C MET E 236 -19.43 10.44 39.38
N MET E 237 -19.74 9.15 39.35
CA MET E 237 -19.69 8.37 38.12
C MET E 237 -20.70 8.87 37.10
N SER E 238 -20.28 8.94 35.84
CA SER E 238 -21.17 9.28 34.74
C SER E 238 -21.99 8.06 34.36
N GLU E 239 -23.30 8.14 34.51
CA GLU E 239 -24.17 7.00 34.27
C GLU E 239 -24.10 6.49 32.83
N ARG E 240 -23.70 7.34 31.89
CA ARG E 240 -23.62 6.90 30.49
C ARG E 240 -22.56 5.82 30.31
N ILE E 241 -21.40 5.99 30.93
CA ILE E 241 -20.36 4.97 30.86
C ILE E 241 -20.79 3.71 31.60
N PHE E 242 -21.50 3.88 32.72
CA PHE E 242 -21.96 2.74 33.50
C PHE E 242 -22.93 1.85 32.74
N ILE E 243 -23.55 2.37 31.68
CA ILE E 243 -24.57 1.61 30.96
C ILE E 243 -23.96 0.85 29.80
N GLN E 244 -23.32 1.56 28.87
CA GLN E 244 -22.87 0.95 27.63
C GLN E 244 -21.88 -0.18 27.85
N THR E 245 -21.11 -0.13 28.94
CA THR E 245 -20.19 -1.22 29.24
C THR E 245 -20.93 -2.44 29.78
N LEU E 246 -21.99 -2.21 30.57
CA LEU E 246 -22.71 -3.32 31.21
C LEU E 246 -23.69 -4.02 30.28
N ILE E 247 -24.12 -3.37 29.19
CA ILE E 247 -25.12 -3.98 28.33
C ILE E 247 -24.50 -5.16 27.59
N GLY E 248 -25.22 -6.29 27.59
CA GLY E 248 -24.75 -7.49 26.94
C GLY E 248 -23.89 -8.40 27.80
N ARG E 249 -23.55 -7.98 29.02
CA ARG E 249 -22.73 -8.79 29.90
C ARG E 249 -23.60 -9.84 30.59
N VAL E 250 -22.96 -10.95 30.96
CA VAL E 250 -23.63 -12.04 31.66
C VAL E 250 -23.23 -11.99 33.13
N LEU E 251 -24.22 -11.92 34.01
CA LEU E 251 -23.95 -11.81 35.44
C LEU E 251 -23.27 -13.07 35.97
N ALA E 252 -22.24 -12.86 36.79
CA ALA E 252 -21.53 -13.95 37.44
C ALA E 252 -22.10 -14.29 38.81
N ASP E 253 -23.05 -13.51 39.32
CA ASP E 253 -23.61 -13.74 40.64
C ASP E 253 -25.01 -13.15 40.70
N ASP E 254 -25.79 -13.63 41.67
CA ASP E 254 -27.15 -13.15 41.85
C ASP E 254 -27.15 -11.74 42.44
N ILE E 255 -28.14 -10.95 42.04
CA ILE E 255 -28.35 -9.60 42.55
C ILE E 255 -29.63 -9.60 43.36
N TYR E 256 -29.58 -9.00 44.55
CA TYR E 256 -30.71 -8.98 45.47
C TYR E 256 -31.07 -7.55 45.85
N ILE E 257 -32.36 -7.29 45.99
CA ILE E 257 -32.88 -6.06 46.57
C ILE E 257 -33.72 -6.48 47.76
N GLY E 258 -33.20 -6.27 48.97
CA GLY E 258 -33.87 -6.81 50.14
C GLY E 258 -33.82 -8.31 50.12
N SER E 259 -34.97 -8.95 50.30
CA SER E 259 -35.10 -10.40 50.26
C SER E 259 -35.58 -10.90 48.91
N ARG E 260 -35.56 -10.05 47.89
CA ARG E 260 -36.07 -10.40 46.57
C ARG E 260 -34.91 -10.43 45.58
N CYS E 261 -34.86 -11.49 44.78
CA CYS E 261 -33.85 -11.60 43.73
C CYS E 261 -34.36 -10.90 42.49
N VAL E 262 -33.61 -9.90 42.02
CA VAL E 262 -34.01 -9.12 40.84
C VAL E 262 -33.19 -9.48 39.61
N ALA E 263 -32.11 -10.24 39.76
CA ALA E 263 -31.29 -10.64 38.62
C ALA E 263 -30.49 -11.87 39.01
N PHE E 264 -30.54 -12.90 38.17
CA PHE E 264 -29.98 -14.20 38.49
C PHE E 264 -28.62 -14.39 37.85
N ARG E 265 -27.87 -15.37 38.37
CA ARG E 265 -26.60 -15.74 37.77
C ARG E 265 -26.81 -16.30 36.38
N ASN E 266 -25.86 -16.01 35.47
CA ASN E 266 -25.92 -16.45 34.08
C ASN E 266 -27.14 -15.88 33.38
N GLN E 267 -27.30 -14.56 33.49
CA GLN E 267 -28.40 -13.84 32.87
C GLN E 267 -27.85 -12.63 32.15
N ASP E 268 -28.24 -12.47 30.89
CA ASP E 268 -27.79 -11.33 30.11
C ASP E 268 -28.28 -10.03 30.71
N LEU E 269 -27.40 -9.04 30.78
CA LEU E 269 -27.74 -7.74 31.36
C LEU E 269 -28.42 -6.88 30.31
N GLY E 270 -29.74 -6.78 30.40
CA GLY E 270 -30.47 -5.85 29.57
C GLY E 270 -30.37 -4.43 30.10
N ILE E 271 -30.90 -3.50 29.32
CA ILE E 271 -30.86 -2.10 29.73
C ILE E 271 -31.90 -1.83 30.82
N GLY E 272 -32.96 -2.63 30.88
CA GLY E 272 -33.93 -2.47 31.95
C GLY E 272 -33.35 -2.83 33.31
N LEU E 273 -32.56 -3.90 33.38
CA LEU E 273 -31.93 -4.29 34.63
C LEU E 273 -30.92 -3.25 35.10
N VAL E 274 -30.14 -2.70 34.17
CA VAL E 274 -29.12 -1.72 34.56
C VAL E 274 -29.76 -0.49 35.18
N ASN E 275 -30.85 0.00 34.57
CA ASN E 275 -31.55 1.14 35.14
C ASN E 275 -32.13 0.81 36.50
N ARG E 276 -32.65 -0.41 36.66
CA ARG E 276 -33.13 -0.84 37.97
C ARG E 276 -32.00 -0.88 38.99
N PHE E 277 -30.82 -1.32 38.57
CA PHE E 277 -29.65 -1.30 39.45
C PHE E 277 -29.29 0.13 39.83
N ILE E 278 -29.33 1.04 38.86
CA ILE E 278 -29.02 2.44 39.15
C ILE E 278 -30.11 3.07 40.00
N THR E 279 -31.38 2.74 39.73
CA THR E 279 -32.48 3.33 40.48
C THR E 279 -32.37 3.01 41.97
N PHE E 280 -32.03 1.78 42.31
CA PHE E 280 -31.84 1.40 43.69
C PHE E 280 -30.35 1.52 44.06
N GLY E 281 -30.03 1.18 45.29
CA GLY E 281 -28.66 1.28 45.77
C GLY E 281 -27.86 0.01 45.62
N THR E 282 -27.63 -0.41 44.38
CA THR E 282 -26.86 -1.63 44.09
C THR E 282 -25.41 -1.23 43.87
N GLN E 283 -24.56 -1.46 44.87
CA GLN E 283 -23.18 -1.00 44.82
C GLN E 283 -22.24 -1.98 44.12
N SER E 284 -22.64 -3.24 43.95
CA SER E 284 -21.75 -4.24 43.37
C SER E 284 -22.47 -5.01 42.28
N ILE E 285 -21.85 -5.09 41.10
CA ILE E 285 -22.33 -5.91 40.00
C ILE E 285 -21.16 -6.77 39.53
N SER E 286 -21.37 -8.08 39.51
CA SER E 286 -20.35 -9.03 39.09
C SER E 286 -20.73 -9.60 37.72
N ILE E 287 -19.86 -9.38 36.74
CA ILE E 287 -20.13 -9.75 35.36
C ILE E 287 -19.05 -10.68 34.86
N ARG E 288 -19.38 -11.44 33.82
CA ARG E 288 -18.44 -12.34 33.16
C ARG E 288 -17.91 -11.65 31.92
N THR E 289 -16.59 -11.49 31.84
CA THR E 289 -15.94 -10.77 30.77
C THR E 289 -14.90 -11.68 30.13
N PRO E 290 -14.25 -11.26 29.04
CA PRO E 290 -13.11 -12.06 28.53
C PRO E 290 -11.99 -12.23 29.53
N PHE E 291 -11.87 -11.35 30.53
CA PHE E 291 -10.87 -11.51 31.58
C PHE E 291 -11.19 -12.64 32.53
N THR E 292 -12.41 -13.15 32.53
CA THR E 292 -12.82 -14.17 33.50
C THR E 292 -12.91 -15.56 32.93
N CYS E 293 -12.70 -15.73 31.62
CA CYS E 293 -12.80 -17.05 31.02
C CYS E 293 -11.63 -17.92 31.46
N ARG E 294 -11.89 -19.22 31.56
CA ARG E 294 -10.86 -20.19 31.95
C ARG E 294 -10.08 -20.71 30.76
N SER E 295 -9.60 -19.79 29.92
CA SER E 295 -8.79 -20.15 28.75
C SER E 295 -8.29 -18.88 28.11
N THR E 296 -7.10 -18.97 27.51
CA THR E 296 -6.58 -17.92 26.67
C THR E 296 -6.46 -18.35 25.21
N SER E 297 -6.89 -19.57 24.88
CA SER E 297 -6.91 -20.05 23.51
C SER E 297 -8.30 -20.03 22.89
N TRP E 298 -9.34 -20.01 23.72
CA TRP E 298 -10.71 -19.86 23.24
C TRP E 298 -11.50 -19.12 24.29
N ILE E 299 -12.75 -18.80 23.96
CA ILE E 299 -13.67 -18.15 24.90
C ILE E 299 -15.02 -18.85 24.79
N CYS E 300 -15.82 -18.74 25.83
CA CYS E 300 -17.14 -19.35 25.85
C CYS E 300 -18.21 -18.30 25.57
N ARG E 301 -19.44 -18.77 25.40
CA ARG E 301 -20.54 -17.87 25.07
C ARG E 301 -20.88 -16.94 26.22
N LEU E 302 -20.83 -17.46 27.45
CA LEU E 302 -21.24 -16.65 28.60
C LEU E 302 -20.20 -15.62 28.97
N CYS E 303 -18.91 -15.95 28.85
CA CYS E 303 -17.86 -14.99 29.18
C CYS E 303 -17.71 -13.91 28.12
N TYR E 304 -18.14 -14.16 26.89
CA TYR E 304 -18.16 -13.12 25.88
C TYR E 304 -19.39 -12.22 26.05
N GLY E 305 -20.58 -12.79 25.91
CA GLY E 305 -21.82 -12.05 26.10
C GLY E 305 -22.68 -12.09 24.86
N ARG E 306 -23.48 -11.04 24.68
CA ARG E 306 -24.35 -10.96 23.53
C ARG E 306 -23.57 -10.66 22.27
N SER E 307 -24.09 -11.14 21.14
CA SER E 307 -23.42 -10.94 19.86
C SER E 307 -23.40 -9.45 19.52
N PRO E 308 -22.30 -8.95 18.94
CA PRO E 308 -22.24 -7.52 18.60
C PRO E 308 -23.22 -7.11 17.51
N THR E 309 -23.74 -8.04 16.72
CA THR E 309 -24.59 -7.69 15.60
C THR E 309 -25.89 -8.48 15.58
N HIS E 310 -25.90 -9.66 16.18
CA HIS E 310 -27.04 -10.57 16.08
C HIS E 310 -28.01 -10.45 17.24
N GLY E 311 -27.76 -9.54 18.18
CA GLY E 311 -28.73 -9.26 19.23
C GLY E 311 -28.77 -10.25 20.38
N ASP E 312 -28.73 -11.54 20.07
CA ASP E 312 -28.82 -12.57 21.08
C ASP E 312 -27.41 -12.89 21.60
N LEU E 313 -27.29 -13.96 22.39
CA LEU E 313 -25.99 -14.42 22.86
C LEU E 313 -25.13 -14.88 21.69
N VAL E 314 -23.82 -14.74 21.84
CA VAL E 314 -22.91 -15.09 20.75
C VAL E 314 -22.97 -16.59 20.50
N GLU E 315 -22.77 -16.98 19.25
CA GLU E 315 -22.95 -18.36 18.81
C GLU E 315 -21.61 -19.09 18.76
N LEU E 316 -21.68 -20.40 18.95
CA LEU E 316 -20.48 -21.23 18.90
C LEU E 316 -19.85 -21.17 17.51
N GLY E 317 -18.52 -21.21 17.48
CA GLY E 317 -17.80 -21.17 16.22
C GLY E 317 -17.60 -19.79 15.64
N GLU E 318 -17.84 -18.73 16.42
CA GLU E 318 -17.68 -17.37 15.94
C GLU E 318 -16.26 -16.91 16.17
N ALA E 319 -15.63 -16.36 15.12
CA ALA E 319 -14.25 -15.89 15.20
C ALA E 319 -14.24 -14.48 15.78
N VAL E 320 -14.47 -14.40 17.09
CA VAL E 320 -14.56 -13.11 17.76
C VAL E 320 -13.20 -12.44 17.87
N GLY E 321 -12.11 -13.20 17.80
CA GLY E 321 -10.80 -12.59 17.87
C GLY E 321 -10.48 -11.71 16.67
N ILE E 322 -10.78 -12.21 15.46
CA ILE E 322 -10.53 -11.41 14.26
C ILE E 322 -11.46 -10.21 14.21
N ILE E 323 -12.71 -10.39 14.66
CA ILE E 323 -13.63 -9.26 14.75
C ILE E 323 -13.11 -8.23 15.73
N ALA E 324 -12.54 -8.68 16.85
CA ALA E 324 -11.94 -7.76 17.80
C ALA E 324 -10.77 -7.01 17.20
N GLY E 325 -9.91 -7.74 16.47
CA GLY E 325 -8.76 -7.09 15.86
C GLY E 325 -9.16 -6.10 14.78
N GLN E 326 -10.14 -6.48 13.94
CA GLN E 326 -10.59 -5.57 12.90
C GLN E 326 -11.29 -4.35 13.47
N SER E 327 -12.05 -4.52 14.56
CA SER E 327 -12.82 -3.42 15.12
C SER E 327 -11.92 -2.31 15.64
N ILE E 328 -10.74 -2.66 16.16
CA ILE E 328 -9.84 -1.67 16.72
C ILE E 328 -8.99 -1.03 15.63
N GLY E 329 -8.45 -1.84 14.72
CA GLY E 329 -7.59 -1.33 13.67
C GLY E 329 -8.31 -0.58 12.57
N GLU E 330 -9.60 -0.82 12.39
CA GLU E 330 -10.33 -0.17 11.30
C GLU E 330 -10.35 1.35 11.42
N PRO E 331 -10.69 1.96 12.57
CA PRO E 331 -10.70 3.41 12.66
C PRO E 331 -9.33 4.06 12.81
N GLY E 332 -8.25 3.29 12.67
CA GLY E 332 -6.92 3.86 12.81
C GLY E 332 -6.49 4.66 11.61
N ALA E 351 -8.58 28.79 28.16
CA ALA E 351 -8.80 30.18 28.54
C ALA E 351 -10.10 30.70 27.91
N GLU E 352 -10.98 31.23 28.75
CA GLU E 352 -12.26 31.76 28.31
C GLU E 352 -12.23 33.28 28.43
N HIS E 353 -12.79 33.95 27.42
CA HIS E 353 -12.79 35.40 27.34
C HIS E 353 -14.17 35.92 27.68
N VAL E 354 -14.25 36.78 28.69
CA VAL E 354 -15.49 37.49 28.99
C VAL E 354 -15.59 38.69 28.06
N ARG E 355 -16.69 38.79 27.33
CA ARG E 355 -16.89 39.86 26.37
C ARG E 355 -18.05 40.75 26.84
N ALA E 356 -17.92 42.04 26.54
CA ALA E 356 -18.94 42.99 26.96
C ALA E 356 -20.24 42.71 26.22
N PRO E 357 -21.35 42.48 26.92
CA PRO E 357 -22.62 42.19 26.25
C PRO E 357 -23.38 43.42 25.77
N TYR E 358 -22.98 44.61 26.21
CA TYR E 358 -23.65 45.84 25.80
C TYR E 358 -22.63 46.95 25.64
N ASN E 359 -23.01 47.96 24.87
CA ASN E 359 -22.26 49.22 24.84
C ASN E 359 -22.60 50.01 26.10
N GLY E 360 -21.58 50.50 26.79
CA GLY E 360 -21.82 51.23 28.02
C GLY E 360 -20.52 51.60 28.70
N LYS E 361 -20.67 52.06 29.93
CA LYS E 361 -19.57 52.57 30.74
C LYS E 361 -19.25 51.57 31.85
N ILE E 362 -17.99 51.18 31.94
CA ILE E 362 -17.56 50.20 32.94
C ILE E 362 -17.49 50.87 34.30
N LYS E 363 -18.12 50.25 35.30
CA LYS E 363 -18.15 50.79 36.66
C LYS E 363 -17.76 49.69 37.63
N PHE E 364 -16.58 49.81 38.22
CA PHE E 364 -16.14 48.91 39.28
C PHE E 364 -15.11 49.64 40.12
N ASN E 365 -14.91 49.15 41.34
CA ASN E 365 -13.93 49.73 42.25
C ASN E 365 -12.58 49.06 42.03
N GLU E 366 -11.57 49.86 41.73
CA GLU E 366 -10.23 49.35 41.43
C GLU E 366 -9.44 48.97 42.66
N ASP E 367 -9.95 49.24 43.86
CA ASP E 367 -9.25 48.90 45.09
C ASP E 367 -9.48 47.47 45.55
N LEU E 368 -10.42 46.74 44.93
CA LEU E 368 -10.63 45.34 45.23
C LEU E 368 -9.83 44.41 44.33
N VAL E 369 -9.02 44.95 43.42
CA VAL E 369 -8.26 44.16 42.48
C VAL E 369 -6.80 44.55 42.57
N HIS E 370 -5.93 43.62 42.19
CA HIS E 370 -4.48 43.80 42.32
C HIS E 370 -3.86 44.06 40.96
N PRO E 371 -3.13 45.14 40.79
CA PRO E 371 -2.50 45.42 39.48
C PRO E 371 -1.49 44.34 39.10
N THR E 372 -1.43 44.05 37.81
CA THR E 372 -0.53 43.04 37.28
C THR E 372 -0.05 43.49 35.90
N ARG E 373 0.58 42.55 35.18
CA ARG E 373 1.02 42.78 33.81
C ARG E 373 0.74 41.53 33.02
N THR E 374 -0.02 41.65 31.94
CA THR E 374 -0.42 40.49 31.17
C THR E 374 0.77 39.91 30.43
N ARG E 375 0.58 38.69 29.91
CA ARG E 375 1.59 38.08 29.05
C ARG E 375 1.74 38.81 27.73
N HIS E 376 0.81 39.71 27.40
CA HIS E 376 0.91 40.55 26.22
C HIS E 376 1.52 41.92 26.52
N GLY E 377 1.93 42.17 27.76
CA GLY E 377 2.56 43.42 28.11
C GLY E 377 1.64 44.54 28.51
N HIS E 378 0.38 44.24 28.81
CA HIS E 378 -0.57 45.30 29.13
C HIS E 378 -0.78 45.40 30.63
N PRO E 379 -1.02 46.61 31.14
CA PRO E 379 -1.49 46.74 32.53
C PRO E 379 -2.86 46.11 32.68
N ALA E 380 -3.09 45.47 33.81
CA ALA E 380 -4.36 44.81 34.07
C ALA E 380 -4.55 44.65 35.57
N PHE E 381 -5.75 44.19 35.94
CA PHE E 381 -6.11 43.94 37.33
C PHE E 381 -6.35 42.46 37.53
N LEU E 382 -5.65 41.87 38.49
CA LEU E 382 -5.90 40.50 38.89
C LEU E 382 -7.06 40.46 39.89
N CYS E 383 -7.94 39.48 39.70
CA CYS E 383 -9.13 39.33 40.53
C CYS E 383 -9.09 37.98 41.24
N TYR E 384 -9.20 38.01 42.56
CA TYR E 384 -9.27 36.80 43.37
C TYR E 384 -10.58 36.70 44.15
N ILE E 385 -11.55 37.58 43.87
CA ILE E 385 -12.80 37.61 44.61
C ILE E 385 -13.96 37.55 43.64
N ASP E 386 -15.19 37.62 44.16
CA ASP E 386 -16.38 37.62 43.32
C ASP E 386 -16.72 39.07 42.97
N LEU E 387 -15.94 39.61 42.04
CA LEU E 387 -16.07 41.02 41.66
C LEU E 387 -17.34 41.25 40.84
N SER E 388 -17.98 42.39 41.08
CA SER E 388 -19.17 42.80 40.34
C SER E 388 -18.82 44.02 39.49
N VAL E 389 -19.05 43.93 38.19
CA VAL E 389 -18.75 44.98 37.23
C VAL E 389 -20.04 45.48 36.63
N ILE E 390 -20.21 46.80 36.59
CA ILE E 390 -21.43 47.44 36.12
C ILE E 390 -21.16 48.09 34.77
N ILE E 391 -22.01 47.80 33.79
CA ILE E 391 -21.98 48.44 32.49
C ILE E 391 -23.22 49.31 32.38
N GLU E 392 -23.02 50.64 32.31
CA GLU E 392 -24.11 51.59 32.21
C GLU E 392 -24.47 51.74 30.72
N SER E 393 -25.40 50.92 30.26
CA SER E 393 -25.73 50.87 28.84
C SER E 393 -26.70 52.00 28.49
N GLU E 394 -27.18 51.99 27.25
CA GLU E 394 -28.05 53.06 26.78
C GLU E 394 -29.46 52.93 27.32
N ASP E 395 -29.94 51.69 27.51
CA ASP E 395 -31.31 51.48 27.99
C ASP E 395 -31.35 51.39 29.52
N ILE E 396 -30.66 50.41 30.09
CA ILE E 396 -30.63 50.22 31.54
C ILE E 396 -29.21 49.88 31.96
N ILE E 397 -29.00 49.86 33.28
CA ILE E 397 -27.71 49.48 33.84
C ILE E 397 -27.63 47.95 33.91
N HIS E 398 -26.53 47.39 33.43
CA HIS E 398 -26.32 45.96 33.42
C HIS E 398 -25.12 45.59 34.28
N SER E 399 -25.14 44.38 34.81
CA SER E 399 -24.10 43.90 35.71
C SER E 399 -23.49 42.63 35.13
N VAL E 400 -22.16 42.56 35.15
CA VAL E 400 -21.41 41.41 34.68
C VAL E 400 -20.58 40.88 35.84
N THR E 401 -20.66 39.57 36.07
CA THR E 401 -19.95 38.93 37.17
C THR E 401 -18.65 38.35 36.67
N ILE E 402 -17.55 38.74 37.30
CA ILE E 402 -16.22 38.29 36.92
C ILE E 402 -15.76 37.25 37.93
N PRO E 403 -15.55 36.00 37.53
CA PRO E 403 -15.12 34.96 38.48
C PRO E 403 -13.70 35.22 38.95
N PRO E 404 -13.32 34.67 40.09
CA PRO E 404 -11.95 34.89 40.60
C PRO E 404 -10.91 34.22 39.73
N LYS E 405 -9.65 34.50 40.06
CA LYS E 405 -8.49 33.96 39.34
C LYS E 405 -8.54 34.36 37.85
N SER E 406 -9.01 35.57 37.59
CA SER E 406 -9.19 36.06 36.24
C SER E 406 -8.59 37.46 36.09
N PHE E 407 -8.16 37.77 34.87
CA PHE E 407 -7.57 39.07 34.56
C PHE E 407 -8.65 40.02 34.06
N LEU E 408 -8.78 41.17 34.72
CA LEU E 408 -9.70 42.22 34.30
C LEU E 408 -8.91 43.23 33.48
N LEU E 409 -9.23 43.31 32.19
CA LEU E 409 -8.42 44.08 31.24
C LEU E 409 -8.88 45.52 31.06
N VAL E 410 -10.01 45.91 31.64
CA VAL E 410 -10.56 47.24 31.44
C VAL E 410 -10.36 48.06 32.72
N GLN E 411 -10.61 49.36 32.60
CA GLN E 411 -10.50 50.31 33.69
C GLN E 411 -11.87 50.83 34.08
N ASN E 412 -11.95 51.39 35.27
CA ASN E 412 -13.19 52.03 35.71
C ASN E 412 -13.45 53.26 34.87
N ASP E 413 -14.72 53.48 34.54
CA ASP E 413 -15.20 54.60 33.73
C ASP E 413 -14.75 54.51 32.28
N GLN E 414 -14.28 53.34 31.86
CA GLN E 414 -13.92 53.13 30.46
C GLN E 414 -15.15 52.77 29.63
N TYR E 415 -15.17 53.23 28.39
CA TYR E 415 -16.23 52.90 27.46
C TYR E 415 -15.88 51.62 26.72
N VAL E 416 -16.86 50.72 26.60
CA VAL E 416 -16.67 49.44 25.94
C VAL E 416 -17.75 49.25 24.88
N GLU E 417 -17.41 48.48 23.86
CA GLU E 417 -18.36 48.11 22.81
C GLU E 417 -18.87 46.70 23.05
N SER E 418 -19.97 46.36 22.39
CA SER E 418 -20.50 45.02 22.47
C SER E 418 -19.53 44.02 21.85
N GLU E 419 -19.50 42.81 22.42
CA GLU E 419 -18.65 41.71 21.96
C GLU E 419 -17.17 42.03 22.11
N GLN E 420 -16.83 43.01 22.95
CA GLN E 420 -15.45 43.39 23.20
C GLN E 420 -14.94 42.68 24.45
N VAL E 421 -13.76 42.08 24.34
CA VAL E 421 -13.19 41.32 25.46
C VAL E 421 -12.88 42.28 26.60
N ILE E 422 -13.45 42.03 27.77
CA ILE E 422 -13.21 42.84 28.95
C ILE E 422 -12.50 42.08 30.05
N ALA E 423 -12.52 40.75 30.04
CA ALA E 423 -11.84 39.97 31.05
C ALA E 423 -11.36 38.65 30.44
N GLU E 424 -10.39 38.05 31.10
CA GLU E 424 -9.82 36.77 30.67
C GLU E 424 -9.80 35.82 31.85
N ILE E 425 -10.24 34.58 31.60
CA ILE E 425 -10.37 33.57 32.65
C ILE E 425 -9.33 32.47 32.38
N ARG E 426 -8.52 32.19 33.39
CA ARG E 426 -7.56 31.09 33.31
C ARG E 426 -7.30 30.50 34.69
N GLU E 436 6.64 23.64 26.94
CA GLU E 436 7.85 23.46 26.15
C GLU E 436 8.83 24.59 26.41
N ARG E 437 10.00 24.50 25.80
CA ARG E 437 11.05 25.52 25.93
C ARG E 437 11.45 25.96 24.52
N VAL E 438 11.17 27.22 24.20
CA VAL E 438 11.48 27.77 22.88
C VAL E 438 12.50 28.90 23.05
N ARG E 439 13.24 29.16 21.99
CA ARG E 439 14.26 30.20 21.96
C ARG E 439 13.85 31.29 20.98
N LYS E 440 13.82 32.53 21.45
CA LYS E 440 13.44 33.68 20.64
C LYS E 440 14.66 34.53 20.36
N TYR E 441 14.82 34.95 19.11
CA TYR E 441 15.94 35.76 18.67
C TYR E 441 15.48 37.15 18.27
N ILE E 442 16.22 38.16 18.71
CA ILE E 442 15.97 39.55 18.35
C ILE E 442 17.10 39.99 17.43
N TYR E 443 16.75 40.47 16.24
CA TYR E 443 17.73 40.87 15.24
C TYR E 443 17.88 42.38 15.23
N SER E 444 19.06 42.83 14.84
CA SER E 444 19.35 44.26 14.75
C SER E 444 18.60 44.85 13.57
N ASP E 445 17.64 45.73 13.85
CA ASP E 445 16.90 46.38 12.78
C ASP E 445 17.78 47.33 11.99
N SER E 446 18.74 47.97 12.64
CA SER E 446 19.67 48.87 11.99
C SER E 446 21.08 48.55 12.46
N GLU E 447 22.06 48.96 11.66
CA GLU E 447 23.45 48.77 11.99
C GLU E 447 23.91 49.81 13.00
N GLY E 448 24.71 49.39 13.97
CA GLY E 448 25.19 50.31 14.98
C GLY E 448 26.02 49.60 16.02
N GLU E 449 26.24 50.29 17.13
CA GLU E 449 27.04 49.79 18.23
C GLU E 449 26.18 49.63 19.48
N MET E 450 26.53 48.63 20.29
CA MET E 450 25.73 48.24 21.44
C MET E 450 26.08 49.09 22.66
N HIS E 451 25.05 49.44 23.42
CA HIS E 451 25.23 50.16 24.68
C HIS E 451 24.24 49.65 25.71
N TRP E 452 24.73 49.41 26.93
CA TRP E 452 23.88 49.17 28.08
C TRP E 452 24.39 50.01 29.23
N SER E 453 23.47 50.52 30.05
CA SER E 453 23.86 51.34 31.19
C SER E 453 24.02 50.51 32.46
N THR E 454 22.97 49.78 32.83
CA THR E 454 22.97 48.97 34.04
C THR E 454 22.24 47.66 33.78
N ASP E 455 22.23 46.79 34.78
CA ASP E 455 21.48 45.54 34.79
C ASP E 455 21.96 44.55 33.75
N VAL E 456 23.17 44.74 33.21
CA VAL E 456 23.82 43.78 32.35
C VAL E 456 25.19 43.48 32.93
N SER E 457 25.50 42.21 33.13
CA SER E 457 26.76 41.84 33.75
C SER E 457 27.92 42.15 32.82
N HIS E 458 28.92 42.86 33.33
CA HIS E 458 30.08 43.22 32.53
C HIS E 458 30.98 42.02 32.25
N ALA E 459 30.88 40.96 33.03
CA ALA E 459 31.66 39.75 32.86
C ALA E 459 30.92 38.78 31.96
N PRO E 460 31.57 38.25 30.92
CA PRO E 460 30.90 37.24 30.09
C PRO E 460 30.58 35.99 30.90
N GLU E 461 29.49 35.32 30.51
CA GLU E 461 29.09 34.11 31.23
C GLU E 461 30.16 33.03 31.11
N PHE E 462 30.88 32.98 30.00
CA PHE E 462 32.00 32.07 29.82
C PHE E 462 33.25 32.88 29.51
N THR E 463 34.39 32.39 29.97
CA THR E 463 35.61 33.19 29.98
C THR E 463 36.09 33.58 28.60
N TYR E 464 35.63 32.91 27.54
CA TYR E 464 36.09 33.22 26.19
C TYR E 464 34.94 33.58 25.25
N SER E 465 33.76 33.91 25.78
CA SER E 465 32.61 34.26 24.98
C SER E 465 32.33 35.76 25.10
N ASN E 466 31.30 36.21 24.37
CA ASN E 466 30.84 37.59 24.44
C ASN E 466 29.37 37.68 24.86
N VAL E 467 28.88 36.65 25.55
CA VAL E 467 27.48 36.56 25.95
C VAL E 467 27.36 37.00 27.39
N HIS E 468 26.53 38.00 27.64
CA HIS E 468 26.32 38.55 28.98
C HIS E 468 24.89 38.29 29.43
N LEU E 469 24.71 38.23 30.74
CA LEU E 469 23.41 37.96 31.33
C LEU E 469 22.82 39.24 31.95
N LEU E 470 21.50 39.24 32.10
CA LEU E 470 20.80 40.34 32.75
C LEU E 470 20.27 39.86 34.10
N PRO E 471 20.86 40.28 35.22
CA PRO E 471 20.25 39.98 36.52
C PRO E 471 18.86 40.57 36.67
N LYS E 472 18.61 41.74 36.07
CA LYS E 472 17.31 42.40 36.14
C LYS E 472 16.83 42.79 34.76
N THR E 473 15.74 43.56 34.69
CA THR E 473 15.21 44.02 33.42
C THR E 473 15.89 45.32 33.01
N SER E 474 16.25 45.42 31.74
CA SER E 474 16.97 46.57 31.24
C SER E 474 16.74 46.71 29.74
N HIS E 475 17.11 47.87 29.21
CA HIS E 475 17.02 48.16 27.78
C HIS E 475 18.40 48.10 27.16
N LEU E 476 18.52 47.39 26.05
CA LEU E 476 19.74 47.34 25.26
C LEU E 476 19.61 48.34 24.12
N TRP E 477 20.61 49.22 23.99
CA TRP E 477 20.57 50.28 22.99
C TRP E 477 21.48 49.93 21.82
N ILE E 478 21.04 50.32 20.63
CA ILE E 478 21.85 50.23 19.42
C ILE E 478 22.00 51.63 18.86
N LEU E 479 23.22 52.15 18.86
CA LEU E 479 23.50 53.51 18.41
C LEU E 479 23.83 53.46 16.93
N SER E 480 22.96 54.03 16.10
CA SER E 480 23.07 53.88 14.66
C SER E 480 24.33 54.56 14.14
N GLY E 481 24.90 53.97 13.10
CA GLY E 481 26.09 54.53 12.46
C GLY E 481 26.23 53.99 11.06
N GLY E 482 26.87 54.79 10.20
CA GLY E 482 27.09 54.38 8.84
C GLY E 482 28.07 53.24 8.73
N SER E 483 28.02 52.54 7.60
CA SER E 483 28.80 51.32 7.39
C SER E 483 30.08 51.64 6.64
N CYS E 484 31.19 51.07 7.12
CA CYS E 484 32.39 51.01 6.31
C CYS E 484 32.17 50.12 5.09
N GLY E 485 31.44 49.02 5.27
CA GLY E 485 31.14 48.14 4.15
C GLY E 485 32.40 47.48 3.62
N SER E 486 32.53 47.47 2.30
CA SER E 486 33.70 46.91 1.63
C SER E 486 34.77 47.97 1.35
N SER E 487 34.77 49.05 2.13
CA SER E 487 35.78 50.10 1.95
C SER E 487 37.16 49.56 2.28
N LEU E 488 38.17 50.07 1.56
CA LEU E 488 39.53 49.58 1.74
C LEU E 488 40.16 50.11 3.03
N ILE E 489 39.84 51.35 3.41
CA ILE E 489 40.44 52.11 4.50
C ILE E 489 41.96 52.07 4.47
N LEU E 490 42.60 52.85 5.34
CA LEU E 490 44.06 52.93 5.33
C LEU E 490 44.67 52.74 6.71
N PHE E 491 43.97 53.14 7.77
CA PHE E 491 44.46 53.17 9.14
C PHE E 491 45.66 54.09 9.31
N SER E 492 45.92 54.95 8.35
CA SER E 492 46.99 55.94 8.44
C SER E 492 46.48 57.35 8.16
N ILE E 493 45.51 57.50 7.26
CA ILE E 493 44.90 58.80 7.02
C ILE E 493 43.49 58.88 7.59
N HIS E 494 42.81 57.76 7.79
CA HIS E 494 41.46 57.76 8.34
C HIS E 494 41.56 57.47 9.83
N LYS E 495 41.20 58.46 10.65
CA LYS E 495 41.28 58.35 12.10
C LYS E 495 40.05 58.96 12.72
N ASP E 496 39.96 58.88 14.04
CA ASP E 496 38.75 59.27 14.75
C ASP E 496 38.40 60.73 14.51
N GLN E 497 37.11 60.98 14.26
CA GLN E 497 36.53 62.30 14.05
C GLN E 497 37.01 62.97 12.77
N ASP E 498 37.55 62.21 11.83
CA ASP E 498 37.87 62.76 10.52
C ASP E 498 36.59 63.02 9.74
N GLN E 499 36.52 64.18 9.09
CA GLN E 499 35.37 64.56 8.30
C GLN E 499 35.63 64.16 6.86
N MET E 500 34.91 63.14 6.40
CA MET E 500 35.08 62.61 5.05
C MET E 500 34.10 63.30 4.11
N ASN E 501 34.61 64.21 3.28
CA ASN E 501 33.82 64.84 2.24
C ASN E 501 33.79 64.03 0.96
N ILE E 502 34.46 62.88 0.93
CA ILE E 502 34.61 62.08 -0.28
C ILE E 502 34.25 60.64 0.07
N PRO E 503 33.83 59.85 -0.92
CA PRO E 503 33.64 58.41 -0.67
C PRO E 503 34.96 57.71 -0.44
N PHE E 504 34.90 56.58 0.26
CA PHE E 504 36.08 55.78 0.53
C PHE E 504 36.72 55.29 -0.76
N SER E 566 72.94 38.39 -36.43
CA SER E 566 71.53 38.39 -36.02
C SER E 566 71.38 38.81 -34.57
N ASP E 567 72.40 38.53 -33.76
CA ASP E 567 72.36 38.88 -32.35
C ASP E 567 72.35 40.39 -32.13
N LEU E 568 72.91 41.14 -33.08
CA LEU E 568 73.00 42.59 -32.94
C LEU E 568 71.63 43.25 -32.83
N LEU E 569 70.57 42.59 -33.30
CA LEU E 569 69.22 43.10 -33.19
C LEU E 569 68.48 42.51 -31.99
N ALA E 570 69.14 41.68 -31.20
CA ALA E 570 68.56 41.11 -29.99
C ALA E 570 69.17 41.77 -28.77
N LYS E 571 68.48 41.63 -27.63
CA LYS E 571 68.88 42.34 -26.43
C LYS E 571 68.47 41.53 -25.21
N ARG E 572 69.26 41.63 -24.14
CA ARG E 572 68.98 40.99 -22.88
C ARG E 572 68.97 42.03 -21.77
N ARG E 573 68.00 41.92 -20.87
CA ARG E 573 67.85 42.86 -19.76
C ARG E 573 67.55 42.07 -18.50
N ARG E 574 67.14 42.76 -17.44
CA ARG E 574 66.85 42.12 -16.17
C ARG E 574 65.62 41.22 -16.30
N ASN E 575 65.82 39.91 -16.16
CA ASN E 575 64.75 38.92 -16.24
C ASN E 575 63.95 39.07 -17.54
N ARG E 576 64.67 39.32 -18.64
CA ARG E 576 64.02 39.58 -19.92
C ARG E 576 65.09 39.55 -21.01
N PHE E 577 64.73 38.99 -22.15
CA PHE E 577 65.61 39.00 -23.31
C PHE E 577 64.78 38.97 -24.58
N LEU E 578 65.40 39.37 -25.68
CA LEU E 578 64.72 39.53 -26.96
C LEU E 578 65.37 38.63 -28.01
N ILE E 579 64.54 38.15 -28.94
CA ILE E 579 64.99 37.34 -30.06
C ILE E 579 64.21 37.76 -31.29
N PRO E 580 64.87 37.94 -32.45
CA PRO E 580 64.21 38.35 -33.70
C PRO E 580 63.11 37.38 -34.15
N ILE E 599 69.11 27.98 -35.47
CA ILE E 599 68.42 27.98 -34.19
C ILE E 599 66.93 28.23 -34.38
N SER E 600 66.11 27.39 -33.76
CA SER E 600 64.66 27.50 -33.84
C SER E 600 64.09 27.60 -32.43
N VAL E 601 63.12 28.50 -32.25
CA VAL E 601 62.54 28.82 -30.95
C VAL E 601 61.11 28.30 -30.91
N GLU E 602 60.79 27.54 -29.87
CA GLU E 602 59.46 26.99 -29.67
C GLU E 602 58.80 27.69 -28.50
N ILE E 603 57.63 28.27 -28.73
CA ILE E 603 56.84 28.93 -27.69
C ILE E 603 55.59 28.09 -27.46
N PRO E 604 55.24 27.79 -26.21
CA PRO E 604 54.07 26.95 -25.94
C PRO E 604 52.79 27.58 -26.45
N ILE E 605 51.74 26.76 -26.52
CA ILE E 605 50.47 27.20 -27.08
C ILE E 605 49.88 28.34 -26.25
N ASN E 606 49.89 28.19 -24.93
CA ASN E 606 49.36 29.24 -24.05
C ASN E 606 50.32 30.43 -23.94
N GLY E 607 51.56 30.30 -24.41
CA GLY E 607 52.53 31.35 -24.25
C GLY E 607 53.14 31.45 -22.87
N ILE E 608 52.96 30.44 -22.04
CA ILE E 608 53.43 30.44 -20.65
C ILE E 608 54.52 29.40 -20.52
N PHE E 609 55.63 29.78 -19.89
CA PHE E 609 56.74 28.89 -19.62
C PHE E 609 56.73 28.51 -18.14
N ARG E 610 56.88 27.22 -17.86
CA ARG E 610 57.09 26.77 -16.50
C ARG E 610 58.56 26.39 -16.32
N ARG E 611 58.94 26.17 -15.07
CA ARG E 611 60.36 26.08 -14.73
C ARG E 611 61.01 24.89 -15.43
N ASN E 612 62.25 25.11 -15.89
CA ASN E 612 63.04 24.12 -16.63
C ASN E 612 62.30 23.65 -17.89
N SER E 613 62.07 24.62 -18.78
CA SER E 613 61.44 24.37 -20.07
C SER E 613 62.44 24.58 -21.20
N ILE E 614 62.19 23.91 -22.32
CA ILE E 614 63.03 24.00 -23.51
C ILE E 614 62.28 24.84 -24.53
N PHE E 615 62.82 26.01 -24.86
CA PHE E 615 62.21 26.90 -25.83
C PHE E 615 62.97 27.01 -27.14
N ALA E 616 64.30 26.92 -27.11
CA ALA E 616 65.12 27.03 -28.30
C ALA E 616 66.03 25.81 -28.41
N PHE E 617 66.01 25.17 -29.57
CA PHE E 617 66.89 24.04 -29.85
C PHE E 617 67.64 24.30 -31.15
N PHE E 618 68.93 23.97 -31.15
CA PHE E 618 69.80 24.20 -32.29
C PHE E 618 70.26 22.85 -32.84
N ASP E 619 69.87 22.54 -34.07
CA ASP E 619 70.28 21.32 -34.75
C ASP E 619 71.54 21.63 -35.54
N ASP E 620 72.69 21.36 -34.94
CA ASP E 620 73.96 21.74 -35.55
C ASP E 620 74.25 20.85 -36.75
N PRO E 621 74.57 21.43 -37.91
CA PRO E 621 74.78 20.60 -39.12
C PRO E 621 75.98 19.68 -39.03
N ARG E 622 76.93 19.92 -38.12
CA ARG E 622 78.15 19.12 -38.08
C ARG E 622 77.89 17.69 -37.63
N TYR E 623 76.71 17.39 -37.10
CA TYR E 623 76.38 16.05 -36.65
C TYR E 623 75.22 15.45 -37.45
N ARG E 624 74.87 16.05 -38.57
CA ARG E 624 73.84 15.50 -39.44
C ARG E 624 74.39 14.35 -40.26
N ARG E 625 73.64 13.26 -40.33
CA ARG E 625 74.03 12.08 -41.07
C ARG E 625 72.90 11.67 -42.01
N LYS E 626 73.23 11.41 -43.27
CA LYS E 626 72.27 10.89 -44.23
C LYS E 626 72.26 9.37 -44.28
N SER E 627 73.06 8.72 -43.46
CA SER E 627 73.14 7.27 -43.37
C SER E 627 72.46 6.77 -42.10
N SER E 628 72.18 5.47 -42.07
CA SER E 628 71.50 4.83 -40.95
C SER E 628 72.48 4.06 -40.08
N GLY E 629 72.04 3.74 -38.88
CA GLY E 629 72.87 3.01 -37.92
C GLY E 629 72.29 3.15 -36.51
N ILE E 630 73.19 3.05 -35.53
CA ILE E 630 72.84 3.26 -34.13
C ILE E 630 73.81 4.27 -33.53
N LEU E 631 73.38 4.89 -32.44
CA LEU E 631 74.16 5.92 -31.76
C LEU E 631 74.71 5.36 -30.45
N LYS E 632 76.00 5.57 -30.22
CA LYS E 632 76.70 5.04 -29.05
C LYS E 632 77.22 6.18 -28.20
N TYR E 633 76.99 6.09 -26.89
CA TYR E 633 77.54 7.06 -25.94
C TYR E 633 77.50 6.49 -24.52
N ASP E 665 81.46 13.69 -23.28
CA ASP E 665 81.91 14.60 -24.32
C ASP E 665 82.34 13.85 -25.58
N ARG E 666 81.80 12.65 -25.75
CA ARG E 666 82.13 11.82 -26.91
C ARG E 666 80.99 10.85 -27.19
N PHE E 667 80.56 10.79 -28.45
CA PHE E 667 79.54 9.84 -28.87
C PHE E 667 79.97 9.18 -30.18
N PHE E 668 79.39 8.00 -30.42
CA PHE E 668 79.77 7.19 -31.56
C PHE E 668 78.52 6.79 -32.36
N PHE E 669 78.73 6.47 -33.63
CA PHE E 669 77.64 6.15 -34.55
C PHE E 669 78.17 5.17 -35.59
N ILE E 670 77.85 3.90 -35.43
CA ILE E 670 78.24 2.90 -36.43
C ILE E 670 77.21 2.91 -37.57
N PRO E 671 77.65 3.02 -38.82
CA PRO E 671 76.71 2.93 -39.95
C PRO E 671 76.40 1.48 -40.28
N GLU E 672 75.16 1.07 -40.03
CA GLU E 672 74.69 -0.28 -40.34
C GLU E 672 73.29 -0.19 -40.94
N GLU E 673 73.17 -0.57 -42.20
CA GLU E 673 71.88 -0.53 -42.88
C GLU E 673 71.07 -1.76 -42.48
N VAL E 674 70.12 -1.57 -41.57
CA VAL E 674 69.31 -2.66 -41.02
C VAL E 674 67.99 -2.72 -41.77
N HIS E 675 67.67 -3.90 -42.30
CA HIS E 675 66.43 -4.14 -43.02
C HIS E 675 65.60 -5.17 -42.28
N ILE E 676 64.30 -4.95 -42.23
CA ILE E 676 63.34 -5.93 -41.69
C ILE E 676 62.43 -6.35 -42.83
N LEU E 677 62.35 -7.66 -43.07
CA LEU E 677 61.60 -8.18 -44.19
C LEU E 677 60.70 -9.33 -43.74
N PRO E 678 59.55 -9.50 -44.38
CA PRO E 678 58.68 -10.64 -44.06
C PRO E 678 59.30 -11.95 -44.49
N GLU E 679 58.81 -13.03 -43.88
CA GLU E 679 59.28 -14.37 -44.23
C GLU E 679 58.91 -14.75 -45.67
N SER E 680 57.93 -14.08 -46.26
CA SER E 680 57.51 -14.36 -47.62
C SER E 680 58.29 -13.59 -48.67
N SER E 681 59.28 -12.81 -48.27
CA SER E 681 60.08 -12.04 -49.21
C SER E 681 61.07 -12.93 -49.96
N ALA E 682 61.63 -12.38 -51.03
CA ALA E 682 62.67 -13.04 -51.80
C ALA E 682 63.98 -12.30 -51.63
N ILE E 683 65.03 -13.04 -51.29
CA ILE E 683 66.34 -12.46 -50.98
C ILE E 683 67.27 -12.73 -52.15
N MET E 684 67.77 -11.67 -52.78
CA MET E 684 68.65 -11.80 -53.93
C MET E 684 70.13 -11.86 -53.55
N VAL E 685 70.46 -11.73 -52.28
CA VAL E 685 71.86 -11.72 -51.82
C VAL E 685 72.05 -12.85 -50.82
N GLU E 686 73.14 -13.60 -50.99
CA GLU E 686 73.44 -14.74 -50.14
C GLU E 686 74.03 -14.28 -48.81
N ASN E 687 73.96 -15.16 -47.82
CA ASN E 687 74.51 -14.86 -46.51
C ASN E 687 76.03 -14.87 -46.55
N TYR E 688 76.65 -13.96 -45.77
CA TYR E 688 78.11 -13.84 -45.69
C TYR E 688 78.71 -13.58 -47.06
N SER E 689 78.08 -12.72 -47.84
CA SER E 689 78.56 -12.32 -49.16
C SER E 689 78.81 -10.81 -49.18
N ILE E 690 79.73 -10.39 -50.06
CA ILE E 690 80.13 -8.99 -50.17
C ILE E 690 79.35 -8.36 -51.31
N ILE E 691 78.78 -7.17 -51.05
CA ILE E 691 78.04 -6.42 -52.04
C ILE E 691 78.63 -5.03 -52.16
N GLY E 692 78.22 -4.33 -53.22
CA GLY E 692 78.66 -2.97 -53.47
C GLY E 692 77.53 -1.96 -53.34
N VAL E 693 77.83 -0.75 -53.79
CA VAL E 693 76.85 0.33 -53.76
C VAL E 693 75.74 0.05 -54.76
N ASP E 694 74.50 0.34 -54.36
CA ASP E 694 73.31 0.17 -55.20
C ASP E 694 73.12 -1.29 -55.60
N THR E 695 73.44 -2.20 -54.69
CA THR E 695 73.22 -3.63 -54.90
C THR E 695 71.80 -3.99 -54.48
N ARG E 696 71.07 -4.67 -55.36
CA ARG E 696 69.68 -4.98 -55.11
C ARG E 696 69.55 -6.00 -53.98
N ILE E 697 68.65 -5.72 -53.04
CA ILE E 697 68.35 -6.63 -51.93
C ILE E 697 67.08 -7.42 -52.20
N THR E 698 65.96 -6.72 -52.44
CA THR E 698 64.71 -7.33 -52.85
C THR E 698 64.22 -6.64 -54.11
N LEU E 699 63.09 -7.11 -54.63
CA LEU E 699 62.58 -6.60 -55.90
C LEU E 699 62.25 -5.12 -55.86
N ASN E 700 61.97 -4.56 -54.68
CA ASN E 700 61.59 -3.16 -54.55
C ASN E 700 62.49 -2.38 -53.60
N ILE E 701 63.55 -3.00 -53.07
CA ILE E 701 64.47 -2.34 -52.15
C ILE E 701 65.89 -2.57 -52.65
N ARG E 702 66.67 -1.50 -52.71
CA ARG E 702 68.07 -1.56 -53.13
C ARG E 702 68.96 -1.03 -52.01
N SER E 703 70.10 -1.68 -51.82
CA SER E 703 71.00 -1.31 -50.73
C SER E 703 71.68 0.03 -51.01
N GLN E 704 71.64 0.92 -50.02
CA GLN E 704 72.31 2.21 -50.16
C GLN E 704 73.82 2.07 -50.03
N VAL E 705 74.28 1.25 -49.08
CA VAL E 705 75.70 1.05 -48.83
C VAL E 705 76.00 -0.44 -48.97
N GLY E 706 77.16 -0.75 -49.57
CA GLY E 706 77.56 -2.13 -49.77
C GLY E 706 78.41 -2.68 -48.64
N GLY E 707 78.82 -3.93 -48.81
CA GLY E 707 79.68 -4.58 -47.84
C GLY E 707 79.26 -5.99 -47.48
N LEU E 708 79.64 -6.43 -46.29
CA LEU E 708 79.27 -7.76 -45.82
C LEU E 708 77.76 -7.85 -45.61
N ILE E 709 77.22 -9.04 -45.87
CA ILE E 709 75.79 -9.30 -45.74
C ILE E 709 75.58 -10.40 -44.72
N ARG E 710 74.75 -10.13 -43.71
CA ARG E 710 74.37 -11.10 -42.70
C ARG E 710 72.85 -11.12 -42.59
N VAL E 711 72.27 -12.31 -42.64
CA VAL E 711 70.82 -12.49 -42.63
C VAL E 711 70.45 -13.41 -41.48
N GLU E 712 69.46 -13.00 -40.70
CA GLU E 712 68.91 -13.82 -39.63
C GLU E 712 67.40 -13.92 -39.81
N ARG E 713 66.88 -15.14 -39.80
CA ARG E 713 65.46 -15.40 -40.01
C ARG E 713 64.80 -15.76 -38.68
N LYS E 714 63.71 -15.07 -38.37
CA LYS E 714 62.95 -15.32 -37.16
C LYS E 714 61.70 -16.14 -37.50
N LYS E 715 60.82 -16.31 -36.53
CA LYS E 715 59.62 -17.11 -36.74
C LYS E 715 58.71 -16.50 -37.79
N LYS E 716 58.53 -15.18 -37.76
CA LYS E 716 57.62 -14.50 -38.67
C LYS E 716 58.28 -13.45 -39.54
N ARG E 717 59.52 -13.08 -39.28
CA ARG E 717 60.20 -12.03 -40.04
C ARG E 717 61.61 -12.46 -40.37
N ILE E 718 62.13 -11.90 -41.47
CA ILE E 718 63.50 -12.13 -41.91
C ILE E 718 64.26 -10.82 -41.72
N GLU E 719 65.35 -10.88 -40.97
CA GLU E 719 66.16 -9.71 -40.65
C GLU E 719 67.43 -9.74 -41.49
N LEU E 720 67.60 -8.74 -42.35
CA LEU E 720 68.78 -8.61 -43.21
C LEU E 720 69.53 -7.34 -42.80
N LYS E 721 70.81 -7.50 -42.48
CA LYS E 721 71.67 -6.38 -42.11
C LYS E 721 72.83 -6.28 -43.08
N ILE E 722 73.17 -5.05 -43.47
CA ILE E 722 74.26 -4.79 -44.41
C ILE E 722 75.37 -4.12 -43.63
N PHE E 723 76.56 -4.74 -43.66
CA PHE E 723 77.71 -4.29 -42.88
C PHE E 723 78.78 -3.75 -43.82
N SER E 724 79.22 -2.52 -43.56
CA SER E 724 80.26 -1.87 -44.36
C SER E 724 81.50 -1.71 -43.50
N GLY E 725 82.59 -2.36 -43.90
CA GLY E 725 83.83 -2.28 -43.15
C GLY E 725 84.94 -3.00 -43.88
N ASP E 726 86.13 -2.94 -43.28
CA ASP E 726 87.33 -3.54 -43.85
C ASP E 726 87.52 -4.94 -43.28
N ILE E 727 87.63 -5.93 -44.17
CA ILE E 727 87.71 -7.33 -43.76
C ILE E 727 89.17 -7.72 -43.62
N HIS E 728 89.52 -8.28 -42.46
CA HIS E 728 90.85 -8.78 -42.18
C HIS E 728 90.76 -10.21 -41.68
N PHE E 729 91.86 -10.94 -41.83
CA PHE E 729 91.88 -12.35 -41.47
C PHE E 729 92.86 -12.61 -40.33
N PRO E 730 92.58 -13.59 -39.48
CA PRO E 730 93.46 -13.85 -38.33
C PRO E 730 94.81 -14.41 -38.76
N ASP E 731 95.80 -14.19 -37.91
CA ASP E 731 97.14 -14.71 -38.09
C ASP E 731 97.46 -15.71 -36.99
N LYS E 732 98.56 -16.46 -37.18
CA LYS E 732 98.95 -17.46 -36.21
C LYS E 732 99.29 -16.83 -34.86
N THR E 733 99.99 -15.70 -34.88
CA THR E 733 100.44 -15.05 -33.66
C THR E 733 99.47 -13.99 -33.14
N ASP E 734 98.36 -13.74 -33.85
CA ASP E 734 97.40 -12.76 -33.38
C ASP E 734 96.67 -13.30 -32.15
N LYS E 735 96.51 -12.44 -31.15
CA LYS E 735 95.86 -12.80 -29.89
C LYS E 735 94.47 -12.19 -29.75
N ILE E 736 93.71 -12.14 -30.83
CA ILE E 736 92.34 -11.64 -30.76
C ILE E 736 91.51 -12.61 -29.91
N SER E 737 90.95 -12.10 -28.82
CA SER E 737 90.28 -12.95 -27.84
C SER E 737 88.91 -13.38 -28.35
N ARG E 738 88.22 -14.18 -27.53
CA ARG E 738 86.90 -14.69 -27.88
C ARG E 738 85.80 -13.64 -27.78
N HIS E 739 86.11 -12.45 -27.28
CA HIS E 739 85.11 -11.39 -27.20
C HIS E 739 84.57 -11.05 -28.58
N SER E 740 83.24 -10.92 -28.66
CA SER E 740 82.60 -10.67 -29.96
C SER E 740 83.04 -9.34 -30.55
N GLY E 741 83.10 -8.29 -29.72
CA GLY E 741 83.48 -6.99 -30.20
C GLY E 741 84.48 -6.28 -29.33
N ILE E 742 85.62 -5.89 -29.90
CA ILE E 742 86.69 -5.20 -29.18
C ILE E 742 86.92 -3.85 -29.83
N LEU E 743 86.88 -2.80 -29.02
CA LEU E 743 87.06 -1.43 -29.50
C LEU E 743 88.46 -0.94 -29.13
N ILE E 744 89.19 -0.46 -30.13
CA ILE E 744 90.56 0.01 -29.97
C ILE E 744 90.56 1.53 -30.18
N PRO E 745 90.87 2.32 -29.15
CA PRO E 745 90.93 3.77 -29.34
C PRO E 745 92.06 4.14 -30.28
N PRO E 746 91.95 5.26 -30.97
CA PRO E 746 92.99 5.64 -31.92
C PRO E 746 94.31 5.92 -31.23
N GLY E 747 95.40 5.60 -31.93
CA GLY E 747 96.73 5.81 -31.40
C GLY E 747 97.20 7.25 -31.47
N LYS E 760 92.87 8.54 -37.13
CA LYS E 760 92.35 9.56 -36.22
C LYS E 760 91.05 9.13 -35.59
N ASN E 761 90.61 7.91 -35.91
CA ASN E 761 89.30 7.43 -35.49
C ASN E 761 89.43 6.20 -34.61
N TRP E 762 88.46 6.03 -33.71
CA TRP E 762 88.38 4.82 -32.90
C TRP E 762 88.22 3.60 -33.80
N ILE E 763 89.01 2.56 -33.52
CA ILE E 763 89.00 1.34 -34.32
C ILE E 763 88.18 0.29 -33.57
N TYR E 764 87.09 -0.15 -34.19
CA TYR E 764 86.21 -1.15 -33.60
C TYR E 764 86.41 -2.47 -34.35
N VAL E 765 86.75 -3.51 -33.60
CA VAL E 765 86.99 -4.85 -34.15
C VAL E 765 85.91 -5.78 -33.66
N GLN E 766 85.19 -6.41 -34.58
CA GLN E 766 84.16 -7.38 -34.26
C GLN E 766 84.47 -8.69 -34.97
N ARG E 767 84.26 -9.80 -34.27
CA ARG E 767 84.53 -11.12 -34.80
C ARG E 767 83.22 -11.80 -35.19
N ILE E 768 83.14 -12.25 -36.44
CA ILE E 768 81.98 -12.95 -36.96
C ILE E 768 82.43 -14.32 -37.46
N THR E 769 81.70 -15.36 -37.06
CA THR E 769 82.02 -16.74 -37.42
C THR E 769 80.90 -17.28 -38.28
N PRO E 770 81.04 -17.24 -39.62
CA PRO E 770 80.02 -17.87 -40.47
C PRO E 770 79.87 -19.36 -40.21
N THR E 771 80.96 -20.04 -39.89
CA THR E 771 80.95 -21.44 -39.50
C THR E 771 81.72 -21.59 -38.21
N LYS E 772 81.65 -22.79 -37.62
CA LYS E 772 82.32 -23.03 -36.35
C LYS E 772 83.84 -22.97 -36.49
N LYS E 773 84.37 -23.48 -37.61
CA LYS E 773 85.81 -23.59 -37.80
C LYS E 773 86.41 -22.40 -38.56
N LYS E 774 85.61 -21.41 -38.92
CA LYS E 774 86.11 -20.25 -39.66
C LYS E 774 85.64 -18.97 -38.98
N PHE E 775 86.50 -17.94 -39.03
CA PHE E 775 86.13 -16.61 -38.56
C PHE E 775 87.05 -15.60 -39.24
N PHE E 776 86.65 -14.34 -39.17
CA PHE E 776 87.40 -13.26 -39.79
C PHE E 776 87.33 -12.03 -38.88
N VAL E 777 87.91 -10.93 -39.35
CA VAL E 777 88.01 -9.69 -38.60
C VAL E 777 87.47 -8.55 -39.45
N LEU E 778 86.71 -7.65 -38.83
CA LEU E 778 86.22 -6.44 -39.49
C LEU E 778 86.69 -5.23 -38.69
N VAL E 779 87.20 -4.22 -39.40
CA VAL E 779 87.71 -3.00 -38.79
C VAL E 779 86.94 -1.81 -39.36
N ARG E 780 86.32 -1.02 -38.48
CA ARG E 780 85.53 0.12 -38.91
C ARG E 780 85.75 1.32 -38.00
N PRO E 781 86.22 2.45 -38.54
CA PRO E 781 86.08 3.72 -37.81
C PRO E 781 84.62 4.04 -37.61
N VAL E 782 84.28 4.65 -36.47
CA VAL E 782 82.87 4.71 -36.12
C VAL E 782 82.30 6.11 -36.31
N ALA E 783 82.66 7.06 -35.44
CA ALA E 783 82.19 8.42 -35.67
C ALA E 783 83.26 9.49 -35.44
N THR E 784 84.01 9.36 -34.35
CA THR E 784 84.86 10.42 -33.84
C THR E 784 84.25 11.80 -34.01
N TYR E 785 83.03 11.99 -33.53
CA TYR E 785 82.33 13.27 -33.61
C TYR E 785 82.29 13.90 -32.22
N GLU E 786 82.95 15.03 -32.07
CA GLU E 786 82.98 15.78 -30.82
C GLU E 786 82.13 17.03 -30.98
N ILE E 787 81.21 17.25 -30.05
CA ILE E 787 80.34 18.41 -30.08
C ILE E 787 81.04 19.58 -29.39
N ALA E 788 80.83 20.77 -29.92
CA ALA E 788 81.32 21.97 -29.25
C ALA E 788 80.62 22.11 -27.90
N ASP E 789 81.41 22.07 -26.82
CA ASP E 789 80.83 22.22 -25.49
C ASP E 789 80.14 23.56 -25.32
N SER E 790 80.47 24.55 -26.14
CA SER E 790 79.84 25.86 -26.10
C SER E 790 79.49 26.31 -27.52
N ILE E 791 78.33 26.92 -27.66
CA ILE E 791 77.91 27.53 -28.92
C ILE E 791 78.02 29.04 -28.77
N ASN E 792 78.60 29.70 -29.78
CA ASN E 792 78.90 31.12 -29.67
C ASN E 792 77.62 31.95 -29.74
N LEU E 793 76.74 31.82 -28.72
CA LEU E 793 75.43 32.51 -28.72
C LEU E 793 75.60 34.02 -28.89
N ALA E 794 76.68 34.42 -29.53
CA ALA E 794 76.87 35.83 -29.89
C ALA E 794 76.49 35.88 -31.36
N THR E 795 75.61 34.97 -31.78
CA THR E 795 74.42 35.34 -32.61
C THR E 795 73.14 35.25 -31.76
N LEU E 796 73.26 35.17 -30.43
CA LEU E 796 72.05 35.22 -29.55
C LEU E 796 71.94 36.61 -28.90
N PHE E 797 72.92 37.04 -28.11
CA PHE E 797 72.91 38.33 -27.43
C PHE E 797 74.25 39.04 -27.62
N PRO E 798 74.25 40.37 -27.65
CA PRO E 798 75.47 41.13 -27.97
C PRO E 798 76.55 41.08 -26.89
N LYS E 799 76.34 40.38 -25.77
CA LYS E 799 77.31 40.29 -24.68
C LYS E 799 77.63 41.69 -24.15
N ASP E 800 76.61 42.30 -23.54
CA ASP E 800 76.74 43.64 -23.02
C ASP E 800 77.82 43.71 -21.94
N LEU E 801 78.34 44.93 -21.74
CA LEU E 801 79.40 45.13 -20.76
C LEU E 801 78.95 44.77 -19.35
N PHE E 802 77.74 45.16 -18.98
CA PHE E 802 77.19 44.91 -17.65
C PHE E 802 75.94 44.04 -17.75
N ARG E 803 75.85 43.05 -16.87
CA ARG E 803 74.68 42.20 -16.77
C ARG E 803 74.32 42.05 -15.30
N GLU E 804 73.10 42.41 -14.95
CA GLU E 804 72.64 42.34 -13.57
C GLU E 804 72.29 40.91 -13.19
N LYS E 805 72.12 40.69 -11.89
CA LYS E 805 71.59 39.42 -11.41
C LYS E 805 70.16 39.24 -11.89
N ASP E 806 69.84 38.04 -12.37
CA ASP E 806 68.53 37.75 -12.88
C ASP E 806 67.98 36.50 -12.21
N ASN E 807 66.69 36.55 -11.84
CA ASN E 807 66.03 35.35 -11.34
C ASN E 807 65.99 34.27 -12.41
N ILE E 808 65.72 34.66 -13.65
CA ILE E 808 65.79 33.71 -14.76
C ILE E 808 67.25 33.41 -15.08
N GLN E 809 67.49 32.23 -15.65
CA GLN E 809 68.82 31.85 -16.07
C GLN E 809 68.70 30.84 -17.20
N LEU E 810 69.60 30.95 -18.17
CA LEU E 810 69.63 30.07 -19.33
C LEU E 810 70.81 29.12 -19.21
N ARG E 811 70.62 27.88 -19.65
CA ARG E 811 71.67 26.88 -19.62
C ARG E 811 71.74 26.16 -20.96
N VAL E 812 72.96 25.87 -21.41
CA VAL E 812 73.17 25.10 -22.63
C VAL E 812 73.09 23.63 -22.26
N PHE E 813 71.98 22.98 -22.65
CA PHE E 813 71.75 21.58 -22.34
C PHE E 813 72.18 20.74 -23.54
N ASN E 814 73.13 19.82 -23.30
CA ASN E 814 73.56 18.90 -24.33
C ASN E 814 72.60 17.71 -24.36
N TYR E 815 71.99 17.48 -25.51
CA TYR E 815 71.03 16.41 -25.69
C TYR E 815 71.58 15.37 -26.67
N ILE E 816 71.05 14.16 -26.57
CA ILE E 816 71.37 13.07 -27.48
C ILE E 816 70.05 12.45 -27.93
N LEU E 817 69.69 12.66 -29.19
CA LEU E 817 68.37 12.26 -29.67
C LEU E 817 68.15 10.75 -29.60
N TYR E 818 69.16 9.96 -29.96
CA TYR E 818 69.05 8.51 -29.99
C TYR E 818 69.74 7.92 -28.76
N GLY E 819 69.10 6.93 -28.15
CA GLY E 819 69.65 6.30 -26.96
C GLY E 819 70.86 5.46 -27.28
N ASN E 820 71.54 5.03 -26.21
CA ASN E 820 72.75 4.22 -26.32
C ASN E 820 72.37 2.86 -26.90
N GLY E 821 72.72 2.64 -28.17
CA GLY E 821 72.40 1.41 -28.86
C GLY E 821 71.09 1.42 -29.63
N LYS E 822 70.29 2.47 -29.48
CA LYS E 822 69.03 2.53 -30.22
C LYS E 822 69.30 2.82 -31.69
N PRO E 823 68.62 2.11 -32.60
CA PRO E 823 68.89 2.31 -34.03
C PRO E 823 68.40 3.68 -34.52
N THR E 824 69.04 4.16 -35.57
CA THR E 824 68.68 5.41 -36.23
C THR E 824 68.19 5.10 -37.63
N ARG E 825 67.04 5.68 -38.00
CA ARG E 825 66.43 5.46 -39.31
C ARG E 825 66.41 6.77 -40.08
N GLY E 826 66.84 6.72 -41.34
CA GLY E 826 66.87 7.89 -42.19
C GLY E 826 66.19 7.69 -43.53
N ILE E 827 65.15 8.47 -43.80
CA ILE E 827 64.45 8.36 -45.08
C ILE E 827 65.26 9.05 -46.17
N SER E 828 64.96 8.68 -47.42
CA SER E 828 65.70 9.23 -48.56
C SER E 828 65.54 10.74 -48.64
N ASP E 829 66.64 11.42 -48.99
CA ASP E 829 66.71 12.88 -49.11
C ASP E 829 66.40 13.59 -47.80
N THR E 830 66.50 12.89 -46.68
CA THR E 830 66.33 13.49 -45.35
C THR E 830 67.43 12.96 -44.45
N SER E 831 68.12 13.87 -43.77
CA SER E 831 69.25 13.51 -42.92
C SER E 831 68.76 13.08 -41.53
N ILE E 832 69.71 12.75 -40.67
CA ILE E 832 69.44 12.33 -39.29
C ILE E 832 70.14 13.28 -38.34
N GLN E 833 69.39 13.82 -37.39
CA GLN E 833 69.96 14.66 -36.34
C GLN E 833 70.29 13.78 -35.14
N LEU E 834 71.49 13.97 -34.58
CA LEU E 834 72.01 13.11 -33.53
C LEU E 834 72.25 13.81 -32.19
N VAL E 835 72.18 15.13 -32.14
CA VAL E 835 72.47 15.84 -30.89
C VAL E 835 71.28 16.69 -30.48
N ARG E 836 70.94 17.69 -31.29
CA ARG E 836 69.86 18.62 -31.00
C ARG E 836 70.08 19.31 -29.65
N THR E 837 71.13 20.13 -29.62
CA THR E 837 71.44 20.93 -28.44
C THR E 837 70.28 21.89 -28.15
N CYS E 838 69.97 22.04 -26.87
CA CYS E 838 68.82 22.84 -26.44
C CYS E 838 69.22 23.77 -25.31
N LEU E 839 68.43 24.83 -25.16
CA LEU E 839 68.60 25.82 -24.10
C LEU E 839 67.38 25.76 -23.18
N VAL E 840 67.63 25.71 -21.87
CA VAL E 840 66.58 25.51 -20.88
C VAL E 840 66.33 26.83 -20.16
N LEU E 841 65.06 27.22 -20.08
CA LEU E 841 64.63 28.42 -19.37
C LEU E 841 64.27 28.03 -17.94
N ASN E 842 65.15 28.37 -16.99
CA ASN E 842 64.97 28.01 -15.60
C ASN E 842 65.12 29.24 -14.72
N TRP E 843 64.33 29.31 -13.65
CA TRP E 843 64.43 30.40 -12.69
C TRP E 843 64.12 29.92 -11.29
N VAL E 855 56.31 32.52 -16.79
CA VAL E 855 56.94 33.42 -17.76
C VAL E 855 56.06 33.59 -18.99
N ARG E 856 55.63 34.82 -19.23
CA ARG E 856 54.82 35.12 -20.40
C ARG E 856 55.71 35.32 -21.63
N ALA E 857 55.08 35.60 -22.76
CA ALA E 857 55.80 35.82 -24.01
C ALA E 857 54.86 36.50 -24.99
N PHE E 858 55.34 37.55 -25.64
CA PHE E 858 54.52 38.27 -26.61
C PHE E 858 55.41 38.93 -27.65
N PHE E 859 54.81 39.24 -28.80
CA PHE E 859 55.55 39.78 -29.92
C PHE E 859 55.90 41.25 -29.70
N VAL E 860 57.04 41.65 -30.25
CA VAL E 860 57.46 43.05 -30.28
C VAL E 860 57.72 43.41 -31.74
N GLU E 861 56.92 44.32 -32.27
CA GLU E 861 57.00 44.71 -33.68
C GLU E 861 57.36 46.18 -33.76
N VAL E 862 58.52 46.47 -34.34
CA VAL E 862 58.96 47.83 -34.61
C VAL E 862 58.73 48.12 -36.08
N ASN E 863 58.14 49.28 -36.37
CA ASN E 863 57.83 49.65 -37.75
C ASN E 863 58.35 51.04 -38.05
N THR E 864 58.76 51.23 -39.31
CA THR E 864 59.29 52.50 -39.77
C THR E 864 58.89 52.68 -41.23
N LYS E 865 57.95 53.58 -41.48
CA LYS E 865 57.50 53.90 -42.83
C LYS E 865 57.03 52.65 -43.58
N GLY E 866 56.33 51.77 -42.88
CA GLY E 866 55.81 50.56 -43.46
C GLY E 866 56.72 49.35 -43.39
N LEU E 867 57.96 49.52 -42.94
CA LEU E 867 58.89 48.40 -42.80
C LEU E 867 58.59 47.66 -41.50
N ILE E 868 58.27 46.38 -41.62
CA ILE E 868 57.75 45.60 -40.49
C ILE E 868 58.76 44.53 -40.12
N ARG E 869 58.96 44.35 -38.81
CA ARG E 869 59.81 43.30 -38.28
C ARG E 869 59.37 42.97 -36.86
N ASP E 870 59.21 41.68 -36.58
CA ASP E 870 58.72 41.22 -35.28
C ASP E 870 59.83 40.62 -34.46
N PHE E 871 59.68 40.70 -33.13
CA PHE E 871 60.65 40.15 -32.20
C PHE E 871 59.94 39.29 -31.16
N ILE E 872 60.71 38.41 -30.54
CA ILE E 872 60.21 37.54 -29.49
C ILE E 872 60.70 38.07 -28.15
N ARG E 873 59.77 38.36 -27.25
CA ARG E 873 60.09 38.92 -25.94
C ARG E 873 59.72 37.89 -24.88
N ILE E 874 60.70 37.45 -24.11
CA ILE E 874 60.52 36.45 -23.07
C ILE E 874 60.99 37.08 -21.77
N GLY E 875 60.04 37.50 -20.92
CA GLY E 875 60.37 38.17 -19.70
C GLY E 875 59.51 37.69 -18.55
N LEU E 876 59.84 38.18 -17.35
CA LEU E 876 59.15 37.76 -16.14
C LEU E 876 58.38 38.90 -15.51
N ARG E 885 60.31 46.91 -4.68
CA ARG E 885 60.83 48.27 -4.60
C ARG E 885 60.58 49.03 -5.90
N LYS E 886 60.81 50.35 -5.85
CA LYS E 886 60.61 51.17 -7.05
C LYS E 886 61.64 50.85 -8.12
N ARG E 887 62.84 50.41 -7.72
CA ARG E 887 63.88 50.07 -8.69
C ARG E 887 63.48 48.89 -9.56
N ASN E 888 62.96 47.83 -8.93
CA ASN E 888 62.66 46.58 -9.62
C ASN E 888 61.41 46.67 -10.49
N ASN E 889 60.85 47.85 -10.67
CA ASN E 889 59.73 48.02 -11.58
C ASN E 889 60.25 47.90 -13.02
N PRO E 890 59.73 46.95 -13.82
CA PRO E 890 60.20 46.78 -15.20
C PRO E 890 59.73 47.91 -16.12
N MET E 901 49.35 58.87 -16.26
CA MET E 901 50.64 58.22 -16.03
C MET E 901 51.79 59.15 -16.41
N ASN E 902 51.91 59.46 -17.70
CA ASN E 902 52.97 60.34 -18.16
C ASN E 902 52.59 61.79 -17.90
N PRO E 903 53.34 62.53 -17.09
CA PRO E 903 52.99 63.93 -16.84
C PRO E 903 53.02 64.79 -18.10
N PHE E 904 53.91 64.52 -19.04
CA PHE E 904 53.95 65.28 -20.28
C PHE E 904 52.68 65.08 -21.09
N TYR E 905 52.21 63.85 -21.16
CA TYR E 905 50.99 63.54 -21.91
C TYR E 905 49.76 63.65 -21.01
N HIS E 922 28.99 62.61 2.61
CA HIS E 922 29.67 63.16 3.77
C HIS E 922 29.79 62.11 4.87
N GLY E 923 30.01 62.58 6.10
CA GLY E 923 30.11 61.68 7.25
C GLY E 923 31.36 61.91 8.06
N THR E 924 31.27 61.60 9.35
CA THR E 924 32.38 61.72 10.29
C THR E 924 32.82 60.33 10.72
N ILE E 925 34.13 60.12 10.78
CA ILE E 925 34.68 58.82 11.12
C ILE E 925 34.65 58.63 12.62
N ARG E 926 34.11 57.50 13.07
CA ARG E 926 34.13 57.11 14.47
C ARG E 926 34.92 55.82 14.60
N MET E 927 36.07 55.90 15.27
CA MET E 927 36.97 54.77 15.44
C MET E 927 37.20 54.48 16.91
N PHE E 928 37.45 53.21 17.21
CA PHE E 928 37.81 52.78 18.55
C PHE E 928 38.45 51.40 18.52
N SER E 937 37.73 48.89 13.69
CA SER E 937 36.30 49.15 13.86
C SER E 937 35.98 50.60 13.51
N LEU E 938 35.10 50.80 12.53
CA LEU E 938 34.79 52.13 12.04
C LEU E 938 33.28 52.26 11.85
N LEU E 939 32.74 53.39 12.30
CA LEU E 939 31.36 53.79 12.03
C LEU E 939 31.38 55.19 11.45
N ILE E 940 30.41 55.46 10.57
CA ILE E 940 30.26 56.75 9.93
C ILE E 940 29.06 57.46 10.55
N LEU E 941 29.28 58.63 11.12
CA LEU E 941 28.21 59.46 11.65
C LEU E 941 27.93 60.60 10.67
N SER E 942 26.67 60.76 10.32
CA SER E 942 26.27 61.75 9.31
C SER E 942 24.87 62.24 9.66
N SER E 943 24.22 62.86 8.67
CA SER E 943 22.86 63.33 8.86
C SER E 943 21.83 62.21 8.78
N SER E 944 22.25 60.99 8.45
CA SER E 944 21.35 59.85 8.44
C SER E 944 21.11 59.28 9.83
N ASN E 945 21.93 59.64 10.81
CA ASN E 945 21.78 59.14 12.16
C ASN E 945 21.86 60.22 13.23
N CYS E 946 22.24 61.44 12.89
CA CYS E 946 22.35 62.53 13.85
C CYS E 946 21.46 63.67 13.40
N PHE E 947 20.64 64.18 14.31
CA PHE E 947 19.68 65.23 14.01
C PHE E 947 19.62 66.22 15.15
N ARG E 948 19.19 67.44 14.84
CA ARG E 948 19.12 68.53 15.80
C ARG E 948 17.71 68.65 16.36
N ILE E 949 17.59 68.74 17.68
CA ILE E 949 16.33 69.01 18.36
C ILE E 949 16.44 70.36 19.04
N GLY E 950 15.51 71.26 18.75
CA GLY E 950 15.50 72.57 19.34
C GLY E 950 15.08 73.68 18.39
N THR E 972 38.79 102.02 31.80
CA THR E 972 38.70 100.67 31.26
C THR E 972 37.71 100.61 30.10
N ILE E 973 37.76 99.51 29.35
CA ILE E 973 36.91 99.33 28.18
C ILE E 973 35.95 98.17 28.43
N LYS E 974 35.05 97.93 27.46
CA LYS E 974 34.06 96.87 27.58
C LYS E 974 34.75 95.50 27.64
N ASN E 975 34.27 94.65 28.55
CA ASN E 975 34.81 93.30 28.67
C ASN E 975 34.41 92.47 27.45
N SER E 976 35.39 91.79 26.86
CA SER E 976 35.15 90.96 25.70
C SER E 976 36.10 89.77 25.74
N SER E 977 35.66 88.67 25.14
CA SER E 977 36.51 87.48 25.06
C SER E 977 37.66 87.71 24.10
N GLY E 978 38.85 87.26 24.49
CA GLY E 978 40.01 87.40 23.65
C GLY E 978 41.30 87.07 24.39
N PRO E 979 42.43 87.25 23.71
CA PRO E 979 43.72 86.97 24.35
C PRO E 979 44.02 87.94 25.47
N LEU E 980 44.76 87.46 26.45
CA LEU E 980 45.26 88.29 27.55
C LEU E 980 46.77 88.48 27.47
N GLY E 981 47.40 88.08 26.37
CA GLY E 981 48.84 88.11 26.24
C GLY E 981 49.41 86.70 26.25
N THR E 982 50.73 86.64 26.09
CA THR E 982 51.47 85.39 26.08
C THR E 982 52.14 85.22 27.44
N ALA E 983 51.70 84.21 28.19
CA ALA E 983 52.28 83.96 29.50
C ALA E 983 53.75 83.59 29.37
N ILE E 984 54.55 84.06 30.31
CA ILE E 984 55.99 83.87 30.27
C ILE E 984 56.40 82.93 31.39
N GLN E 985 57.60 82.37 31.25
CA GLN E 985 58.11 81.42 32.24
C GLN E 985 58.43 82.13 33.54
N ILE E 986 57.97 81.56 34.64
CA ILE E 986 58.36 81.98 35.98
C ILE E 986 59.44 81.01 36.46
N SER E 987 60.64 81.54 36.71
CA SER E 987 61.77 80.70 37.06
C SER E 987 61.64 80.04 38.43
N ASN E 988 60.70 80.49 39.26
CA ASN E 988 60.48 79.87 40.56
C ASN E 988 59.85 78.49 40.44
N PHE E 989 59.29 78.15 39.27
CA PHE E 989 58.66 76.86 39.05
C PHE E 989 59.41 75.98 38.06
N TYR E 990 60.52 76.46 37.50
CA TYR E 990 61.40 75.65 36.64
C TYR E 990 60.64 74.98 35.50
N SER E 991 59.73 75.73 34.87
CA SER E 991 58.93 75.21 33.77
C SER E 991 59.08 76.11 32.56
N PHE E 992 59.43 75.52 31.41
CA PHE E 992 59.54 76.29 30.17
C PHE E 992 58.24 77.01 29.85
N LEU E 993 57.13 76.28 29.85
CA LEU E 993 55.81 76.86 29.73
C LEU E 993 55.15 76.89 31.10
N PRO E 994 54.62 78.03 31.53
CA PRO E 994 54.11 78.13 32.90
C PRO E 994 52.94 77.19 33.15
N LEU E 995 52.89 76.64 34.37
CA LEU E 995 51.77 75.79 34.75
C LEU E 995 50.50 76.61 34.93
N LEU E 996 50.60 77.74 35.64
CA LEU E 996 49.55 78.73 35.81
C LEU E 996 48.44 78.27 36.72
N THR E 997 48.45 76.99 37.10
CA THR E 997 47.32 76.41 37.83
C THR E 997 47.61 74.98 38.29
N TYR E 998 47.06 74.60 39.44
CA TYR E 998 47.07 73.23 39.93
C TYR E 998 45.64 72.73 40.11
N ASN E 999 45.50 71.47 40.48
CA ASN E 999 44.24 70.86 40.88
C ASN E 999 44.46 70.09 42.17
N GLN E 1000 43.39 69.52 42.73
CA GLN E 1000 43.48 68.84 44.01
C GLN E 1000 44.44 67.67 43.99
N ILE E 1001 44.71 67.09 42.83
CA ILE E 1001 45.64 65.96 42.75
C ILE E 1001 47.05 66.43 42.45
N SER E 1002 47.19 67.43 41.56
CA SER E 1002 48.52 67.91 41.20
C SER E 1002 49.13 68.76 42.30
N VAL E 1003 48.32 69.52 43.03
CA VAL E 1003 48.86 70.40 44.07
C VAL E 1003 49.48 69.60 45.20
N ILE E 1004 48.89 68.45 45.52
CA ILE E 1004 49.50 67.57 46.53
C ILE E 1004 50.67 66.79 45.95
N LYS E 1005 50.76 66.69 44.62
CA LYS E 1005 51.74 65.83 43.98
C LYS E 1005 52.96 66.59 43.46
N TYR E 1006 52.79 67.82 42.96
CA TYR E 1006 53.87 68.52 42.30
C TYR E 1006 53.96 69.97 42.78
N LEU E 1007 53.92 70.18 44.09
CA LEU E 1007 54.10 71.50 44.67
C LEU E 1007 55.27 71.45 45.65
N GLN E 1008 56.35 72.14 45.32
CA GLN E 1008 57.54 72.14 46.17
C GLN E 1008 57.26 72.91 47.46
N LEU E 1009 58.10 72.65 48.47
CA LEU E 1009 57.92 73.27 49.77
C LEU E 1009 58.07 74.78 49.68
N ASP E 1010 59.06 75.26 48.92
CA ASP E 1010 59.32 76.68 48.82
C ASP E 1010 58.25 77.43 48.02
N ASN E 1011 57.38 76.71 47.31
CA ASN E 1011 56.31 77.33 46.52
C ASN E 1011 54.96 77.30 47.23
N PHE E 1012 54.93 76.93 48.51
CA PHE E 1012 53.66 76.87 49.24
C PHE E 1012 53.01 78.24 49.34
N LYS E 1013 53.82 79.30 49.48
CA LYS E 1013 53.28 80.64 49.66
C LYS E 1013 52.79 81.27 48.37
N TYR E 1014 53.17 80.71 47.22
CA TYR E 1014 52.88 81.32 45.93
C TYR E 1014 51.54 80.88 45.33
N ILE E 1015 50.85 79.93 45.95
CA ILE E 1015 49.55 79.49 45.44
C ILE E 1015 48.51 80.55 45.81
N PHE E 1016 47.71 80.95 44.82
CA PHE E 1016 46.70 81.98 44.99
C PHE E 1016 45.32 81.42 44.68
N GLN E 1017 44.34 81.80 45.50
CA GLN E 1017 42.96 81.39 45.29
C GLN E 1017 42.24 82.24 44.24
N VAL E 1018 42.83 83.36 43.82
CA VAL E 1018 42.24 84.23 42.82
C VAL E 1018 43.33 84.61 41.81
N ILE E 1019 42.90 85.31 40.76
CA ILE E 1019 43.78 85.67 39.66
C ILE E 1019 44.41 87.03 39.93
N HIS E 1020 45.75 87.08 39.86
CA HIS E 1020 46.51 88.32 39.98
C HIS E 1020 47.32 88.47 38.70
N SER E 1021 46.90 89.40 37.84
CA SER E 1021 47.46 89.54 36.50
C SER E 1021 48.40 90.73 36.45
N TYR E 1022 49.62 90.50 35.99
CA TYR E 1022 50.64 91.52 35.80
C TYR E 1022 50.85 91.74 34.31
N LEU E 1023 51.81 92.61 33.98
CA LEU E 1023 52.13 92.89 32.59
C LEU E 1023 53.54 93.45 32.51
N ILE E 1024 54.36 92.87 31.64
CA ILE E 1024 55.73 93.31 31.43
C ILE E 1024 55.87 93.75 29.97
N ASP E 1025 56.38 94.96 29.77
CA ASP E 1025 56.55 95.51 28.43
C ASP E 1025 57.96 95.22 27.93
N GLU E 1026 58.32 95.83 26.79
CA GLU E 1026 59.59 95.53 26.13
C GLU E 1026 60.80 95.95 26.94
N ASN E 1027 60.66 96.95 27.82
CA ASN E 1027 61.79 97.46 28.58
C ASN E 1027 61.99 96.76 29.91
N GLY E 1028 61.08 95.87 30.31
CA GLY E 1028 61.22 95.12 31.54
C GLY E 1028 60.42 95.64 32.72
N ARG E 1029 59.70 96.76 32.56
CA ARG E 1029 58.87 97.26 33.63
C ARG E 1029 57.67 96.36 33.84
N ILE E 1030 57.16 96.34 35.07
CA ILE E 1030 56.03 95.50 35.45
C ILE E 1030 54.85 96.41 35.79
N PHE E 1031 53.71 96.14 35.18
CA PHE E 1031 52.50 96.95 35.35
C PHE E 1031 51.36 96.07 35.83
N ASN E 1032 50.58 96.59 36.76
CA ASN E 1032 49.39 95.89 37.24
C ASN E 1032 48.14 96.76 37.23
N LEU E 1033 48.27 98.05 37.57
CA LEU E 1033 47.20 99.04 37.59
C LEU E 1033 46.23 98.81 38.75
N ASP E 1034 46.33 97.65 39.40
CA ASP E 1034 45.62 97.36 40.64
C ASP E 1034 46.17 96.06 41.22
N PRO E 1035 46.57 96.04 42.49
CA PRO E 1035 47.07 94.80 43.09
C PRO E 1035 45.99 93.89 43.66
N TYR E 1036 44.71 94.31 43.67
CA TYR E 1036 43.66 93.54 44.31
C TYR E 1036 42.45 93.33 43.41
N SER E 1037 42.59 93.57 42.11
CA SER E 1037 41.46 93.36 41.20
C SER E 1037 41.86 92.47 40.03
N ASN E 1038 40.96 92.31 39.07
CA ASN E 1038 41.18 91.50 37.88
C ASN E 1038 41.28 92.43 36.68
N LEU E 1039 42.49 92.91 36.41
CA LEU E 1039 42.73 93.85 35.32
C LEU E 1039 43.70 93.23 34.32
N VAL E 1040 43.32 93.25 33.05
CA VAL E 1040 44.16 92.76 31.96
C VAL E 1040 44.10 93.75 30.81
N LEU E 1041 45.06 93.62 29.90
CA LEU E 1041 45.20 94.53 28.77
C LEU E 1041 44.72 93.85 27.50
N ASN E 1042 43.93 94.57 26.71
CA ASN E 1042 43.48 94.06 25.42
C ASN E 1042 44.57 94.31 24.38
N PRO E 1043 45.18 93.27 23.79
CA PRO E 1043 46.24 93.50 22.81
C PRO E 1043 45.78 94.25 21.57
N PHE E 1044 44.52 94.10 21.17
CA PHE E 1044 44.04 94.72 19.93
C PHE E 1044 43.80 96.21 20.12
N LYS E 1045 42.93 96.57 21.06
CA LYS E 1045 42.59 97.98 21.29
C LYS E 1045 43.61 98.70 22.17
N LEU E 1046 44.51 97.98 22.82
CA LEU E 1046 45.53 98.57 23.69
C LEU E 1046 44.91 99.41 24.80
N ASN E 1047 44.10 98.74 25.62
CA ASN E 1047 43.45 99.39 26.75
C ASN E 1047 43.14 98.35 27.83
N TRP E 1048 43.27 98.77 29.08
CA TRP E 1048 42.96 97.90 30.20
C TRP E 1048 41.46 97.66 30.31
N TYR E 1049 41.09 96.57 30.99
CA TYR E 1049 39.69 96.27 31.28
C TYR E 1049 39.66 95.19 32.35
N PHE E 1050 38.45 94.85 32.80
CA PHE E 1050 38.23 93.91 33.88
C PHE E 1050 37.92 92.52 33.35
N LEU E 1051 38.27 91.51 34.15
CA LEU E 1051 37.87 90.14 33.86
C LEU E 1051 36.42 89.96 34.29
N HIS E 1052 35.91 88.73 34.24
CA HIS E 1052 34.49 88.47 34.42
C HIS E 1052 34.12 87.95 35.80
N GLN E 1053 34.95 87.09 36.40
CA GLN E 1053 34.59 86.44 37.65
C GLN E 1053 35.65 86.53 38.74
N ASN E 1054 36.88 86.92 38.40
CA ASN E 1054 38.03 86.91 39.31
C ASN E 1054 38.47 85.48 39.60
N TYR E 1055 37.70 84.52 39.11
CA TYR E 1055 38.06 83.10 39.05
C TYR E 1055 38.57 82.59 40.40
N ASN E 1056 37.67 82.62 41.39
CA ASN E 1056 37.98 82.11 42.71
C ASN E 1056 38.06 80.58 42.71
N THR E 1065 22.08 73.42 32.03
CA THR E 1065 20.69 73.49 31.58
C THR E 1065 19.91 72.25 31.98
N ILE E 1066 18.81 71.99 31.27
CA ILE E 1066 17.95 70.85 31.59
C ILE E 1066 18.60 69.56 31.11
N ILE E 1067 18.92 69.48 29.83
CA ILE E 1067 19.43 68.26 29.22
C ILE E 1067 20.94 68.16 29.45
N SER E 1068 21.39 67.03 29.97
CA SER E 1068 22.79 66.77 30.17
C SER E 1068 23.40 66.08 28.95
N LEU E 1069 24.72 66.14 28.85
CA LEU E 1069 25.43 65.54 27.73
C LEU E 1069 25.59 64.04 27.96
N GLY E 1070 25.23 63.25 26.95
CA GLY E 1070 25.38 61.81 27.01
C GLY E 1070 24.17 61.04 27.48
N GLN E 1071 23.08 61.72 27.83
CA GLN E 1071 21.89 61.03 28.32
C GLN E 1071 21.16 60.33 27.18
N PHE E 1072 20.45 59.27 27.51
CA PHE E 1072 19.63 58.53 26.56
C PHE E 1072 18.15 58.86 26.78
N PHE E 1073 17.43 58.99 25.67
CA PHE E 1073 16.02 59.34 25.69
C PHE E 1073 15.17 58.22 25.14
N CYS E 1074 13.90 58.21 25.56
CA CYS E 1074 12.90 57.34 24.95
C CYS E 1074 12.19 58.10 23.83
N GLU E 1075 11.30 57.41 23.13
CA GLU E 1075 10.71 57.96 21.92
C GLU E 1075 9.68 59.05 22.21
N ASN E 1076 9.10 59.08 23.39
CA ASN E 1076 8.06 60.06 23.72
C ASN E 1076 8.32 60.70 25.06
N VAL E 1077 9.56 61.11 25.30
CA VAL E 1077 9.90 61.82 26.52
C VAL E 1077 9.58 63.30 26.35
N CYS E 1078 8.84 63.87 27.29
CA CYS E 1078 8.47 65.27 27.25
C CYS E 1078 9.46 66.10 28.06
N ILE E 1079 9.81 67.27 27.51
CA ILE E 1079 10.68 68.19 28.21
C ILE E 1079 9.93 69.45 28.66
N ALA E 1080 8.89 69.86 27.95
CA ALA E 1080 8.07 70.99 28.34
C ALA E 1080 6.71 70.86 27.66
N LYS E 1081 5.72 71.52 28.24
CA LYS E 1081 4.36 71.43 27.71
C LYS E 1081 4.27 72.02 26.30
N LYS E 1082 4.99 73.11 26.05
CA LYS E 1082 4.99 73.77 24.76
C LYS E 1082 6.13 73.30 23.85
N GLU E 1083 6.65 72.10 24.07
CA GLU E 1083 7.75 71.59 23.28
C GLU E 1083 7.38 70.23 22.68
N PRO E 1084 7.89 69.94 21.47
CA PRO E 1084 7.67 68.61 20.90
C PRO E 1084 8.40 67.53 21.69
N TYR E 1085 7.86 66.32 21.62
CA TYR E 1085 8.45 65.20 22.33
C TYR E 1085 9.83 64.86 21.77
N LEU E 1086 10.72 64.44 22.67
CA LEU E 1086 12.06 64.07 22.27
C LEU E 1086 12.07 62.72 21.57
N LYS E 1087 13.02 62.54 20.67
CA LYS E 1087 13.20 61.28 19.96
C LYS E 1087 14.21 60.42 20.71
N SER E 1088 14.16 59.11 20.43
CA SER E 1088 15.06 58.19 21.11
C SER E 1088 16.48 58.35 20.60
N GLY E 1089 17.44 58.29 21.52
CA GLY E 1089 18.83 58.42 21.16
C GLY E 1089 19.62 59.02 22.31
N GLN E 1090 20.90 59.25 22.04
CA GLN E 1090 21.82 59.79 23.04
C GLN E 1090 22.17 61.24 22.68
N VAL E 1091 22.32 62.06 23.72
CA VAL E 1091 22.68 63.46 23.51
C VAL E 1091 24.14 63.52 23.07
N LEU E 1092 24.36 63.97 21.83
CA LEU E 1092 25.70 64.03 21.25
C LEU E 1092 26.32 65.40 21.32
N ILE E 1093 25.56 66.46 21.03
CA ILE E 1093 26.05 67.83 21.05
C ILE E 1093 25.10 68.66 21.91
N VAL E 1094 25.67 69.50 22.77
CA VAL E 1094 24.90 70.41 23.61
C VAL E 1094 25.28 71.83 23.23
N GLN E 1095 24.27 72.63 22.88
CA GLN E 1095 24.49 74.01 22.46
C GLN E 1095 23.60 74.98 23.25
N ARG E 1096 23.54 76.23 22.81
CA ARG E 1096 22.82 77.25 23.58
C ARG E 1096 21.34 76.94 23.68
N ASP E 1097 20.69 76.69 22.53
CA ASP E 1097 19.24 76.50 22.50
C ASP E 1097 18.85 75.20 21.78
N SER E 1098 19.79 74.28 21.60
CA SER E 1098 19.49 73.05 20.89
C SER E 1098 20.45 71.96 21.34
N VAL E 1099 20.06 70.72 21.04
CA VAL E 1099 20.93 69.57 21.23
C VAL E 1099 20.87 68.73 19.95
N VAL E 1100 21.95 68.01 19.69
CA VAL E 1100 22.02 67.10 18.55
C VAL E 1100 22.02 65.67 19.09
N ILE E 1101 21.13 64.85 18.56
CA ILE E 1101 20.88 63.51 19.08
C ILE E 1101 21.39 62.50 18.06
N ARG E 1102 22.20 61.56 18.53
CA ARG E 1102 22.54 60.38 17.74
C ARG E 1102 21.47 59.33 18.00
N SER E 1103 20.71 58.97 16.97
CA SER E 1103 19.53 58.14 17.17
C SER E 1103 19.94 56.75 17.65
N ALA E 1104 19.14 56.21 18.58
CA ALA E 1104 19.37 54.89 19.14
C ALA E 1104 18.02 54.22 19.38
N LYS E 1105 18.01 52.90 19.30
CA LYS E 1105 16.79 52.12 19.48
C LYS E 1105 16.92 51.23 20.70
N PRO E 1106 16.06 51.38 21.71
CA PRO E 1106 16.14 50.51 22.88
C PRO E 1106 15.42 49.19 22.66
N TYR E 1107 15.96 48.15 23.29
CA TYR E 1107 15.38 46.81 23.23
C TYR E 1107 15.16 46.30 24.65
N LEU E 1108 13.93 45.96 24.98
CA LEU E 1108 13.60 45.48 26.32
C LEU E 1108 14.00 44.02 26.47
N ALA E 1109 14.61 43.71 27.62
CA ALA E 1109 15.10 42.35 27.88
C ALA E 1109 14.78 41.97 29.32
N THR E 1110 14.05 40.87 29.48
CA THR E 1110 13.72 40.37 30.80
C THR E 1110 14.92 39.66 31.43
N PRO E 1111 14.92 39.47 32.75
CA PRO E 1111 16.02 38.74 33.39
C PRO E 1111 16.16 37.33 32.82
N GLY E 1112 17.41 36.87 32.71
CA GLY E 1112 17.71 35.60 32.09
C GLY E 1112 18.02 35.68 30.62
N ALA E 1113 17.79 36.81 29.98
CA ALA E 1113 18.15 36.97 28.58
C ALA E 1113 19.66 37.05 28.42
N LYS E 1114 20.13 36.74 27.21
CA LYS E 1114 21.56 36.67 26.93
C LYS E 1114 21.91 37.71 25.87
N VAL E 1115 22.71 38.69 26.26
CA VAL E 1115 23.17 39.72 25.33
C VAL E 1115 24.29 39.15 24.48
N HIS E 1116 24.15 39.23 23.17
CA HIS E 1116 25.12 38.68 22.22
C HIS E 1116 26.04 39.81 21.76
N GLY E 1117 27.09 40.05 22.52
CA GLY E 1117 28.11 41.02 22.15
C GLY E 1117 28.64 41.78 23.34
N HIS E 1118 29.89 42.21 23.26
CA HIS E 1118 30.47 43.06 24.29
C HIS E 1118 29.90 44.47 24.17
N TYR E 1119 30.31 45.34 25.09
CA TYR E 1119 29.93 46.73 25.01
C TYR E 1119 30.59 47.38 23.80
N ARG E 1120 29.87 48.29 23.15
CA ARG E 1120 30.35 49.07 22.02
C ARG E 1120 30.68 48.20 20.81
N GLU E 1121 30.15 46.98 20.77
CA GLU E 1121 30.41 46.09 19.66
C GLU E 1121 29.54 46.45 18.46
N ILE E 1122 30.13 46.37 17.26
CA ILE E 1122 29.46 46.76 16.04
C ILE E 1122 28.53 45.63 15.61
N LEU E 1123 27.25 45.94 15.46
CA LEU E 1123 26.24 44.99 14.99
C LEU E 1123 25.71 45.44 13.65
N TYR E 1124 25.72 44.54 12.68
CA TYR E 1124 25.13 44.82 11.38
C TYR E 1124 23.67 44.40 11.37
N GLU E 1125 22.94 44.86 10.34
CA GLU E 1125 21.52 44.56 10.27
C GLU E 1125 21.30 43.06 10.14
N GLY E 1126 20.37 42.54 10.95
CA GLY E 1126 20.08 41.13 10.98
C GLY E 1126 20.88 40.32 11.97
N ASP E 1127 21.87 40.92 12.63
CA ASP E 1127 22.66 40.19 13.61
C ASP E 1127 21.86 39.96 14.87
N THR E 1128 22.05 38.79 15.48
CA THR E 1128 21.37 38.49 16.73
C THR E 1128 21.83 39.43 17.84
N LEU E 1129 20.88 39.93 18.60
CA LEU E 1129 21.15 40.93 19.63
C LEU E 1129 20.87 40.44 21.04
N VAL E 1130 19.77 39.72 21.25
CA VAL E 1130 19.42 39.20 22.57
C VAL E 1130 18.57 37.96 22.37
N THR E 1131 18.61 37.06 23.36
CA THR E 1131 17.95 35.76 23.26
C THR E 1131 16.96 35.60 24.40
N PHE E 1132 15.75 35.19 24.07
CA PHE E 1132 14.69 34.95 25.05
C PHE E 1132 14.35 33.46 25.07
N ILE E 1133 14.03 32.97 26.27
CA ILE E 1133 13.52 31.61 26.46
C ILE E 1133 12.13 31.73 27.05
N TYR E 1134 11.13 31.18 26.35
CA TYR E 1134 9.75 31.27 26.77
C TYR E 1134 9.09 29.91 26.63
N GLU E 1135 8.02 29.71 27.39
CA GLU E 1135 7.29 28.44 27.41
C GLU E 1135 6.50 28.26 26.12
N GLY E 1145 -2.04 10.45 19.96
CA GLY E 1145 -3.10 9.82 19.20
C GLY E 1145 -2.81 8.37 18.84
N LEU E 1146 -2.78 8.08 17.54
CA LEU E 1146 -2.48 6.72 17.09
C LEU E 1146 -1.10 6.24 17.54
N PRO E 1147 -0.03 7.03 17.50
CA PRO E 1147 1.23 6.55 18.09
C PRO E 1147 1.12 6.25 19.57
N LYS E 1148 0.28 6.99 20.31
CA LYS E 1148 0.14 6.74 21.74
C LYS E 1148 -0.47 5.36 22.00
N VAL E 1149 -1.50 4.99 21.25
CA VAL E 1149 -2.15 3.69 21.48
C VAL E 1149 -1.24 2.56 21.01
N GLU E 1150 -0.34 2.84 20.06
CA GLU E 1150 0.54 1.78 19.57
C GLU E 1150 1.58 1.39 20.61
N GLN E 1151 2.10 2.35 21.38
CA GLN E 1151 3.09 2.04 22.39
C GLN E 1151 2.48 1.38 23.62
N VAL E 1152 1.19 1.61 23.89
CA VAL E 1152 0.54 0.93 24.99
C VAL E 1152 0.36 -0.55 24.67
N LEU E 1153 -0.02 -0.87 23.43
CA LEU E 1153 -0.18 -2.27 23.05
C LEU E 1153 1.15 -3.01 23.09
N GLU E 1154 2.22 -2.36 22.65
CA GLU E 1154 3.55 -2.97 22.69
C GLU E 1154 4.25 -2.76 24.03
N VAL E 1155 3.61 -2.07 24.97
CA VAL E 1155 4.18 -1.78 26.28
C VAL E 1155 5.49 -1.00 26.14
N SER E 1162 1.26 4.09 32.03
CA SER E 1162 1.03 4.92 33.21
C SER E 1162 2.23 4.91 34.13
N LEU E 1163 2.52 6.07 34.73
CA LEU E 1163 3.63 6.15 35.68
C LEU E 1163 3.28 5.49 37.01
N ASN E 1164 1.99 5.50 37.38
CA ASN E 1164 1.58 4.86 38.62
C ASN E 1164 1.61 3.35 38.50
N LEU E 1165 1.26 2.82 37.32
CA LEU E 1165 1.27 1.37 37.12
C LEU E 1165 2.66 0.79 37.32
N GLU E 1166 3.67 1.43 36.72
CA GLU E 1166 5.03 0.92 36.83
C GLU E 1166 5.62 1.18 38.21
N LYS E 1167 5.05 2.10 38.99
CA LYS E 1167 5.53 2.33 40.35
C LYS E 1167 4.83 1.46 41.37
N ARG E 1168 3.58 1.05 41.09
CA ARG E 1168 2.90 0.12 41.98
C ARG E 1168 3.42 -1.30 41.80
N ILE E 1169 3.74 -1.69 40.56
CA ILE E 1169 4.32 -3.00 40.32
C ILE E 1169 5.66 -3.13 41.02
N LYS E 1170 6.49 -2.08 40.96
CA LYS E 1170 7.74 -2.09 41.71
C LYS E 1170 7.48 -2.19 43.21
N GLY E 1171 6.52 -1.41 43.71
CA GLY E 1171 6.22 -1.45 45.13
C GLY E 1171 5.62 -2.77 45.57
N TRP E 1172 4.68 -3.30 44.79
CA TRP E 1172 4.00 -4.53 45.16
C TRP E 1172 4.93 -5.74 45.13
N ASN E 1173 5.88 -5.76 44.20
CA ASN E 1173 6.76 -6.93 44.06
C ASN E 1173 7.58 -7.16 45.32
N ARG E 1174 8.22 -6.10 45.84
CA ARG E 1174 9.15 -6.27 46.95
C ARG E 1174 8.46 -6.57 48.28
N CYS E 1175 7.14 -6.43 48.36
CA CYS E 1175 6.43 -6.56 49.62
C CYS E 1175 5.65 -7.87 49.75
N ILE E 1176 4.87 -8.24 48.74
CA ILE E 1176 3.97 -9.39 48.87
C ILE E 1176 4.76 -10.67 49.10
N THR E 1177 5.85 -10.86 48.37
CA THR E 1177 6.67 -12.06 48.56
C THR E 1177 7.29 -12.11 49.95
N ARG E 1178 7.62 -10.96 50.53
CA ARG E 1178 8.15 -10.93 51.88
C ARG E 1178 7.05 -11.16 52.92
N ILE E 1179 5.83 -10.74 52.64
CA ILE E 1179 4.73 -10.94 53.60
C ILE E 1179 4.23 -12.37 53.53
N LEU E 1180 3.97 -12.87 52.33
CA LEU E 1180 3.44 -14.21 52.13
C LEU E 1180 4.50 -15.08 51.48
N GLY E 1181 4.58 -16.34 51.90
CA GLY E 1181 5.68 -17.22 51.53
C GLY E 1181 5.37 -18.15 50.37
N ILE E 1182 4.95 -19.37 50.69
CA ILE E 1182 4.57 -20.38 49.71
C ILE E 1182 3.46 -19.80 48.84
N PRO E 1183 3.04 -20.46 47.72
CA PRO E 1183 2.62 -19.70 46.52
C PRO E 1183 1.79 -18.46 46.74
N TRP E 1184 1.11 -18.33 47.88
CA TRP E 1184 0.36 -17.11 48.18
C TRP E 1184 1.20 -15.85 48.04
N GLY E 1185 2.52 -15.97 47.98
CA GLY E 1185 3.36 -14.85 47.65
C GLY E 1185 3.38 -14.58 46.16
N PHE E 1186 3.67 -15.61 45.37
CA PHE E 1186 3.68 -15.47 43.92
C PHE E 1186 2.26 -15.40 43.34
N LEU E 1187 1.36 -16.24 43.85
CA LEU E 1187 0.00 -16.27 43.32
C LEU E 1187 -0.71 -14.94 43.52
N ILE E 1188 -0.71 -14.43 44.75
CA ILE E 1188 -1.43 -13.20 45.04
C ILE E 1188 -0.71 -12.00 44.42
N GLY E 1189 0.63 -12.03 44.39
CA GLY E 1189 1.36 -10.95 43.75
C GLY E 1189 1.06 -10.85 42.27
N ALA E 1190 1.09 -11.99 41.57
CA ALA E 1190 0.77 -12.00 40.14
C ALA E 1190 -0.68 -11.62 39.90
N GLU E 1191 -1.59 -12.10 40.76
CA GLU E 1191 -3.00 -11.76 40.59
C GLU E 1191 -3.24 -10.27 40.76
N LEU E 1192 -2.59 -9.65 41.75
CA LEU E 1192 -2.79 -8.24 41.98
C LEU E 1192 -2.17 -7.39 40.88
N THR E 1193 -0.99 -7.79 40.40
CA THR E 1193 -0.35 -7.05 39.31
C THR E 1193 -1.15 -7.13 38.02
N ILE E 1194 -1.64 -8.32 37.68
CA ILE E 1194 -2.35 -8.50 36.41
C ILE E 1194 -3.71 -7.80 36.45
N VAL E 1195 -4.40 -7.88 37.58
CA VAL E 1195 -5.71 -7.23 37.70
C VAL E 1195 -5.56 -5.72 37.55
N GLN E 1196 -4.52 -5.15 38.15
CA GLN E 1196 -4.29 -3.72 38.00
C GLN E 1196 -3.84 -3.36 36.60
N SER E 1197 -3.02 -4.22 35.97
CA SER E 1197 -2.54 -3.94 34.62
C SER E 1197 -3.70 -3.93 33.63
N ARG E 1198 -4.62 -4.89 33.74
CA ARG E 1198 -5.73 -4.96 32.80
C ARG E 1198 -6.63 -3.73 32.90
N ILE E 1199 -6.87 -3.24 34.11
CA ILE E 1199 -7.74 -2.07 34.28
C ILE E 1199 -7.11 -0.85 33.61
N SER E 1200 -5.81 -0.64 33.83
CA SER E 1200 -5.15 0.53 33.28
C SER E 1200 -4.87 0.39 31.78
N LEU E 1201 -4.61 -0.83 31.30
CA LEU E 1201 -4.39 -1.03 29.87
C LEU E 1201 -5.65 -0.70 29.07
N VAL E 1202 -6.81 -1.11 29.56
CA VAL E 1202 -8.05 -0.81 28.85
C VAL E 1202 -8.38 0.68 28.95
N ASN E 1203 -8.14 1.27 30.12
CA ASN E 1203 -8.44 2.69 30.30
C ASN E 1203 -7.60 3.57 29.39
N LYS E 1204 -6.31 3.27 29.27
CA LYS E 1204 -5.44 4.07 28.42
C LYS E 1204 -5.82 3.96 26.95
N ILE E 1205 -6.15 2.74 26.50
CA ILE E 1205 -6.54 2.55 25.11
C ILE E 1205 -7.88 3.23 24.83
N GLN E 1206 -8.84 3.05 25.73
CA GLN E 1206 -10.15 3.69 25.54
C GLN E 1206 -10.06 5.21 25.63
N LYS E 1207 -9.16 5.73 26.47
CA LYS E 1207 -9.00 7.18 26.57
C LYS E 1207 -8.48 7.76 25.27
N VAL E 1208 -7.56 7.06 24.60
CA VAL E 1208 -7.02 7.55 23.33
C VAL E 1208 -8.09 7.58 22.26
N TYR E 1209 -8.90 6.52 22.16
CA TYR E 1209 -9.90 6.47 21.11
C TYR E 1209 -11.08 7.40 21.39
N ARG E 1210 -11.50 7.50 22.65
CA ARG E 1210 -12.60 8.40 22.98
C ARG E 1210 -12.22 9.86 22.76
N SER E 1211 -10.92 10.18 22.87
CA SER E 1211 -10.48 11.54 22.56
C SER E 1211 -10.60 11.86 21.08
N GLN E 1212 -10.65 10.84 20.23
CA GLN E 1212 -10.80 11.03 18.79
C GLN E 1212 -12.23 10.78 18.32
N GLY E 1213 -13.17 10.56 19.23
CA GLY E 1213 -14.54 10.26 18.86
C GLY E 1213 -14.78 8.85 18.41
N VAL E 1214 -13.79 7.97 18.49
CA VAL E 1214 -13.94 6.59 18.06
C VAL E 1214 -14.68 5.79 19.13
N GLN E 1215 -15.69 5.03 18.72
CA GLN E 1215 -16.51 4.24 19.64
C GLN E 1215 -16.24 2.76 19.39
N ILE E 1216 -15.55 2.12 20.32
CA ILE E 1216 -15.27 0.70 20.27
C ILE E 1216 -15.74 0.07 21.56
N HIS E 1217 -16.39 -1.08 21.47
CA HIS E 1217 -16.89 -1.75 22.66
C HIS E 1217 -15.73 -2.26 23.51
N ASN E 1218 -15.99 -2.38 24.82
CA ASN E 1218 -14.96 -2.84 25.74
C ASN E 1218 -14.55 -4.29 25.47
N ARG E 1219 -15.45 -5.09 24.88
CA ARG E 1219 -15.12 -6.49 24.62
C ARG E 1219 -13.93 -6.63 23.69
N HIS E 1220 -13.88 -5.82 22.63
CA HIS E 1220 -12.82 -5.95 21.65
C HIS E 1220 -11.46 -5.66 22.27
N ILE E 1221 -11.38 -4.64 23.11
CA ILE E 1221 -10.12 -4.31 23.78
C ILE E 1221 -9.77 -5.37 24.81
N GLU E 1222 -10.78 -5.86 25.54
CA GLU E 1222 -10.53 -6.89 26.55
C GLU E 1222 -10.06 -8.20 25.91
N ILE E 1223 -10.43 -8.45 24.66
CA ILE E 1223 -9.90 -9.61 23.95
C ILE E 1223 -8.41 -9.43 23.69
N ILE E 1224 -8.00 -8.21 23.33
CA ILE E 1224 -6.58 -7.95 23.04
C ILE E 1224 -5.76 -7.96 24.32
N VAL E 1225 -6.24 -7.31 25.37
CA VAL E 1225 -5.48 -7.18 26.61
C VAL E 1225 -5.31 -8.54 27.28
N ARG E 1226 -6.31 -9.41 27.17
CA ARG E 1226 -6.23 -10.73 27.80
C ARG E 1226 -5.01 -11.50 27.31
N GLN E 1227 -4.63 -11.33 26.04
CA GLN E 1227 -3.42 -11.99 25.54
C GLN E 1227 -2.16 -11.28 26.01
N ILE E 1228 -2.25 -9.98 26.31
CA ILE E 1228 -1.11 -9.25 26.83
C ILE E 1228 -0.79 -9.69 28.25
N THR E 1229 -1.82 -9.93 29.07
CA THR E 1229 -1.67 -10.19 30.49
C THR E 1229 -2.02 -11.63 30.85
N SER E 1230 -1.57 -12.59 30.03
CA SER E 1230 -1.88 -13.99 30.27
C SER E 1230 -0.65 -14.84 30.54
N LYS E 1231 0.53 -14.23 30.68
CA LYS E 1231 1.75 -14.96 30.89
C LYS E 1231 2.47 -14.47 32.13
N VAL E 1232 3.27 -15.35 32.71
CA VAL E 1232 4.15 -15.01 33.82
C VAL E 1232 5.55 -15.49 33.47
N LEU E 1233 6.54 -14.92 34.13
CA LEU E 1233 7.94 -15.20 33.87
C LEU E 1233 8.53 -15.97 35.04
N VAL E 1234 9.00 -17.18 34.77
CA VAL E 1234 9.63 -17.98 35.83
C VAL E 1234 10.90 -17.28 36.28
N SER E 1235 10.99 -17.00 37.57
CA SER E 1235 12.07 -16.18 38.08
C SER E 1235 13.41 -16.89 37.94
N GLU E 1236 14.48 -16.10 38.02
CA GLU E 1236 15.82 -16.59 37.72
C GLU E 1236 16.35 -17.57 38.76
N GLU E 1237 15.68 -17.73 39.89
CA GLU E 1237 16.13 -18.64 40.93
C GLU E 1237 15.23 -19.86 41.08
N GLY E 1238 14.11 -19.91 40.37
CA GLY E 1238 13.24 -21.08 40.44
C GLY E 1238 13.63 -22.14 39.44
N MET E 1239 14.37 -23.14 39.90
CA MET E 1239 14.91 -24.20 39.05
C MET E 1239 14.38 -25.55 39.54
N SER E 1240 13.75 -26.30 38.63
CA SER E 1240 13.30 -27.65 38.92
C SER E 1240 13.22 -28.41 37.60
N ASN E 1241 12.67 -29.62 37.67
CA ASN E 1241 12.42 -30.40 36.46
C ASN E 1241 11.07 -30.11 35.84
N VAL E 1242 10.25 -29.25 36.46
CA VAL E 1242 8.98 -28.84 35.88
C VAL E 1242 9.14 -27.58 35.05
N PHE E 1243 9.75 -26.55 35.63
CA PHE E 1243 10.00 -25.30 34.93
C PHE E 1243 11.48 -24.95 35.03
N LEU E 1244 11.97 -24.20 34.03
CA LEU E 1244 13.30 -23.64 34.05
C LEU E 1244 13.22 -22.13 34.24
N PRO E 1245 14.21 -21.51 34.88
CA PRO E 1245 14.16 -20.06 35.08
C PRO E 1245 14.14 -19.33 33.75
N GLY E 1246 13.36 -18.25 33.70
CA GLY E 1246 13.20 -17.48 32.49
C GLY E 1246 12.18 -18.03 31.50
N GLU E 1247 11.56 -19.17 31.80
CA GLU E 1247 10.60 -19.76 30.88
C GLU E 1247 9.28 -18.99 30.93
N LEU E 1248 8.67 -18.81 29.77
CA LEU E 1248 7.41 -18.07 29.65
C LEU E 1248 6.26 -19.07 29.68
N ILE E 1249 5.50 -19.06 30.77
CA ILE E 1249 4.41 -20.01 30.96
C ILE E 1249 3.12 -19.24 31.20
N GLY E 1250 2.00 -19.91 30.95
CA GLY E 1250 0.71 -19.30 31.13
C GLY E 1250 0.39 -19.03 32.59
N LEU E 1251 -0.47 -18.04 32.80
CA LEU E 1251 -0.84 -17.66 34.17
C LEU E 1251 -1.66 -18.77 34.85
N LEU E 1252 -2.64 -19.32 34.13
CA LEU E 1252 -3.48 -20.37 34.72
C LEU E 1252 -2.66 -21.62 35.02
N ARG E 1253 -1.76 -21.99 34.12
CA ARG E 1253 -0.89 -23.14 34.36
C ARG E 1253 -0.01 -22.89 35.58
N ALA E 1254 0.52 -21.68 35.73
CA ALA E 1254 1.40 -21.37 36.84
C ALA E 1254 0.67 -21.48 38.18
N GLU E 1255 -0.56 -21.00 38.24
CA GLU E 1255 -1.31 -21.05 39.49
C GLU E 1255 -1.77 -22.47 39.83
N ARG E 1256 -2.10 -23.26 38.81
CA ARG E 1256 -2.51 -24.64 39.05
C ARG E 1256 -1.35 -25.48 39.57
N THR E 1257 -0.17 -25.32 38.98
CA THR E 1257 1.01 -26.00 39.50
C THR E 1257 1.42 -25.46 40.86
N GLY E 1258 1.04 -24.23 41.20
CA GLY E 1258 1.37 -23.68 42.50
C GLY E 1258 0.69 -24.42 43.63
N ARG E 1259 -0.59 -24.75 43.45
CA ARG E 1259 -1.34 -25.47 44.48
C ARG E 1259 -0.97 -26.95 44.55
N ALA E 1260 -0.40 -27.50 43.48
CA ALA E 1260 -0.13 -28.93 43.42
C ALA E 1260 1.30 -29.30 43.76
N LEU E 1261 2.25 -28.40 43.53
CA LEU E 1261 3.66 -28.67 43.78
C LEU E 1261 4.25 -27.57 44.64
N GLU E 1262 5.31 -27.92 45.37
CA GLU E 1262 6.11 -26.97 46.14
C GLU E 1262 7.57 -27.08 45.73
N GLU E 1263 7.81 -27.17 44.43
CA GLU E 1263 9.13 -27.42 43.85
C GLU E 1263 9.76 -26.15 43.31
N ALA E 1264 9.63 -25.05 44.06
CA ALA E 1264 10.14 -23.73 43.67
C ALA E 1264 9.45 -23.24 42.40
N ILE E 1265 8.12 -23.17 42.48
CA ILE E 1265 7.31 -22.61 41.38
C ILE E 1265 7.27 -21.11 41.63
N CYS E 1266 8.32 -20.42 41.18
CA CYS E 1266 8.50 -19.00 41.42
C CYS E 1266 8.32 -18.26 40.10
N TYR E 1267 7.38 -17.32 40.07
CA TYR E 1267 7.04 -16.64 38.84
C TYR E 1267 6.57 -15.23 39.16
N ARG E 1268 6.64 -14.36 38.15
CA ARG E 1268 6.19 -12.97 38.27
C ARG E 1268 5.48 -12.59 36.98
N ALA E 1269 4.42 -11.79 37.12
CA ALA E 1269 3.62 -11.40 35.96
C ALA E 1269 4.44 -10.55 35.00
N VAL E 1270 4.33 -10.85 33.72
CA VAL E 1270 5.05 -10.12 32.67
C VAL E 1270 4.02 -9.59 31.67
N LEU E 1271 4.24 -8.36 31.21
CA LEU E 1271 3.41 -7.75 30.17
C LEU E 1271 4.09 -7.93 28.83
N LEU E 1272 3.41 -8.57 27.88
CA LEU E 1272 3.94 -8.82 26.56
C LEU E 1272 3.26 -7.90 25.55
N GLY E 1273 4.04 -7.34 24.65
CA GLY E 1273 3.46 -6.58 23.56
C GLY E 1273 2.75 -7.48 22.57
N ILE E 1274 1.91 -6.87 21.73
CA ILE E 1274 1.14 -7.65 20.76
C ILE E 1274 2.05 -8.30 19.73
N THR E 1275 3.29 -7.84 19.61
CA THR E 1275 4.25 -8.50 18.72
C THR E 1275 4.94 -9.66 19.43
N ARG E 1276 5.45 -9.43 20.64
CA ARG E 1276 6.10 -10.50 21.38
C ARG E 1276 5.13 -11.61 21.75
N ALA E 1277 3.91 -11.25 22.12
CA ALA E 1277 2.91 -12.26 22.44
C ALA E 1277 2.58 -13.11 21.21
N SER E 1278 2.59 -12.51 20.03
CA SER E 1278 2.31 -13.24 18.80
C SER E 1278 3.45 -14.16 18.38
N LEU E 1279 4.63 -14.02 18.98
CA LEU E 1279 5.76 -14.89 18.69
C LEU E 1279 5.95 -15.99 19.73
N ASN E 1280 5.06 -16.08 20.71
CA ASN E 1280 5.10 -17.10 21.74
C ASN E 1280 3.81 -17.91 21.76
N THR E 1281 3.32 -18.29 20.59
CA THR E 1281 2.04 -18.98 20.47
C THR E 1281 2.27 -20.49 20.53
N GLN E 1282 1.21 -21.26 20.30
CA GLN E 1282 1.28 -22.71 20.26
C GLN E 1282 1.48 -23.25 18.85
N SER E 1283 1.64 -22.37 17.87
CA SER E 1283 1.82 -22.75 16.47
C SER E 1283 3.06 -22.08 15.91
N PHE E 1284 3.92 -22.86 15.25
CA PHE E 1284 5.07 -22.26 14.58
C PHE E 1284 4.72 -21.78 13.17
N ILE E 1285 3.63 -22.28 12.60
CA ILE E 1285 3.19 -21.79 11.30
C ILE E 1285 2.67 -20.36 11.42
N SER E 1286 1.94 -20.07 12.49
CA SER E 1286 1.45 -18.70 12.68
C SER E 1286 2.59 -17.75 12.98
N GLU E 1287 3.61 -18.20 13.73
CA GLU E 1287 4.76 -17.35 14.01
C GLU E 1287 5.62 -17.15 12.78
N ALA E 1288 5.84 -18.21 12.00
CA ALA E 1288 6.69 -18.10 10.81
C ALA E 1288 6.07 -17.18 9.77
N SER E 1289 4.75 -17.20 9.64
CA SER E 1289 4.07 -16.34 8.68
C SER E 1289 3.80 -14.95 9.22
N PHE E 1290 4.15 -14.67 10.48
CA PHE E 1290 3.98 -13.34 11.06
C PHE E 1290 5.26 -12.50 10.94
N GLN E 1291 6.35 -12.96 11.56
CA GLN E 1291 7.60 -12.23 11.52
C GLN E 1291 8.75 -13.21 11.72
N GLU E 1292 9.96 -12.76 11.36
CA GLU E 1292 11.21 -13.47 11.55
C GLU E 1292 11.08 -14.97 11.26
N THR E 1293 10.75 -15.25 10.00
CA THR E 1293 10.46 -16.62 9.58
C THR E 1293 11.66 -17.54 9.80
N ALA E 1294 12.86 -17.07 9.42
CA ALA E 1294 14.04 -17.91 9.55
C ALA E 1294 14.36 -18.20 11.01
N ARG E 1295 14.20 -17.20 11.88
CA ARG E 1295 14.46 -17.42 13.30
C ARG E 1295 13.47 -18.41 13.90
N VAL E 1296 12.19 -18.30 13.54
CA VAL E 1296 11.18 -19.19 14.08
C VAL E 1296 11.41 -20.62 13.60
N LEU E 1297 11.64 -20.80 12.30
CA LEU E 1297 11.77 -22.13 11.74
C LEU E 1297 13.03 -22.84 12.20
N ALA E 1298 14.13 -22.09 12.39
CA ALA E 1298 15.37 -22.71 12.86
C ALA E 1298 15.19 -23.26 14.27
N LYS E 1299 14.55 -22.49 15.15
CA LYS E 1299 14.33 -22.97 16.51
C LYS E 1299 13.35 -24.13 16.56
N ALA E 1300 12.27 -24.06 15.77
CA ALA E 1300 11.24 -25.10 15.85
C ALA E 1300 11.73 -26.40 15.25
N ALA E 1301 12.41 -26.34 14.11
CA ALA E 1301 12.91 -27.55 13.47
C ALA E 1301 14.03 -28.23 14.26
N LEU E 1302 14.66 -27.51 15.19
CA LEU E 1302 15.71 -28.11 16.00
C LEU E 1302 15.13 -29.03 17.07
N ARG E 1303 13.90 -28.77 17.50
CA ARG E 1303 13.27 -29.52 18.57
C ARG E 1303 12.09 -30.36 18.10
N GLY E 1304 11.94 -30.57 16.79
CA GLY E 1304 10.83 -31.34 16.27
C GLY E 1304 9.48 -30.80 16.68
N ARG E 1305 9.32 -29.48 16.64
CA ARG E 1305 8.11 -28.86 17.15
C ARG E 1305 6.89 -29.31 16.36
N ILE E 1306 5.79 -29.55 17.07
CA ILE E 1306 4.55 -30.03 16.48
C ILE E 1306 3.50 -28.93 16.59
N ASP E 1307 2.82 -28.65 15.49
CA ASP E 1307 1.72 -27.70 15.44
C ASP E 1307 0.43 -28.48 15.20
N TRP E 1308 -0.54 -28.30 16.08
CA TRP E 1308 -1.77 -29.06 16.03
C TRP E 1308 -2.90 -28.36 15.28
N LEU E 1309 -2.60 -27.25 14.61
CA LEU E 1309 -3.52 -26.61 13.67
C LEU E 1309 -4.85 -26.24 14.33
N LYS E 1310 -4.78 -25.74 15.56
CA LYS E 1310 -5.97 -25.33 16.28
C LYS E 1310 -6.40 -23.90 15.97
N GLY E 1311 -5.60 -23.15 15.22
CA GLY E 1311 -5.90 -21.77 14.93
C GLY E 1311 -6.43 -21.56 13.51
N LEU E 1312 -6.88 -20.34 13.26
CA LEU E 1312 -7.49 -20.01 11.98
C LEU E 1312 -6.44 -19.85 10.89
N LYS E 1313 -5.31 -19.21 11.20
CA LYS E 1313 -4.30 -18.96 10.16
C LYS E 1313 -3.57 -20.24 9.78
N GLU E 1314 -3.45 -21.19 10.71
CA GLU E 1314 -2.75 -22.44 10.39
C GLU E 1314 -3.44 -23.18 9.25
N ASN E 1315 -4.77 -23.23 9.26
CA ASN E 1315 -5.51 -23.95 8.24
C ASN E 1315 -5.59 -23.16 6.93
N VAL E 1316 -5.40 -21.84 6.98
CA VAL E 1316 -5.35 -21.06 5.75
C VAL E 1316 -4.10 -21.40 4.95
N VAL E 1317 -2.97 -21.59 5.63
CA VAL E 1317 -1.72 -21.93 4.95
C VAL E 1317 -1.86 -23.26 4.21
N LEU E 1318 -2.46 -24.25 4.87
CA LEU E 1318 -2.66 -25.56 4.26
C LEU E 1318 -3.78 -25.57 3.24
N GLY E 1319 -4.58 -24.51 3.16
CA GLY E 1319 -5.70 -24.49 2.24
C GLY E 1319 -6.93 -25.22 2.72
N GLY E 1320 -6.96 -25.66 3.97
CA GLY E 1320 -8.08 -26.40 4.50
C GLY E 1320 -9.16 -25.50 5.07
N VAL E 1321 -10.17 -26.14 5.65
CA VAL E 1321 -11.30 -25.43 6.24
C VAL E 1321 -10.90 -24.93 7.63
N ILE E 1322 -11.11 -23.64 7.88
CA ILE E 1322 -10.82 -23.05 9.18
C ILE E 1322 -11.79 -23.63 10.20
N PRO E 1323 -11.36 -23.85 11.45
CA PRO E 1323 -12.24 -24.37 12.49
C PRO E 1323 -13.12 -23.30 13.13
N ALA E 1324 -13.76 -22.49 12.29
CA ALA E 1324 -14.62 -21.42 12.77
C ALA E 1324 -15.76 -21.23 11.78
N GLY E 1325 -16.87 -20.68 12.26
CA GLY E 1325 -18.02 -20.48 11.40
C GLY E 1325 -18.59 -21.81 10.95
N THR E 1326 -18.83 -21.93 9.64
CA THR E 1326 -19.37 -23.16 9.08
C THR E 1326 -18.40 -24.33 9.14
N GLY E 1327 -17.13 -24.09 9.44
CA GLY E 1327 -16.17 -25.14 9.64
C GLY E 1327 -15.97 -25.57 11.08
N PHE E 1328 -16.70 -24.97 12.01
CA PHE E 1328 -16.57 -25.33 13.41
C PHE E 1328 -17.15 -26.71 13.68
N ASN E 1329 -16.49 -27.46 14.56
CA ASN E 1329 -16.91 -28.81 14.95
C ASN E 1329 -17.02 -29.72 13.73
N LYS E 1330 -16.06 -29.59 12.81
CA LYS E 1330 -16.01 -30.39 11.58
C LYS E 1330 -17.31 -30.26 10.79
N GLY E 1331 -17.76 -29.02 10.61
CA GLY E 1331 -18.96 -28.75 9.86
C GLY E 1331 -20.23 -29.22 10.54
N ASP E 1360 -33.81 -63.69 0.59
CA ASP E 1360 -35.07 -62.98 0.66
C ASP E 1360 -36.22 -63.94 0.89
N ILE E 1361 -36.63 -64.10 2.15
CA ILE E 1361 -37.75 -64.96 2.51
C ILE E 1361 -39.03 -64.29 2.04
N LEU E 1362 -40.14 -65.05 2.06
CA LEU E 1362 -41.46 -64.60 1.63
C LEU E 1362 -41.54 -64.52 0.11
N PHE E 1363 -40.42 -64.76 -0.56
CA PHE E 1363 -40.39 -64.88 -2.01
C PHE E 1363 -39.92 -66.28 -2.37
N TYR E 1364 -40.43 -66.80 -3.49
CA TYR E 1364 -40.32 -68.21 -3.85
C TYR E 1364 -40.93 -69.11 -2.78
N HIS E 1365 -41.83 -68.57 -1.95
CA HIS E 1365 -42.49 -69.35 -0.91
C HIS E 1365 -43.96 -68.98 -0.77
N ARG E 1366 -44.56 -68.36 -1.78
CA ARG E 1366 -45.96 -67.98 -1.71
C ARG E 1366 -46.85 -69.22 -1.66
N GLU E 1367 -48.13 -69.00 -1.38
CA GLU E 1367 -49.09 -70.09 -1.37
C GLU E 1367 -49.29 -70.61 -2.79
N PHE E 1368 -49.20 -71.93 -2.96
CA PHE E 1368 -49.29 -72.52 -4.29
C PHE E 1368 -50.67 -72.30 -4.91
N CYS E 1369 -51.72 -72.43 -4.10
CA CYS E 1369 -53.10 -72.26 -4.56
C CYS E 1369 -53.43 -73.19 -5.74
N VAL F 63 -68.04 -71.38 12.34
CA VAL F 63 -67.29 -72.04 13.40
C VAL F 63 -68.24 -72.53 14.50
N SER F 64 -68.57 -73.82 14.45
CA SER F 64 -69.47 -74.41 15.43
C SER F 64 -68.73 -74.67 16.75
N ALA F 65 -69.50 -75.12 17.74
CA ALA F 65 -68.89 -75.53 19.00
C ALA F 65 -68.12 -76.83 18.84
N LEU F 66 -68.53 -77.69 17.91
CA LEU F 66 -67.80 -78.92 17.66
C LEU F 66 -66.41 -78.63 17.10
N GLU F 67 -66.35 -77.79 16.08
CA GLU F 67 -65.06 -77.42 15.50
C GLU F 67 -64.20 -76.69 16.51
N ARG F 68 -64.81 -75.81 17.30
CA ARG F 68 -64.05 -75.10 18.33
C ARG F 68 -63.48 -76.06 19.37
N SER F 69 -64.26 -77.05 19.78
CA SER F 69 -63.77 -78.02 20.76
C SER F 69 -62.65 -78.89 20.17
N LEU F 70 -62.81 -79.31 18.92
CA LEU F 70 -61.76 -80.09 18.27
C LEU F 70 -60.47 -79.28 18.16
N ARG F 71 -60.59 -78.01 17.77
CA ARG F 71 -59.41 -77.14 17.69
C ARG F 71 -58.80 -76.93 19.06
N LEU F 72 -59.63 -76.80 20.10
CA LEU F 72 -59.12 -76.64 21.45
C LEU F 72 -58.30 -77.85 21.86
N THR F 73 -58.83 -79.05 21.62
CA THR F 73 -58.11 -80.26 22.01
C THR F 73 -56.80 -80.40 21.21
N PHE F 74 -56.87 -80.23 19.89
CA PHE F 74 -55.68 -80.37 19.07
C PHE F 74 -54.63 -79.33 19.41
N MET F 75 -55.04 -78.08 19.63
CA MET F 75 -54.10 -77.02 19.98
C MET F 75 -53.50 -77.26 21.35
N ASP F 76 -54.29 -77.74 22.31
CA ASP F 76 -53.74 -78.04 23.62
C ASP F 76 -52.69 -79.15 23.53
N GLU F 77 -52.98 -80.20 22.79
CA GLU F 77 -52.00 -81.28 22.63
C GLU F 77 -50.75 -80.79 21.90
N LEU F 78 -50.94 -79.98 20.85
CA LEU F 78 -49.80 -79.46 20.09
C LEU F 78 -48.92 -78.57 20.96
N MET F 79 -49.54 -77.70 21.76
CA MET F 79 -48.75 -76.83 22.63
C MET F 79 -48.07 -77.62 23.73
N GLU F 80 -48.72 -78.67 24.23
CA GLU F 80 -48.07 -79.52 25.22
C GLU F 80 -46.84 -80.20 24.63
N ARG F 81 -46.93 -80.68 23.40
CA ARG F 81 -45.77 -81.30 22.77
C ARG F 81 -44.69 -80.27 22.46
N ALA F 82 -45.09 -79.05 22.07
CA ALA F 82 -44.11 -78.01 21.77
C ALA F 82 -43.36 -77.58 23.02
N ARG F 83 -44.06 -77.47 24.16
CA ARG F 83 -43.40 -77.14 25.41
C ARG F 83 -42.51 -78.28 25.90
N ASN F 84 -42.63 -79.47 25.32
CA ASN F 84 -41.80 -80.61 25.69
C ASN F 84 -40.65 -80.84 24.70
N ARG F 85 -40.38 -79.87 23.82
CA ARG F 85 -39.28 -79.94 22.87
C ARG F 85 -39.39 -81.18 21.98
N ASP F 86 -40.58 -81.37 21.41
CA ASP F 86 -40.87 -82.53 20.57
C ASP F 86 -41.47 -82.04 19.24
N PRO F 87 -40.62 -81.53 18.34
CA PRO F 87 -41.13 -81.07 17.03
C PRO F 87 -41.78 -82.19 16.22
N SER F 88 -41.27 -83.42 16.34
CA SER F 88 -41.89 -84.54 15.62
C SER F 88 -43.32 -84.76 16.08
N GLY F 89 -43.56 -84.69 17.39
CA GLY F 89 -44.93 -84.80 17.88
C GLY F 89 -45.81 -83.67 17.41
N VAL F 90 -45.26 -82.47 17.31
CA VAL F 90 -46.02 -81.34 16.80
C VAL F 90 -46.41 -81.58 15.35
N SER F 91 -45.48 -82.14 14.55
CA SER F 91 -45.82 -82.49 13.18
C SER F 91 -46.87 -83.59 13.13
N GLU F 92 -46.82 -84.54 14.06
CA GLU F 92 -47.86 -85.55 14.16
C GLU F 92 -49.22 -84.92 14.40
N VAL F 93 -49.29 -83.95 15.32
CA VAL F 93 -50.55 -83.28 15.62
C VAL F 93 -51.01 -82.46 14.42
N ILE F 94 -50.08 -81.86 13.69
CA ILE F 94 -50.45 -81.09 12.50
C ILE F 94 -51.03 -82.00 11.42
N TYR F 95 -50.42 -83.16 11.22
CA TYR F 95 -50.98 -84.13 10.26
C TYR F 95 -52.32 -84.67 10.73
N ASP F 96 -52.50 -84.81 12.05
CA ASP F 96 -53.81 -85.18 12.58
C ASP F 96 -54.84 -84.10 12.28
N MET F 97 -54.45 -82.82 12.41
CA MET F 97 -55.35 -81.74 12.03
C MET F 97 -55.71 -81.81 10.56
N ILE F 98 -54.72 -82.09 9.71
CA ILE F 98 -54.97 -82.21 8.27
C ILE F 98 -55.96 -83.34 8.00
N ALA F 99 -55.77 -84.48 8.65
CA ALA F 99 -56.67 -85.61 8.46
C ALA F 99 -58.07 -85.29 8.94
N ALA F 100 -58.19 -84.59 10.07
CA ALA F 100 -59.48 -84.26 10.65
C ALA F 100 -60.17 -83.09 9.97
N GLY F 101 -59.53 -82.45 9.00
CA GLY F 101 -60.10 -81.33 8.31
C GLY F 101 -59.83 -79.97 8.94
N LEU F 102 -59.13 -79.94 10.08
CA LEU F 102 -58.81 -78.68 10.74
C LEU F 102 -57.59 -78.06 10.08
N SER F 103 -57.77 -76.92 9.44
CA SER F 103 -56.67 -76.25 8.77
C SER F 103 -55.67 -75.72 9.80
N PRO F 104 -54.37 -75.97 9.64
CA PRO F 104 -53.39 -75.45 10.59
C PRO F 104 -53.23 -73.94 10.48
N GLY F 105 -53.60 -73.22 11.52
CA GLY F 105 -53.45 -71.79 11.54
C GLY F 105 -52.05 -71.37 11.91
N PRO F 106 -51.83 -70.06 11.97
CA PRO F 106 -50.51 -69.56 12.38
C PRO F 106 -50.09 -69.99 13.77
N ARG F 107 -51.05 -70.28 14.65
CA ARG F 107 -50.71 -70.72 16.00
C ARG F 107 -50.03 -72.08 15.98
N SER F 108 -50.52 -73.02 15.17
CA SER F 108 -49.92 -74.34 15.11
C SER F 108 -48.50 -74.29 14.55
N PHE F 109 -48.31 -73.52 13.48
CA PHE F 109 -46.98 -73.37 12.91
C PHE F 109 -46.05 -72.62 13.86
N HIS F 110 -46.59 -71.68 14.64
CA HIS F 110 -45.80 -71.05 15.69
C HIS F 110 -45.35 -72.07 16.73
N GLY F 111 -46.25 -72.97 17.12
CA GLY F 111 -45.86 -74.03 18.03
C GLY F 111 -44.78 -74.93 17.45
N LEU F 112 -44.90 -75.27 16.17
CA LEU F 112 -43.88 -76.09 15.52
C LEU F 112 -42.53 -75.38 15.48
N VAL F 113 -42.54 -74.09 15.14
CA VAL F 113 -41.29 -73.32 15.10
C VAL F 113 -40.68 -73.22 16.48
N VAL F 114 -41.50 -73.00 17.51
CA VAL F 114 -40.98 -72.92 18.87
C VAL F 114 -40.39 -74.26 19.29
N ALA F 115 -41.07 -75.36 18.93
CA ALA F 115 -40.55 -76.68 19.25
C ALA F 115 -39.20 -76.92 18.60
N HIS F 116 -39.04 -76.51 17.34
CA HIS F 116 -37.75 -76.66 16.68
C HIS F 116 -36.69 -75.75 17.29
N ALA F 117 -37.08 -74.53 17.66
CA ALA F 117 -36.11 -73.53 18.13
C ALA F 117 -35.65 -73.80 19.56
N LEU F 118 -36.50 -74.42 20.38
CA LEU F 118 -36.15 -74.64 21.78
C LEU F 118 -34.94 -75.56 21.91
N ASN F 119 -34.90 -76.63 21.13
CA ASN F 119 -33.74 -77.53 21.13
C ASN F 119 -32.75 -77.18 20.04
N GLY F 120 -32.36 -75.90 19.99
CA GLY F 120 -31.34 -75.39 19.10
C GLY F 120 -31.28 -75.98 17.70
N ASP F 121 -32.40 -75.93 16.98
CA ASP F 121 -32.50 -76.51 15.63
C ASP F 121 -32.91 -75.41 14.66
N GLU F 122 -31.92 -74.75 14.06
CA GLU F 122 -32.19 -73.63 13.18
C GLU F 122 -32.72 -74.08 11.82
N GLN F 123 -32.15 -75.15 11.26
CA GLN F 123 -32.58 -75.62 9.95
C GLN F 123 -34.03 -76.09 9.98
N GLY F 124 -34.39 -76.86 11.01
CA GLY F 124 -35.78 -77.31 11.12
C GLY F 124 -36.74 -76.17 11.38
N ALA F 125 -36.30 -75.17 12.14
CA ALA F 125 -37.16 -74.00 12.36
C ALA F 125 -37.39 -73.23 11.06
N MET F 126 -36.35 -73.08 10.25
CA MET F 126 -36.53 -72.41 8.95
C MET F 126 -37.41 -73.26 8.03
N HIS F 127 -37.28 -74.58 8.10
CA HIS F 127 -38.16 -75.45 7.32
C HIS F 127 -39.61 -75.29 7.76
N SER F 128 -39.83 -75.17 9.07
CA SER F 128 -41.19 -74.96 9.58
C SER F 128 -41.75 -73.62 9.11
N LEU F 129 -40.90 -72.58 9.10
CA LEU F 129 -41.34 -71.29 8.58
C LEU F 129 -41.69 -71.39 7.10
N ARG F 130 -40.89 -72.16 6.34
CA ARG F 130 -41.19 -72.37 4.93
C ARG F 130 -42.51 -73.12 4.74
N LYS F 131 -42.77 -74.10 5.61
CA LYS F 131 -44.06 -74.78 5.57
C LYS F 131 -45.21 -73.83 5.86
N GLU F 132 -45.04 -72.96 6.85
CA GLU F 132 -46.08 -71.99 7.18
C GLU F 132 -46.34 -71.04 6.01
N LEU F 133 -45.27 -70.58 5.37
CA LEU F 133 -45.43 -69.70 4.21
C LEU F 133 -46.10 -70.43 3.06
N GLY F 134 -45.68 -71.67 2.78
CA GLY F 134 -46.30 -72.43 1.71
C GLY F 134 -47.74 -72.82 2.01
N ALA F 135 -48.09 -72.92 3.28
CA ALA F 135 -49.47 -73.16 3.68
C ALA F 135 -50.36 -71.95 3.44
N GLY F 136 -49.79 -70.79 3.12
CA GLY F 136 -50.54 -69.58 2.91
C GLY F 136 -50.85 -68.78 4.15
N GLN F 137 -50.36 -69.21 5.31
CA GLN F 137 -50.63 -68.53 6.56
C GLN F 137 -49.63 -67.41 6.81
N ARG F 138 -50.07 -66.39 7.54
CA ARG F 138 -49.21 -65.26 7.87
C ARG F 138 -48.57 -65.51 9.22
N PRO F 139 -47.24 -65.62 9.30
CA PRO F 139 -46.60 -65.96 10.58
C PRO F 139 -46.80 -64.87 11.62
N LEU F 140 -46.90 -65.31 12.88
CA LEU F 140 -47.09 -64.40 13.99
C LEU F 140 -45.79 -63.67 14.31
N PRO F 141 -45.88 -62.51 14.97
CA PRO F 141 -44.64 -61.84 15.43
C PRO F 141 -43.81 -62.69 16.37
N GLU F 142 -44.46 -63.53 17.19
CA GLU F 142 -43.71 -64.39 18.10
C GLU F 142 -42.84 -65.39 17.34
N THR F 143 -43.34 -65.94 16.24
CA THR F 143 -42.54 -66.86 15.44
C THR F 143 -41.30 -66.17 14.91
N MET F 144 -41.46 -64.95 14.38
CA MET F 144 -40.33 -64.22 13.81
C MET F 144 -39.32 -63.86 14.90
N ILE F 145 -39.79 -63.41 16.07
CA ILE F 145 -38.84 -63.05 17.12
C ILE F 145 -38.15 -64.29 17.66
N ALA F 146 -38.84 -65.43 17.72
CA ALA F 146 -38.18 -66.67 18.12
C ALA F 146 -37.10 -67.05 17.12
N LEU F 147 -37.39 -66.89 15.83
CA LEU F 147 -36.39 -67.20 14.80
C LEU F 147 -35.18 -66.28 14.90
N VAL F 148 -35.40 -64.98 15.11
CA VAL F 148 -34.27 -64.07 15.20
C VAL F 148 -33.46 -64.33 16.46
N ARG F 149 -34.14 -64.69 17.57
CA ARG F 149 -33.42 -65.03 18.79
C ARG F 149 -32.59 -66.31 18.59
N LEU F 150 -33.14 -67.29 17.90
CA LEU F 150 -32.38 -68.50 17.61
C LEU F 150 -31.16 -68.19 16.74
N SER F 151 -31.33 -67.35 15.73
CA SER F 151 -30.21 -66.97 14.87
C SER F 151 -29.15 -66.23 15.67
N GLY F 152 -29.56 -65.34 16.57
CA GLY F 152 -28.60 -64.64 17.41
C GLY F 152 -27.87 -65.56 18.37
N SER F 153 -28.59 -66.53 18.94
CA SER F 153 -27.94 -67.50 19.82
C SER F 153 -26.92 -68.33 19.06
N LYS F 154 -27.25 -68.73 17.83
CA LYS F 154 -26.31 -69.42 16.97
C LYS F 154 -25.26 -68.50 16.37
N GLY F 155 -25.43 -67.19 16.52
CA GLY F 155 -24.51 -66.24 15.91
C GLY F 155 -24.75 -65.97 14.44
N ASN F 156 -25.84 -66.48 13.88
CA ASN F 156 -26.14 -66.32 12.46
C ASN F 156 -26.73 -64.91 12.24
N ALA F 157 -25.83 -63.95 12.11
CA ALA F 157 -26.25 -62.56 11.97
C ALA F 157 -26.99 -62.32 10.65
N GLN F 158 -26.51 -62.90 9.56
CA GLN F 158 -27.14 -62.66 8.26
C GLN F 158 -28.53 -63.26 8.20
N ARG F 159 -28.71 -64.45 8.79
CA ARG F 159 -30.05 -65.04 8.86
C ARG F 159 -30.98 -64.15 9.68
N GLY F 160 -30.46 -63.58 10.77
CA GLY F 160 -31.27 -62.66 11.56
C GLY F 160 -31.66 -61.42 10.78
N LEU F 161 -30.74 -60.89 9.97
CA LEU F 161 -31.06 -59.74 9.14
C LEU F 161 -32.10 -60.09 8.09
N GLU F 162 -32.00 -61.29 7.51
CA GLU F 162 -33.01 -61.73 6.55
C GLU F 162 -34.37 -61.85 7.21
N LEU F 163 -34.40 -62.40 8.43
CA LEU F 163 -35.67 -62.51 9.16
C LEU F 163 -36.23 -61.13 9.50
N LEU F 164 -35.36 -60.19 9.86
CA LEU F 164 -35.81 -58.81 10.11
C LEU F 164 -36.39 -58.18 8.86
N ALA F 165 -35.74 -58.41 7.71
CA ALA F 165 -36.27 -57.90 6.45
C ALA F 165 -37.62 -58.51 6.13
N ALA F 166 -37.77 -59.81 6.37
CA ALA F 166 -39.07 -60.46 6.17
C ALA F 166 -40.12 -59.88 7.09
N MET F 167 -39.77 -59.64 8.35
CA MET F 167 -40.70 -59.05 9.29
C MET F 167 -41.13 -57.65 8.85
N GLU F 168 -40.16 -56.85 8.36
CA GLU F 168 -40.50 -55.53 7.84
C GLU F 168 -41.40 -55.62 6.62
N LYS F 169 -41.17 -56.62 5.77
CA LYS F 169 -42.00 -56.80 4.58
C LYS F 169 -43.42 -57.19 4.95
N LEU F 170 -43.61 -57.89 6.06
CA LEU F 170 -44.94 -58.29 6.53
C LEU F 170 -45.56 -57.28 7.48
N ASN F 171 -45.12 -56.01 7.42
CA ASN F 171 -45.71 -54.92 8.21
C ASN F 171 -45.68 -55.23 9.71
N TYR F 172 -44.45 -55.31 10.23
CA TYR F 172 -44.22 -55.59 11.64
C TYR F 172 -43.17 -54.63 12.19
N ASP F 173 -43.23 -54.39 13.50
CA ASP F 173 -42.27 -53.55 14.18
C ASP F 173 -41.03 -54.39 14.48
N ILE F 174 -39.90 -54.06 13.82
CA ILE F 174 -38.69 -54.85 13.95
C ILE F 174 -37.76 -54.32 15.04
N ARG F 175 -38.18 -53.30 15.80
CA ARG F 175 -37.29 -52.74 16.82
C ARG F 175 -37.01 -53.75 17.92
N GLN F 176 -38.07 -54.38 18.45
CA GLN F 176 -37.88 -55.32 19.55
C GLN F 176 -37.05 -56.53 19.10
N ALA F 177 -37.33 -57.03 17.89
CA ALA F 177 -36.56 -58.16 17.38
C ALA F 177 -35.11 -57.76 17.12
N TRP F 178 -34.88 -56.52 16.66
CA TRP F 178 -33.52 -56.03 16.48
C TRP F 178 -32.78 -55.98 17.81
N LEU F 179 -33.45 -55.49 18.86
CA LEU F 179 -32.84 -55.47 20.19
C LEU F 179 -32.52 -56.89 20.66
N ILE F 180 -33.46 -57.81 20.46
CA ILE F 180 -33.23 -59.19 20.87
C ILE F 180 -32.03 -59.78 20.13
N LEU F 181 -31.94 -59.52 18.83
CA LEU F 181 -30.86 -60.07 18.03
C LEU F 181 -29.50 -59.54 18.49
N VAL F 182 -29.41 -58.22 18.69
CA VAL F 182 -28.12 -57.66 19.08
C VAL F 182 -27.75 -58.10 20.50
N GLU F 183 -28.73 -58.19 21.40
CA GLU F 183 -28.45 -58.62 22.75
C GLU F 183 -27.97 -60.07 22.78
N GLU F 184 -28.61 -60.94 22.00
CA GLU F 184 -28.19 -62.33 21.93
C GLU F 184 -26.80 -62.45 21.32
N LEU F 185 -26.52 -61.66 20.28
CA LEU F 185 -25.19 -61.69 19.67
C LEU F 185 -24.13 -61.25 20.66
N VAL F 186 -24.42 -60.24 21.48
CA VAL F 186 -23.50 -59.84 22.54
C VAL F 186 -23.33 -60.96 23.56
N ARG F 187 -24.43 -61.61 23.93
CA ARG F 187 -24.40 -62.60 25.01
C ARG F 187 -23.54 -63.80 24.62
N THR F 188 -23.65 -64.25 23.38
CA THR F 188 -22.92 -65.42 22.91
C THR F 188 -21.52 -65.08 22.41
N ASN F 189 -20.99 -63.92 22.79
CA ASN F 189 -19.65 -63.48 22.43
C ASN F 189 -19.47 -63.45 20.90
N HIS F 190 -20.30 -62.61 20.26
CA HIS F 190 -20.22 -62.33 18.83
C HIS F 190 -20.19 -60.82 18.61
N LEU F 191 -19.26 -60.15 19.31
CA LEU F 191 -19.27 -58.70 19.40
C LEU F 191 -19.15 -58.02 18.04
N GLU F 192 -18.45 -58.64 17.08
CA GLU F 192 -18.32 -58.03 15.76
C GLU F 192 -19.68 -58.00 15.05
N GLU F 193 -20.37 -59.14 15.00
CA GLU F 193 -21.67 -59.17 14.36
C GLU F 193 -22.70 -58.37 15.15
N ALA F 194 -22.60 -58.37 16.47
CA ALA F 194 -23.49 -57.55 17.29
C ALA F 194 -23.32 -56.07 16.96
N ASN F 195 -22.06 -55.62 16.85
CA ASN F 195 -21.80 -54.23 16.48
C ASN F 195 -22.34 -53.93 15.09
N LYS F 196 -22.14 -54.85 14.14
CA LYS F 196 -22.62 -54.63 12.77
C LYS F 196 -24.14 -54.48 12.74
N VAL F 197 -24.85 -55.39 13.39
CA VAL F 197 -26.31 -55.33 13.39
C VAL F 197 -26.81 -54.09 14.13
N PHE F 198 -26.18 -53.77 15.27
CA PHE F 198 -26.58 -52.60 16.02
C PHE F 198 -26.40 -51.33 15.20
N LEU F 199 -25.27 -51.21 14.50
CA LEU F 199 -25.03 -50.04 13.69
C LEU F 199 -25.98 -49.96 12.50
N LYS F 200 -26.29 -51.11 11.89
CA LYS F 200 -27.30 -51.13 10.84
C LYS F 200 -28.63 -50.59 11.35
N GLY F 201 -29.08 -51.09 12.50
CA GLY F 201 -30.34 -50.62 13.05
C GLY F 201 -30.31 -49.16 13.47
N ALA F 202 -29.17 -48.69 13.98
CA ALA F 202 -29.08 -47.31 14.43
C ALA F 202 -29.06 -46.33 13.26
N ARG F 203 -28.27 -46.64 12.22
CA ARG F 203 -28.30 -45.84 11.01
C ARG F 203 -29.65 -45.94 10.30
N GLY F 204 -30.41 -47.01 10.55
CA GLY F 204 -31.73 -47.11 9.99
C GLY F 204 -32.80 -46.30 10.67
N GLY F 205 -32.46 -45.60 11.76
CA GLY F 205 -33.40 -44.77 12.47
C GLY F 205 -33.91 -45.35 13.78
N MET F 206 -33.70 -46.64 14.02
CA MET F 206 -34.15 -47.26 15.26
C MET F 206 -33.37 -46.72 16.45
N ARG F 207 -34.04 -46.67 17.59
CA ARG F 207 -33.42 -46.26 18.85
C ARG F 207 -33.38 -47.44 19.81
N ALA F 208 -32.23 -47.64 20.43
CA ALA F 208 -32.04 -48.72 21.40
C ALA F 208 -32.28 -48.20 22.81
N THR F 209 -32.43 -49.14 23.74
CA THR F 209 -32.61 -48.79 25.13
C THR F 209 -31.31 -48.25 25.73
N ASP F 210 -31.42 -47.58 26.86
CA ASP F 210 -30.23 -47.05 27.54
C ASP F 210 -29.31 -48.19 27.97
N GLN F 211 -29.89 -49.28 28.47
CA GLN F 211 -29.09 -50.43 28.89
C GLN F 211 -28.30 -51.00 27.71
N LEU F 212 -28.93 -51.09 26.54
CA LEU F 212 -28.23 -51.63 25.38
C LEU F 212 -27.12 -50.70 24.91
N TYR F 213 -27.38 -49.38 24.91
CA TYR F 213 -26.33 -48.42 24.59
C TYR F 213 -25.13 -48.58 25.52
N ASP F 214 -25.39 -48.62 26.83
CA ASP F 214 -24.31 -48.76 27.79
C ASP F 214 -23.58 -50.07 27.61
N LEU F 215 -24.30 -51.16 27.35
CA LEU F 215 -23.68 -52.45 27.15
C LEU F 215 -22.77 -52.44 25.93
N MET F 216 -23.24 -51.88 24.82
CA MET F 216 -22.42 -51.85 23.62
C MET F 216 -21.17 -51.02 23.83
N ILE F 217 -21.33 -49.83 24.44
CA ILE F 217 -20.17 -48.96 24.67
C ILE F 217 -19.15 -49.65 25.57
N GLU F 218 -19.62 -50.21 26.68
CA GLU F 218 -18.72 -50.81 27.66
C GLU F 218 -18.01 -52.04 27.09
N GLU F 219 -18.75 -52.91 26.40
CA GLU F 219 -18.14 -54.11 25.84
C GLU F 219 -17.14 -53.75 24.74
N ASP F 220 -17.49 -52.80 23.87
CA ASP F 220 -16.56 -52.41 22.82
C ASP F 220 -15.29 -51.79 23.39
N CYS F 221 -15.41 -51.00 24.46
CA CYS F 221 -14.23 -50.39 25.05
C CYS F 221 -13.42 -51.40 25.84
N LYS F 222 -14.07 -52.42 26.41
CA LYS F 222 -13.32 -53.49 27.06
C LYS F 222 -12.55 -54.32 26.04
N ALA F 223 -13.15 -54.55 24.87
CA ALA F 223 -12.46 -55.27 23.80
C ALA F 223 -11.38 -54.44 23.14
N GLY F 224 -11.27 -53.15 23.48
CA GLY F 224 -10.31 -52.29 22.81
C GLY F 224 -10.76 -51.76 21.48
N ASP F 225 -12.06 -51.83 21.18
CA ASP F 225 -12.62 -51.40 19.90
C ASP F 225 -13.18 -50.00 20.10
N HIS F 226 -12.33 -48.98 19.87
CA HIS F 226 -12.76 -47.60 20.05
C HIS F 226 -13.62 -47.11 18.89
N SER F 227 -13.41 -47.65 17.68
CA SER F 227 -14.14 -47.16 16.52
C SER F 227 -15.64 -47.43 16.65
N ASN F 228 -16.01 -48.68 16.94
CA ASN F 228 -17.41 -49.03 17.09
C ASN F 228 -18.03 -48.29 18.28
N ALA F 229 -17.29 -48.18 19.38
CA ALA F 229 -17.81 -47.48 20.55
C ALA F 229 -18.07 -46.01 20.24
N LEU F 230 -17.16 -45.35 19.54
CA LEU F 230 -17.36 -43.96 19.18
C LEU F 230 -18.53 -43.78 18.23
N ASP F 231 -18.66 -44.69 17.25
CA ASP F 231 -19.79 -44.62 16.33
C ASP F 231 -21.11 -44.81 17.07
N ILE F 232 -21.16 -45.78 17.98
CA ILE F 232 -22.38 -46.03 18.73
C ILE F 232 -22.71 -44.86 19.66
N SER F 233 -21.69 -44.22 20.24
CA SER F 233 -21.96 -43.06 21.08
C SER F 233 -22.47 -41.88 20.26
N TYR F 234 -21.90 -41.68 19.07
CA TYR F 234 -22.43 -40.64 18.17
C TYR F 234 -23.89 -40.92 17.81
N GLU F 235 -24.20 -42.18 17.50
CA GLU F 235 -25.58 -42.53 17.16
C GLU F 235 -26.51 -42.37 18.36
N MET F 236 -26.02 -42.69 19.56
CA MET F 236 -26.83 -42.53 20.76
C MET F 236 -27.15 -41.06 21.00
N GLU F 237 -26.17 -40.18 20.82
CA GLU F 237 -26.43 -38.76 21.00
C GLU F 237 -27.28 -38.20 19.87
N ALA F 238 -27.20 -38.80 18.68
CA ALA F 238 -28.10 -38.40 17.60
C ALA F 238 -29.53 -38.80 17.89
N ALA F 239 -29.73 -39.95 18.53
CA ALA F 239 -31.06 -40.42 18.87
C ALA F 239 -31.69 -39.63 20.02
N GLY F 240 -30.93 -38.80 20.72
CA GLY F 240 -31.46 -37.97 21.77
C GLY F 240 -30.93 -38.26 23.16
N ARG F 241 -30.03 -39.22 23.35
CA ARG F 241 -29.46 -39.53 24.65
C ARG F 241 -28.01 -39.06 24.69
N PHE F 242 -27.76 -37.98 25.43
CA PHE F 242 -26.42 -37.42 25.50
C PHE F 242 -25.51 -38.29 26.36
N ALA F 243 -24.23 -38.28 26.03
CA ALA F 243 -23.25 -39.06 26.77
C ALA F 243 -22.97 -38.44 28.13
N THR F 244 -22.80 -39.29 29.13
CA THR F 244 -22.46 -38.88 30.49
C THR F 244 -21.01 -39.26 30.78
N THR F 245 -20.61 -39.06 32.03
CA THR F 245 -19.24 -39.37 32.45
C THR F 245 -18.92 -40.84 32.25
N PHE F 246 -19.93 -41.71 32.35
CA PHE F 246 -19.69 -43.15 32.19
C PHE F 246 -19.20 -43.48 30.78
N HIS F 247 -19.92 -42.99 29.77
CA HIS F 247 -19.52 -43.27 28.38
C HIS F 247 -18.18 -42.63 28.05
N PHE F 248 -17.96 -41.41 28.56
CA PHE F 248 -16.68 -40.74 28.31
C PHE F 248 -15.52 -41.49 28.95
N ASN F 249 -15.71 -42.02 30.16
CA ASN F 249 -14.69 -42.84 30.80
C ASN F 249 -14.44 -44.11 30.00
N CYS F 250 -15.50 -44.73 29.49
CA CYS F 250 -15.33 -45.91 28.66
C CYS F 250 -14.49 -45.60 27.43
N LEU F 251 -14.77 -44.47 26.78
CA LEU F 251 -13.97 -44.06 25.63
C LEU F 251 -12.53 -43.76 26.02
N LEU F 252 -12.33 -43.09 27.15
CA LEU F 252 -10.98 -42.74 27.60
C LEU F 252 -10.17 -43.97 27.97
N SER F 253 -10.83 -45.06 28.36
CA SER F 253 -10.09 -46.28 28.71
C SER F 253 -9.29 -46.83 27.55
N VAL F 254 -9.63 -46.46 26.31
CA VAL F 254 -8.91 -46.93 25.13
C VAL F 254 -7.99 -45.84 24.61
N GLN F 255 -8.42 -44.58 24.74
CA GLN F 255 -7.61 -43.47 24.25
C GLN F 255 -6.35 -43.29 25.08
N ALA F 256 -6.36 -43.68 26.35
CA ALA F 256 -5.21 -43.49 27.22
C ALA F 256 -4.03 -44.38 26.86
N THR F 257 -4.22 -45.37 25.99
CA THR F 257 -3.17 -46.29 25.61
C THR F 257 -2.74 -46.13 24.16
N CYS F 258 -3.18 -45.07 23.49
CA CYS F 258 -2.83 -44.88 22.09
C CYS F 258 -1.46 -44.24 21.88
N GLY F 259 -0.81 -43.78 22.95
CA GLY F 259 0.48 -43.14 22.83
C GLY F 259 0.44 -41.68 22.46
N ILE F 260 -0.74 -41.12 22.23
CA ILE F 260 -0.91 -39.73 21.88
C ILE F 260 -1.77 -39.07 22.94
N PRO F 261 -1.18 -38.29 23.85
CA PRO F 261 -1.97 -37.68 24.93
C PRO F 261 -3.03 -36.71 24.44
N GLU F 262 -2.90 -36.20 23.21
CA GLU F 262 -3.80 -35.16 22.75
C GLU F 262 -5.21 -35.68 22.52
N VAL F 263 -5.36 -36.96 22.16
CA VAL F 263 -6.70 -37.52 21.98
C VAL F 263 -7.44 -37.56 23.31
N ALA F 264 -6.80 -38.13 24.33
CA ALA F 264 -7.40 -38.19 25.65
C ALA F 264 -7.60 -36.79 26.21
N TYR F 265 -6.71 -35.85 25.91
CA TYR F 265 -6.90 -34.49 26.41
C TYR F 265 -8.03 -33.78 25.70
N ALA F 266 -8.25 -34.06 24.41
CA ALA F 266 -9.41 -33.52 23.72
C ALA F 266 -10.70 -34.05 24.33
N THR F 267 -10.74 -35.36 24.63
CA THR F 267 -11.90 -35.90 25.30
C THR F 267 -12.10 -35.27 26.67
N PHE F 268 -11.01 -35.07 27.41
CA PHE F 268 -11.10 -34.45 28.72
C PHE F 268 -11.59 -33.02 28.64
N GLU F 269 -11.13 -32.26 27.65
CA GLU F 269 -11.61 -30.90 27.45
C GLU F 269 -13.08 -30.89 27.09
N ASN F 270 -13.53 -31.83 26.26
CA ASN F 270 -14.95 -31.97 25.99
C ASN F 270 -15.74 -32.20 27.28
N MET F 271 -15.20 -33.04 28.17
CA MET F 271 -15.90 -33.33 29.42
C MET F 271 -15.92 -32.13 30.37
N GLU F 272 -14.77 -31.47 30.53
CA GLU F 272 -14.60 -30.49 31.59
C GLU F 272 -15.44 -29.25 31.38
N TYR F 273 -15.51 -28.76 30.14
CA TYR F 273 -16.25 -27.55 29.83
C TYR F 273 -17.63 -27.86 29.24
N GLY F 274 -18.26 -28.92 29.71
CA GLY F 274 -19.57 -29.31 29.23
C GLY F 274 -20.64 -29.20 30.30
N GLU F 275 -21.64 -30.08 30.23
CA GLU F 275 -22.74 -30.06 31.16
C GLU F 275 -22.35 -30.72 32.48
N ASP F 276 -23.28 -30.69 33.44
CA ASP F 276 -23.00 -31.27 34.76
C ASP F 276 -22.84 -32.78 34.68
N PHE F 277 -23.62 -33.44 33.83
CA PHE F 277 -23.55 -34.89 33.72
C PHE F 277 -22.37 -35.35 32.89
N MET F 278 -21.64 -34.44 32.26
CA MET F 278 -20.43 -34.77 31.51
C MET F 278 -19.16 -34.48 32.28
N LYS F 279 -19.26 -33.97 33.50
CA LYS F 279 -18.10 -33.51 34.23
C LYS F 279 -17.17 -34.67 34.59
N PRO F 280 -15.86 -34.45 34.56
CA PRO F 280 -14.91 -35.51 34.90
C PRO F 280 -15.00 -35.90 36.37
N ASP F 281 -14.66 -37.17 36.63
CA ASP F 281 -14.51 -37.70 37.97
C ASP F 281 -13.08 -38.24 38.12
N THR F 282 -12.84 -38.94 39.24
CA THR F 282 -11.50 -39.43 39.53
C THR F 282 -10.98 -40.34 38.42
N GLU F 283 -11.85 -41.18 37.88
CA GLU F 283 -11.43 -42.10 36.81
C GLU F 283 -11.01 -41.33 35.57
N THR F 284 -11.70 -40.24 35.26
CA THR F 284 -11.34 -39.43 34.08
C THR F 284 -9.96 -38.80 34.26
N TYR F 285 -9.72 -38.20 35.42
CA TYR F 285 -8.41 -37.62 35.69
C TYR F 285 -7.33 -38.69 35.65
N ASN F 286 -7.63 -39.88 36.17
CA ASN F 286 -6.66 -40.97 36.12
C ASN F 286 -6.35 -41.36 34.69
N TRP F 287 -7.37 -41.45 33.83
CA TRP F 287 -7.12 -41.83 32.44
C TRP F 287 -6.27 -40.79 31.74
N VAL F 288 -6.57 -39.51 31.94
CA VAL F 288 -5.81 -38.46 31.25
C VAL F 288 -4.38 -38.40 31.76
N ILE F 289 -4.20 -38.53 33.08
CA ILE F 289 -2.85 -38.55 33.63
C ILE F 289 -2.07 -39.74 33.12
N GLN F 290 -2.70 -40.91 33.05
CA GLN F 290 -2.01 -42.09 32.52
C GLN F 290 -1.64 -41.89 31.06
N ALA F 291 -2.52 -41.26 30.28
CA ALA F 291 -2.18 -40.95 28.90
C ALA F 291 -0.97 -40.03 28.81
N TYR F 292 -0.88 -39.06 29.71
CA TYR F 292 0.22 -38.10 29.62
C TYR F 292 1.53 -38.65 30.14
N THR F 293 1.50 -39.49 31.19
CA THR F 293 2.73 -39.97 31.80
C THR F 293 3.38 -41.09 31.00
N ARG F 294 2.64 -41.72 30.08
CA ARG F 294 3.16 -42.80 29.27
C ARG F 294 3.21 -42.41 27.79
N ALA F 295 3.52 -41.13 27.55
CA ALA F 295 3.63 -40.63 26.19
C ALA F 295 4.89 -41.15 25.52
N ASP F 296 4.86 -41.17 24.18
CA ASP F 296 5.98 -41.69 23.42
C ASP F 296 7.17 -40.73 23.40
N SER F 297 6.92 -39.43 23.23
CA SER F 297 8.00 -38.46 23.10
C SER F 297 7.58 -37.16 23.78
N TYR F 298 8.53 -36.23 23.82
CA TYR F 298 8.36 -34.91 24.44
C TYR F 298 8.13 -35.00 25.95
N ASP F 299 8.29 -33.90 26.67
CA ASP F 299 8.14 -33.90 28.10
C ASP F 299 6.71 -33.49 28.47
N ARG F 300 6.12 -34.22 29.41
CA ARG F 300 4.73 -34.01 29.81
C ARG F 300 4.60 -33.72 31.30
N VAL F 301 5.69 -33.31 31.96
CA VAL F 301 5.61 -33.06 33.39
C VAL F 301 4.76 -31.82 33.68
N GLN F 302 4.87 -30.79 32.84
CA GLN F 302 4.04 -29.60 33.03
C GLN F 302 2.57 -29.91 32.83
N ASP F 303 2.24 -30.74 31.83
CA ASP F 303 0.86 -31.12 31.60
C ASP F 303 0.28 -31.89 32.78
N VAL F 304 1.04 -32.84 33.31
CA VAL F 304 0.57 -33.62 34.45
C VAL F 304 0.43 -32.72 35.68
N ALA F 305 1.35 -31.78 35.86
CA ALA F 305 1.26 -30.87 36.99
C ALA F 305 0.02 -29.99 36.90
N GLU F 306 -0.28 -29.48 35.70
CA GLU F 306 -1.47 -28.64 35.54
C GLU F 306 -2.75 -29.47 35.71
N LEU F 307 -2.76 -30.71 35.23
CA LEU F 307 -3.90 -31.58 35.44
C LEU F 307 -4.10 -31.87 36.93
N LEU F 308 -3.01 -32.08 37.65
CA LEU F 308 -3.09 -32.27 39.09
C LEU F 308 -3.66 -31.03 39.77
N GLY F 309 -3.22 -29.85 39.36
CA GLY F 309 -3.78 -28.62 39.92
C GLY F 309 -5.27 -28.47 39.63
N MET F 310 -5.68 -28.81 38.40
CA MET F 310 -7.10 -28.76 38.06
C MET F 310 -7.91 -29.72 38.89
N MET F 311 -7.38 -30.94 39.11
CA MET F 311 -8.06 -31.90 39.96
C MET F 311 -8.15 -31.41 41.40
N VAL F 312 -7.10 -30.75 41.88
CA VAL F 312 -7.11 -30.20 43.24
C VAL F 312 -8.17 -29.13 43.36
N GLU F 313 -8.26 -28.24 42.37
CA GLU F 313 -9.27 -27.19 42.42
C GLU F 313 -10.70 -27.74 42.36
N ASP F 314 -10.86 -28.99 41.95
CA ASP F 314 -12.17 -29.64 41.88
C ASP F 314 -12.46 -30.50 43.10
N TYR F 315 -11.84 -30.17 44.24
CA TYR F 315 -11.88 -31.07 45.39
C TYR F 315 -13.28 -31.27 45.94
N LYS F 316 -14.14 -30.26 45.86
CA LYS F 316 -15.48 -30.38 46.39
C LYS F 316 -16.29 -31.46 45.68
N ARG F 317 -15.89 -31.86 44.48
CA ARG F 317 -16.62 -32.84 43.70
C ARG F 317 -15.81 -34.08 43.35
N VAL F 318 -14.47 -34.02 43.42
CA VAL F 318 -13.63 -35.14 43.04
C VAL F 318 -12.58 -35.36 44.13
N GLN F 319 -12.24 -36.62 44.37
CA GLN F 319 -11.22 -37.03 45.32
C GLN F 319 -10.41 -38.17 44.69
N PRO F 320 -9.15 -38.33 45.10
CA PRO F 320 -8.29 -39.32 44.44
C PRO F 320 -8.50 -40.72 44.99
N ASN F 321 -7.86 -41.68 44.34
CA ASN F 321 -7.84 -43.07 44.78
C ASN F 321 -6.41 -43.59 44.61
N VAL F 322 -6.25 -44.91 44.73
CA VAL F 322 -4.91 -45.50 44.71
C VAL F 322 -4.24 -45.29 43.37
N LYS F 323 -5.00 -45.40 42.28
CA LYS F 323 -4.41 -45.26 40.94
C LYS F 323 -3.90 -43.85 40.71
N THR F 324 -4.59 -42.84 41.23
CA THR F 324 -4.12 -41.46 41.09
C THR F 324 -2.73 -41.30 41.66
N HIS F 325 -2.52 -41.75 42.90
CA HIS F 325 -1.23 -41.59 43.54
C HIS F 325 -0.18 -42.48 42.88
N ALA F 326 -0.56 -43.67 42.42
CA ALA F 326 0.40 -44.52 41.72
C ALA F 326 0.90 -43.86 40.44
N LEU F 327 -0.03 -43.32 39.64
CA LEU F 327 0.35 -42.63 38.42
C LEU F 327 1.20 -41.41 38.70
N LEU F 328 0.85 -40.64 39.74
CA LEU F 328 1.61 -39.44 40.05
C LEU F 328 3.01 -39.76 40.55
N VAL F 329 3.14 -40.81 41.37
CA VAL F 329 4.47 -41.24 41.80
C VAL F 329 5.30 -41.68 40.59
N GLU F 330 4.70 -42.46 39.69
CA GLU F 330 5.42 -42.88 38.50
C GLU F 330 5.88 -41.69 37.68
N CYS F 331 4.99 -40.72 37.45
CA CYS F 331 5.33 -39.56 36.64
C CYS F 331 6.45 -38.75 37.28
N PHE F 332 6.30 -38.39 38.55
CA PHE F 332 7.31 -37.59 39.22
C PHE F 332 8.59 -38.37 39.48
N THR F 333 8.57 -39.69 39.35
CA THR F 333 9.79 -40.46 39.43
C THR F 333 10.55 -40.43 38.10
N LYS F 334 9.84 -40.68 37.00
CA LYS F 334 10.51 -40.75 35.70
C LYS F 334 11.08 -39.40 35.27
N TYR F 335 10.51 -38.30 35.77
CA TYR F 335 11.02 -36.97 35.48
C TYR F 335 11.92 -36.45 36.61
N CYS F 336 12.25 -37.29 37.57
CA CYS F 336 13.18 -36.97 38.65
C CYS F 336 12.69 -35.80 39.51
N VAL F 337 11.37 -35.63 39.62
CA VAL F 337 10.79 -34.75 40.65
C VAL F 337 10.56 -35.63 41.86
N VAL F 338 11.62 -35.85 42.63
CA VAL F 338 11.62 -36.92 43.63
C VAL F 338 10.76 -36.56 44.82
N LYS F 339 10.79 -35.30 45.25
CA LYS F 339 10.07 -34.93 46.47
C LYS F 339 8.55 -35.03 46.28
N GLU F 340 8.05 -34.67 45.10
CA GLU F 340 6.64 -34.84 44.82
C GLU F 340 6.26 -36.32 44.78
N ALA F 341 7.14 -37.16 44.23
CA ALA F 341 6.91 -38.59 44.27
C ALA F 341 6.88 -39.11 45.71
N ILE F 342 7.71 -38.53 46.58
CA ILE F 342 7.69 -38.93 47.98
C ILE F 342 6.38 -38.53 48.64
N ARG F 343 5.91 -37.32 48.36
CA ARG F 343 4.62 -36.88 48.91
C ARG F 343 3.49 -37.82 48.47
N HIS F 344 3.44 -38.10 47.17
CA HIS F 344 2.36 -38.96 46.68
C HIS F 344 2.55 -40.40 47.08
N PHE F 345 3.77 -40.83 47.37
CA PHE F 345 3.98 -42.18 47.91
C PHE F 345 3.52 -42.27 49.37
N ARG F 346 3.72 -41.20 50.13
CA ARG F 346 3.14 -41.13 51.47
C ARG F 346 1.62 -41.19 51.40
N ALA F 347 1.04 -40.49 50.43
CA ALA F 347 -0.41 -40.59 50.24
C ALA F 347 -0.83 -42.00 49.82
N LEU F 348 -0.03 -42.64 48.95
CA LEU F 348 -0.33 -43.97 48.44
C LEU F 348 -0.23 -45.04 49.52
N LYS F 349 0.62 -44.81 50.53
CA LYS F 349 0.83 -45.81 51.58
C LYS F 349 -0.48 -46.17 52.28
N ASN F 350 -1.37 -45.19 52.45
CA ASN F 350 -2.60 -45.42 53.20
C ASN F 350 -3.57 -46.36 52.50
N PHE F 351 -3.34 -46.68 51.24
CA PHE F 351 -4.20 -47.60 50.49
C PHE F 351 -3.61 -49.00 50.51
N GLU F 352 -4.47 -49.99 50.74
CA GLU F 352 -4.05 -51.38 50.60
C GLU F 352 -3.75 -51.67 49.13
N GLY F 353 -2.84 -52.62 48.92
CA GLY F 353 -2.29 -52.81 47.59
C GLY F 353 -1.16 -51.83 47.37
N GLY F 354 -1.52 -50.57 47.11
CA GLY F 354 -0.54 -49.49 47.15
C GLY F 354 0.64 -49.69 46.24
N THR F 355 1.78 -50.00 46.86
CA THR F 355 3.01 -50.26 46.10
C THR F 355 2.85 -51.40 45.10
N LYS F 356 1.92 -52.31 45.33
CA LYS F 356 1.65 -53.36 44.34
C LYS F 356 1.06 -52.77 43.07
N VAL F 357 0.18 -51.79 43.19
CA VAL F 357 -0.34 -51.09 42.02
C VAL F 357 0.78 -50.31 41.33
N LEU F 358 1.63 -49.65 42.11
CA LEU F 358 2.73 -48.88 41.54
C LEU F 358 3.69 -49.78 40.77
N HIS F 359 3.93 -50.99 41.29
CA HIS F 359 4.81 -51.94 40.61
C HIS F 359 4.32 -52.26 39.20
N ASN F 360 3.01 -52.21 38.98
CA ASN F 360 2.41 -52.41 37.65
C ASN F 360 2.74 -53.79 37.08
N ALA F 361 2.92 -54.77 37.95
CA ALA F 361 3.27 -56.14 37.56
C ALA F 361 4.53 -56.18 36.71
N GLY F 362 5.42 -55.21 36.91
CA GLY F 362 6.67 -55.14 36.18
C GLY F 362 6.61 -54.40 34.87
N ASN F 363 5.42 -54.03 34.40
CA ASN F 363 5.28 -53.34 33.13
C ASN F 363 5.64 -51.87 33.26
N PHE F 364 5.78 -51.21 32.11
CA PHE F 364 6.07 -49.78 32.04
C PHE F 364 7.32 -49.41 32.83
N GLU F 365 8.36 -50.24 32.67
CA GLU F 365 9.66 -50.06 33.29
C GLU F 365 9.61 -50.10 34.82
N ASP F 366 8.59 -50.76 35.39
CA ASP F 366 8.50 -51.03 36.82
C ASP F 366 8.64 -49.75 37.64
N PRO F 367 7.61 -48.89 37.69
CA PRO F 367 7.75 -47.61 38.39
C PRO F 367 8.13 -47.73 39.86
N LEU F 368 7.77 -48.82 40.54
CA LEU F 368 8.17 -48.99 41.93
C LEU F 368 9.68 -49.13 42.05
N SER F 369 10.28 -49.94 41.18
CA SER F 369 11.73 -50.08 41.18
C SER F 369 12.41 -48.76 40.86
N LEU F 370 11.85 -47.99 39.92
CA LEU F 370 12.42 -46.68 39.61
C LEU F 370 12.31 -45.73 40.79
N TYR F 371 11.21 -45.79 41.54
CA TYR F 371 11.06 -44.95 42.72
C TYR F 371 12.10 -45.33 43.78
N LEU F 372 12.30 -46.62 44.00
CA LEU F 372 13.33 -47.06 44.93
C LEU F 372 14.72 -46.60 44.49
N ARG F 373 15.01 -46.72 43.19
CA ARG F 373 16.29 -46.27 42.68
C ARG F 373 16.47 -44.76 42.85
N ALA F 374 15.42 -43.99 42.57
CA ALA F 374 15.50 -42.54 42.73
C ALA F 374 15.74 -42.16 44.19
N LEU F 375 15.09 -42.88 45.11
CA LEU F 375 15.34 -42.64 46.53
C LEU F 375 16.78 -42.96 46.91
N CYS F 376 17.30 -44.07 46.39
CA CYS F 376 18.67 -44.48 46.73
C CYS F 376 19.70 -43.50 46.17
N ARG F 377 19.51 -43.04 44.93
CA ARG F 377 20.54 -42.26 44.26
C ARG F 377 20.78 -40.92 44.95
N GLU F 378 19.72 -40.29 45.45
CA GLU F 378 19.83 -38.96 46.06
C GLU F 378 20.08 -39.01 47.56
N GLY F 379 20.29 -40.20 48.12
CA GLY F 379 20.53 -40.32 49.55
C GLY F 379 19.35 -39.95 50.41
N ARG F 380 18.14 -40.25 49.95
CA ARG F 380 16.93 -40.07 50.75
C ARG F 380 16.61 -41.39 51.47
N ILE F 381 17.52 -41.77 52.36
CA ILE F 381 17.54 -43.12 52.90
C ILE F 381 16.38 -43.36 53.85
N VAL F 382 15.94 -42.34 54.59
CA VAL F 382 14.77 -42.52 55.45
C VAL F 382 13.54 -42.82 54.61
N GLU F 383 13.37 -42.11 53.49
CA GLU F 383 12.26 -42.39 52.59
C GLU F 383 12.40 -43.76 51.94
N LEU F 384 13.63 -44.18 51.64
CA LEU F 384 13.84 -45.54 51.13
C LEU F 384 13.41 -46.58 52.15
N ILE F 385 13.73 -46.35 53.41
CA ILE F 385 13.32 -47.26 54.48
C ILE F 385 11.80 -47.29 54.61
N ASP F 386 11.16 -46.12 54.49
CA ASP F 386 9.70 -46.08 54.54
C ASP F 386 9.09 -46.83 53.36
N ALA F 387 9.69 -46.70 52.18
CA ALA F 387 9.19 -47.43 51.01
C ALA F 387 9.35 -48.93 51.22
N LEU F 388 10.47 -49.35 51.81
CA LEU F 388 10.66 -50.77 52.13
C LEU F 388 9.62 -51.24 53.14
N ASP F 389 9.30 -50.41 54.13
CA ASP F 389 8.25 -50.76 55.08
C ASP F 389 6.91 -50.93 54.38
N ALA F 390 6.59 -50.02 53.46
CA ALA F 390 5.33 -50.12 52.73
C ALA F 390 5.28 -51.40 51.89
N MET F 391 6.39 -51.72 51.22
CA MET F 391 6.43 -52.94 50.41
C MET F 391 6.32 -54.19 51.27
N ARG F 392 6.96 -54.18 52.44
CA ARG F 392 6.84 -55.31 53.36
C ARG F 392 5.40 -55.47 53.84
N ARG F 393 4.75 -54.35 54.19
CA ARG F 393 3.38 -54.41 54.64
C ARG F 393 2.42 -54.84 53.53
N ASP F 394 2.75 -54.50 52.28
CA ASP F 394 1.95 -54.88 51.13
C ASP F 394 2.31 -56.26 50.59
N ASN F 395 3.24 -56.96 51.23
CA ASN F 395 3.72 -58.26 50.75
C ASN F 395 4.25 -58.15 49.33
N GLN F 396 5.06 -57.13 49.09
CA GLN F 396 5.62 -56.87 47.78
C GLN F 396 7.12 -57.16 47.79
N PRO F 397 7.57 -58.26 47.19
CA PRO F 397 9.01 -58.50 47.09
C PRO F 397 9.70 -57.42 46.26
N ILE F 398 10.93 -57.09 46.63
CA ILE F 398 11.67 -56.05 45.93
C ILE F 398 12.09 -56.59 44.57
N PRO F 399 11.72 -55.92 43.48
CA PRO F 399 11.98 -56.46 42.15
C PRO F 399 13.46 -56.42 41.81
N PRO F 400 13.91 -57.26 40.87
CA PRO F 400 15.33 -57.23 40.48
C PRO F 400 15.78 -55.90 39.91
N ARG F 401 14.90 -55.16 39.24
CA ARG F 401 15.27 -53.85 38.70
C ARG F 401 15.62 -52.89 39.82
N ALA F 402 14.93 -52.98 40.95
CA ALA F 402 15.26 -52.15 42.10
C ALA F 402 16.59 -52.55 42.72
N MET F 403 16.96 -53.83 42.60
CA MET F 403 18.21 -54.35 43.15
C MET F 403 19.30 -54.46 42.09
N ILE F 404 19.35 -53.51 41.16
CA ILE F 404 20.41 -53.50 40.16
C ILE F 404 21.76 -53.32 40.87
N MET F 405 22.80 -53.91 40.30
CA MET F 405 24.12 -53.93 40.91
C MET F 405 24.98 -52.84 40.28
N SER F 406 25.63 -52.04 41.13
CA SER F 406 26.38 -50.89 40.65
C SER F 406 27.67 -51.33 39.97
N ARG F 407 28.46 -50.34 39.56
CA ARG F 407 29.71 -50.62 38.87
C ARG F 407 30.71 -51.33 39.76
N LYS F 408 30.74 -50.96 41.05
CA LYS F 408 31.62 -51.59 42.03
C LYS F 408 30.96 -52.78 42.71
N TYR F 409 30.00 -53.42 42.05
CA TYR F 409 29.31 -54.60 42.59
C TYR F 409 28.63 -54.30 43.93
N ARG F 410 28.03 -53.12 44.03
CA ARG F 410 27.26 -52.73 45.19
C ARG F 410 25.80 -52.50 44.81
N THR F 411 24.97 -52.32 45.83
CA THR F 411 23.54 -52.12 45.65
C THR F 411 23.11 -50.96 46.54
N LEU F 412 21.79 -50.79 46.68
CA LEU F 412 21.25 -49.72 47.51
C LEU F 412 21.61 -49.88 48.99
N VAL F 413 22.05 -51.07 49.40
CA VAL F 413 22.40 -51.29 50.80
C VAL F 413 23.57 -50.41 51.21
N SER F 414 24.64 -50.41 50.42
CA SER F 414 25.81 -49.57 50.68
C SER F 414 26.16 -48.84 49.38
N SER F 415 25.52 -47.70 49.17
CA SER F 415 25.86 -46.83 48.05
C SER F 415 25.88 -45.36 48.45
N TRP F 416 25.59 -45.04 49.71
CA TRP F 416 25.45 -43.66 50.17
C TRP F 416 26.39 -43.34 51.33
N ILE F 417 27.30 -44.26 51.68
CA ILE F 417 28.27 -44.03 52.75
C ILE F 417 29.46 -43.31 52.13
N GLU F 418 30.34 -42.74 52.98
CA GLU F 418 31.39 -41.85 52.51
C GLU F 418 32.27 -42.42 51.40
N PRO F 419 32.57 -43.74 51.32
CA PRO F 419 33.24 -44.21 50.10
C PRO F 419 32.26 -44.33 48.94
N LEU F 420 32.33 -43.39 48.00
CA LEU F 420 31.41 -43.34 46.88
C LEU F 420 32.03 -43.95 45.64
N GLN F 421 31.30 -44.87 45.02
CA GLN F 421 31.70 -45.50 43.75
C GLN F 421 33.04 -46.21 43.88
N GLU F 422 33.39 -46.65 45.09
CA GLU F 422 34.63 -47.36 45.34
C GLU F 422 34.36 -48.52 46.27
N GLU F 423 35.22 -49.54 46.19
CA GLU F 423 35.04 -50.76 46.94
C GLU F 423 35.76 -50.68 48.29
N ALA F 424 35.28 -51.49 49.24
CA ALA F 424 35.92 -51.59 50.54
C ALA F 424 37.13 -52.53 50.45
N GLU F 425 37.86 -52.64 51.57
CA GLU F 425 39.09 -53.41 51.58
C GLU F 425 38.82 -54.90 51.40
N LEU F 426 37.88 -55.44 52.18
CA LEU F 426 37.40 -56.83 52.11
C LEU F 426 38.43 -57.86 52.55
N GLY F 427 39.67 -57.45 52.84
CA GLY F 427 40.66 -58.34 53.42
C GLY F 427 41.47 -59.16 52.44
N TYR F 428 41.21 -59.08 51.14
CA TYR F 428 41.99 -59.83 50.17
C TYR F 428 41.82 -59.20 48.79
N GLU F 429 42.52 -59.77 47.81
CA GLU F 429 42.39 -59.33 46.44
C GLU F 429 41.03 -59.73 45.85
N ILE F 430 40.53 -58.90 44.95
CA ILE F 430 39.27 -59.18 44.26
C ILE F 430 39.54 -60.14 43.10
N ASP F 431 38.69 -61.16 42.98
CA ASP F 431 38.82 -62.15 41.90
C ASP F 431 38.14 -61.59 40.67
N TYR F 432 38.91 -60.82 39.88
CA TYR F 432 38.35 -60.24 38.66
C TYR F 432 38.05 -61.29 37.60
N LEU F 433 38.79 -62.41 37.62
CA LEU F 433 38.52 -63.49 36.68
C LEU F 433 37.12 -64.06 36.90
N ALA F 434 36.73 -64.26 38.15
CA ALA F 434 35.39 -64.76 38.45
C ALA F 434 34.33 -63.78 37.99
N ARG F 435 34.56 -62.48 38.19
CA ARG F 435 33.62 -61.47 37.72
C ARG F 435 33.49 -61.51 36.19
N TYR F 436 34.61 -61.62 35.49
CA TYR F 436 34.57 -61.68 34.04
C TYR F 436 33.84 -62.94 33.56
N VAL F 437 34.01 -64.05 34.27
CA VAL F 437 33.35 -65.29 33.88
C VAL F 437 31.84 -65.21 34.14
N GLU F 438 31.45 -64.66 35.28
CA GLU F 438 30.05 -64.68 35.67
C GLU F 438 29.20 -63.65 34.93
N GLU F 439 29.81 -62.68 34.27
CA GLU F 439 29.08 -61.65 33.55
C GLU F 439 28.76 -62.01 32.12
N GLY F 440 29.11 -63.22 31.68
CA GLY F 440 28.85 -63.65 30.33
C GLY F 440 30.01 -63.49 29.36
N GLY F 441 31.21 -63.21 29.84
CA GLY F 441 32.36 -63.07 28.96
C GLY F 441 32.73 -64.35 28.24
N LEU F 442 32.26 -65.49 28.72
CA LEU F 442 32.52 -66.76 28.03
C LEU F 442 31.67 -66.89 26.77
N THR F 443 30.43 -66.39 26.82
CA THR F 443 29.52 -66.46 25.68
C THR F 443 29.31 -65.11 25.02
N GLY F 444 30.07 -64.10 25.40
CA GLY F 444 29.97 -62.80 24.76
C GLY F 444 28.73 -62.01 25.11
N GLU F 445 28.11 -62.29 26.25
CA GLU F 445 26.93 -61.56 26.70
C GLU F 445 27.28 -60.46 27.69
N ARG F 446 28.56 -60.12 27.81
CA ARG F 446 28.99 -59.08 28.74
C ARG F 446 28.57 -57.71 28.22
N LYS F 447 28.38 -56.78 29.17
CA LYS F 447 27.99 -55.40 28.87
C LYS F 447 29.24 -54.55 28.99
N ARG F 448 29.81 -54.18 27.84
CA ARG F 448 31.03 -53.38 27.84
C ARG F 448 30.75 -51.95 28.27
N TRP F 449 31.62 -51.41 29.13
CA TRP F 449 31.48 -50.06 29.66
C TRP F 449 32.35 -49.10 28.85
N VAL F 450 31.95 -48.87 27.60
CA VAL F 450 32.67 -47.96 26.71
C VAL F 450 31.66 -46.95 26.16
N PRO F 451 32.00 -45.66 26.11
CA PRO F 451 31.06 -44.68 25.55
C PRO F 451 30.81 -44.95 24.07
N ARG F 452 29.61 -44.56 23.62
CA ARG F 452 29.19 -44.85 22.26
C ARG F 452 28.28 -43.74 21.76
N ARG F 453 28.40 -43.43 20.47
CA ARG F 453 27.60 -42.36 19.87
C ARG F 453 26.14 -42.78 19.81
N GLY F 454 25.26 -41.90 20.27
CA GLY F 454 23.83 -42.14 20.30
C GLY F 454 23.25 -41.54 21.56
N LYS F 455 21.96 -41.22 21.50
CA LYS F 455 21.26 -40.62 22.64
C LYS F 455 20.63 -41.72 23.51
N THR F 456 21.47 -42.66 23.90
CA THR F 456 21.06 -43.75 24.77
C THR F 456 22.02 -43.83 25.95
N PRO F 457 21.50 -44.19 27.14
CA PRO F 457 22.37 -44.25 28.32
C PRO F 457 23.27 -45.46 28.29
N LEU F 458 24.57 -45.23 28.52
CA LEU F 458 25.49 -46.34 28.72
C LEU F 458 25.15 -47.10 30.00
N ASP F 459 24.81 -46.38 31.06
CA ASP F 459 24.45 -47.00 32.33
C ASP F 459 23.11 -47.71 32.20
N PRO F 460 23.04 -49.02 32.47
CA PRO F 460 21.73 -49.69 32.48
C PRO F 460 20.82 -49.19 33.58
N ASP F 461 21.34 -48.51 34.59
CA ASP F 461 20.50 -48.02 35.68
C ASP F 461 19.58 -46.90 35.22
N ALA F 462 20.00 -46.14 34.20
CA ALA F 462 19.21 -45.01 33.73
C ALA F 462 18.01 -45.43 32.90
N ALA F 463 17.88 -46.71 32.57
CA ALA F 463 16.74 -47.18 31.79
C ALA F 463 15.46 -47.03 32.61
N GLY F 464 14.49 -46.33 32.03
CA GLY F 464 13.23 -46.09 32.71
C GLY F 464 12.93 -44.63 32.92
N PHE F 465 13.97 -43.83 33.19
CA PHE F 465 13.80 -42.41 33.40
C PHE F 465 13.72 -41.68 32.06
N ILE F 466 13.38 -40.39 32.13
CA ILE F 466 13.25 -39.58 30.93
C ILE F 466 14.60 -39.01 30.51
N TYR F 467 15.33 -38.45 31.47
CA TYR F 467 16.63 -37.82 31.23
C TYR F 467 17.69 -38.43 32.14
N SER F 468 17.67 -39.77 32.20
CA SER F 468 18.59 -40.57 33.00
C SER F 468 18.27 -40.48 34.48
N ASN F 469 18.86 -41.37 35.28
CA ASN F 469 18.59 -41.44 36.70
C ASN F 469 19.16 -40.22 37.41
N PRO F 470 18.70 -39.94 38.63
CA PRO F 470 19.32 -38.87 39.42
C PRO F 470 20.76 -39.21 39.73
N ILE F 471 21.58 -38.16 39.85
CA ILE F 471 23.01 -38.36 40.07
C ILE F 471 23.25 -38.93 41.46
N GLU F 472 24.34 -39.67 41.58
CA GLU F 472 24.69 -40.29 42.85
C GLU F 472 24.99 -39.22 43.90
N THR F 473 24.24 -39.25 44.99
CA THR F 473 24.47 -38.37 46.13
C THR F 473 24.46 -39.21 47.39
N SER F 474 25.52 -39.10 48.18
CA SER F 474 25.62 -39.89 49.40
C SER F 474 24.65 -39.37 50.45
N PHE F 475 24.25 -40.28 51.34
CA PHE F 475 23.40 -39.89 52.46
C PHE F 475 24.04 -38.81 53.31
N LYS F 476 25.37 -38.80 53.39
CA LYS F 476 26.06 -37.74 54.12
C LYS F 476 25.88 -36.39 53.43
N GLN F 477 25.91 -36.38 52.09
CA GLN F 477 25.74 -35.12 51.37
C GLN F 477 24.30 -34.65 51.40
N ARG F 478 23.34 -35.58 51.31
CA ARG F 478 21.94 -35.19 51.34
C ARG F 478 21.57 -34.53 52.66
N CYS F 479 22.08 -35.07 53.77
CA CYS F 479 21.81 -34.47 55.08
C CYS F 479 22.40 -33.06 55.17
N LEU F 480 23.61 -32.87 54.63
CA LEU F 480 24.22 -31.55 54.64
C LEU F 480 23.42 -30.56 53.82
N GLU F 481 22.92 -31.00 52.65
CA GLU F 481 22.09 -30.13 51.83
C GLU F 481 20.82 -29.72 52.56
N ASP F 482 20.15 -30.70 53.20
CA ASP F 482 18.93 -30.39 53.92
C ASP F 482 19.19 -29.46 55.10
N TRP F 483 20.37 -29.57 55.71
CA TRP F 483 20.75 -28.63 56.76
C TRP F 483 20.95 -27.23 56.20
N LYS F 484 21.51 -27.12 55.00
CA LYS F 484 21.75 -25.81 54.40
C LYS F 484 20.46 -25.16 53.94
N VAL F 485 19.59 -25.92 53.27
CA VAL F 485 18.34 -25.34 52.75
C VAL F 485 17.45 -24.88 53.90
N HIS F 486 17.47 -25.59 55.03
CA HIS F 486 16.68 -25.16 56.18
C HIS F 486 17.15 -23.82 56.70
N HIS F 487 18.47 -23.60 56.73
CA HIS F 487 18.99 -22.37 57.31
C HIS F 487 18.94 -21.21 56.32
N ARG F 488 18.96 -21.49 55.02
CA ARG F 488 18.69 -20.41 54.06
C ARG F 488 17.24 -19.95 54.17
N LYS F 489 16.33 -20.85 54.54
CA LYS F 489 14.96 -20.45 54.84
C LYS F 489 14.88 -19.60 56.10
N LEU F 490 15.59 -20.01 57.15
CA LEU F 490 15.55 -19.26 58.41
C LEU F 490 16.16 -17.87 58.24
N LEU F 491 17.23 -17.75 57.45
CA LEU F 491 17.82 -16.44 57.21
C LEU F 491 16.89 -15.56 56.39
N ARG F 492 16.15 -16.16 55.44
CA ARG F 492 15.26 -15.37 54.59
C ARG F 492 14.16 -14.71 55.41
N THR F 493 13.50 -15.47 56.29
CA THR F 493 12.40 -14.93 57.07
C THR F 493 12.87 -13.95 58.14
N LEU F 494 14.17 -13.88 58.42
CA LEU F 494 14.66 -12.94 59.42
C LEU F 494 14.59 -11.51 58.90
N GLN F 495 14.99 -11.29 57.65
CA GLN F 495 15.00 -9.94 57.09
C GLN F 495 13.59 -9.44 56.78
N SER F 496 12.69 -10.34 56.42
CA SER F 496 11.32 -9.94 56.05
C SER F 496 10.48 -9.65 57.29
N GLU F 497 10.31 -10.65 58.15
CA GLU F 497 9.55 -10.46 59.38
C GLU F 497 10.39 -9.79 60.45
N GLU F 507 18.46 -4.82 70.44
CA GLU F 507 18.97 -4.61 69.09
C GLU F 507 20.31 -5.31 68.91
N SER F 508 21.13 -5.33 69.97
CA SER F 508 22.38 -6.06 69.92
C SER F 508 22.16 -7.55 69.69
N ASP F 509 20.97 -8.06 69.98
CA ASP F 509 20.64 -9.43 69.67
C ASP F 509 20.36 -9.65 68.19
N TYR F 510 20.04 -8.59 67.45
CA TYR F 510 19.68 -8.74 66.04
C TYR F 510 20.91 -9.03 65.18
N MET F 511 22.02 -8.33 65.42
CA MET F 511 23.21 -8.55 64.60
C MET F 511 23.86 -9.88 64.91
N ARG F 512 23.80 -10.33 66.17
CA ARG F 512 24.50 -11.55 66.54
C ARG F 512 23.81 -12.80 65.99
N VAL F 513 22.50 -12.72 65.75
CA VAL F 513 21.82 -13.85 65.13
C VAL F 513 21.93 -13.79 63.61
N MET F 514 21.91 -12.59 63.04
CA MET F 514 22.07 -12.45 61.59
C MET F 514 23.43 -12.97 61.13
N GLU F 515 24.49 -12.62 61.87
CA GLU F 515 25.82 -13.12 61.51
C GLU F 515 25.93 -14.62 61.73
N ARG F 516 25.21 -15.15 62.73
CA ARG F 516 25.28 -16.59 63.00
C ARG F 516 24.73 -17.40 61.83
N LEU F 517 23.58 -16.97 61.28
CA LEU F 517 22.95 -17.73 60.20
C LEU F 517 23.81 -17.76 58.95
N ARG F 518 24.41 -16.61 58.60
CA ARG F 518 25.27 -16.56 57.42
C ARG F 518 26.53 -17.39 57.60
N ASN F 519 26.96 -17.62 58.84
CA ASN F 519 28.19 -18.36 59.10
C ASN F 519 28.00 -19.87 59.05
N ILE F 520 26.76 -20.36 58.91
CA ILE F 520 26.55 -21.79 58.76
C ILE F 520 26.73 -22.25 57.32
N ILE F 521 27.16 -21.35 56.43
CA ILE F 521 27.48 -21.72 55.06
C ILE F 521 28.67 -22.68 55.03
N GLU F 541 54.86 -10.66 50.25
CA GLU F 541 53.59 -11.29 50.62
C GLU F 541 53.49 -12.69 50.03
N LEU F 542 54.65 -13.30 49.78
CA LEU F 542 54.68 -14.62 49.15
C LEU F 542 54.12 -15.71 50.05
N LYS F 543 54.06 -15.48 51.37
CA LYS F 543 53.45 -16.45 52.26
C LYS F 543 51.96 -16.63 51.98
N GLU F 544 51.34 -15.69 51.29
CA GLU F 544 49.95 -15.84 50.87
C GLU F 544 49.78 -16.92 49.81
N GLU F 545 50.84 -17.22 49.05
CA GLU F 545 50.78 -18.27 48.04
C GLU F 545 50.63 -19.65 48.66
N LEU F 546 51.04 -19.81 49.93
CA LEU F 546 50.99 -21.13 50.57
C LEU F 546 49.58 -21.69 50.67
N GLU F 547 48.55 -20.83 50.66
CA GLU F 547 47.19 -21.31 50.79
C GLU F 547 46.71 -22.06 49.54
N ALA F 548 47.39 -21.88 48.41
CA ALA F 548 47.02 -22.61 47.20
C ALA F 548 47.44 -24.07 47.23
N GLN F 549 48.38 -24.43 48.11
CA GLN F 549 48.83 -25.81 48.23
C GLN F 549 48.75 -26.27 49.68
N GLY F 550 49.32 -27.44 49.98
CA GLY F 550 49.25 -28.02 51.31
C GLY F 550 50.27 -27.53 52.31
N LEU F 551 51.14 -26.57 51.91
CA LEU F 551 52.18 -26.02 52.77
C LEU F 551 53.08 -27.13 53.33
N PRO F 552 53.89 -27.78 52.50
CA PRO F 552 54.83 -28.78 53.03
C PRO F 552 56.04 -28.10 53.65
N ILE F 553 56.25 -28.34 54.94
CA ILE F 553 57.35 -27.77 55.71
C ILE F 553 57.34 -26.24 55.58
N ASP F 554 58.34 -25.68 54.89
CA ASP F 554 58.51 -24.25 54.71
C ASP F 554 58.74 -23.52 56.03
N GLY F 555 59.12 -22.25 55.97
CA GLY F 555 59.15 -21.43 57.16
C GLY F 555 60.40 -20.60 57.42
N THR F 556 61.59 -21.11 57.12
CA THR F 556 62.83 -20.46 57.60
C THR F 556 63.33 -19.40 56.62
N ARG F 557 63.77 -19.83 55.43
CA ARG F 557 64.20 -18.91 54.38
C ARG F 557 64.49 -19.71 53.12
N ASN F 558 64.06 -19.16 51.98
CA ASN F 558 64.33 -19.70 50.65
C ASN F 558 63.56 -20.99 50.41
N VAL F 559 62.98 -21.56 51.47
CA VAL F 559 62.14 -22.74 51.30
C VAL F 559 60.83 -22.35 50.63
N LEU F 560 60.25 -21.22 51.03
CA LEU F 560 59.07 -20.71 50.35
C LEU F 560 59.34 -20.44 48.88
N TYR F 561 60.51 -19.87 48.58
CA TYR F 561 60.86 -19.57 47.19
C TYR F 561 61.02 -20.85 46.37
N GLN F 562 61.77 -21.82 46.89
CA GLN F 562 61.97 -23.06 46.15
C GLN F 562 60.65 -23.80 45.96
N ARG F 563 59.79 -23.80 46.97
CA ARG F 563 58.52 -24.51 46.85
C ARG F 563 57.58 -23.81 45.87
N VAL F 564 57.52 -22.48 45.90
CA VAL F 564 56.64 -21.78 44.96
C VAL F 564 57.15 -21.95 43.54
N GLN F 565 58.47 -22.00 43.34
CA GLN F 565 58.99 -22.17 41.99
C GLN F 565 58.94 -23.62 41.51
N LYS F 566 58.89 -24.59 42.42
CA LYS F 566 58.79 -25.99 42.03
C LYS F 566 57.36 -26.52 42.05
N ALA F 567 56.40 -25.74 42.54
CA ALA F 567 55.00 -26.14 42.51
C ALA F 567 54.41 -26.09 41.10
N ARG F 568 55.13 -25.51 40.14
CA ARG F 568 54.64 -25.44 38.77
C ARG F 568 54.83 -26.75 38.00
N ARG F 569 55.65 -27.67 38.53
CA ARG F 569 55.84 -28.96 37.86
C ARG F 569 54.54 -29.75 37.79
N ILE F 570 53.77 -29.76 38.88
CA ILE F 570 52.51 -30.49 38.89
C ILE F 570 51.48 -29.85 37.96
N ASN F 571 51.62 -28.56 37.67
CA ASN F 571 50.69 -27.87 36.79
C ASN F 571 50.98 -28.21 35.33
N VAL F 594 23.27 -17.59 71.68
CA VAL F 594 22.68 -17.04 70.47
C VAL F 594 21.73 -18.06 69.84
N ASP F 595 22.11 -19.34 69.88
CA ASP F 595 21.26 -20.39 69.36
C ASP F 595 19.91 -20.45 70.07
N GLU F 596 19.88 -20.05 71.34
CA GLU F 596 18.61 -19.97 72.05
C GLU F 596 17.71 -18.87 71.49
N LEU F 597 18.29 -17.92 70.76
CA LEU F 597 17.51 -16.84 70.15
C LEU F 597 17.12 -17.14 68.72
N ILE F 598 17.95 -17.89 67.98
CA ILE F 598 17.61 -18.27 66.61
C ILE F 598 16.35 -19.12 66.60
N CYS F 599 16.24 -20.08 67.52
CA CYS F 599 15.08 -20.96 67.56
C CYS F 599 13.80 -20.20 67.87
N ARG F 600 13.89 -18.97 68.37
CA ARG F 600 12.71 -18.18 68.67
C ARG F 600 11.98 -17.71 67.41
N ILE F 601 12.59 -17.83 66.24
CA ILE F 601 11.89 -17.62 64.99
C ILE F 601 11.28 -18.94 64.56
N LYS F 602 10.28 -18.87 63.70
CA LYS F 602 9.55 -20.07 63.30
C LYS F 602 9.13 -19.96 61.84
N LEU F 603 9.40 -21.02 61.08
CA LEU F 603 8.90 -21.12 59.72
C LEU F 603 7.42 -21.52 59.74
N HIS F 604 6.73 -21.19 58.65
CA HIS F 604 5.32 -21.54 58.52
C HIS F 604 5.01 -22.05 57.12
N GLU F 605 5.96 -22.72 56.49
CA GLU F 605 5.73 -23.32 55.19
C GLU F 605 4.70 -24.42 55.28
N GLY F 606 3.75 -24.43 54.34
CA GLY F 606 2.68 -25.39 54.34
C GLY F 606 1.55 -25.10 55.29
N ASP F 607 1.61 -23.99 56.03
CA ASP F 607 0.59 -23.64 57.02
C ASP F 607 -0.35 -22.62 56.39
N THR F 608 -1.38 -23.12 55.70
CA THR F 608 -2.31 -22.24 55.00
C THR F 608 -3.05 -21.32 55.96
N GLU F 609 -3.35 -21.79 57.18
CA GLU F 609 -4.12 -20.99 58.12
C GLU F 609 -3.35 -19.75 58.56
N PHE F 610 -2.03 -19.88 58.75
CA PHE F 610 -1.23 -18.73 59.11
C PHE F 610 -1.26 -17.66 58.02
N TRP F 611 -1.13 -18.09 56.76
CA TRP F 611 -1.19 -17.14 55.66
C TRP F 611 -2.59 -16.57 55.48
N LYS F 612 -3.63 -17.35 55.78
CA LYS F 612 -4.99 -16.83 55.74
C LYS F 612 -5.20 -15.76 56.80
N ARG F 613 -4.65 -15.97 58.01
CA ARG F 613 -4.72 -14.94 59.04
C ARG F 613 -3.94 -13.70 58.64
N ARG F 614 -2.75 -13.89 58.07
CA ARG F 614 -1.93 -12.73 57.70
C ARG F 614 -2.53 -11.97 56.53
N PHE F 615 -3.28 -12.65 55.66
CA PHE F 615 -3.92 -12.00 54.53
C PHE F 615 -5.01 -11.01 54.97
N LEU F 616 -5.49 -11.12 56.21
CA LEU F 616 -6.55 -10.25 56.70
C LEU F 616 -5.98 -9.09 57.52
N TRP F 740 -7.79 2.59 41.37
CA TRP F 740 -6.46 2.15 41.73
C TRP F 740 -6.47 1.32 43.00
N PHE F 741 -5.75 0.20 42.99
CA PHE F 741 -5.49 -0.54 44.21
C PHE F 741 -4.41 0.18 45.01
N PRO F 742 -4.64 0.44 46.30
CA PRO F 742 -3.67 1.23 47.07
C PRO F 742 -2.32 0.53 47.15
N GLU F 743 -1.27 1.34 47.28
CA GLU F 743 0.09 0.80 47.32
C GLU F 743 0.37 0.01 48.59
N GLU F 744 -0.40 0.23 49.64
CA GLU F 744 -0.19 -0.48 50.89
C GLU F 744 -0.59 -1.94 50.73
N PRO F 745 0.29 -2.90 51.02
CA PRO F 745 -0.03 -4.30 50.72
C PRO F 745 -1.28 -4.83 51.39
N PHE F 746 -1.51 -4.46 52.65
CA PHE F 746 -2.69 -4.94 53.35
C PHE F 746 -3.95 -4.21 52.90
N GLU F 747 -3.82 -2.92 52.58
CA GLU F 747 -4.94 -2.22 51.94
C GLU F 747 -5.25 -2.84 50.59
N ALA F 748 -4.22 -3.26 49.85
CA ALA F 748 -4.45 -3.95 48.59
C ALA F 748 -5.16 -5.28 48.80
N PHE F 749 -4.78 -6.02 49.85
CA PHE F 749 -5.45 -7.27 50.16
C PHE F 749 -6.92 -7.03 50.49
N LYS F 750 -7.20 -6.00 51.28
CA LYS F 750 -8.58 -5.67 51.62
C LYS F 750 -9.36 -5.25 50.38
N GLU F 751 -8.72 -4.51 49.47
CA GLU F 751 -9.37 -4.11 48.23
C GLU F 751 -9.70 -5.33 47.39
N MET F 752 -8.77 -6.27 47.28
CA MET F 752 -9.04 -7.50 46.53
C MET F 752 -10.17 -8.29 47.16
N ARG F 753 -10.26 -8.28 48.49
CA ARG F 753 -11.39 -8.94 49.14
C ARG F 753 -12.70 -8.23 48.84
N GLU F 754 -12.69 -6.89 48.80
CA GLU F 754 -13.92 -6.14 48.52
C GLU F 754 -14.29 -6.21 47.04
N ARG F 755 -13.30 -6.16 46.16
CA ARG F 755 -13.55 -6.27 44.73
C ARG F 755 -13.66 -7.71 44.27
N LYS F 756 -13.59 -8.67 45.20
CA LYS F 756 -13.76 -10.09 44.91
C LYS F 756 -12.72 -10.61 43.92
N VAL F 757 -11.54 -9.99 43.92
CA VAL F 757 -10.43 -10.53 43.14
C VAL F 757 -9.88 -11.79 43.78
N PHE F 758 -9.73 -11.79 45.10
CA PHE F 758 -9.17 -12.92 45.82
C PHE F 758 -9.69 -12.89 47.26
N ASP F 759 -9.88 -14.08 47.84
CA ASP F 759 -10.41 -14.19 49.19
C ASP F 759 -9.83 -15.43 49.83
N VAL F 760 -10.07 -15.56 51.15
CA VAL F 760 -9.52 -16.68 51.91
C VAL F 760 -10.07 -18.01 51.44
N SER F 761 -11.23 -18.02 50.78
CA SER F 761 -11.78 -19.26 50.26
C SER F 761 -10.98 -19.79 49.08
N ASP F 762 -10.07 -18.99 48.53
CA ASP F 762 -9.20 -19.42 47.45
C ASP F 762 -7.83 -19.88 47.94
N MET F 763 -7.61 -19.92 49.25
CA MET F 763 -6.32 -20.31 49.82
C MET F 763 -6.45 -21.74 50.32
N TYR F 764 -6.00 -22.70 49.51
CA TYR F 764 -5.96 -24.09 49.90
C TYR F 764 -4.96 -24.81 49.01
N THR F 765 -4.29 -25.79 49.58
CA THR F 765 -3.30 -26.59 48.88
C THR F 765 -3.80 -28.01 48.69
N ILE F 766 -3.02 -28.81 47.95
CA ILE F 766 -3.34 -30.20 47.75
C ILE F 766 -3.33 -30.97 49.06
N ALA F 767 -2.59 -30.49 50.06
CA ALA F 767 -2.51 -31.21 51.33
C ALA F 767 -3.79 -31.04 52.14
N ASP F 768 -4.35 -29.83 52.18
CA ASP F 768 -5.47 -29.54 53.06
C ASP F 768 -6.83 -29.83 52.44
N VAL F 769 -6.89 -30.16 51.15
CA VAL F 769 -8.15 -30.57 50.53
C VAL F 769 -8.18 -32.06 50.24
N TRP F 770 -7.03 -32.74 50.19
CA TRP F 770 -6.98 -34.19 50.06
C TRP F 770 -6.76 -34.88 51.39
N GLY F 771 -6.87 -34.16 52.50
CA GLY F 771 -6.73 -34.74 53.83
C GLY F 771 -5.33 -35.22 54.17
N TRP F 772 -4.30 -34.51 53.72
CA TRP F 772 -2.92 -34.85 54.07
C TRP F 772 -2.58 -34.21 55.41
N THR F 773 -3.04 -34.86 56.47
CA THR F 773 -2.75 -34.37 57.81
C THR F 773 -1.30 -34.67 58.21
N TRP F 774 -0.71 -35.72 57.65
CA TRP F 774 0.68 -36.06 57.96
C TRP F 774 1.67 -35.08 57.35
N GLU F 775 1.23 -34.20 56.46
CA GLU F 775 2.16 -33.31 55.76
C GLU F 775 2.84 -32.35 56.73
N LYS F 776 2.11 -31.85 57.72
CA LYS F 776 2.67 -30.89 58.65
C LYS F 776 3.69 -31.50 59.61
N ASP F 777 3.79 -32.82 59.66
CA ASP F 777 4.77 -33.48 60.51
C ASP F 777 6.11 -33.68 59.83
N PHE F 778 6.22 -33.36 58.53
CA PHE F 778 7.47 -33.47 57.80
C PHE F 778 8.00 -32.11 57.37
N LYS F 779 7.45 -31.03 57.91
CA LYS F 779 7.82 -29.67 57.51
C LYS F 779 7.95 -28.80 58.75
N ASN F 780 8.67 -27.69 58.59
CA ASN F 780 8.93 -26.75 59.68
C ASN F 780 9.63 -27.43 60.85
N LYS F 781 10.52 -28.38 60.55
CA LYS F 781 11.28 -29.10 61.55
C LYS F 781 12.76 -28.98 61.24
N THR F 782 13.56 -28.80 62.28
CA THR F 782 15.00 -28.69 62.11
C THR F 782 15.58 -30.03 61.71
N PRO F 783 16.28 -30.13 60.59
CA PRO F 783 16.79 -31.43 60.14
C PRO F 783 17.86 -31.98 61.07
N ARG F 784 17.95 -33.29 61.12
CA ARG F 784 18.90 -33.97 61.98
C ARG F 784 20.29 -33.95 61.36
N ARG F 785 21.28 -33.53 62.15
CA ARG F 785 22.66 -33.52 61.68
C ARG F 785 23.13 -34.92 61.37
N TRP F 786 23.85 -35.07 60.26
CA TRP F 786 24.44 -36.35 59.93
C TRP F 786 25.54 -36.71 60.92
N SER F 787 25.53 -37.97 61.35
CA SER F 787 26.60 -38.53 62.17
C SER F 787 26.87 -39.95 61.70
N GLN F 788 28.09 -40.42 61.94
CA GLN F 788 28.44 -41.77 61.52
C GLN F 788 27.64 -42.81 62.29
N GLU F 789 27.29 -42.53 63.54
CA GLU F 789 26.42 -43.43 64.30
C GLU F 789 25.05 -43.55 63.63
N TRP F 790 24.47 -42.41 63.26
CA TRP F 790 23.19 -42.42 62.56
C TRP F 790 23.30 -43.16 61.24
N GLU F 791 24.39 -42.92 60.50
CA GLU F 791 24.55 -43.56 59.20
C GLU F 791 24.66 -45.08 59.33
N VAL F 792 25.46 -45.56 60.30
CA VAL F 792 25.59 -47.00 60.44
C VAL F 792 24.30 -47.62 60.97
N GLU F 793 23.58 -46.92 61.84
CA GLU F 793 22.29 -47.41 62.30
C GLU F 793 21.32 -47.56 61.13
N LEU F 794 21.24 -46.54 60.28
CA LEU F 794 20.37 -46.61 59.11
C LEU F 794 20.84 -47.71 58.16
N ALA F 795 22.15 -47.90 58.04
CA ALA F 795 22.66 -48.96 57.16
C ALA F 795 22.24 -50.32 57.66
N ILE F 796 22.33 -50.56 58.98
CA ILE F 796 21.92 -51.84 59.54
C ILE F 796 20.43 -52.06 59.33
N VAL F 797 19.62 -51.03 59.60
CA VAL F 797 18.18 -51.15 59.46
C VAL F 797 17.82 -51.43 58.00
N LEU F 798 18.42 -50.69 57.08
CA LEU F 798 18.13 -50.86 55.66
C LEU F 798 18.55 -52.24 55.17
N MET F 799 19.72 -52.72 55.60
CA MET F 799 20.16 -54.05 55.20
C MET F 799 19.20 -55.12 55.70
N ALA F 800 18.77 -55.00 56.96
CA ALA F 800 17.81 -55.96 57.50
C ALA F 800 16.50 -55.94 56.72
N LYS F 801 16.00 -54.75 56.41
CA LYS F 801 14.72 -54.65 55.72
C LYS F 801 14.81 -55.11 54.27
N VAL F 802 15.96 -54.91 53.63
CA VAL F 802 16.15 -55.42 52.27
C VAL F 802 16.24 -56.93 52.28
N ILE F 803 16.95 -57.50 53.27
CA ILE F 803 17.00 -58.95 53.41
C ILE F 803 15.61 -59.52 53.62
N GLU F 804 14.79 -58.86 54.45
CA GLU F 804 13.46 -59.36 54.75
C GLU F 804 12.58 -59.41 53.49
N LEU F 805 12.86 -58.56 52.51
CA LEU F 805 12.01 -58.46 51.32
C LEU F 805 12.42 -59.41 50.19
N GLY F 806 13.52 -60.13 50.34
CA GLY F 806 14.02 -61.00 49.30
C GLY F 806 15.16 -60.44 48.48
N GLY F 807 15.59 -59.21 48.77
CA GLY F 807 16.75 -58.65 48.10
C GLY F 807 18.03 -59.01 48.83
N VAL F 808 18.92 -59.72 48.16
CA VAL F 808 20.14 -60.24 48.78
C VAL F 808 21.27 -59.24 48.53
N PRO F 809 21.76 -58.56 49.56
CA PRO F 809 22.91 -57.68 49.38
C PRO F 809 24.17 -58.47 49.07
N THR F 810 25.08 -57.84 48.35
CA THR F 810 26.30 -58.50 47.93
C THR F 810 27.37 -58.44 49.03
N ILE F 811 28.45 -59.19 48.80
CA ILE F 811 29.57 -59.19 49.75
C ILE F 811 30.17 -57.80 49.88
N GLY F 812 30.26 -57.07 48.77
CA GLY F 812 30.79 -55.72 48.82
C GLY F 812 29.94 -54.77 49.64
N ASP F 813 28.62 -55.00 49.67
CA ASP F 813 27.74 -54.15 50.45
C ASP F 813 28.06 -54.23 51.94
N CYS F 814 28.24 -55.45 52.45
CA CYS F 814 28.53 -55.63 53.86
C CYS F 814 29.88 -55.01 54.23
N ALA F 815 30.87 -55.15 53.35
CA ALA F 815 32.20 -54.64 53.65
C ALA F 815 32.21 -53.13 53.79
N VAL F 816 31.41 -52.44 52.96
CA VAL F 816 31.40 -50.98 53.01
C VAL F 816 30.76 -50.49 54.30
N ILE F 817 29.65 -51.11 54.71
CA ILE F 817 29.01 -50.72 55.97
C ILE F 817 29.94 -50.99 57.14
N LEU F 818 30.64 -52.12 57.12
CA LEU F 818 31.54 -52.46 58.21
C LEU F 818 32.66 -51.44 58.34
N ARG F 819 33.27 -51.05 57.21
CA ARG F 819 34.34 -50.07 57.25
C ARG F 819 33.85 -48.72 57.77
N ALA F 820 32.57 -48.41 57.53
CA ALA F 820 32.00 -47.18 58.08
C ALA F 820 31.99 -47.21 59.60
N ALA F 821 31.65 -48.37 60.18
CA ALA F 821 31.66 -48.49 61.64
C ALA F 821 33.07 -48.48 62.20
N ILE F 822 34.05 -48.96 61.43
CA ILE F 822 35.44 -48.90 61.87
C ILE F 822 35.91 -47.45 61.92
N ARG F 823 35.45 -46.61 60.99
CA ARG F 823 35.90 -45.23 60.93
C ARG F 823 35.58 -44.48 62.21
N ALA F 824 34.31 -44.52 62.64
CA ALA F 824 33.91 -43.95 63.92
C ALA F 824 33.60 -45.08 64.86
N PRO F 825 34.39 -45.29 65.92
CA PRO F 825 34.25 -46.49 66.76
C PRO F 825 32.85 -46.75 67.29
N MET F 826 32.30 -47.91 66.95
CA MET F 826 31.00 -48.36 67.47
C MET F 826 31.04 -49.87 67.66
N PRO F 827 31.69 -50.33 68.73
CA PRO F 827 31.77 -51.79 68.96
C PRO F 827 30.42 -52.44 69.19
N SER F 828 29.44 -51.71 69.74
CA SER F 828 28.15 -52.31 70.04
C SER F 828 27.43 -52.78 68.78
N SER F 829 27.78 -52.22 67.63
CA SER F 829 27.18 -52.62 66.37
C SER F 829 27.95 -53.73 65.66
N PHE F 830 29.18 -54.02 66.09
CA PHE F 830 29.99 -55.04 65.43
C PHE F 830 29.37 -56.42 65.56
N LEU F 831 28.81 -56.73 66.73
CA LEU F 831 28.31 -58.09 66.98
C LEU F 831 27.14 -58.45 66.08
N LYS F 832 26.34 -57.46 65.67
CA LYS F 832 25.15 -57.74 64.88
C LYS F 832 25.40 -57.65 63.38
N ILE F 833 26.33 -56.79 62.95
CA ILE F 833 26.58 -56.66 61.51
C ILE F 833 27.29 -57.90 60.97
N LEU F 834 28.23 -58.46 61.73
CA LEU F 834 29.02 -59.58 61.23
C LEU F 834 28.18 -60.84 61.08
N GLN F 835 27.31 -61.13 62.06
CA GLN F 835 26.48 -62.32 61.96
C GLN F 835 25.49 -62.21 60.81
N THR F 836 24.91 -61.02 60.62
CA THR F 836 24.09 -60.79 59.43
C THR F 836 24.91 -60.85 58.16
N THR F 837 26.15 -60.37 58.21
CA THR F 837 27.06 -60.50 57.07
C THR F 837 27.30 -61.96 56.74
N HIS F 838 27.57 -62.77 57.76
CA HIS F 838 27.79 -64.20 57.56
C HIS F 838 26.49 -64.96 57.27
N SER F 839 25.35 -64.43 57.72
CA SER F 839 24.08 -65.10 57.47
C SER F 839 23.76 -65.15 55.99
N LEU F 840 24.26 -64.18 55.22
CA LEU F 840 24.05 -64.17 53.77
C LEU F 840 24.85 -65.25 53.06
N GLY F 841 25.79 -65.90 53.76
CA GLY F 841 26.62 -66.92 53.15
C GLY F 841 28.02 -66.47 52.78
N TYR F 842 28.48 -65.35 53.31
CA TYR F 842 29.77 -64.80 52.94
C TYR F 842 30.86 -65.23 53.91
N ALA F 843 32.10 -64.86 53.58
CA ALA F 843 33.24 -65.16 54.44
C ALA F 843 34.31 -64.10 54.17
N PHE F 844 34.52 -63.20 55.12
CA PHE F 844 35.48 -62.13 54.97
C PHE F 844 36.90 -62.68 54.97
N GLY F 845 37.86 -61.78 54.75
CA GLY F 845 39.25 -62.15 54.85
C GLY F 845 39.72 -62.19 56.29
N SER F 846 40.76 -62.99 56.52
CA SER F 846 41.32 -63.11 57.87
C SER F 846 41.81 -61.80 58.46
N PRO F 847 42.53 -60.93 57.74
CA PRO F 847 43.04 -59.71 58.38
C PRO F 847 41.96 -58.81 58.99
N LEU F 848 40.78 -58.73 58.37
CA LEU F 848 39.75 -57.84 58.91
C LEU F 848 39.26 -58.31 60.27
N TYR F 849 39.15 -59.62 60.47
CA TYR F 849 38.81 -60.14 61.79
C TYR F 849 39.86 -59.78 62.84
N ASP F 850 41.12 -59.64 62.42
CA ASP F 850 42.17 -59.21 63.34
C ASP F 850 42.00 -57.75 63.73
N GLU F 851 41.70 -56.89 62.75
CA GLU F 851 41.68 -55.45 63.01
C GLU F 851 40.45 -55.02 63.80
N ILE F 852 39.30 -55.64 63.57
CA ILE F 852 38.09 -55.27 64.32
C ILE F 852 38.23 -55.68 65.78
N ILE F 853 38.87 -56.82 66.04
CA ILE F 853 39.11 -57.24 67.42
C ILE F 853 40.15 -56.34 68.07
N THR F 854 41.18 -55.94 67.32
CA THR F 854 42.21 -55.05 67.86
C THR F 854 41.62 -53.72 68.28
N LEU F 855 40.73 -53.15 67.46
CA LEU F 855 40.12 -51.87 67.81
C LEU F 855 39.27 -51.98 69.07
N CYS F 856 38.50 -53.06 69.19
CA CYS F 856 37.67 -53.24 70.38
C CYS F 856 38.50 -53.33 71.64
N LEU F 857 39.65 -54.01 71.58
CA LEU F 857 40.54 -54.09 72.73
C LEU F 857 41.04 -52.69 73.13
N ASP F 858 41.42 -51.88 72.14
CA ASP F 858 41.91 -50.54 72.43
C ASP F 858 40.82 -49.67 73.05
N LEU F 859 39.59 -49.79 72.54
CA LEU F 859 38.47 -49.02 73.08
C LEU F 859 38.00 -49.52 74.43
N GLY F 860 38.48 -50.68 74.88
CA GLY F 860 38.09 -51.23 76.15
C GLY F 860 36.83 -52.06 76.12
N GLU F 861 36.38 -52.50 74.95
CA GLU F 861 35.16 -53.29 74.83
C GLU F 861 35.54 -54.76 74.70
N LEU F 862 35.78 -55.39 75.85
CA LEU F 862 36.10 -56.81 75.87
C LEU F 862 34.87 -57.68 75.65
N ASP F 863 33.69 -57.20 76.03
CA ASP F 863 32.47 -57.99 75.86
C ASP F 863 32.18 -58.25 74.39
N ALA F 864 32.50 -57.28 73.52
CA ALA F 864 32.34 -57.50 72.08
C ALA F 864 33.37 -58.49 71.56
N ALA F 865 34.62 -58.38 72.02
CA ALA F 865 35.68 -59.24 71.51
C ALA F 865 35.40 -60.70 71.80
N ILE F 866 34.95 -61.02 73.01
CA ILE F 866 34.58 -62.39 73.34
C ILE F 866 33.36 -62.82 72.52
N ALA F 867 32.49 -61.86 72.18
CA ALA F 867 31.33 -62.19 71.35
C ALA F 867 31.71 -62.42 69.90
N ILE F 868 32.70 -61.70 69.38
CA ILE F 868 33.15 -61.89 68.01
C ILE F 868 33.78 -63.28 67.86
N VAL F 869 34.47 -63.77 68.88
CA VAL F 869 35.03 -65.11 68.83
C VAL F 869 34.05 -66.19 69.29
N ALA F 870 32.97 -65.81 70.00
CA ALA F 870 32.00 -66.79 70.43
C ALA F 870 31.20 -67.33 69.24
N ASP F 871 30.68 -66.44 68.40
CA ASP F 871 29.92 -66.89 67.24
C ASP F 871 30.83 -67.42 66.14
N MET F 872 32.09 -67.00 66.13
CA MET F 872 33.02 -67.47 65.11
C MET F 872 33.21 -68.98 65.21
N GLU F 873 33.33 -69.49 66.44
CA GLU F 873 33.48 -70.94 66.62
C GLU F 873 32.24 -71.69 66.13
N THR F 874 31.05 -71.18 66.47
CA THR F 874 29.82 -71.85 66.05
C THR F 874 29.65 -71.82 64.54
N THR F 875 29.98 -70.70 63.90
CA THR F 875 29.87 -70.60 62.45
C THR F 875 30.83 -71.52 61.73
N GLY F 876 31.90 -71.97 62.39
CA GLY F 876 32.88 -72.83 61.78
C GLY F 876 34.00 -72.13 61.05
N ILE F 877 33.98 -70.81 60.99
CA ILE F 877 35.04 -70.07 60.32
C ILE F 877 36.30 -70.09 61.19
N THR F 878 37.44 -70.34 60.57
CA THR F 878 38.70 -70.38 61.30
C THR F 878 39.06 -68.99 61.82
N VAL F 879 39.83 -68.97 62.91
CA VAL F 879 40.25 -67.73 63.54
C VAL F 879 41.77 -67.74 63.66
N PRO F 880 42.46 -66.63 63.37
CA PRO F 880 43.93 -66.64 63.42
C PRO F 880 44.46 -66.98 64.81
N ASP F 881 45.59 -67.71 64.82
CA ASP F 881 46.17 -68.14 66.09
C ASP F 881 46.66 -66.95 66.91
N GLN F 882 47.29 -65.97 66.27
CA GLN F 882 47.77 -64.81 67.01
C GLN F 882 46.63 -63.98 67.57
N THR F 883 45.49 -63.95 66.89
CA THR F 883 44.31 -63.28 67.44
C THR F 883 43.81 -64.00 68.68
N LEU F 884 43.95 -65.33 68.72
CA LEU F 884 43.58 -66.08 69.91
C LEU F 884 44.46 -65.70 71.10
N ASP F 885 45.76 -65.51 70.85
CA ASP F 885 46.67 -65.21 71.96
C ASP F 885 46.37 -63.86 72.58
N LYS F 886 46.09 -62.84 71.76
CA LYS F 886 45.91 -61.50 72.30
C LYS F 886 44.60 -61.36 73.08
N VAL F 887 43.53 -62.02 72.61
CA VAL F 887 42.28 -61.96 73.36
C VAL F 887 42.38 -62.77 74.63
N ILE F 888 43.12 -63.89 74.62
CA ILE F 888 43.36 -64.65 75.84
C ILE F 888 44.15 -63.80 76.83
N SER F 889 45.15 -63.05 76.34
CA SER F 889 45.90 -62.16 77.21
C SER F 889 45.00 -61.09 77.82
N ALA F 890 44.06 -60.56 77.05
CA ALA F 890 43.17 -59.53 77.56
C ALA F 890 42.28 -60.05 78.69
N ARG F 891 41.72 -61.25 78.51
CA ARG F 891 40.88 -61.81 79.57
C ARG F 891 41.73 -62.25 80.76
N GLN F 892 43.00 -62.56 80.54
CA GLN F 892 43.91 -62.83 81.65
C GLN F 892 44.43 -61.55 82.29
N SER F 893 44.41 -60.43 81.56
CA SER F 893 44.87 -59.16 82.13
C SER F 893 43.85 -58.54 83.06
N ASN F 894 42.55 -58.74 82.81
CA ASN F 894 41.50 -58.12 83.60
C ASN F 894 41.12 -58.94 84.83
N GLU F 895 41.67 -60.13 84.98
CA GLU F 895 41.39 -60.95 86.16
C GLU F 895 42.57 -60.91 87.14
N VAL G 63 -7.14 -59.25 -29.79
CA VAL G 63 -6.48 -60.09 -28.81
C VAL G 63 -5.20 -59.42 -28.33
N SER G 64 -5.09 -59.23 -27.01
CA SER G 64 -3.94 -58.58 -26.40
C SER G 64 -3.19 -59.58 -25.54
N VAL G 65 -1.85 -59.52 -25.61
CA VAL G 65 -1.02 -60.43 -24.84
C VAL G 65 -1.21 -60.15 -23.35
N GLU G 66 -1.16 -61.20 -22.55
CA GLU G 66 -1.30 -61.07 -21.10
C GLU G 66 -0.21 -60.16 -20.55
N LYS G 67 -0.62 -59.20 -19.71
CA LYS G 67 0.34 -58.26 -19.15
C LYS G 67 1.29 -58.96 -18.19
N GLY G 68 2.59 -58.70 -18.36
CA GLY G 68 3.60 -59.32 -17.56
C GLY G 68 4.10 -60.65 -18.07
N LYS G 69 3.45 -61.22 -19.09
CA LYS G 69 3.91 -62.49 -19.64
C LYS G 69 5.26 -62.34 -20.33
N TYR G 70 5.46 -61.25 -21.07
CA TYR G 70 6.72 -61.00 -21.74
C TYR G 70 7.25 -59.61 -21.41
N SER G 71 8.32 -59.19 -22.08
CA SER G 71 8.88 -57.87 -21.85
C SER G 71 7.96 -56.78 -22.42
N TYR G 72 8.15 -55.56 -21.93
CA TYR G 72 7.30 -54.45 -22.37
C TYR G 72 7.49 -54.16 -23.85
N ASP G 73 8.74 -54.13 -24.32
CA ASP G 73 8.99 -53.88 -25.73
C ASP G 73 8.50 -55.02 -26.61
N VAL G 74 8.67 -56.25 -26.14
CA VAL G 74 8.19 -57.41 -26.90
C VAL G 74 6.67 -57.40 -26.98
N GLU G 75 6.00 -57.13 -25.86
CA GLU G 75 4.54 -57.08 -25.86
C GLU G 75 4.02 -55.94 -26.72
N SER G 76 4.72 -54.81 -26.71
CA SER G 76 4.30 -53.68 -27.55
C SER G 76 4.41 -54.03 -29.03
N LEU G 77 5.45 -54.76 -29.41
CA LEU G 77 5.61 -55.15 -30.81
C LEU G 77 4.47 -56.07 -31.26
N ILE G 78 4.09 -57.04 -30.42
CA ILE G 78 3.07 -57.99 -30.80
C ILE G 78 1.70 -57.33 -30.92
N ASN G 79 1.37 -56.45 -29.98
CA ASN G 79 0.08 -55.77 -30.03
C ASN G 79 -0.02 -54.87 -31.26
N LYS G 80 1.03 -54.11 -31.55
CA LYS G 80 1.02 -53.22 -32.70
C LYS G 80 0.97 -54.00 -34.01
N LEU G 81 1.72 -55.09 -34.10
CA LEU G 81 1.63 -55.95 -35.28
C LEU G 81 0.24 -56.58 -35.39
N SER G 82 -0.35 -56.97 -34.26
CA SER G 82 -1.71 -57.49 -34.28
C SER G 82 -2.70 -56.42 -34.75
N SER G 83 -2.52 -55.19 -34.29
CA SER G 83 -3.40 -54.09 -34.67
C SER G 83 -2.99 -53.41 -35.97
N LEU G 84 -1.84 -53.76 -36.53
CA LEU G 84 -1.45 -53.18 -37.82
C LEU G 84 -2.38 -53.68 -38.92
N PRO G 85 -2.76 -52.80 -39.85
CA PRO G 85 -3.54 -53.27 -41.01
C PRO G 85 -2.70 -54.19 -41.87
N PRO G 86 -3.34 -55.09 -42.62
CA PRO G 86 -2.57 -55.99 -43.49
C PRO G 86 -1.71 -55.25 -44.51
N ARG G 87 -2.13 -54.07 -44.94
CA ARG G 87 -1.36 -53.27 -45.89
C ARG G 87 -0.48 -52.23 -45.19
N GLY G 88 -0.41 -52.25 -43.87
CA GLY G 88 0.42 -51.31 -43.15
C GLY G 88 1.90 -51.61 -43.31
N SER G 89 2.71 -50.65 -42.89
CA SER G 89 4.17 -50.75 -43.02
C SER G 89 4.74 -51.50 -41.82
N ILE G 90 5.33 -52.67 -42.09
CA ILE G 90 5.96 -53.44 -41.02
C ILE G 90 7.24 -52.74 -40.55
N ALA G 91 8.00 -52.18 -41.49
CA ALA G 91 9.24 -51.51 -41.12
C ALA G 91 8.98 -50.29 -40.25
N ARG G 92 7.87 -49.59 -40.49
CA ARG G 92 7.54 -48.43 -39.67
C ARG G 92 7.34 -48.81 -38.21
N CYS G 93 6.67 -49.93 -37.96
CA CYS G 93 6.55 -50.43 -36.59
C CYS G 93 7.91 -50.81 -36.04
N LEU G 94 8.76 -51.44 -36.86
CA LEU G 94 10.09 -51.84 -36.43
C LEU G 94 11.07 -50.66 -36.34
N ASP G 95 10.70 -49.48 -36.87
CA ASP G 95 11.56 -48.32 -36.74
C ASP G 95 11.70 -47.91 -35.28
N ILE G 96 10.60 -47.96 -34.51
CA ILE G 96 10.66 -47.62 -33.10
C ILE G 96 11.44 -48.69 -32.33
N PHE G 97 11.26 -49.96 -32.70
CA PHE G 97 11.86 -51.07 -31.98
C PHE G 97 13.23 -51.46 -32.51
N LYS G 98 13.79 -50.69 -33.46
CA LYS G 98 15.12 -50.97 -33.96
C LYS G 98 16.15 -50.85 -32.84
N ASN G 99 17.06 -51.83 -32.79
CA ASN G 99 18.11 -51.89 -31.77
C ASN G 99 17.50 -51.91 -30.36
N LYS G 100 16.39 -52.64 -30.20
CA LYS G 100 15.74 -52.74 -28.90
C LYS G 100 15.51 -54.20 -28.51
N LEU G 101 15.23 -55.05 -29.49
CA LEU G 101 14.89 -56.45 -29.25
C LEU G 101 15.97 -57.35 -29.84
N SER G 102 16.43 -58.31 -29.03
CA SER G 102 17.41 -59.28 -29.49
C SER G 102 16.73 -60.34 -30.35
N LEU G 103 17.53 -61.28 -30.85
CA LEU G 103 16.98 -62.37 -31.66
C LEU G 103 16.02 -63.24 -30.86
N ASN G 104 16.38 -63.53 -29.60
CA ASN G 104 15.51 -64.34 -28.76
C ASN G 104 14.20 -63.63 -28.47
N ASP G 105 14.22 -62.29 -28.40
CA ASP G 105 12.98 -61.54 -28.25
C ASP G 105 12.06 -61.75 -29.44
N PHE G 106 12.63 -61.71 -30.65
CA PHE G 106 11.84 -61.99 -31.84
C PHE G 106 11.40 -63.45 -31.90
N ALA G 107 12.19 -64.35 -31.30
CA ALA G 107 11.79 -65.75 -31.22
C ALA G 107 10.50 -65.91 -30.41
N LEU G 108 10.39 -65.18 -29.30
CA LEU G 108 9.16 -65.20 -28.53
C LEU G 108 8.00 -64.55 -29.29
N VAL G 109 8.29 -63.59 -30.15
CA VAL G 109 7.25 -62.96 -30.96
C VAL G 109 6.64 -63.99 -31.91
N PHE G 110 7.48 -64.78 -32.56
CA PHE G 110 6.99 -65.84 -33.44
C PHE G 110 6.33 -66.96 -32.66
N LYS G 111 6.78 -67.18 -31.42
CA LYS G 111 6.11 -68.14 -30.55
C LYS G 111 4.70 -67.68 -30.21
N GLU G 112 4.54 -66.38 -29.95
CA GLU G 112 3.21 -65.83 -29.67
C GLU G 112 2.32 -65.86 -30.90
N PHE G 113 2.87 -65.50 -32.06
CA PHE G 113 2.07 -65.48 -33.29
C PHE G 113 1.64 -66.88 -33.71
N ALA G 114 2.50 -67.88 -33.45
CA ALA G 114 2.18 -69.24 -33.86
C ALA G 114 0.95 -69.78 -33.14
N GLY G 115 0.83 -69.51 -31.84
CA GLY G 115 -0.31 -70.02 -31.09
C GLY G 115 -1.63 -69.42 -31.54
N ARG G 116 -1.62 -68.15 -31.93
CA ARG G 116 -2.85 -67.51 -32.37
C ARG G 116 -3.30 -67.99 -33.74
N GLY G 117 -2.36 -68.44 -34.57
CA GLY G 117 -2.68 -68.94 -35.89
C GLY G 117 -2.58 -67.94 -37.02
N ASP G 118 -2.00 -66.77 -36.79
CA ASP G 118 -1.82 -65.77 -37.84
C ASP G 118 -0.44 -65.98 -38.46
N TRP G 119 -0.38 -66.93 -39.40
CA TRP G 119 0.87 -67.25 -40.06
C TRP G 119 1.29 -66.21 -41.08
N GLN G 120 0.34 -65.44 -41.61
CA GLN G 120 0.67 -64.46 -42.66
C GLN G 120 1.58 -63.37 -42.12
N ARG G 121 1.27 -62.83 -40.94
CA ARG G 121 2.10 -61.79 -40.36
C ARG G 121 3.50 -62.32 -40.04
N SER G 122 3.58 -63.55 -39.53
CA SER G 122 4.88 -64.15 -39.26
C SER G 122 5.69 -64.33 -40.54
N LEU G 123 5.04 -64.79 -41.61
CA LEU G 123 5.73 -64.95 -42.89
C LEU G 123 6.15 -63.60 -43.45
N ARG G 124 5.29 -62.59 -43.34
CA ARG G 124 5.65 -61.25 -43.81
C ARG G 124 6.83 -60.69 -43.04
N LEU G 125 6.82 -60.85 -41.71
CA LEU G 125 7.96 -60.38 -40.91
C LEU G 125 9.22 -61.17 -41.23
N PHE G 126 9.08 -62.49 -41.41
CA PHE G 126 10.24 -63.32 -41.72
C PHE G 126 10.89 -62.91 -43.03
N LYS G 127 10.09 -62.46 -44.00
CA LYS G 127 10.66 -61.93 -45.24
C LYS G 127 11.48 -60.67 -44.98
N TYR G 128 10.96 -59.77 -44.14
CA TYR G 128 11.66 -58.52 -43.87
C TYR G 128 12.93 -58.77 -43.05
N MET G 129 12.88 -59.70 -42.10
CA MET G 129 14.05 -59.98 -41.26
C MET G 129 15.21 -60.52 -42.08
N GLN G 130 14.92 -61.19 -43.20
CA GLN G 130 15.99 -61.72 -44.04
C GLN G 130 16.81 -60.60 -44.69
N ARG G 131 16.17 -59.47 -44.99
CA ARG G 131 16.83 -58.38 -45.70
C ARG G 131 17.71 -57.53 -44.80
N GLN G 132 17.72 -57.78 -43.50
CA GLN G 132 18.49 -56.98 -42.55
C GLN G 132 19.55 -57.85 -41.87
N ILE G 133 20.63 -57.20 -41.47
CA ILE G 133 21.78 -57.89 -40.88
C ILE G 133 21.73 -57.86 -39.35
N TRP G 134 21.30 -56.72 -38.78
CA TRP G 134 21.30 -56.57 -37.33
C TRP G 134 20.28 -57.48 -36.64
N CYS G 135 19.32 -58.01 -37.38
CA CYS G 135 18.30 -58.91 -36.85
C CYS G 135 18.19 -60.15 -37.72
N LYS G 136 19.34 -60.71 -38.08
CA LYS G 136 19.36 -61.88 -38.95
C LYS G 136 18.82 -63.11 -38.21
N PRO G 137 17.84 -63.80 -38.77
CA PRO G 137 17.27 -64.97 -38.07
C PRO G 137 18.32 -66.07 -37.85
N ASN G 138 18.17 -66.78 -36.75
CA ASN G 138 19.06 -67.85 -36.36
C ASN G 138 18.34 -69.21 -36.46
N GLU G 139 19.01 -70.25 -35.99
CA GLU G 139 18.45 -71.60 -36.08
C GLU G 139 17.13 -71.71 -35.32
N HIS G 140 17.04 -71.08 -34.15
CA HIS G 140 15.83 -71.16 -33.35
C HIS G 140 14.64 -70.55 -34.07
N ILE G 141 14.84 -69.42 -34.75
CA ILE G 141 13.75 -68.79 -35.48
C ILE G 141 13.27 -69.67 -36.62
N TYR G 142 14.21 -70.29 -37.36
CA TYR G 142 13.83 -71.15 -38.48
C TYR G 142 12.98 -72.33 -38.02
N THR G 143 13.36 -72.96 -36.91
CA THR G 143 12.62 -74.13 -36.44
C THR G 143 11.20 -73.78 -36.04
N ILE G 144 11.02 -72.63 -35.38
CA ILE G 144 9.70 -72.26 -34.87
C ILE G 144 8.73 -72.01 -36.03
N MET G 145 9.16 -71.30 -37.06
CA MET G 145 8.24 -70.93 -38.13
C MET G 145 7.91 -72.11 -39.03
N ILE G 146 8.82 -73.09 -39.16
CA ILE G 146 8.54 -74.26 -39.98
C ILE G 146 7.37 -75.04 -39.41
N SER G 147 7.35 -75.25 -38.09
CA SER G 147 6.21 -75.93 -37.48
C SER G 147 4.93 -75.09 -37.61
N LEU G 148 5.06 -73.76 -37.61
CA LEU G 148 3.88 -72.91 -37.78
C LEU G 148 3.26 -73.10 -39.16
N LEU G 149 4.08 -73.11 -40.22
CA LEU G 149 3.55 -73.28 -41.56
C LEU G 149 3.00 -74.69 -41.77
N GLY G 150 3.69 -75.70 -41.23
CA GLY G 150 3.25 -77.08 -41.44
C GLY G 150 1.91 -77.38 -40.80
N ARG G 151 1.64 -76.80 -39.63
CA ARG G 151 0.38 -77.05 -38.96
C ARG G 151 -0.81 -76.52 -39.75
N GLU G 152 -0.61 -75.43 -40.50
CA GLU G 152 -1.66 -74.84 -41.31
C GLU G 152 -1.85 -75.53 -42.65
N GLY G 153 -1.05 -76.54 -42.97
CA GLY G 153 -1.14 -77.23 -44.23
C GLY G 153 -0.35 -76.61 -45.36
N LEU G 154 0.48 -75.60 -45.08
CA LEU G 154 1.29 -74.94 -46.11
C LEU G 154 2.60 -75.71 -46.29
N LEU G 155 2.49 -76.87 -46.93
CA LEU G 155 3.65 -77.72 -47.14
C LEU G 155 4.63 -77.10 -48.11
N ASP G 156 4.13 -76.40 -49.14
CA ASP G 156 5.01 -75.80 -50.13
C ASP G 156 5.88 -74.71 -49.51
N LYS G 157 5.31 -73.89 -48.63
CA LYS G 157 6.08 -72.82 -48.02
C LYS G 157 7.11 -73.35 -47.02
N CYS G 158 6.87 -74.54 -46.46
CA CYS G 158 7.85 -75.15 -45.56
C CYS G 158 9.14 -75.48 -46.30
N LEU G 159 9.02 -76.12 -47.47
CA LEU G 159 10.20 -76.51 -48.23
C LEU G 159 10.91 -75.30 -48.82
N GLU G 160 10.17 -74.22 -49.09
CA GLU G 160 10.79 -73.01 -49.61
C GLU G 160 11.78 -72.43 -48.60
N VAL G 161 11.34 -72.25 -47.35
CA VAL G 161 12.24 -71.73 -46.32
C VAL G 161 13.31 -72.75 -45.97
N PHE G 162 12.96 -74.04 -45.96
CA PHE G 162 13.93 -75.07 -45.64
C PHE G 162 15.06 -75.11 -46.66
N GLU G 163 14.78 -74.78 -47.92
CA GLU G 163 15.81 -74.71 -48.94
C GLU G 163 16.56 -73.39 -48.94
N GLU G 164 16.12 -72.41 -48.14
CA GLU G 164 16.83 -71.14 -48.04
C GLU G 164 18.05 -71.22 -47.14
N MET G 165 18.18 -72.27 -46.33
CA MET G 165 19.33 -72.38 -45.44
C MET G 165 20.66 -72.42 -46.17
N PRO G 166 20.85 -73.21 -47.25
CA PRO G 166 22.12 -73.13 -47.98
C PRO G 166 22.38 -71.75 -48.57
N SER G 167 21.33 -71.05 -49.01
CA SER G 167 21.50 -69.73 -49.58
C SER G 167 21.72 -68.66 -48.51
N GLN G 168 21.09 -68.81 -47.34
CA GLN G 168 21.20 -67.83 -46.28
C GLN G 168 22.42 -68.05 -45.40
N GLY G 169 23.25 -69.06 -45.68
CA GLY G 169 24.44 -69.29 -44.90
C GLY G 169 24.24 -69.93 -43.55
N VAL G 170 23.11 -70.59 -43.34
CA VAL G 170 22.82 -71.28 -42.08
C VAL G 170 22.84 -72.78 -42.36
N ALA G 171 23.74 -73.50 -41.70
CA ALA G 171 23.80 -74.95 -41.87
C ALA G 171 22.58 -75.60 -41.26
N ARG G 172 22.04 -76.61 -41.95
CA ARG G 172 20.87 -77.32 -41.46
C ARG G 172 21.20 -78.07 -40.16
N SER G 173 20.22 -78.13 -39.27
CA SER G 173 20.40 -78.70 -37.95
C SER G 173 19.38 -79.82 -37.74
N VAL G 174 19.54 -80.53 -36.62
CA VAL G 174 18.66 -81.64 -36.31
C VAL G 174 17.24 -81.15 -36.01
N PHE G 175 17.12 -80.09 -35.21
CA PHE G 175 15.80 -79.61 -34.81
C PHE G 175 15.05 -78.98 -35.99
N SER G 176 15.78 -78.43 -36.95
CA SER G 176 15.13 -77.91 -38.15
C SER G 176 14.45 -79.02 -38.93
N TYR G 177 15.11 -80.17 -39.07
CA TYR G 177 14.48 -81.33 -39.70
C TYR G 177 13.35 -81.89 -38.86
N THR G 178 13.47 -81.81 -37.53
CA THR G 178 12.40 -82.28 -36.66
C THR G 178 11.11 -81.51 -36.90
N ALA G 179 11.22 -80.19 -37.05
CA ALA G 179 10.04 -79.37 -37.37
C ALA G 179 9.48 -79.74 -38.74
N LEU G 180 10.35 -79.99 -39.72
CA LEU G 180 9.89 -80.26 -41.07
C LEU G 180 9.27 -81.64 -41.18
N ILE G 181 9.79 -82.62 -40.45
CA ILE G 181 9.24 -83.97 -40.51
C ILE G 181 7.79 -83.97 -40.02
N ASN G 182 7.54 -83.31 -38.89
CA ASN G 182 6.19 -83.25 -38.36
C ASN G 182 5.30 -82.35 -39.21
N ALA G 183 5.90 -81.40 -39.95
CA ALA G 183 5.12 -80.57 -40.86
C ALA G 183 4.49 -81.40 -41.97
N TYR G 184 5.31 -82.23 -42.65
CA TYR G 184 4.77 -83.15 -43.64
C TYR G 184 4.09 -84.34 -42.99
N GLY G 185 4.41 -84.65 -41.74
CA GLY G 185 3.78 -85.79 -41.07
C GLY G 185 2.31 -85.57 -40.80
N ARG G 186 1.93 -84.35 -40.41
CA ARG G 186 0.56 -84.06 -40.05
C ARG G 186 -0.37 -83.92 -41.26
N ASN G 187 0.18 -83.84 -42.47
CA ASN G 187 -0.61 -83.77 -43.68
C ASN G 187 -0.76 -85.13 -44.37
N GLY G 188 -0.22 -86.19 -43.79
CA GLY G 188 -0.32 -87.52 -44.35
C GLY G 188 0.77 -87.90 -45.33
N ARG G 189 1.66 -86.97 -45.70
CA ARG G 189 2.75 -87.26 -46.62
C ARG G 189 3.91 -87.88 -45.85
N TYR G 190 3.70 -89.13 -45.44
CA TYR G 190 4.74 -89.87 -44.73
C TYR G 190 5.89 -90.29 -45.64
N GLU G 191 5.64 -90.39 -46.95
CA GLU G 191 6.71 -90.71 -47.89
C GLU G 191 7.75 -89.59 -47.94
N THR G 192 7.29 -88.34 -47.86
CA THR G 192 8.21 -87.21 -47.86
C THR G 192 9.13 -87.25 -46.65
N SER G 193 8.59 -87.61 -45.48
CA SER G 193 9.41 -87.67 -44.28
C SER G 193 10.52 -88.71 -44.40
N LEU G 194 10.21 -89.86 -44.98
CA LEU G 194 11.23 -90.89 -45.17
C LEU G 194 12.30 -90.43 -46.15
N GLU G 195 11.90 -89.65 -47.17
CA GLU G 195 12.89 -89.03 -48.05
C GLU G 195 13.77 -88.06 -47.28
N LEU G 196 13.18 -87.27 -46.38
CA LEU G 196 13.97 -86.36 -45.56
C LEU G 196 14.77 -87.13 -44.51
N LEU G 197 14.20 -88.21 -43.97
CA LEU G 197 14.92 -89.03 -43.01
C LEU G 197 16.18 -89.64 -43.62
N ASP G 198 16.06 -90.16 -44.84
CA ASP G 198 17.22 -90.72 -45.52
C ASP G 198 18.21 -89.64 -45.92
N ARG G 199 17.74 -88.41 -46.15
CA ARG G 199 18.64 -87.33 -46.54
C ARG G 199 19.61 -86.99 -45.42
N MET G 200 19.17 -87.10 -44.15
CA MET G 200 20.07 -86.87 -43.03
C MET G 200 21.22 -87.85 -43.04
N LYS G 201 20.94 -89.11 -43.38
CA LYS G 201 22.00 -90.10 -43.50
C LYS G 201 22.99 -89.72 -44.59
N SER G 202 22.50 -89.20 -45.71
CA SER G 202 23.38 -88.74 -46.78
C SER G 202 24.06 -87.43 -46.43
N GLU G 203 23.41 -86.59 -45.62
CA GLU G 203 23.96 -85.30 -45.21
C GLU G 203 24.76 -85.40 -43.91
N LYS G 204 24.95 -86.60 -43.37
CA LYS G 204 25.74 -86.82 -42.16
C LYS G 204 25.19 -86.02 -40.97
N ILE G 205 23.86 -85.95 -40.87
CA ILE G 205 23.19 -85.30 -39.76
C ILE G 205 22.60 -86.40 -38.88
N SER G 206 23.09 -86.51 -37.66
CA SER G 206 22.64 -87.57 -36.77
C SER G 206 21.22 -87.31 -36.29
N PRO G 207 20.26 -88.19 -36.58
CA PRO G 207 18.89 -87.95 -36.12
C PRO G 207 18.79 -88.05 -34.60
N SER G 208 17.85 -87.31 -34.05
CA SER G 208 17.56 -87.34 -32.62
C SER G 208 16.40 -88.27 -32.34
N ILE G 209 16.15 -88.50 -31.05
CA ILE G 209 15.03 -89.36 -30.65
C ILE G 209 13.71 -88.73 -31.07
N LEU G 210 13.54 -87.43 -30.81
CA LEU G 210 12.31 -86.75 -31.20
C LEU G 210 12.12 -86.75 -32.72
N THR G 211 13.20 -86.50 -33.45
CA THR G 211 13.12 -86.53 -34.91
C THR G 211 12.76 -87.93 -35.41
N TYR G 212 13.35 -88.96 -34.80
CA TYR G 212 12.95 -90.33 -35.12
C TYR G 212 11.51 -90.60 -34.71
N ASN G 213 11.11 -90.10 -33.54
CA ASN G 213 9.74 -90.34 -33.08
C ASN G 213 8.73 -89.65 -34.00
N THR G 214 9.05 -88.45 -34.47
CA THR G 214 8.12 -87.73 -35.34
C THR G 214 7.88 -88.48 -36.65
N VAL G 215 8.95 -89.02 -37.25
CA VAL G 215 8.76 -89.75 -38.50
C VAL G 215 8.11 -91.11 -38.25
N ILE G 216 8.28 -91.66 -37.04
CA ILE G 216 7.66 -92.95 -36.73
C ILE G 216 6.15 -92.80 -36.62
N ASN G 217 5.69 -91.77 -35.90
CA ASN G 217 4.25 -91.55 -35.79
C ASN G 217 3.66 -90.97 -37.06
N ALA G 218 4.48 -90.28 -37.87
CA ALA G 218 4.00 -89.80 -39.16
C ALA G 218 3.62 -90.96 -40.07
N CYS G 219 4.43 -92.03 -40.07
CA CYS G 219 4.11 -93.20 -40.88
C CYS G 219 2.85 -93.88 -40.37
N ALA G 220 2.62 -93.86 -39.05
CA ALA G 220 1.42 -94.49 -38.50
C ALA G 220 0.15 -93.81 -39.01
N ARG G 221 0.14 -92.47 -39.05
CA ARG G 221 -1.01 -91.76 -39.56
C ARG G 221 -1.09 -91.81 -41.08
N GLY G 222 0.01 -92.10 -41.77
CA GLY G 222 0.02 -92.14 -43.22
C GLY G 222 -0.45 -93.42 -43.84
N GLY G 223 -0.69 -94.45 -43.03
CA GLY G 223 -1.12 -95.74 -43.57
C GLY G 223 0.00 -96.70 -43.93
N LEU G 224 1.20 -96.49 -43.39
CA LEU G 224 2.31 -97.39 -43.68
C LEU G 224 2.03 -98.79 -43.14
N ASP G 225 2.59 -99.78 -43.82
CA ASP G 225 2.43 -101.17 -43.40
C ASP G 225 3.08 -101.40 -42.05
N TRP G 226 2.56 -102.39 -41.32
CA TRP G 226 3.13 -102.74 -40.02
C TRP G 226 4.58 -103.22 -40.14
N GLU G 227 4.91 -103.88 -41.25
CA GLU G 227 6.28 -104.29 -41.48
C GLU G 227 7.22 -103.10 -41.58
N GLY G 228 6.71 -101.95 -42.04
CA GLY G 228 7.54 -100.76 -42.08
C GLY G 228 7.89 -100.24 -40.70
N LEU G 229 6.93 -100.28 -39.77
CA LEU G 229 7.19 -99.81 -38.42
C LEU G 229 8.23 -100.66 -37.71
N LEU G 230 8.17 -101.99 -37.91
CA LEU G 230 9.20 -102.86 -37.34
C LEU G 230 10.57 -102.55 -37.96
N GLY G 231 10.60 -102.26 -39.26
CA GLY G 231 11.86 -101.90 -39.89
C GLY G 231 12.41 -100.59 -39.35
N LEU G 232 11.53 -99.61 -39.11
CA LEU G 232 11.97 -98.33 -38.57
C LEU G 232 12.53 -98.47 -37.16
N PHE G 233 11.86 -99.27 -36.32
CA PHE G 233 12.33 -99.43 -34.94
C PHE G 233 13.68 -100.12 -34.88
N ALA G 234 13.86 -101.17 -35.69
CA ALA G 234 15.16 -101.84 -35.74
C ALA G 234 16.26 -100.89 -36.22
N GLU G 235 15.90 -99.94 -37.09
CA GLU G 235 16.87 -98.93 -37.53
C GLU G 235 17.31 -98.06 -36.35
N MET G 236 16.37 -97.70 -35.47
CA MET G 236 16.71 -96.89 -34.31
C MET G 236 17.69 -97.60 -33.38
N ARG G 237 17.47 -98.90 -33.14
CA ARG G 237 18.31 -99.62 -32.20
C ARG G 237 19.72 -99.81 -32.74
N HIS G 238 19.88 -99.94 -34.06
CA HIS G 238 21.20 -100.15 -34.64
C HIS G 238 22.04 -98.88 -34.68
N GLU G 239 21.42 -97.71 -34.51
CA GLU G 239 22.17 -96.45 -34.55
C GLU G 239 22.96 -96.21 -33.27
N GLY G 240 22.79 -97.03 -32.24
CA GLY G 240 23.45 -96.83 -30.97
C GLY G 240 22.66 -96.01 -29.96
N ILE G 241 21.55 -95.40 -30.38
CA ILE G 241 20.69 -94.67 -29.46
C ILE G 241 19.88 -95.67 -28.64
N GLN G 242 19.81 -95.44 -27.34
CA GLN G 242 19.08 -96.36 -26.47
C GLN G 242 17.60 -96.35 -26.81
N PRO G 243 16.98 -97.51 -27.03
CA PRO G 243 15.55 -97.53 -27.35
C PRO G 243 14.69 -97.07 -26.19
N ASP G 244 13.54 -96.50 -26.54
CA ASP G 244 12.56 -96.05 -25.56
C ASP G 244 11.23 -96.74 -25.81
N ILE G 245 10.45 -96.87 -24.74
CA ILE G 245 9.15 -97.56 -24.83
C ILE G 245 8.12 -96.77 -25.62
N VAL G 246 8.39 -95.50 -25.92
CA VAL G 246 7.46 -94.70 -26.71
C VAL G 246 7.27 -95.33 -28.09
N THR G 247 8.36 -95.74 -28.73
CA THR G 247 8.25 -96.49 -29.97
C THR G 247 7.65 -97.87 -29.74
N TYR G 248 7.99 -98.51 -28.62
CA TYR G 248 7.35 -99.77 -28.28
C TYR G 248 5.84 -99.61 -28.13
N ASN G 249 5.41 -98.47 -27.58
CA ASN G 249 3.98 -98.16 -27.55
C ASN G 249 3.42 -98.07 -28.96
N THR G 250 4.16 -97.42 -29.88
CA THR G 250 3.72 -97.32 -31.26
C THR G 250 3.65 -98.70 -31.91
N LEU G 251 4.63 -99.57 -31.61
CA LEU G 251 4.58 -100.94 -32.12
C LEU G 251 3.35 -101.67 -31.63
N LEU G 252 3.02 -101.53 -30.35
CA LEU G 252 1.83 -102.17 -29.80
C LEU G 252 0.54 -101.47 -30.21
N SER G 253 0.60 -100.17 -30.50
CA SER G 253 -0.58 -99.47 -30.98
C SER G 253 -0.98 -99.94 -32.38
N ALA G 254 0.00 -100.09 -33.27
CA ALA G 254 -0.29 -100.54 -34.63
C ALA G 254 -0.83 -101.96 -34.64
N CYS G 255 -0.27 -102.84 -33.80
CA CYS G 255 -0.80 -104.19 -33.69
C CYS G 255 -2.23 -104.18 -33.17
N ALA G 256 -2.52 -103.31 -32.20
CA ALA G 256 -3.90 -103.15 -31.73
C ALA G 256 -4.78 -102.56 -32.82
N ILE G 257 -4.24 -101.63 -33.61
CA ILE G 257 -5.02 -101.01 -34.69
C ILE G 257 -5.43 -102.06 -35.72
N ARG G 258 -4.49 -102.92 -36.10
CA ARG G 258 -4.74 -103.93 -37.13
C ARG G 258 -5.14 -105.28 -36.55
N GLY G 259 -5.34 -105.37 -35.23
CA GLY G 259 -5.78 -106.60 -34.60
C GLY G 259 -4.76 -107.72 -34.70
N LEU G 260 -3.49 -107.40 -34.44
CA LEU G 260 -2.41 -108.38 -34.45
C LEU G 260 -2.13 -108.81 -33.02
N GLY G 261 -2.31 -110.11 -32.74
CA GLY G 261 -2.08 -110.63 -31.41
C GLY G 261 -0.70 -111.24 -31.24
N ASP G 262 -0.30 -112.09 -32.18
CA ASP G 262 1.01 -112.72 -32.11
C ASP G 262 2.12 -111.68 -32.25
N GLU G 263 1.97 -110.74 -33.17
CA GLU G 263 2.98 -109.70 -33.34
C GLU G 263 3.07 -108.81 -32.11
N ALA G 264 1.93 -108.47 -31.52
CA ALA G 264 1.93 -107.65 -30.30
C ALA G 264 2.60 -108.37 -29.15
N GLU G 265 2.33 -109.67 -29.00
CA GLU G 265 2.98 -110.44 -27.96
C GLU G 265 4.49 -110.52 -28.18
N MET G 266 4.93 -110.54 -29.45
CA MET G 266 6.35 -110.51 -29.74
C MET G 266 6.97 -109.18 -29.30
N VAL G 267 6.25 -108.06 -29.49
CA VAL G 267 6.76 -106.77 -29.08
C VAL G 267 6.94 -106.72 -27.57
N PHE G 268 5.95 -107.22 -26.83
CA PHE G 268 6.07 -107.25 -25.37
C PHE G 268 7.20 -108.17 -24.92
N ARG G 269 7.34 -109.33 -25.57
CA ARG G 269 8.42 -110.25 -25.23
C ARG G 269 9.78 -109.64 -25.57
N THR G 270 9.86 -108.92 -26.70
CA THR G 270 11.14 -108.37 -27.13
C THR G 270 11.70 -107.38 -26.12
N MET G 271 10.84 -106.48 -25.62
CA MET G 271 11.31 -105.47 -24.67
C MET G 271 11.53 -106.08 -23.28
N ASN G 272 10.82 -107.15 -22.95
CA ASN G 272 11.03 -107.80 -21.66
C ASN G 272 12.44 -108.36 -21.52
N ASP G 273 12.95 -108.97 -22.59
CA ASP G 273 14.32 -109.49 -22.56
C ASP G 273 15.35 -108.37 -22.49
N GLY G 274 14.96 -107.13 -22.80
CA GLY G 274 15.83 -105.98 -22.67
C GLY G 274 15.91 -105.38 -21.30
N GLY G 275 15.13 -105.90 -20.35
CA GLY G 275 15.13 -105.38 -18.99
C GLY G 275 14.58 -103.98 -18.86
N ILE G 276 13.50 -103.67 -19.55
CA ILE G 276 12.86 -102.36 -19.49
C ILE G 276 11.46 -102.53 -18.90
N VAL G 277 11.14 -101.73 -17.90
CA VAL G 277 9.85 -101.82 -17.22
C VAL G 277 8.76 -101.26 -18.12
N PRO G 278 7.77 -102.07 -18.51
CA PRO G 278 6.69 -101.55 -19.35
C PRO G 278 5.81 -100.55 -18.60
N ASP G 279 5.23 -99.64 -19.36
CA ASP G 279 4.30 -98.66 -18.81
C ASP G 279 2.86 -99.13 -19.04
N LEU G 280 1.91 -98.34 -18.55
CA LEU G 280 0.50 -98.71 -18.64
C LEU G 280 0.04 -98.78 -20.09
N THR G 281 0.57 -97.89 -20.95
CA THR G 281 0.12 -97.84 -22.33
C THR G 281 0.40 -99.14 -23.08
N THR G 282 1.47 -99.85 -22.70
CA THR G 282 1.76 -101.13 -23.33
C THR G 282 0.65 -102.14 -23.06
N TYR G 283 0.17 -102.21 -21.81
CA TYR G 283 -0.87 -103.17 -21.47
C TYR G 283 -2.24 -102.75 -21.99
N SER G 284 -2.50 -101.44 -22.06
CA SER G 284 -3.74 -100.98 -22.67
C SER G 284 -3.79 -101.36 -24.15
N HIS G 285 -2.64 -101.24 -24.84
CA HIS G 285 -2.56 -101.72 -26.21
C HIS G 285 -2.70 -103.24 -26.27
N LEU G 286 -2.08 -103.95 -25.32
CA LEU G 286 -2.20 -105.40 -25.28
C LEU G 286 -3.64 -105.83 -25.02
N VAL G 287 -4.35 -105.09 -24.16
CA VAL G 287 -5.77 -105.36 -23.95
C VAL G 287 -6.55 -105.13 -25.23
N GLU G 288 -6.21 -104.07 -25.96
CA GLU G 288 -6.94 -103.74 -27.19
C GLU G 288 -6.76 -104.81 -28.25
N THR G 289 -5.52 -105.29 -28.46
CA THR G 289 -5.28 -106.23 -29.56
C THR G 289 -5.88 -107.59 -29.28
N PHE G 290 -5.74 -108.08 -28.04
CA PHE G 290 -6.32 -109.39 -27.71
C PHE G 290 -7.83 -109.32 -27.53
N GLY G 291 -8.35 -108.17 -27.12
CA GLY G 291 -9.79 -108.04 -26.99
C GLY G 291 -10.52 -108.10 -28.31
N LYS G 292 -9.95 -107.49 -29.35
CA LYS G 292 -10.55 -107.57 -30.69
C LYS G 292 -10.58 -109.00 -31.19
N LEU G 293 -9.50 -109.76 -30.95
CA LEU G 293 -9.44 -111.16 -31.35
C LEU G 293 -10.08 -112.08 -30.32
N GLY G 294 -10.56 -111.56 -29.21
CA GLY G 294 -11.21 -112.38 -28.19
C GLY G 294 -10.28 -113.35 -27.50
N ARG G 295 -9.06 -112.92 -27.18
CA ARG G 295 -8.07 -113.76 -26.52
C ARG G 295 -7.41 -113.01 -25.36
N LEU G 296 -8.24 -112.39 -24.53
CA LEU G 296 -7.74 -111.66 -23.37
C LEU G 296 -7.08 -112.58 -22.35
N GLU G 297 -7.31 -113.90 -22.44
CA GLU G 297 -6.63 -114.83 -21.53
C GLU G 297 -5.13 -114.83 -21.75
N LYS G 298 -4.68 -114.48 -22.96
CA LYS G 298 -3.24 -114.41 -23.21
C LYS G 298 -2.59 -113.27 -22.43
N VAL G 299 -3.36 -112.22 -22.11
CA VAL G 299 -2.83 -111.15 -21.27
C VAL G 299 -2.49 -111.68 -19.88
N SER G 300 -3.34 -112.57 -19.35
CA SER G 300 -3.01 -113.24 -18.10
C SER G 300 -1.75 -114.07 -18.23
N ASP G 301 -1.59 -114.75 -19.37
CA ASP G 301 -0.34 -115.48 -19.62
C ASP G 301 0.84 -114.52 -19.72
N LEU G 302 0.62 -113.34 -20.31
CA LEU G 302 1.68 -112.34 -20.40
C LEU G 302 2.11 -111.88 -19.01
N LEU G 303 1.16 -111.61 -18.13
CA LEU G 303 1.49 -111.17 -16.79
C LEU G 303 2.16 -112.27 -15.98
N SER G 304 1.73 -113.51 -16.15
CA SER G 304 2.30 -114.62 -15.39
C SER G 304 3.75 -114.87 -15.76
N GLU G 305 4.08 -114.76 -17.05
CA GLU G 305 5.45 -115.03 -17.49
C GLU G 305 6.44 -114.05 -16.89
N MET G 306 6.10 -112.76 -16.87
CA MET G 306 6.99 -111.76 -16.31
C MET G 306 7.06 -111.82 -14.80
N ALA G 307 6.06 -112.42 -14.14
CA ALA G 307 6.09 -112.53 -12.69
C ALA G 307 7.27 -113.37 -12.21
N SER G 308 7.54 -114.48 -12.90
CA SER G 308 8.68 -115.32 -12.57
C SER G 308 9.98 -114.82 -13.18
N GLY G 309 9.93 -113.85 -14.09
CA GLY G 309 11.10 -113.29 -14.72
C GLY G 309 11.75 -112.14 -13.99
N GLY G 310 11.27 -111.81 -12.78
CA GLY G 310 11.82 -110.72 -12.01
C GLY G 310 11.18 -109.37 -12.24
N SER G 311 10.29 -109.26 -13.22
CA SER G 311 9.59 -108.01 -13.52
C SER G 311 8.14 -108.16 -13.04
N LEU G 312 7.89 -107.73 -11.82
CA LEU G 312 6.55 -107.87 -11.24
C LEU G 312 5.57 -106.91 -11.93
N PRO G 313 4.45 -107.41 -12.44
CA PRO G 313 3.46 -106.52 -13.04
C PRO G 313 2.85 -105.59 -12.00
N ASP G 314 2.44 -104.40 -12.47
CA ASP G 314 1.86 -103.40 -11.61
C ASP G 314 0.33 -103.55 -11.56
N ILE G 315 -0.28 -102.86 -10.59
CA ILE G 315 -1.73 -102.91 -10.43
C ILE G 315 -2.43 -102.30 -11.64
N THR G 316 -1.91 -101.19 -12.17
CA THR G 316 -2.54 -100.52 -13.28
C THR G 316 -2.67 -101.43 -14.50
N SER G 317 -1.71 -102.34 -14.69
CA SER G 317 -1.84 -103.31 -15.77
C SER G 317 -3.05 -104.21 -15.57
N TYR G 318 -3.30 -104.64 -14.33
CA TYR G 318 -4.47 -105.45 -14.04
C TYR G 318 -5.76 -104.66 -14.16
N ASN G 319 -5.71 -103.35 -13.89
CA ASN G 319 -6.93 -102.54 -13.93
C ASN G 319 -7.56 -102.52 -15.31
N VAL G 320 -6.74 -102.39 -16.35
CA VAL G 320 -7.26 -102.43 -17.72
C VAL G 320 -7.71 -103.85 -18.07
N LEU G 321 -6.96 -104.86 -17.64
CA LEU G 321 -7.32 -106.24 -17.92
C LEU G 321 -8.64 -106.61 -17.23
N LEU G 322 -8.80 -106.21 -15.96
CA LEU G 322 -10.03 -106.51 -15.25
C LEU G 322 -11.23 -105.78 -15.87
N GLU G 323 -11.04 -104.51 -16.26
CA GLU G 323 -12.11 -103.76 -16.88
C GLU G 323 -12.48 -104.33 -18.26
N ALA G 324 -11.49 -104.88 -18.98
CA ALA G 324 -11.78 -105.47 -20.28
C ALA G 324 -12.72 -106.66 -20.15
N TYR G 325 -12.51 -107.51 -19.15
CA TYR G 325 -13.41 -108.64 -18.93
C TYR G 325 -14.81 -108.17 -18.57
N ALA G 326 -14.93 -107.04 -17.88
CA ALA G 326 -16.24 -106.46 -17.61
C ALA G 326 -16.95 -106.06 -18.89
N LYS G 327 -16.21 -105.45 -19.83
CA LYS G 327 -16.79 -105.11 -21.12
C LYS G 327 -17.17 -106.36 -21.90
N SER G 328 -16.39 -107.44 -21.75
CA SER G 328 -16.73 -108.71 -22.36
C SER G 328 -17.68 -109.54 -21.52
N GLY G 329 -18.00 -109.11 -20.30
CA GLY G 329 -18.90 -109.86 -19.45
C GLY G 329 -18.32 -111.13 -18.89
N SER G 330 -16.99 -111.22 -18.79
CA SER G 330 -16.33 -112.44 -18.33
C SER G 330 -16.17 -112.35 -16.81
N ILE G 331 -17.10 -112.99 -16.09
CA ILE G 331 -17.06 -112.99 -14.64
C ILE G 331 -15.99 -113.96 -14.13
N LYS G 332 -16.00 -115.19 -14.66
CA LYS G 332 -15.05 -116.20 -14.20
C LYS G 332 -13.61 -115.84 -14.56
N GLU G 333 -13.42 -115.08 -15.64
CA GLU G 333 -12.09 -114.57 -15.95
C GLU G 333 -11.65 -113.50 -14.96
N ALA G 334 -12.59 -112.66 -14.52
CA ALA G 334 -12.25 -111.58 -13.60
C ALA G 334 -11.79 -112.14 -12.25
N MET G 335 -12.47 -113.15 -11.74
CA MET G 335 -12.08 -113.74 -10.45
C MET G 335 -10.75 -114.47 -10.57
N GLY G 336 -10.48 -115.09 -11.72
CA GLY G 336 -9.19 -115.74 -11.92
C GLY G 336 -8.05 -114.75 -11.95
N VAL G 337 -8.24 -113.61 -12.61
CA VAL G 337 -7.19 -112.59 -12.66
C VAL G 337 -6.94 -112.02 -11.27
N PHE G 338 -8.02 -111.76 -10.51
CA PHE G 338 -7.86 -111.24 -9.16
C PHE G 338 -7.10 -112.22 -8.27
N HIS G 339 -7.42 -113.51 -8.38
CA HIS G 339 -6.64 -114.52 -7.65
C HIS G 339 -5.21 -114.59 -8.18
N GLN G 340 -5.03 -114.44 -9.49
CA GLN G 340 -3.69 -114.39 -10.04
C GLN G 340 -2.93 -113.18 -9.52
N MET G 341 -3.59 -112.03 -9.41
CA MET G 341 -2.96 -110.84 -8.87
C MET G 341 -2.61 -111.02 -7.40
N GLN G 342 -3.48 -111.68 -6.64
CA GLN G 342 -3.21 -111.90 -5.22
C GLN G 342 -1.96 -112.74 -5.02
N ALA G 343 -1.78 -113.78 -5.85
CA ALA G 343 -0.58 -114.60 -5.75
C ALA G 343 0.69 -113.82 -6.07
N ALA G 344 0.58 -112.73 -6.82
CA ALA G 344 1.73 -111.90 -7.14
C ALA G 344 2.19 -111.04 -5.96
N GLY G 345 1.41 -110.95 -4.89
CA GLY G 345 1.78 -110.19 -3.72
C GLY G 345 1.40 -108.73 -3.74
N CYS G 346 0.85 -108.23 -4.85
CA CYS G 346 0.45 -106.84 -4.94
C CYS G 346 -0.79 -106.57 -4.12
N SER G 347 -0.85 -105.37 -3.54
CA SER G 347 -2.00 -104.93 -2.75
C SER G 347 -3.05 -104.30 -3.66
N PRO G 348 -4.30 -104.78 -3.63
CA PRO G 348 -5.32 -104.21 -4.50
C PRO G 348 -5.62 -102.76 -4.15
N ASN G 349 -5.98 -101.99 -5.17
CA ASN G 349 -6.28 -100.57 -5.02
C ASN G 349 -7.77 -100.32 -5.10
N ALA G 350 -8.15 -99.05 -5.04
CA ALA G 350 -9.56 -98.67 -5.09
C ALA G 350 -10.17 -98.98 -6.45
N ASN G 351 -9.41 -98.80 -7.53
CA ASN G 351 -9.95 -99.03 -8.87
C ASN G 351 -10.35 -100.49 -9.07
N THR G 352 -9.57 -101.41 -8.53
CA THR G 352 -9.91 -102.83 -8.63
C THR G 352 -11.23 -103.13 -7.92
N TYR G 353 -11.46 -102.49 -6.77
CA TYR G 353 -12.66 -102.76 -5.99
C TYR G 353 -13.92 -102.41 -6.77
N SER G 354 -13.91 -101.25 -7.44
CA SER G 354 -15.11 -100.78 -8.13
C SER G 354 -15.40 -101.61 -9.39
N VAL G 355 -14.36 -102.01 -10.11
CA VAL G 355 -14.56 -102.73 -11.37
C VAL G 355 -15.25 -104.07 -11.12
N LEU G 356 -14.81 -104.80 -10.10
CA LEU G 356 -15.46 -106.07 -9.78
C LEU G 356 -16.91 -105.87 -9.36
N LEU G 357 -17.16 -104.85 -8.54
CA LEU G 357 -18.54 -104.57 -8.13
C LEU G 357 -19.39 -104.14 -9.32
N ASN G 358 -18.81 -103.34 -10.23
CA ASN G 358 -19.54 -102.94 -11.43
C ASN G 358 -19.88 -104.15 -12.29
N LEU G 359 -18.91 -105.05 -12.49
CA LEU G 359 -19.17 -106.25 -13.28
C LEU G 359 -20.19 -107.15 -12.59
N PHE G 360 -20.05 -107.35 -11.28
CA PHE G 360 -20.93 -108.26 -10.57
C PHE G 360 -22.32 -107.66 -10.37
N GLY G 361 -22.42 -106.34 -10.21
CA GLY G 361 -23.70 -105.72 -9.96
C GLY G 361 -24.65 -105.81 -11.15
N GLN G 362 -24.12 -105.64 -12.37
CA GLN G 362 -24.97 -105.58 -13.55
C GLN G 362 -25.60 -106.92 -13.89
N ASN G 363 -25.05 -108.03 -13.40
CA ASN G 363 -25.59 -109.35 -13.67
C ASN G 363 -26.45 -109.89 -12.53
N GLY G 364 -26.75 -109.06 -11.52
CA GLY G 364 -27.66 -109.45 -10.48
C GLY G 364 -27.06 -110.30 -9.37
N ARG G 365 -25.75 -110.22 -9.14
CA ARG G 365 -25.12 -110.93 -8.04
C ARG G 365 -25.09 -110.03 -6.81
N TYR G 366 -26.28 -109.76 -6.29
CA TYR G 366 -26.40 -108.93 -5.09
C TYR G 366 -25.81 -109.61 -3.86
N ASP G 367 -25.93 -110.94 -3.78
CA ASP G 367 -25.30 -111.66 -2.68
C ASP G 367 -23.78 -111.59 -2.77
N ASP G 368 -23.23 -111.68 -3.98
CA ASP G 368 -21.78 -111.71 -4.14
C ASP G 368 -21.14 -110.39 -3.77
N VAL G 369 -21.78 -109.27 -4.14
CA VAL G 369 -21.19 -107.96 -3.87
C VAL G 369 -21.14 -107.68 -2.37
N ARG G 370 -22.13 -108.14 -1.62
CA ARG G 370 -22.11 -107.97 -0.16
C ARG G 370 -20.94 -108.71 0.46
N GLN G 371 -20.72 -109.96 0.04
CA GLN G 371 -19.56 -110.70 0.51
C GLN G 371 -18.26 -110.06 0.03
N LEU G 372 -18.24 -109.59 -1.23
CA LEU G 372 -17.06 -108.95 -1.77
C LEU G 372 -16.73 -107.66 -1.02
N PHE G 373 -17.75 -106.89 -0.65
CA PHE G 373 -17.52 -105.65 0.06
C PHE G 373 -16.91 -105.90 1.44
N LEU G 374 -17.37 -106.95 2.13
CA LEU G 374 -16.80 -107.27 3.44
C LEU G 374 -15.33 -107.67 3.33
N GLU G 375 -14.99 -108.45 2.30
CA GLU G 375 -13.60 -108.86 2.11
C GLU G 375 -12.70 -107.66 1.83
N MET G 376 -13.15 -106.75 0.97
CA MET G 376 -12.36 -105.57 0.66
C MET G 376 -12.29 -104.60 1.83
N LYS G 377 -13.37 -104.48 2.60
CA LYS G 377 -13.32 -103.66 3.80
C LYS G 377 -12.37 -104.25 4.83
N SER G 378 -12.31 -105.57 4.92
CA SER G 378 -11.42 -106.26 5.84
C SER G 378 -10.00 -106.42 5.29
N SER G 379 -9.75 -105.95 4.06
CA SER G 379 -8.45 -106.07 3.42
C SER G 379 -7.49 -104.95 3.81
N ASN G 380 -7.73 -104.29 4.96
CA ASN G 380 -6.88 -103.20 5.45
C ASN G 380 -6.80 -102.04 4.47
N THR G 381 -7.85 -101.86 3.67
CA THR G 381 -7.95 -100.75 2.73
C THR G 381 -9.31 -100.10 2.88
N ASP G 382 -9.32 -98.83 3.26
CA ASP G 382 -10.58 -98.10 3.41
C ASP G 382 -11.17 -97.78 2.04
N PRO G 383 -12.40 -98.21 1.75
CA PRO G 383 -12.98 -97.92 0.44
C PRO G 383 -13.23 -96.43 0.25
N ASP G 384 -13.13 -96.00 -1.01
CA ASP G 384 -13.29 -94.59 -1.36
C ASP G 384 -14.76 -94.26 -1.63
N ALA G 385 -15.03 -92.98 -1.81
CA ALA G 385 -16.39 -92.53 -2.06
C ALA G 385 -16.92 -93.08 -3.38
N ALA G 386 -16.08 -93.12 -4.42
CA ALA G 386 -16.50 -93.67 -5.70
C ALA G 386 -16.84 -95.15 -5.57
N THR G 387 -16.09 -95.89 -4.77
CA THR G 387 -16.43 -97.29 -4.51
C THR G 387 -17.78 -97.40 -3.81
N TYR G 388 -18.06 -96.51 -2.87
CA TYR G 388 -19.37 -96.50 -2.22
C TYR G 388 -20.49 -96.22 -3.21
N ASN G 389 -20.23 -95.35 -4.20
CA ASN G 389 -21.28 -94.94 -5.13
C ASN G 389 -21.74 -96.09 -6.01
N ILE G 390 -20.81 -96.94 -6.44
CA ILE G 390 -21.17 -98.07 -7.30
C ILE G 390 -22.12 -99.01 -6.57
N LEU G 391 -21.86 -99.27 -5.28
CA LEU G 391 -22.76 -100.10 -4.50
C LEU G 391 -24.14 -99.48 -4.38
N ILE G 392 -24.21 -98.16 -4.28
CA ILE G 392 -25.50 -97.48 -4.17
C ILE G 392 -26.33 -97.69 -5.42
N ASP G 393 -25.68 -97.63 -6.60
CA ASP G 393 -26.41 -97.77 -7.85
C ASP G 393 -27.01 -99.17 -8.00
N VAL G 394 -26.22 -100.20 -7.72
CA VAL G 394 -26.73 -101.56 -7.87
C VAL G 394 -27.76 -101.87 -6.78
N PHE G 395 -27.48 -101.49 -5.54
CA PHE G 395 -28.45 -101.68 -4.47
C PHE G 395 -29.70 -100.83 -4.72
N GLY G 396 -29.53 -99.60 -5.20
CA GLY G 396 -30.68 -98.80 -5.58
C GLY G 396 -31.48 -99.43 -6.71
N GLU G 397 -30.78 -99.94 -7.73
CA GLU G 397 -31.47 -100.64 -8.81
C GLU G 397 -32.00 -102.00 -8.35
N GLY G 398 -31.30 -102.65 -7.41
CA GLY G 398 -31.72 -103.92 -6.91
C GLY G 398 -32.86 -103.87 -5.90
N GLY G 399 -33.31 -102.68 -5.54
CA GLY G 399 -34.41 -102.53 -4.60
C GLY G 399 -34.04 -102.61 -3.14
N TYR G 400 -32.74 -102.60 -2.82
CA TYR G 400 -32.30 -102.67 -1.43
C TYR G 400 -32.02 -101.25 -0.92
N PHE G 401 -33.10 -100.51 -0.75
CA PHE G 401 -33.00 -99.12 -0.33
C PHE G 401 -32.49 -99.01 1.11
N LYS G 402 -32.93 -99.92 1.98
CA LYS G 402 -32.54 -99.83 3.39
C LYS G 402 -31.03 -100.00 3.56
N GLU G 403 -30.43 -100.90 2.80
CA GLU G 403 -28.98 -101.11 2.91
C GLU G 403 -28.21 -99.88 2.42
N VAL G 404 -28.78 -99.12 1.48
CA VAL G 404 -28.14 -97.89 1.03
C VAL G 404 -28.08 -96.89 2.17
N VAL G 405 -29.17 -96.73 2.92
CA VAL G 405 -29.20 -95.78 4.02
C VAL G 405 -28.26 -96.21 5.14
N THR G 406 -28.28 -97.50 5.50
CA THR G 406 -27.37 -98.00 6.53
C THR G 406 -25.92 -97.89 6.09
N LEU G 407 -25.68 -97.88 4.77
CA LEU G 407 -24.34 -97.60 4.28
C LEU G 407 -23.89 -96.20 4.65
N PHE G 408 -24.80 -95.23 4.55
CA PHE G 408 -24.50 -93.87 4.99
C PHE G 408 -24.21 -93.82 6.48
N HIS G 409 -24.93 -94.63 7.26
CA HIS G 409 -24.68 -94.67 8.71
C HIS G 409 -23.26 -95.14 9.00
N ASP G 410 -22.79 -96.15 8.27
CA ASP G 410 -21.42 -96.61 8.44
C ASP G 410 -20.42 -95.66 7.78
N MET G 411 -20.83 -95.02 6.67
CA MET G 411 -19.93 -94.11 5.97
C MET G 411 -19.55 -92.91 6.84
N VAL G 412 -20.53 -92.33 7.53
CA VAL G 412 -20.25 -91.22 8.43
C VAL G 412 -19.49 -91.69 9.67
N GLU G 413 -19.69 -92.94 10.10
CA GLU G 413 -18.96 -93.48 11.23
C GLU G 413 -17.53 -93.86 10.87
N GLU G 414 -17.24 -94.09 9.59
CA GLU G 414 -15.89 -94.38 9.13
C GLU G 414 -15.16 -93.12 8.66
N ASN G 415 -15.78 -91.95 8.78
CA ASN G 415 -15.15 -90.66 8.49
C ASN G 415 -14.72 -90.56 7.02
N ILE G 416 -15.68 -90.75 6.12
CA ILE G 416 -15.51 -90.47 4.70
C ILE G 416 -16.61 -89.51 4.28
N GLU G 417 -16.22 -88.36 3.74
CA GLU G 417 -17.21 -87.37 3.32
C GLU G 417 -17.82 -87.79 1.99
N PRO G 418 -19.14 -87.81 1.89
CA PRO G 418 -19.78 -88.20 0.62
C PRO G 418 -19.67 -87.10 -0.43
N ASP G 419 -20.13 -87.43 -1.63
CA ASP G 419 -20.02 -86.57 -2.79
C ASP G 419 -21.40 -86.32 -3.38
N MET G 420 -21.47 -85.31 -4.27
CA MET G 420 -22.73 -84.99 -4.94
C MET G 420 -23.31 -86.20 -5.67
N GLU G 421 -22.44 -87.01 -6.29
CA GLU G 421 -22.90 -88.21 -6.98
C GLU G 421 -23.59 -89.17 -6.02
N THR G 422 -22.99 -89.41 -4.85
CA THR G 422 -23.61 -90.29 -3.86
C THR G 422 -24.91 -89.69 -3.33
N TYR G 423 -24.93 -88.38 -3.12
CA TYR G 423 -26.15 -87.70 -2.68
C TYR G 423 -27.29 -87.96 -3.66
N GLU G 424 -27.05 -87.71 -4.95
CA GLU G 424 -28.08 -87.92 -5.95
C GLU G 424 -28.47 -89.38 -6.03
N GLY G 425 -27.50 -90.29 -5.92
CA GLY G 425 -27.83 -91.70 -5.99
C GLY G 425 -28.76 -92.14 -4.89
N ILE G 426 -28.44 -91.78 -3.65
CA ILE G 426 -29.27 -92.19 -2.53
C ILE G 426 -30.62 -91.49 -2.57
N ILE G 427 -30.65 -90.22 -2.99
CA ILE G 427 -31.91 -89.49 -3.06
C ILE G 427 -32.82 -90.10 -4.12
N PHE G 428 -32.26 -90.45 -5.28
CA PHE G 428 -33.04 -91.10 -6.32
C PHE G 428 -33.55 -92.47 -5.86
N ALA G 429 -32.70 -93.22 -5.16
CA ALA G 429 -33.14 -94.51 -4.64
C ALA G 429 -34.30 -94.35 -3.67
N CYS G 430 -34.20 -93.38 -2.76
CA CYS G 430 -35.28 -93.16 -1.80
C CYS G 430 -36.55 -92.69 -2.50
N GLY G 431 -36.41 -91.81 -3.50
CA GLY G 431 -37.59 -91.34 -4.21
C GLY G 431 -38.28 -92.43 -4.99
N LYS G 432 -37.52 -93.29 -5.67
CA LYS G 432 -38.12 -94.41 -6.37
C LYS G 432 -38.76 -95.39 -5.40
N GLY G 433 -38.10 -95.66 -4.28
CA GLY G 433 -38.63 -96.56 -3.29
C GLY G 433 -39.61 -95.96 -2.30
N GLY G 434 -39.92 -94.67 -2.45
CA GLY G 434 -40.84 -94.02 -1.54
C GLY G 434 -40.34 -93.90 -0.11
N LEU G 435 -39.03 -93.69 0.07
CA LEU G 435 -38.45 -93.48 1.39
C LEU G 435 -38.30 -91.98 1.62
N HIS G 436 -39.42 -91.34 1.98
CA HIS G 436 -39.43 -89.90 2.17
C HIS G 436 -38.58 -89.48 3.36
N GLU G 437 -38.66 -90.24 4.46
CA GLU G 437 -37.93 -89.87 5.67
C GLU G 437 -36.42 -89.88 5.43
N ASP G 438 -35.91 -90.92 4.76
CA ASP G 438 -34.48 -91.01 4.50
C ASP G 438 -34.03 -89.89 3.57
N ALA G 439 -34.85 -89.57 2.55
CA ALA G 439 -34.51 -88.48 1.65
C ALA G 439 -34.46 -87.15 2.39
N ARG G 440 -35.42 -86.92 3.30
CA ARG G 440 -35.41 -85.69 4.09
C ARG G 440 -34.18 -85.63 4.99
N LYS G 441 -33.81 -86.76 5.61
CA LYS G 441 -32.63 -86.80 6.45
C LYS G 441 -31.37 -86.47 5.64
N ILE G 442 -31.25 -87.07 4.46
CA ILE G 442 -30.08 -86.81 3.61
C ILE G 442 -30.05 -85.35 3.18
N LEU G 443 -31.21 -84.79 2.83
CA LEU G 443 -31.26 -83.39 2.44
C LEU G 443 -30.83 -82.48 3.58
N GLN G 444 -31.30 -82.74 4.79
CA GLN G 444 -30.90 -81.92 5.93
C GLN G 444 -29.41 -82.07 6.21
N TYR G 445 -28.89 -83.29 6.10
CA TYR G 445 -27.46 -83.49 6.33
C TYR G 445 -26.63 -82.72 5.32
N MET G 446 -26.98 -82.82 4.03
CA MET G 446 -26.20 -82.14 3.01
C MET G 446 -26.39 -80.63 3.05
N THR G 447 -27.51 -80.15 3.58
CA THR G 447 -27.67 -78.71 3.78
C THR G 447 -26.88 -78.22 4.99
N ALA G 448 -26.70 -79.07 6.00
CA ALA G 448 -25.97 -78.68 7.20
C ALA G 448 -24.47 -78.52 6.97
N LYS G 449 -23.95 -78.95 5.80
CA LYS G 449 -22.53 -78.87 5.50
C LYS G 449 -22.22 -77.83 4.43
N ASP G 450 -23.08 -76.81 4.32
CA ASP G 450 -22.87 -75.69 3.38
C ASP G 450 -22.73 -76.19 1.94
N VAL G 451 -23.56 -77.16 1.56
CA VAL G 451 -23.59 -77.67 0.20
C VAL G 451 -24.90 -77.25 -0.43
N VAL G 452 -24.82 -76.58 -1.57
CA VAL G 452 -26.01 -76.16 -2.31
C VAL G 452 -26.55 -77.38 -3.06
N PRO G 453 -27.77 -77.83 -2.75
CA PRO G 453 -28.30 -79.01 -3.44
C PRO G 453 -28.54 -78.76 -4.91
N SER G 454 -28.41 -79.81 -5.70
CA SER G 454 -28.63 -79.74 -7.13
C SER G 454 -30.11 -79.89 -7.45
N SER G 455 -30.47 -79.59 -8.70
CA SER G 455 -31.86 -79.71 -9.12
C SER G 455 -32.34 -81.15 -9.09
N LYS G 456 -31.46 -82.09 -9.47
CA LYS G 456 -31.85 -83.50 -9.48
C LYS G 456 -32.14 -84.01 -8.08
N ALA G 457 -31.33 -83.60 -7.09
CA ALA G 457 -31.56 -84.03 -5.72
C ALA G 457 -32.90 -83.49 -5.20
N TYR G 458 -33.20 -82.23 -5.50
CA TYR G 458 -34.47 -81.65 -5.09
C TYR G 458 -35.64 -82.36 -5.78
N THR G 459 -35.49 -82.70 -7.07
CA THR G 459 -36.51 -83.48 -7.74
C THR G 459 -36.71 -84.84 -7.06
N GLY G 460 -35.61 -85.47 -6.66
CA GLY G 460 -35.72 -86.75 -5.99
C GLY G 460 -36.45 -86.66 -4.66
N VAL G 461 -36.12 -85.65 -3.86
CA VAL G 461 -36.81 -85.52 -2.57
C VAL G 461 -38.27 -85.13 -2.78
N ILE G 462 -38.56 -84.32 -3.81
CA ILE G 462 -39.95 -83.96 -4.12
C ILE G 462 -40.76 -85.20 -4.47
N GLU G 463 -40.20 -86.06 -5.34
CA GLU G 463 -40.92 -87.28 -5.71
C GLU G 463 -41.01 -88.23 -4.53
N ALA G 464 -40.02 -88.23 -3.63
CA ALA G 464 -40.08 -89.06 -2.45
C ALA G 464 -41.24 -88.64 -1.53
N PHE G 465 -41.39 -87.32 -1.34
CA PHE G 465 -42.50 -86.84 -0.51
C PHE G 465 -43.84 -87.12 -1.16
N GLY G 466 -43.91 -87.02 -2.50
CA GLY G 466 -45.15 -87.29 -3.20
C GLY G 466 -45.58 -88.74 -3.18
N GLN G 467 -44.63 -89.66 -2.98
CA GLN G 467 -45.00 -91.08 -2.89
C GLN G 467 -45.88 -91.34 -1.68
N ALA G 468 -45.58 -90.70 -0.56
CA ALA G 468 -46.32 -90.90 0.69
C ALA G 468 -47.46 -89.90 0.88
N ALA G 469 -47.92 -89.28 -0.21
CA ALA G 469 -49.03 -88.33 -0.19
C ALA G 469 -48.75 -87.12 0.71
N LEU G 470 -47.47 -86.82 0.96
CA LEU G 470 -47.08 -85.64 1.72
C LEU G 470 -46.89 -84.47 0.76
N TYR G 471 -48.03 -83.94 0.29
CA TYR G 471 -48.01 -82.90 -0.74
C TYR G 471 -47.38 -81.62 -0.21
N GLU G 472 -47.62 -81.28 1.06
CA GLU G 472 -47.11 -80.03 1.61
C GLU G 472 -45.58 -80.02 1.63
N GLU G 473 -44.96 -81.13 2.03
CA GLU G 473 -43.51 -81.19 2.07
C GLU G 473 -42.92 -81.12 0.65
N ALA G 474 -43.56 -81.79 -0.31
CA ALA G 474 -43.10 -81.71 -1.68
C ALA G 474 -43.20 -80.29 -2.23
N LEU G 475 -44.29 -79.60 -1.92
CA LEU G 475 -44.43 -78.21 -2.36
C LEU G 475 -43.41 -77.30 -1.67
N VAL G 476 -43.12 -77.56 -0.40
CA VAL G 476 -42.10 -76.78 0.30
C VAL G 476 -40.73 -76.97 -0.35
N ALA G 477 -40.40 -78.21 -0.68
CA ALA G 477 -39.13 -78.48 -1.36
C ALA G 477 -39.09 -77.82 -2.74
N PHE G 478 -40.21 -77.87 -3.48
CA PHE G 478 -40.28 -77.24 -4.78
C PHE G 478 -40.07 -75.73 -4.67
N ASN G 479 -40.68 -75.11 -3.65
CA ASN G 479 -40.47 -73.69 -3.42
C ASN G 479 -39.02 -73.39 -3.03
N THR G 480 -38.42 -74.25 -2.22
CA THR G 480 -37.04 -74.07 -1.82
C THR G 480 -36.09 -74.21 -3.01
N MET G 481 -36.49 -74.97 -4.04
CA MET G 481 -35.67 -75.09 -5.24
C MET G 481 -35.30 -73.73 -5.81
N HIS G 482 -36.31 -72.85 -5.97
CA HIS G 482 -36.05 -71.54 -6.55
C HIS G 482 -35.23 -70.66 -5.62
N GLU G 483 -35.38 -70.82 -4.30
CA GLU G 483 -34.67 -69.98 -3.36
C GLU G 483 -33.15 -70.16 -3.48
N VAL G 484 -32.70 -71.41 -3.61
CA VAL G 484 -31.26 -71.68 -3.70
C VAL G 484 -30.74 -71.57 -5.13
N GLY G 485 -31.59 -71.20 -6.09
CA GLY G 485 -31.19 -71.07 -7.47
C GLY G 485 -31.30 -72.33 -8.29
N SER G 486 -31.63 -73.46 -7.69
CA SER G 486 -31.79 -74.71 -8.41
C SER G 486 -33.13 -74.68 -9.14
N ASN G 487 -33.11 -74.25 -10.39
CA ASN G 487 -34.34 -74.10 -11.16
C ASN G 487 -34.95 -75.48 -11.44
N PRO G 488 -36.27 -75.56 -11.54
CA PRO G 488 -36.91 -76.86 -11.84
C PRO G 488 -36.60 -77.30 -13.26
N SER G 489 -36.63 -78.62 -13.45
CA SER G 489 -36.42 -79.24 -14.75
C SER G 489 -37.68 -79.98 -15.17
N ILE G 490 -37.59 -80.65 -16.32
CA ILE G 490 -38.73 -81.44 -16.81
C ILE G 490 -39.02 -82.61 -15.88
N GLU G 491 -37.98 -83.21 -15.28
CA GLU G 491 -38.18 -84.31 -14.36
C GLU G 491 -38.94 -83.86 -13.11
N THR G 492 -38.65 -82.65 -12.63
CA THR G 492 -39.38 -82.13 -11.47
C THR G 492 -40.86 -81.96 -11.77
N PHE G 493 -41.19 -81.42 -12.94
CA PHE G 493 -42.58 -81.26 -13.33
C PHE G 493 -43.26 -82.61 -13.52
N HIS G 494 -42.55 -83.59 -14.08
CA HIS G 494 -43.11 -84.92 -14.23
C HIS G 494 -43.41 -85.54 -12.86
N SER G 495 -42.49 -85.40 -11.91
CA SER G 495 -42.71 -85.94 -10.57
C SER G 495 -43.89 -85.25 -9.89
N LEU G 496 -43.98 -83.93 -10.01
CA LEU G 496 -45.10 -83.20 -9.42
C LEU G 496 -46.42 -83.64 -10.04
N LEU G 497 -46.45 -83.78 -11.37
CA LEU G 497 -47.68 -84.19 -12.04
C LEU G 497 -48.10 -85.59 -11.62
N TYR G 498 -47.17 -86.53 -11.56
CA TYR G 498 -47.51 -87.88 -11.13
C TYR G 498 -48.00 -87.91 -9.68
N SER G 499 -47.32 -87.16 -8.80
CA SER G 499 -47.73 -87.13 -7.40
C SER G 499 -49.12 -86.55 -7.24
N PHE G 500 -49.42 -85.47 -7.97
CA PHE G 500 -50.75 -84.86 -7.87
C PHE G 500 -51.80 -85.72 -8.54
N ALA G 501 -51.45 -86.46 -9.59
CA ALA G 501 -52.40 -87.31 -10.28
C ALA G 501 -52.76 -88.53 -9.46
N ARG G 502 -51.81 -89.07 -8.69
CA ARG G 502 -52.11 -90.21 -7.83
C ARG G 502 -53.20 -89.86 -6.82
N GLY G 503 -53.13 -88.67 -6.24
CA GLY G 503 -54.12 -88.25 -5.25
C GLY G 503 -55.40 -87.69 -5.80
N GLY G 504 -55.48 -87.47 -7.11
CA GLY G 504 -56.67 -86.89 -7.70
C GLY G 504 -56.78 -85.39 -7.62
N LEU G 505 -55.70 -84.71 -7.23
CA LEU G 505 -55.71 -83.25 -7.11
C LEU G 505 -55.54 -82.65 -8.49
N PHE G 506 -56.65 -82.62 -9.25
CA PHE G 506 -56.59 -82.13 -10.62
C PHE G 506 -56.51 -80.62 -10.71
N LYS G 507 -56.93 -79.89 -9.68
CA LYS G 507 -56.70 -78.45 -9.67
C LYS G 507 -55.21 -78.13 -9.66
N GLU G 508 -54.45 -78.84 -8.83
CA GLU G 508 -53.00 -78.73 -8.88
C GLU G 508 -52.46 -79.17 -10.25
N SER G 509 -53.11 -80.15 -10.87
CA SER G 509 -52.68 -80.60 -12.19
C SER G 509 -52.82 -79.48 -13.23
N GLU G 510 -53.96 -78.79 -13.24
CA GLU G 510 -54.13 -77.70 -14.20
C GLU G 510 -53.26 -76.49 -13.84
N VAL G 511 -53.01 -76.26 -12.55
CA VAL G 511 -52.08 -75.20 -12.18
C VAL G 511 -50.67 -75.50 -12.72
N ILE G 512 -50.23 -76.76 -12.57
CA ILE G 512 -48.93 -77.14 -13.08
C ILE G 512 -48.91 -77.09 -14.61
N LEU G 513 -50.02 -77.44 -15.26
CA LEU G 513 -50.07 -77.33 -16.72
C LEU G 513 -49.96 -75.88 -17.17
N SER G 514 -50.62 -74.96 -16.44
CA SER G 514 -50.47 -73.54 -16.74
C SER G 514 -49.04 -73.09 -16.53
N ARG G 515 -48.40 -73.57 -15.46
CA ARG G 515 -46.98 -73.25 -15.23
C ARG G 515 -46.12 -73.74 -16.39
N LEU G 516 -46.39 -74.95 -16.87
CA LEU G 516 -45.63 -75.48 -18.01
C LEU G 516 -45.85 -74.65 -19.26
N VAL G 517 -47.11 -74.28 -19.54
CA VAL G 517 -47.39 -73.56 -20.78
C VAL G 517 -46.79 -72.16 -20.74
N ASN G 518 -46.80 -71.50 -19.58
CA ASN G 518 -46.14 -70.19 -19.51
C ASN G 518 -44.63 -70.31 -19.40
N SER G 519 -44.11 -71.51 -19.07
CA SER G 519 -42.68 -71.74 -19.13
C SER G 519 -42.20 -72.10 -20.53
N GLY G 520 -43.10 -72.45 -21.44
CA GLY G 520 -42.74 -72.76 -22.80
C GLY G 520 -42.19 -74.15 -23.03
N ILE G 521 -42.14 -74.99 -22.00
CA ILE G 521 -41.57 -76.32 -22.14
C ILE G 521 -42.51 -77.19 -22.96
N PRO G 522 -42.02 -77.94 -23.96
CA PRO G 522 -42.89 -78.83 -24.72
C PRO G 522 -43.50 -79.92 -23.83
N ARG G 523 -44.72 -80.32 -24.17
CA ARG G 523 -45.48 -81.29 -23.40
C ARG G 523 -45.31 -82.67 -24.05
N ASN G 524 -44.62 -83.57 -23.36
CA ASN G 524 -44.44 -84.93 -23.83
C ASN G 524 -45.63 -85.79 -23.40
N ARG G 525 -45.55 -87.09 -23.68
CA ARG G 525 -46.62 -88.01 -23.30
C ARG G 525 -46.82 -88.06 -21.80
N ASP G 526 -45.77 -87.78 -21.01
CA ASP G 526 -45.90 -87.82 -19.56
C ASP G 526 -46.91 -86.78 -19.07
N THR G 527 -46.85 -85.56 -19.60
CA THR G 527 -47.81 -84.55 -19.19
C THR G 527 -49.23 -84.97 -19.54
N PHE G 528 -49.44 -85.50 -20.76
CA PHE G 528 -50.77 -85.86 -21.20
C PHE G 528 -51.34 -87.00 -20.36
N ASN G 529 -50.57 -88.07 -20.15
CA ASN G 529 -51.12 -89.20 -19.42
C ASN G 529 -51.22 -88.91 -17.94
N ALA G 530 -50.35 -88.05 -17.39
CA ALA G 530 -50.52 -87.60 -16.02
C ALA G 530 -51.82 -86.82 -15.87
N THR G 531 -52.14 -85.96 -16.83
CA THR G 531 -53.42 -85.25 -16.80
C THR G 531 -54.58 -86.24 -16.90
N ILE G 532 -54.44 -87.25 -17.77
CA ILE G 532 -55.49 -88.25 -17.94
C ILE G 532 -55.77 -88.95 -16.62
N GLU G 533 -54.72 -89.44 -15.96
CA GLU G 533 -54.93 -90.18 -14.71
C GLU G 533 -55.33 -89.26 -13.57
N ALA G 534 -54.92 -87.99 -13.61
CA ALA G 534 -55.38 -87.03 -12.61
C ALA G 534 -56.88 -86.80 -12.71
N TYR G 535 -57.40 -86.65 -13.93
CA TYR G 535 -58.84 -86.51 -14.09
C TYR G 535 -59.56 -87.82 -13.83
N LYS G 536 -58.91 -88.95 -14.10
CA LYS G 536 -59.52 -90.25 -13.81
C LYS G 536 -59.71 -90.44 -12.32
N GLN G 537 -58.66 -90.21 -11.53
CA GLN G 537 -58.77 -90.34 -10.08
C GLN G 537 -59.69 -89.29 -9.49
N GLY G 538 -59.76 -88.11 -10.11
CA GLY G 538 -60.67 -87.08 -9.66
C GLY G 538 -62.11 -87.28 -10.07
N GLY G 539 -62.39 -88.29 -10.88
CA GLY G 539 -63.74 -88.61 -11.27
C GLY G 539 -64.27 -87.83 -12.47
N LYS G 540 -63.47 -86.95 -13.05
CA LYS G 540 -63.92 -86.15 -14.21
C LYS G 540 -63.68 -86.95 -15.48
N PHE G 541 -64.58 -87.90 -15.73
CA PHE G 541 -64.44 -88.78 -16.88
C PHE G 541 -64.60 -88.02 -18.20
N GLU G 542 -65.56 -87.10 -18.27
CA GLU G 542 -65.78 -86.35 -19.51
C GLU G 542 -64.57 -85.48 -19.84
N GLU G 543 -64.02 -84.78 -18.85
CA GLU G 543 -62.81 -84.00 -19.10
C GLU G 543 -61.62 -84.91 -19.38
N ALA G 544 -61.61 -86.11 -18.80
CA ALA G 544 -60.55 -87.07 -19.09
C ALA G 544 -60.55 -87.47 -20.56
N VAL G 545 -61.72 -87.82 -21.09
CA VAL G 545 -61.76 -88.21 -22.50
C VAL G 545 -61.55 -86.99 -23.41
N LYS G 546 -61.96 -85.80 -22.95
CA LYS G 546 -61.65 -84.58 -23.70
C LYS G 546 -60.16 -84.37 -23.82
N THR G 547 -59.43 -84.54 -22.71
CA THR G 547 -57.98 -84.43 -22.76
C THR G 547 -57.36 -85.56 -23.58
N TYR G 548 -57.96 -86.75 -23.55
CA TYR G 548 -57.47 -87.86 -24.37
C TYR G 548 -57.55 -87.52 -25.84
N VAL G 549 -58.70 -87.04 -26.31
CA VAL G 549 -58.83 -86.69 -27.72
C VAL G 549 -57.99 -85.47 -28.06
N ASP G 550 -57.79 -84.53 -27.12
CA ASP G 550 -56.88 -83.43 -27.36
C ASP G 550 -55.46 -83.92 -27.58
N MET G 551 -55.02 -84.90 -26.78
CA MET G 551 -53.70 -85.49 -26.99
C MET G 551 -53.62 -86.21 -28.32
N GLU G 552 -54.68 -86.93 -28.70
CA GLU G 552 -54.67 -87.63 -29.97
C GLU G 552 -54.64 -86.67 -31.14
N LYS G 553 -55.19 -85.47 -30.97
CA LYS G 553 -55.25 -84.50 -32.06
C LYS G 553 -53.86 -84.02 -32.48
N SER G 554 -53.01 -83.67 -31.51
CA SER G 554 -51.80 -82.93 -31.83
C SER G 554 -50.67 -83.82 -32.33
N ARG G 555 -50.16 -84.70 -31.46
CA ARG G 555 -48.94 -85.42 -31.75
C ARG G 555 -48.64 -86.46 -30.66
N CYS G 556 -47.52 -87.17 -30.79
CA CYS G 556 -47.04 -88.17 -29.85
C CYS G 556 -47.86 -89.45 -29.92
N ASP G 557 -47.20 -90.60 -29.74
CA ASP G 557 -47.86 -91.89 -29.82
C ASP G 557 -48.15 -92.39 -28.40
N PRO G 558 -49.41 -92.61 -28.04
CA PRO G 558 -49.71 -93.11 -26.69
C PRO G 558 -49.02 -94.43 -26.42
N ASP G 559 -48.39 -94.54 -25.26
CA ASP G 559 -47.73 -95.76 -24.84
C ASP G 559 -48.77 -96.69 -24.22
N GLU G 560 -48.29 -97.80 -23.63
CA GLU G 560 -49.19 -98.70 -22.92
C GLU G 560 -49.81 -98.02 -21.71
N ARG G 561 -49.12 -97.05 -21.13
CA ARG G 561 -49.65 -96.37 -19.95
C ARG G 561 -50.88 -95.54 -20.29
N THR G 562 -50.88 -94.89 -21.46
CA THR G 562 -52.04 -94.06 -21.83
C THR G 562 -53.28 -94.91 -22.05
N LEU G 563 -53.13 -96.03 -22.78
CA LEU G 563 -54.26 -96.92 -22.98
C LEU G 563 -54.68 -97.58 -21.67
N GLU G 564 -53.73 -97.87 -20.79
CA GLU G 564 -54.08 -98.38 -19.46
C GLU G 564 -54.92 -97.38 -18.69
N ALA G 565 -54.54 -96.10 -18.73
CA ALA G 565 -55.29 -95.07 -18.03
C ALA G 565 -56.69 -94.92 -18.61
N VAL G 566 -56.80 -94.93 -19.94
CA VAL G 566 -58.13 -94.76 -20.54
C VAL G 566 -59.00 -95.98 -20.25
N LEU G 567 -58.40 -97.18 -20.23
CA LEU G 567 -59.15 -98.37 -19.88
C LEU G 567 -59.63 -98.32 -18.42
N SER G 568 -58.76 -97.83 -17.53
CA SER G 568 -59.15 -97.72 -16.13
C SER G 568 -60.28 -96.71 -15.95
N VAL G 569 -60.20 -95.56 -16.62
CA VAL G 569 -61.25 -94.56 -16.48
C VAL G 569 -62.55 -95.05 -17.11
N TYR G 570 -62.47 -95.84 -18.19
CA TYR G 570 -63.69 -96.40 -18.77
C TYR G 570 -64.31 -97.44 -17.84
N SER G 571 -63.50 -98.30 -17.24
CA SER G 571 -64.02 -99.32 -16.33
C SER G 571 -64.63 -98.68 -15.09
N CYS G 572 -64.00 -97.62 -14.57
CA CYS G 572 -64.52 -96.95 -13.39
C CYS G 572 -65.89 -96.35 -13.67
N ALA G 573 -66.08 -95.76 -14.86
CA ALA G 573 -67.35 -95.14 -15.20
C ALA G 573 -68.27 -96.09 -15.98
N ARG G 574 -68.44 -97.30 -15.45
CA ARG G 574 -69.47 -98.27 -15.88
C ARG G 574 -69.69 -98.27 -17.39
N LEU G 575 -68.64 -98.60 -18.13
CA LEU G 575 -68.69 -98.70 -19.59
C LEU G 575 -68.01 -99.99 -20.04
N VAL G 576 -68.81 -101.06 -20.15
CA VAL G 576 -68.27 -102.36 -20.53
C VAL G 576 -67.89 -102.38 -22.00
N ASP G 577 -68.67 -101.70 -22.86
CA ASP G 577 -68.46 -101.79 -24.29
C ASP G 577 -67.14 -101.17 -24.71
N GLU G 578 -66.86 -99.95 -24.26
CA GLU G 578 -65.58 -99.33 -24.58
C GLU G 578 -64.43 -100.13 -23.99
N CYS G 579 -64.62 -100.69 -22.80
CA CYS G 579 -63.58 -101.49 -22.16
C CYS G 579 -63.23 -102.71 -23.00
N ARG G 580 -64.25 -103.47 -23.43
CA ARG G 580 -63.99 -104.66 -24.22
C ARG G 580 -63.42 -104.31 -25.59
N GLU G 581 -63.88 -103.21 -26.19
CA GLU G 581 -63.30 -102.79 -27.47
C GLU G 581 -61.82 -102.47 -27.33
N GLN G 582 -61.46 -101.68 -26.32
CA GLN G 582 -60.06 -101.34 -26.11
C GLN G 582 -59.24 -102.57 -25.74
N PHE G 583 -59.84 -103.50 -24.98
CA PHE G 583 -59.13 -104.72 -24.59
C PHE G 583 -58.81 -105.58 -25.79
N GLU G 584 -59.78 -105.78 -26.69
CA GLU G 584 -59.52 -106.59 -27.88
C GLU G 584 -58.63 -105.85 -28.87
N GLU G 585 -58.63 -104.52 -28.85
CA GLU G 585 -57.75 -103.78 -29.75
C GLU G 585 -56.30 -103.81 -29.27
N MET G 586 -56.08 -103.67 -27.97
CA MET G 586 -54.71 -103.55 -27.46
C MET G 586 -54.00 -104.91 -27.46
N LYS G 587 -54.73 -105.99 -27.17
CA LYS G 587 -54.10 -107.31 -27.12
C LYS G 587 -53.71 -107.84 -28.50
N ALA G 588 -54.12 -107.17 -29.57
CA ALA G 588 -53.77 -107.59 -30.91
C ALA G 588 -52.36 -107.19 -31.32
N SER G 589 -51.66 -106.42 -30.48
CA SER G 589 -50.31 -105.95 -30.80
C SER G 589 -49.22 -106.87 -30.27
N ASP G 590 -49.58 -108.00 -29.67
CA ASP G 590 -48.62 -108.96 -29.10
C ASP G 590 -47.69 -108.25 -28.10
N ILE G 591 -48.33 -107.75 -27.04
CA ILE G 591 -47.66 -106.95 -26.03
C ILE G 591 -47.60 -107.66 -24.68
N LEU G 592 -48.04 -108.91 -24.61
CA LEU G 592 -48.13 -109.66 -23.36
C LEU G 592 -48.93 -108.84 -22.34
N PRO G 593 -50.25 -108.80 -22.45
CA PRO G 593 -51.05 -107.88 -21.63
C PRO G 593 -50.75 -108.03 -20.15
N SER G 594 -50.65 -106.88 -19.48
CA SER G 594 -50.14 -106.82 -18.12
C SER G 594 -51.21 -107.20 -17.10
N ILE G 595 -50.82 -107.16 -15.82
CA ILE G 595 -51.75 -107.46 -14.73
C ILE G 595 -52.87 -106.43 -14.68
N MET G 596 -52.55 -105.18 -15.01
CA MET G 596 -53.50 -104.08 -14.84
C MET G 596 -54.75 -104.29 -15.69
N CYS G 597 -54.57 -104.65 -16.96
CA CYS G 597 -55.71 -104.84 -17.85
C CYS G 597 -56.58 -106.00 -17.39
N TYR G 598 -55.95 -107.11 -17.01
CA TYR G 598 -56.72 -108.27 -16.55
C TYR G 598 -57.52 -107.94 -15.29
N CYS G 599 -56.89 -107.27 -14.32
CA CYS G 599 -57.59 -106.92 -13.09
C CYS G 599 -58.71 -105.94 -13.37
N MET G 600 -58.48 -104.97 -14.24
CA MET G 600 -59.53 -104.00 -14.59
C MET G 600 -60.70 -104.70 -15.28
N MET G 601 -60.40 -105.66 -16.16
CA MET G 601 -61.47 -106.40 -16.82
C MET G 601 -62.25 -107.25 -15.83
N LEU G 602 -61.57 -107.89 -14.89
CA LEU G 602 -62.27 -108.65 -13.86
C LEU G 602 -63.17 -107.73 -13.04
N SER G 603 -62.68 -106.54 -12.69
CA SER G 603 -63.48 -105.59 -11.94
C SER G 603 -64.72 -105.18 -12.72
N VAL G 604 -64.56 -104.76 -13.98
CA VAL G 604 -65.69 -104.27 -14.75
C VAL G 604 -66.69 -105.39 -15.03
N TYR G 605 -66.21 -106.62 -15.23
CA TYR G 605 -67.12 -107.74 -15.43
C TYR G 605 -67.86 -108.09 -14.15
N GLY G 606 -67.20 -107.94 -12.99
CA GLY G 606 -67.90 -108.14 -11.73
C GLY G 606 -68.88 -107.03 -11.40
N LYS G 607 -68.72 -105.85 -12.00
CA LYS G 607 -69.68 -104.78 -11.79
C LYS G 607 -71.06 -105.17 -12.32
N THR G 608 -71.12 -105.82 -13.48
CA THR G 608 -72.37 -106.20 -14.11
C THR G 608 -72.72 -107.67 -13.88
N GLU G 609 -71.99 -108.36 -13.01
CA GLU G 609 -72.17 -109.79 -12.78
C GLU G 609 -72.10 -110.58 -14.07
N SER G 610 -71.00 -110.38 -14.80
CA SER G 610 -70.74 -111.13 -16.03
C SER G 610 -69.86 -112.34 -15.69
N TRP G 611 -70.47 -113.27 -14.97
CA TRP G 611 -69.74 -114.45 -14.50
C TRP G 611 -69.19 -115.28 -15.66
N ASP G 612 -69.92 -115.32 -16.78
CA ASP G 612 -69.41 -116.03 -17.95
C ASP G 612 -68.15 -115.37 -18.50
N ASP G 613 -68.14 -114.03 -18.58
CA ASP G 613 -66.95 -113.33 -19.05
C ASP G 613 -65.80 -113.50 -18.06
N VAL G 614 -66.08 -113.46 -16.76
CA VAL G 614 -65.04 -113.67 -15.75
C VAL G 614 -64.43 -115.06 -15.92
N ASN G 615 -65.28 -116.08 -16.11
CA ASN G 615 -64.77 -117.43 -16.26
C ASN G 615 -63.98 -117.60 -17.55
N GLU G 616 -64.44 -117.00 -18.66
CA GLU G 616 -63.71 -117.17 -19.92
C GLU G 616 -62.39 -116.42 -19.90
N LEU G 617 -62.30 -115.32 -19.15
CA LEU G 617 -60.99 -114.69 -18.96
C LEU G 617 -60.11 -115.53 -18.06
N LEU G 618 -60.68 -116.10 -16.99
CA LEU G 618 -59.89 -116.89 -16.05
C LEU G 618 -59.34 -118.16 -16.71
N GLU G 619 -60.08 -118.73 -17.66
CA GLU G 619 -59.62 -119.96 -18.30
C GLU G 619 -58.28 -119.74 -19.02
N GLU G 620 -58.16 -118.64 -19.76
CA GLU G 620 -56.88 -118.31 -20.39
C GLU G 620 -55.90 -117.68 -19.42
N MET G 621 -56.39 -117.13 -18.30
CA MET G 621 -55.49 -116.52 -17.32
C MET G 621 -54.74 -117.55 -16.49
N LEU G 622 -55.37 -118.70 -16.20
CA LEU G 622 -54.80 -119.66 -15.28
C LEU G 622 -53.47 -120.22 -15.79
N SER G 623 -53.41 -120.60 -17.07
CA SER G 623 -52.22 -121.24 -17.60
C SER G 623 -51.05 -120.26 -17.70
N ASN G 624 -51.19 -119.25 -18.57
CA ASN G 624 -50.20 -118.20 -18.74
C ASN G 624 -48.77 -118.76 -18.82
N ARG G 625 -48.48 -119.52 -19.88
CA ARG G 625 -47.19 -120.19 -20.00
C ARG G 625 -46.03 -119.20 -20.02
N VAL G 626 -46.28 -117.96 -20.46
CA VAL G 626 -45.18 -117.00 -20.63
C VAL G 626 -44.63 -116.56 -19.28
N SER G 627 -45.47 -115.92 -18.47
CA SER G 627 -45.04 -115.32 -17.22
C SER G 627 -45.54 -116.11 -16.02
N ASN G 628 -44.94 -115.85 -14.86
CA ASN G 628 -45.32 -116.47 -13.61
C ASN G 628 -46.24 -115.61 -12.75
N ILE G 629 -46.12 -114.28 -12.85
CA ILE G 629 -46.93 -113.41 -12.02
C ILE G 629 -48.42 -113.58 -12.33
N HIS G 630 -48.76 -113.65 -13.62
CA HIS G 630 -50.15 -113.84 -14.01
C HIS G 630 -50.70 -115.16 -13.52
N GLN G 631 -49.90 -116.23 -13.64
CA GLN G 631 -50.33 -117.53 -13.15
C GLN G 631 -50.59 -117.49 -11.65
N VAL G 632 -49.66 -116.89 -10.90
CA VAL G 632 -49.79 -116.85 -9.44
C VAL G 632 -51.04 -116.08 -9.04
N ILE G 633 -51.26 -114.91 -9.64
CA ILE G 633 -52.40 -114.10 -9.25
C ILE G 633 -53.70 -114.77 -9.67
N GLY G 634 -53.74 -115.38 -10.86
CA GLY G 634 -54.93 -116.05 -11.30
C GLY G 634 -55.29 -117.26 -10.46
N GLN G 635 -54.28 -118.00 -9.97
CA GLN G 635 -54.58 -119.12 -9.09
C GLN G 635 -55.00 -118.64 -7.71
N MET G 636 -54.39 -117.55 -7.21
CA MET G 636 -54.69 -117.12 -5.86
C MET G 636 -56.04 -116.41 -5.76
N ILE G 637 -56.47 -115.69 -6.80
CA ILE G 637 -57.75 -115.01 -6.72
C ILE G 637 -58.90 -116.01 -6.62
N LYS G 638 -58.77 -117.16 -7.28
CA LYS G 638 -59.79 -118.18 -7.22
C LYS G 638 -59.78 -118.95 -5.91
N GLY G 639 -58.76 -118.76 -5.06
CA GLY G 639 -58.70 -119.42 -3.79
C GLY G 639 -57.80 -120.64 -3.72
N ASN G 640 -57.04 -120.92 -4.77
CA ASN G 640 -56.18 -122.11 -4.79
C ASN G 640 -54.91 -121.93 -3.97
N TYR G 641 -54.53 -120.70 -3.66
CA TYR G 641 -53.29 -120.42 -2.94
C TYR G 641 -53.53 -119.93 -1.52
N ASP G 642 -54.75 -120.06 -1.00
CA ASP G 642 -55.08 -119.54 0.32
C ASP G 642 -54.42 -120.32 1.45
N ASP G 643 -53.90 -121.52 1.18
CA ASP G 643 -53.25 -122.31 2.21
C ASP G 643 -51.94 -121.65 2.65
N ASP G 644 -51.50 -121.99 3.86
CA ASP G 644 -50.27 -121.42 4.40
C ASP G 644 -49.07 -121.77 3.53
N SER G 645 -48.99 -123.03 3.09
CA SER G 645 -47.88 -123.43 2.22
C SER G 645 -48.05 -122.90 0.80
N ASN G 646 -49.30 -122.61 0.39
CA ASN G 646 -49.58 -122.14 -0.95
C ASN G 646 -49.62 -120.61 -1.05
N TRP G 647 -49.49 -119.90 0.07
CA TRP G 647 -49.45 -118.44 0.03
C TRP G 647 -48.02 -117.90 -0.03
N GLN G 648 -47.02 -118.74 0.22
CA GLN G 648 -45.64 -118.27 0.19
C GLN G 648 -45.18 -117.97 -1.23
N ILE G 649 -45.68 -118.71 -2.22
CA ILE G 649 -45.39 -118.36 -3.61
C ILE G 649 -45.95 -116.99 -3.94
N VAL G 650 -47.16 -116.69 -3.46
CA VAL G 650 -47.77 -115.39 -3.68
C VAL G 650 -46.95 -114.30 -3.00
N GLU G 651 -46.52 -114.54 -1.76
CA GLU G 651 -45.73 -113.51 -1.07
C GLU G 651 -44.38 -113.31 -1.74
N TYR G 652 -43.78 -114.38 -2.27
CA TYR G 652 -42.49 -114.24 -2.94
C TYR G 652 -42.64 -113.48 -4.26
N VAL G 653 -43.72 -113.75 -5.00
CA VAL G 653 -43.92 -113.00 -6.24
C VAL G 653 -44.25 -111.54 -5.93
N LEU G 654 -44.95 -111.28 -4.83
CA LEU G 654 -45.18 -109.89 -4.41
C LEU G 654 -43.88 -109.20 -4.05
N ASP G 655 -42.99 -109.88 -3.33
CA ASP G 655 -41.70 -109.30 -2.98
C ASP G 655 -40.87 -109.03 -4.23
N LYS G 656 -40.90 -109.95 -5.19
CA LYS G 656 -40.20 -109.72 -6.45
C LYS G 656 -40.77 -108.52 -7.19
N LEU G 657 -42.11 -108.40 -7.21
CA LEU G 657 -42.74 -107.28 -7.88
C LEU G 657 -42.50 -105.96 -7.15
N ASN G 658 -42.25 -106.00 -5.85
CA ASN G 658 -42.00 -104.77 -5.10
C ASN G 658 -40.55 -104.33 -5.26
N SER G 659 -40.11 -104.19 -6.51
CA SER G 659 -38.79 -103.66 -6.82
C SER G 659 -38.81 -102.67 -7.96
N GLU G 660 -39.91 -102.55 -8.70
CA GLU G 660 -40.02 -101.58 -9.79
C GLU G 660 -40.37 -100.18 -9.30
N GLY G 661 -40.82 -100.04 -8.05
CA GLY G 661 -41.15 -98.74 -7.50
C GLY G 661 -42.54 -98.68 -6.88
N CYS G 662 -42.67 -97.80 -5.88
CA CYS G 662 -43.97 -97.62 -5.24
C CYS G 662 -45.00 -97.04 -6.20
N GLY G 663 -44.54 -96.28 -7.20
CA GLY G 663 -45.46 -95.77 -8.20
C GLY G 663 -46.17 -96.86 -8.96
N LEU G 664 -45.45 -97.93 -9.32
CA LEU G 664 -46.08 -99.08 -9.95
C LEU G 664 -46.83 -99.92 -8.92
N GLY G 665 -46.30 -100.02 -7.71
CA GLY G 665 -46.92 -100.85 -6.69
C GLY G 665 -48.31 -100.37 -6.29
N ILE G 666 -48.49 -99.05 -6.17
CA ILE G 666 -49.78 -98.52 -5.77
C ILE G 666 -50.83 -98.82 -6.83
N ARG G 667 -50.48 -98.66 -8.11
CA ARG G 667 -51.44 -98.97 -9.18
C ARG G 667 -51.74 -100.46 -9.23
N PHE G 668 -50.72 -101.29 -9.06
CA PHE G 668 -50.94 -102.74 -9.07
C PHE G 668 -51.86 -103.15 -7.93
N TYR G 669 -51.66 -102.58 -6.74
CA TYR G 669 -52.52 -102.90 -5.60
C TYR G 669 -53.93 -102.36 -5.81
N ASN G 670 -54.06 -101.18 -6.40
CA ASN G 670 -55.39 -100.67 -6.72
C ASN G 670 -56.13 -101.62 -7.65
N ALA G 671 -55.44 -102.09 -8.70
CA ALA G 671 -56.08 -103.00 -9.65
C ALA G 671 -56.49 -104.30 -8.98
N LEU G 672 -55.59 -104.92 -8.22
CA LEU G 672 -55.93 -106.21 -7.62
C LEU G 672 -57.01 -106.06 -6.55
N LEU G 673 -57.00 -104.95 -5.80
CA LEU G 673 -58.02 -104.76 -4.78
C LEU G 673 -59.39 -104.52 -5.41
N ASP G 674 -59.44 -103.74 -6.49
CA ASP G 674 -60.70 -103.55 -7.20
C ASP G 674 -61.22 -104.89 -7.73
N ALA G 675 -60.33 -105.69 -8.34
CA ALA G 675 -60.74 -106.98 -8.85
C ALA G 675 -61.27 -107.88 -7.75
N LEU G 676 -60.53 -107.96 -6.64
CA LEU G 676 -60.95 -108.84 -5.54
C LEU G 676 -62.26 -108.39 -4.92
N TRP G 677 -62.46 -107.08 -4.77
CA TRP G 677 -63.69 -106.59 -4.19
C TRP G 677 -64.89 -106.86 -5.09
N TRP G 678 -64.73 -106.62 -6.40
CA TRP G 678 -65.86 -106.77 -7.32
C TRP G 678 -66.01 -108.18 -7.85
N LEU G 679 -65.18 -109.13 -7.42
CA LEU G 679 -65.36 -110.54 -7.74
C LEU G 679 -65.80 -111.36 -6.53
N GLY G 680 -66.27 -110.69 -5.48
CA GLY G 680 -66.78 -111.38 -4.30
C GLY G 680 -65.73 -111.89 -3.35
N GLN G 681 -64.46 -111.60 -3.58
CA GLN G 681 -63.38 -112.05 -2.68
C GLN G 681 -63.02 -110.96 -1.69
N LYS G 682 -63.99 -110.64 -0.82
CA LYS G 682 -63.79 -109.58 0.17
C LYS G 682 -62.74 -109.97 1.19
N GLU G 683 -62.76 -111.23 1.66
CA GLU G 683 -61.74 -111.68 2.60
C GLU G 683 -60.36 -111.68 1.97
N ARG G 684 -60.26 -112.13 0.71
CA ARG G 684 -58.99 -112.09 0.02
C ARG G 684 -58.52 -110.66 -0.19
N ALA G 685 -59.44 -109.75 -0.51
CA ALA G 685 -59.07 -108.35 -0.64
C ALA G 685 -58.54 -107.80 0.68
N ALA G 686 -59.19 -108.18 1.80
CA ALA G 686 -58.74 -107.71 3.10
C ALA G 686 -57.35 -108.23 3.43
N ARG G 687 -57.10 -109.52 3.17
CA ARG G 687 -55.78 -110.08 3.49
C ARG G 687 -54.70 -109.51 2.58
N VAL G 688 -55.02 -109.26 1.31
CA VAL G 688 -54.04 -108.67 0.40
C VAL G 688 -53.73 -107.23 0.80
N LEU G 689 -54.75 -106.47 1.22
CA LEU G 689 -54.51 -105.13 1.74
C LEU G 689 -53.66 -105.17 2.99
N ASN G 690 -53.91 -106.15 3.87
CA ASN G 690 -53.13 -106.26 5.10
C ASN G 690 -51.67 -106.57 4.80
N GLU G 691 -51.41 -107.47 3.85
CA GLU G 691 -50.02 -107.78 3.51
C GLU G 691 -49.38 -106.64 2.72
N ALA G 692 -50.19 -105.82 2.04
CA ALA G 692 -49.65 -104.66 1.34
C ALA G 692 -49.27 -103.53 2.29
N THR G 693 -50.03 -103.36 3.37
CA THR G 693 -49.77 -102.27 4.30
C THR G 693 -48.40 -102.42 4.96
N LYS G 694 -48.08 -103.62 5.44
CA LYS G 694 -46.78 -103.85 6.04
C LYS G 694 -45.65 -103.89 5.02
N ARG G 695 -45.97 -103.98 3.73
CA ARG G 695 -44.92 -103.92 2.72
C ARG G 695 -44.41 -102.49 2.54
N GLY G 696 -45.30 -101.51 2.55
CA GLY G 696 -44.91 -100.12 2.41
C GLY G 696 -45.84 -99.29 1.54
N ILE G 697 -46.71 -99.98 0.80
CA ILE G 697 -47.66 -99.29 -0.07
C ILE G 697 -48.81 -98.74 0.77
N PHE G 698 -49.34 -97.59 0.35
CA PHE G 698 -50.37 -96.84 1.07
C PHE G 698 -49.89 -96.49 2.47
N PRO G 699 -48.86 -95.65 2.61
CA PRO G 699 -48.38 -95.30 3.96
C PRO G 699 -49.30 -94.38 4.73
N GLU G 700 -50.22 -93.69 4.05
CA GLU G 700 -51.13 -92.76 4.70
C GLU G 700 -52.48 -93.40 5.03
N LEU G 701 -52.60 -94.72 4.86
CA LEU G 701 -53.90 -95.36 4.93
C LEU G 701 -54.54 -95.22 6.31
N PHE G 702 -53.76 -95.43 7.38
CA PHE G 702 -54.31 -95.47 8.73
C PHE G 702 -53.52 -94.59 9.67
N ARG G 703 -54.22 -93.93 10.58
CA ARG G 703 -53.60 -93.17 11.67
C ARG G 703 -54.35 -93.46 12.96
N LYS G 704 -53.61 -93.79 14.01
CA LYS G 704 -54.20 -94.14 15.30
C LYS G 704 -53.55 -93.29 16.39
N ASN G 705 -54.38 -92.52 17.10
CA ASN G 705 -53.90 -91.71 18.21
C ASN G 705 -55.09 -91.26 19.03
N LYS G 706 -54.79 -90.62 20.17
CA LYS G 706 -55.83 -90.14 21.07
C LYS G 706 -56.73 -89.10 20.42
N LEU G 707 -56.25 -88.43 19.38
CA LEU G 707 -57.00 -87.34 18.75
C LEU G 707 -57.96 -87.86 17.67
N VAL G 708 -57.42 -88.52 16.64
CA VAL G 708 -58.23 -88.91 15.49
C VAL G 708 -57.80 -90.30 15.02
N TRP G 709 -58.78 -91.12 14.65
CA TRP G 709 -58.57 -92.33 13.88
C TRP G 709 -59.03 -92.06 12.46
N SER G 710 -58.11 -92.17 11.50
CA SER G 710 -58.37 -91.75 10.14
C SER G 710 -58.13 -92.88 9.15
N VAL G 711 -58.86 -92.81 8.03
CA VAL G 711 -58.62 -93.67 6.87
C VAL G 711 -58.55 -92.77 5.64
N ASP G 712 -57.48 -92.92 4.87
CA ASP G 712 -57.26 -92.08 3.69
C ASP G 712 -57.50 -92.91 2.43
N VAL G 713 -58.36 -92.39 1.55
CA VAL G 713 -58.78 -93.11 0.36
C VAL G 713 -58.67 -92.28 -0.91
N HIS G 714 -58.14 -91.06 -0.83
CA HIS G 714 -58.14 -90.18 -2.00
C HIS G 714 -57.25 -90.72 -3.12
N ARG G 715 -56.22 -91.50 -2.78
CA ARG G 715 -55.38 -92.12 -3.80
C ARG G 715 -55.86 -93.49 -4.23
N MET G 716 -56.87 -94.04 -3.57
CA MET G 716 -57.36 -95.38 -3.87
C MET G 716 -58.45 -95.34 -4.94
N SER G 717 -58.79 -96.52 -5.44
CA SER G 717 -59.91 -96.69 -6.35
C SER G 717 -61.18 -96.95 -5.55
N GLU G 718 -62.29 -97.10 -6.25
CA GLU G 718 -63.57 -97.37 -5.58
C GLU G 718 -63.53 -98.72 -4.87
N GLY G 719 -62.98 -99.74 -5.52
CA GLY G 719 -62.87 -101.04 -4.89
C GLY G 719 -61.92 -101.05 -3.70
N GLY G 720 -60.75 -100.42 -3.85
CA GLY G 720 -59.81 -100.34 -2.76
C GLY G 720 -60.33 -99.55 -1.58
N MET G 721 -61.09 -98.48 -1.85
CA MET G 721 -61.69 -97.70 -0.77
C MET G 721 -62.68 -98.55 0.03
N TYR G 722 -63.50 -99.35 -0.66
CA TYR G 722 -64.46 -100.20 0.03
C TYR G 722 -63.76 -101.24 0.90
N THR G 723 -62.68 -101.84 0.38
CA THR G 723 -61.93 -102.81 1.18
C THR G 723 -61.29 -102.15 2.40
N ALA G 724 -60.71 -100.97 2.22
CA ALA G 724 -60.12 -100.26 3.35
C ALA G 724 -61.18 -99.86 4.37
N LEU G 725 -62.33 -99.38 3.90
CA LEU G 725 -63.41 -99.03 4.82
C LEU G 725 -63.92 -100.25 5.57
N SER G 726 -64.00 -101.40 4.88
CA SER G 726 -64.49 -102.62 5.52
C SER G 726 -63.60 -103.01 6.70
N VAL G 727 -62.28 -102.96 6.51
CA VAL G 727 -61.38 -103.34 7.59
C VAL G 727 -61.21 -102.21 8.62
N TRP G 728 -61.45 -100.97 8.22
CA TRP G 728 -61.36 -99.87 9.19
C TRP G 728 -62.54 -99.88 10.15
N LEU G 729 -63.75 -100.15 9.63
CA LEU G 729 -64.92 -100.25 10.49
C LEU G 729 -64.80 -101.42 11.46
N ASN G 730 -64.25 -102.54 10.99
CA ASN G 730 -64.07 -103.69 11.86
C ASN G 730 -63.11 -103.36 13.00
N ASP G 731 -62.03 -102.65 12.72
CA ASP G 731 -61.07 -102.32 13.75
C ASP G 731 -61.65 -101.31 14.74
N LEU G 732 -62.55 -100.43 14.28
CA LEU G 732 -63.24 -99.53 15.19
C LEU G 732 -64.14 -100.29 16.15
N SER G 733 -64.75 -101.39 15.70
CA SER G 733 -65.57 -102.20 16.59
C SER G 733 -64.74 -103.01 17.58
N ASP G 734 -63.44 -103.19 17.33
CA ASP G 734 -62.59 -103.90 18.28
C ASP G 734 -62.48 -103.13 19.59
N ILE G 735 -62.34 -101.81 19.52
CA ILE G 735 -62.44 -100.97 20.71
C ILE G 735 -63.93 -100.84 21.03
N LEU G 736 -64.24 -100.32 22.23
CA LEU G 736 -65.53 -100.37 22.92
C LEU G 736 -65.75 -101.74 23.54
N VAL G 737 -64.86 -102.71 23.28
CA VAL G 737 -64.85 -103.96 24.04
C VAL G 737 -63.85 -103.89 25.18
N LYS G 738 -62.96 -102.91 25.19
CA LYS G 738 -61.97 -102.72 26.23
C LYS G 738 -62.04 -101.28 26.75
N GLY G 739 -61.59 -101.09 27.98
CA GLY G 739 -61.60 -99.77 28.59
C GLY G 739 -60.34 -98.98 28.33
N GLN G 740 -59.90 -98.94 27.08
CA GLN G 740 -58.68 -98.26 26.67
C GLN G 740 -58.97 -96.93 25.96
N ASP G 741 -59.97 -96.21 26.45
CA ASP G 741 -60.34 -94.88 25.95
C ASP G 741 -60.80 -94.91 24.50
N LEU G 742 -61.02 -93.74 23.92
CA LEU G 742 -61.58 -93.61 22.58
C LEU G 742 -61.07 -92.32 21.98
N PRO G 743 -60.75 -92.30 20.69
CA PRO G 743 -60.29 -91.05 20.07
C PRO G 743 -61.39 -90.01 20.01
N GLN G 744 -60.97 -88.74 20.08
CA GLN G 744 -61.93 -87.64 20.03
C GLN G 744 -62.67 -87.57 18.70
N LEU G 745 -62.17 -88.22 17.66
CA LEU G 745 -62.75 -88.08 16.34
C LEU G 745 -62.36 -89.27 15.49
N ALA G 746 -63.27 -89.66 14.59
CA ALA G 746 -62.99 -90.66 13.55
C ALA G 746 -63.37 -90.05 12.22
N VAL G 747 -62.42 -90.03 11.28
CA VAL G 747 -62.59 -89.31 10.02
C VAL G 747 -62.29 -90.23 8.85
N VAL G 748 -62.81 -89.83 7.69
CA VAL G 748 -62.52 -90.49 6.42
C VAL G 748 -62.05 -89.39 5.46
N VAL G 749 -60.81 -89.51 4.99
CA VAL G 749 -60.24 -88.48 4.09
C VAL G 749 -60.63 -88.90 2.67
N SER G 750 -61.84 -88.52 2.28
CA SER G 750 -62.32 -88.85 0.95
C SER G 750 -61.64 -88.00 -0.11
N VAL G 751 -61.52 -86.69 0.12
CA VAL G 751 -60.89 -85.77 -0.81
C VAL G 751 -59.85 -84.96 -0.05
N ARG G 752 -58.64 -84.91 -0.60
CA ARG G 752 -57.53 -84.14 -0.02
C ARG G 752 -56.97 -83.22 -1.09
N GLY G 753 -56.90 -81.93 -0.80
CA GLY G 753 -56.32 -80.97 -1.71
C GLY G 753 -57.09 -79.67 -1.68
N GLN G 754 -57.01 -78.94 -2.80
CA GLN G 754 -57.70 -77.66 -2.93
C GLN G 754 -59.22 -77.84 -2.93
N LEU G 755 -59.70 -79.00 -3.37
CA LEU G 755 -61.14 -79.23 -3.47
C LEU G 755 -61.83 -79.25 -2.11
N GLU G 756 -61.07 -79.37 -1.02
CA GLU G 756 -61.67 -79.46 0.30
C GLU G 756 -62.45 -78.19 0.64
N LYS G 757 -61.87 -77.03 0.35
CA LYS G 757 -62.52 -75.74 0.62
C LYS G 757 -63.42 -75.32 -0.52
N SER G 758 -64.31 -76.22 -0.92
CA SER G 758 -65.25 -75.95 -2.01
C SER G 758 -66.38 -76.97 -1.93
N SER G 759 -67.49 -76.64 -2.58
CA SER G 759 -68.61 -77.56 -2.69
C SER G 759 -68.45 -78.53 -3.86
N ALA G 760 -67.40 -78.38 -4.67
CA ALA G 760 -67.19 -79.29 -5.78
C ALA G 760 -66.85 -80.69 -5.30
N ALA G 761 -66.06 -80.79 -4.22
CA ALA G 761 -65.69 -82.10 -3.67
C ALA G 761 -66.88 -82.83 -3.07
N ARG G 762 -68.00 -82.16 -2.83
CA ARG G 762 -69.18 -82.82 -2.29
C ARG G 762 -69.72 -83.86 -3.26
N GLU G 763 -69.66 -83.57 -4.56
CA GLU G 763 -70.17 -84.47 -5.58
C GLU G 763 -69.09 -85.37 -6.18
N SER G 764 -67.90 -85.38 -5.60
CA SER G 764 -66.83 -86.24 -6.11
C SER G 764 -67.23 -87.70 -5.95
N PRO G 765 -66.88 -88.56 -6.91
CA PRO G 765 -67.25 -89.98 -6.79
C PRO G 765 -66.71 -90.64 -5.53
N ILE G 766 -65.50 -90.29 -5.12
CA ILE G 766 -64.93 -90.87 -3.90
C ILE G 766 -65.77 -90.49 -2.70
N THR G 767 -66.13 -89.21 -2.59
CA THR G 767 -66.88 -88.74 -1.44
C THR G 767 -68.25 -89.40 -1.35
N ARG G 768 -68.99 -89.40 -2.47
CA ARG G 768 -70.32 -89.99 -2.45
C ARG G 768 -70.26 -91.49 -2.22
N ALA G 769 -69.27 -92.18 -2.81
CA ALA G 769 -69.14 -93.61 -2.61
C ALA G 769 -68.86 -93.94 -1.15
N ALA G 770 -67.91 -93.24 -0.54
CA ALA G 770 -67.60 -93.48 0.87
C ALA G 770 -68.79 -93.16 1.76
N PHE G 771 -69.48 -92.05 1.48
CA PHE G 771 -70.64 -91.66 2.29
C PHE G 771 -71.74 -92.70 2.19
N SER G 772 -72.02 -93.20 0.98
CA SER G 772 -73.08 -94.19 0.81
C SER G 772 -72.69 -95.51 1.48
N PHE G 773 -71.42 -95.91 1.36
CA PHE G 773 -70.97 -97.14 2.02
C PHE G 773 -71.14 -97.03 3.53
N LEU G 774 -70.70 -95.92 4.11
CA LEU G 774 -70.84 -95.74 5.55
C LEU G 774 -72.30 -95.66 5.97
N GLN G 775 -73.12 -94.99 5.16
CA GLN G 775 -74.54 -94.84 5.50
C GLN G 775 -75.26 -96.19 5.48
N ASP G 776 -75.00 -97.01 4.46
CA ASP G 776 -75.69 -98.28 4.37
C ASP G 776 -75.03 -99.38 5.18
N HIS G 777 -73.87 -99.13 5.80
CA HIS G 777 -73.30 -100.11 6.72
C HIS G 777 -73.52 -99.77 8.19
N VAL G 778 -73.25 -98.54 8.61
CA VAL G 778 -73.37 -98.19 10.02
C VAL G 778 -74.45 -97.13 10.23
N SER G 779 -75.47 -97.14 9.37
CA SER G 779 -76.66 -96.29 9.53
C SER G 779 -76.25 -94.83 9.47
N SER G 780 -77.04 -93.96 10.09
CA SER G 780 -76.81 -92.51 10.04
C SER G 780 -75.98 -92.08 11.25
N SER G 781 -74.74 -92.56 11.29
CA SER G 781 -73.79 -92.22 12.34
C SER G 781 -72.62 -91.39 11.85
N PHE G 782 -72.14 -91.64 10.62
CA PHE G 782 -71.02 -90.89 10.05
C PHE G 782 -71.57 -89.77 9.19
N SER G 783 -71.55 -88.55 9.72
CA SER G 783 -72.02 -87.38 9.00
C SER G 783 -70.85 -86.61 8.40
N PHE G 784 -71.17 -85.65 7.54
CA PHE G 784 -70.16 -84.82 6.92
C PHE G 784 -69.64 -83.77 7.90
N THR G 785 -68.60 -83.05 7.46
CA THR G 785 -68.00 -81.99 8.25
C THR G 785 -68.57 -80.65 7.82
N GLY G 786 -68.94 -79.81 8.79
CA GLY G 786 -69.44 -78.49 8.50
C GLY G 786 -68.40 -77.47 8.12
N TRP G 787 -67.12 -77.84 8.16
CA TRP G 787 -66.03 -76.95 7.80
C TRP G 787 -65.21 -77.43 6.61
N ASN G 788 -65.19 -78.72 6.33
CA ASN G 788 -64.43 -79.28 5.22
C ASN G 788 -65.37 -80.02 4.28
N GLY G 789 -65.18 -79.80 2.98
CA GLY G 789 -66.03 -80.37 1.96
C GLY G 789 -65.63 -81.75 1.46
N GLY G 790 -64.62 -82.38 2.05
CA GLY G 790 -64.19 -83.68 1.59
C GLY G 790 -63.87 -84.66 2.69
N ARG G 791 -64.54 -84.53 3.84
CA ARG G 791 -64.30 -85.39 4.98
C ARG G 791 -65.62 -85.90 5.54
N ILE G 792 -65.59 -87.14 6.01
CA ILE G 792 -66.71 -87.75 6.73
C ILE G 792 -66.28 -87.95 8.16
N MET G 793 -67.04 -87.38 9.10
CA MET G 793 -66.63 -87.30 10.48
C MET G 793 -67.63 -88.03 11.38
N CYS G 794 -67.18 -88.33 12.60
CA CYS G 794 -68.04 -88.98 13.58
C CYS G 794 -67.45 -88.68 14.97
N GLN G 795 -68.19 -87.93 15.77
CA GLN G 795 -67.71 -87.51 17.08
C GLN G 795 -67.60 -88.70 18.02
N ARG G 796 -66.84 -88.50 19.11
CA ARG G 796 -66.64 -89.57 20.09
C ARG G 796 -67.95 -89.99 20.74
N SER G 797 -68.85 -89.03 20.97
CA SER G 797 -70.16 -89.38 21.54
C SER G 797 -70.92 -90.32 20.61
N GLN G 798 -70.90 -90.04 19.31
CA GLN G 798 -71.54 -90.94 18.36
C GLN G 798 -70.74 -92.21 18.13
N LEU G 799 -69.47 -92.22 18.54
CA LEU G 799 -68.71 -93.47 18.53
C LEU G 799 -69.08 -94.37 19.69
N LYS G 800 -69.42 -93.78 20.84
CA LYS G 800 -69.79 -94.59 22.01
C LYS G 800 -71.04 -95.42 21.74
N GLN G 801 -72.03 -94.84 21.06
CA GLN G 801 -73.25 -95.57 20.76
C GLN G 801 -73.06 -96.59 19.65
N LEU G 802 -72.01 -96.44 18.84
CA LEU G 802 -71.79 -97.31 17.69
C LEU G 802 -71.55 -98.76 18.12
N ASN G 817 -66.83 -106.78 14.56
CA ASN G 817 -67.33 -107.28 13.29
C ASN G 817 -68.55 -106.50 12.82
N ILE G 818 -68.32 -105.49 11.98
CA ILE G 818 -69.40 -104.70 11.41
C ILE G 818 -69.68 -105.08 9.96
N VAL G 819 -68.63 -105.27 9.16
CA VAL G 819 -68.77 -105.63 7.75
C VAL G 819 -68.42 -107.10 7.59
N ALA G 820 -69.29 -107.84 6.92
CA ALA G 820 -69.09 -109.27 6.71
C ALA G 820 -68.17 -109.50 5.52
N LEU G 821 -67.00 -110.10 5.78
CA LEU G 821 -66.03 -110.41 4.74
C LEU G 821 -66.09 -111.92 4.47
N THR G 822 -66.52 -112.28 3.26
CA THR G 822 -66.65 -113.68 2.87
C THR G 822 -66.14 -113.85 1.45
N ASN G 823 -65.76 -115.09 1.15
CA ASN G 823 -65.31 -115.46 -0.19
C ASN G 823 -66.47 -116.10 -0.95
N SER G 824 -66.71 -115.63 -2.16
CA SER G 824 -67.80 -116.14 -2.99
C SER G 824 -67.55 -117.59 -3.40
N THR H 67 35.69 38.67 37.65
CA THR H 67 34.63 39.04 38.58
C THR H 67 33.91 40.29 38.10
N GLU H 68 32.77 40.60 38.72
CA GLU H 68 31.98 41.77 38.35
C GLU H 68 32.39 43.01 39.15
N ASP H 69 33.68 43.25 39.25
CA ASP H 69 34.25 44.53 39.65
C ASP H 69 35.37 44.95 38.73
N GLU H 70 36.18 44.00 38.25
CA GLU H 70 37.23 44.27 37.29
C GLU H 70 36.75 44.23 35.86
N ALA H 71 35.69 43.45 35.59
CA ALA H 71 35.09 43.48 34.26
C ALA H 71 34.48 44.84 33.96
N ARG H 72 33.81 45.44 34.94
CA ARG H 72 33.25 46.78 34.76
C ARG H 72 34.35 47.81 34.55
N ARG H 73 35.44 47.71 35.33
CA ARG H 73 36.56 48.63 35.15
C ARG H 73 37.18 48.47 33.77
N ARG H 74 37.35 47.24 33.32
CA ARG H 74 37.90 47.00 31.99
C ARG H 74 36.97 47.53 30.91
N ASN H 75 35.66 47.37 31.08
CA ASN H 75 34.72 47.96 30.12
C ASN H 75 34.87 49.47 30.06
N TRP H 76 34.92 50.12 31.22
CA TRP H 76 35.10 51.57 31.26
C TRP H 76 36.37 51.98 30.55
N ILE H 77 37.49 51.31 30.85
CA ILE H 77 38.77 51.78 30.36
C ILE H 77 38.96 51.46 28.88
N GLU H 78 38.71 50.21 28.48
CA GLU H 78 39.03 49.77 27.13
C GLU H 78 37.88 49.93 26.13
N ARG H 79 36.64 50.03 26.60
CA ARG H 79 35.50 50.03 25.69
C ARG H 79 34.59 51.24 25.87
N GLY H 80 34.98 52.21 26.68
CA GLY H 80 34.23 53.45 26.78
C GLY H 80 32.90 53.37 27.48
N TRP H 81 32.68 52.34 28.30
CA TRP H 81 31.41 52.21 29.00
C TRP H 81 31.24 53.30 30.04
N ALA H 82 30.00 53.75 30.23
CA ALA H 82 29.64 54.71 31.26
C ALA H 82 28.16 54.56 31.55
N PRO H 83 27.73 54.67 32.80
CA PRO H 83 26.30 54.51 33.12
C PRO H 83 25.49 55.78 32.89
N TRP H 84 25.32 56.13 31.61
CA TRP H 84 24.55 57.31 31.26
C TRP H 84 23.09 57.13 31.68
N GLU H 85 22.47 58.23 32.10
CA GLU H 85 21.10 58.17 32.57
C GLU H 85 20.15 57.93 31.42
N GLU H 86 19.28 56.93 31.57
CA GLU H 86 18.24 56.62 30.60
C GLU H 86 16.94 57.26 31.08
N ILE H 87 16.55 58.35 30.43
CA ILE H 87 15.30 59.03 30.76
C ILE H 87 14.17 58.26 30.07
N LEU H 88 13.31 57.63 30.87
CA LEU H 88 12.31 56.70 30.37
C LEU H 88 10.91 57.31 30.47
N THR H 89 10.05 56.86 29.58
CA THR H 89 8.63 57.16 29.67
C THR H 89 8.01 56.32 30.79
N PRO H 90 6.82 56.69 31.28
CA PRO H 90 6.15 55.84 32.27
C PRO H 90 5.96 54.41 31.80
N GLU H 91 5.72 54.19 30.52
CA GLU H 91 5.53 52.84 30.01
C GLU H 91 6.80 52.02 30.11
N ALA H 92 7.94 52.59 29.69
CA ALA H 92 9.20 51.87 29.75
C ALA H 92 9.64 51.67 31.20
N ASP H 93 9.44 52.67 32.06
CA ASP H 93 9.76 52.51 33.47
C ASP H 93 8.91 51.42 34.11
N PHE H 94 7.62 51.38 33.79
CA PHE H 94 6.76 50.31 34.32
C PHE H 94 7.17 48.95 33.78
N ALA H 95 7.58 48.89 32.50
CA ALA H 95 8.03 47.63 31.94
C ALA H 95 9.28 47.12 32.64
N ARG H 96 10.21 48.02 32.96
CA ARG H 96 11.42 47.60 33.67
C ARG H 96 11.13 47.21 35.11
N LYS H 97 10.28 47.98 35.80
CA LYS H 97 10.03 47.72 37.21
C LYS H 97 9.10 46.53 37.44
N SER H 98 8.23 46.21 36.48
CA SER H 98 7.25 45.16 36.68
C SER H 98 7.69 43.81 36.17
N LEU H 99 8.52 43.77 35.12
CA LEU H 99 9.03 42.50 34.61
C LEU H 99 10.08 41.89 35.54
N ASN H 100 10.57 42.64 36.52
CA ASN H 100 11.49 42.08 37.51
C ASN H 100 10.79 41.15 38.50
N GLU H 101 9.46 41.18 38.57
CA GLU H 101 8.75 40.33 39.51
C GLU H 101 8.32 39.01 38.89
N GLY H 102 7.73 39.05 37.71
CA GLY H 102 7.29 37.83 37.06
C GLY H 102 6.52 38.15 35.79
N GLU H 103 5.92 37.10 35.23
CA GLU H 103 5.19 37.25 33.97
C GLU H 103 3.78 37.79 34.22
N GLU H 104 2.96 37.05 34.95
CA GLU H 104 1.62 37.48 35.33
C GLU H 104 1.47 37.23 36.82
N VAL H 105 1.89 38.19 37.63
CA VAL H 105 1.85 38.06 39.09
C VAL H 105 1.26 39.33 39.69
N PRO H 106 0.66 39.26 40.87
CA PRO H 106 0.24 40.49 41.57
C PRO H 106 1.47 41.27 41.99
N LEU H 107 1.62 42.48 41.44
CA LEU H 107 2.80 43.28 41.73
C LEU H 107 2.86 43.62 43.22
N GLN H 108 4.02 43.39 43.83
CA GLN H 108 4.21 43.59 45.25
C GLN H 108 5.24 44.66 45.59
N SER H 109 6.30 44.79 44.81
CA SER H 109 7.32 45.79 45.10
C SER H 109 6.74 47.18 44.95
N PRO H 110 6.91 48.07 45.95
CA PRO H 110 6.27 49.39 45.88
C PRO H 110 6.66 50.20 44.65
N GLU H 111 7.87 50.02 44.14
CA GLU H 111 8.26 50.72 42.92
C GLU H 111 7.39 50.30 41.74
N ALA H 112 7.08 49.00 41.64
CA ALA H 112 6.21 48.53 40.57
C ALA H 112 4.79 49.07 40.73
N ILE H 113 4.30 49.13 41.96
CA ILE H 113 2.97 49.69 42.21
C ILE H 113 2.93 51.15 41.80
N GLU H 114 3.97 51.92 42.16
CA GLU H 114 4.02 53.32 41.77
C GLU H 114 4.10 53.47 40.26
N ALA H 115 4.89 52.63 39.60
CA ALA H 115 4.99 52.67 38.14
C ALA H 115 3.65 52.36 37.49
N PHE H 116 2.90 51.42 38.05
CA PHE H 116 1.56 51.12 37.56
C PHE H 116 0.64 52.32 37.71
N LYS H 117 0.75 53.03 38.83
CA LYS H 117 -0.08 54.22 39.05
C LYS H 117 0.29 55.35 38.09
N MET H 118 1.57 55.47 37.75
CA MET H 118 2.03 56.55 36.88
C MET H 118 1.69 56.33 35.42
N LEU H 119 1.11 55.18 35.06
CA LEU H 119 0.71 54.92 33.69
C LEU H 119 -0.38 55.88 33.21
N ARG H 120 -1.12 56.48 34.15
CA ARG H 120 -2.14 57.46 33.80
C ARG H 120 -1.61 58.85 34.09
N PRO H 121 -1.46 59.71 33.10
CA PRO H 121 -0.93 61.06 33.37
C PRO H 121 -1.79 61.88 34.31
N SER H 122 -3.08 61.58 34.45
CA SER H 122 -3.91 62.27 35.42
C SER H 122 -3.42 62.03 36.84
N TYR H 123 -3.04 60.78 37.14
CA TYR H 123 -2.47 60.48 38.46
C TYR H 123 -1.18 61.24 38.68
N ARG H 124 -0.34 61.33 37.65
CA ARG H 124 0.90 62.09 37.78
C ARG H 124 0.63 63.56 38.03
N LYS H 125 -0.37 64.13 37.33
CA LYS H 125 -0.72 65.52 37.56
C LYS H 125 -1.22 65.74 38.99
N LYS H 126 -2.05 64.82 39.49
CA LYS H 126 -2.50 64.94 40.87
C LYS H 126 -1.35 64.81 41.85
N LYS H 127 -0.40 63.91 41.58
CA LYS H 127 0.75 63.73 42.45
C LYS H 127 1.60 64.99 42.49
N ILE H 128 1.88 65.58 41.32
CA ILE H 128 2.71 66.78 41.31
C ILE H 128 1.96 67.97 41.91
N LYS H 129 0.63 68.01 41.77
CA LYS H 129 -0.14 69.04 42.46
C LYS H 129 -0.05 68.88 43.97
N GLU H 130 -0.08 67.64 44.45
CA GLU H 130 0.12 67.40 45.87
C GLU H 130 1.51 67.83 46.31
N MET H 131 2.52 67.56 45.49
CA MET H 131 3.88 68.02 45.77
C MET H 131 4.06 69.51 45.59
N GLY H 132 3.05 70.20 45.06
CA GLY H 132 3.09 71.66 44.97
C GLY H 132 4.15 72.21 44.04
N ILE H 133 4.38 71.55 42.90
CA ILE H 133 5.32 72.01 41.91
C ILE H 133 4.66 71.93 40.54
N THR H 134 5.09 72.80 39.62
CA THR H 134 4.50 72.83 38.30
C THR H 134 5.03 71.68 37.44
N GLU H 135 4.39 71.48 36.28
CA GLU H 135 4.72 70.35 35.43
C GLU H 135 6.04 70.55 34.68
N ASP H 136 6.39 71.81 34.39
CA ASP H 136 7.53 72.07 33.52
C ASP H 136 8.84 71.61 34.16
N GLU H 137 9.09 72.01 35.40
CA GLU H 137 10.32 71.58 36.05
C GLU H 137 10.24 70.15 36.58
N TRP H 138 9.04 69.59 36.71
CA TRP H 138 8.95 68.16 36.92
C TRP H 138 9.43 67.39 35.71
N TYR H 139 9.09 67.87 34.51
CA TYR H 139 9.70 67.34 33.30
C TYR H 139 11.20 67.58 33.30
N ALA H 140 11.63 68.78 33.72
CA ALA H 140 13.06 69.06 33.87
C ALA H 140 13.67 68.27 35.01
N LYS H 141 12.88 67.85 36.00
CA LYS H 141 13.40 67.03 37.08
C LYS H 141 13.79 65.65 36.57
N GLN H 142 13.20 65.20 35.47
CA GLN H 142 13.56 63.90 34.91
C GLN H 142 15.02 63.88 34.46
N PHE H 143 15.48 64.96 33.85
CA PHE H 143 16.83 65.05 33.31
C PHE H 143 17.84 65.46 34.37
N GLU H 144 17.85 64.72 35.49
CA GLU H 144 18.80 64.96 36.57
C GLU H 144 19.86 63.87 36.54
N ILE H 145 21.10 64.26 36.80
CA ILE H 145 22.20 63.30 36.77
C ILE H 145 22.13 62.42 38.00
N ARG H 146 22.02 61.11 37.77
CA ARG H 146 21.91 60.14 38.86
C ARG H 146 23.30 59.71 39.32
N GLY H 147 23.32 58.94 40.41
CA GLY H 147 24.57 58.45 40.95
C GLY H 147 25.31 59.50 41.78
N ASP H 148 26.52 59.13 42.17
CA ASP H 148 27.34 60.00 42.99
C ASP H 148 27.87 61.18 42.19
N LYS H 149 28.22 62.26 42.90
CA LYS H 149 28.78 63.43 42.25
C LYS H 149 30.29 63.51 42.47
N PRO H 150 31.03 64.01 41.49
CA PRO H 150 32.48 64.13 41.64
C PRO H 150 32.85 65.20 42.66
N PRO H 151 34.01 65.09 43.29
CA PRO H 151 34.45 66.13 44.23
C PRO H 151 34.61 67.47 43.51
N PRO H 152 34.29 68.57 44.19
CA PRO H 152 34.39 69.88 43.54
C PRO H 152 35.84 70.21 43.17
N LEU H 153 35.98 71.22 42.31
CA LEU H 153 37.29 71.60 41.79
C LEU H 153 37.87 72.75 42.61
N ASP H 154 39.10 72.56 43.07
CA ASP H 154 39.88 73.60 43.74
C ASP H 154 41.02 73.97 42.79
N THR H 155 40.78 74.97 41.95
CA THR H 155 41.73 75.38 40.93
C THR H 155 42.68 76.41 41.55
N SER H 156 43.85 75.95 41.96
CA SER H 156 44.83 76.80 42.63
C SER H 156 45.84 77.33 41.62
N TRP H 157 46.01 78.64 41.60
CA TRP H 157 46.93 79.29 40.68
C TRP H 157 48.37 79.10 41.14
N ALA H 158 49.26 78.78 40.19
CA ALA H 158 50.68 78.61 40.47
C ALA H 158 51.38 79.95 40.26
N GLY H 159 51.32 80.78 41.30
CA GLY H 159 51.90 82.11 41.24
C GLY H 159 51.01 83.06 40.48
N PRO H 160 51.43 84.32 40.38
CA PRO H 160 50.65 85.30 39.61
C PRO H 160 50.74 85.03 38.12
N LEU H 161 49.79 85.61 37.39
CA LEU H 161 49.75 85.51 35.94
C LEU H 161 50.57 86.65 35.35
N VAL H 162 51.76 86.34 34.86
CA VAL H 162 52.66 87.32 34.28
C VAL H 162 52.64 87.10 32.77
N VAL H 163 52.15 88.09 32.04
CA VAL H 163 52.00 87.99 30.60
C VAL H 163 52.81 89.11 29.94
N ARG H 164 53.00 88.97 28.63
CA ARG H 164 53.71 89.96 27.83
C ARG H 164 53.20 89.89 26.41
N GLN H 165 52.93 91.06 25.83
CA GLN H 165 52.40 91.13 24.46
C GLN H 165 53.52 90.81 23.48
N ILE H 166 53.56 89.57 23.02
CA ILE H 166 54.57 89.09 22.08
C ILE H 166 53.88 88.83 20.74
N PRO H 167 54.38 89.39 19.65
CA PRO H 167 53.75 89.13 18.36
C PRO H 167 53.89 87.68 17.97
N PRO H 168 52.93 87.14 17.21
CA PRO H 168 53.05 85.74 16.77
C PRO H 168 54.30 85.53 15.93
N ARG H 169 54.92 84.36 16.10
CA ARG H 169 56.17 84.07 15.41
C ARG H 169 55.93 83.81 13.92
N ASP H 170 54.76 83.28 13.56
CA ASP H 170 54.49 82.92 12.17
C ASP H 170 54.11 84.11 11.30
N TRP H 171 53.94 85.29 11.88
CA TRP H 171 53.65 86.47 11.10
C TRP H 171 54.84 86.79 10.19
N PRO H 172 54.61 87.19 8.94
CA PRO H 172 53.33 87.34 8.24
C PRO H 172 52.86 86.05 7.60
N PRO H 173 51.59 85.99 7.17
CA PRO H 173 51.11 84.80 6.45
C PRO H 173 51.85 84.61 5.13
N LYS H 174 51.91 83.36 4.70
CA LYS H 174 52.60 83.02 3.46
C LYS H 174 51.93 83.73 2.28
N GLY H 175 52.75 84.19 1.33
CA GLY H 175 52.26 84.92 0.19
C GLY H 175 51.97 86.37 0.45
N TRP H 176 52.20 86.87 1.66
CA TRP H 176 51.97 88.25 2.03
C TRP H 176 53.30 88.94 2.26
N GLU H 177 53.57 90.01 1.51
CA GLU H 177 54.83 90.73 1.59
C GLU H 177 54.66 91.97 2.45
N VAL H 178 55.58 92.17 3.39
CA VAL H 178 55.58 93.31 4.28
C VAL H 178 56.98 93.89 4.35
N ASP H 179 57.11 95.01 5.04
CA ASP H 179 58.40 95.64 5.23
C ASP H 179 59.30 94.74 6.06
N ARG H 180 60.42 94.31 5.45
CA ARG H 180 61.33 93.42 6.16
C ARG H 180 61.99 94.11 7.34
N LYS H 181 62.25 95.42 7.23
CA LYS H 181 62.77 96.17 8.38
C LYS H 181 61.77 96.20 9.52
N GLU H 182 60.49 96.46 9.21
CA GLU H 182 59.46 96.44 10.24
C GLU H 182 59.32 95.04 10.84
N LEU H 183 59.40 94.00 10.00
CA LEU H 183 59.30 92.64 10.51
C LEU H 183 60.45 92.31 11.45
N GLU H 184 61.67 92.70 11.08
CA GLU H 184 62.82 92.46 11.94
C GLU H 184 62.74 93.26 13.24
N PHE H 185 62.19 94.48 13.17
CA PHE H 185 61.93 95.22 14.40
C PHE H 185 60.93 94.50 15.27
N ILE H 186 59.89 93.92 14.65
CA ILE H 186 58.92 93.12 15.40
C ILE H 186 59.58 91.89 16.00
N ARG H 187 60.41 91.20 15.20
CA ARG H 187 60.99 89.92 15.62
C ARG H 187 61.97 90.07 16.78
N GLU H 188 62.44 91.29 17.05
CA GLU H 188 63.32 91.49 18.20
C GLU H 188 62.60 91.23 19.51
N ALA H 189 61.27 91.32 19.53
CA ALA H 189 60.52 91.03 20.75
C ALA H 189 60.53 89.55 21.07
N HIS H 190 60.70 88.69 20.06
CA HIS H 190 60.68 87.25 20.30
C HIS H 190 61.84 86.79 21.16
N LYS H 191 62.95 87.54 21.20
CA LYS H 191 64.08 87.18 22.04
C LYS H 191 63.82 87.43 23.51
N LEU H 192 62.72 88.12 23.86
CA LEU H 192 62.43 88.44 25.26
C LEU H 192 62.00 87.23 26.06
N MET H 193 61.75 86.09 25.41
CA MET H 193 61.41 84.88 26.16
C MET H 193 62.58 84.39 27.01
N ALA H 194 63.80 84.75 26.65
CA ALA H 194 64.98 84.33 27.41
C ALA H 194 65.16 85.11 28.70
N GLU H 195 64.55 86.29 28.82
CA GLU H 195 64.64 87.05 30.06
C GLU H 195 63.87 86.34 31.16
N ARG H 196 64.53 86.16 32.31
CA ARG H 196 63.96 85.39 33.40
C ARG H 196 63.24 86.31 34.37
N VAL H 197 62.11 85.85 34.88
CA VAL H 197 61.29 86.59 35.84
C VAL H 197 61.21 85.77 37.12
N TRP H 198 61.62 86.37 38.24
CA TRP H 198 61.58 85.71 39.54
C TRP H 198 60.44 86.30 40.36
N LEU H 199 59.72 85.43 41.07
CA LEU H 199 58.60 85.88 41.88
C LEU H 199 59.02 86.79 43.02
N GLU H 200 60.29 86.71 43.44
CA GLU H 200 60.83 87.56 44.48
C GLU H 200 61.26 88.93 43.95
N ASP H 201 60.81 89.31 42.76
CA ASP H 201 61.27 90.55 42.12
C ASP H 201 60.14 91.48 41.68
N LEU H 202 58.89 91.04 41.67
CA LEU H 202 57.82 91.90 41.19
C LEU H 202 57.34 92.85 42.29
N ASP H 203 58.27 93.55 42.93
CA ASP H 203 57.92 94.57 43.91
C ASP H 203 58.77 95.83 43.81
N LYS H 204 59.89 95.82 43.08
CA LYS H 204 60.77 96.99 43.07
C LYS H 204 60.18 98.13 42.25
N ASP H 205 59.62 97.82 41.08
CA ASP H 205 59.15 98.84 40.14
C ASP H 205 57.74 98.51 39.67
N LEU H 206 56.85 98.21 40.63
CA LEU H 206 55.47 97.88 40.33
C LEU H 206 54.68 99.16 40.10
N LYS H 207 54.42 99.48 38.84
CA LYS H 207 53.64 100.67 38.50
C LYS H 207 52.16 100.38 38.65
N VAL H 208 51.52 101.05 39.60
CA VAL H 208 50.10 100.88 39.88
C VAL H 208 49.40 102.22 39.73
N GLY H 209 48.34 102.25 38.94
CA GLY H 209 47.54 103.45 38.79
C GLY H 209 47.93 104.24 37.55
N GLU H 210 48.04 105.57 37.69
CA GLU H 210 48.35 106.43 36.56
C GLU H 210 49.74 106.17 36.00
N ASP H 211 50.61 105.48 36.74
CA ASP H 211 51.90 105.06 36.23
C ASP H 211 51.80 103.80 35.37
N ALA H 212 50.62 103.18 35.31
CA ALA H 212 50.40 101.98 34.50
C ALA H 212 49.44 102.24 33.35
N THR H 213 49.27 103.49 32.94
CA THR H 213 48.38 103.81 31.83
C THR H 213 49.02 103.37 30.52
N VAL H 214 48.18 103.24 29.49
CA VAL H 214 48.62 102.70 28.20
C VAL H 214 49.68 103.58 27.56
N ASP H 215 49.55 104.91 27.70
CA ASP H 215 50.51 105.81 27.07
C ASP H 215 51.92 105.59 27.58
N LYS H 216 52.06 105.20 28.85
CA LYS H 216 53.38 104.96 29.44
C LYS H 216 53.98 103.62 29.02
N MET H 217 53.19 102.75 28.39
CA MET H 217 53.69 101.45 27.98
C MET H 217 54.70 101.57 26.84
N CYS H 218 55.60 100.58 26.76
CA CYS H 218 56.57 100.47 25.69
C CYS H 218 56.23 99.22 24.88
N LEU H 219 55.36 99.37 23.89
CA LEU H 219 54.86 98.28 23.08
C LEU H 219 54.95 98.62 21.59
N GLU H 220 56.04 99.28 21.19
CA GLU H 220 56.15 99.80 19.83
C GLU H 220 56.22 98.66 18.80
N ARG H 221 56.96 97.60 19.11
CA ARG H 221 57.00 96.46 18.20
C ARG H 221 55.62 95.83 18.05
N PHE H 222 54.88 95.73 19.16
CA PHE H 222 53.51 95.22 19.08
C PHE H 222 52.62 96.16 18.29
N LYS H 223 52.88 97.48 18.34
CA LYS H 223 52.09 98.41 17.54
C LYS H 223 52.38 98.24 16.05
N VAL H 224 53.64 97.99 15.70
CA VAL H 224 53.97 97.69 14.31
C VAL H 224 53.28 96.42 13.86
N PHE H 225 53.28 95.40 14.71
CA PHE H 225 52.55 94.18 14.40
C PHE H 225 51.06 94.47 14.22
N LEU H 226 50.50 95.32 15.07
CA LEU H 226 49.08 95.64 14.99
C LEU H 226 48.74 96.35 13.69
N LYS H 227 49.56 97.32 13.27
CA LYS H 227 49.25 98.02 12.02
C LYS H 227 49.38 97.08 10.83
N GLN H 228 50.42 96.23 10.81
CA GLN H 228 50.55 95.26 9.72
C GLN H 228 49.38 94.28 9.72
N TYR H 229 48.95 93.83 10.91
CA TYR H 229 47.83 92.92 11.01
C TYR H 229 46.54 93.56 10.51
N ASN H 230 46.31 94.83 10.86
CA ASN H 230 45.11 95.51 10.39
C ASN H 230 45.13 95.68 8.88
N GLU H 231 46.30 96.02 8.32
CA GLU H 231 46.41 96.12 6.87
C GLU H 231 46.10 94.78 6.20
N TRP H 232 46.67 93.70 6.73
CA TRP H 232 46.43 92.38 6.16
C TRP H 232 44.96 91.98 6.29
N VAL H 233 44.34 92.28 7.42
CA VAL H 233 42.94 91.93 7.64
C VAL H 233 42.06 92.68 6.64
N GLU H 234 42.28 93.98 6.50
CA GLU H 234 41.47 94.75 5.56
C GLU H 234 41.69 94.31 4.12
N ALA H 235 42.91 93.85 3.79
CA ALA H 235 43.16 93.40 2.43
C ALA H 235 42.59 92.01 2.14
N ASN H 236 42.57 91.12 3.13
CA ASN H 236 42.27 89.71 2.90
C ASN H 236 40.96 89.24 3.51
N LYS H 237 40.19 90.12 4.14
CA LYS H 237 39.01 89.68 4.89
C LYS H 237 37.96 89.03 3.99
N ASP H 238 37.69 89.64 2.83
CA ASP H 238 36.62 89.13 1.98
C ASP H 238 37.03 87.84 1.26
N ARG H 239 38.30 87.74 0.85
CA ARG H 239 38.76 86.54 0.17
C ARG H 239 38.68 85.32 1.09
N LEU H 240 39.01 85.50 2.37
CA LEU H 240 38.91 84.39 3.31
C LEU H 240 37.48 83.91 3.46
N GLU H 241 36.53 84.84 3.53
CA GLU H 241 35.12 84.44 3.64
C GLU H 241 34.64 83.74 2.38
N GLU H 242 35.08 84.22 1.21
CA GLU H 242 34.72 83.56 -0.03
C GLU H 242 35.29 82.14 -0.08
N ASP H 243 36.55 81.97 0.34
CA ASP H 243 37.14 80.64 0.37
C ASP H 243 36.43 79.74 1.38
N SER H 244 36.01 80.29 2.52
CA SER H 244 35.26 79.52 3.50
C SER H 244 33.93 79.04 2.92
N TYR H 245 33.24 79.91 2.19
CA TYR H 245 31.99 79.50 1.54
C TYR H 245 32.25 78.47 0.46
N LYS H 246 33.38 78.57 -0.25
CA LYS H 246 33.65 77.67 -1.35
C LYS H 246 34.07 76.28 -0.88
N TYR H 247 34.83 76.21 0.22
CA TYR H 247 35.38 74.95 0.70
C TYR H 247 34.53 74.28 1.78
N ASP H 248 33.82 75.04 2.59
CA ASP H 248 33.04 74.49 3.70
C ASP H 248 31.56 74.72 3.40
N GLN H 249 30.85 73.64 3.08
CA GLN H 249 29.44 73.74 2.73
C GLN H 249 28.61 74.24 3.91
N ASP H 250 28.74 73.59 5.06
CA ASP H 250 27.99 73.94 6.26
C ASP H 250 28.91 74.48 7.33
N PHE H 251 28.33 75.25 8.25
CA PHE H 251 29.08 75.79 9.37
C PHE H 251 29.09 74.80 10.52
N TYR H 252 30.26 74.65 11.14
CA TYR H 252 30.47 73.81 12.30
C TYR H 252 31.39 74.57 13.25
N PRO H 253 31.28 74.32 14.56
CA PRO H 253 32.25 74.92 15.49
C PRO H 253 33.67 74.57 15.09
N GLY H 254 34.51 75.60 15.02
CA GLY H 254 35.84 75.48 14.47
C GLY H 254 35.98 76.01 13.06
N ARG H 255 34.88 76.18 12.33
CA ARG H 255 34.92 76.79 11.02
C ARG H 255 34.89 78.30 11.14
N ARG H 256 35.07 78.98 10.00
CA ARG H 256 35.07 80.43 9.99
C ARG H 256 33.65 80.95 10.16
N ILE H 257 33.47 81.87 11.10
CA ILE H 257 32.16 82.48 11.34
C ILE H 257 31.88 83.46 10.22
N ARG H 258 30.89 83.14 9.38
CA ARG H 258 30.63 83.87 8.14
C ARG H 258 29.17 84.32 8.13
N GLY H 259 28.79 85.01 7.04
CA GLY H 259 27.43 85.46 6.87
C GLY H 259 27.03 86.52 7.90
N LYS H 260 25.74 86.49 8.26
CA LYS H 260 25.23 87.45 9.23
C LYS H 260 25.75 87.20 10.64
N ASP H 261 26.39 86.06 10.89
CA ASP H 261 26.98 85.79 12.19
C ASP H 261 28.33 86.45 12.38
N TYR H 262 28.95 86.95 11.31
CA TYR H 262 30.25 87.59 11.41
C TYR H 262 30.10 89.05 11.87
N LYS H 263 30.98 89.46 12.77
CA LYS H 263 31.01 90.82 13.26
C LYS H 263 32.40 91.40 13.02
N GLU H 264 32.46 92.70 12.71
CA GLU H 264 33.74 93.37 12.57
C GLU H 264 34.45 93.41 13.92
N GLY H 265 35.76 93.20 13.88
CA GLY H 265 36.56 93.11 15.09
C GLY H 265 36.86 91.70 15.55
N MET H 266 36.38 90.68 14.84
CA MET H 266 36.73 89.31 15.17
C MET H 266 38.17 89.04 14.79
N TYR H 267 38.91 88.42 15.70
CA TYR H 267 40.33 88.17 15.48
C TYR H 267 40.53 87.05 14.47
N GLU H 268 41.43 87.29 13.52
CA GLU H 268 41.78 86.27 12.55
C GLU H 268 42.79 85.29 13.15
N LEU H 269 43.04 84.20 12.42
CA LEU H 269 43.98 83.20 12.91
C LEU H 269 45.39 83.72 13.12
N PRO H 270 45.99 84.53 12.22
CA PRO H 270 47.35 85.02 12.48
C PRO H 270 47.46 85.91 13.70
N PHE H 271 46.35 86.32 14.31
CA PHE H 271 46.39 87.07 15.56
C PHE H 271 46.69 86.19 16.76
N TYR H 272 46.60 84.87 16.60
CA TYR H 272 46.80 83.93 17.68
C TYR H 272 48.12 83.18 17.51
N TYR H 273 48.60 82.60 18.61
CA TYR H 273 49.80 81.77 18.60
C TYR H 273 49.79 80.92 19.87
N PRO H 274 50.38 79.74 19.83
CA PRO H 274 50.44 78.91 21.04
C PRO H 274 51.14 79.64 22.18
N GLY H 275 50.65 79.39 23.39
CA GLY H 275 51.15 80.04 24.59
C GLY H 275 50.35 81.24 25.05
N MET H 276 49.45 81.76 24.21
CA MET H 276 48.62 82.88 24.61
C MET H 276 47.58 82.43 25.63
N ILE H 277 47.27 83.32 26.57
CA ILE H 277 46.24 83.10 27.57
C ILE H 277 45.00 83.88 27.16
N CYS H 278 43.85 83.20 27.11
CA CYS H 278 42.65 83.79 26.55
C CYS H 278 41.50 83.71 27.54
N GLU H 279 40.65 84.72 27.49
CA GLU H 279 39.38 84.74 28.20
C GLU H 279 38.28 84.36 27.22
N GLY H 280 37.46 83.38 27.58
CA GLY H 280 36.47 82.88 26.65
C GLY H 280 35.27 82.28 27.36
N THR H 281 34.28 81.92 26.54
CA THR H 281 33.04 81.33 27.01
C THR H 281 32.81 80.00 26.31
N VAL H 282 32.38 79.00 27.08
CA VAL H 282 32.09 77.68 26.51
C VAL H 282 30.77 77.76 25.75
N THR H 283 30.80 77.35 24.47
CA THR H 283 29.64 77.49 23.60
C THR H 283 29.05 76.17 23.14
N THR H 284 29.85 75.10 23.09
CA THR H 284 29.38 73.84 22.54
C THR H 284 30.06 72.70 23.26
N LEU H 285 29.28 71.68 23.62
CA LEU H 285 29.80 70.45 24.22
C LEU H 285 29.51 69.29 23.30
N HIS H 286 30.55 68.68 22.76
CA HIS H 286 30.42 67.49 21.92
C HIS H 286 30.96 66.28 22.68
N LEU H 287 30.24 65.17 22.58
CA LEU H 287 30.60 63.99 23.36
C LEU H 287 31.84 63.30 22.82
N TYR H 288 32.10 63.41 21.52
CA TYR H 288 33.23 62.72 20.89
C TYR H 288 34.35 63.66 20.50
N GLN H 289 34.18 64.97 20.63
CA GLN H 289 35.20 65.92 20.21
C GLN H 289 35.72 66.78 21.34
N GLY H 290 34.85 67.37 22.15
CA GLY H 290 35.29 68.13 23.30
C GLY H 290 34.49 69.41 23.42
N ALA H 291 35.04 70.34 24.19
CA ALA H 291 34.40 71.62 24.46
C ALA H 291 34.92 72.67 23.48
N PHE H 292 34.02 73.50 22.98
CA PHE H 292 34.35 74.56 22.05
C PHE H 292 34.17 75.90 22.75
N VAL H 293 35.21 76.71 22.75
CA VAL H 293 35.25 77.96 23.50
C VAL H 293 35.44 79.10 22.52
N ASP H 294 34.60 80.13 22.64
CA ASP H 294 34.72 81.34 21.83
C ASP H 294 35.69 82.28 22.53
N ILE H 295 36.82 82.56 21.88
CA ILE H 295 37.86 83.40 22.46
C ILE H 295 38.00 84.67 21.64
N GLY H 296 36.89 85.13 21.06
CA GLY H 296 36.87 86.40 20.36
C GLY H 296 37.40 86.37 18.95
N GLY H 297 37.68 85.19 18.40
CA GLY H 297 38.17 85.08 17.04
C GLY H 297 37.10 84.64 16.07
N VAL H 298 37.47 84.68 14.79
CA VAL H 298 36.57 84.20 13.72
C VAL H 298 36.50 82.68 13.69
N HIS H 299 37.38 81.99 14.42
CA HIS H 299 37.31 80.56 14.63
C HIS H 299 37.24 80.27 16.13
N GLU H 300 36.40 79.32 16.52
CA GLU H 300 36.30 78.93 17.91
C GLU H 300 37.49 78.06 18.32
N GLY H 301 37.78 78.07 19.61
CA GLY H 301 38.79 77.20 20.15
C GLY H 301 38.23 75.84 20.52
N TRP H 302 39.13 74.86 20.61
CA TRP H 302 38.73 73.47 20.82
C TRP H 302 39.57 72.87 21.93
N VAL H 303 38.89 72.31 22.94
CA VAL H 303 39.53 71.57 24.02
C VAL H 303 39.16 70.10 23.86
N PRO H 304 40.10 69.23 23.48
CA PRO H 304 39.74 67.84 23.18
C PRO H 304 39.35 67.01 24.39
N ILE H 305 38.06 66.69 24.51
CA ILE H 305 37.54 65.78 25.52
C ILE H 305 36.58 64.82 24.83
N LYS H 306 36.69 63.53 25.14
CA LYS H 306 35.86 62.55 24.47
C LYS H 306 35.64 61.33 25.35
N GLY H 307 34.45 60.75 25.23
CA GLY H 307 34.20 59.43 25.80
C GLY H 307 33.78 59.49 27.25
N ASN H 308 34.41 58.63 28.07
CA ASN H 308 34.03 58.50 29.47
C ASN H 308 34.26 59.81 30.24
N ASP H 309 35.28 60.57 29.85
CA ASP H 309 35.64 61.76 30.61
C ASP H 309 34.47 62.72 30.75
N TRP H 310 33.57 62.75 29.77
CA TRP H 310 32.40 63.62 29.86
C TRP H 310 31.43 63.18 30.94
N PHE H 311 31.54 61.94 31.46
CA PHE H 311 30.63 61.50 32.50
C PHE H 311 30.79 62.32 33.78
N TRP H 312 32.03 62.66 34.12
CA TRP H 312 32.33 63.50 35.28
C TRP H 312 32.54 64.95 34.91
N ILE H 313 33.17 65.23 33.77
CA ILE H 313 33.49 66.60 33.38
C ILE H 313 32.23 67.41 33.08
N ARG H 314 31.13 66.74 32.70
CA ARG H 314 29.90 67.48 32.43
C ARG H 314 29.38 68.21 33.65
N HIS H 315 29.77 67.78 34.85
CA HIS H 315 29.39 68.50 36.07
C HIS H 315 30.10 69.83 36.19
N PHE H 316 31.25 69.99 35.53
CA PHE H 316 32.09 71.17 35.70
C PHE H 316 32.20 72.03 34.46
N ILE H 317 32.28 71.43 33.28
CA ILE H 317 32.35 72.16 32.03
C ILE H 317 30.95 72.15 31.42
N ARG H 318 30.30 73.32 31.41
CA ARG H 318 28.95 73.44 30.90
C ARG H 318 28.86 74.68 30.02
N VAL H 319 27.83 74.70 29.18
CA VAL H 319 27.69 75.76 28.19
C VAL H 319 27.39 77.08 28.87
N GLY H 320 28.12 78.13 28.49
CA GLY H 320 27.87 79.47 28.93
C GLY H 320 28.83 80.00 29.99
N MET H 321 29.59 79.13 30.65
CA MET H 321 30.49 79.58 31.70
C MET H 321 31.74 80.19 31.11
N HIS H 322 32.30 81.16 31.82
CA HIS H 322 33.55 81.80 31.44
C HIS H 322 34.73 81.02 31.98
N VAL H 323 35.74 80.81 31.14
CA VAL H 323 36.91 80.02 31.50
C VAL H 323 38.16 80.78 31.08
N ILE H 324 39.30 80.30 31.57
CA ILE H 324 40.62 80.76 31.13
C ILE H 324 41.26 79.60 30.39
N VAL H 325 41.69 79.86 29.16
CA VAL H 325 42.24 78.82 28.30
C VAL H 325 43.58 79.26 27.74
N GLU H 326 44.42 78.27 27.46
CA GLU H 326 45.73 78.50 26.86
C GLU H 326 45.77 77.83 25.49
N ILE H 327 46.20 78.58 24.49
CA ILE H 327 46.34 78.04 23.15
C ILE H 327 47.51 77.08 23.12
N THR H 328 47.24 75.81 22.82
CA THR H 328 48.29 74.81 22.72
C THR H 328 48.84 74.68 21.30
N ALA H 329 47.98 74.82 20.29
CA ALA H 329 48.42 74.69 18.91
C ALA H 329 47.52 75.51 18.01
N LYS H 330 48.08 76.00 16.91
CA LYS H 330 47.33 76.67 15.86
C LYS H 330 47.63 75.97 14.55
N ARG H 331 46.58 75.65 13.79
CA ARG H 331 46.72 74.82 12.60
C ARG H 331 46.02 75.47 11.42
N ASP H 332 46.21 74.87 10.25
CA ASP H 332 45.62 75.39 9.03
C ASP H 332 44.16 74.94 8.94
N PRO H 333 43.21 75.87 8.84
CA PRO H 333 41.79 75.47 8.83
C PRO H 333 41.39 74.64 7.63
N TYR H 334 42.14 74.71 6.53
CA TYR H 334 41.78 73.93 5.35
C TYR H 334 42.01 72.44 5.57
N ARG H 335 43.10 72.09 6.24
CA ARG H 335 43.43 70.69 6.48
C ARG H 335 42.80 70.17 7.77
N PHE H 336 42.94 70.90 8.87
CA PHE H 336 42.50 70.44 10.17
C PHE H 336 41.13 71.02 10.51
N ARG H 337 40.29 70.19 11.13
CA ARG H 337 38.92 70.60 11.44
C ARG H 337 38.90 71.76 12.44
N PHE H 338 39.76 71.70 13.45
CA PHE H 338 39.77 72.68 14.53
C PHE H 338 41.13 73.35 14.56
N PRO H 339 41.29 74.49 13.89
CA PRO H 339 42.61 75.14 13.83
C PRO H 339 43.15 75.55 15.18
N LEU H 340 42.30 75.99 16.10
CA LEU H 340 42.74 76.45 17.42
C LEU H 340 42.48 75.36 18.45
N GLU H 341 43.55 74.86 19.06
CA GLU H 341 43.48 73.82 20.08
C GLU H 341 43.87 74.41 21.42
N LEU H 342 43.03 74.21 22.43
CA LEU H 342 43.19 74.85 23.72
C LEU H 342 43.30 73.81 24.82
N ARG H 343 43.59 74.31 26.03
CA ARG H 343 43.46 73.55 27.25
C ARG H 343 42.88 74.46 28.32
N PHE H 344 42.18 73.86 29.27
CA PHE H 344 41.51 74.63 30.32
C PHE H 344 42.51 75.02 31.40
N VAL H 345 42.72 76.32 31.58
CA VAL H 345 43.56 76.78 32.68
C VAL H 345 42.75 76.89 33.96
N HIS H 346 41.62 77.58 33.90
CA HIS H 346 40.67 77.63 35.01
C HIS H 346 39.28 77.35 34.43
N PRO H 347 38.60 76.28 34.86
CA PRO H 347 39.00 75.30 35.87
C PRO H 347 39.99 74.28 35.34
N ASN H 348 40.74 73.63 36.23
CA ASN H 348 41.74 72.64 35.84
C ASN H 348 41.09 71.26 35.87
N ILE H 349 41.01 70.61 34.72
CA ILE H 349 40.43 69.27 34.61
C ILE H 349 41.44 68.29 34.01
N ASP H 350 42.74 68.58 34.16
CA ASP H 350 43.76 67.68 33.62
C ASP H 350 43.72 66.32 34.29
N HIS H 351 43.34 66.26 35.56
CA HIS H 351 43.25 64.99 36.28
C HIS H 351 42.05 64.16 35.86
N MET H 352 41.11 64.75 35.12
CA MET H 352 39.89 64.05 34.73
C MET H 352 39.89 63.62 33.27
N ILE H 353 40.90 64.00 32.49
CA ILE H 353 40.96 63.70 31.07
C ILE H 353 41.87 62.49 30.87
N PHE H 354 41.30 61.40 30.37
CA PHE H 354 42.05 60.18 30.10
C PHE H 354 42.07 59.79 28.64
N ASN H 355 40.95 59.98 27.93
CA ASN H 355 40.88 59.66 26.51
C ASN H 355 41.56 60.77 25.73
N LYS H 356 42.65 60.44 25.04
CA LYS H 356 43.43 61.41 24.31
C LYS H 356 43.32 61.15 22.81
N PHE H 357 43.45 62.22 22.03
CA PHE H 357 43.44 62.11 20.57
C PHE H 357 44.84 61.76 20.09
N ASP H 358 44.95 60.67 19.33
CA ASP H 358 46.24 60.29 18.76
C ASP H 358 46.72 61.34 17.76
N PHE H 359 45.82 61.78 16.88
CA PHE H 359 46.11 62.82 15.91
C PHE H 359 44.92 63.76 15.84
N PRO H 360 45.16 65.05 15.61
CA PRO H 360 44.05 65.99 15.44
C PRO H 360 43.27 65.66 14.19
N PRO H 361 41.94 65.64 14.26
CA PRO H 361 41.14 65.26 13.09
C PRO H 361 41.30 66.24 11.94
N ILE H 362 41.20 65.72 10.72
CA ILE H 362 41.42 66.48 9.50
C ILE H 362 40.23 66.30 8.57
N PHE H 363 40.22 67.09 7.49
CA PHE H 363 39.26 66.92 6.43
C PHE H 363 39.83 66.02 5.34
N HIS H 364 38.94 65.37 4.60
CA HIS H 364 39.29 64.61 3.40
C HIS H 364 38.59 65.30 2.24
N ARG H 365 39.31 66.20 1.57
CA ARG H 365 38.73 67.05 0.54
C ARG H 365 38.62 66.31 -0.79
N ASP H 366 37.93 66.95 -1.74
CA ASP H 366 37.78 66.36 -3.07
C ASP H 366 39.09 66.36 -3.84
N GLY H 367 39.96 67.33 -3.59
CA GLY H 367 41.24 67.36 -4.24
C GLY H 367 42.28 66.42 -3.69
N ASP H 368 41.96 65.73 -2.60
CA ASP H 368 42.86 64.77 -1.97
C ASP H 368 42.72 63.43 -2.68
N THR H 369 43.60 63.16 -3.64
CA THR H 369 43.59 61.91 -4.37
C THR H 369 44.77 61.00 -4.05
N ASN H 370 45.76 61.49 -3.31
CA ASN H 370 46.92 60.70 -2.93
C ASN H 370 47.01 60.62 -1.41
N PRO H 371 46.95 59.42 -0.82
CA PRO H 371 47.05 59.34 0.65
C PRO H 371 48.35 59.89 1.20
N ASP H 372 49.46 59.75 0.47
CA ASP H 372 50.73 60.28 0.95
C ASP H 372 50.72 61.80 1.05
N GLU H 373 50.14 62.48 0.06
CA GLU H 373 50.03 63.93 0.14
C GLU H 373 49.20 64.34 1.34
N ILE H 374 48.12 63.60 1.63
CA ILE H 374 47.30 63.89 2.80
C ILE H 374 48.12 63.72 4.07
N ARG H 375 48.80 62.59 4.21
CA ARG H 375 49.53 62.31 5.44
C ARG H 375 50.76 63.19 5.60
N ARG H 376 51.21 63.85 4.52
CA ARG H 376 52.28 64.82 4.62
C ARG H 376 51.77 66.23 4.87
N ASP H 377 50.53 66.52 4.46
CA ASP H 377 49.94 67.81 4.80
C ASP H 377 49.71 67.93 6.30
N CYS H 378 49.32 66.84 6.95
CA CYS H 378 49.31 66.72 8.39
C CYS H 378 50.53 65.92 8.83
N GLY H 379 50.59 65.56 10.10
CA GLY H 379 51.73 64.82 10.62
C GLY H 379 51.48 63.34 10.81
N ARG H 380 50.81 62.70 9.85
CA ARG H 380 50.42 61.31 10.07
C ARG H 380 51.42 60.35 9.44
N PRO H 381 51.53 59.14 9.98
CA PRO H 381 52.55 58.20 9.52
C PRO H 381 52.25 57.68 8.12
N PRO H 382 53.25 57.14 7.42
CA PRO H 382 53.00 56.55 6.11
C PRO H 382 52.22 55.25 6.21
N GLU H 383 51.64 54.85 5.10
CA GLU H 383 50.91 53.60 5.02
C GLU H 383 51.87 52.43 5.14
N PRO H 384 51.68 51.52 6.09
CA PRO H 384 52.62 50.42 6.26
C PRO H 384 52.47 49.35 5.18
N ARG H 385 53.53 48.55 5.04
CA ARG H 385 53.52 47.43 4.12
C ARG H 385 54.42 46.34 4.68
N LYS H 386 54.25 45.12 4.17
CA LYS H 386 55.01 43.99 4.66
C LYS H 386 56.51 44.23 4.46
N ASP H 387 57.29 43.87 5.48
CA ASP H 387 58.73 44.03 5.42
C ASP H 387 59.30 43.05 4.40
N PRO H 388 59.98 43.50 3.35
CA PRO H 388 60.52 42.56 2.36
C PRO H 388 61.52 41.58 2.94
N GLY H 389 62.21 41.94 4.01
CA GLY H 389 63.16 41.05 4.64
C GLY H 389 64.51 40.96 3.97
N SER H 390 64.74 41.72 2.90
CA SER H 390 66.01 41.73 2.19
C SER H 390 66.71 43.05 2.44
N LYS H 391 67.95 42.99 2.92
CA LYS H 391 68.68 44.19 3.25
C LYS H 391 69.01 44.98 1.97
N PRO H 392 69.03 46.31 2.05
CA PRO H 392 69.20 47.10 0.82
C PRO H 392 70.62 47.18 0.30
N GLU H 393 71.64 46.98 1.13
CA GLU H 393 73.01 47.03 0.65
C GLU H 393 73.55 45.67 0.23
N GLU H 394 72.92 44.57 0.66
CA GLU H 394 73.31 43.25 0.19
C GLU H 394 72.80 42.93 -1.21
N GLU H 395 71.82 43.68 -1.71
CA GLU H 395 71.32 43.45 -3.05
C GLU H 395 72.33 43.91 -4.09
N GLY H 396 72.27 43.28 -5.26
CA GLY H 396 73.20 43.63 -6.33
C GLY H 396 72.87 44.97 -6.96
N LEU H 397 73.90 45.60 -7.50
CA LEU H 397 73.72 46.88 -8.17
C LEU H 397 72.99 46.71 -9.50
N LEU H 398 72.35 47.78 -9.94
CA LEU H 398 71.56 47.79 -11.17
C LEU H 398 72.31 48.55 -12.24
N SER H 399 72.39 47.95 -13.44
CA SER H 399 73.12 48.54 -14.55
C SER H 399 72.30 48.61 -15.83
N ASP H 400 71.01 48.34 -15.77
CA ASP H 400 70.14 48.40 -16.95
C ASP H 400 69.58 49.81 -17.06
N HIS H 401 70.14 50.60 -17.96
CA HIS H 401 69.67 51.97 -18.16
C HIS H 401 68.31 51.93 -18.85
N PRO H 402 67.32 52.67 -18.34
CA PRO H 402 65.97 52.61 -18.97
C PRO H 402 65.92 53.20 -20.36
N TYR H 403 66.91 53.98 -20.78
CA TYR H 403 66.92 54.56 -22.11
C TYR H 403 67.40 53.59 -23.18
N VAL H 404 67.99 52.46 -22.78
CA VAL H 404 68.50 51.50 -23.75
C VAL H 404 67.38 50.91 -24.61
N ASP H 405 66.20 50.73 -24.02
CA ASP H 405 65.08 50.18 -24.79
C ASP H 405 64.73 51.10 -25.96
N LYS H 406 64.69 52.42 -25.71
CA LYS H 406 64.53 53.36 -26.82
C LYS H 406 65.71 53.26 -27.79
N LEU H 407 66.92 53.12 -27.25
CA LEU H 407 68.08 52.95 -28.12
C LEU H 407 67.98 51.67 -28.93
N TRP H 408 67.50 50.59 -28.31
CA TRP H 408 67.32 49.34 -29.05
C TRP H 408 66.31 49.51 -30.17
N GLN H 409 65.19 50.18 -29.89
CA GLN H 409 64.17 50.39 -30.91
C GLN H 409 64.70 51.24 -32.05
N LEU H 410 65.42 52.33 -31.74
CA LEU H 410 66.01 53.15 -32.78
C LEU H 410 67.02 52.36 -33.60
N HIS H 411 67.81 51.51 -32.94
CA HIS H 411 68.82 50.71 -33.62
C HIS H 411 68.18 49.75 -34.61
N VAL H 412 67.15 49.02 -34.17
CA VAL H 412 66.51 48.07 -35.08
C VAL H 412 65.78 48.81 -36.20
N ALA H 413 65.19 49.98 -35.92
CA ALA H 413 64.57 50.76 -36.98
C ALA H 413 65.59 51.18 -38.02
N GLU H 414 66.75 51.66 -37.59
CA GLU H 414 67.79 52.06 -38.52
C GLU H 414 68.29 50.88 -39.34
N GLN H 415 68.45 49.72 -38.69
CA GLN H 415 68.91 48.53 -39.41
C GLN H 415 67.91 48.09 -40.46
N MET H 416 66.60 48.11 -40.13
CA MET H 416 65.61 47.70 -41.11
C MET H 416 65.52 48.70 -42.25
N ILE H 417 65.66 49.99 -41.95
CA ILE H 417 65.67 51.01 -43.02
C ILE H 417 66.86 50.79 -43.95
N LEU H 418 68.04 50.51 -43.38
CA LEU H 418 69.22 50.25 -44.20
C LEU H 418 69.03 49.01 -45.06
N ASP H 419 68.46 47.95 -44.49
CA ASP H 419 68.25 46.73 -45.26
C ASP H 419 67.26 46.96 -46.40
N ASP H 420 66.20 47.72 -46.14
CA ASP H 420 65.26 48.05 -47.22
C ASP H 420 65.92 48.90 -48.29
N TYR H 421 66.78 49.86 -47.88
CA TYR H 421 67.49 50.68 -48.85
C TYR H 421 68.40 49.82 -49.73
N GLU H 422 69.08 48.85 -49.13
CA GLU H 422 69.92 47.96 -49.92
C GLU H 422 69.09 47.06 -50.83
N ALA H 423 67.89 46.67 -50.38
CA ALA H 423 67.04 45.82 -51.21
C ALA H 423 66.44 46.59 -52.38
N ASN H 424 65.94 47.80 -52.13
CA ASN H 424 65.26 48.60 -53.15
C ASN H 424 65.84 50.01 -53.12
N PRO H 425 66.97 50.23 -53.80
CA PRO H 425 67.63 51.54 -53.72
C PRO H 425 66.95 52.63 -54.56
N GLU H 426 66.16 52.27 -55.57
CA GLU H 426 65.67 53.27 -56.52
C GLU H 426 64.65 54.22 -55.90
N LYS H 427 64.05 53.87 -54.76
CA LYS H 427 63.06 54.77 -54.15
C LYS H 427 63.71 56.07 -53.70
N TYR H 428 64.92 56.00 -53.15
CA TYR H 428 65.58 57.14 -52.54
C TYR H 428 66.40 57.91 -53.57
N LYS H 429 65.73 58.29 -54.66
CA LYS H 429 66.33 59.03 -55.76
C LYS H 429 65.73 60.42 -55.82
N GLY H 430 66.60 61.43 -55.91
CA GLY H 430 66.17 62.81 -55.99
C GLY H 430 65.82 63.45 -54.66
N LYS H 431 65.89 62.71 -53.56
CA LYS H 431 65.60 63.23 -52.24
C LYS H 431 66.77 62.89 -51.32
N LYS H 432 67.24 63.87 -50.56
CA LYS H 432 68.23 63.60 -49.53
C LYS H 432 67.62 62.72 -48.45
N LEU H 433 68.39 61.73 -47.99
CA LEU H 433 67.90 60.85 -46.94
C LEU H 433 67.61 61.63 -45.65
N SER H 434 68.45 62.61 -45.33
CA SER H 434 68.23 63.42 -44.15
C SER H 434 66.98 64.30 -44.26
N GLU H 435 66.41 64.46 -45.44
CA GLU H 435 65.21 65.25 -45.65
C GLU H 435 63.97 64.38 -45.81
N LEU H 436 63.95 63.20 -45.19
CA LEU H 436 62.79 62.32 -45.28
C LEU H 436 61.59 62.93 -44.57
N SER H 437 60.40 62.56 -45.04
CA SER H 437 59.15 63.02 -44.46
C SER H 437 58.32 61.83 -44.01
N ASP H 438 57.55 62.02 -42.95
CA ASP H 438 56.67 60.98 -42.44
C ASP H 438 55.35 60.98 -43.18
N ASP H 439 54.64 59.85 -43.09
CA ASP H 439 53.33 59.73 -43.73
C ASP H 439 52.33 60.67 -43.07
N GLU H 440 51.35 61.10 -43.86
CA GLU H 440 50.32 62.00 -43.36
C GLU H 440 49.37 61.27 -42.43
N GLY H 441 49.62 61.35 -41.12
CA GLY H 441 48.84 60.64 -40.14
C GLY H 441 49.69 60.07 -39.02
N PHE H 442 51.01 60.23 -39.14
CA PHE H 442 51.93 59.76 -38.12
C PHE H 442 51.76 60.59 -36.85
N ASP H 443 51.23 59.98 -35.80
CA ASP H 443 50.96 60.65 -34.54
C ASP H 443 52.07 60.33 -33.54
N GLU H 444 52.55 61.36 -32.84
CA GLU H 444 53.56 61.17 -31.80
C GLU H 444 52.94 60.89 -30.43
N ARG H 445 51.61 60.98 -30.30
CA ARG H 445 50.94 60.70 -29.04
C ARG H 445 50.46 59.26 -28.93
N LYS H 446 50.60 58.47 -30.00
CA LYS H 446 50.20 57.06 -30.01
C LYS H 446 51.37 56.18 -30.46
N GLU H 447 52.56 56.45 -29.92
CA GLU H 447 53.76 55.76 -30.36
C GLU H 447 53.79 54.30 -29.93
N ILE H 448 52.94 53.90 -28.99
CA ILE H 448 52.84 52.51 -28.57
C ILE H 448 51.36 52.13 -28.57
N GLU H 449 51.00 51.13 -29.36
CA GLU H 449 49.63 50.62 -29.43
C GLU H 449 49.64 49.13 -29.19
N HIS H 450 48.85 48.68 -28.21
CA HIS H 450 48.76 47.26 -27.88
C HIS H 450 47.81 46.57 -28.84
N GLY H 451 48.12 45.31 -29.15
CA GLY H 451 47.32 44.53 -30.06
C GLY H 451 47.50 43.05 -29.82
N GLU H 452 46.81 42.24 -30.62
CA GLU H 452 46.88 40.79 -30.53
C GLU H 452 46.94 40.20 -31.94
N ALA H 453 47.76 39.16 -32.09
CA ALA H 453 47.93 38.49 -33.38
C ALA H 453 47.92 36.98 -33.17
N TYR H 454 47.57 36.27 -34.24
CA TYR H 454 47.53 34.81 -34.25
C TYR H 454 48.79 34.26 -34.87
N TYR H 455 49.41 33.29 -34.20
CA TYR H 455 50.65 32.68 -34.66
C TYR H 455 50.68 31.23 -34.20
N LYS H 456 50.67 30.30 -35.16
CA LYS H 456 50.63 28.86 -34.88
C LYS H 456 49.42 28.51 -34.02
N LYS H 457 48.25 29.01 -34.43
CA LYS H 457 46.99 28.79 -33.73
C LYS H 457 47.05 29.29 -32.28
N THR H 458 47.82 30.34 -32.04
CA THR H 458 47.94 30.94 -30.72
C THR H 458 47.76 32.44 -30.85
N LYS H 459 46.86 33.00 -30.05
CA LYS H 459 46.64 34.46 -30.04
C LYS H 459 47.62 35.11 -29.07
N LEU H 460 48.89 35.04 -29.44
CA LEU H 460 49.94 35.64 -28.63
C LEU H 460 49.88 37.16 -28.76
N PRO H 461 50.06 37.90 -27.67
CA PRO H 461 49.99 39.37 -27.76
C PRO H 461 51.12 39.94 -28.59
N LYS H 462 50.86 41.11 -29.20
CA LYS H 462 51.85 41.81 -30.00
C LYS H 462 51.76 43.30 -29.70
N VAL H 463 52.91 43.95 -29.63
CA VAL H 463 53.00 45.38 -29.36
C VAL H 463 53.70 46.04 -30.55
N ILE H 464 53.06 47.07 -31.10
CA ILE H 464 53.57 47.79 -32.27
C ILE H 464 54.29 49.03 -31.77
N LEU H 465 55.59 49.14 -32.06
CA LEU H 465 56.40 50.27 -31.62
C LEU H 465 56.56 51.22 -32.79
N LYS H 466 55.77 52.29 -32.79
CA LYS H 466 55.85 53.30 -33.84
C LYS H 466 57.17 54.05 -33.74
N THR H 467 57.68 54.47 -34.90
CA THR H 467 58.97 55.14 -34.97
C THR H 467 59.02 56.04 -36.20
N SER H 468 59.41 57.29 -35.99
CA SER H 468 59.62 58.22 -37.08
C SER H 468 61.03 58.05 -37.65
N VAL H 469 61.45 58.98 -38.50
CA VAL H 469 62.80 58.96 -39.06
C VAL H 469 63.63 60.16 -38.62
N LYS H 470 63.02 61.16 -37.99
CA LYS H 470 63.77 62.35 -37.59
C LYS H 470 64.77 62.03 -36.49
N GLU H 471 64.41 61.13 -35.57
CA GLU H 471 65.24 60.80 -34.43
C GLU H 471 66.27 59.71 -34.73
N LEU H 472 66.57 59.49 -36.01
CA LEU H 472 67.50 58.44 -36.43
C LEU H 472 68.65 59.07 -37.18
N ASP H 473 69.87 58.64 -36.87
CA ASP H 473 71.08 59.12 -37.55
C ASP H 473 71.31 58.25 -38.78
N LEU H 474 70.59 58.60 -39.86
CA LEU H 474 70.60 57.78 -41.06
C LEU H 474 71.96 57.79 -41.75
N GLU H 475 72.62 58.95 -41.79
CA GLU H 475 73.90 59.05 -42.49
C GLU H 475 74.96 58.19 -41.82
N ALA H 476 75.07 58.28 -40.49
CA ALA H 476 76.06 57.49 -39.77
C ALA H 476 75.80 56.00 -39.94
N ALA H 477 74.53 55.58 -39.85
CA ALA H 477 74.21 54.17 -40.01
C ALA H 477 74.54 53.70 -41.42
N LEU H 478 74.23 54.51 -42.43
CA LEU H 478 74.53 54.13 -43.81
C LEU H 478 76.03 54.00 -44.04
N ILE H 479 76.80 54.95 -43.49
CA ILE H 479 78.26 54.88 -43.65
C ILE H 479 78.81 53.65 -42.94
N GLU H 480 78.30 53.35 -41.74
CA GLU H 480 78.77 52.18 -41.01
C GLU H 480 78.43 50.89 -41.76
N ARG H 481 77.22 50.81 -42.32
CA ARG H 481 76.84 49.64 -43.11
C ARG H 481 77.72 49.50 -44.34
N LYS H 482 78.00 50.62 -45.03
CA LYS H 482 78.89 50.56 -46.18
C LYS H 482 80.29 50.12 -45.78
N TYR H 483 80.74 50.48 -44.57
CA TYR H 483 82.01 49.97 -44.08
C TYR H 483 81.97 48.46 -43.92
N HIS H 484 80.86 47.93 -43.41
CA HIS H 484 80.73 46.48 -43.28
C HIS H 484 80.60 45.82 -44.66
N ASN H 485 79.71 46.36 -45.50
CA ASN H 485 79.49 45.74 -46.81
C ASN H 485 80.75 45.78 -47.66
N LYS H 486 81.49 46.89 -47.61
CA LYS H 486 82.77 46.94 -48.31
C LYS H 486 83.75 45.92 -47.75
N LEU H 487 83.81 45.79 -46.42
CA LEU H 487 84.72 44.82 -45.81
C LEU H 487 84.19 43.41 -45.97
N MET H 488 82.86 43.22 -45.98
CA MET H 488 82.30 41.92 -46.30
C MET H 488 82.65 41.50 -47.72
N MET H 489 82.58 42.45 -48.66
CA MET H 489 82.99 42.16 -50.03
C MET H 489 84.46 41.81 -50.10
N GLU H 490 85.30 42.53 -49.33
CA GLU H 490 86.72 42.19 -49.26
C GLU H 490 86.92 40.80 -48.68
N ALA H 491 86.20 40.48 -47.59
CA ALA H 491 86.28 39.15 -47.01
C ALA H 491 85.74 38.10 -47.98
N LYS H 492 84.67 38.41 -48.69
CA LYS H 492 84.15 37.50 -49.70
C LYS H 492 85.15 37.32 -50.84
N ALA H 493 85.81 38.41 -51.25
CA ALA H 493 86.83 38.32 -52.29
C ALA H 493 88.03 37.50 -51.83
N ARG H 494 88.29 37.48 -50.52
CA ARG H 494 89.36 36.67 -49.95
C ARG H 494 88.90 35.28 -49.56
N GLY H 495 87.65 34.92 -49.86
CA GLY H 495 87.13 33.62 -49.46
C GLY H 495 87.03 33.46 -47.96
N GLU H 496 86.60 34.49 -47.25
CA GLU H 496 86.51 34.48 -45.79
C GLU H 496 85.18 35.11 -45.36
N GLY H 497 84.89 34.98 -44.08
CA GLY H 497 83.68 35.57 -43.50
C GLY H 497 84.05 36.50 -42.35
N TYR H 498 83.30 37.60 -42.25
CA TYR H 498 83.51 38.60 -41.22
C TYR H 498 82.24 38.73 -40.38
N LYS H 499 82.39 38.63 -39.06
CA LYS H 499 81.29 38.75 -38.12
C LYS H 499 81.53 39.98 -37.24
N ILE H 500 80.55 40.87 -37.20
CA ILE H 500 80.70 42.11 -36.45
C ILE H 500 80.44 41.84 -34.97
N GLU H 501 81.39 42.24 -34.13
CA GLU H 501 81.22 42.04 -32.69
C GLU H 501 80.08 42.89 -32.15
N LYS H 502 80.08 44.18 -32.47
CA LYS H 502 79.00 45.08 -32.06
C LYS H 502 79.06 46.34 -32.89
N LEU H 503 77.90 46.99 -33.05
CA LEU H 503 77.78 48.19 -33.86
C LEU H 503 77.94 49.43 -32.97
N ARG H 504 77.72 50.61 -33.57
CA ARG H 504 77.82 51.86 -32.81
C ARG H 504 76.72 51.95 -31.74
N ARG H 505 75.50 51.55 -32.09
CA ARG H 505 74.41 51.62 -31.14
C ARG H 505 74.64 50.70 -29.95
N ASN H 506 75.28 49.55 -30.17
CA ASN H 506 75.63 48.67 -29.07
C ASN H 506 76.64 49.34 -28.14
N ILE H 507 77.62 50.06 -28.70
CA ILE H 507 78.56 50.81 -27.88
C ILE H 507 77.85 51.90 -27.09
N GLU H 508 76.86 52.54 -27.72
CA GLU H 508 76.07 53.55 -27.01
C GLU H 508 75.30 52.94 -25.85
N MET H 509 74.69 51.78 -26.06
CA MET H 509 74.01 51.09 -24.97
C MET H 509 74.98 50.72 -23.87
N ASP H 510 76.18 50.27 -24.23
CA ASP H 510 77.18 49.90 -23.24
C ASP H 510 77.62 51.10 -22.41
N GLU H 511 77.81 52.26 -23.04
CA GLU H 511 78.24 53.44 -22.28
C GLU H 511 77.10 53.97 -21.41
N TYR H 512 75.86 53.90 -21.89
CA TYR H 512 74.74 54.29 -21.04
C TYR H 512 74.61 53.36 -19.84
N ASP H 513 74.82 52.05 -20.06
CA ASP H 513 74.83 51.11 -18.94
C ASP H 513 75.99 51.38 -18.00
N SER H 514 77.13 51.82 -18.52
CA SER H 514 78.24 52.20 -17.66
C SER H 514 77.87 53.38 -16.79
N LEU H 515 77.18 54.37 -17.36
CA LEU H 515 76.70 55.51 -16.56
C LEU H 515 75.73 55.05 -15.47
N HIS H 516 74.80 54.17 -15.83
CA HIS H 516 73.81 53.71 -14.86
C HIS H 516 74.46 52.88 -13.75
N TRP H 517 75.43 52.04 -14.13
CA TRP H 517 76.16 51.25 -13.13
C TRP H 517 77.02 52.13 -12.25
N ARG H 518 77.57 53.22 -12.79
CA ARG H 518 78.28 54.20 -11.98
C ARG H 518 77.32 54.82 -10.96
N ARG H 519 76.12 55.19 -11.41
CA ARG H 519 75.09 55.68 -10.50
C ARG H 519 74.86 54.68 -9.37
N SER H 520 74.68 53.41 -9.73
CA SER H 520 74.42 52.38 -8.72
C SER H 520 75.57 52.26 -7.73
N LEU H 521 76.81 52.26 -8.22
CA LEU H 521 77.96 52.07 -7.33
C LEU H 521 78.12 53.25 -6.38
N GLU H 522 77.99 54.48 -6.88
CA GLU H 522 78.14 55.63 -6.01
C GLU H 522 77.01 55.72 -5.00
N GLU H 523 75.79 55.40 -5.42
CA GLU H 523 74.66 55.38 -4.48
C GLU H 523 74.86 54.31 -3.43
N ARG H 524 75.42 53.16 -3.81
CA ARG H 524 75.67 52.08 -2.85
C ARG H 524 76.73 52.49 -1.83
N GLU H 525 77.81 53.15 -2.29
CA GLU H 525 78.83 53.61 -1.35
C GLU H 525 78.28 54.67 -0.40
N ALA H 526 77.48 55.61 -0.94
CA ALA H 526 76.84 56.60 -0.08
C ALA H 526 75.93 55.93 0.93
N LEU H 527 75.21 54.89 0.50
CA LEU H 527 74.33 54.17 1.41
C LEU H 527 75.13 53.46 2.50
N LEU H 528 76.29 52.89 2.15
CA LEU H 528 77.12 52.25 3.15
C LEU H 528 77.62 53.25 4.18
N ARG H 529 78.06 54.42 3.72
CA ARG H 529 78.48 55.46 4.66
C ARG H 529 77.32 55.92 5.55
N ASP H 530 76.14 56.06 4.96
CA ASP H 530 74.95 56.40 5.75
C ASP H 530 74.66 55.34 6.80
N ILE H 531 74.77 54.07 6.43
CA ILE H 531 74.50 52.98 7.37
C ILE H 531 75.48 53.02 8.53
N SER H 532 76.77 53.24 8.22
CA SER H 532 77.76 53.30 9.29
C SER H 532 77.47 54.46 10.23
N SER H 533 77.21 55.65 9.67
CA SER H 533 76.94 56.82 10.50
C SER H 533 75.69 56.63 11.35
N ARG H 534 74.63 56.10 10.76
CA ARG H 534 73.37 55.93 11.49
C ARG H 534 73.50 54.88 12.59
N GLN H 535 74.13 53.75 12.29
CA GLN H 535 74.38 52.75 13.32
C GLN H 535 75.30 53.25 14.41
N ALA H 536 76.20 54.18 14.11
CA ALA H 536 77.00 54.79 15.16
C ALA H 536 76.26 55.89 15.90
N LEU H 537 75.16 56.40 15.33
CA LEU H 537 74.42 57.51 15.94
C LEU H 537 72.98 57.16 16.29
N GLY H 538 72.53 55.95 16.00
CA GLY H 538 71.19 55.52 16.40
C GLY H 538 70.07 56.00 15.50
N LEU H 539 70.36 56.67 14.40
CA LEU H 539 69.31 57.12 13.49
C LEU H 539 68.67 55.92 12.79
N PRO H 540 67.39 56.03 12.42
CA PRO H 540 66.74 54.92 11.73
C PRO H 540 67.33 54.66 10.36
N LEU H 541 67.33 53.39 9.97
CA LEU H 541 67.83 52.99 8.66
C LEU H 541 66.78 53.19 7.58
N GLU H 542 65.61 52.57 7.74
CA GLU H 542 64.50 52.75 6.84
C GLU H 542 63.49 53.73 7.43
N GLU H 543 62.57 54.18 6.59
CA GLU H 543 61.62 55.22 7.00
C GLU H 543 60.73 54.72 8.13
N PRO H 544 60.67 55.43 9.25
CA PRO H 544 59.79 55.00 10.35
C PRO H 544 58.33 55.04 9.93
N GLY H 545 57.53 54.16 10.53
CA GLY H 545 56.14 54.01 10.15
C GLY H 545 55.91 53.14 8.95
N ARG H 546 56.96 52.54 8.40
CA ARG H 546 56.86 51.68 7.23
C ARG H 546 57.55 50.36 7.53
N TYR H 547 57.13 49.31 6.81
CA TYR H 547 57.66 47.97 6.98
C TYR H 547 57.43 47.46 8.41
N LYS H 548 56.15 47.33 8.75
CA LYS H 548 55.77 46.82 10.06
C LYS H 548 56.12 45.34 10.18
N PRO H 549 56.33 44.83 11.40
CA PRO H 549 56.69 43.42 11.56
C PRO H 549 55.56 42.47 11.23
N GLY H 550 55.80 41.17 11.38
CA GLY H 550 54.80 40.18 11.05
C GLY H 550 53.60 40.22 11.98
N SER H 551 52.51 39.61 11.53
CA SER H 551 51.21 39.54 12.19
C SER H 551 50.53 40.89 12.30
N PHE H 552 51.12 41.96 11.74
CA PHE H 552 50.46 43.26 11.75
C PHE H 552 49.24 43.27 10.84
N PHE H 553 49.32 42.59 9.70
CA PHE H 553 48.26 42.63 8.68
C PHE H 553 47.26 41.51 8.90
N GLY H 554 46.72 41.46 10.12
CA GLY H 554 45.73 40.47 10.46
C GLY H 554 46.33 39.11 10.78
N LYS H 555 45.74 38.41 11.76
CA LYS H 555 46.22 37.07 12.10
C LYS H 555 46.04 36.12 10.93
N ASP H 556 44.89 36.18 10.26
CA ASP H 556 44.60 35.30 9.14
C ASP H 556 45.34 35.79 7.90
N GLN H 557 46.39 35.08 7.52
CA GLN H 557 47.17 35.40 6.32
C GLN H 557 47.44 34.11 5.57
N TYR H 558 47.13 34.10 4.28
CA TYR H 558 47.29 32.91 3.45
C TYR H 558 48.70 32.89 2.87
N ASP H 559 49.57 32.06 3.44
CA ASP H 559 50.90 31.84 2.89
C ASP H 559 50.95 30.47 2.23
N PRO H 560 51.02 30.40 0.91
CA PRO H 560 50.97 29.09 0.23
C PRO H 560 52.09 28.14 0.62
N THR H 561 53.27 28.68 0.96
CA THR H 561 54.42 27.84 1.29
C THR H 561 54.27 27.12 2.62
N SER H 562 53.27 27.46 3.43
CA SER H 562 53.10 26.81 4.71
C SER H 562 52.50 25.41 4.55
N ALA H 563 52.64 24.60 5.60
CA ALA H 563 52.08 23.26 5.59
C ALA H 563 50.57 23.27 5.77
N LEU H 564 50.05 24.16 6.61
CA LEU H 564 48.62 24.24 6.90
C LEU H 564 47.79 24.74 5.73
N TYR H 565 48.43 24.99 4.58
CA TYR H 565 47.74 25.43 3.38
C TYR H 565 48.21 24.66 2.16
N GLN H 566 48.92 23.56 2.35
CA GLN H 566 49.54 22.80 1.26
C GLN H 566 48.80 21.47 1.12
N TYR H 567 48.17 21.27 -0.03
CA TYR H 567 47.44 20.05 -0.32
C TYR H 567 48.30 19.02 -1.03
N ASP H 568 49.60 19.26 -1.14
CA ASP H 568 50.54 18.34 -1.76
C ASP H 568 51.01 17.25 -0.79
N TYR H 569 50.30 17.06 0.32
CA TYR H 569 50.76 16.12 1.34
C TYR H 569 50.81 14.69 0.81
N TRP H 570 49.81 14.29 0.02
CA TRP H 570 49.81 13.00 -0.66
C TRP H 570 50.17 13.14 -2.13
N GLY H 571 50.81 14.24 -2.52
CA GLY H 571 51.17 14.49 -3.89
C GLY H 571 50.24 15.48 -4.56
N GLU H 572 50.71 16.04 -5.66
CA GLU H 572 49.91 16.99 -6.43
C GLU H 572 48.73 16.27 -7.06
N PRO H 573 47.51 16.77 -6.91
CA PRO H 573 46.36 16.13 -7.56
C PRO H 573 46.53 16.12 -9.07
N LYS H 574 46.07 15.04 -9.71
CA LYS H 574 46.21 14.93 -11.15
C LYS H 574 45.37 15.95 -11.90
N ASN H 575 44.31 16.47 -11.28
CA ASN H 575 43.50 17.52 -11.87
C ASN H 575 43.89 18.91 -11.39
N SER H 576 44.95 19.01 -10.59
CA SER H 576 45.41 20.30 -10.10
C SER H 576 45.98 21.14 -11.25
N GLU H 577 45.99 22.46 -11.04
CA GLU H 577 46.45 23.37 -12.08
C GLU H 577 47.93 23.13 -12.40
N ILE H 578 48.75 22.89 -11.38
CA ILE H 578 50.17 22.63 -11.61
C ILE H 578 50.34 21.34 -12.41
N SER H 579 49.56 20.31 -12.09
CA SER H 579 49.63 19.05 -12.83
C SER H 579 49.27 19.25 -14.30
N LYS H 580 48.24 20.07 -14.56
CA LYS H 580 47.90 20.40 -15.95
C LYS H 580 49.06 21.09 -16.66
N GLN H 581 49.72 22.04 -15.98
CA GLN H 581 50.86 22.72 -16.57
C GLN H 581 52.06 21.79 -16.64
N GLU H 582 52.24 20.93 -15.65
CA GLU H 582 53.41 20.04 -15.62
C GLU H 582 53.40 19.08 -16.80
N ARG H 583 52.25 18.48 -17.09
CA ARG H 583 52.16 17.55 -18.21
C ARG H 583 52.17 18.29 -19.55
N MET H 584 51.66 19.53 -19.59
CA MET H 584 51.65 20.29 -20.82
C MET H 584 53.06 20.58 -21.32
N LYS H 585 53.96 20.95 -20.40
CA LYS H 585 55.33 21.23 -20.80
C LYS H 585 56.07 19.98 -21.27
N ASP H 586 55.79 18.83 -20.65
CA ASP H 586 56.41 17.59 -21.09
C ASP H 586 55.99 17.26 -22.52
N ALA H 587 54.71 17.44 -22.85
CA ALA H 587 54.27 17.29 -24.22
C ALA H 587 54.94 18.32 -25.13
N HIS H 588 55.10 19.55 -24.63
CA HIS H 588 55.81 20.58 -25.39
C HIS H 588 57.27 20.19 -25.59
N ASN H 589 57.90 19.65 -24.54
CA ASN H 589 59.31 19.26 -24.64
C ASN H 589 59.47 17.99 -25.48
N LYS H 590 58.57 17.03 -25.31
CA LYS H 590 58.73 15.74 -25.99
C LYS H 590 58.69 15.90 -27.50
N SER H 591 57.84 16.79 -28.01
CA SER H 591 57.81 17.08 -29.43
C SER H 591 59.06 17.81 -29.91
N ILE H 592 59.89 18.31 -28.99
CA ILE H 592 61.11 19.02 -29.34
C ILE H 592 62.33 18.10 -29.31
N VAL H 593 62.48 17.33 -28.23
CA VAL H 593 63.64 16.45 -28.05
C VAL H 593 63.25 14.98 -28.21
N GLY H 594 62.31 14.51 -27.39
CA GLY H 594 61.91 13.12 -27.44
C GLY H 594 62.41 12.29 -26.28
N LYS H 595 62.76 11.04 -26.56
CA LYS H 595 63.10 10.06 -25.53
C LYS H 595 64.57 10.06 -25.15
N GLY H 596 65.37 10.95 -25.73
CA GLY H 596 66.79 10.95 -25.47
C GLY H 596 67.15 11.34 -24.05
N ASN H 597 68.41 11.09 -23.71
CA ASN H 597 68.93 11.33 -22.37
C ASN H 597 69.77 12.61 -22.35
N VAL H 598 69.65 13.36 -21.26
CA VAL H 598 70.38 14.63 -21.12
C VAL H 598 71.86 14.32 -21.00
N TRP H 599 72.65 14.73 -21.99
CA TRP H 599 74.09 14.48 -21.97
C TRP H 599 74.75 15.20 -20.80
N TYR H 600 74.52 16.51 -20.70
CA TYR H 600 74.98 17.36 -19.61
C TYR H 600 74.44 18.76 -19.85
N ASP H 601 74.53 19.59 -18.80
CA ASP H 601 74.06 20.97 -18.85
C ASP H 601 75.20 21.92 -18.54
N MET H 602 75.25 23.03 -19.29
CA MET H 602 76.29 24.03 -19.13
C MET H 602 75.64 25.42 -19.06
N SER H 603 76.26 26.30 -18.30
CA SER H 603 75.71 27.64 -18.11
C SER H 603 75.79 28.46 -19.40
N TYR H 604 74.89 29.43 -19.51
CA TYR H 604 74.87 30.30 -20.68
C TYR H 604 76.15 31.11 -20.77
N ASP H 605 76.62 31.67 -19.65
CA ASP H 605 77.83 32.46 -19.65
C ASP H 605 79.04 31.63 -20.06
N ASP H 606 78.99 30.32 -19.84
CA ASP H 606 80.05 29.44 -20.32
C ASP H 606 80.03 29.33 -21.83
N ALA H 607 78.84 29.33 -22.44
CA ALA H 607 78.76 29.36 -23.90
C ALA H 607 79.35 30.64 -24.46
N ILE H 608 79.14 31.76 -23.76
CA ILE H 608 79.72 33.02 -24.17
C ILE H 608 81.24 32.97 -24.11
N LYS H 609 81.77 32.24 -23.12
CA LYS H 609 83.21 32.31 -22.82
C LYS H 609 84.04 31.42 -23.72
N GLN H 610 83.68 30.14 -23.82
CA GLN H 610 84.57 29.15 -24.44
C GLN H 610 84.75 29.41 -25.93
N THR H 611 83.64 29.58 -26.66
CA THR H 611 83.73 29.69 -28.12
C THR H 611 84.44 30.95 -28.59
N ILE H 612 84.41 32.03 -27.80
CA ILE H 612 85.18 33.22 -28.16
C ILE H 612 86.66 32.91 -28.16
N GLU H 613 87.11 32.11 -27.18
CA GLU H 613 88.50 31.65 -27.18
C GLU H 613 88.79 30.81 -28.42
N ARG H 614 87.82 29.99 -28.84
CA ARG H 614 88.02 29.14 -30.01
C ARG H 614 88.16 29.97 -31.29
N ARG H 615 87.26 30.93 -31.48
CA ARG H 615 87.29 31.77 -32.67
C ARG H 615 88.31 32.88 -32.54
N TYR I 49 63.37 84.29 16.70
CA TYR I 49 64.70 84.08 17.26
C TYR I 49 64.60 83.71 18.73
N TYR I 50 65.61 83.03 19.24
CA TYR I 50 65.65 82.58 20.63
C TYR I 50 66.85 83.20 21.32
N GLY I 51 66.62 83.81 22.48
CA GLY I 51 67.70 84.35 23.26
C GLY I 51 68.36 83.32 24.13
N LEU I 52 69.61 83.60 24.51
CA LEU I 52 70.38 82.72 25.38
C LEU I 52 69.92 82.92 26.81
N LYS I 53 69.17 81.97 27.35
CA LYS I 53 68.67 82.08 28.71
C LYS I 53 69.74 81.61 29.70
N THR I 54 70.00 82.44 30.71
CA THR I 54 71.00 82.11 31.70
C THR I 54 70.49 81.01 32.64
N PRO I 55 71.39 80.24 33.23
CA PRO I 55 70.96 79.29 34.26
C PRO I 55 70.36 80.03 35.44
N PRO I 56 69.45 79.38 36.18
CA PRO I 56 68.76 80.07 37.27
C PRO I 56 69.62 80.31 38.49
N TYR I 57 70.92 80.07 38.37
CA TYR I 57 71.88 80.22 39.46
C TYR I 57 73.10 80.94 38.93
N PRO I 58 73.86 81.59 39.80
CA PRO I 58 75.16 82.14 39.38
C PRO I 58 76.10 81.04 38.93
N LEU I 59 76.98 81.37 37.99
CA LEU I 59 77.83 80.36 37.38
C LEU I 59 78.79 79.71 38.37
N ASP I 60 79.00 80.33 39.53
CA ASP I 60 79.84 79.75 40.57
C ASP I 60 79.05 79.00 41.64
N ALA I 61 77.72 78.91 41.49
CA ALA I 61 76.91 78.28 42.53
C ALA I 61 77.11 76.78 42.61
N LEU I 62 77.69 76.16 41.60
CA LEU I 62 77.88 74.71 41.58
C LEU I 62 79.26 74.31 42.10
N GLU I 63 80.05 75.25 42.59
CA GLU I 63 81.35 74.92 43.15
C GLU I 63 81.17 74.16 44.47
N PRO I 64 82.04 73.19 44.77
CA PRO I 64 83.13 72.68 43.95
C PRO I 64 82.70 71.50 43.08
N TYR I 65 81.39 71.19 43.10
CA TYR I 65 80.90 70.04 42.35
C TYR I 65 81.07 70.24 40.84
N MET I 66 80.80 71.44 40.35
CA MET I 66 81.05 71.80 38.96
C MET I 66 81.75 73.16 38.95
N SER I 67 82.99 73.17 38.48
CA SER I 67 83.80 74.38 38.54
C SER I 67 83.23 75.47 37.64
N GLN I 68 83.53 76.73 38.01
CA GLN I 68 83.04 77.86 37.23
C GLN I 68 83.63 77.88 35.83
N ARG I 69 84.83 77.34 35.65
CA ARG I 69 85.43 77.32 34.31
C ARG I 69 84.61 76.48 33.35
N THR I 70 84.07 75.36 33.82
CA THR I 70 83.15 74.57 33.00
C THR I 70 81.90 75.36 32.66
N LEU I 71 81.36 76.11 33.62
CA LEU I 71 80.15 76.88 33.38
C LEU I 71 80.37 77.95 32.31
N GLU I 72 81.51 78.64 32.36
CA GLU I 72 81.76 79.73 31.43
C GLU I 72 82.14 79.26 30.03
N VAL I 73 82.41 77.97 29.84
CA VAL I 73 82.70 77.46 28.51
C VAL I 73 81.49 76.69 28.00
N HIS I 74 80.76 76.03 28.90
CA HIS I 74 79.57 75.29 28.50
C HIS I 74 78.41 76.23 28.18
N TRP I 75 78.38 77.40 28.80
CA TRP I 75 77.36 78.40 28.54
C TRP I 75 77.89 79.66 27.86
N GLY I 76 79.16 79.98 28.07
CA GLY I 76 79.71 81.17 27.45
C GLY I 76 79.79 81.09 25.94
N LYS I 77 80.24 79.96 25.41
CA LYS I 77 80.36 79.82 23.96
C LYS I 77 79.68 78.56 23.44
N HIS I 78 79.71 77.48 24.23
CA HIS I 78 79.04 76.25 23.82
C HIS I 78 77.55 76.47 23.64
N HIS I 79 76.85 76.83 24.71
CA HIS I 79 75.42 77.08 24.61
C HIS I 79 75.13 78.34 23.80
N ARG I 80 76.00 79.35 23.88
CA ARG I 80 75.83 80.54 23.08
C ARG I 80 76.00 80.25 21.59
N GLY I 81 76.94 79.36 21.25
CA GLY I 81 77.17 79.04 19.86
C GLY I 81 75.96 78.40 19.19
N TYR I 82 75.29 77.48 19.90
CA TYR I 82 74.08 76.87 19.35
C TYR I 82 72.99 77.91 19.16
N VAL I 83 72.85 78.84 20.11
CA VAL I 83 71.83 79.88 20.01
C VAL I 83 72.08 80.79 18.82
N ASP I 84 73.33 81.23 18.64
CA ASP I 84 73.63 82.16 17.56
C ASP I 84 73.56 81.49 16.19
N ASN I 85 73.99 80.24 16.09
CA ASN I 85 73.91 79.52 14.83
C ASN I 85 72.46 79.32 14.41
N LEU I 86 71.59 78.98 15.36
CA LEU I 86 70.18 78.75 15.03
C LEU I 86 69.52 80.02 14.50
N ASN I 87 69.79 81.16 15.14
CA ASN I 87 69.14 82.40 14.74
C ASN I 87 69.50 82.81 13.31
N LYS I 88 70.75 82.56 12.90
CA LYS I 88 71.13 82.83 11.52
C LYS I 88 70.35 81.94 10.55
N GLN I 89 70.18 80.67 10.90
CA GLN I 89 69.40 79.77 10.06
C GLN I 89 67.92 80.16 10.06
N LEU I 90 67.39 80.57 11.21
CA LEU I 90 66.00 81.00 11.28
C LEU I 90 65.75 82.33 10.61
N GLY I 91 66.79 83.15 10.44
CA GLY I 91 66.64 84.42 9.75
C GLY I 91 66.49 84.30 8.24
N LYS I 92 66.72 83.11 7.69
CA LYS I 92 66.61 82.90 6.25
C LYS I 92 65.30 82.24 5.84
N ASP I 93 64.69 81.44 6.73
CA ASP I 93 63.47 80.72 6.42
C ASP I 93 62.35 81.21 7.33
N ASP I 94 61.28 81.71 6.73
CA ASP I 94 60.10 82.14 7.47
C ASP I 94 59.14 81.02 7.80
N ARG I 95 59.44 79.79 7.37
CA ARG I 95 58.61 78.63 7.69
C ARG I 95 59.09 77.95 8.97
N LEU I 96 60.39 77.67 9.07
CA LEU I 96 60.94 77.16 10.32
C LEU I 96 60.78 78.19 11.44
N TYR I 97 61.04 79.45 11.14
CA TYR I 97 60.62 80.52 12.03
C TYR I 97 59.11 80.55 12.08
N GLY I 98 58.55 80.57 13.27
CA GLY I 98 57.12 80.48 13.43
C GLY I 98 56.72 79.26 14.22
N TYR I 99 57.46 78.16 14.04
CA TYR I 99 57.27 76.99 14.87
C TYR I 99 57.66 77.29 16.31
N THR I 100 57.03 76.57 17.24
CA THR I 100 57.48 76.60 18.62
C THR I 100 58.80 75.84 18.73
N MET I 101 59.40 75.89 19.92
CA MET I 101 60.66 75.20 20.13
C MET I 101 60.49 73.69 19.95
N GLU I 102 59.41 73.13 20.51
CA GLU I 102 59.17 71.70 20.36
C GLU I 102 58.79 71.35 18.93
N GLU I 103 58.00 72.20 18.27
CA GLU I 103 57.63 71.95 16.88
C GLU I 103 58.84 72.00 15.97
N LEU I 104 59.73 72.97 16.20
CA LEU I 104 60.93 73.09 15.38
C LEU I 104 61.82 71.87 15.52
N ILE I 105 61.94 71.33 16.74
CA ILE I 105 62.77 70.16 16.96
C ILE I 105 62.22 68.96 16.19
N LYS I 106 60.91 68.73 16.26
CA LYS I 106 60.33 67.59 15.56
C LYS I 106 60.29 67.81 14.06
N ALA I 107 59.98 69.04 13.62
CA ALA I 107 59.92 69.31 12.18
C ALA I 107 61.29 69.17 11.53
N THR I 108 62.33 69.70 12.18
CA THR I 108 63.68 69.59 11.63
C THR I 108 64.27 68.20 11.80
N TYR I 109 63.72 67.39 12.71
CA TYR I 109 64.15 66.00 12.82
C TYR I 109 63.78 65.21 11.56
N ASN I 110 62.64 65.55 10.95
CA ASN I 110 62.26 65.01 9.63
C ASN I 110 62.20 63.49 9.63
N ASN I 111 61.70 62.90 10.72
CA ASN I 111 61.44 61.48 10.81
C ASN I 111 62.71 60.66 10.54
N GLY I 112 63.77 60.97 11.27
CA GLY I 112 65.01 60.23 11.16
C GLY I 112 65.93 60.69 10.05
N ASN I 113 65.60 61.77 9.35
CA ASN I 113 66.45 62.33 8.30
C ASN I 113 66.62 63.81 8.59
N PRO I 114 67.39 64.16 9.62
CA PRO I 114 67.36 65.52 10.16
C PRO I 114 67.74 66.57 9.13
N LEU I 115 67.04 67.70 9.19
CA LEU I 115 67.39 68.86 8.41
C LEU I 115 68.63 69.53 9.01
N PRO I 116 69.31 70.41 8.24
CA PRO I 116 70.50 71.08 8.79
C PRO I 116 70.24 71.87 10.06
N GLU I 117 69.00 72.30 10.31
CA GLU I 117 68.69 73.10 11.48
C GLU I 117 68.44 72.27 12.74
N PHE I 118 68.40 70.94 12.64
CA PHE I 118 68.06 70.13 13.80
C PHE I 118 69.11 70.24 14.90
N ASN I 119 70.39 70.21 14.53
CA ASN I 119 71.46 70.16 15.52
C ASN I 119 71.47 71.41 16.40
N ASN I 120 71.30 72.59 15.78
CA ASN I 120 71.32 73.83 16.56
C ASN I 120 70.06 73.96 17.42
N ALA I 121 68.89 73.69 16.83
CA ALA I 121 67.65 73.83 17.59
C ALA I 121 67.56 72.85 18.75
N ALA I 122 67.95 71.59 18.52
CA ALA I 122 67.85 70.59 19.57
C ALA I 122 68.84 70.85 20.69
N GLN I 123 70.03 71.38 20.38
CA GLN I 123 71.03 71.61 21.41
C GLN I 123 70.69 72.82 22.26
N VAL I 124 70.00 73.81 21.69
CA VAL I 124 69.54 74.94 22.48
C VAL I 124 68.54 74.48 23.55
N TYR I 125 67.60 73.62 23.16
CA TYR I 125 66.62 73.11 24.12
C TYR I 125 67.29 72.26 25.19
N ASN I 126 68.23 71.40 24.80
CA ASN I 126 68.83 70.48 25.76
C ASN I 126 69.62 71.20 26.83
N HIS I 127 70.41 72.21 26.44
CA HIS I 127 71.19 72.95 27.42
C HIS I 127 70.30 73.72 28.38
N ASP I 128 69.24 74.35 27.86
CA ASP I 128 68.29 75.02 28.73
C ASP I 128 67.64 74.03 29.70
N PHE I 129 67.31 72.84 29.22
CA PHE I 129 66.78 71.81 30.09
C PHE I 129 67.82 71.33 31.09
N PHE I 130 69.10 71.35 30.71
CA PHE I 130 70.15 70.85 31.59
C PHE I 130 70.40 71.81 32.76
N TRP I 131 70.41 73.11 32.50
CA TRP I 131 70.65 74.07 33.58
C TRP I 131 69.56 73.99 34.64
N GLU I 132 68.30 73.94 34.21
CA GLU I 132 67.19 73.79 35.15
C GLU I 132 67.16 72.41 35.80
N SER I 133 67.78 71.41 35.16
CA SER I 133 67.85 70.09 35.76
C SER I 133 68.82 70.03 36.94
N MET I 134 69.63 71.07 37.14
CA MET I 134 70.59 71.12 38.24
C MET I 134 70.29 72.34 39.11
N GLN I 135 70.40 72.15 40.42
CA GLN I 135 70.22 73.22 41.38
C GLN I 135 71.37 73.22 42.37
N PRO I 136 71.69 74.39 42.94
CA PRO I 136 72.68 74.43 44.02
C PRO I 136 72.20 73.61 45.22
N GLY I 137 73.09 72.77 45.74
CA GLY I 137 72.72 71.90 46.85
C GLY I 137 71.69 70.85 46.47
N GLY I 138 71.83 70.26 45.29
CA GLY I 138 70.91 69.23 44.85
C GLY I 138 71.30 67.86 45.36
N GLY I 139 70.69 66.84 44.77
CA GLY I 139 70.99 65.47 45.14
C GLY I 139 69.95 64.86 46.07
N ASP I 140 70.41 64.37 47.21
CA ASP I 140 69.60 63.70 48.23
C ASP I 140 68.52 62.81 47.63
N MET I 141 67.28 62.95 48.10
CA MET I 141 66.18 62.09 47.68
C MET I 141 65.04 62.92 47.11
N PRO I 142 64.42 62.48 46.02
CA PRO I 142 63.19 63.12 45.56
C PRO I 142 62.04 62.83 46.52
N ILE I 143 61.07 63.75 46.54
CA ILE I 143 59.98 63.68 47.50
C ILE I 143 58.65 63.75 46.77
N LYS I 144 57.62 63.19 47.41
CA LYS I 144 56.22 63.34 47.02
C LYS I 144 56.00 62.74 45.64
N GLY I 145 55.58 63.51 44.64
CA GLY I 145 55.11 62.93 43.39
C GLY I 145 56.17 62.15 42.63
N VAL I 146 57.37 62.72 42.51
CA VAL I 146 58.44 62.01 41.82
C VAL I 146 58.87 60.78 42.60
N LEU I 147 58.74 60.81 43.93
CA LEU I 147 59.16 59.68 44.75
C LEU I 147 58.34 58.44 44.45
N GLU I 148 57.02 58.55 44.47
CA GLU I 148 56.19 57.35 44.28
C GLU I 148 56.19 56.90 42.83
N GLN I 149 56.36 57.84 41.88
CA GLN I 149 56.43 57.45 40.48
C GLN I 149 57.71 56.69 40.19
N ILE I 150 58.82 57.08 40.83
CA ILE I 150 60.08 56.38 40.64
C ILE I 150 60.00 54.96 41.19
N GLU I 151 59.41 54.78 42.36
CA GLU I 151 59.33 53.47 42.98
C GLU I 151 58.21 52.61 42.42
N LYS I 152 57.38 53.15 41.53
CA LYS I 152 56.39 52.35 40.82
C LYS I 152 56.92 51.87 39.47
N ASP I 153 57.53 52.75 38.70
CA ASP I 153 58.01 52.41 37.37
C ASP I 153 59.38 51.75 37.38
N PHE I 154 60.07 51.71 38.53
CA PHE I 154 61.37 51.06 38.62
C PHE I 154 61.48 50.07 39.76
N GLY I 155 60.50 50.00 40.66
CA GLY I 155 60.55 49.09 41.79
C GLY I 155 60.90 49.79 43.08
N SER I 156 61.86 50.71 43.02
CA SER I 156 62.28 51.53 44.15
C SER I 156 63.32 52.52 43.60
N PHE I 157 63.64 53.52 44.42
CA PHE I 157 64.65 54.50 44.01
C PHE I 157 66.02 53.87 43.85
N THR I 158 66.33 52.87 44.67
CA THR I 158 67.63 52.20 44.57
C THR I 158 67.78 51.54 43.20
N ASN I 159 66.72 50.90 42.71
CA ASN I 159 66.75 50.33 41.37
C ASN I 159 66.81 51.40 40.29
N PHE I 160 66.32 52.61 40.58
CA PHE I 160 66.35 53.68 39.59
C PHE I 160 67.77 54.21 39.39
N ARG I 161 68.50 54.43 40.48
CA ARG I 161 69.82 55.04 40.38
C ARG I 161 70.78 54.16 39.58
N GLU I 162 70.76 52.85 39.84
CA GLU I 162 71.65 51.95 39.10
C GLU I 162 71.29 51.91 37.62
N LYS I 163 69.98 51.94 37.30
CA LYS I 163 69.57 51.96 35.91
C LYS I 163 69.97 53.25 35.23
N PHE I 164 69.84 54.38 35.93
CA PHE I 164 70.23 55.67 35.35
C PHE I 164 71.73 55.74 35.10
N THR I 165 72.53 55.25 36.06
CA THR I 165 73.97 55.31 35.90
C THR I 165 74.45 54.46 34.73
N ASN I 166 73.90 53.24 34.58
CA ASN I 166 74.32 52.38 33.48
C ASN I 166 74.00 52.99 32.13
N ALA I 167 72.94 53.80 32.05
CA ALA I 167 72.65 54.50 30.80
C ALA I 167 73.76 55.48 30.46
N ALA I 168 74.26 56.22 31.44
CA ALA I 168 75.35 57.15 31.21
C ALA I 168 76.70 56.45 31.07
N LEU I 169 76.90 55.38 31.84
CA LEU I 169 78.17 54.64 31.76
C LEU I 169 78.34 53.99 30.40
N THR I 170 77.28 53.41 29.85
CA THR I 170 77.36 52.69 28.58
C THR I 170 77.10 53.58 27.37
N GLN I 171 76.93 54.89 27.57
CA GLN I 171 76.73 55.81 26.45
C GLN I 171 78.07 56.06 25.79
N PHE I 172 78.27 55.49 24.60
CA PHE I 172 79.52 55.62 23.85
C PHE I 172 79.46 56.88 23.00
N GLY I 173 80.40 57.79 23.23
CA GLY I 173 80.43 59.04 22.51
C GLY I 173 79.62 60.12 23.20
N SER I 174 79.59 61.29 22.56
CA SER I 174 78.85 62.41 23.09
C SER I 174 77.35 62.20 22.90
N GLY I 175 76.59 62.40 23.98
CA GLY I 175 75.15 62.22 23.91
C GLY I 175 74.48 62.76 25.15
N TRP I 176 73.30 62.22 25.45
CA TRP I 176 72.53 62.65 26.59
C TRP I 176 71.90 61.45 27.26
N VAL I 177 71.56 61.61 28.54
CA VAL I 177 70.85 60.60 29.33
C VAL I 177 69.62 61.25 29.90
N TRP I 178 68.47 60.58 29.78
CA TRP I 178 67.19 61.18 30.08
C TRP I 178 66.39 60.31 31.05
N LEU I 179 65.64 60.97 31.92
CA LEU I 179 64.54 60.38 32.66
C LEU I 179 63.27 61.01 32.11
N VAL I 180 62.49 60.24 31.34
CA VAL I 180 61.38 60.78 30.60
C VAL I 180 60.10 60.06 31.01
N LEU I 181 58.98 60.65 30.58
CA LEU I 181 57.64 60.11 30.84
C LEU I 181 57.06 59.64 29.52
N LYS I 182 56.89 58.32 29.39
CA LYS I 182 56.35 57.76 28.16
C LYS I 182 54.89 58.16 28.00
N ARG I 183 54.56 58.78 26.86
CA ARG I 183 53.22 59.32 26.66
C ARG I 183 52.19 58.20 26.52
N GLU I 184 52.48 57.21 25.68
CA GLU I 184 51.52 56.13 25.45
C GLU I 184 51.48 55.16 26.62
N GLU I 185 52.63 54.90 27.24
CA GLU I 185 52.71 53.92 28.32
C GLU I 185 52.45 54.50 29.70
N ARG I 186 52.53 55.84 29.82
CA ARG I 186 52.24 56.53 31.09
C ARG I 186 53.11 56.00 32.22
N ARG I 187 54.43 56.01 31.99
CA ARG I 187 55.39 55.54 32.97
C ARG I 187 56.71 56.27 32.77
N LEU I 188 57.52 56.28 33.82
CA LEU I 188 58.85 56.86 33.74
C LEU I 188 59.85 55.86 33.17
N GLU I 189 60.79 56.35 32.38
CA GLU I 189 61.82 55.51 31.79
C GLU I 189 63.14 56.27 31.74
N VAL I 190 64.22 55.52 31.63
CA VAL I 190 65.57 56.07 31.48
C VAL I 190 66.03 55.76 30.06
N VAL I 191 66.34 56.80 29.30
CA VAL I 191 66.62 56.67 27.87
C VAL I 191 67.96 57.32 27.57
N LYS I 192 68.80 56.61 26.83
CA LYS I 192 70.08 57.14 26.36
C LYS I 192 69.97 57.46 24.87
N THR I 193 70.62 58.55 24.46
CA THR I 193 70.64 58.92 23.05
C THR I 193 71.89 59.74 22.77
N SER I 194 72.24 59.84 21.49
CA SER I 194 73.49 60.43 21.06
C SER I 194 73.29 61.78 20.40
N ASN I 195 74.32 62.62 20.47
CA ASN I 195 74.39 63.92 19.81
C ASN I 195 73.32 64.88 20.32
N ALA I 196 72.57 65.48 19.41
CA ALA I 196 71.56 66.48 19.78
C ALA I 196 70.17 65.89 19.98
N ILE I 197 69.99 64.59 19.78
CA ILE I 197 68.67 64.00 19.83
C ILE I 197 68.11 64.07 21.25
N ASN I 198 66.85 64.47 21.37
CA ASN I 198 66.12 64.50 22.62
C ASN I 198 64.81 63.76 22.44
N PRO I 199 64.24 63.21 23.53
CA PRO I 199 63.01 62.42 23.40
C PRO I 199 61.80 63.19 22.92
N LEU I 200 61.92 64.49 22.65
CA LEU I 200 60.80 65.23 22.06
C LEU I 200 60.43 64.67 20.69
N VAL I 201 61.40 64.11 19.97
CA VAL I 201 61.11 63.54 18.66
C VAL I 201 60.27 62.27 18.77
N TRP I 202 60.23 61.65 19.94
CA TRP I 202 59.34 60.52 20.20
C TRP I 202 58.08 60.94 20.95
N ASP I 203 57.84 62.25 21.06
CA ASP I 203 56.68 62.78 21.80
C ASP I 203 56.67 62.30 23.25
N ASP I 204 57.83 62.31 23.89
CA ASP I 204 57.97 62.02 25.30
C ASP I 204 58.44 63.26 26.03
N ILE I 205 57.95 63.44 27.26
CA ILE I 205 58.23 64.64 28.05
C ILE I 205 59.47 64.37 28.90
N PRO I 206 60.58 65.06 28.68
CA PRO I 206 61.74 64.90 29.57
C PRO I 206 61.45 65.43 30.96
N ILE I 207 62.08 64.81 31.96
CA ILE I 207 61.94 65.20 33.35
C ILE I 207 63.28 65.61 33.96
N ILE I 208 64.31 64.78 33.79
CA ILE I 208 65.64 65.06 34.31
C ILE I 208 66.64 64.88 33.18
N ASN I 209 67.60 65.80 33.09
CA ASN I 209 68.58 65.82 32.01
C ASN I 209 69.99 65.73 32.58
N LEU I 210 70.82 64.93 31.94
CA LEU I 210 72.25 64.86 32.23
C LEU I 210 73.02 64.92 30.91
N ASP I 211 74.08 65.72 30.88
CA ASP I 211 74.91 65.89 29.69
C ASP I 211 76.16 65.03 29.84
N VAL I 212 76.34 64.08 28.93
CA VAL I 212 77.53 63.24 28.92
C VAL I 212 78.46 63.60 27.76
N TRP I 213 78.24 64.77 27.14
CA TRP I 213 79.22 65.31 26.22
C TRP I 213 80.53 65.56 26.97
N GLU I 214 81.65 65.29 26.30
CA GLU I 214 82.95 65.43 26.97
C GLU I 214 83.19 66.86 27.40
N HIS I 215 82.83 67.83 26.56
CA HIS I 215 83.08 69.23 26.89
C HIS I 215 82.37 69.67 28.16
N SER I 216 81.34 68.94 28.58
CA SER I 216 80.61 69.29 29.80
C SER I 216 81.39 68.95 31.06
N TYR I 217 82.26 67.95 31.01
CA TYR I 217 82.93 67.50 32.23
C TYR I 217 84.41 67.14 32.03
N TYR I 218 85.03 67.52 30.92
CA TYR I 218 86.42 67.13 30.67
C TYR I 218 87.42 68.03 31.38
N LEU I 219 87.00 68.85 32.33
CA LEU I 219 87.91 69.68 33.11
C LEU I 219 88.03 69.24 34.56
N ASP I 220 86.91 69.07 35.26
CA ASP I 220 86.94 68.63 36.65
C ASP I 220 87.01 67.12 36.79
N TYR I 221 86.73 66.37 35.72
CA TYR I 221 86.76 64.92 35.76
C TYR I 221 87.51 64.28 34.61
N LYS I 222 87.68 64.97 33.48
CA LYS I 222 88.41 64.48 32.30
C LYS I 222 87.79 63.18 31.86
N ASN I 223 88.51 62.06 31.87
CA ASN I 223 87.97 60.77 31.44
C ASN I 223 87.28 60.01 32.57
N GLU I 224 87.27 60.56 33.78
CA GLU I 224 86.61 59.92 34.92
C GLU I 224 85.12 60.31 34.92
N ARG I 225 84.41 59.77 33.92
CA ARG I 225 82.98 60.03 33.83
C ARG I 225 82.19 59.28 34.88
N GLY I 226 82.71 58.13 35.34
CA GLY I 226 81.95 57.30 36.26
C GLY I 226 81.63 58.00 37.56
N LYS I 227 82.62 58.66 38.16
CA LYS I 227 82.36 59.40 39.38
C LYS I 227 81.63 60.71 39.10
N TYR I 228 81.76 61.24 37.88
CA TYR I 228 81.02 62.44 37.52
C TYR I 228 79.51 62.17 37.51
N ILE I 229 79.10 61.00 37.02
CA ILE I 229 77.70 60.63 37.05
C ILE I 229 77.22 60.50 38.50
N ASN I 230 78.03 59.88 39.35
CA ASN I 230 77.66 59.70 40.75
C ASN I 230 77.55 61.03 41.47
N THR I 231 78.48 61.96 41.21
CA THR I 231 78.42 63.27 41.85
C THR I 231 77.19 64.06 41.41
N PHE I 232 76.81 63.94 40.13
CA PHE I 232 75.62 64.63 39.65
C PHE I 232 74.38 64.16 40.38
N LEU I 233 74.26 62.85 40.61
CA LEU I 233 73.10 62.30 41.30
C LEU I 233 73.14 62.52 42.80
N ASN I 234 74.27 62.99 43.35
CA ASN I 234 74.41 63.16 44.79
C ASN I 234 74.42 64.60 45.25
N HIS I 235 74.80 65.54 44.39
CA HIS I 235 74.94 66.93 44.82
C HIS I 235 74.32 67.96 43.89
N LEU I 236 73.95 67.60 42.65
CA LEU I 236 73.50 68.58 41.68
C LEU I 236 72.13 68.29 41.06
N VAL I 237 71.68 67.04 41.06
CA VAL I 237 70.40 66.73 40.41
C VAL I 237 69.27 67.44 41.14
N SER I 238 68.43 68.13 40.37
CA SER I 238 67.34 68.94 40.92
C SER I 238 66.04 68.16 40.82
N TRP I 239 65.60 67.61 41.95
CA TRP I 239 64.31 66.94 41.99
C TRP I 239 63.15 67.91 42.19
N ASN I 240 63.44 69.15 42.60
CA ASN I 240 62.40 70.18 42.63
C ASN I 240 61.91 70.49 41.22
N ALA I 241 62.83 70.56 40.26
CA ALA I 241 62.44 70.79 38.87
C ALA I 241 61.66 69.60 38.31
N ALA I 242 62.01 68.38 38.74
CA ALA I 242 61.29 67.19 38.28
C ALA I 242 59.83 67.21 38.69
N MET I 243 59.51 67.86 39.81
CA MET I 243 58.13 67.90 40.28
C MET I 243 57.25 68.70 39.31
N SER I 244 57.69 69.90 38.93
CA SER I 244 56.88 70.74 38.07
C SER I 244 56.83 70.20 36.65
N ARG I 245 57.93 69.61 36.17
CA ARG I 245 57.92 68.99 34.86
C ARG I 245 56.95 67.81 34.82
N MET I 246 56.90 67.03 35.89
CA MET I 246 55.86 66.02 36.02
C MET I 246 54.50 66.62 36.35
N ALA I 247 54.44 67.91 36.68
CA ALA I 247 53.17 68.61 36.82
C ALA I 247 52.72 69.20 35.49
N ARG I 248 53.65 69.72 34.70
CA ARG I 248 53.33 70.16 33.36
C ARG I 248 52.92 68.98 32.49
N ALA I 249 53.59 67.84 32.66
CA ALA I 249 53.26 66.65 31.88
C ALA I 249 51.90 66.09 32.24
N GLU I 250 51.41 66.34 33.46
CA GLU I 250 50.08 65.88 33.85
C GLU I 250 48.98 66.50 32.99
N ALA I 251 49.27 67.63 32.33
CA ALA I 251 48.33 68.20 31.39
C ALA I 251 48.22 67.38 30.11
N PHE I 252 49.09 66.40 29.90
CA PHE I 252 49.09 65.61 28.69
C PHE I 252 49.16 64.10 28.90
N VAL I 253 49.49 63.62 30.10
CA VAL I 253 49.73 62.21 30.33
C VAL I 253 48.71 61.60 31.30
N ASN I 254 48.42 62.29 32.40
CA ASN I 254 47.42 61.84 33.38
C ASN I 254 47.80 60.46 33.95
N LEU I 255 48.91 60.46 34.70
CA LEU I 255 49.42 59.25 35.33
C LEU I 255 48.52 58.71 36.43
N GLY I 256 47.34 59.27 36.63
CA GLY I 256 46.44 58.84 37.69
C GLY I 256 45.58 57.66 37.30
N GLU I 257 44.50 57.47 38.07
CA GLU I 257 43.55 56.41 37.85
C GLU I 257 42.13 56.97 37.88
N PRO I 258 41.24 56.42 37.05
CA PRO I 258 39.89 56.97 36.97
C PRO I 258 38.99 56.51 38.12
N THR I 259 38.02 57.36 38.44
CA THR I 259 36.99 57.04 39.42
C THR I 259 35.83 56.38 38.68
N ILE I 260 35.59 55.11 38.97
CA ILE I 260 34.63 54.28 38.24
C ILE I 260 33.44 54.00 39.16
N PRO I 261 32.22 54.32 38.75
CA PRO I 261 31.06 54.05 39.60
C PRO I 261 30.82 52.56 39.77
N ILE I 262 30.20 52.22 40.90
CA ILE I 262 29.86 50.82 41.18
C ILE I 262 28.62 50.36 40.44
N ALA I 263 27.84 51.28 39.87
CA ALA I 263 26.62 50.92 39.16
C ALA I 263 26.94 50.18 37.86
N ASN J 184 -67.55 35.16 47.55
CA ASN J 184 -66.59 36.02 48.24
C ASN J 184 -65.79 36.85 47.26
N GLY J 185 -64.54 37.15 47.62
CA GLY J 185 -63.67 37.95 46.77
C GLY J 185 -62.96 37.14 45.71
N PHE J 186 -63.61 36.08 45.22
CA PHE J 186 -63.05 35.24 44.18
C PHE J 186 -63.58 35.56 42.80
N VAL J 187 -64.78 36.13 42.70
CA VAL J 187 -65.40 36.48 41.43
C VAL J 187 -65.41 38.00 41.32
N VAL J 188 -64.84 38.53 40.25
CA VAL J 188 -64.72 39.95 40.02
C VAL J 188 -65.34 40.28 38.66
N TYR J 189 -66.16 41.32 38.62
CA TYR J 189 -66.83 41.74 37.40
C TYR J 189 -66.17 43.01 36.87
N ASN J 190 -65.78 42.98 35.59
CA ASN J 190 -65.16 44.11 34.94
C ASN J 190 -65.16 43.94 33.42
N GLY J 202 -48.20 55.57 19.70
CA GLY J 202 -46.81 55.45 19.31
C GLY J 202 -46.16 54.18 19.83
N PHE J 203 -45.17 54.35 20.70
CA PHE J 203 -44.50 53.21 21.30
C PHE J 203 -45.45 52.45 22.21
N GLU J 204 -45.02 51.25 22.61
CA GLU J 204 -45.77 50.36 23.50
C GLU J 204 -47.03 49.83 22.81
N LEU J 205 -47.28 50.30 21.58
CA LEU J 205 -48.31 49.76 20.71
C LEU J 205 -47.74 49.28 19.39
N ASP J 206 -46.82 50.03 18.79
CA ASP J 206 -46.09 49.52 17.64
C ASP J 206 -45.23 48.33 18.03
N LYS J 207 -44.67 48.36 19.24
CA LYS J 207 -43.90 47.21 19.72
C LYS J 207 -44.80 46.01 19.95
N LYS J 208 -46.04 46.25 20.43
CA LYS J 208 -46.98 45.15 20.65
C LYS J 208 -47.43 44.55 19.33
N LEU J 209 -47.83 45.40 18.38
CA LEU J 209 -48.36 44.94 17.11
C LEU J 209 -47.27 44.51 16.13
N GLY J 210 -46.01 44.81 16.40
CA GLY J 210 -44.95 44.50 15.48
C GLY J 210 -44.75 45.51 14.37
N ARG J 211 -45.35 46.69 14.48
CA ARG J 211 -45.15 47.74 13.50
C ARG J 211 -43.74 48.32 13.65
N PRO J 212 -43.19 48.90 12.59
CA PRO J 212 -41.82 49.44 12.66
C PRO J 212 -41.67 50.45 13.78
N HIS J 213 -40.71 50.19 14.67
CA HIS J 213 -40.46 51.02 15.83
C HIS J 213 -39.00 50.85 16.24
N PRO J 214 -38.42 51.84 16.92
CA PRO J 214 -37.06 51.66 17.44
C PRO J 214 -37.00 50.54 18.46
N PHE J 215 -35.85 49.84 18.48
CA PHE J 215 -35.65 48.80 19.47
C PHE J 215 -35.64 49.37 20.88
N ILE J 216 -35.02 50.54 21.06
CA ILE J 216 -34.98 51.24 22.34
C ILE J 216 -35.88 52.46 22.25
N ASP J 217 -36.79 52.59 23.20
CA ASP J 217 -37.68 53.73 23.22
C ASP J 217 -36.87 55.02 23.37
N PRO J 218 -37.04 55.99 22.47
CA PRO J 218 -36.28 57.25 22.60
C PRO J 218 -36.53 57.98 23.90
N THR J 219 -37.75 57.92 24.44
CA THR J 219 -38.03 58.58 25.72
C THR J 219 -37.32 57.89 26.87
N LYS J 220 -37.38 56.56 26.92
CA LYS J 220 -36.66 55.78 27.93
C LYS J 220 -35.23 55.47 27.47
N LYS J 221 -34.50 56.51 27.11
CA LYS J 221 -33.13 56.37 26.63
C LYS J 221 -32.24 57.39 27.33
N LYS J 222 -31.06 56.96 27.74
CA LYS J 222 -30.11 57.82 28.42
C LYS J 222 -28.75 57.73 27.74
N GLN J 223 -27.99 58.82 27.82
CA GLN J 223 -26.63 58.83 27.30
C GLN J 223 -25.73 58.00 28.22
N ILE J 224 -24.45 57.91 27.84
CA ILE J 224 -23.52 57.02 28.53
C ILE J 224 -22.51 57.85 29.32
N GLU J 225 -22.92 59.04 29.74
CA GLU J 225 -22.13 59.89 30.63
C GLU J 225 -20.81 60.24 29.96
N THR J 226 -19.76 60.49 30.75
CA THR J 226 -18.44 60.85 30.27
C THR J 226 -17.46 59.78 30.68
N THR J 227 -16.66 59.31 29.73
CA THR J 227 -15.71 58.23 29.95
C THR J 227 -14.30 58.80 30.00
N LEU J 228 -13.31 57.90 30.03
CA LEU J 228 -11.92 58.31 30.15
C LEU J 228 -11.52 59.18 28.97
N THR J 229 -10.70 60.19 29.25
CA THR J 229 -10.33 61.20 28.25
C THR J 229 -8.93 61.02 27.71
N SER J 230 -8.38 59.80 27.79
CA SER J 230 -7.05 59.47 27.29
C SER J 230 -5.96 60.13 28.13
N ASP J 231 -6.34 60.92 29.12
CA ASP J 231 -5.41 61.44 30.11
C ASP J 231 -5.49 60.67 31.42
N GLU J 232 -6.58 59.94 31.65
CA GLU J 232 -6.71 59.04 32.79
C GLU J 232 -6.87 57.60 32.32
N SER J 233 -6.19 57.26 31.22
CA SER J 233 -6.29 55.95 30.61
C SER J 233 -4.91 55.38 30.35
N TRP J 234 -4.83 54.05 30.33
CA TRP J 234 -3.60 53.37 29.99
C TRP J 234 -3.30 53.52 28.50
N TRP J 235 -2.04 53.25 28.14
CA TRP J 235 -1.60 53.47 26.77
C TRP J 235 -2.34 52.57 25.79
N ASN J 236 -2.66 51.35 26.21
CA ASN J 236 -3.29 50.38 25.31
C ASN J 236 -4.77 50.64 25.10
N TRP J 237 -5.39 51.55 25.86
CA TRP J 237 -6.79 51.86 25.71
C TRP J 237 -7.03 53.29 25.22
N ARG J 238 -6.00 53.93 24.67
CA ARG J 238 -6.12 55.28 24.15
C ARG J 238 -6.48 55.24 22.66
N LYS J 239 -7.43 56.08 22.28
CA LYS J 239 -7.76 56.22 20.87
C LYS J 239 -6.55 56.80 20.12
N PRO J 240 -6.18 56.23 18.97
CA PRO J 240 -5.05 56.77 18.20
C PRO J 240 -5.29 58.21 17.80
N GLU J 241 -4.21 58.99 17.78
CA GLU J 241 -4.33 60.42 17.47
C GLU J 241 -4.84 60.63 16.06
N LYS J 242 -4.31 59.89 15.09
CA LYS J 242 -4.75 59.95 13.71
C LYS J 242 -5.51 58.68 13.36
N GLU J 243 -6.57 58.84 12.55
CA GLU J 243 -7.33 57.69 12.09
C GLU J 243 -6.44 56.75 11.28
N GLN J 244 -6.64 55.46 11.47
CA GLN J 244 -5.78 54.43 10.90
C GLN J 244 -6.50 53.73 9.75
N TRP J 245 -5.80 53.57 8.64
CA TRP J 245 -6.34 52.85 7.49
C TRP J 245 -6.55 51.39 7.87
N SER J 246 -7.65 50.80 7.38
CA SER J 246 -8.07 49.52 7.92
C SER J 246 -8.30 48.44 6.87
N ARG J 247 -8.79 48.82 5.68
CA ARG J 247 -9.25 47.91 4.63
C ARG J 247 -10.59 47.29 5.01
N TRP J 248 -11.04 47.54 6.23
CA TRP J 248 -12.39 47.21 6.67
C TRP J 248 -13.19 48.45 7.02
N GLN J 249 -12.74 49.63 6.54
CA GLN J 249 -13.37 50.89 6.88
C GLN J 249 -14.66 51.15 6.11
N ARG J 250 -14.93 50.40 5.06
CA ARG J 250 -16.17 50.52 4.31
C ARG J 250 -17.07 49.33 4.62
N ARG J 251 -18.37 49.58 4.72
CA ARG J 251 -19.31 48.52 5.01
C ARG J 251 -19.54 47.66 3.78
N ARG J 252 -19.63 46.35 3.99
CA ARG J 252 -19.72 45.42 2.88
C ARG J 252 -21.07 45.54 2.18
N PRO J 253 -21.11 45.66 0.86
CA PRO J 253 -22.39 45.66 0.15
C PRO J 253 -23.03 44.28 0.14
N ASP J 254 -24.36 44.28 0.09
CA ASP J 254 -25.11 43.03 0.04
C ASP J 254 -26.50 43.31 -0.51
N VAL J 255 -27.26 42.24 -0.69
CA VAL J 255 -28.64 42.34 -1.19
C VAL J 255 -29.54 43.00 -0.16
N GLU J 256 -29.31 42.69 1.12
CA GLU J 256 -30.21 43.15 2.18
C GLU J 256 -30.25 44.67 2.26
N THR J 257 -29.09 45.32 2.14
CA THR J 257 -29.05 46.78 2.23
C THR J 257 -29.84 47.42 1.09
N VAL J 258 -29.64 46.92 -0.13
CA VAL J 258 -30.34 47.49 -1.29
C VAL J 258 -31.84 47.31 -1.14
N PHE J 259 -32.26 46.09 -0.77
CA PHE J 259 -33.69 45.84 -0.65
C PHE J 259 -34.31 46.63 0.50
N LEU J 260 -33.60 46.77 1.61
CA LEU J 260 -34.12 47.58 2.72
C LEU J 260 -34.23 49.04 2.35
N LYS J 261 -33.25 49.57 1.61
CA LYS J 261 -33.35 50.96 1.17
C LYS J 261 -34.52 51.15 0.20
N ALA J 262 -34.73 50.19 -0.70
CA ALA J 262 -35.88 50.28 -1.61
C ALA J 262 -37.20 50.23 -0.86
N MET J 263 -37.30 49.34 0.13
CA MET J 263 -38.54 49.23 0.91
C MET J 263 -38.75 50.45 1.81
N ALA J 264 -37.67 51.11 2.22
CA ALA J 264 -37.82 52.36 2.96
C ALA J 264 -38.24 53.49 2.05
N GLU J 265 -37.77 53.49 0.80
CA GLU J 265 -38.25 54.46 -0.17
C GLU J 265 -39.73 54.28 -0.44
N THR J 266 -40.18 53.04 -0.57
CA THR J 266 -41.60 52.79 -0.84
C THR J 266 -42.48 52.97 0.38
N GLY J 267 -41.90 53.01 1.58
CA GLY J 267 -42.68 53.15 2.80
C GLY J 267 -43.17 51.85 3.39
N GLN J 268 -42.80 50.70 2.81
CA GLN J 268 -43.21 49.42 3.37
C GLN J 268 -42.65 49.23 4.77
N VAL J 269 -41.39 49.60 4.98
CA VAL J 269 -40.76 49.62 6.29
C VAL J 269 -40.10 50.97 6.47
N LYS J 270 -39.87 51.33 7.73
CA LYS J 270 -39.10 52.52 8.06
C LYS J 270 -37.93 52.14 8.95
N LEU J 271 -36.78 52.74 8.67
CA LEU J 271 -35.56 52.42 9.39
C LEU J 271 -35.22 53.54 10.37
N TYR J 272 -34.26 53.25 11.24
CA TYR J 272 -33.82 54.25 12.22
C TYR J 272 -33.17 55.44 11.53
N GLY J 273 -32.36 55.20 10.49
CA GLY J 273 -31.74 56.26 9.73
C GLY J 273 -31.83 56.03 8.23
N LYS J 274 -30.99 56.71 7.46
CA LYS J 274 -31.02 56.53 6.01
C LYS J 274 -30.39 55.22 5.59
N GLU J 275 -29.27 54.85 6.20
CA GLU J 275 -28.60 53.60 5.89
C GLU J 275 -28.99 52.55 6.90
N PRO J 276 -29.51 51.41 6.47
CA PRO J 276 -29.85 50.34 7.43
C PRO J 276 -28.62 49.84 8.16
N THR J 277 -28.80 49.53 9.44
CA THR J 277 -27.70 49.02 10.24
C THR J 277 -27.53 47.52 10.02
N LEU J 278 -26.51 46.94 10.65
CA LEU J 278 -26.30 45.50 10.54
C LEU J 278 -27.36 44.73 11.31
N THR J 279 -27.86 45.28 12.41
CA THR J 279 -28.98 44.67 13.12
C THR J 279 -30.23 44.64 12.25
N GLU J 280 -30.51 45.77 11.58
CA GLU J 280 -31.65 45.82 10.68
C GLU J 280 -31.45 44.90 9.48
N THR J 281 -30.22 44.78 8.99
CA THR J 281 -29.94 43.86 7.89
C THR J 281 -30.18 42.41 8.31
N SER J 282 -29.75 42.05 9.51
CA SER J 282 -30.01 40.69 10.01
C SER J 282 -31.50 40.44 10.20
N LEU J 283 -32.23 41.44 10.73
CA LEU J 283 -33.67 41.28 10.91
C LEU J 283 -34.37 41.11 9.56
N TYR J 284 -33.96 41.88 8.55
CA TYR J 284 -34.53 41.72 7.22
C TYR J 284 -34.20 40.35 6.66
N ARG J 285 -32.97 39.88 6.83
CA ARG J 285 -32.62 38.54 6.38
C ARG J 285 -33.48 37.49 7.05
N ALA J 286 -33.86 37.72 8.31
CA ALA J 286 -34.72 36.78 9.01
C ALA J 286 -36.15 36.81 8.47
N ARG J 287 -36.68 38.00 8.18
CA ARG J 287 -38.10 38.17 7.89
C ARG J 287 -38.38 38.59 6.45
N ARG J 288 -37.48 38.29 5.51
CA ARG J 288 -37.57 38.89 4.17
C ARG J 288 -38.66 38.28 3.30
N HIS J 289 -39.13 37.07 3.61
CA HIS J 289 -40.13 36.43 2.76
C HIS J 289 -41.51 37.07 2.90
N LEU J 290 -41.82 37.60 4.09
CA LEU J 290 -43.12 38.20 4.31
C LEU J 290 -43.33 39.44 3.45
N PHE J 291 -42.31 40.28 3.33
CA PHE J 291 -42.43 41.50 2.54
C PHE J 291 -42.56 41.20 1.06
N LYS J 292 -41.80 40.20 0.57
CA LYS J 292 -41.95 39.78 -0.81
C LYS J 292 -43.35 39.24 -1.07
N GLU J 293 -43.90 38.47 -0.12
CA GLU J 293 -45.25 37.97 -0.28
C GLU J 293 -46.26 39.12 -0.31
N GLU J 294 -46.04 40.15 0.51
CA GLU J 294 -46.91 41.31 0.48
C GLU J 294 -46.87 42.01 -0.87
N ARG J 295 -45.68 42.17 -1.44
CA ARG J 295 -45.56 42.80 -2.75
C ARG J 295 -46.24 41.95 -3.82
N LEU J 296 -46.07 40.63 -3.76
CA LEU J 296 -46.73 39.75 -4.73
C LEU J 296 -48.25 39.84 -4.62
N GLN J 297 -48.76 39.88 -3.38
CA GLN J 297 -50.21 39.99 -3.19
C GLN J 297 -50.72 41.35 -3.71
N ALA J 298 -49.94 42.41 -3.49
CA ALA J 298 -50.33 43.71 -4.03
C ALA J 298 -50.38 43.68 -5.56
N GLU J 299 -49.42 43.00 -6.18
CA GLU J 299 -49.44 42.87 -7.64
C GLU J 299 -50.64 42.07 -8.11
N ARG J 300 -50.99 41.00 -7.40
CA ARG J 300 -52.17 40.23 -7.76
C ARG J 300 -53.44 41.06 -7.64
N GLU J 301 -53.54 41.87 -6.58
CA GLU J 301 -54.69 42.73 -6.42
C GLU J 301 -54.76 43.78 -7.52
N ARG J 302 -53.61 44.34 -7.91
CA ARG J 302 -53.60 45.31 -8.99
C ARG J 302 -54.02 44.67 -10.31
N LEU J 303 -53.57 43.43 -10.56
CA LEU J 303 -54.02 42.73 -11.76
C LEU J 303 -55.52 42.48 -11.74
N ALA J 304 -56.06 42.08 -10.58
CA ALA J 304 -57.49 41.85 -10.48
C ALA J 304 -58.29 43.13 -10.66
N LYS J 305 -57.76 44.26 -10.21
CA LYS J 305 -58.50 45.52 -10.28
C LYS J 305 -58.42 46.15 -11.66
N GLU J 306 -57.21 46.27 -12.22
CA GLU J 306 -57.05 46.98 -13.49
C GLU J 306 -57.50 46.14 -14.68
N GLY J 307 -57.23 44.84 -14.66
CA GLY J 307 -57.53 43.99 -15.79
C GLY J 307 -56.28 43.63 -16.58
N PRO J 308 -56.36 42.55 -17.35
CA PRO J 308 -55.17 42.08 -18.09
C PRO J 308 -54.62 43.09 -19.08
N MET J 309 -55.48 43.87 -19.74
CA MET J 309 -54.99 44.82 -20.73
C MET J 309 -54.17 45.92 -20.09
N ALA J 310 -54.66 46.48 -18.99
CA ALA J 310 -53.91 47.52 -18.30
C ALA J 310 -52.67 46.97 -17.60
N PHE J 311 -52.77 45.78 -17.04
CA PHE J 311 -51.67 45.22 -16.26
C PHE J 311 -50.49 44.85 -17.15
N TYR J 312 -50.75 44.14 -18.25
CA TYR J 312 -49.70 43.60 -19.09
C TYR J 312 -49.23 44.59 -20.15
N SER J 313 -49.83 45.77 -20.24
CA SER J 313 -49.34 46.79 -21.16
C SER J 313 -48.04 47.41 -20.69
N GLU J 314 -47.64 47.16 -19.45
CA GLU J 314 -46.35 47.64 -18.98
C GLU J 314 -45.21 47.03 -19.78
N TRP J 315 -45.37 45.80 -20.26
CA TRP J 315 -44.36 45.11 -21.05
C TRP J 315 -44.69 45.09 -22.53
N VAL J 316 -45.66 45.90 -22.96
CA VAL J 316 -45.96 46.10 -24.38
C VAL J 316 -45.97 47.61 -24.59
N LYS J 317 -44.80 48.17 -24.92
CA LYS J 317 -44.69 49.62 -25.07
C LYS J 317 -45.22 50.13 -26.40
N ALA J 318 -45.29 49.26 -27.42
CA ALA J 318 -45.81 49.68 -28.71
C ALA J 318 -47.32 49.81 -28.73
N TRP J 319 -48.00 49.38 -27.67
CA TRP J 319 -49.46 49.46 -27.59
C TRP J 319 -49.83 50.84 -27.06
N LYS J 320 -50.48 51.65 -27.90
CA LYS J 320 -50.81 53.02 -27.53
C LYS J 320 -52.29 53.23 -27.22
N ARG J 321 -53.13 52.22 -27.44
CA ARG J 321 -54.54 52.35 -27.15
C ARG J 321 -54.79 52.42 -25.65
N ASP J 322 -55.96 52.92 -25.28
CA ASP J 322 -56.35 53.00 -23.88
C ASP J 322 -56.69 51.60 -23.38
N THR J 323 -56.14 51.23 -22.22
CA THR J 323 -56.23 49.88 -21.71
C THR J 323 -57.17 49.74 -20.51
N SER J 324 -57.90 50.78 -20.15
CA SER J 324 -58.83 50.68 -19.04
C SER J 324 -59.99 49.75 -19.39
N ARG J 325 -60.64 49.22 -18.34
CA ARG J 325 -61.77 48.32 -18.57
C ARG J 325 -62.89 49.01 -19.33
N GLU J 326 -63.11 50.29 -19.05
CA GLU J 326 -64.12 51.04 -19.80
C GLU J 326 -63.78 51.13 -21.27
N ALA J 327 -62.51 51.38 -21.59
CA ALA J 327 -62.09 51.43 -22.99
C ALA J 327 -62.22 50.07 -23.65
N VAL J 328 -61.90 49.01 -22.93
CA VAL J 328 -62.03 47.66 -23.49
C VAL J 328 -63.50 47.35 -23.78
N GLN J 329 -64.40 47.72 -22.86
CA GLN J 329 -65.81 47.49 -23.10
C GLN J 329 -66.33 48.32 -24.26
N LYS J 330 -65.87 49.57 -24.39
CA LYS J 330 -66.25 50.39 -25.53
C LYS J 330 -65.77 49.76 -26.84
N HIS J 331 -64.53 49.26 -26.86
CA HIS J 331 -64.02 48.62 -28.06
C HIS J 331 -64.80 47.37 -28.40
N PHE J 332 -65.19 46.59 -27.38
CA PHE J 332 -65.99 45.40 -27.63
C PHE J 332 -67.36 45.76 -28.19
N GLU J 333 -67.99 46.79 -27.63
CA GLU J 333 -69.30 47.21 -28.13
C GLU J 333 -69.21 47.72 -29.56
N GLU J 334 -68.17 48.50 -29.87
CA GLU J 334 -68.06 49.10 -31.20
C GLU J 334 -67.62 48.10 -32.26
N THR J 335 -66.79 47.12 -31.91
CA THR J 335 -66.18 46.25 -32.90
C THR J 335 -66.55 44.78 -32.75
N GLY J 336 -67.06 44.35 -31.61
CA GLY J 336 -67.34 42.95 -31.39
C GLY J 336 -66.16 42.12 -30.92
N GLU J 337 -65.01 42.74 -30.69
CA GLU J 337 -63.82 42.03 -30.22
C GLU J 337 -63.78 42.10 -28.70
N ASP J 338 -63.91 40.95 -28.04
CA ASP J 338 -63.99 40.91 -26.59
C ASP J 338 -62.62 41.17 -25.97
N GLU J 339 -62.56 41.09 -24.65
CA GLU J 339 -61.33 41.40 -23.93
C GLU J 339 -60.21 40.44 -24.32
N ASN J 340 -60.53 39.16 -24.51
CA ASN J 340 -59.51 38.19 -24.87
C ASN J 340 -58.93 38.47 -26.25
N THR J 341 -59.78 38.84 -27.22
CA THR J 341 -59.29 39.17 -28.55
C THR J 341 -58.38 40.40 -28.53
N GLN J 342 -58.78 41.43 -27.78
CA GLN J 342 -57.94 42.61 -27.65
C GLN J 342 -56.62 42.28 -26.96
N LEU J 343 -56.67 41.39 -25.96
CA LEU J 343 -55.45 40.98 -25.26
C LEU J 343 -54.51 40.24 -26.20
N ILE J 344 -55.05 39.36 -27.04
CA ILE J 344 -54.22 38.65 -28.02
C ILE J 344 -53.64 39.62 -29.02
N GLU J 345 -54.43 40.62 -29.43
CA GLU J 345 -53.93 41.63 -30.37
C GLU J 345 -52.81 42.46 -29.75
N MET J 346 -52.93 42.81 -28.47
CA MET J 346 -51.91 43.61 -27.81
C MET J 346 -50.58 42.85 -27.71
N PHE J 347 -50.65 41.56 -27.38
CA PHE J 347 -49.45 40.74 -27.29
C PHE J 347 -48.81 40.46 -28.64
N SER J 348 -49.49 40.77 -29.73
CA SER J 348 -48.91 40.61 -31.06
C SER J 348 -47.94 41.73 -31.42
N HIS J 349 -47.88 42.80 -30.62
CA HIS J 349 -46.93 43.88 -30.83
C HIS J 349 -45.79 43.83 -29.83
N GLN J 350 -45.81 42.89 -28.90
CA GLN J 350 -44.73 42.76 -27.93
C GLN J 350 -43.50 42.15 -28.60
N THR J 351 -42.33 42.62 -28.17
CA THR J 351 -41.07 42.10 -28.67
C THR J 351 -40.60 40.93 -27.80
N ASP J 352 -39.61 40.19 -28.31
CA ASP J 352 -39.08 39.07 -27.57
C ASP J 352 -38.36 39.52 -26.30
N ARG J 353 -37.67 40.66 -26.35
CA ARG J 353 -37.05 41.20 -25.15
C ARG J 353 -38.09 41.58 -24.12
N GLU J 354 -39.16 42.25 -24.55
CA GLU J 354 -40.24 42.62 -23.64
C GLU J 354 -40.93 41.39 -23.09
N TYR J 355 -41.13 40.37 -23.93
CA TYR J 355 -41.75 39.14 -23.45
C TYR J 355 -40.89 38.45 -22.40
N ARG J 356 -39.57 38.41 -22.63
CA ARG J 356 -38.69 37.79 -21.63
C ARG J 356 -38.63 38.60 -20.35
N ILE J 357 -38.75 39.93 -20.44
CA ILE J 357 -38.85 40.73 -19.21
C ILE J 357 -40.15 40.41 -18.48
N MET J 358 -41.24 40.21 -19.22
CA MET J 358 -42.54 39.93 -18.61
C MET J 358 -42.61 38.57 -17.95
N MET J 359 -41.62 37.70 -18.16
CA MET J 359 -41.67 36.38 -17.56
C MET J 359 -41.49 36.40 -16.04
N GLY J 360 -41.14 37.54 -15.46
CA GLY J 360 -41.14 37.66 -14.01
C GLY J 360 -42.52 37.59 -13.41
N THR J 361 -43.55 37.80 -14.21
CA THR J 361 -44.94 37.66 -13.78
C THR J 361 -45.49 36.25 -13.99
N ASP J 362 -44.66 35.32 -14.46
CA ASP J 362 -45.08 33.93 -14.57
C ASP J 362 -45.52 33.40 -13.21
N VAL J 363 -46.60 32.63 -13.21
CA VAL J 363 -47.17 32.15 -11.96
C VAL J 363 -46.26 31.14 -11.26
N ARG J 364 -45.33 30.53 -11.99
CA ARG J 364 -44.38 29.59 -11.40
C ARG J 364 -43.09 30.26 -10.99
N ILE J 365 -42.70 31.35 -11.66
CA ILE J 365 -41.47 32.03 -11.34
C ILE J 365 -41.68 32.96 -10.14
N LYS J 366 -42.67 33.85 -10.23
CA LYS J 366 -43.02 34.77 -9.15
C LYS J 366 -41.82 35.59 -8.71
N ARG J 367 -41.21 36.28 -9.68
CA ARG J 367 -40.10 37.17 -9.38
C ARG J 367 -40.58 38.31 -8.50
N ASP J 368 -39.69 38.78 -7.64
CA ASP J 368 -40.02 39.88 -6.73
C ASP J 368 -40.38 41.12 -7.53
N PRO J 369 -41.55 41.71 -7.31
CA PRO J 369 -41.88 42.95 -8.02
C PRO J 369 -40.92 44.09 -7.72
N LEU J 370 -40.35 44.13 -6.52
CA LEU J 370 -39.36 45.15 -6.19
C LEU J 370 -38.10 44.97 -7.05
N ALA J 371 -37.71 43.72 -7.29
CA ALA J 371 -36.53 43.46 -8.10
C ALA J 371 -36.79 43.70 -9.59
N MET J 372 -38.01 43.48 -10.05
CA MET J 372 -38.32 43.67 -11.47
C MET J 372 -38.20 45.14 -11.86
N ARG J 373 -38.65 46.05 -10.99
CA ARG J 373 -38.66 47.47 -11.27
C ARG J 373 -37.44 48.19 -10.68
N MET J 374 -36.51 47.45 -10.08
CA MET J 374 -35.31 48.05 -9.54
C MET J 374 -34.42 48.55 -10.67
N LYS J 375 -33.84 49.73 -10.48
CA LYS J 375 -33.05 50.38 -11.51
C LYS J 375 -31.57 50.02 -11.37
N GLU J 376 -30.81 50.34 -12.43
CA GLU J 376 -29.42 49.92 -12.49
C GLU J 376 -28.58 50.54 -11.37
N ASP J 377 -28.86 51.80 -11.02
CA ASP J 377 -28.11 52.44 -9.94
C ASP J 377 -28.34 51.75 -8.61
N GLN J 378 -29.54 51.24 -8.36
CA GLN J 378 -29.80 50.49 -7.15
C GLN J 378 -29.15 49.11 -7.21
N ILE J 379 -29.18 48.47 -8.38
CA ILE J 379 -28.69 47.10 -8.50
C ILE J 379 -27.17 47.06 -8.33
N LYS J 380 -26.46 48.05 -8.86
CA LYS J 380 -25.01 48.04 -8.79
C LYS J 380 -24.50 48.06 -7.35
N GLN J 381 -25.28 48.63 -6.43
CA GLN J 381 -24.88 48.69 -5.03
C GLN J 381 -24.91 47.33 -4.35
N ILE J 382 -25.47 46.30 -4.99
CA ILE J 382 -25.41 44.96 -4.41
C ILE J 382 -23.96 44.50 -4.28
N TRP J 383 -23.16 44.72 -5.31
CA TRP J 383 -21.74 44.38 -5.27
C TRP J 383 -20.85 45.59 -5.02
N GLY J 384 -21.42 46.79 -4.87
CA GLY J 384 -20.66 47.95 -4.47
C GLY J 384 -20.28 48.91 -5.59
N GLY J 385 -20.75 48.69 -6.81
CA GLY J 385 -20.42 49.56 -7.91
C GLY J 385 -19.33 49.00 -8.80
N ASP J 386 -18.74 49.89 -9.58
CA ASP J 386 -17.75 49.47 -10.57
C ASP J 386 -16.47 49.04 -9.87
N PRO J 387 -15.85 47.94 -10.31
CA PRO J 387 -14.56 47.54 -9.76
C PRO J 387 -13.50 48.60 -10.07
N VAL J 388 -12.59 48.79 -9.12
CA VAL J 388 -11.54 49.80 -9.29
C VAL J 388 -10.56 49.40 -10.38
N TYR J 389 -10.29 48.11 -10.50
CA TYR J 389 -9.50 47.59 -11.62
C TYR J 389 -10.43 47.34 -12.80
N PRO J 390 -10.23 48.03 -13.93
CA PRO J 390 -11.21 47.92 -15.03
C PRO J 390 -11.26 46.53 -15.62
N THR J 391 -12.48 46.09 -15.93
CA THR J 391 -12.70 44.77 -16.50
C THR J 391 -12.18 44.67 -17.93
N ILE J 392 -11.99 45.81 -18.60
CA ILE J 392 -11.50 45.83 -19.98
C ILE J 392 -10.13 45.16 -20.06
N ASN J 393 -9.38 45.13 -18.96
CA ASN J 393 -8.10 44.42 -18.93
C ASN J 393 -8.29 42.92 -19.04
N TYR J 394 -9.41 42.40 -18.54
CA TYR J 394 -9.70 40.97 -18.57
C TYR J 394 -10.34 40.53 -19.88
N ILE J 395 -11.06 41.42 -20.56
CA ILE J 395 -11.91 41.01 -21.68
C ILE J 395 -11.06 40.66 -22.88
N GLN J 396 -11.35 39.50 -23.48
CA GLN J 396 -10.69 39.02 -24.68
C GLN J 396 -11.75 38.54 -25.66
N ALA J 397 -11.50 38.74 -26.94
CA ALA J 397 -12.46 38.32 -27.95
C ALA J 397 -12.51 36.79 -28.02
N PRO J 398 -13.70 36.20 -28.15
CA PRO J 398 -13.78 34.74 -28.22
C PRO J 398 -13.12 34.15 -29.45
N ASP J 399 -12.98 34.91 -30.54
CA ASP J 399 -12.32 34.46 -31.75
C ASP J 399 -10.90 35.00 -31.87
N ALA J 400 -10.36 35.58 -30.81
CA ALA J 400 -9.05 36.21 -30.88
C ALA J 400 -7.95 35.17 -31.09
N VAL J 401 -6.99 35.52 -31.94
CA VAL J 401 -5.78 34.72 -32.16
C VAL J 401 -4.66 35.37 -31.37
N MET J 402 -3.91 34.57 -30.63
CA MET J 402 -2.88 35.10 -29.74
C MET J 402 -1.69 35.58 -30.55
N ASP J 403 -1.31 36.84 -30.36
CA ASP J 403 -0.15 37.43 -31.02
C ASP J 403 1.07 37.13 -30.15
N PHE J 404 1.94 36.25 -30.65
CA PHE J 404 3.09 35.80 -29.89
C PHE J 404 4.26 36.76 -29.96
N ARG J 405 4.15 37.85 -30.72
CA ARG J 405 5.14 38.90 -30.74
C ARG J 405 4.74 40.10 -29.88
N GLY J 406 3.75 39.93 -29.01
CA GLY J 406 3.27 41.00 -28.17
C GLY J 406 4.21 41.33 -27.03
N PRO J 407 3.92 42.40 -26.30
CA PRO J 407 4.83 42.84 -25.23
C PRO J 407 4.91 41.87 -24.06
N ASP J 408 3.97 40.94 -23.93
CA ASP J 408 3.94 40.02 -22.80
C ASP J 408 4.59 38.67 -23.10
N PHE J 409 5.27 38.55 -24.24
CA PHE J 409 5.89 37.30 -24.64
C PHE J 409 7.40 37.44 -24.72
N HIS J 410 8.09 36.34 -24.46
CA HIS J 410 9.53 36.30 -24.63
C HIS J 410 9.89 36.35 -26.12
N GLU J 411 11.19 36.48 -26.39
CA GLU J 411 11.65 36.49 -27.76
C GLU J 411 11.42 35.12 -28.40
N PRO J 412 11.23 35.07 -29.72
CA PRO J 412 10.98 33.78 -30.38
C PRO J 412 12.10 32.78 -30.10
N THR J 413 11.72 31.58 -29.70
CA THR J 413 12.68 30.56 -29.34
C THR J 413 13.40 30.07 -30.59
N PRO J 414 14.72 30.17 -30.67
CA PRO J 414 15.43 29.73 -31.87
C PRO J 414 15.52 28.21 -31.94
N ASN J 415 15.66 27.73 -33.17
CA ASN J 415 15.91 26.30 -33.38
C ASN J 415 17.23 25.93 -32.72
N MET J 416 17.22 24.82 -31.97
CA MET J 416 18.40 24.44 -31.20
C MET J 416 19.58 24.14 -32.12
N LEU J 417 19.35 23.38 -33.19
CA LEU J 417 20.41 23.09 -34.15
C LEU J 417 20.86 24.36 -34.85
N SER J 418 19.91 25.19 -35.28
CA SER J 418 20.26 26.45 -35.93
C SER J 418 20.94 27.41 -34.97
N TYR J 419 20.59 27.36 -33.69
CA TYR J 419 21.27 28.19 -32.71
C TYR J 419 22.70 27.72 -32.47
N LEU J 420 22.91 26.41 -32.44
CA LEU J 420 24.26 25.86 -32.31
C LEU J 420 25.11 26.24 -33.52
N LYS J 421 24.55 26.10 -34.72
CA LYS J 421 25.30 26.43 -35.93
C LYS J 421 25.53 27.93 -36.07
N GLU J 422 24.59 28.75 -35.60
CA GLU J 422 24.75 30.20 -35.67
C GLU J 422 25.94 30.66 -34.85
N ASN J 423 26.08 30.14 -33.63
CA ASN J 423 27.21 30.48 -32.76
C ASN J 423 28.50 29.78 -33.17
N CYS J 424 28.50 29.08 -34.31
CA CYS J 424 29.67 28.37 -34.82
C CYS J 424 30.16 27.33 -33.81
N LYS J 425 29.25 26.41 -33.47
CA LYS J 425 29.57 25.30 -32.60
C LYS J 425 29.44 23.94 -33.27
N VAL J 426 28.64 23.82 -34.32
CA VAL J 426 28.44 22.58 -35.05
C VAL J 426 28.68 22.84 -36.53
N ILE J 427 29.54 22.03 -37.13
CA ILE J 427 29.83 22.17 -38.55
C ILE J 427 28.73 21.51 -39.37
N SER J 428 28.64 21.92 -40.64
CA SER J 428 27.62 21.42 -41.55
C SER J 428 27.78 19.92 -41.81
N VAL K 77 -18.71 89.61 -28.78
CA VAL K 77 -18.20 90.82 -29.42
C VAL K 77 -19.29 91.88 -29.49
N ASP K 78 -20.39 91.56 -30.18
CA ASP K 78 -21.50 92.49 -30.32
C ASP K 78 -22.80 91.95 -29.73
N TYR K 79 -23.19 90.72 -30.08
CA TYR K 79 -24.48 90.18 -29.68
C TYR K 79 -24.28 88.74 -29.20
N ASP K 80 -25.40 88.04 -29.02
CA ASP K 80 -25.43 86.67 -28.56
C ASP K 80 -25.80 85.74 -29.72
N ASP K 81 -25.96 84.45 -29.40
CA ASP K 81 -26.20 83.42 -30.40
C ASP K 81 -27.33 82.51 -29.95
N GLY K 82 -28.11 82.02 -30.92
CA GLY K 82 -29.10 81.01 -30.63
C GLY K 82 -30.21 81.48 -29.72
N ILE K 83 -30.73 80.55 -28.92
CA ILE K 83 -31.85 80.79 -28.02
C ILE K 83 -31.40 80.48 -26.60
N ASP K 84 -31.71 81.38 -25.66
CA ASP K 84 -31.37 81.16 -24.27
C ASP K 84 -32.19 80.01 -23.70
N PHE K 85 -31.53 79.16 -22.92
CA PHE K 85 -32.16 77.99 -22.31
C PHE K 85 -31.60 77.81 -20.91
N PRO K 86 -32.37 77.20 -20.00
CA PRO K 86 -31.85 76.91 -18.66
C PRO K 86 -30.63 76.00 -18.63
N TYR K 87 -30.43 75.16 -19.65
CA TYR K 87 -29.27 74.28 -19.79
C TYR K 87 -29.32 73.12 -18.81
N ASP K 88 -29.00 71.93 -19.29
CA ASP K 88 -29.01 70.73 -18.47
C ASP K 88 -27.72 70.59 -17.67
N ASP K 89 -27.77 69.70 -16.65
CA ASP K 89 -26.72 69.35 -15.72
C ASP K 89 -26.12 67.99 -16.09
N PRO K 90 -24.82 67.78 -15.82
CA PRO K 90 -23.85 68.69 -15.23
C PRO K 90 -23.41 69.80 -16.20
N PRO K 91 -22.85 70.90 -15.71
CA PRO K 91 -22.44 71.99 -16.61
C PRO K 91 -21.46 71.51 -17.67
N LEU K 92 -21.64 72.05 -18.88
CA LEU K 92 -20.82 71.64 -20.01
C LEU K 92 -19.42 72.25 -19.92
N VAL K 93 -18.45 71.50 -20.41
CA VAL K 93 -17.08 71.99 -20.55
C VAL K 93 -16.67 71.82 -22.00
N CYS K 94 -15.78 72.69 -22.46
CA CYS K 94 -15.30 72.68 -23.84
C CYS K 94 -13.80 72.43 -23.86
N CYS K 95 -13.38 71.47 -24.67
CA CYS K 95 -11.96 71.17 -24.86
C CYS K 95 -11.57 71.63 -26.26
N PHE K 96 -10.59 72.53 -26.33
CA PHE K 96 -10.18 73.18 -27.57
C PHE K 96 -8.80 72.69 -27.95
N GLY K 97 -8.65 72.28 -29.19
CA GLY K 97 -7.34 71.87 -29.68
C GLY K 97 -7.48 70.78 -30.73
N ALA K 98 -6.47 69.92 -30.77
CA ALA K 98 -6.41 68.82 -31.72
C ALA K 98 -6.90 67.53 -31.09
N VAL K 99 -7.60 66.72 -31.88
CA VAL K 99 -8.03 65.40 -31.47
C VAL K 99 -7.08 64.39 -32.10
N GLN K 100 -6.32 63.70 -31.26
CA GLN K 100 -5.31 62.76 -31.73
C GLN K 100 -5.40 61.48 -30.91
N LYS K 101 -4.92 60.38 -31.50
CA LYS K 101 -4.85 59.11 -30.80
C LYS K 101 -3.50 59.00 -30.10
N GLU K 102 -3.54 58.90 -28.77
CA GLU K 102 -2.35 58.82 -27.94
C GLU K 102 -1.56 60.12 -28.03
N PHE K 103 -0.33 60.05 -28.55
CA PHE K 103 0.48 61.23 -28.85
C PHE K 103 0.70 62.08 -27.59
N VAL K 104 1.51 61.54 -26.69
CA VAL K 104 1.92 62.36 -25.54
C VAL K 104 2.82 63.49 -26.05
N PRO K 105 2.51 64.75 -25.71
CA PRO K 105 3.31 65.87 -26.23
C PRO K 105 4.62 66.11 -25.48
N VAL K 106 4.63 65.87 -24.18
CA VAL K 106 5.77 66.21 -23.35
C VAL K 106 6.89 65.20 -23.62
N VAL K 107 7.98 65.64 -24.23
CA VAL K 107 9.11 64.80 -24.54
C VAL K 107 10.38 65.50 -24.07
N ARG K 108 11.18 64.80 -23.28
CA ARG K 108 12.48 65.27 -22.84
C ARG K 108 13.47 64.12 -22.99
N VAL K 109 14.68 64.33 -22.51
CA VAL K 109 15.74 63.32 -22.60
C VAL K 109 15.75 62.53 -21.30
N HIS K 110 15.75 61.21 -21.42
CA HIS K 110 15.86 60.31 -20.29
C HIS K 110 17.17 59.54 -20.37
N ASP K 111 17.79 59.30 -19.22
CA ASP K 111 19.13 58.72 -19.15
C ASP K 111 19.11 57.21 -18.92
N ASN K 112 17.94 56.58 -18.92
CA ASN K 112 17.81 55.15 -18.65
C ASN K 112 17.02 54.48 -19.77
N PRO K 113 17.61 54.34 -20.95
CA PRO K 113 16.90 53.69 -22.05
C PRO K 113 16.98 52.18 -21.96
N MET K 114 15.96 51.53 -22.53
CA MET K 114 15.89 50.08 -22.62
C MET K 114 16.39 49.62 -23.97
N HIS K 115 16.19 48.35 -24.29
CA HIS K 115 16.66 47.82 -25.56
C HIS K 115 15.96 48.52 -26.72
N PRO K 116 16.70 48.96 -27.75
CA PRO K 116 16.06 49.71 -28.83
C PRO K 116 15.04 48.91 -29.63
N ASP K 117 15.13 47.59 -29.62
CA ASP K 117 14.24 46.73 -30.41
C ASP K 117 13.25 45.94 -29.57
N ILE K 118 13.66 45.46 -28.40
CA ILE K 118 12.82 44.59 -27.59
C ILE K 118 11.86 45.43 -26.78
N TYR K 119 10.67 45.70 -27.33
CA TYR K 119 9.69 46.51 -26.64
C TYR K 119 9.06 45.81 -25.44
N SER K 120 9.32 44.52 -25.25
CA SER K 120 8.83 43.85 -24.05
C SER K 120 9.58 44.29 -22.80
N GLN K 121 10.74 44.94 -22.95
CA GLN K 121 11.44 45.52 -21.81
C GLN K 121 10.97 46.92 -21.48
N TRP K 122 10.25 47.57 -22.40
CA TRP K 122 9.91 48.98 -22.23
C TRP K 122 8.85 49.21 -21.16
N LYS K 123 8.16 48.15 -20.72
CA LYS K 123 7.25 48.28 -19.59
C LYS K 123 8.00 48.57 -18.29
N MET K 124 9.29 48.24 -18.22
CA MET K 124 10.09 48.55 -17.03
C MET K 124 10.26 50.05 -16.85
N LEU K 125 10.15 50.83 -17.92
CA LEU K 125 10.15 52.28 -17.84
C LEU K 125 8.76 52.85 -17.56
N GLN K 126 7.75 51.99 -17.47
CA GLN K 126 6.43 52.43 -17.05
C GLN K 126 6.26 52.37 -15.55
N TRP K 127 6.97 51.47 -14.87
CA TRP K 127 6.97 51.43 -13.42
C TRP K 127 8.23 52.07 -12.81
N ASP K 128 9.18 52.48 -13.63
CA ASP K 128 10.28 53.35 -13.20
C ASP K 128 10.41 54.47 -14.23
N PRO K 129 9.44 55.39 -14.25
CA PRO K 129 9.34 56.32 -15.37
C PRO K 129 10.30 57.49 -15.22
N PRO K 130 10.57 58.21 -16.30
CA PRO K 130 11.14 59.54 -16.17
C PRO K 130 10.18 60.47 -15.44
N GLU K 131 10.74 61.41 -14.67
CA GLU K 131 9.92 62.23 -13.80
C GLU K 131 8.94 63.08 -14.59
N PHE K 132 9.35 63.56 -15.77
CA PHE K 132 8.43 64.34 -16.59
C PHE K 132 7.30 63.48 -17.16
N GLY K 133 7.45 62.16 -17.18
CA GLY K 133 6.43 61.29 -17.70
C GLY K 133 5.76 60.43 -16.64
N ARG K 134 5.67 60.94 -15.41
CA ARG K 134 5.05 60.17 -14.34
C ARG K 134 3.53 60.10 -14.51
N ALA K 135 2.92 61.22 -14.86
CA ALA K 135 1.49 61.28 -15.18
C ALA K 135 1.32 62.10 -16.45
N PRO K 136 1.68 61.53 -17.60
CA PRO K 136 1.62 62.28 -18.85
C PRO K 136 0.22 62.71 -19.22
N GLY K 137 0.12 63.89 -19.82
CA GLY K 137 -1.10 64.35 -20.44
C GLY K 137 -1.07 64.13 -21.95
N GLY K 138 -2.17 64.48 -22.60
CA GLY K 138 -2.29 64.30 -24.02
C GLY K 138 -3.14 65.38 -24.68
N PRO K 139 -3.77 65.02 -25.80
CA PRO K 139 -4.62 65.98 -26.51
C PRO K 139 -5.86 66.31 -25.72
N PRO K 140 -6.53 67.43 -26.01
CA PRO K 140 -7.75 67.78 -25.28
C PRO K 140 -8.87 66.76 -25.43
N SER K 141 -8.86 65.97 -26.51
CA SER K 141 -9.88 64.94 -26.67
C SER K 141 -9.79 63.89 -25.58
N ASN K 142 -8.57 63.57 -25.12
CA ASN K 142 -8.42 62.68 -23.97
C ASN K 142 -9.10 63.25 -22.74
N VAL K 143 -8.90 64.54 -22.49
CA VAL K 143 -9.52 65.18 -21.34
C VAL K 143 -11.04 65.17 -21.46
N ALA K 144 -11.55 65.41 -22.67
CA ALA K 144 -12.99 65.39 -22.88
C ALA K 144 -13.58 64.01 -22.63
N ILE K 145 -12.93 62.97 -23.16
CA ILE K 145 -13.41 61.61 -22.98
C ILE K 145 -13.37 61.22 -21.51
N SER K 146 -12.26 61.54 -20.83
CA SER K 146 -12.15 61.22 -19.41
C SER K 146 -13.20 61.96 -18.60
N HIS K 147 -13.45 63.23 -18.92
CA HIS K 147 -14.45 64.02 -18.21
C HIS K 147 -15.84 63.43 -18.39
N VAL K 148 -16.17 62.97 -19.60
CA VAL K 148 -17.47 62.35 -19.82
C VAL K 148 -17.58 61.04 -19.05
N ARG K 149 -16.51 60.24 -19.05
CA ARG K 149 -16.54 58.98 -18.31
C ARG K 149 -16.70 59.19 -16.81
N LEU K 150 -16.24 60.34 -16.31
CA LEU K 150 -16.36 60.65 -14.89
C LEU K 150 -17.72 61.27 -14.54
N GLY K 151 -18.67 61.27 -15.47
CA GLY K 151 -20.01 61.74 -15.20
C GLY K 151 -20.33 63.13 -15.68
N GLY K 152 -19.40 63.81 -16.34
CA GLY K 152 -19.63 65.15 -16.83
C GLY K 152 -20.06 65.17 -18.29
N ARG K 153 -20.43 66.37 -18.73
CA ARG K 153 -20.78 66.62 -20.13
C ARG K 153 -19.70 67.50 -20.75
N ALA K 154 -19.18 67.08 -21.89
CA ALA K 154 -18.08 67.78 -22.54
C ALA K 154 -18.35 67.91 -24.03
N ALA K 155 -17.78 68.96 -24.62
CA ALA K 155 -17.82 69.19 -26.05
C ALA K 155 -16.42 69.50 -26.54
N PHE K 156 -16.09 68.98 -27.72
CA PHE K 156 -14.78 69.18 -28.32
C PHE K 156 -14.89 70.18 -29.46
N MET K 157 -13.96 71.13 -29.51
CA MET K 157 -13.94 72.17 -30.54
C MET K 157 -12.64 72.05 -31.31
N GLY K 158 -12.74 71.71 -32.59
CA GLY K 158 -11.56 71.52 -33.41
C GLY K 158 -11.97 71.13 -34.82
N LYS K 159 -10.97 70.90 -35.66
CA LYS K 159 -11.18 70.55 -37.05
C LYS K 159 -10.48 69.24 -37.40
N VAL K 160 -11.17 68.40 -38.15
CA VAL K 160 -10.59 67.18 -38.71
C VAL K 160 -10.83 67.19 -40.22
N GLY K 161 -10.07 66.37 -40.92
CA GLY K 161 -10.24 66.23 -42.35
C GLY K 161 -11.48 65.40 -42.69
N GLY K 162 -11.76 65.32 -43.98
CA GLY K 162 -12.91 64.59 -44.45
C GLY K 162 -12.58 63.18 -44.92
N ASP K 163 -11.42 62.68 -44.51
CA ASP K 163 -10.98 61.35 -44.90
C ASP K 163 -11.44 60.32 -43.87
N ASP K 164 -10.93 59.09 -44.00
CA ASP K 164 -11.35 58.02 -43.10
C ASP K 164 -10.88 58.26 -41.67
N TYR K 165 -9.66 58.77 -41.50
CA TYR K 165 -9.11 58.93 -40.16
C TYR K 165 -9.88 59.99 -39.36
N GLY K 166 -10.26 61.09 -40.02
CA GLY K 166 -11.05 62.09 -39.32
C GLY K 166 -12.39 61.57 -38.88
N GLU K 167 -13.06 60.80 -39.75
CA GLU K 167 -14.32 60.18 -39.37
C GLU K 167 -14.13 59.19 -38.23
N GLU K 168 -13.01 58.46 -38.24
CA GLU K 168 -12.71 57.53 -37.16
C GLU K 168 -12.54 58.25 -35.84
N LEU K 169 -11.82 59.39 -35.84
CA LEU K 169 -11.65 60.17 -34.62
C LEU K 169 -12.98 60.72 -34.13
N VAL K 170 -13.80 61.22 -35.04
CA VAL K 170 -15.10 61.77 -34.64
C VAL K 170 -16.00 60.65 -34.11
N LEU K 171 -15.92 59.46 -34.70
CA LEU K 171 -16.67 58.33 -34.18
C LEU K 171 -16.20 57.92 -32.79
N MET K 172 -14.88 57.95 -32.57
CA MET K 172 -14.35 57.67 -31.24
C MET K 172 -14.87 58.65 -30.21
N MET K 173 -14.91 59.94 -30.56
CA MET K 173 -15.45 60.92 -29.63
C MET K 173 -16.95 60.79 -29.46
N ASN K 174 -17.66 60.32 -30.48
CA ASN K 174 -19.11 60.18 -30.39
C ASN K 174 -19.50 58.98 -29.53
N LYS K 175 -18.80 57.85 -29.68
CA LYS K 175 -19.11 56.68 -28.86
C LYS K 175 -18.84 56.94 -27.39
N GLU K 176 -17.98 57.90 -27.07
CA GLU K 176 -17.72 58.31 -25.70
C GLU K 176 -18.67 59.40 -25.24
N ARG K 177 -19.68 59.72 -26.04
CA ARG K 177 -20.72 60.70 -25.70
C ARG K 177 -20.14 62.10 -25.51
N VAL K 178 -19.08 62.40 -26.24
CA VAL K 178 -18.54 63.74 -26.31
C VAL K 178 -19.24 64.48 -27.44
N GLN K 179 -19.67 65.71 -27.17
CA GLN K 179 -20.40 66.48 -28.17
C GLN K 179 -19.46 66.91 -29.30
N THR K 180 -19.77 66.47 -30.51
CA THR K 180 -18.97 66.79 -31.68
C THR K 180 -19.62 67.85 -32.57
N ARG K 181 -20.64 68.55 -32.07
CA ARG K 181 -21.24 69.64 -32.83
C ARG K 181 -20.25 70.78 -33.06
N GLY K 182 -19.20 70.88 -32.26
CA GLY K 182 -18.14 71.84 -32.45
C GLY K 182 -17.02 71.39 -33.34
N VAL K 183 -17.14 70.21 -33.95
CA VAL K 183 -16.10 69.67 -34.82
C VAL K 183 -16.39 70.10 -36.25
N LYS K 184 -15.40 70.71 -36.90
CA LYS K 184 -15.52 71.20 -38.27
C LYS K 184 -14.75 70.28 -39.20
N PHE K 185 -15.41 69.86 -40.29
CA PHE K 185 -14.78 68.99 -41.26
C PHE K 185 -14.16 69.80 -42.40
N ASP K 186 -13.08 69.26 -42.96
CA ASP K 186 -12.40 69.85 -44.11
C ASP K 186 -12.21 68.75 -45.14
N GLU K 187 -13.00 68.81 -46.23
CA GLU K 187 -12.97 67.72 -47.20
C GLU K 187 -11.66 67.65 -47.96
N GLY K 188 -10.95 68.76 -48.09
CA GLY K 188 -9.71 68.82 -48.83
C GLY K 188 -8.45 68.57 -48.04
N ALA K 189 -8.56 68.18 -46.77
CA ALA K 189 -7.40 68.01 -45.89
C ALA K 189 -7.31 66.57 -45.43
N SER K 190 -6.08 66.12 -45.19
CA SER K 190 -5.80 64.80 -44.66
C SER K 190 -5.60 64.91 -43.15
N THR K 191 -6.41 64.19 -42.39
CA THR K 191 -6.37 64.29 -40.93
C THR K 191 -5.02 63.84 -40.38
N ALA K 192 -4.47 64.64 -39.48
CA ALA K 192 -3.23 64.33 -38.78
C ALA K 192 -2.04 64.18 -39.72
N CYS K 193 -2.08 64.87 -40.86
CA CYS K 193 -0.99 64.86 -41.83
C CYS K 193 -0.50 66.29 -42.04
N THR K 194 0.83 66.46 -42.01
CA THR K 194 1.45 67.76 -42.17
C THR K 194 2.44 67.71 -43.32
N ARG K 195 2.38 68.71 -44.20
CA ARG K 195 3.34 68.83 -45.30
C ARG K 195 4.56 69.60 -44.82
N VAL K 196 5.73 69.00 -44.98
CA VAL K 196 6.99 69.62 -44.59
C VAL K 196 7.99 69.47 -45.72
N LYS K 197 8.97 70.37 -45.74
CA LYS K 197 10.08 70.31 -46.69
C LYS K 197 11.38 70.15 -45.91
N ILE K 198 12.24 69.26 -46.39
CA ILE K 198 13.47 68.91 -45.69
C ILE K 198 14.61 69.76 -46.25
N LYS K 199 15.31 70.46 -45.36
CA LYS K 199 16.42 71.31 -45.73
C LYS K 199 17.64 70.95 -44.90
N PHE K 200 18.80 71.45 -45.33
CA PHE K 200 20.10 71.08 -44.77
C PHE K 200 20.86 72.32 -44.32
N GLU K 201 20.19 73.16 -43.53
CA GLU K 201 20.82 74.37 -43.01
C GLU K 201 22.03 74.02 -42.15
N ASP K 202 23.11 74.80 -42.33
CA ASP K 202 24.38 74.70 -41.61
C ASP K 202 24.82 73.27 -41.34
N GLY K 203 24.66 72.40 -42.32
CA GLY K 203 25.14 71.03 -42.20
C GLY K 203 24.30 70.10 -41.37
N LYS K 204 23.11 70.53 -40.95
CA LYS K 204 22.21 69.68 -40.18
C LYS K 204 20.86 69.63 -40.87
N MET K 205 20.29 68.43 -40.94
CA MET K 205 18.99 68.25 -41.58
C MET K 205 17.89 68.86 -40.73
N LYS K 206 17.00 69.61 -41.38
CA LYS K 206 15.90 70.29 -40.71
C LYS K 206 14.66 70.20 -41.58
N ALA K 207 13.52 70.56 -41.00
CA ALA K 207 12.25 70.57 -41.71
C ALA K 207 11.50 71.86 -41.41
N GLU K 208 10.65 72.26 -42.35
CA GLU K 208 9.80 73.42 -42.18
C GLU K 208 8.41 73.10 -42.74
N THR K 209 7.39 73.63 -42.08
CA THR K 209 6.01 73.28 -42.40
C THR K 209 5.55 73.97 -43.68
N VAL K 210 5.02 73.20 -44.62
CA VAL K 210 4.43 73.75 -45.83
C VAL K 210 2.93 73.96 -45.67
N LYS K 211 2.20 72.89 -45.36
CA LYS K 211 0.76 72.98 -45.13
C LYS K 211 0.45 72.37 -43.78
N GLU K 212 -0.18 73.15 -42.90
CA GLU K 212 -0.51 72.66 -41.58
C GLU K 212 -1.61 71.62 -41.65
N PRO K 213 -1.67 70.71 -40.68
CA PRO K 213 -2.75 69.72 -40.65
C PRO K 213 -4.06 70.37 -40.30
N PRO K 214 -5.19 69.72 -40.61
CA PRO K 214 -6.50 70.32 -40.29
C PRO K 214 -6.73 70.53 -38.80
N GLU K 215 -6.02 69.81 -37.94
CA GLU K 215 -6.18 70.01 -36.50
C GLU K 215 -5.56 71.32 -36.05
N ASP K 216 -4.65 71.88 -36.82
CA ASP K 216 -4.05 73.18 -36.53
C ASP K 216 -4.62 74.29 -37.39
N SER K 217 -5.70 74.02 -38.13
CA SER K 217 -6.23 74.93 -39.13
C SER K 217 -7.70 75.21 -38.89
N LEU K 218 -8.05 75.49 -37.63
CA LEU K 218 -9.40 75.92 -37.30
C LEU K 218 -9.46 77.44 -37.30
N LEU K 219 -10.40 77.99 -38.04
CA LEU K 219 -10.53 79.44 -38.17
C LEU K 219 -11.55 79.98 -37.18
N ALA K 220 -11.40 81.27 -36.86
CA ALA K 220 -12.33 81.92 -35.95
C ALA K 220 -13.75 81.96 -36.49
N SER K 221 -13.92 81.90 -37.81
CA SER K 221 -15.24 81.83 -38.41
C SER K 221 -15.84 80.43 -38.32
N GLU K 222 -15.04 79.42 -38.01
CA GLU K 222 -15.51 78.05 -37.90
C GLU K 222 -15.86 77.66 -36.47
N LEU K 223 -15.79 78.59 -35.52
CA LEU K 223 -16.12 78.28 -34.14
C LEU K 223 -17.62 77.98 -34.01
N ASN K 224 -17.99 77.47 -32.85
CA ASN K 224 -19.37 77.14 -32.53
C ASN K 224 -19.76 77.96 -31.31
N LEU K 225 -20.52 79.04 -31.53
CA LEU K 225 -20.81 79.98 -30.48
C LEU K 225 -21.80 79.45 -29.46
N ALA K 226 -22.65 78.50 -29.85
CA ALA K 226 -23.53 77.86 -28.87
C ALA K 226 -22.74 77.09 -27.84
N VAL K 227 -21.73 76.33 -28.28
CA VAL K 227 -20.88 75.59 -27.36
C VAL K 227 -20.15 76.54 -26.42
N LEU K 228 -19.56 77.60 -26.99
CA LEU K 228 -18.82 78.56 -26.17
C LEU K 228 -19.73 79.31 -25.21
N LYS K 229 -21.02 79.46 -25.56
CA LYS K 229 -21.96 80.09 -24.65
C LYS K 229 -22.35 79.14 -23.52
N GLU K 230 -22.62 77.87 -23.83
CA GLU K 230 -23.07 76.93 -22.81
C GLU K 230 -21.94 76.48 -21.91
N ALA K 231 -20.74 76.32 -22.46
CA ALA K 231 -19.63 75.76 -21.69
C ALA K 231 -19.28 76.65 -20.51
N ARG K 232 -19.12 76.04 -19.34
CA ARG K 232 -18.73 76.76 -18.14
C ARG K 232 -17.23 76.76 -17.91
N ILE K 233 -16.50 75.81 -18.49
CA ILE K 233 -15.04 75.79 -18.44
C ILE K 233 -14.52 75.62 -19.85
N PHE K 234 -13.54 76.43 -20.22
CA PHE K 234 -12.89 76.36 -21.51
C PHE K 234 -11.48 75.82 -21.30
N HIS K 235 -11.18 74.69 -21.93
CA HIS K 235 -9.94 73.96 -21.71
C HIS K 235 -9.13 73.92 -23.01
N PHE K 236 -7.83 74.13 -22.88
CA PHE K 236 -6.92 74.06 -24.02
C PHE K 236 -5.51 73.75 -23.52
N ASN K 237 -4.65 73.36 -24.45
CA ASN K 237 -3.26 73.04 -24.18
C ASN K 237 -2.35 74.01 -24.92
N SER K 238 -1.08 74.01 -24.53
CA SER K 238 -0.09 74.88 -25.16
C SER K 238 0.39 74.36 -26.51
N GLU K 239 -0.18 73.25 -26.99
CA GLU K 239 0.17 72.76 -28.32
C GLU K 239 -0.39 73.68 -29.41
N VAL K 240 -1.51 74.33 -29.15
CA VAL K 240 -2.07 75.28 -30.11
C VAL K 240 -1.17 76.49 -30.29
N LEU K 241 -0.31 76.79 -29.32
CA LEU K 241 0.63 77.90 -29.43
C LEU K 241 1.75 77.63 -30.42
N THR K 242 1.90 76.38 -30.85
CA THR K 242 2.88 76.04 -31.88
C THR K 242 2.33 76.23 -33.29
N SER K 243 1.11 76.76 -33.42
CA SER K 243 0.49 77.04 -34.70
C SER K 243 -0.11 78.45 -34.63
N PRO K 244 0.19 79.31 -35.61
CA PRO K 244 -0.34 80.69 -35.53
C PRO K 244 -1.84 80.76 -35.76
N THR K 245 -2.36 80.00 -36.74
CA THR K 245 -3.79 79.96 -36.98
C THR K 245 -4.54 79.53 -35.74
N MET K 246 -4.09 78.44 -35.11
CA MET K 246 -4.72 77.96 -33.90
C MET K 246 -4.54 78.95 -32.75
N GLU K 247 -3.45 79.72 -32.74
CA GLU K 247 -3.27 80.71 -31.70
C GLU K 247 -4.30 81.83 -31.82
N SER K 248 -4.48 82.36 -33.03
CA SER K 248 -5.48 83.40 -33.24
C SER K 248 -6.88 82.88 -32.95
N THR K 249 -7.20 81.67 -33.42
CA THR K 249 -8.50 81.09 -33.14
C THR K 249 -8.70 80.88 -31.65
N LEU K 250 -7.66 80.45 -30.95
CA LEU K 250 -7.73 80.26 -29.51
C LEU K 250 -8.04 81.55 -28.79
N PHE K 251 -7.38 82.64 -29.19
CA PHE K 251 -7.63 83.89 -28.48
C PHE K 251 -9.01 84.45 -28.79
N LYS K 252 -9.50 84.29 -30.03
CA LYS K 252 -10.88 84.67 -30.31
C LYS K 252 -11.87 83.83 -29.50
N ALA K 253 -11.62 82.53 -29.39
CA ALA K 253 -12.49 81.65 -28.62
C ALA K 253 -12.45 81.99 -27.14
N ILE K 254 -11.29 82.38 -26.63
CA ILE K 254 -11.18 82.81 -25.24
C ILE K 254 -11.98 84.09 -25.02
N GLN K 255 -11.91 85.03 -25.96
CA GLN K 255 -12.73 86.23 -25.87
C GLN K 255 -14.21 85.89 -25.81
N TRP K 256 -14.66 85.01 -26.71
CA TRP K 256 -16.06 84.61 -26.72
C TRP K 256 -16.46 83.93 -25.42
N SER K 257 -15.61 83.03 -24.93
CA SER K 257 -15.93 82.29 -23.71
C SER K 257 -16.00 83.22 -22.49
N LYS K 258 -15.04 84.14 -22.38
CA LYS K 258 -15.07 85.09 -21.26
C LYS K 258 -16.27 86.02 -21.36
N LYS K 259 -16.72 86.33 -22.59
CA LYS K 259 -17.92 87.15 -22.74
C LYS K 259 -19.14 86.48 -22.10
N PHE K 260 -19.29 85.17 -22.32
CA PHE K 260 -20.47 84.45 -21.85
C PHE K 260 -20.36 83.96 -20.41
N GLY K 261 -19.23 84.19 -19.75
CA GLY K 261 -19.09 83.84 -18.35
C GLY K 261 -18.33 82.57 -18.05
N GLY K 262 -17.71 81.95 -19.05
CA GLY K 262 -16.99 80.72 -18.81
C GLY K 262 -15.63 80.95 -18.18
N LEU K 263 -15.08 79.87 -17.65
CA LEU K 263 -13.75 79.88 -17.04
C LEU K 263 -12.74 79.27 -18.00
N ILE K 264 -11.52 79.81 -17.97
CA ILE K 264 -10.45 79.39 -18.88
C ILE K 264 -9.51 78.48 -18.12
N PHE K 265 -9.36 77.25 -18.61
CA PHE K 265 -8.51 76.24 -18.01
C PHE K 265 -7.31 76.05 -18.92
N PHE K 266 -6.13 76.47 -18.47
CA PHE K 266 -4.88 76.28 -19.21
C PHE K 266 -4.18 75.04 -18.66
N ASP K 267 -4.14 74.00 -19.46
CA ASP K 267 -3.40 72.78 -19.16
C ASP K 267 -2.17 72.80 -20.05
N LEU K 268 -1.03 73.14 -19.46
CA LEU K 268 0.16 73.49 -20.23
C LEU K 268 0.56 72.40 -21.21
N ASN K 269 1.00 71.25 -20.69
CA ASN K 269 1.42 70.12 -21.52
C ASN K 269 2.40 70.56 -22.61
N LEU K 270 3.55 71.05 -22.15
CA LEU K 270 4.52 71.63 -23.07
C LEU K 270 5.00 70.59 -24.07
N PRO K 271 4.87 70.83 -25.37
CA PRO K 271 5.39 69.89 -26.37
C PRO K 271 6.90 70.01 -26.47
N LEU K 272 7.47 69.11 -27.28
CA LEU K 272 8.93 69.05 -27.43
C LEU K 272 9.59 70.38 -27.79
N PRO K 273 9.08 71.17 -28.74
CA PRO K 273 9.75 72.46 -29.03
C PRO K 273 9.82 73.42 -27.86
N LEU K 274 8.83 73.42 -26.97
CA LEU K 274 8.72 74.41 -25.92
C LEU K 274 9.59 74.12 -24.71
N TRP K 275 10.46 73.12 -24.78
CA TRP K 275 11.43 72.84 -23.73
C TRP K 275 12.81 73.34 -24.08
N ARG K 276 12.95 74.14 -25.14
CA ARG K 276 14.26 74.57 -25.60
C ARG K 276 14.92 75.52 -24.62
N SER K 277 14.19 76.54 -24.17
CA SER K 277 14.75 77.55 -23.28
C SER K 277 13.62 78.16 -22.47
N ARG K 278 13.96 78.64 -21.26
CA ARG K 278 12.93 79.14 -20.36
C ARG K 278 12.34 80.46 -20.86
N ASN K 279 13.18 81.42 -21.25
CA ASN K 279 12.69 82.75 -21.58
C ASN K 279 11.84 82.74 -22.84
N GLU K 280 12.25 81.95 -23.85
CA GLU K 280 11.48 81.85 -25.08
C GLU K 280 10.09 81.28 -24.80
N THR K 281 10.02 80.23 -23.99
CA THR K 281 8.72 79.63 -23.67
C THR K 281 7.87 80.57 -22.82
N ARG K 282 8.50 81.32 -21.91
CA ARG K 282 7.76 82.28 -21.11
C ARG K 282 7.13 83.36 -21.99
N LYS K 283 7.91 83.89 -22.94
CA LYS K 283 7.36 84.88 -23.86
C LYS K 283 6.26 84.28 -24.74
N LEU K 284 6.43 83.02 -25.16
CA LEU K 284 5.42 82.37 -25.99
C LEU K 284 4.12 82.13 -25.25
N ILE K 285 4.17 81.83 -23.95
CA ILE K 285 2.98 81.42 -23.22
C ILE K 285 2.42 82.51 -22.33
N LYS K 286 3.06 83.69 -22.26
CA LYS K 286 2.64 84.69 -21.29
C LYS K 286 1.20 85.15 -21.51
N LYS K 287 0.82 85.39 -22.76
CA LYS K 287 -0.51 85.90 -23.04
C LYS K 287 -1.59 84.89 -22.64
N SER K 288 -1.46 83.65 -23.13
CA SER K 288 -2.41 82.62 -22.76
C SER K 288 -2.35 82.30 -21.27
N TRP K 289 -1.17 82.42 -20.65
CA TRP K 289 -1.06 82.24 -19.21
C TRP K 289 -1.88 83.29 -18.47
N ASP K 290 -1.81 84.55 -18.92
CA ASP K 290 -2.57 85.63 -18.29
C ASP K 290 -4.05 85.60 -18.65
N GLU K 291 -4.43 84.86 -19.67
CA GLU K 291 -5.84 84.72 -20.04
C GLU K 291 -6.54 83.56 -19.34
N ALA K 292 -5.89 82.90 -18.39
CA ALA K 292 -6.40 81.68 -17.79
C ALA K 292 -6.82 81.91 -16.34
N ASN K 293 -7.95 81.31 -15.95
CA ASN K 293 -8.40 81.32 -14.57
C ASN K 293 -7.91 80.12 -13.79
N ILE K 294 -7.77 78.98 -14.45
CA ILE K 294 -7.29 77.74 -13.84
C ILE K 294 -6.10 77.26 -14.65
N ILE K 295 -5.00 76.93 -13.97
CA ILE K 295 -3.79 76.46 -14.63
C ILE K 295 -3.33 75.18 -13.95
N GLU K 296 -3.00 74.17 -14.75
CA GLU K 296 -2.40 72.94 -14.26
C GLU K 296 -1.07 72.75 -14.96
N VAL K 297 -0.02 72.61 -14.17
CA VAL K 297 1.32 72.33 -14.68
C VAL K 297 1.91 71.18 -13.89
N SER K 298 2.84 70.46 -14.50
CA SER K 298 3.58 69.46 -13.76
C SER K 298 4.69 70.12 -12.95
N GLN K 299 5.30 69.34 -12.06
CA GLN K 299 6.43 69.85 -11.29
C GLN K 299 7.58 70.23 -12.22
N GLN K 300 7.85 69.39 -13.22
CA GLN K 300 8.91 69.67 -14.17
C GLN K 300 8.61 70.94 -14.97
N GLU K 301 7.37 71.11 -15.40
CA GLU K 301 7.00 72.31 -16.16
C GLU K 301 7.16 73.57 -15.31
N LEU K 302 6.68 73.54 -14.06
CA LEU K 302 6.80 74.69 -13.19
C LEU K 302 8.26 75.03 -12.91
N GLU K 303 9.08 74.02 -12.64
CA GLU K 303 10.47 74.27 -12.32
C GLU K 303 11.25 74.72 -13.55
N PHE K 304 10.88 74.24 -14.74
CA PHE K 304 11.46 74.76 -15.97
C PHE K 304 11.09 76.22 -16.18
N LEU K 305 9.83 76.58 -15.88
CA LEU K 305 9.39 77.95 -16.10
C LEU K 305 9.99 78.92 -15.08
N LEU K 306 10.30 78.45 -13.87
CA LEU K 306 10.90 79.35 -12.88
C LEU K 306 12.43 79.29 -12.90
N ASP K 307 12.99 78.15 -12.51
CA ASP K 307 14.44 77.92 -12.57
C ASP K 307 14.74 76.44 -12.38
N GLU K 308 15.28 75.77 -13.40
CA GLU K 308 15.51 74.34 -13.28
C GLU K 308 16.73 74.05 -12.39
N GLU K 309 17.81 74.80 -12.58
CA GLU K 309 19.06 74.49 -11.89
C GLU K 309 18.95 74.77 -10.39
N TYR K 310 18.21 75.81 -10.01
CA TYR K 310 18.07 76.13 -8.60
C TYR K 310 17.40 74.99 -7.84
N TYR K 311 16.30 74.47 -8.37
CA TYR K 311 15.60 73.38 -7.69
C TYR K 311 16.35 72.06 -7.81
N GLU K 312 17.08 71.87 -8.91
CA GLU K 312 17.93 70.69 -9.01
C GLU K 312 19.01 70.71 -7.92
N ARG K 313 19.64 71.86 -7.70
CA ARG K 313 20.62 71.98 -6.64
C ARG K 313 19.97 71.82 -5.26
N ARG K 314 18.77 72.37 -5.08
CA ARG K 314 18.10 72.27 -3.79
C ARG K 314 17.76 70.82 -3.46
N ARG K 315 17.36 70.03 -4.45
CA ARG K 315 17.07 68.62 -4.19
C ARG K 315 18.33 67.85 -3.83
N ASN K 316 19.45 68.17 -4.49
CA ASN K 316 20.70 67.43 -4.27
C ASN K 316 21.41 67.83 -2.98
N TYR K 317 20.94 68.86 -2.29
CA TYR K 317 21.62 69.31 -1.08
C TYR K 317 21.49 68.27 0.03
N THR K 318 22.61 68.05 0.73
CA THR K 318 22.65 67.15 1.88
C THR K 318 23.44 67.82 2.99
N PRO K 319 22.89 67.90 4.21
CA PRO K 319 23.65 68.49 5.31
C PRO K 319 24.93 67.73 5.59
N GLN K 320 25.97 68.46 5.98
CA GLN K 320 27.30 67.89 6.04
C GLN K 320 27.54 67.12 7.34
N TYR K 321 26.98 67.59 8.45
CA TYR K 321 27.27 67.01 9.75
C TYR K 321 26.07 66.35 10.40
N PHE K 322 24.92 67.02 10.44
CA PHE K 322 23.73 66.45 11.05
C PHE K 322 22.50 67.09 10.44
N ALA K 323 21.39 66.34 10.49
CA ALA K 323 20.13 66.85 9.97
C ALA K 323 19.54 67.90 10.90
N GLU K 324 18.72 68.78 10.33
CA GLU K 324 18.08 69.83 11.12
C GLU K 324 16.84 69.33 11.85
N ASP K 325 16.30 68.17 11.48
CA ASP K 325 15.21 67.55 12.21
C ASP K 325 15.24 66.06 11.95
N PHE K 326 14.46 65.32 12.74
CA PHE K 326 14.48 63.86 12.65
C PHE K 326 14.00 63.38 11.29
N GLU K 327 13.02 64.07 10.70
CA GLU K 327 12.46 63.63 9.43
C GLU K 327 13.48 63.71 8.30
N GLN K 328 14.45 64.62 8.41
CA GLN K 328 15.49 64.74 7.39
C GLN K 328 16.45 63.57 7.39
N THR K 329 16.46 62.75 8.45
CA THR K 329 17.36 61.61 8.53
C THR K 329 16.89 60.42 7.70
N LYS K 330 15.63 60.40 7.29
CA LYS K 330 15.05 59.23 6.63
C LYS K 330 15.37 59.16 5.15
N ASN K 331 15.92 60.23 4.56
CA ASN K 331 16.27 60.25 3.14
C ASN K 331 15.07 59.93 2.26
N ARG K 332 13.91 60.48 2.63
CA ARG K 332 12.70 60.23 1.88
C ARG K 332 12.69 61.02 0.57
N ARG K 333 11.79 60.62 -0.32
CA ARG K 333 11.64 61.32 -1.59
C ARG K 333 11.24 62.76 -1.34
N ASP K 334 11.75 63.66 -2.18
CA ASP K 334 11.52 65.08 -1.97
C ASP K 334 10.15 65.48 -2.50
N TYR K 335 9.34 66.07 -1.64
CA TYR K 335 8.01 66.56 -2.00
C TYR K 335 7.92 68.05 -1.70
N TYR K 336 8.93 68.81 -2.12
CA TYR K 336 9.02 70.22 -1.76
C TYR K 336 7.80 70.99 -2.24
N HIS K 337 7.21 71.77 -1.34
CA HIS K 337 6.05 72.59 -1.63
C HIS K 337 6.53 74.01 -1.88
N TYR K 338 6.34 74.49 -3.11
CA TYR K 338 6.79 75.82 -3.49
C TYR K 338 5.99 76.88 -2.75
N THR K 339 6.70 77.87 -2.22
CA THR K 339 6.02 78.97 -1.54
C THR K 339 5.33 79.87 -2.55
N PRO K 340 4.24 80.54 -2.16
CA PRO K 340 3.62 81.51 -3.07
C PRO K 340 4.53 82.65 -3.44
N GLU K 341 5.55 82.93 -2.64
CA GLU K 341 6.56 83.92 -3.03
C GLU K 341 7.35 83.45 -4.24
N GLU K 342 7.67 82.15 -4.29
CA GLU K 342 8.31 81.60 -5.48
C GLU K 342 7.36 81.56 -6.67
N ILE K 343 6.07 81.32 -6.42
CA ILE K 343 5.07 81.32 -7.48
C ILE K 343 4.74 82.73 -7.95
N LYS K 344 5.14 83.75 -7.19
CA LYS K 344 4.74 85.12 -7.47
C LYS K 344 5.02 85.58 -8.90
N PRO K 345 6.15 85.27 -9.53
CA PRO K 345 6.34 85.68 -10.94
C PRO K 345 5.26 85.17 -11.88
N LEU K 346 4.70 83.98 -11.64
CA LEU K 346 3.71 83.39 -12.53
C LEU K 346 2.29 83.71 -12.15
N TRP K 347 2.07 84.46 -11.07
CA TRP K 347 0.72 84.77 -10.61
C TRP K 347 0.20 86.03 -11.29
N HIS K 348 -1.11 86.07 -11.48
CA HIS K 348 -1.77 87.25 -12.02
C HIS K 348 -3.15 87.38 -11.36
N ASP K 349 -3.89 88.42 -11.76
CA ASP K 349 -5.08 88.82 -11.02
C ASP K 349 -6.27 87.91 -11.26
N ASP K 350 -6.43 87.38 -12.46
CA ASP K 350 -7.58 86.55 -12.79
C ASP K 350 -7.37 85.07 -12.49
N LEU K 351 -6.22 84.71 -11.93
CA LEU K 351 -5.91 83.32 -11.63
C LEU K 351 -6.63 82.90 -10.35
N LYS K 352 -7.58 81.97 -10.46
CA LYS K 352 -8.32 81.51 -9.31
C LYS K 352 -7.73 80.26 -8.68
N LEU K 353 -7.05 79.42 -9.46
CA LEU K 353 -6.52 78.18 -8.95
C LEU K 353 -5.33 77.75 -9.80
N LEU K 354 -4.21 77.49 -9.15
CA LEU K 354 -3.04 76.89 -9.78
C LEU K 354 -2.77 75.55 -9.13
N VAL K 355 -2.64 74.50 -9.94
CA VAL K 355 -2.39 73.16 -9.46
C VAL K 355 -1.08 72.68 -10.05
N VAL K 356 -0.15 72.29 -9.19
CA VAL K 356 1.11 71.67 -9.61
C VAL K 356 1.04 70.20 -9.24
N THR K 357 1.25 69.32 -10.21
CA THR K 357 1.09 67.89 -10.02
C THR K 357 2.43 67.19 -10.12
N ASP K 358 2.81 66.50 -9.05
CA ASP K 358 3.96 65.58 -9.07
C ASP K 358 3.41 64.19 -9.34
N GLY K 359 2.99 63.98 -10.58
CA GLY K 359 2.24 62.78 -10.90
C GLY K 359 0.95 62.74 -10.11
N THR K 360 0.60 61.58 -9.61
CA THR K 360 -0.52 61.44 -8.68
C THR K 360 -0.05 61.45 -7.23
N LEU K 361 1.25 61.58 -6.99
CA LEU K 361 1.78 61.54 -5.62
C LEU K 361 1.48 62.83 -4.87
N ARG K 362 1.64 63.97 -5.52
CA ARG K 362 1.43 65.26 -4.88
C ARG K 362 0.61 66.17 -5.79
N LEU K 363 -0.29 66.93 -5.19
CA LEU K 363 -1.10 67.94 -5.89
C LEU K 363 -0.97 69.24 -5.12
N HIS K 364 -0.01 70.07 -5.54
CA HIS K 364 0.19 71.38 -4.91
C HIS K 364 -0.79 72.37 -5.52
N TYR K 365 -1.62 72.97 -4.68
CA TYR K 365 -2.64 73.91 -5.14
C TYR K 365 -2.35 75.29 -4.57
N TYR K 366 -2.65 76.31 -5.38
CA TYR K 366 -2.43 77.69 -5.00
C TYR K 366 -3.63 78.52 -5.40
N THR K 367 -4.20 79.25 -4.45
CA THR K 367 -5.30 80.16 -4.69
C THR K 367 -4.88 81.55 -4.20
N PRO K 368 -5.59 82.62 -4.57
CA PRO K 368 -5.24 83.94 -4.03
C PRO K 368 -5.29 84.01 -2.51
N LYS K 369 -6.11 83.17 -1.86
CA LYS K 369 -6.24 83.22 -0.42
C LYS K 369 -5.31 82.25 0.31
N PHE K 370 -5.15 81.03 -0.21
CA PHE K 370 -4.43 80.00 0.52
C PHE K 370 -3.67 79.12 -0.46
N ASP K 371 -2.87 78.21 0.09
CA ASP K 371 -2.12 77.25 -0.69
C ASP K 371 -1.88 76.01 0.18
N GLY K 372 -1.57 74.91 -0.48
CA GLY K 372 -1.32 73.68 0.24
C GLY K 372 -0.97 72.57 -0.73
N VAL K 373 -0.98 71.34 -0.21
CA VAL K 373 -0.66 70.16 -0.99
C VAL K 373 -1.61 69.03 -0.59
N VAL K 374 -2.03 68.25 -1.57
CA VAL K 374 -2.83 67.06 -1.35
C VAL K 374 -1.93 65.85 -1.55
N VAL K 375 -1.80 65.04 -0.50
CA VAL K 375 -0.94 63.87 -0.56
C VAL K 375 -1.70 62.74 -1.26
N GLY K 376 -1.10 62.22 -2.33
CA GLY K 376 -1.67 61.10 -3.04
C GLY K 376 -0.74 59.91 -3.05
N THR K 377 -0.96 58.97 -3.96
CA THR K 377 -0.12 57.79 -4.06
C THR K 377 -0.21 57.25 -5.47
N GLU K 378 0.48 56.13 -5.70
CA GLU K 378 0.38 55.42 -6.97
C GLU K 378 0.82 53.99 -6.73
N ASP K 379 0.28 53.07 -7.53
CA ASP K 379 0.81 51.71 -7.54
C ASP K 379 0.59 51.14 -8.94
N VAL K 380 1.62 51.25 -9.78
CA VAL K 380 1.60 50.56 -11.06
C VAL K 380 2.22 49.17 -10.95
N LEU K 381 2.95 48.90 -9.87
CA LEU K 381 3.53 47.58 -9.64
C LEU K 381 2.49 46.55 -9.23
N ILE K 382 1.27 46.99 -8.87
CA ILE K 382 0.22 46.03 -8.54
C ILE K 382 -0.20 45.24 -9.77
N THR K 383 -0.05 45.82 -10.97
CA THR K 383 -0.31 45.13 -12.23
C THR K 383 0.83 45.41 -13.19
N PRO K 384 1.96 44.72 -13.03
CA PRO K 384 3.15 45.03 -13.84
C PRO K 384 2.97 44.85 -15.34
N PHE K 385 2.03 43.99 -15.77
CA PHE K 385 1.91 43.66 -17.18
C PHE K 385 0.81 44.43 -17.90
N THR K 386 0.00 45.22 -17.18
CA THR K 386 -1.00 46.07 -17.82
C THR K 386 -0.83 47.54 -17.50
N CYS K 387 0.10 47.92 -16.62
CA CYS K 387 0.27 49.30 -16.25
C CYS K 387 0.77 50.13 -17.43
N ASP K 388 0.25 51.35 -17.54
CA ASP K 388 0.68 52.30 -18.57
C ASP K 388 0.26 53.68 -18.10
N ARG K 389 1.22 54.59 -17.99
CA ARG K 389 0.96 55.90 -17.40
C ARG K 389 0.35 56.89 -18.38
N THR K 390 0.28 56.55 -19.66
CA THR K 390 -0.31 57.44 -20.65
C THR K 390 -1.76 57.77 -20.30
N GLY K 391 -2.08 59.06 -20.28
CA GLY K 391 -3.42 59.51 -19.99
C GLY K 391 -3.75 59.77 -18.53
N SER K 392 -2.78 59.57 -17.62
CA SER K 392 -3.06 59.78 -16.20
C SER K 392 -3.28 61.25 -15.88
N GLY K 393 -2.48 62.13 -16.47
CA GLY K 393 -2.68 63.56 -16.28
C GLY K 393 -3.98 64.05 -16.87
N ASP K 394 -4.40 63.48 -18.00
CA ASP K 394 -5.71 63.80 -18.56
C ASP K 394 -6.81 63.43 -17.58
N ALA K 395 -6.68 62.28 -16.93
CA ALA K 395 -7.68 61.89 -15.93
C ALA K 395 -7.67 62.82 -14.73
N VAL K 396 -6.49 63.27 -14.30
CA VAL K 396 -6.41 64.21 -13.18
C VAL K 396 -7.10 65.52 -13.55
N VAL K 397 -6.82 66.05 -14.74
CA VAL K 397 -7.42 67.31 -15.16
C VAL K 397 -8.93 67.16 -15.33
N ALA K 398 -9.37 66.02 -15.89
CA ALA K 398 -10.80 65.78 -16.04
C ALA K 398 -11.50 65.69 -14.69
N GLY K 399 -10.88 65.04 -13.71
CA GLY K 399 -11.46 65.00 -12.38
C GLY K 399 -11.52 66.37 -11.73
N ILE K 400 -10.48 67.18 -11.94
CA ILE K 400 -10.48 68.54 -11.42
C ILE K 400 -11.64 69.33 -12.00
N MET K 401 -11.84 69.25 -13.32
CA MET K 401 -12.94 69.97 -13.95
C MET K 401 -14.29 69.42 -13.49
N ARG K 402 -14.39 68.09 -13.33
CA ARG K 402 -15.63 67.48 -12.90
C ARG K 402 -16.04 67.98 -11.52
N LYS K 403 -15.09 68.08 -10.60
CA LYS K 403 -15.42 68.59 -9.28
C LYS K 403 -15.61 70.10 -9.27
N LEU K 404 -14.92 70.83 -10.14
CA LEU K 404 -15.08 72.28 -10.19
C LEU K 404 -16.45 72.68 -10.70
N THR K 405 -16.94 71.98 -11.73
CA THR K 405 -18.23 72.36 -12.31
C THR K 405 -19.40 72.10 -11.36
N THR K 406 -19.24 71.20 -10.39
CA THR K 406 -20.33 70.87 -9.49
C THR K 406 -20.10 71.32 -8.05
N CYS K 407 -18.91 71.83 -7.72
CA CYS K 407 -18.60 72.29 -6.38
C CYS K 407 -17.93 73.67 -6.47
N PRO K 408 -18.73 74.74 -6.54
CA PRO K 408 -18.13 76.08 -6.60
C PRO K 408 -17.36 76.47 -5.35
N GLU K 409 -17.59 75.80 -4.22
CA GLU K 409 -16.90 76.12 -2.98
C GLU K 409 -15.43 75.71 -2.98
N MET K 410 -14.98 74.97 -3.99
CA MET K 410 -13.58 74.59 -4.05
C MET K 410 -12.67 75.80 -4.17
N PHE K 411 -13.11 76.83 -4.91
CA PHE K 411 -12.30 78.01 -5.09
C PHE K 411 -12.15 78.83 -3.82
N GLU K 412 -13.00 78.61 -2.81
CA GLU K 412 -12.98 79.42 -1.62
C GLU K 412 -12.78 78.65 -0.31
N ASP K 413 -12.98 77.34 -0.31
CA ASP K 413 -12.80 76.53 0.90
C ASP K 413 -11.65 75.57 0.68
N GLN K 414 -10.68 75.59 1.58
CA GLN K 414 -9.48 74.78 1.42
C GLN K 414 -9.75 73.30 1.72
N ASP K 415 -10.51 73.03 2.77
CA ASP K 415 -10.83 71.64 3.12
C ASP K 415 -11.64 70.98 2.00
N VAL K 416 -12.65 71.68 1.50
CA VAL K 416 -13.43 71.18 0.38
C VAL K 416 -12.55 70.98 -0.84
N LEU K 417 -11.62 71.92 -1.07
CA LEU K 417 -10.73 71.81 -2.23
C LEU K 417 -9.89 70.54 -2.16
N GLU K 418 -9.32 70.25 -0.99
CA GLU K 418 -8.51 69.03 -0.86
C GLU K 418 -9.37 67.78 -0.98
N ARG K 419 -10.56 67.80 -0.37
CA ARG K 419 -11.44 66.63 -0.46
C ARG K 419 -11.84 66.35 -1.90
N GLN K 420 -12.09 67.40 -2.68
CA GLN K 420 -12.45 67.19 -4.08
C GLN K 420 -11.24 66.84 -4.95
N LEU K 421 -10.04 67.30 -4.57
CA LEU K 421 -8.84 66.95 -5.31
C LEU K 421 -8.42 65.51 -5.08
N ARG K 422 -8.79 64.92 -3.94
CA ARG K 422 -8.54 63.50 -3.75
C ARG K 422 -9.28 62.66 -4.79
N PHE K 423 -10.43 63.14 -5.27
CA PHE K 423 -11.15 62.45 -6.35
C PHE K 423 -10.31 62.42 -7.62
N ALA K 424 -9.72 63.55 -7.99
CA ALA K 424 -8.84 63.59 -9.16
C ALA K 424 -7.61 62.73 -8.96
N VAL K 425 -7.10 62.66 -7.73
CA VAL K 425 -5.97 61.77 -7.43
C VAL K 425 -6.35 60.32 -7.72
N ALA K 426 -7.52 59.90 -7.23
CA ALA K 426 -7.99 58.54 -7.47
C ALA K 426 -8.19 58.27 -8.96
N ALA K 427 -8.75 59.25 -9.68
CA ALA K 427 -8.96 59.10 -11.12
C ALA K 427 -7.63 58.92 -11.84
N GLY K 428 -6.62 59.69 -11.45
CA GLY K 428 -5.30 59.50 -12.05
C GLY K 428 -4.68 58.16 -11.70
N ILE K 429 -4.92 57.68 -10.48
CA ILE K 429 -4.38 56.39 -10.07
C ILE K 429 -4.95 55.27 -10.92
N ILE K 430 -6.28 55.26 -11.10
CA ILE K 430 -6.89 54.18 -11.88
C ILE K 430 -6.41 54.20 -13.32
N SER K 431 -6.22 55.40 -13.88
CA SER K 431 -5.89 55.53 -15.29
C SER K 431 -4.52 54.92 -15.64
N GLN K 432 -3.67 54.68 -14.65
CA GLN K 432 -2.36 54.11 -14.87
C GLN K 432 -2.36 52.60 -14.93
N TRP K 433 -3.52 51.96 -14.74
CA TRP K 433 -3.61 50.51 -14.63
C TRP K 433 -3.96 49.83 -15.94
N THR K 434 -4.08 50.57 -17.04
CA THR K 434 -4.52 50.00 -18.30
C THR K 434 -3.62 50.50 -19.42
N ILE K 435 -3.40 49.64 -20.42
CA ILE K 435 -2.67 50.03 -21.61
C ILE K 435 -3.58 50.88 -22.49
N GLY K 436 -3.13 52.07 -22.83
CA GLY K 436 -3.93 52.97 -23.65
C GLY K 436 -4.59 54.06 -22.82
N ALA K 437 -4.52 55.29 -23.30
CA ALA K 437 -5.12 56.41 -22.57
C ALA K 437 -6.64 56.31 -22.58
N VAL K 438 -7.25 56.29 -23.76
CA VAL K 438 -8.70 56.26 -23.87
C VAL K 438 -9.26 54.96 -23.29
N ARG K 439 -8.58 53.84 -23.57
CA ARG K 439 -9.08 52.54 -23.13
C ARG K 439 -9.15 52.44 -21.61
N GLY K 440 -8.26 53.14 -20.90
CA GLY K 440 -8.18 53.01 -19.46
C GLY K 440 -8.75 54.13 -18.62
N PHE K 441 -9.56 55.01 -19.19
CA PHE K 441 -10.12 56.12 -18.41
C PHE K 441 -11.17 55.59 -17.45
N PRO K 442 -11.07 55.92 -16.16
CA PRO K 442 -12.01 55.36 -15.18
C PRO K 442 -13.38 56.03 -15.25
N THR K 443 -14.36 55.34 -14.68
CA THR K 443 -15.69 55.89 -14.50
C THR K 443 -15.79 56.54 -13.12
N GLU K 444 -16.90 57.27 -12.91
CA GLU K 444 -17.08 57.98 -11.64
C GLU K 444 -17.23 57.00 -10.49
N SER K 445 -17.95 55.91 -10.71
CA SER K 445 -18.17 54.93 -9.64
C SER K 445 -16.87 54.28 -9.21
N ALA K 446 -16.06 53.84 -10.17
CA ALA K 446 -14.77 53.23 -9.84
C ALA K 446 -13.84 54.23 -9.15
N THR K 447 -13.85 55.47 -9.62
CA THR K 447 -12.99 56.50 -9.01
C THR K 447 -13.41 56.78 -7.57
N GLN K 448 -14.72 56.89 -7.32
CA GLN K 448 -15.17 57.12 -5.95
C GLN K 448 -14.87 55.91 -5.06
N ASN K 449 -15.01 54.70 -5.61
CA ASN K 449 -14.69 53.50 -4.84
C ASN K 449 -13.22 53.48 -4.46
N LEU K 450 -12.33 53.77 -5.41
CA LEU K 450 -10.91 53.79 -5.10
C LEU K 450 -10.57 54.90 -4.11
N LYS K 451 -11.21 56.06 -4.25
CA LYS K 451 -10.97 57.14 -3.30
C LYS K 451 -11.36 56.74 -1.89
N GLU K 452 -12.50 56.07 -1.73
CA GLU K 452 -12.93 55.66 -0.40
C GLU K 452 -12.10 54.50 0.12
N GLN K 453 -11.54 53.68 -0.78
CA GLN K 453 -10.68 52.58 -0.32
C GLN K 453 -9.30 53.08 0.12
N VAL K 454 -8.73 54.02 -0.61
CA VAL K 454 -7.36 54.46 -0.33
C VAL K 454 -7.32 55.33 0.92
N TYR K 455 -8.20 56.31 1.02
CA TYR K 455 -8.16 57.25 2.13
C TYR K 455 -9.00 56.77 3.30
N VAL K 456 -8.68 57.28 4.48
CA VAL K 456 -9.45 57.01 5.69
C VAL K 456 -10.76 57.79 5.59
N PRO K 457 -11.83 57.33 6.24
CA PRO K 457 -13.14 57.97 6.05
C PRO K 457 -13.20 59.44 6.44
N SER K 458 -12.29 59.91 7.31
CA SER K 458 -12.32 61.32 7.69
C SER K 458 -11.75 62.23 6.61
N MET K 459 -11.04 61.68 5.63
CA MET K 459 -10.50 62.46 4.53
C MET K 459 -11.40 62.47 3.30
N TRP K 460 -12.55 61.81 3.36
CA TRP K 460 -13.47 61.77 2.23
C TRP K 460 -14.16 63.12 2.05
N PHE L 56 -72.03 -26.34 -12.64
CA PHE L 56 -71.84 -24.91 -12.46
C PHE L 56 -72.18 -24.49 -11.03
N PRO L 57 -71.51 -23.44 -10.53
CA PRO L 57 -71.79 -22.98 -9.16
C PRO L 57 -73.24 -22.57 -8.93
N LEU L 58 -73.90 -22.00 -9.94
CA LEU L 58 -75.27 -21.54 -9.73
C LEU L 58 -76.24 -22.71 -9.59
N PHE L 59 -76.04 -23.78 -10.35
CA PHE L 59 -76.93 -24.93 -10.27
C PHE L 59 -76.83 -25.63 -8.92
N GLN L 60 -75.64 -25.67 -8.34
CA GLN L 60 -75.45 -26.31 -7.04
C GLN L 60 -75.49 -25.28 -5.92
N LEU L 72 -71.64 -27.10 18.56
CA LEU L 72 -70.50 -26.21 18.67
C LEU L 72 -70.73 -24.92 17.89
N GLU L 73 -70.40 -23.80 18.50
CA GLU L 73 -70.57 -22.48 17.89
C GLU L 73 -69.21 -21.81 17.75
N SER L 74 -69.11 -20.91 16.78
CA SER L 74 -67.90 -20.12 16.63
C SER L 74 -67.70 -19.22 17.84
N ALA L 75 -66.45 -19.04 18.24
CA ALA L 75 -66.16 -18.26 19.42
C ALA L 75 -66.40 -16.77 19.16
N ASP L 76 -66.42 -16.01 20.25
CA ASP L 76 -66.51 -14.56 20.15
C ASP L 76 -65.31 -14.04 19.37
N PRO L 77 -65.52 -13.29 18.28
CA PRO L 77 -64.37 -12.81 17.49
C PRO L 77 -63.40 -11.98 18.30
N ASP L 78 -63.88 -11.23 19.28
CA ASP L 78 -62.99 -10.41 20.11
C ASP L 78 -62.00 -11.26 20.88
N PHE L 79 -62.35 -12.52 21.18
CA PHE L 79 -61.44 -13.40 21.90
C PHE L 79 -60.12 -13.56 21.13
N TYR L 80 -60.20 -13.86 19.84
CA TYR L 80 -58.98 -13.95 19.04
C TYR L 80 -58.46 -12.58 18.63
N LYS L 81 -59.34 -11.59 18.51
CA LYS L 81 -58.90 -10.26 18.08
C LYS L 81 -57.99 -9.60 19.10
N ILE L 82 -58.31 -9.75 20.39
CA ILE L 82 -57.47 -9.16 21.43
C ILE L 82 -56.10 -9.82 21.43
N GLY L 83 -56.05 -11.13 21.17
CA GLY L 83 -54.77 -11.78 20.96
C GLY L 83 -54.09 -11.35 19.67
N TYR L 84 -54.86 -11.27 18.59
CA TYR L 84 -54.27 -10.98 17.28
C TYR L 84 -53.58 -9.62 17.26
N VAL L 85 -54.21 -8.61 17.85
CA VAL L 85 -53.58 -7.29 17.91
C VAL L 85 -52.34 -7.27 18.77
N ARG L 86 -52.08 -8.33 19.52
CA ARG L 86 -50.89 -8.45 20.34
C ARG L 86 -49.98 -9.58 19.87
N ARG L 87 -49.91 -9.79 18.56
CA ARG L 87 -48.96 -10.72 17.94
C ARG L 87 -49.26 -12.18 18.27
N VAL L 88 -50.51 -12.51 18.54
CA VAL L 88 -50.94 -13.91 18.63
C VAL L 88 -51.43 -14.34 17.27
N ARG L 89 -50.89 -15.44 16.76
CA ARG L 89 -51.22 -15.95 15.45
C ARG L 89 -51.68 -17.40 15.56
N ALA L 90 -52.87 -17.68 15.04
CA ALA L 90 -53.38 -19.04 14.94
C ALA L 90 -53.50 -19.39 13.46
N TYR L 91 -52.91 -20.50 13.06
CA TYR L 91 -52.85 -20.90 11.66
C TYR L 91 -53.66 -22.17 11.46
N GLY L 92 -54.63 -22.11 10.54
CA GLY L 92 -55.40 -23.27 10.17
C GLY L 92 -56.36 -23.79 11.22
N VAL L 93 -56.52 -23.08 12.34
CA VAL L 93 -57.42 -23.50 13.39
C VAL L 93 -58.34 -22.35 13.77
N GLU L 94 -59.52 -22.69 14.27
CA GLU L 94 -60.49 -21.71 14.74
C GLU L 94 -60.95 -22.11 16.14
N PHE L 95 -61.27 -21.10 16.94
CA PHE L 95 -61.76 -21.32 18.29
C PHE L 95 -63.27 -21.52 18.26
N LYS L 96 -63.73 -22.61 18.86
CA LYS L 96 -65.14 -22.92 18.93
C LYS L 96 -65.53 -23.15 20.39
N GLU L 97 -66.75 -22.73 20.74
CA GLU L 97 -67.25 -22.84 22.10
C GLU L 97 -68.48 -23.74 22.10
N GLY L 98 -68.51 -24.69 23.04
CA GLY L 98 -69.63 -25.57 23.21
C GLY L 98 -70.11 -25.59 24.65
N PRO L 99 -71.12 -26.40 24.93
CA PRO L 99 -71.61 -26.50 26.31
C PRO L 99 -70.55 -27.02 27.28
N ASP L 100 -69.66 -27.90 26.83
CA ASP L 100 -68.59 -28.38 27.70
C ASP L 100 -67.57 -27.28 27.98
N GLY L 101 -67.19 -26.53 26.96
CA GLY L 101 -66.25 -25.45 27.14
C GLY L 101 -65.56 -25.10 25.83
N PHE L 102 -64.56 -24.24 25.96
CA PHE L 102 -63.80 -23.79 24.81
C PHE L 102 -62.94 -24.92 24.25
N GLY L 103 -62.67 -24.85 22.95
CA GLY L 103 -61.83 -25.83 22.29
C GLY L 103 -61.28 -25.26 21.01
N ILE L 104 -60.22 -25.91 20.52
CA ILE L 104 -59.53 -25.50 19.31
C ILE L 104 -59.71 -26.58 18.25
N TYR L 105 -60.20 -26.19 17.08
CA TYR L 105 -60.53 -27.12 16.01
C TYR L 105 -59.97 -26.60 14.70
N ALA L 106 -59.58 -27.53 13.83
CA ALA L 106 -58.98 -27.17 12.55
C ALA L 106 -60.03 -26.59 11.63
N SER L 107 -59.88 -25.32 11.24
CA SER L 107 -60.81 -24.67 10.34
C SER L 107 -60.76 -25.22 8.93
N LYS L 108 -59.74 -26.01 8.60
CA LYS L 108 -59.62 -26.64 7.29
C LYS L 108 -58.82 -27.93 7.44
N ASP L 109 -58.43 -28.51 6.31
CA ASP L 109 -57.67 -29.75 6.30
C ASP L 109 -56.19 -29.43 6.46
N ILE L 110 -55.64 -29.76 7.63
CA ILE L 110 -54.22 -29.54 7.92
C ILE L 110 -53.44 -30.67 7.24
N GLU L 111 -52.89 -30.39 6.07
CA GLU L 111 -52.19 -31.41 5.31
C GLU L 111 -50.88 -31.80 6.01
N PRO L 112 -50.51 -33.08 5.99
CA PRO L 112 -49.26 -33.50 6.65
C PRO L 112 -48.05 -33.13 5.83
N ARG L 113 -47.08 -32.49 6.48
CA ARG L 113 -45.82 -32.08 5.86
C ARG L 113 -44.68 -32.92 6.40
N ARG L 114 -43.48 -32.65 5.89
CA ARG L 114 -42.30 -33.38 6.35
C ARG L 114 -42.05 -33.13 7.84
N ARG L 115 -42.17 -31.88 8.28
CA ARG L 115 -41.86 -31.51 9.65
C ARG L 115 -43.14 -31.10 10.38
N ALA L 116 -43.00 -30.78 11.66
CA ALA L 116 -44.13 -30.29 12.43
C ALA L 116 -44.60 -28.94 11.89
N ARG L 117 -45.90 -28.74 11.91
CA ARG L 117 -46.51 -27.51 11.41
C ARG L 117 -46.84 -26.57 12.55
N VAL L 118 -46.67 -25.27 12.32
CA VAL L 118 -46.99 -24.27 13.32
C VAL L 118 -48.48 -24.05 13.35
N ILE L 119 -49.08 -24.21 14.52
CA ILE L 119 -50.51 -24.03 14.70
C ILE L 119 -50.81 -22.71 15.40
N MET L 120 -50.14 -22.44 16.52
CA MET L 120 -50.35 -21.22 17.27
C MET L 120 -49.01 -20.62 17.69
N GLU L 121 -49.03 -19.31 17.93
CA GLU L 121 -47.85 -18.58 18.40
C GLU L 121 -48.30 -17.59 19.46
N ILE L 122 -47.90 -17.83 20.70
CA ILE L 122 -48.29 -16.99 21.83
C ILE L 122 -47.04 -16.26 22.31
N PRO L 123 -47.00 -14.93 22.24
CA PRO L 123 -45.82 -14.20 22.72
C PRO L 123 -45.63 -14.33 24.21
N HIS L 124 -44.37 -14.23 24.64
CA HIS L 124 -44.03 -14.39 26.05
C HIS L 124 -44.65 -13.31 26.92
N GLU L 125 -44.76 -12.08 26.42
CA GLU L 125 -45.21 -10.96 27.24
C GLU L 125 -46.68 -11.08 27.64
N LEU L 126 -47.44 -11.99 27.05
CA LEU L 126 -48.84 -12.17 27.40
C LEU L 126 -49.06 -13.28 28.43
N MET L 127 -47.99 -13.86 28.96
CA MET L 127 -48.09 -14.95 29.92
C MET L 127 -47.91 -14.46 31.34
N ILE L 128 -48.18 -15.35 32.30
CA ILE L 128 -47.94 -15.11 33.71
C ILE L 128 -47.12 -16.29 34.21
N THR L 129 -45.80 -16.13 34.24
CA THR L 129 -44.89 -17.21 34.56
C THR L 129 -44.13 -16.89 35.84
N ILE L 130 -43.89 -17.93 36.65
CA ILE L 130 -43.11 -17.81 37.88
C ILE L 130 -42.09 -18.93 37.89
N ARG L 131 -40.93 -18.68 38.51
CA ARG L 131 -39.91 -19.70 38.63
C ARG L 131 -40.44 -20.91 39.38
N GLN L 132 -40.17 -22.10 38.85
CA GLN L 132 -40.61 -23.32 39.50
C GLN L 132 -39.75 -23.69 40.71
N LYS L 133 -38.56 -23.09 40.83
CA LYS L 133 -37.67 -23.36 41.94
C LYS L 133 -37.27 -22.05 42.61
N HIS L 134 -36.97 -22.15 43.91
CA HIS L 134 -36.59 -20.98 44.68
C HIS L 134 -35.30 -20.38 44.14
N PRO L 135 -35.16 -19.05 44.13
CA PRO L 135 -36.12 -18.01 44.56
C PRO L 135 -37.20 -17.74 43.52
N TRP L 136 -38.25 -16.99 43.88
CA TRP L 136 -39.37 -16.75 42.97
C TRP L 136 -39.09 -15.48 42.16
N MET L 137 -38.90 -15.65 40.85
CA MET L 137 -38.76 -14.53 39.93
C MET L 137 -39.79 -14.70 38.83
N PHE L 138 -40.52 -13.64 38.53
CA PHE L 138 -41.63 -13.69 37.58
C PHE L 138 -41.20 -13.15 36.23
N PHE L 139 -41.60 -13.84 35.17
CA PHE L 139 -41.22 -13.47 33.80
C PHE L 139 -42.47 -13.36 32.94
N PRO L 140 -42.82 -12.17 32.46
CA PRO L 140 -42.15 -10.89 32.65
C PRO L 140 -42.39 -10.32 34.05
N ASP L 141 -41.49 -9.47 34.54
CA ASP L 141 -41.58 -8.96 35.91
C ASP L 141 -42.71 -7.95 36.03
N ILE L 142 -43.88 -8.40 36.48
CA ILE L 142 -45.02 -7.51 36.68
C ILE L 142 -45.13 -6.99 38.11
N VAL L 143 -44.55 -7.70 39.08
CA VAL L 143 -44.67 -7.31 40.48
C VAL L 143 -43.67 -6.21 40.79
N PRO L 144 -44.12 -5.05 41.25
CA PRO L 144 -43.19 -3.97 41.61
C PRO L 144 -42.40 -4.30 42.87
N ILE L 145 -41.27 -3.61 43.02
CA ILE L 145 -40.42 -3.79 44.19
C ILE L 145 -41.15 -3.24 45.42
N GLY L 146 -41.19 -4.02 46.49
CA GLY L 146 -41.81 -3.61 47.72
C GLY L 146 -43.30 -3.90 47.82
N HIS L 147 -43.89 -4.56 46.83
CA HIS L 147 -45.30 -4.87 46.88
C HIS L 147 -45.57 -5.97 47.91
N PRO L 148 -46.62 -5.84 48.73
CA PRO L 148 -46.93 -6.90 49.70
C PRO L 148 -47.32 -8.23 49.07
N ILE L 149 -47.74 -8.22 47.81
CA ILE L 149 -48.08 -9.49 47.16
C ILE L 149 -46.84 -10.37 47.05
N PHE L 150 -45.67 -9.77 46.90
CA PHE L 150 -44.44 -10.56 46.92
C PHE L 150 -44.22 -11.19 48.29
N ASP L 151 -44.55 -10.47 49.37
CA ASP L 151 -44.44 -11.05 50.70
C ASP L 151 -45.41 -12.19 50.89
N ILE L 152 -46.62 -12.07 50.33
CA ILE L 152 -47.58 -13.17 50.42
C ILE L 152 -47.07 -14.37 49.63
N ILE L 153 -46.53 -14.14 48.43
CA ILE L 153 -46.04 -15.23 47.59
C ILE L 153 -44.86 -15.93 48.25
N ASN L 154 -43.94 -15.14 48.81
CA ASN L 154 -42.64 -15.66 49.27
C ASN L 154 -42.75 -16.52 50.52
N SER L 155 -43.90 -16.53 51.20
CA SER L 155 -44.07 -17.33 52.40
C SER L 155 -44.63 -18.71 52.13
N THR L 156 -44.83 -19.07 50.86
CA THR L 156 -45.42 -20.36 50.51
C THR L 156 -44.39 -21.48 50.62
N ASP L 157 -44.91 -22.71 50.73
CA ASP L 157 -44.05 -23.88 50.74
C ASP L 157 -43.48 -24.11 49.34
N PRO L 158 -42.16 -24.19 49.18
CA PRO L 158 -41.60 -24.29 47.81
C PRO L 158 -42.08 -25.50 47.04
N GLU L 159 -42.38 -26.61 47.70
CA GLU L 159 -42.67 -27.85 47.00
C GLU L 159 -44.13 -27.98 46.59
N ARG L 160 -45.06 -27.77 47.51
CA ARG L 160 -46.46 -28.08 47.27
C ARG L 160 -47.34 -26.85 47.06
N ASP L 161 -46.86 -25.64 47.35
CA ASP L 161 -47.67 -24.43 47.26
C ASP L 161 -47.44 -23.69 45.95
N TRP L 162 -47.18 -24.41 44.86
CA TRP L 162 -46.95 -23.74 43.58
C TRP L 162 -48.22 -23.09 43.05
N ASP L 163 -49.37 -23.71 43.28
CA ASP L 163 -50.63 -23.17 42.78
C ASP L 163 -51.03 -21.89 43.50
N LEU L 164 -50.68 -21.75 44.78
CA LEU L 164 -51.02 -20.55 45.52
C LEU L 164 -50.32 -19.33 44.94
N ARG L 165 -49.04 -19.48 44.58
CA ARG L 165 -48.31 -18.37 43.99
C ARG L 165 -48.91 -17.95 42.65
N LEU L 166 -49.28 -18.93 41.82
CA LEU L 166 -49.93 -18.60 40.55
C LEU L 166 -51.28 -17.95 40.77
N ALA L 167 -52.03 -18.37 41.79
CA ALA L 167 -53.30 -17.71 42.09
C ALA L 167 -53.08 -16.27 42.52
N CYS L 168 -52.07 -16.02 43.35
CA CYS L 168 -51.75 -14.66 43.74
C CYS L 168 -51.37 -13.81 42.53
N LEU L 169 -50.56 -14.38 41.63
CA LEU L 169 -50.20 -13.65 40.42
C LEU L 169 -51.41 -13.38 39.54
N LEU L 170 -52.33 -14.35 39.45
CA LEU L 170 -53.54 -14.14 38.65
C LEU L 170 -54.39 -13.02 39.22
N LEU L 171 -54.58 -13.00 40.54
CA LEU L 171 -55.35 -11.91 41.16
C LEU L 171 -54.66 -10.57 40.95
N PHE L 172 -53.33 -10.52 41.12
CA PHE L 172 -52.59 -9.28 40.92
C PHE L 172 -52.73 -8.79 39.49
N SER L 173 -52.65 -9.70 38.51
CA SER L 173 -52.79 -9.30 37.11
C SER L 173 -54.22 -8.85 36.81
N PHE L 174 -55.21 -9.55 37.37
CA PHE L 174 -56.60 -9.11 37.20
C PHE L 174 -56.82 -7.72 37.77
N ASP L 175 -56.06 -7.35 38.81
CA ASP L 175 -56.18 -5.99 39.33
C ASP L 175 -55.32 -4.99 38.59
N ARG L 176 -54.45 -5.44 37.69
CA ARG L 176 -53.60 -4.54 36.93
C ARG L 176 -54.35 -3.99 35.72
N GLU L 177 -54.29 -2.67 35.55
CA GLU L 177 -55.11 -2.02 34.52
C GLU L 177 -54.57 -2.28 33.12
N ASP L 178 -53.25 -2.22 32.95
CA ASP L 178 -52.64 -2.39 31.63
C ASP L 178 -52.28 -3.84 31.32
N HIS L 179 -52.56 -4.76 32.23
CA HIS L 179 -52.23 -6.17 32.00
C HIS L 179 -53.18 -6.77 30.96
N PHE L 180 -52.64 -7.72 30.17
CA PHE L 180 -53.45 -8.38 29.16
C PHE L 180 -54.50 -9.29 29.79
N TRP L 181 -54.15 -9.97 30.89
CA TRP L 181 -55.06 -10.93 31.49
C TRP L 181 -56.29 -10.28 32.12
N ARG L 182 -56.30 -8.96 32.29
CA ARG L 182 -57.53 -8.29 32.68
C ARG L 182 -58.60 -8.45 31.61
N LEU L 183 -58.19 -8.58 30.34
CA LEU L 183 -59.10 -8.83 29.24
C LEU L 183 -59.29 -10.32 28.98
N TYR L 184 -58.19 -11.08 28.98
CA TYR L 184 -58.29 -12.52 28.73
C TYR L 184 -58.99 -13.25 29.87
N GLY L 185 -58.99 -12.67 31.07
CA GLY L 185 -59.64 -13.28 32.21
C GLY L 185 -61.15 -13.36 32.10
N ASP L 186 -61.74 -12.66 31.14
CA ASP L 186 -63.18 -12.73 30.93
C ASP L 186 -63.60 -13.95 30.11
N PHE L 187 -62.64 -14.72 29.59
CA PHE L 187 -62.94 -15.94 28.87
C PHE L 187 -62.57 -17.19 29.67
N LEU L 188 -62.05 -17.04 30.88
CA LEU L 188 -61.83 -18.18 31.74
C LEU L 188 -63.17 -18.70 32.25
N PRO L 189 -63.28 -20.02 32.48
CA PRO L 189 -64.51 -20.55 33.06
C PRO L 189 -64.75 -19.98 34.45
N ALA L 190 -66.01 -19.70 34.74
CA ALA L 190 -66.39 -19.08 36.00
C ALA L 190 -66.41 -20.14 37.10
N ALA L 191 -66.86 -19.73 38.29
CA ALA L 191 -66.93 -20.68 39.41
C ALA L 191 -67.94 -21.79 39.15
N ASP L 192 -69.00 -21.49 38.40
CA ASP L 192 -70.02 -22.46 38.06
C ASP L 192 -69.73 -23.20 36.75
N GLU L 193 -68.65 -22.85 36.06
CA GLU L 193 -68.27 -23.52 34.83
C GLU L 193 -66.98 -24.30 34.92
N CYS L 194 -66.11 -23.97 35.89
CA CYS L 194 -64.87 -24.71 36.06
C CYS L 194 -65.14 -26.10 36.60
N SER L 195 -64.43 -27.08 36.08
CA SER L 195 -64.62 -28.48 36.46
C SER L 195 -63.67 -28.93 37.56
N SER L 196 -62.87 -28.04 38.12
CA SER L 196 -61.95 -28.42 39.18
C SER L 196 -62.71 -28.89 40.41
N LEU L 197 -62.13 -29.85 41.13
CA LEU L 197 -62.77 -30.41 42.31
C LEU L 197 -62.61 -29.53 43.54
N LEU L 198 -61.81 -28.46 43.47
CA LEU L 198 -61.74 -27.51 44.56
C LEU L 198 -63.04 -26.75 44.74
N LEU L 199 -63.86 -26.68 43.70
CA LEU L 199 -65.17 -26.03 43.76
C LEU L 199 -66.29 -27.02 44.06
N ALA L 200 -65.97 -28.29 44.26
CA ALA L 200 -66.99 -29.29 44.52
C ALA L 200 -67.37 -29.30 46.00
N THR L 201 -68.66 -29.48 46.27
CA THR L 201 -69.17 -29.56 47.63
C THR L 201 -69.12 -31.02 48.11
N GLU L 202 -69.61 -31.24 49.33
CA GLU L 202 -69.60 -32.57 49.90
C GLU L 202 -70.50 -33.53 49.13
N GLU L 203 -71.59 -33.02 48.55
CA GLU L 203 -72.49 -33.87 47.77
C GLU L 203 -71.81 -34.40 46.52
N ASP L 204 -71.12 -33.52 45.79
CA ASP L 204 -70.44 -33.94 44.56
C ASP L 204 -69.32 -34.93 44.86
N LEU L 205 -68.55 -34.69 45.92
CA LEU L 205 -67.47 -35.60 46.29
C LEU L 205 -68.00 -36.96 46.70
N ALA L 206 -69.24 -37.02 47.21
CA ALA L 206 -69.82 -38.29 47.61
C ALA L 206 -70.09 -39.20 46.42
N GLU L 207 -70.15 -38.65 45.21
CA GLU L 207 -70.41 -39.45 44.02
C GLU L 207 -69.15 -39.90 43.31
N LEU L 208 -67.97 -39.55 43.84
CA LEU L 208 -66.73 -40.07 43.27
C LEU L 208 -66.61 -41.57 43.49
N GLN L 209 -67.22 -42.09 44.55
CA GLN L 209 -67.14 -43.50 44.92
C GLN L 209 -65.68 -43.92 45.12
N ASP L 210 -64.89 -43.02 45.72
CA ASP L 210 -63.47 -43.27 45.97
C ASP L 210 -63.07 -42.45 47.19
N PRO L 211 -62.93 -43.10 48.35
CA PRO L 211 -62.56 -42.35 49.56
C PRO L 211 -61.23 -41.64 49.47
N GLN L 212 -60.25 -42.21 48.76
CA GLN L 212 -58.92 -41.59 48.70
C GLN L 212 -58.97 -40.26 47.97
N LEU L 213 -59.66 -40.22 46.82
CA LEU L 213 -59.77 -38.98 46.07
C LEU L 213 -60.54 -37.93 46.86
N VAL L 214 -61.59 -38.36 47.57
CA VAL L 214 -62.35 -37.43 48.40
C VAL L 214 -61.47 -36.85 49.50
N SER L 215 -60.66 -37.69 50.14
CA SER L 215 -59.76 -37.20 51.18
C SER L 215 -58.75 -36.21 50.61
N THR L 216 -58.19 -36.52 49.43
CA THR L 216 -57.24 -35.61 48.80
C THR L 216 -57.88 -34.27 48.49
N ILE L 217 -59.11 -34.29 47.95
CA ILE L 217 -59.79 -33.05 47.59
C ILE L 217 -60.09 -32.24 48.85
N ARG L 218 -60.54 -32.91 49.92
CA ARG L 218 -60.80 -32.20 51.16
C ARG L 218 -59.53 -31.56 51.71
N GLN L 219 -58.41 -32.28 51.66
CA GLN L 219 -57.16 -31.72 52.14
C GLN L 219 -56.73 -30.51 51.33
N GLN L 220 -56.90 -30.58 49.99
CA GLN L 220 -56.54 -29.44 49.15
C GLN L 220 -57.43 -28.23 49.45
N GLN L 221 -58.74 -28.45 49.61
CA GLN L 221 -59.64 -27.36 49.93
C GLN L 221 -59.28 -26.73 51.27
N LYS L 222 -58.97 -27.58 52.26
CA LYS L 222 -58.56 -27.07 53.57
C LYS L 222 -57.29 -26.24 53.45
N ARG L 223 -56.31 -26.70 52.67
CA ARG L 223 -55.07 -25.95 52.52
C ARG L 223 -55.32 -24.60 51.87
N VAL L 224 -56.13 -24.56 50.81
CA VAL L 224 -56.42 -23.30 50.13
C VAL L 224 -57.12 -22.33 51.08
N LEU L 225 -58.12 -22.82 51.80
CA LEU L 225 -58.86 -21.94 52.71
C LEU L 225 -57.97 -21.45 53.85
N GLU L 226 -57.09 -22.31 54.36
CA GLU L 226 -56.17 -21.89 55.40
C GLU L 226 -55.23 -20.81 54.90
N PHE L 227 -54.70 -20.96 53.68
CA PHE L 227 -53.84 -19.93 53.12
C PHE L 227 -54.58 -18.61 52.98
N TRP L 228 -55.80 -18.64 52.46
CA TRP L 228 -56.56 -17.41 52.29
C TRP L 228 -56.84 -16.74 53.62
N GLU L 229 -57.24 -17.53 54.63
CA GLU L 229 -57.52 -16.94 55.94
C GLU L 229 -56.24 -16.38 56.57
N LYS L 230 -55.11 -17.04 56.36
CA LYS L 230 -53.86 -16.56 56.93
C LYS L 230 -53.42 -15.24 56.31
N ASN L 231 -53.54 -15.10 54.99
CA ASN L 231 -52.96 -13.96 54.31
C ASN L 231 -53.97 -12.87 53.95
N TRP L 232 -55.26 -13.09 54.16
CA TRP L 232 -56.26 -12.08 53.83
C TRP L 232 -57.10 -11.69 55.03
N HIS L 233 -56.45 -11.39 56.16
CA HIS L 233 -57.15 -11.02 57.38
C HIS L 233 -57.58 -9.55 57.30
N SER L 234 -58.04 -9.01 58.43
CA SER L 234 -58.63 -7.68 58.43
C SER L 234 -57.61 -6.59 58.12
N GLY L 235 -56.41 -6.70 58.68
CA GLY L 235 -55.43 -5.62 58.63
C GLY L 235 -54.63 -5.48 57.37
N VAL L 236 -54.88 -6.31 56.35
CA VAL L 236 -54.13 -6.25 55.10
C VAL L 236 -54.42 -4.92 54.40
N PRO L 237 -53.46 -4.37 53.65
CA PRO L 237 -53.72 -3.12 52.94
C PRO L 237 -54.79 -3.28 51.87
N LEU L 238 -55.33 -2.14 51.44
CA LEU L 238 -56.44 -2.15 50.49
C LEU L 238 -56.04 -2.76 49.15
N LYS L 239 -54.78 -2.58 48.74
CA LYS L 239 -54.34 -3.17 47.48
C LYS L 239 -54.31 -4.69 47.53
N ILE L 240 -54.29 -5.27 48.71
CA ILE L 240 -54.33 -6.73 48.88
C ILE L 240 -55.75 -7.22 49.10
N LYS L 241 -56.55 -6.49 49.88
CA LYS L 241 -57.91 -6.93 50.17
C LYS L 241 -58.75 -6.98 48.90
N ARG L 242 -58.53 -6.05 47.98
CA ARG L 242 -59.32 -6.03 46.75
C ARG L 242 -58.93 -7.14 45.79
N LEU L 243 -57.77 -7.77 45.98
CA LEU L 243 -57.39 -8.91 45.16
C LEU L 243 -58.34 -10.07 45.37
N ALA L 244 -58.73 -10.32 46.63
CA ALA L 244 -59.68 -11.38 46.96
C ALA L 244 -60.47 -10.92 48.18
N GLU L 245 -61.64 -10.32 47.93
CA GLU L 245 -62.47 -9.83 49.03
C GLU L 245 -62.98 -10.99 49.89
N ASP L 246 -63.34 -12.11 49.25
CA ASP L 246 -63.89 -13.25 49.95
C ASP L 246 -63.16 -14.52 49.51
N ALA L 247 -63.35 -15.59 50.28
CA ALA L 247 -62.54 -16.79 50.12
C ALA L 247 -62.77 -17.46 48.78
N GLU L 248 -64.02 -17.50 48.30
CA GLU L 248 -64.32 -18.23 47.09
C GLU L 248 -63.64 -17.62 45.87
N ARG L 249 -63.34 -16.32 45.90
CA ARG L 249 -62.58 -15.71 44.81
C ARG L 249 -61.18 -16.31 44.74
N PHE L 250 -60.51 -16.44 45.88
CA PHE L 250 -59.18 -17.05 45.89
C PHE L 250 -59.26 -18.53 45.57
N ILE L 251 -60.33 -19.20 45.97
CA ILE L 251 -60.50 -20.61 45.63
C ILE L 251 -60.64 -20.77 44.11
N TRP L 252 -61.41 -19.89 43.48
CA TRP L 252 -61.53 -19.93 42.03
C TRP L 252 -60.20 -19.62 41.35
N ALA L 253 -59.43 -18.68 41.90
CA ALA L 253 -58.11 -18.39 41.36
C ALA L 253 -57.21 -19.63 41.42
N VAL L 254 -57.22 -20.32 42.56
CA VAL L 254 -56.40 -21.52 42.70
C VAL L 254 -56.90 -22.62 41.76
N SER L 255 -58.21 -22.72 41.57
CA SER L 255 -58.75 -23.71 40.64
C SER L 255 -58.31 -23.43 39.21
N ILE L 256 -58.36 -22.17 38.79
CA ILE L 256 -57.92 -21.81 37.46
C ILE L 256 -56.43 -22.10 37.30
N ALA L 257 -55.64 -21.75 38.32
CA ALA L 257 -54.20 -22.02 38.27
C ALA L 257 -53.93 -23.51 38.12
N GLN L 258 -54.60 -24.34 38.91
CA GLN L 258 -54.38 -25.78 38.85
C GLN L 258 -54.83 -26.36 37.52
N THR L 259 -55.97 -25.90 37.00
CA THR L 259 -56.52 -26.50 35.79
C THR L 259 -55.89 -25.97 34.51
N ARG L 260 -55.16 -24.85 34.55
CA ARG L 260 -54.64 -24.27 33.32
C ARG L 260 -53.14 -24.01 33.35
N CYS L 261 -52.43 -24.34 34.42
CA CYS L 261 -50.99 -24.12 34.47
C CYS L 261 -50.26 -25.07 33.52
N ILE L 262 -49.19 -24.57 32.91
CA ILE L 262 -48.30 -25.37 32.09
C ILE L 262 -46.88 -25.18 32.61
N SER L 263 -46.20 -26.28 32.90
CA SER L 263 -44.82 -26.25 33.34
C SER L 263 -43.90 -26.63 32.19
N MET L 264 -42.77 -25.92 32.09
CA MET L 264 -41.89 -26.09 30.95
C MET L 264 -40.49 -25.61 31.32
N LYS L 265 -39.50 -26.07 30.56
CA LYS L 265 -38.13 -25.60 30.68
C LYS L 265 -37.87 -24.64 29.52
N THR L 266 -37.75 -23.35 29.83
CA THR L 266 -37.63 -22.31 28.84
C THR L 266 -36.32 -21.56 29.03
N ARG L 267 -35.66 -21.22 27.93
CA ARG L 267 -34.48 -20.38 27.94
C ARG L 267 -34.88 -18.97 27.54
N ILE L 268 -34.57 -17.99 28.39
CA ILE L 268 -34.81 -16.59 28.11
C ILE L 268 -33.46 -15.90 28.10
N GLY L 269 -33.05 -15.41 26.93
CA GLY L 269 -31.72 -14.87 26.78
C GLY L 269 -30.66 -15.95 26.97
N ALA L 270 -29.93 -15.86 28.06
CA ALA L 270 -28.93 -16.87 28.42
C ALA L 270 -29.32 -17.68 29.65
N LEU L 271 -30.51 -17.46 30.19
CA LEU L 271 -30.94 -18.11 31.43
C LEU L 271 -31.90 -19.25 31.11
N VAL L 272 -31.53 -20.46 31.51
CA VAL L 272 -32.36 -21.65 31.33
C VAL L 272 -32.93 -22.03 32.68
N GLN L 273 -34.24 -22.23 32.73
CA GLN L 273 -34.90 -22.49 34.01
C GLN L 273 -36.28 -23.10 33.75
N ASP L 274 -36.83 -23.71 34.81
CA ASP L 274 -38.18 -24.26 34.77
C ASP L 274 -39.16 -23.21 35.27
N LEU L 275 -40.32 -23.13 34.62
CA LEU L 275 -41.32 -22.11 34.94
C LEU L 275 -42.70 -22.74 35.04
N ASN L 276 -43.51 -22.19 35.93
CA ASN L 276 -44.94 -22.48 35.98
C ASN L 276 -45.66 -21.32 35.29
N MET L 277 -46.34 -21.63 34.19
CA MET L 277 -46.78 -20.61 33.25
C MET L 277 -48.29 -20.67 33.04
N MET L 278 -48.95 -19.52 33.13
CA MET L 278 -50.33 -19.37 32.71
C MET L 278 -50.30 -18.78 31.30
N ILE L 279 -50.55 -19.63 30.30
CA ILE L 279 -50.33 -19.29 28.90
C ILE L 279 -51.69 -19.11 28.24
N PRO L 280 -52.06 -17.91 27.81
CA PRO L 280 -53.32 -17.74 27.09
C PRO L 280 -53.27 -18.39 25.71
N TYR L 281 -54.44 -18.83 25.26
CA TYR L 281 -54.66 -19.37 23.91
C TYR L 281 -54.01 -20.74 23.75
N ALA L 282 -53.26 -21.18 24.77
CA ALA L 282 -52.69 -22.52 24.80
C ALA L 282 -53.33 -23.40 25.85
N ASP L 283 -53.88 -22.80 26.91
CA ASP L 283 -54.69 -23.52 27.86
C ASP L 283 -56.05 -23.91 27.31
N MET L 284 -56.45 -23.32 26.17
CA MET L 284 -57.70 -23.71 25.52
C MET L 284 -57.60 -25.06 24.83
N LEU L 285 -56.39 -25.54 24.55
CA LEU L 285 -56.23 -26.89 24.01
C LEU L 285 -56.71 -27.91 25.03
N ASN L 286 -57.36 -28.96 24.53
CA ASN L 286 -57.90 -30.00 25.39
C ASN L 286 -56.91 -31.17 25.51
N HIS L 287 -57.15 -32.01 26.51
CA HIS L 287 -56.23 -33.08 26.82
C HIS L 287 -56.51 -34.31 25.95
N SER L 288 -55.43 -35.06 25.68
CA SER L 288 -55.54 -36.35 25.02
C SER L 288 -54.28 -37.15 25.33
N PHE L 289 -54.45 -38.46 25.46
CA PHE L 289 -53.31 -39.37 25.59
C PHE L 289 -52.79 -39.84 24.25
N GLU L 290 -53.46 -39.47 23.16
CA GLU L 290 -52.95 -39.68 21.80
C GLU L 290 -53.10 -38.36 21.05
N PRO L 291 -52.35 -37.33 21.45
CA PRO L 291 -52.58 -35.99 20.92
C PRO L 291 -51.98 -35.80 19.53
N ASN L 292 -52.51 -34.81 18.83
CA ASN L 292 -51.99 -34.41 17.52
C ASN L 292 -51.16 -33.14 17.58
N CYS L 293 -50.98 -32.55 18.76
CA CYS L 293 -50.24 -31.31 18.91
C CYS L 293 -49.33 -31.40 20.13
N PHE L 294 -48.27 -30.59 20.11
CA PHE L 294 -47.36 -30.48 21.24
C PHE L 294 -46.83 -29.05 21.31
N LEU L 295 -46.33 -28.68 22.48
CA LEU L 295 -45.85 -27.34 22.75
C LEU L 295 -44.33 -27.29 22.60
N HIS L 296 -43.84 -26.30 21.85
CA HIS L 296 -42.41 -26.08 21.71
C HIS L 296 -42.11 -24.61 21.97
N TRP L 297 -41.15 -24.37 22.85
CA TRP L 297 -40.73 -23.01 23.20
C TRP L 297 -39.66 -22.52 22.23
N ARG L 298 -39.89 -21.35 21.64
CA ARG L 298 -38.92 -20.75 20.74
C ARG L 298 -38.19 -19.64 21.49
N PRO L 299 -36.92 -19.83 21.85
CA PRO L 299 -36.27 -18.87 22.76
C PRO L 299 -35.80 -17.60 22.08
N LYS L 300 -35.51 -17.66 20.77
CA LYS L 300 -34.88 -16.52 20.11
C LYS L 300 -35.77 -15.29 20.12
N ASP L 301 -37.07 -15.47 19.89
CA ASP L 301 -38.03 -14.38 19.95
C ASP L 301 -38.99 -14.50 21.11
N ARG L 302 -38.77 -15.46 22.01
CA ARG L 302 -39.59 -15.69 23.20
C ARG L 302 -41.06 -15.92 22.80
N ILE L 303 -41.29 -17.00 22.06
CA ILE L 303 -42.61 -17.37 21.59
C ILE L 303 -42.85 -18.84 21.90
N LEU L 304 -44.03 -19.15 22.40
CA LEU L 304 -44.46 -20.53 22.58
C LEU L 304 -45.22 -20.98 21.34
N GLU L 305 -44.75 -22.05 20.72
CA GLU L 305 -45.36 -22.57 19.51
C GLU L 305 -46.20 -23.80 19.84
N VAL L 306 -47.37 -23.88 19.22
CA VAL L 306 -48.18 -25.09 19.23
C VAL L 306 -47.93 -25.79 17.90
N MET L 307 -47.34 -26.97 17.95
CA MET L 307 -46.91 -27.69 16.77
C MET L 307 -47.73 -28.95 16.61
N SER L 308 -48.32 -29.13 15.43
CA SER L 308 -48.95 -30.39 15.09
C SER L 308 -47.88 -31.42 14.76
N ASN L 309 -48.17 -32.69 15.04
CA ASN L 309 -47.18 -33.74 14.87
C ASN L 309 -46.76 -33.84 13.40
N ALA L 310 -45.49 -34.13 13.19
CA ALA L 310 -44.93 -34.20 11.84
C ALA L 310 -45.49 -35.41 11.11
N GLY L 311 -46.00 -35.18 9.90
CA GLY L 311 -46.53 -36.26 9.09
C GLY L 311 -47.87 -36.80 9.52
N GLN L 312 -48.55 -36.14 10.45
CA GLN L 312 -49.85 -36.59 10.92
C GLN L 312 -50.93 -35.71 10.30
N ALA L 313 -51.68 -36.28 9.35
CA ALA L 313 -52.77 -35.56 8.71
C ALA L 313 -53.87 -35.24 9.72
N ILE L 314 -54.42 -34.03 9.61
CA ILE L 314 -55.52 -33.58 10.46
C ILE L 314 -56.62 -33.05 9.55
N LYS L 315 -57.83 -33.55 9.72
CA LYS L 315 -58.95 -33.21 8.87
C LYS L 315 -59.71 -32.01 9.42
N LYS L 316 -60.57 -31.42 8.58
CA LYS L 316 -61.37 -30.28 8.97
C LYS L 316 -62.30 -30.65 10.13
N GLY L 317 -62.34 -29.79 11.15
CA GLY L 317 -63.17 -30.00 12.31
C GLY L 317 -62.58 -30.88 13.37
N GLU L 318 -61.41 -31.48 13.13
CA GLU L 318 -60.77 -32.32 14.13
C GLU L 318 -60.20 -31.45 15.25
N GLU L 319 -60.48 -31.85 16.49
CA GLU L 319 -60.03 -31.07 17.63
C GLU L 319 -58.51 -31.18 17.78
N MET L 320 -57.88 -30.05 18.09
CA MET L 320 -56.45 -30.00 18.37
C MET L 320 -56.24 -30.23 19.87
N THR L 321 -55.46 -31.25 20.20
CA THR L 321 -55.29 -31.66 21.59
C THR L 321 -53.82 -31.87 21.91
N ILE L 322 -53.47 -31.70 23.18
CA ILE L 322 -52.13 -31.95 23.68
C ILE L 322 -52.24 -32.83 24.93
N ASN L 323 -51.12 -33.44 25.29
CA ASN L 323 -51.05 -34.27 26.47
C ASN L 323 -50.70 -33.40 27.67
N TYR L 324 -51.68 -33.19 28.57
CA TYR L 324 -51.44 -32.34 29.73
C TYR L 324 -50.33 -32.91 30.61
N MET L 325 -50.36 -34.22 30.86
CA MET L 325 -49.31 -34.87 31.62
C MET L 325 -49.29 -36.36 31.29
N PRO L 326 -48.18 -36.87 30.76
CA PRO L 326 -48.12 -38.28 30.38
C PRO L 326 -47.94 -39.21 31.57
N GLY L 327 -48.51 -40.41 31.43
CA GLY L 327 -48.32 -41.43 32.44
C GLY L 327 -49.08 -41.22 33.73
N GLN L 328 -50.20 -40.51 33.70
CA GLN L 328 -50.98 -40.22 34.89
C GLN L 328 -52.36 -40.86 34.75
N LYS L 329 -52.81 -41.53 35.80
CA LYS L 329 -54.09 -42.21 35.78
C LYS L 329 -55.24 -41.21 35.86
N ASN L 330 -56.47 -41.73 35.85
CA ASN L 330 -57.64 -40.86 35.90
C ASN L 330 -57.78 -40.16 37.23
N ASN L 331 -57.28 -40.77 38.32
CA ASN L 331 -57.40 -40.13 39.64
C ASN L 331 -56.56 -38.87 39.72
N MET L 332 -55.34 -38.90 39.19
CA MET L 332 -54.50 -37.70 39.19
C MET L 332 -55.07 -36.63 38.26
N LEU L 333 -55.63 -37.05 37.13
CA LEU L 333 -56.29 -36.09 36.24
C LEU L 333 -57.47 -35.43 36.93
N MET L 334 -58.27 -36.20 37.66
CA MET L 334 -59.38 -35.63 38.41
C MET L 334 -58.89 -34.67 39.49
N GLU L 335 -57.79 -35.04 40.17
CA GLU L 335 -57.26 -34.19 41.22
C GLU L 335 -56.75 -32.86 40.67
N ARG L 336 -56.07 -32.89 39.52
CA ARG L 336 -55.42 -31.70 39.00
C ARG L 336 -56.31 -30.90 38.06
N TYR L 337 -56.71 -31.51 36.93
CA TYR L 337 -57.51 -30.82 35.94
C TYR L 337 -59.00 -31.05 36.10
N GLY L 338 -59.42 -31.86 37.07
CA GLY L 338 -60.83 -32.07 37.33
C GLY L 338 -61.58 -32.78 36.22
N PHE L 339 -61.00 -33.81 35.64
CA PHE L 339 -61.67 -34.61 34.62
C PHE L 339 -60.99 -35.97 34.53
N SER L 340 -61.59 -36.85 33.74
CA SER L 340 -61.04 -38.17 33.50
C SER L 340 -61.50 -38.66 32.13
N THR L 341 -60.79 -39.64 31.60
CA THR L 341 -61.08 -40.17 30.27
C THR L 341 -61.23 -41.67 30.32
N PRO L 342 -62.14 -42.24 29.51
CA PRO L 342 -62.34 -43.70 29.52
C PRO L 342 -61.25 -44.47 28.79
N VAL L 343 -60.40 -43.81 28.03
CA VAL L 343 -59.37 -44.49 27.24
C VAL L 343 -58.00 -44.18 27.83
N ASN L 344 -57.95 -43.95 29.13
CA ASN L 344 -56.69 -43.71 29.83
C ASN L 344 -55.83 -44.96 29.77
N PRO L 345 -54.70 -44.96 29.05
CA PRO L 345 -53.87 -46.16 28.95
C PRO L 345 -52.99 -46.43 30.16
N TRP L 346 -53.18 -45.71 31.25
CA TRP L 346 -52.38 -45.89 32.45
C TRP L 346 -53.22 -46.22 33.68
N ASP L 347 -54.52 -46.45 33.50
CA ASP L 347 -55.38 -46.78 34.62
C ASP L 347 -55.02 -48.16 35.19
N ALA L 348 -55.25 -48.33 36.48
CA ALA L 348 -54.90 -49.54 37.19
C ALA L 348 -56.12 -50.12 37.88
N ILE L 349 -56.24 -51.45 37.83
CA ILE L 349 -57.29 -52.18 38.53
C ILE L 349 -56.60 -53.22 39.41
N PRO L 350 -56.81 -53.21 40.72
CA PRO L 350 -56.04 -54.09 41.61
C PRO L 350 -56.56 -55.52 41.57
N PHE L 351 -55.83 -56.39 40.88
CA PHE L 351 -56.17 -57.79 40.84
C PHE L 351 -55.43 -58.54 41.95
N SER L 352 -55.88 -59.77 42.21
CA SER L 352 -55.24 -60.58 43.23
C SER L 352 -53.87 -61.08 42.77
N GLY L 353 -53.68 -61.25 41.46
CA GLY L 353 -52.43 -61.73 40.92
C GLY L 353 -52.29 -63.24 40.89
N ASP L 354 -53.28 -63.98 41.40
CA ASP L 354 -53.21 -65.44 41.36
C ASP L 354 -53.50 -66.00 39.98
N SER L 355 -54.39 -65.35 39.23
CA SER L 355 -54.73 -65.78 37.88
C SER L 355 -54.04 -64.86 36.87
N ARG L 356 -53.26 -65.45 35.98
CA ARG L 356 -52.41 -64.69 35.06
C ARG L 356 -52.59 -65.22 33.64
N ILE L 357 -52.41 -64.32 32.67
CA ILE L 357 -52.50 -64.69 31.26
C ILE L 357 -51.16 -64.45 30.60
N HIS L 358 -51.06 -64.76 29.31
CA HIS L 358 -49.82 -64.62 28.56
C HIS L 358 -49.76 -63.22 27.94
N LEU L 359 -48.72 -62.47 28.30
CA LEU L 359 -48.59 -61.10 27.80
C LEU L 359 -48.37 -61.08 26.30
N ASN L 360 -47.50 -61.95 25.78
CA ASN L 360 -47.16 -61.91 24.37
C ASN L 360 -48.37 -62.21 23.49
N SER L 361 -49.15 -63.22 23.85
CA SER L 361 -50.35 -63.55 23.08
C SER L 361 -51.37 -62.42 23.15
N PHE L 362 -51.54 -61.82 24.34
CA PHE L 362 -52.47 -60.71 24.49
C PHE L 362 -52.07 -59.54 23.60
N LEU L 363 -50.77 -59.23 23.55
CA LEU L 363 -50.31 -58.14 22.69
C LEU L 363 -50.49 -58.48 21.22
N SER L 364 -50.17 -59.72 20.83
CA SER L 364 -50.24 -60.08 19.41
C SER L 364 -51.67 -60.15 18.91
N VAL L 365 -52.61 -60.59 19.74
CA VAL L 365 -54.00 -60.68 19.32
C VAL L 365 -54.56 -59.29 19.01
N PHE L 366 -54.29 -58.32 19.89
CA PHE L 366 -54.81 -56.97 19.71
C PHE L 366 -53.84 -56.06 18.99
N ASN L 367 -52.70 -56.58 18.53
CA ASN L 367 -51.69 -55.80 17.80
C ASN L 367 -51.21 -54.61 18.63
N ILE L 368 -50.67 -54.92 19.81
CA ILE L 368 -50.06 -53.93 20.69
C ILE L 368 -48.57 -54.19 20.68
N PHE L 369 -47.81 -53.24 20.13
CA PHE L 369 -46.38 -53.41 19.94
C PHE L 369 -45.61 -52.42 20.81
N GLY L 370 -44.28 -52.57 20.80
CA GLY L 370 -43.40 -51.71 21.55
C GLY L 370 -43.12 -52.21 22.95
N LEU L 371 -42.19 -51.52 23.60
CA LEU L 371 -41.79 -51.86 24.95
C LEU L 371 -42.89 -51.47 25.94
N PRO L 372 -42.84 -52.01 27.17
CA PRO L 372 -43.93 -51.74 28.13
C PRO L 372 -44.25 -50.28 28.36
N GLU L 373 -43.30 -49.37 28.14
CA GLU L 373 -43.57 -47.95 28.31
C GLU L 373 -43.95 -47.26 27.01
N GLU L 374 -44.03 -47.99 25.89
CA GLU L 374 -44.45 -47.41 24.62
C GLU L 374 -45.40 -48.33 23.88
N TYR L 375 -46.34 -48.93 24.61
CA TYR L 375 -47.39 -49.72 23.96
C TYR L 375 -48.20 -48.84 23.01
N TYR L 376 -48.40 -49.32 21.80
CA TYR L 376 -49.15 -48.56 20.82
C TYR L 376 -49.85 -49.50 19.85
N HIS L 377 -51.11 -49.19 19.55
CA HIS L 377 -51.88 -49.96 18.58
C HIS L 377 -51.39 -49.63 17.17
N ASP L 378 -51.16 -50.67 16.37
CA ASP L 378 -50.64 -50.44 15.02
C ASP L 378 -51.67 -49.76 14.13
N SER L 379 -52.95 -50.06 14.34
CA SER L 379 -54.09 -49.49 13.62
C SER L 379 -54.13 -49.88 12.15
N GLU L 380 -53.19 -50.69 11.67
CA GLU L 380 -53.19 -51.17 10.30
C GLU L 380 -53.74 -52.58 10.19
N LEU L 381 -53.19 -53.51 10.97
CA LEU L 381 -53.66 -54.89 10.93
C LEU L 381 -55.11 -55.01 11.42
N SER L 382 -55.51 -54.11 12.34
CA SER L 382 -56.89 -54.13 12.83
C SER L 382 -57.87 -53.78 11.70
N GLY L 383 -57.51 -52.83 10.85
CA GLY L 383 -58.36 -52.43 9.76
C GLY L 383 -59.51 -51.56 10.19
N ASP L 384 -60.45 -52.14 10.95
CA ASP L 384 -61.60 -51.39 11.43
C ASP L 384 -61.95 -51.72 12.87
N ASP L 385 -61.08 -52.40 13.61
CA ASP L 385 -61.40 -52.77 14.98
C ASP L 385 -61.30 -51.57 15.90
N SER L 386 -62.44 -50.91 16.14
CA SER L 386 -62.49 -49.84 17.13
C SER L 386 -62.35 -50.35 18.55
N PHE L 387 -62.41 -51.67 18.76
CA PHE L 387 -62.30 -52.22 20.10
C PHE L 387 -60.93 -51.92 20.71
N VAL L 388 -59.87 -52.01 19.92
CA VAL L 388 -58.52 -51.79 20.43
C VAL L 388 -58.30 -50.28 20.57
N ASP L 389 -58.11 -49.83 21.80
CA ASP L 389 -57.88 -48.42 22.11
C ASP L 389 -57.02 -48.36 23.35
N GLY L 390 -56.98 -47.18 24.00
CA GLY L 390 -56.20 -47.02 25.20
C GLY L 390 -56.64 -47.91 26.35
N ALA L 391 -57.91 -48.32 26.35
CA ALA L 391 -58.39 -49.22 27.40
C ALA L 391 -57.72 -50.59 27.31
N VAL L 392 -57.54 -51.09 26.09
CA VAL L 392 -56.86 -52.38 25.93
C VAL L 392 -55.41 -52.27 26.36
N ILE L 393 -54.76 -51.14 26.04
CA ILE L 393 -53.38 -50.92 26.46
C ILE L 393 -53.30 -50.88 27.99
N ALA L 394 -54.24 -50.18 28.63
CA ALA L 394 -54.26 -50.14 30.09
C ALA L 394 -54.48 -51.51 30.68
N ALA L 395 -55.36 -52.30 30.07
CA ALA L 395 -55.58 -53.68 30.53
C ALA L 395 -54.29 -54.49 30.43
N ALA L 396 -53.59 -54.40 29.29
CA ALA L 396 -52.34 -55.11 29.13
C ALA L 396 -51.30 -54.65 30.13
N ARG L 397 -51.35 -53.37 30.53
CA ARG L 397 -50.43 -52.86 31.54
C ARG L 397 -50.84 -53.20 32.96
N THR L 398 -52.10 -53.60 33.19
CA THR L 398 -52.58 -53.88 34.54
C THR L 398 -52.99 -55.33 34.77
N LEU L 399 -53.28 -56.10 33.73
CA LEU L 399 -53.66 -57.49 33.93
C LEU L 399 -52.47 -58.30 34.44
N PRO L 400 -52.68 -59.23 35.35
CA PRO L 400 -51.59 -60.13 35.77
C PRO L 400 -51.12 -60.97 34.60
N THR L 401 -49.82 -60.90 34.33
CA THR L 401 -49.25 -61.55 33.16
C THR L 401 -48.00 -62.32 33.54
N TRP L 402 -47.68 -63.33 32.73
CA TRP L 402 -46.46 -64.11 32.88
C TRP L 402 -45.78 -64.21 31.52
N SER L 403 -44.46 -64.35 31.54
CA SER L 403 -43.69 -64.44 30.31
C SER L 403 -42.46 -65.30 30.55
N ASP L 404 -42.17 -66.19 29.61
CA ASP L 404 -41.04 -67.11 29.67
C ASP L 404 -40.30 -67.14 28.33
N ILE L 405 -40.02 -65.94 27.82
CA ILE L 405 -39.28 -65.75 26.57
C ILE L 405 -40.11 -66.28 25.39
N ASP L 406 -39.93 -67.55 25.05
CA ASP L 406 -40.63 -68.16 23.92
C ASP L 406 -41.54 -69.32 24.32
N LEU L 407 -41.85 -69.46 25.60
CA LEU L 407 -42.71 -70.55 26.03
C LEU L 407 -44.15 -70.26 25.64
N PRO L 408 -44.79 -71.10 24.84
CA PRO L 408 -46.17 -70.83 24.41
C PRO L 408 -47.14 -71.08 25.55
N PRO L 409 -48.33 -70.47 25.49
CA PRO L 409 -49.35 -70.73 26.51
C PRO L 409 -50.27 -71.87 26.12
N ILE L 410 -50.59 -72.71 27.09
CA ILE L 410 -51.61 -73.75 26.90
C ILE L 410 -52.99 -73.11 26.98
N PRO L 411 -53.85 -73.32 25.98
CA PRO L 411 -55.16 -72.66 26.00
C PRO L 411 -56.00 -72.99 27.22
N SER L 412 -55.92 -74.21 27.75
CA SER L 412 -56.78 -74.62 28.85
C SER L 412 -56.54 -73.77 30.09
N ALA L 413 -55.28 -73.49 30.42
CA ALA L 413 -54.99 -72.63 31.55
C ALA L 413 -55.46 -71.21 31.30
N GLU L 414 -55.40 -70.74 30.06
CA GLU L 414 -55.85 -69.39 29.74
C GLU L 414 -57.34 -69.24 29.97
N ARG L 415 -58.13 -70.27 29.64
CA ARG L 415 -59.57 -70.21 29.88
C ARG L 415 -59.88 -70.03 31.35
N LYS L 416 -59.24 -70.83 32.20
CA LYS L 416 -59.45 -70.72 33.64
C LYS L 416 -59.00 -69.36 34.17
N ALA L 417 -57.84 -68.89 33.69
CA ALA L 417 -57.33 -67.60 34.15
C ALA L 417 -58.27 -66.46 33.77
N VAL L 418 -58.75 -66.44 32.51
CA VAL L 418 -59.64 -65.37 32.10
C VAL L 418 -60.99 -65.48 32.79
N LYS L 419 -61.45 -66.70 33.08
CA LYS L 419 -62.69 -66.83 33.84
C LYS L 419 -62.55 -66.25 35.24
N GLU L 420 -61.42 -66.54 35.91
CA GLU L 420 -61.20 -65.98 37.23
C GLU L 420 -61.07 -64.45 37.19
N LEU L 421 -60.37 -63.93 36.19
CA LEU L 421 -60.23 -62.48 36.08
C LEU L 421 -61.57 -61.81 35.79
N GLN L 422 -62.39 -62.43 34.94
CA GLN L 422 -63.73 -61.90 34.68
C GLN L 422 -64.58 -61.95 35.94
N ASP L 423 -64.42 -63.00 36.75
CA ASP L 423 -65.13 -63.05 38.02
C ASP L 423 -64.71 -61.90 38.92
N GLU L 424 -63.40 -61.61 38.98
CA GLU L 424 -62.92 -60.48 39.77
C GLU L 424 -63.50 -59.16 39.25
N CYS L 425 -63.53 -58.98 37.93
CA CYS L 425 -64.07 -57.74 37.36
C CYS L 425 -65.55 -57.59 37.64
N ARG L 426 -66.30 -58.69 37.55
CA ARG L 426 -67.74 -58.62 37.84
C ARG L 426 -67.98 -58.36 39.33
N LYS L 427 -67.12 -58.91 40.20
CA LYS L 427 -67.23 -58.58 41.61
C LYS L 427 -66.99 -57.09 41.84
N MET L 428 -65.99 -56.52 41.16
CA MET L 428 -65.73 -55.09 41.30
C MET L 428 -66.91 -54.27 40.81
N LEU L 429 -67.50 -54.67 39.68
CA LEU L 429 -68.69 -53.97 39.18
C LEU L 429 -69.84 -54.07 40.17
N ALA L 430 -70.02 -55.24 40.79
CA ALA L 430 -71.08 -55.40 41.77
C ALA L 430 -70.83 -54.57 43.01
N GLU L 431 -69.57 -54.32 43.36
CA GLU L 431 -69.27 -53.51 44.54
C GLU L 431 -69.80 -52.09 44.38
N TYR L 432 -69.89 -51.59 43.16
CA TYR L 432 -70.47 -50.27 42.94
C TYR L 432 -71.99 -50.33 43.05
N PRO L 433 -72.62 -49.38 43.74
CA PRO L 433 -74.08 -49.45 43.90
C PRO L 433 -74.86 -49.42 42.60
N THR L 434 -74.37 -48.72 41.58
CA THR L 434 -75.07 -48.57 40.33
C THR L 434 -74.23 -49.11 39.17
N THR L 435 -74.74 -48.98 37.96
CA THR L 435 -74.07 -49.43 36.75
C THR L 435 -73.69 -48.22 35.89
N SER L 436 -73.03 -48.50 34.77
CA SER L 436 -72.57 -47.42 33.89
C SER L 436 -73.68 -46.92 32.98
N GLU L 437 -74.52 -47.84 32.48
CA GLU L 437 -75.62 -47.42 31.61
C GLU L 437 -76.60 -46.54 32.35
N GLN L 438 -76.92 -46.89 33.60
CA GLN L 438 -77.80 -46.05 34.39
C GLN L 438 -77.14 -44.71 34.71
N ASP L 439 -75.82 -44.67 34.84
CA ASP L 439 -75.13 -43.40 35.01
C ASP L 439 -75.25 -42.53 33.77
N GLN L 440 -75.12 -43.13 32.58
CA GLN L 440 -75.33 -42.36 31.36
C GLN L 440 -76.75 -41.86 31.25
N LYS L 441 -77.73 -42.68 31.64
CA LYS L 441 -79.12 -42.24 31.65
C LYS L 441 -79.34 -41.10 32.63
N LEU L 442 -78.69 -41.17 33.80
CA LEU L 442 -78.78 -40.07 34.76
C LEU L 442 -78.17 -38.80 34.20
N LEU L 443 -77.05 -38.91 33.50
CA LEU L 443 -76.45 -37.74 32.86
C LEU L 443 -77.38 -37.15 31.82
N ASP L 444 -78.01 -38.01 31.00
CA ASP L 444 -78.92 -37.52 29.97
C ASP L 444 -80.14 -36.84 30.58
N SER L 445 -80.67 -37.39 31.68
CA SER L 445 -81.81 -36.80 32.36
C SER L 445 -81.43 -35.67 33.31
N LEU L 446 -80.13 -35.44 33.51
CA LEU L 446 -79.68 -34.42 34.45
C LEU L 446 -79.98 -33.02 33.92
N SER L 447 -80.57 -32.18 34.76
CA SER L 447 -80.90 -30.82 34.35
C SER L 447 -80.56 -29.74 35.38
N GLU L 448 -80.26 -30.08 36.64
CA GLU L 448 -80.05 -29.09 37.68
C GLU L 448 -78.87 -29.48 38.57
N ALA L 449 -77.77 -29.88 37.96
CA ALA L 449 -76.58 -30.30 38.71
C ALA L 449 -75.38 -29.48 38.31
N ARG L 450 -74.42 -29.39 39.22
CA ARG L 450 -73.19 -28.64 38.99
C ARG L 450 -72.28 -29.39 38.01
N THR L 451 -71.24 -28.70 37.56
CA THR L 451 -70.27 -29.32 36.67
C THR L 451 -69.53 -30.45 37.36
N THR L 452 -69.17 -30.27 38.63
CA THR L 452 -68.45 -31.30 39.36
C THR L 452 -69.31 -32.53 39.58
N PHE L 453 -70.63 -32.36 39.70
CA PHE L 453 -71.53 -33.49 39.83
C PHE L 453 -71.42 -34.41 38.61
N ALA L 454 -71.56 -33.84 37.42
CA ALA L 454 -71.43 -34.62 36.20
C ALA L 454 -70.01 -35.14 36.03
N THR L 455 -69.02 -34.39 36.51
CA THR L 455 -67.64 -34.86 36.43
C THR L 455 -67.45 -36.14 37.25
N ALA L 456 -67.99 -36.17 38.47
CA ALA L 456 -67.88 -37.37 39.30
C ALA L 456 -68.66 -38.53 38.68
N VAL L 457 -69.85 -38.25 38.14
CA VAL L 457 -70.63 -39.30 37.50
C VAL L 457 -69.87 -39.89 36.32
N LYS L 458 -69.28 -39.03 35.50
CA LYS L 458 -68.50 -39.49 34.35
C LYS L 458 -67.26 -40.25 34.80
N TYR L 459 -66.64 -39.85 35.91
CA TYR L 459 -65.47 -40.56 36.41
C TYR L 459 -65.82 -42.00 36.78
N ARG L 460 -66.87 -42.17 37.58
CA ARG L 460 -67.25 -43.54 37.96
C ARG L 460 -67.75 -44.34 36.75
N MET L 461 -68.46 -43.67 35.83
CA MET L 461 -68.90 -44.34 34.62
C MET L 461 -67.71 -44.81 33.77
N HIS L 462 -66.67 -43.98 33.69
CA HIS L 462 -65.49 -44.35 32.92
C HIS L 462 -64.75 -45.52 33.56
N ARG L 463 -64.68 -45.55 34.90
CA ARG L 463 -64.07 -46.71 35.55
C ARG L 463 -64.85 -47.99 35.26
N LYS L 464 -66.18 -47.90 35.33
CA LYS L 464 -67.01 -49.06 35.00
C LYS L 464 -66.82 -49.49 33.54
N MET L 465 -66.73 -48.51 32.64
CA MET L 465 -66.48 -48.80 31.23
C MET L 465 -65.14 -49.50 31.04
N PHE L 466 -64.12 -49.05 31.77
CA PHE L 466 -62.81 -49.69 31.68
C PHE L 466 -62.86 -51.14 32.13
N ILE L 467 -63.57 -51.41 33.23
CA ILE L 467 -63.69 -52.79 33.70
C ILE L 467 -64.44 -53.65 32.67
N GLY L 468 -65.53 -53.12 32.12
CA GLY L 468 -66.25 -53.85 31.10
C GLY L 468 -65.41 -54.10 29.86
N LYS L 469 -64.60 -53.13 29.47
CA LYS L 469 -63.69 -53.30 28.35
C LYS L 469 -62.67 -54.40 28.64
N ILE L 470 -62.18 -54.47 29.87
CA ILE L 470 -61.28 -55.55 30.25
C ILE L 470 -61.98 -56.90 30.09
N ILE L 471 -63.23 -56.99 30.53
CA ILE L 471 -63.98 -58.24 30.40
C ILE L 471 -64.11 -58.65 28.95
N LYS L 472 -64.52 -57.71 28.09
CA LYS L 472 -64.70 -58.03 26.68
C LYS L 472 -63.38 -58.39 26.02
N ALA L 473 -62.30 -57.71 26.41
CA ALA L 473 -60.98 -58.01 25.86
C ALA L 473 -60.55 -59.41 26.23
N LEU L 474 -60.77 -59.82 27.49
CA LEU L 474 -60.45 -61.19 27.89
C LEU L 474 -61.27 -62.19 27.10
N ASP L 475 -62.56 -61.91 26.90
CA ASP L 475 -63.41 -62.82 26.12
C ASP L 475 -62.88 -62.99 24.71
N ILE L 476 -62.62 -61.88 24.01
CA ILE L 476 -62.17 -61.98 22.62
C ILE L 476 -60.77 -62.56 22.55
N TYR L 477 -59.93 -62.33 23.57
CA TYR L 477 -58.60 -62.92 23.60
C TYR L 477 -58.66 -64.43 23.74
N GLN L 478 -59.52 -64.94 24.63
CA GLN L 478 -59.66 -66.38 24.73
C GLN L 478 -60.32 -66.98 23.50
N GLU L 479 -61.20 -66.22 22.82
CA GLU L 479 -61.79 -66.70 21.59
C GLU L 479 -60.76 -66.80 20.46
N ARG L 480 -59.89 -65.80 20.33
CA ARG L 480 -58.95 -65.72 19.23
C ARG L 480 -57.64 -66.45 19.52
N LEU L 481 -57.53 -67.10 20.67
CA LEU L 481 -56.32 -67.84 21.01
C LEU L 481 -56.12 -69.09 20.17
N LEU L 482 -57.14 -69.52 19.43
CA LEU L 482 -57.07 -70.73 18.63
C LEU L 482 -56.91 -70.41 17.15
N PHE M 120 -69.91 11.96 57.74
CA PHE M 120 -69.50 11.41 59.03
C PHE M 120 -68.62 12.38 59.80
N ILE M 121 -67.33 12.40 59.47
CA ILE M 121 -66.36 13.23 60.16
C ILE M 121 -66.27 14.57 59.45
N SER M 122 -65.81 15.58 60.18
CA SER M 122 -65.67 16.94 59.65
C SER M 122 -64.20 17.32 59.70
N THR M 123 -63.54 17.33 58.54
CA THR M 123 -62.14 17.70 58.45
C THR M 123 -61.93 19.20 58.32
N GLN M 124 -63.01 19.98 58.15
CA GLN M 124 -62.86 21.42 57.99
C GLN M 124 -62.17 22.02 59.20
N GLY M 125 -61.20 22.89 58.94
CA GLY M 125 -60.49 23.58 60.01
C GLY M 125 -59.43 22.76 60.72
N TRP M 126 -59.20 21.53 60.28
CA TRP M 126 -58.20 20.68 60.92
C TRP M 126 -56.81 21.02 60.38
N ASP M 127 -55.84 20.17 60.68
CA ASP M 127 -54.48 20.37 60.22
C ASP M 127 -54.40 20.23 58.71
N SER M 128 -53.30 20.73 58.14
CA SER M 128 -53.12 20.74 56.69
C SER M 128 -52.39 19.52 56.16
N GLU M 129 -51.46 18.94 56.93
CA GLU M 129 -50.66 17.83 56.43
C GLU M 129 -50.49 16.74 57.49
N MET M 130 -51.47 16.55 58.36
CA MET M 130 -51.40 15.50 59.36
C MET M 130 -52.05 14.23 58.84
N VAL M 131 -51.57 13.09 59.32
CA VAL M 131 -52.06 11.78 58.90
C VAL M 131 -53.05 11.27 59.93
N VAL M 132 -54.26 10.94 59.48
CA VAL M 132 -55.28 10.43 60.41
C VAL M 132 -54.91 9.02 60.86
N ASP M 133 -55.55 8.58 61.94
CA ASP M 133 -55.24 7.31 62.58
C ASP M 133 -56.29 6.25 62.30
N TYR M 134 -56.86 6.27 61.09
CA TYR M 134 -57.86 5.27 60.71
C TYR M 134 -57.90 5.18 59.20
N ARG M 135 -58.48 4.09 58.71
CA ARG M 135 -58.62 3.83 57.28
C ARG M 135 -60.08 4.05 56.90
N ILE M 136 -60.34 5.04 56.06
CA ILE M 136 -61.70 5.40 55.66
C ILE M 136 -62.24 4.35 54.71
N ASN M 137 -63.55 4.39 54.47
CA ASN M 137 -64.21 3.52 53.51
C ASN M 137 -64.38 4.30 52.21
N GLU M 138 -63.80 3.78 51.13
CA GLU M 138 -63.79 4.51 49.86
C GLU M 138 -65.08 4.31 49.06
N ASP M 139 -66.01 3.51 49.55
CA ASP M 139 -67.27 3.31 48.83
C ASP M 139 -68.16 4.54 48.87
N GLU M 140 -67.94 5.45 49.83
CA GLU M 140 -68.73 6.67 49.95
C GLU M 140 -67.91 7.92 49.63
N PHE M 141 -66.82 7.77 48.88
CA PHE M 141 -65.93 8.88 48.58
C PHE M 141 -65.71 9.00 47.08
N HIS M 142 -65.39 10.21 46.64
CA HIS M 142 -64.94 10.45 45.28
C HIS M 142 -63.43 10.31 45.25
N LYS M 143 -62.93 9.24 44.62
CA LYS M 143 -61.50 9.03 44.48
C LYS M 143 -61.02 9.76 43.22
N ILE M 144 -60.28 10.84 43.42
CA ILE M 144 -59.72 11.62 42.32
C ILE M 144 -58.22 11.37 42.31
N SER M 145 -57.74 10.72 41.25
CA SER M 145 -56.36 10.31 41.14
C SER M 145 -55.58 11.31 40.29
N LEU M 146 -54.50 11.82 40.84
CA LEU M 146 -53.61 12.75 40.15
C LEU M 146 -52.21 12.16 40.07
N LEU M 147 -51.28 12.95 39.55
CA LEU M 147 -49.92 12.45 39.35
C LEU M 147 -49.23 12.13 40.66
N ASP M 148 -49.37 13.00 41.66
CA ASP M 148 -48.62 12.87 42.90
C ASP M 148 -49.45 12.37 44.08
N CYS M 149 -50.78 12.29 43.93
CA CYS M 149 -51.62 11.88 45.05
C CYS M 149 -52.97 11.43 44.52
N ASP M 150 -53.71 10.75 45.38
CA ASP M 150 -55.10 10.43 45.15
C ASP M 150 -55.94 11.24 46.12
N PHE M 151 -56.93 11.96 45.60
CA PHE M 151 -57.72 12.90 46.37
C PHE M 151 -59.09 12.30 46.64
N PHE M 152 -59.54 12.38 47.89
CA PHE M 152 -60.81 11.80 48.32
C PHE M 152 -61.74 12.89 48.82
N ILE M 153 -62.95 12.92 48.28
CA ILE M 153 -64.01 13.82 48.71
C ILE M 153 -65.25 12.97 48.96
N ARG M 154 -65.88 13.17 50.12
CA ARG M 154 -67.03 12.35 50.49
C ARG M 154 -68.14 12.47 49.47
N LYS M 155 -68.68 11.33 49.05
CA LYS M 155 -69.70 11.28 48.01
C LYS M 155 -71.05 10.92 48.61
N PRO M 156 -71.98 11.87 48.73
CA PRO M 156 -73.35 11.51 49.07
C PRO M 156 -73.96 10.63 48.00
N PRO M 157 -74.79 9.65 48.37
CA PRO M 157 -75.37 8.75 47.36
C PRO M 157 -76.26 9.52 46.39
N ASP M 158 -76.18 9.14 45.12
CA ASP M 158 -76.95 9.76 44.05
C ASP M 158 -76.83 8.91 42.79
N PRO M 159 -77.91 8.75 42.03
CA PRO M 159 -77.81 7.96 40.78
C PRO M 159 -76.81 8.53 39.79
N ASP M 160 -76.65 9.85 39.74
CA ASP M 160 -75.68 10.46 38.83
C ASP M 160 -74.26 10.40 39.36
N ASN M 161 -74.08 10.20 40.66
CA ASN M 161 -72.77 10.22 41.31
C ASN M 161 -72.02 11.53 41.09
N ASP M 162 -72.76 12.62 40.86
CA ASP M 162 -72.17 13.93 40.63
C ASP M 162 -72.26 14.85 41.83
N VAL M 163 -72.69 14.34 42.98
CA VAL M 163 -72.89 15.14 44.19
C VAL M 163 -71.68 14.98 45.08
N TYR M 164 -71.15 16.11 45.56
CA TYR M 164 -69.92 16.16 46.34
C TYR M 164 -70.18 16.79 47.70
N ASP M 165 -69.53 16.25 48.73
CA ASP M 165 -69.58 16.82 50.08
C ASP M 165 -68.16 17.15 50.49
N PHE M 166 -67.85 18.45 50.56
CA PHE M 166 -66.49 18.93 50.78
C PHE M 166 -66.13 19.05 52.26
N ARG M 167 -67.04 18.72 53.17
CA ARG M 167 -66.72 18.82 54.59
C ARG M 167 -65.62 17.85 54.99
N GLU M 168 -65.66 16.64 54.45
CA GLU M 168 -64.69 15.60 54.77
C GLU M 168 -63.88 15.26 53.53
N MET M 169 -62.58 15.54 53.57
CA MET M 169 -61.69 15.28 52.45
C MET M 169 -60.42 14.61 52.97
N TYR M 170 -59.79 13.82 52.11
CA TYR M 170 -58.54 13.14 52.44
C TYR M 170 -57.63 13.10 51.23
N VAL M 171 -56.32 13.15 51.48
CA VAL M 171 -55.32 13.04 50.44
C VAL M 171 -54.35 11.93 50.83
N THR M 172 -54.02 11.06 49.88
CA THR M 172 -53.11 9.95 50.07
C THR M 172 -52.10 9.92 48.94
N PRO M 173 -50.93 9.33 49.17
CA PRO M 173 -50.05 9.02 48.04
C PRO M 173 -50.72 8.04 47.11
N PRO M 174 -50.37 8.06 45.82
CA PRO M 174 -51.11 7.27 44.84
C PRO M 174 -51.13 5.78 45.19
N ASP M 175 -52.34 5.22 45.23
CA ASP M 175 -52.58 3.82 45.57
C ASP M 175 -51.99 3.49 46.95
N THR M 176 -52.52 4.16 47.96
CA THR M 176 -52.09 3.94 49.34
C THR M 176 -53.24 4.29 50.26
N ASP M 177 -53.41 3.49 51.32
CA ASP M 177 -54.49 3.69 52.29
C ASP M 177 -54.01 4.37 53.57
N ILE M 178 -52.97 5.20 53.47
CA ILE M 178 -52.51 6.02 54.60
C ILE M 178 -53.10 7.40 54.37
N TYR M 179 -54.28 7.63 54.95
CA TYR M 179 -55.06 8.83 54.64
C TYR M 179 -54.56 10.03 55.45
N SER M 180 -54.73 11.21 54.86
CA SER M 180 -54.32 12.46 55.50
C SER M 180 -55.25 13.57 55.04
N VAL M 181 -55.51 14.52 55.93
CA VAL M 181 -56.40 15.63 55.60
C VAL M 181 -55.68 16.59 54.67
N PRO M 182 -56.25 16.94 53.52
CA PRO M 182 -55.54 17.82 52.58
C PRO M 182 -55.53 19.27 53.06
N ARG M 183 -54.58 20.01 52.53
CA ARG M 183 -54.47 21.44 52.82
C ARG M 183 -55.50 22.20 52.01
N VAL M 184 -56.23 23.10 52.67
CA VAL M 184 -57.29 23.87 52.04
C VAL M 184 -56.87 25.34 52.04
N LEU M 185 -56.91 25.98 50.86
CA LEU M 185 -56.45 27.34 50.68
C LEU M 185 -57.57 28.35 50.51
N ALA M 186 -58.82 27.93 50.67
CA ALA M 186 -59.97 28.80 50.44
C ALA M 186 -61.17 28.22 51.18
N PRO M 187 -62.20 29.03 51.43
CA PRO M 187 -63.42 28.49 52.04
C PRO M 187 -64.05 27.42 51.16
N MET M 188 -64.56 26.37 51.80
CA MET M 188 -65.15 25.23 51.12
C MET M 188 -66.67 25.23 51.27
N PRO M 189 -67.38 24.57 50.34
CA PRO M 189 -68.83 24.51 50.45
C PRO M 189 -69.27 23.74 51.67
N GLN M 190 -70.44 24.11 52.20
CA GLN M 190 -71.03 23.41 53.34
C GLN M 190 -72.21 22.53 52.96
N LYS M 191 -73.03 22.96 52.00
CA LYS M 191 -74.12 22.13 51.49
C LYS M 191 -73.63 21.31 50.30
N TYR M 192 -74.30 20.19 50.07
CA TYR M 192 -73.97 19.34 48.93
C TYR M 192 -74.17 20.11 47.63
N ILE M 193 -73.19 20.06 46.75
CA ILE M 193 -73.26 20.74 45.46
C ILE M 193 -72.93 19.73 44.36
N ARG M 194 -73.73 19.73 43.30
CA ARG M 194 -73.46 18.90 42.14
C ARG M 194 -72.41 19.57 41.28
N CYS M 195 -71.38 18.81 40.89
CA CYS M 195 -70.24 19.36 40.18
C CYS M 195 -69.85 18.46 39.02
N ALA M 196 -69.19 19.05 38.03
CA ALA M 196 -68.65 18.32 36.89
C ALA M 196 -67.13 18.32 36.98
N MET M 197 -66.53 17.15 36.85
CA MET M 197 -65.09 16.98 37.03
C MET M 197 -64.39 16.95 35.69
N SER M 198 -63.29 17.69 35.59
CA SER M 198 -62.47 17.71 34.39
C SER M 198 -61.01 17.85 34.82
N ASP M 199 -60.16 16.98 34.28
CA ASP M 199 -58.76 16.95 34.65
C ASP M 199 -57.94 17.92 33.80
N TYR M 200 -56.73 18.20 34.26
CA TYR M 200 -55.85 19.17 33.62
C TYR M 200 -54.43 18.65 33.72
N GLY M 201 -53.75 18.56 32.59
CA GLY M 201 -52.41 18.01 32.59
C GLY M 201 -51.85 17.94 31.18
N CYS M 202 -50.88 17.04 31.01
CA CYS M 202 -50.17 16.89 29.76
C CYS M 202 -50.09 15.42 29.39
N TYR M 203 -49.53 15.14 28.22
CA TYR M 203 -49.23 13.80 27.76
C TYR M 203 -47.72 13.58 27.82
N ASP M 204 -47.33 12.37 28.23
CA ASP M 204 -45.92 12.00 28.33
C ASP M 204 -45.68 10.88 27.32
N VAL M 205 -45.42 11.26 26.07
CA VAL M 205 -45.11 10.30 25.01
C VAL M 205 -43.61 10.11 25.00
N THR M 206 -43.15 8.99 25.54
CA THR M 206 -41.73 8.67 25.63
C THR M 206 -41.41 7.51 24.71
N GLU M 207 -40.10 7.34 24.46
CA GLU M 207 -39.60 6.19 23.70
C GLU M 207 -38.82 5.30 24.66
N PRO M 208 -39.48 4.36 25.32
CA PRO M 208 -38.78 3.53 26.30
C PRO M 208 -37.74 2.66 25.61
N PRO M 209 -36.67 2.31 26.33
CA PRO M 209 -35.67 1.42 25.72
C PRO M 209 -36.26 0.06 25.38
N ILE M 210 -35.85 -0.47 24.23
CA ILE M 210 -36.35 -1.74 23.74
C ILE M 210 -35.47 -2.84 24.32
N ASP M 211 -36.00 -3.57 25.29
CA ASP M 211 -35.25 -4.62 25.99
C ASP M 211 -35.60 -6.01 25.47
N ALA M 212 -36.88 -6.36 25.52
CA ALA M 212 -37.34 -7.67 25.09
C ALA M 212 -37.86 -7.60 23.67
N PRO M 213 -38.05 -8.75 23.01
CA PRO M 213 -38.68 -8.74 21.69
C PRO M 213 -40.07 -8.14 21.75
N ARG M 214 -40.42 -7.38 20.70
CA ARG M 214 -41.72 -6.73 20.56
C ARG M 214 -41.99 -5.73 21.68
N ASP M 215 -40.95 -5.13 22.22
CA ASP M 215 -41.14 -4.05 23.19
C ASP M 215 -41.74 -2.84 22.49
N PRO M 216 -42.62 -2.09 23.16
CA PRO M 216 -43.28 -0.97 22.50
C PRO M 216 -42.29 0.10 22.05
N LEU M 217 -42.56 0.68 20.88
CA LEU M 217 -41.71 1.74 20.35
C LEU M 217 -41.94 3.05 21.07
N TYR M 218 -43.15 3.27 21.59
CA TYR M 218 -43.47 4.48 22.32
C TYR M 218 -44.36 4.12 23.49
N LYS M 219 -44.52 5.08 24.41
CA LYS M 219 -45.40 4.92 25.55
C LYS M 219 -46.04 6.27 25.86
N SER M 220 -47.37 6.32 25.81
CA SER M 220 -48.14 7.53 26.06
C SER M 220 -48.92 7.40 27.34
N GLU M 221 -48.73 8.34 28.26
CA GLU M 221 -49.49 8.39 29.51
C GLU M 221 -50.02 9.79 29.73
N ARG M 222 -51.10 9.88 30.51
CA ARG M 222 -51.76 11.14 30.79
C ARG M 222 -51.36 11.57 32.20
N GLU M 223 -50.46 12.56 32.28
CA GLU M 223 -49.99 13.08 33.56
C GLU M 223 -50.94 14.19 33.99
N ILE M 224 -51.86 13.86 34.89
CA ILE M 224 -52.85 14.81 35.38
C ILE M 224 -52.25 15.56 36.57
N SER M 225 -52.21 16.89 36.47
CA SER M 225 -51.66 17.72 37.54
C SER M 225 -52.71 18.60 38.22
N LYS M 226 -53.87 18.80 37.60
CA LYS M 226 -54.93 19.60 38.20
C LYS M 226 -56.28 19.00 37.84
N VAL M 227 -57.23 19.13 38.75
CA VAL M 227 -58.60 18.67 38.55
C VAL M 227 -59.53 19.81 38.90
N PHE M 228 -60.37 20.20 37.94
CA PHE M 228 -61.31 21.29 38.11
C PHE M 228 -62.70 20.74 38.41
N LEU M 229 -63.32 21.24 39.48
CA LEU M 229 -64.67 20.86 39.87
C LEU M 229 -65.57 22.06 39.66
N THR M 230 -66.44 21.99 38.66
CA THR M 230 -67.29 23.11 38.26
C THR M 230 -68.72 22.81 38.67
N LYS M 231 -69.31 23.70 39.46
CA LYS M 231 -70.65 23.50 39.96
C LYS M 231 -71.68 23.62 38.84
N HIS M 232 -72.65 22.71 38.84
CA HIS M 232 -73.81 22.86 37.96
C HIS M 232 -74.66 24.03 38.44
N TYR M 233 -75.16 24.81 37.50
CA TYR M 233 -75.97 25.97 37.87
C TYR M 233 -77.23 25.54 38.59
N ARG M 234 -77.38 25.96 39.85
CA ARG M 234 -78.49 25.58 40.70
C ARG M 234 -78.55 24.05 40.91
N ASN M 235 -77.40 23.39 40.83
CA ASN M 235 -77.29 21.95 41.01
C ASN M 235 -78.19 21.18 40.07
N ARG M 236 -78.36 21.68 38.85
CA ARG M 236 -79.17 20.97 37.86
C ARG M 236 -78.46 19.72 37.38
N ARG M 237 -79.24 18.74 36.93
CA ARG M 237 -78.69 17.49 36.46
C ARG M 237 -78.27 17.59 35.00
N LEU M 238 -77.45 16.63 34.57
CA LEU M 238 -77.04 16.58 33.17
C LEU M 238 -78.23 16.34 32.24
N ASN M 239 -79.13 15.44 32.64
CA ASN M 239 -80.31 15.14 31.83
C ASN M 239 -81.31 16.28 31.80
N ASP M 240 -81.15 17.29 32.66
CA ASP M 240 -82.05 18.42 32.65
C ASP M 240 -81.92 19.19 31.34
N PRO M 241 -83.01 19.48 30.64
CA PRO M 241 -82.91 20.27 29.40
C PRO M 241 -82.40 21.68 29.63
N GLU M 242 -82.47 22.19 30.84
CA GLU M 242 -81.97 23.51 31.18
C GLU M 242 -80.61 23.48 31.86
N PHE M 243 -79.84 22.41 31.63
CA PHE M 243 -78.55 22.26 32.29
C PHE M 243 -77.53 23.23 31.71
N VAL M 244 -76.93 24.06 32.56
CA VAL M 244 -75.79 24.88 32.20
C VAL M 244 -74.79 24.83 33.35
N LEU M 245 -73.53 25.10 33.02
CA LEU M 245 -72.46 25.07 34.01
C LEU M 245 -72.28 26.44 34.64
N ASP M 246 -71.96 26.44 35.93
CA ASP M 246 -71.70 27.67 36.68
C ASP M 246 -70.20 27.85 36.75
N PHE M 247 -69.65 28.68 35.88
CA PHE M 247 -68.22 28.89 35.81
C PHE M 247 -67.71 29.82 36.90
N GLU M 248 -68.59 30.45 37.66
CA GLU M 248 -68.17 31.27 38.79
C GLU M 248 -67.85 30.43 40.02
N GLU M 249 -68.10 29.13 39.98
CA GLU M 249 -67.90 28.23 41.12
C GLU M 249 -67.02 27.08 40.64
N ILE M 250 -65.70 27.23 40.76
CA ILE M 250 -64.75 26.23 40.33
C ILE M 250 -63.75 26.00 41.45
N TYR M 251 -63.46 24.73 41.75
CA TYR M 251 -62.50 24.35 42.78
C TYR M 251 -61.37 23.57 42.12
N VAL M 252 -60.13 23.95 42.45
CA VAL M 252 -58.93 23.44 41.80
C VAL M 252 -58.20 22.53 42.77
N ILE M 253 -57.90 21.31 42.32
CA ILE M 253 -57.14 20.34 43.10
C ILE M 253 -55.75 20.22 42.48
N ASP M 254 -54.72 20.43 43.30
CA ASP M 254 -53.33 20.45 42.84
C ASP M 254 -52.61 19.22 43.38
N SER M 255 -51.97 18.47 42.48
CA SER M 255 -51.25 17.27 42.87
C SER M 255 -49.91 17.59 43.53
N LYS M 256 -49.20 18.61 43.03
CA LYS M 256 -47.88 18.92 43.55
C LYS M 256 -47.95 19.38 44.99
N THR M 257 -48.93 20.21 45.33
CA THR M 257 -49.08 20.71 46.69
C THR M 257 -50.04 19.88 47.53
N LYS M 258 -50.73 18.91 46.93
CA LYS M 258 -51.72 18.09 47.63
C LYS M 258 -52.76 18.96 48.33
N SER M 259 -53.24 19.98 47.62
CA SER M 259 -54.14 20.96 48.18
C SER M 259 -55.36 21.12 47.28
N ILE M 260 -56.35 21.86 47.79
CA ILE M 260 -57.55 22.19 47.05
C ILE M 260 -57.89 23.66 47.30
N THR M 261 -58.26 24.37 46.24
CA THR M 261 -58.49 25.81 46.31
C THR M 261 -59.76 26.15 45.55
N ARG M 262 -60.13 27.42 45.58
CA ARG M 262 -61.21 27.94 44.76
C ARG M 262 -60.63 28.87 43.70
N ALA M 263 -61.18 28.79 42.49
CA ALA M 263 -60.63 29.53 41.36
C ALA M 263 -61.02 31.00 41.42
N ARG M 264 -60.06 31.86 41.11
CA ARG M 264 -60.29 33.30 41.00
C ARG M 264 -60.87 33.57 39.60
N VAL M 265 -62.18 33.63 39.52
CA VAL M 265 -62.87 33.78 38.24
C VAL M 265 -63.10 35.25 37.95
N LEU M 266 -62.69 35.69 36.76
CA LEU M 266 -62.91 37.05 36.29
C LEU M 266 -63.95 37.04 35.18
N VAL M 267 -65.00 37.84 35.35
CA VAL M 267 -66.13 37.84 34.44
C VAL M 267 -66.11 39.13 33.63
N THR M 268 -66.14 38.99 32.30
CA THR M 268 -66.16 40.13 31.40
C THR M 268 -67.46 40.26 30.61
N VAL M 269 -68.23 39.18 30.49
CA VAL M 269 -69.50 39.24 29.75
C VAL M 269 -70.47 40.14 30.50
N PRO M 270 -71.19 41.03 29.81
CA PRO M 270 -72.15 41.89 30.51
C PRO M 270 -73.28 41.10 31.14
N GLY M 271 -73.77 41.62 32.27
CA GLY M 271 -74.87 41.00 32.98
C GLY M 271 -74.65 40.95 34.49
N GLY M 272 -73.40 40.83 34.91
CA GLY M 272 -73.13 40.75 36.33
C GLY M 272 -73.60 39.44 36.92
N ARG M 273 -74.26 39.53 38.08
CA ARG M 273 -74.72 38.32 38.76
C ARG M 273 -75.80 37.60 37.97
N LYS M 274 -76.71 38.35 37.34
CA LYS M 274 -77.82 37.80 36.59
C LYS M 274 -77.54 37.96 35.10
N ARG M 275 -77.47 36.83 34.38
CA ARG M 275 -77.23 36.85 32.95
C ARG M 275 -77.66 35.50 32.38
N ASP M 276 -77.52 35.36 31.06
CA ASP M 276 -77.82 34.11 30.38
C ASP M 276 -76.56 33.25 30.40
N ARG M 277 -76.58 32.19 31.21
CA ARG M 277 -75.41 31.33 31.37
C ARG M 277 -75.08 30.54 30.12
N LYS M 278 -75.98 30.49 29.13
CA LYS M 278 -75.72 29.71 27.94
C LYS M 278 -74.73 30.37 26.99
N ASP M 279 -74.49 31.67 27.13
CA ASP M 279 -73.71 32.42 26.15
C ASP M 279 -72.31 32.75 26.64
N ASP M 280 -71.89 32.22 27.78
CA ASP M 280 -70.57 32.53 28.30
C ASP M 280 -69.59 31.38 28.01
N LEU M 281 -68.32 31.74 27.95
CA LEU M 281 -67.25 30.79 27.67
C LEU M 281 -66.12 31.01 28.67
N LEU M 282 -65.58 29.92 29.20
CA LEU M 282 -64.50 29.97 30.17
C LEU M 282 -63.17 29.74 29.48
N VAL M 283 -62.18 30.55 29.85
CA VAL M 283 -60.83 30.46 29.31
C VAL M 283 -59.86 30.24 30.47
N ILE M 284 -59.07 29.19 30.40
CA ILE M 284 -58.14 28.81 31.45
C ILE M 284 -56.73 28.89 30.88
N ARG M 285 -55.88 29.70 31.51
CA ARG M 285 -54.51 29.89 31.07
C ARG M 285 -53.58 29.83 32.28
N ASP M 286 -52.29 30.02 32.03
CA ASP M 286 -51.27 30.17 33.07
C ASP M 286 -51.24 28.97 34.01
N ASN M 287 -51.12 27.78 33.43
CA ASN M 287 -51.01 26.53 34.17
C ASN M 287 -52.20 26.35 35.12
N GLY M 288 -53.39 26.61 34.60
CA GLY M 288 -54.60 26.43 35.38
C GLY M 288 -54.81 27.44 36.48
N ASN M 289 -54.20 28.62 36.37
CA ASN M 289 -54.34 29.66 37.39
C ASN M 289 -55.20 30.84 36.94
N SER M 290 -55.30 31.10 35.64
CA SER M 290 -56.08 32.21 35.12
C SER M 290 -57.43 31.69 34.67
N PHE M 291 -58.50 32.24 35.23
CA PHE M 291 -59.86 31.88 34.86
C PHE M 291 -60.61 33.14 34.46
N LYS M 292 -61.13 33.16 33.24
CA LYS M 292 -61.80 34.33 32.70
C LYS M 292 -63.04 33.90 31.93
N ILE M 293 -64.13 34.65 32.10
CA ILE M 293 -65.40 34.38 31.43
C ILE M 293 -65.59 35.43 30.34
N ILE M 294 -65.80 34.96 29.12
CA ILE M 294 -66.02 35.83 27.96
C ILE M 294 -67.26 35.35 27.23
N HIS M 295 -67.76 36.20 26.34
CA HIS M 295 -68.87 35.82 25.49
C HIS M 295 -68.41 34.78 24.48
N VAL M 296 -69.31 33.84 24.15
CA VAL M 296 -68.95 32.76 23.23
C VAL M 296 -68.66 33.30 21.84
N GLY M 297 -69.19 34.48 21.49
CA GLY M 297 -68.95 35.03 20.17
C GLY M 297 -67.50 35.41 19.93
N GLU M 298 -66.82 35.91 20.96
CA GLU M 298 -65.43 36.34 20.85
C GLU M 298 -64.44 35.23 21.18
N ARG M 299 -64.82 33.97 20.97
CA ARG M 299 -63.89 32.86 21.13
C ARG M 299 -62.77 32.94 20.10
N ASP M 300 -61.55 32.63 20.53
CA ASP M 300 -60.39 32.69 19.67
C ASP M 300 -60.12 31.34 19.01
N ASP M 301 -59.62 31.39 17.78
CA ASP M 301 -59.24 30.18 17.07
C ASP M 301 -58.04 29.52 17.74
N PRO M 302 -57.94 28.19 17.70
CA PRO M 302 -56.71 27.54 18.20
C PRO M 302 -55.47 27.98 17.44
N THR M 303 -55.59 28.19 16.13
CA THR M 303 -54.48 28.71 15.34
C THR M 303 -54.04 30.06 15.87
N THR M 304 -55.00 30.92 16.22
CA THR M 304 -54.65 32.24 16.74
C THR M 304 -53.89 32.14 18.05
N VAL M 305 -54.32 31.23 18.94
CA VAL M 305 -53.64 31.07 20.22
C VAL M 305 -52.21 30.58 20.03
N ILE M 306 -52.04 29.55 19.19
CA ILE M 306 -50.71 29.00 18.95
C ILE M 306 -49.81 30.05 18.32
N GLU M 307 -50.35 30.81 17.35
CA GLU M 307 -49.55 31.83 16.68
C GLU M 307 -49.20 32.97 17.62
N ARG M 308 -50.10 33.33 18.53
CA ARG M 308 -49.79 34.37 19.51
C ARG M 308 -48.63 33.94 20.39
N GLU M 309 -48.68 32.71 20.90
CA GLU M 309 -47.58 32.23 21.73
C GLU M 309 -46.27 32.18 20.97
N GLU M 310 -46.31 31.65 19.74
CA GLU M 310 -45.10 31.56 18.92
C GLU M 310 -44.55 32.95 18.63
N TRP M 311 -45.41 33.89 18.28
CA TRP M 311 -44.95 35.24 17.97
C TRP M 311 -44.29 35.90 19.17
N THR M 312 -44.92 35.77 20.34
CA THR M 312 -44.34 36.36 21.55
C THR M 312 -42.96 35.77 21.84
N LYS M 313 -42.86 34.44 21.87
CA LYS M 313 -41.59 33.81 22.22
C LYS M 313 -40.52 34.13 21.19
N THR M 314 -40.84 34.06 19.90
CA THR M 314 -39.85 34.33 18.87
C THR M 314 -39.45 35.79 18.84
N ARG M 315 -40.38 36.71 19.14
CA ARG M 315 -40.03 38.12 19.21
C ARG M 315 -39.03 38.38 20.32
N GLU M 316 -39.26 37.79 21.51
CA GLU M 316 -38.30 37.96 22.58
C GLU M 316 -36.95 37.31 22.24
N ASP M 317 -36.98 36.12 21.64
CA ASP M 317 -35.73 35.45 21.28
C ASP M 317 -34.93 36.27 20.27
N MET M 318 -35.60 36.82 19.25
CA MET M 318 -34.92 37.62 18.25
C MET M 318 -34.35 38.89 18.86
N GLU M 319 -35.10 39.54 19.75
CA GLU M 319 -34.58 40.74 20.39
C GLU M 319 -33.37 40.42 21.26
N LYS M 320 -33.38 39.24 21.90
CA LYS M 320 -32.21 38.83 22.68
C LYS M 320 -31.01 38.54 21.77
N HIS M 321 -31.25 37.95 20.60
CA HIS M 321 -30.16 37.63 19.70
C HIS M 321 -29.53 38.90 19.11
N LEU M 322 -30.36 39.88 18.77
CA LEU M 322 -29.87 41.10 18.13
C LEU M 322 -29.27 42.09 19.12
N ARG M 323 -29.54 41.92 20.42
CA ARG M 323 -29.06 42.87 21.42
C ARG M 323 -27.55 42.93 21.47
N LYS M 324 -26.86 41.85 21.11
CA LYS M 324 -25.41 41.80 21.23
C LYS M 324 -24.70 42.58 20.12
N LEU M 325 -25.42 43.04 19.10
CA LEU M 325 -24.82 43.86 18.07
C LEU M 325 -24.68 45.29 18.57
N ARG M 326 -23.61 45.96 18.15
CA ARG M 326 -23.25 47.26 18.71
C ARG M 326 -23.98 48.41 18.05
N ASP M 327 -24.74 48.17 16.98
CA ASP M 327 -25.62 49.17 16.41
C ASP M 327 -27.08 48.89 16.73
N PHE M 328 -27.34 48.03 17.73
CA PHE M 328 -28.71 47.70 18.11
C PHE M 328 -29.45 48.91 18.66
N SER M 329 -28.74 49.83 19.32
CA SER M 329 -29.38 50.98 19.92
C SER M 329 -29.84 52.01 18.88
N VAL M 330 -29.31 51.93 17.67
CA VAL M 330 -29.68 52.85 16.60
C VAL M 330 -30.33 52.06 15.46
N SER M 331 -31.06 51.01 15.82
CA SER M 331 -31.73 50.16 14.84
C SER M 331 -33.23 50.11 15.13
N ASN M 332 -33.99 49.79 14.08
CA ASN M 332 -35.44 49.68 14.14
C ASN M 332 -35.87 48.22 14.02
N TRP M 333 -36.99 47.91 14.66
CA TRP M 333 -37.73 46.69 14.34
C TRP M 333 -38.63 46.95 13.14
N PHE M 334 -38.84 45.93 12.33
CA PHE M 334 -39.75 46.01 11.20
C PHE M 334 -40.20 44.63 10.74
N GLY N 47 96.23 39.11 22.58
CA GLY N 47 96.30 40.20 23.52
C GLY N 47 97.09 41.39 23.01
N PHE N 48 96.38 42.44 22.63
CA PHE N 48 97.02 43.64 22.13
C PHE N 48 97.72 44.41 23.26
N GLU N 49 98.58 45.34 22.87
CA GLU N 49 99.32 46.15 23.81
C GLU N 49 99.32 47.60 23.32
N LEU N 50 99.52 48.51 24.26
CA LEU N 50 99.58 49.95 23.96
C LEU N 50 101.05 50.35 23.82
N LYS N 51 101.39 50.87 22.65
CA LYS N 51 102.75 51.33 22.41
C LYS N 51 102.84 52.85 22.58
N PRO N 52 103.97 53.35 23.07
CA PRO N 52 104.10 54.79 23.27
C PRO N 52 104.19 55.52 21.95
N PRO N 53 103.79 56.79 21.91
CA PRO N 53 103.94 57.57 20.69
C PRO N 53 105.41 57.68 20.31
N PRO N 54 105.72 57.75 19.02
CA PRO N 54 107.14 57.70 18.60
C PRO N 54 107.88 59.00 18.82
N TYR N 55 107.29 59.92 19.58
CA TYR N 55 107.90 61.22 19.86
C TYR N 55 107.77 61.53 21.34
N PRO N 56 108.71 62.29 21.90
CA PRO N 56 108.63 62.65 23.32
C PRO N 56 107.36 63.44 23.63
N LEU N 57 106.85 63.24 24.84
CA LEU N 57 105.61 63.90 25.25
C LEU N 57 105.76 65.41 25.33
N ASP N 58 106.98 65.92 25.48
CA ASP N 58 107.22 67.35 25.50
C ASP N 58 107.62 67.92 24.15
N ALA N 59 107.66 67.09 23.10
CA ALA N 59 108.12 67.53 21.79
C ALA N 59 107.03 68.18 20.95
N LEU N 60 105.77 68.09 21.34
CA LEU N 60 104.67 68.63 20.54
C LEU N 60 104.27 70.04 20.94
N GLU N 61 104.94 70.63 21.91
CA GLU N 61 104.64 72.01 22.28
C GLU N 61 105.02 72.96 21.14
N PRO N 62 104.29 74.07 20.99
CA PRO N 62 103.12 74.51 21.76
C PRO N 62 101.81 73.96 21.20
N HIS N 63 101.89 73.07 20.21
CA HIS N 63 100.69 72.57 19.55
C HIS N 63 99.83 71.75 20.49
N MET N 64 100.45 70.82 21.22
CA MET N 64 99.73 69.92 22.11
C MET N 64 100.49 69.83 23.42
N SER N 65 99.85 70.26 24.50
CA SER N 65 100.50 70.28 25.81
C SER N 65 100.77 68.86 26.29
N ARG N 66 101.78 68.74 27.16
CA ARG N 66 102.17 67.42 27.66
C ARG N 66 101.06 66.81 28.50
N GLU N 67 100.35 67.63 29.29
CA GLU N 67 99.23 67.12 30.07
C GLU N 67 98.17 66.50 29.16
N THR N 68 97.81 67.20 28.09
CA THR N 68 96.84 66.67 27.14
C THR N 68 97.35 65.38 26.52
N LEU N 69 98.62 65.35 26.12
CA LEU N 69 99.18 64.16 25.48
C LEU N 69 99.12 62.97 26.40
N ASP N 70 99.59 63.13 27.65
CA ASP N 70 99.65 61.98 28.56
C ASP N 70 98.25 61.51 28.94
N TYR N 71 97.33 62.44 29.20
CA TYR N 71 95.97 62.01 29.52
C TYR N 71 95.31 61.31 28.34
N HIS N 72 95.44 61.87 27.13
CA HIS N 72 94.84 61.27 25.94
C HIS N 72 95.42 59.88 25.69
N TRP N 73 96.72 59.72 25.88
CA TRP N 73 97.37 58.45 25.56
C TRP N 73 97.15 57.41 26.65
N GLY N 74 97.61 57.69 27.88
CA GLY N 74 97.54 56.74 28.95
C GLY N 74 96.25 56.70 29.73
N LYS N 75 95.25 57.49 29.37
CA LYS N 75 93.95 57.45 30.05
C LYS N 75 92.78 57.17 29.14
N HIS N 76 92.85 57.50 27.84
CA HIS N 76 91.83 57.13 26.87
C HIS N 76 92.25 55.92 26.05
N HIS N 77 93.39 56.01 25.36
CA HIS N 77 93.87 54.91 24.55
C HIS N 77 94.22 53.71 25.40
N LYS N 78 94.84 53.93 26.56
CA LYS N 78 95.17 52.84 27.47
C LYS N 78 93.91 52.12 27.94
N THR N 79 92.87 52.88 28.31
CA THR N 79 91.62 52.28 28.75
C THR N 79 90.96 51.50 27.62
N TYR N 80 90.97 52.06 26.40
CA TYR N 80 90.37 51.36 25.27
C TYR N 80 91.09 50.04 25.00
N VAL N 81 92.42 50.08 24.99
CA VAL N 81 93.20 48.87 24.71
C VAL N 81 92.99 47.83 25.79
N GLU N 82 93.02 48.25 27.07
CA GLU N 82 92.85 47.28 28.15
C GLU N 82 91.45 46.69 28.14
N ASN N 83 90.42 47.50 27.85
CA ASN N 83 89.07 46.96 27.75
C ASN N 83 88.95 45.98 26.60
N LEU N 84 89.55 46.29 25.45
CA LEU N 84 89.54 45.36 24.33
C LEU N 84 90.22 44.04 24.71
N ASN N 85 91.38 44.13 25.37
CA ASN N 85 92.08 42.91 25.77
C ASN N 85 91.24 42.10 26.76
N LYS N 86 90.56 42.77 27.67
CA LYS N 86 89.66 42.07 28.59
C LYS N 86 88.53 41.38 27.84
N GLN N 87 87.96 42.05 26.84
CA GLN N 87 86.87 41.44 26.08
C GLN N 87 87.33 40.22 25.30
N ILE N 88 88.53 40.29 24.72
CA ILE N 88 88.96 39.28 23.75
C ILE N 88 89.60 38.08 24.43
N VAL N 89 89.50 38.00 25.75
CA VAL N 89 90.07 36.86 26.47
C VAL N 89 89.20 35.63 26.21
N GLY N 90 89.77 34.62 25.57
CA GLY N 90 89.07 33.37 25.32
C GLY N 90 88.18 33.35 24.10
N THR N 91 88.09 34.45 23.36
CA THR N 91 87.20 34.53 22.21
C THR N 91 87.95 34.12 20.94
N ASP N 92 87.20 34.07 19.83
CA ASP N 92 87.81 33.79 18.52
C ASP N 92 88.74 34.90 18.09
N LEU N 93 88.58 36.10 18.64
CA LEU N 93 89.31 37.27 18.17
C LEU N 93 90.82 37.15 18.39
N ASP N 94 91.27 36.31 19.32
CA ASP N 94 92.68 36.21 19.64
C ASP N 94 93.50 35.79 18.42
N GLY N 95 94.64 36.44 18.23
CA GLY N 95 95.57 36.14 17.16
C GLY N 95 95.43 37.00 15.93
N LEU N 96 94.22 37.47 15.63
CA LEU N 96 94.01 38.27 14.42
C LEU N 96 94.55 39.68 14.59
N SER N 97 94.98 40.26 13.47
CA SER N 97 95.51 41.62 13.48
C SER N 97 94.38 42.62 13.67
N LEU N 98 94.78 43.84 14.06
CA LEU N 98 93.80 44.84 14.47
C LEU N 98 92.84 45.23 13.35
N GLU N 99 93.34 45.29 12.11
CA GLU N 99 92.46 45.56 10.98
C GLU N 99 91.39 44.48 10.85
N GLU N 100 91.81 43.22 10.97
CA GLU N 100 90.85 42.12 10.96
C GLU N 100 89.91 42.20 12.15
N VAL N 101 90.40 42.68 13.29
CA VAL N 101 89.54 42.83 14.47
C VAL N 101 88.44 43.83 14.19
N VAL N 102 88.80 44.99 13.61
CA VAL N 102 87.80 46.03 13.34
C VAL N 102 86.80 45.55 12.30
N LEU N 103 87.30 44.93 11.22
CA LEU N 103 86.39 44.46 10.18
C LEU N 103 85.50 43.30 10.64
N LEU N 104 85.97 42.49 11.58
CA LEU N 104 85.12 41.43 12.13
C LEU N 104 84.07 42.00 13.06
N SER N 105 84.47 42.96 13.91
CA SER N 105 83.54 43.52 14.89
C SER N 105 82.54 44.49 14.25
N TYR N 106 82.82 44.99 13.05
CA TYR N 106 81.83 45.81 12.36
C TYR N 106 80.60 44.98 11.99
N ASN N 107 80.82 43.74 11.53
CA ASN N 107 79.74 42.78 11.26
C ASN N 107 78.75 43.29 10.23
N ARG N 108 79.22 44.10 9.27
CA ARG N 108 78.39 44.65 8.20
C ARG N 108 77.22 45.45 8.77
N GLY N 109 77.47 46.18 9.85
CA GLY N 109 76.51 47.14 10.37
C GLY N 109 76.01 46.87 11.78
N ASN N 110 75.65 45.62 12.10
CA ASN N 110 75.21 45.30 13.45
C ASN N 110 76.45 45.05 14.30
N MET N 111 77.00 46.14 14.83
CA MET N 111 78.30 46.10 15.49
C MET N 111 78.27 45.20 16.72
N LEU N 112 79.29 44.36 16.85
CA LEU N 112 79.47 43.56 18.04
C LEU N 112 79.92 44.45 19.20
N PRO N 113 79.73 43.99 20.45
CA PRO N 113 80.10 44.84 21.60
C PRO N 113 81.56 45.25 21.63
N ALA N 114 82.46 44.44 21.03
CA ALA N 114 83.87 44.74 21.05
C ALA N 114 84.30 45.72 19.97
N PHE N 115 83.37 46.18 19.13
CA PHE N 115 83.75 47.08 18.03
C PHE N 115 84.25 48.42 18.54
N ASN N 116 83.62 48.95 19.59
CA ASN N 116 83.95 50.29 20.06
C ASN N 116 85.40 50.38 20.52
N ASN N 117 85.82 49.48 21.42
CA ASN N 117 87.16 49.54 21.97
C ASN N 117 88.22 49.30 20.90
N ALA N 118 88.01 48.29 20.05
CA ALA N 118 88.99 47.98 19.02
C ALA N 118 89.12 49.11 18.01
N ALA N 119 87.98 49.66 17.57
CA ALA N 119 88.02 50.74 16.59
C ALA N 119 88.65 51.99 17.18
N GLN N 120 88.34 52.31 18.45
CA GLN N 120 88.97 53.46 19.09
C GLN N 120 90.47 53.26 19.23
N ALA N 121 90.90 52.05 19.58
CA ALA N 121 92.32 51.77 19.69
C ALA N 121 93.02 51.92 18.34
N TRP N 122 92.41 51.38 17.28
CA TRP N 122 93.00 51.49 15.96
C TRP N 122 93.08 52.95 15.51
N ASN N 123 92.02 53.72 15.75
CA ASN N 123 92.02 55.13 15.33
C ASN N 123 93.02 55.95 16.13
N HIS N 124 93.18 55.64 17.42
CA HIS N 124 94.18 56.34 18.22
C HIS N 124 95.59 55.99 17.78
N GLU N 125 95.84 54.71 17.48
CA GLU N 125 97.14 54.32 16.93
C GLU N 125 97.42 55.06 15.63
N PHE N 126 96.40 55.17 14.78
CA PHE N 126 96.55 55.90 13.52
C PHE N 126 96.85 57.37 13.78
N PHE N 127 96.17 57.97 14.77
CA PHE N 127 96.29 59.40 15.00
C PHE N 127 97.69 59.78 15.50
N TRP N 128 98.27 58.96 16.39
CA TRP N 128 99.60 59.26 16.90
C TRP N 128 100.64 59.23 15.78
N GLU N 129 100.51 58.27 14.85
CA GLU N 129 101.46 58.12 13.77
C GLU N 129 101.37 59.25 12.74
N SER N 130 100.31 60.05 12.77
CA SER N 130 100.10 61.10 11.79
C SER N 130 100.61 62.47 12.25
N ILE N 131 101.18 62.56 13.45
CA ILE N 131 101.61 63.83 14.01
C ILE N 131 103.07 63.73 14.40
N GLN N 132 103.87 64.72 13.99
CA GLN N 132 105.26 64.84 14.37
C GLN N 132 105.56 66.29 14.69
N PRO N 133 106.55 66.56 15.56
CA PRO N 133 106.92 67.96 15.85
C PRO N 133 107.38 68.73 14.63
N GLY N 134 107.99 68.07 13.66
CA GLY N 134 108.44 68.72 12.45
C GLY N 134 107.39 68.71 11.36
N GLY N 135 106.15 68.41 11.72
CA GLY N 135 105.08 68.31 10.76
C GLY N 135 104.62 69.68 10.28
N GLY N 136 103.64 69.63 9.39
CA GLY N 136 103.12 70.84 8.75
C GLY N 136 103.79 71.09 7.42
N GLY N 137 103.44 72.22 6.83
CA GLY N 137 103.97 72.60 5.53
C GLY N 137 103.16 72.01 4.41
N LYS N 138 103.84 71.43 3.43
CA LYS N 138 103.20 70.88 2.25
C LYS N 138 103.83 69.53 1.90
N PRO N 139 103.08 68.64 1.25
CA PRO N 139 103.68 67.39 0.77
C PRO N 139 104.39 67.58 -0.56
N SER N 140 104.89 66.49 -1.15
CA SER N 140 105.58 66.58 -2.42
C SER N 140 105.47 65.26 -3.16
N GLY N 141 105.70 65.30 -4.47
CA GLY N 141 105.74 64.12 -5.29
C GLY N 141 104.38 63.61 -5.74
N ASP N 142 104.22 62.29 -5.76
CA ASP N 142 102.96 61.70 -6.17
C ASP N 142 101.82 62.08 -5.22
N LEU N 143 102.13 62.26 -3.93
CA LEU N 143 101.11 62.72 -3.00
C LEU N 143 100.59 64.09 -3.40
N LEU N 144 101.48 65.00 -3.79
CA LEU N 144 101.07 66.33 -4.22
C LEU N 144 100.37 66.31 -5.57
N ARG N 145 100.79 65.46 -6.50
CA ARG N 145 100.08 65.39 -7.78
C ARG N 145 98.67 64.82 -7.59
N LEU N 146 98.52 63.87 -6.67
CA LEU N 146 97.19 63.32 -6.39
C LEU N 146 96.32 64.34 -5.67
N ILE N 147 96.91 65.12 -4.76
CA ILE N 147 96.15 66.16 -4.08
C ILE N 147 95.73 67.23 -5.09
N GLU N 148 96.56 67.53 -6.08
CA GLU N 148 96.20 68.49 -7.10
C GLU N 148 95.11 67.94 -8.00
N ARG N 149 95.18 66.65 -8.35
CA ARG N 149 94.18 66.04 -9.22
C ARG N 149 92.82 65.97 -8.52
N ASP N 150 92.80 65.62 -7.25
CA ASP N 150 91.54 65.43 -6.52
C ASP N 150 91.00 66.69 -5.88
N PHE N 151 91.81 67.75 -5.75
CA PHE N 151 91.34 68.95 -5.08
C PHE N 151 91.68 70.24 -5.81
N GLY N 152 92.26 70.16 -7.01
CA GLY N 152 92.59 71.37 -7.75
C GLY N 152 93.87 72.03 -7.28
N SER N 153 93.86 72.50 -6.04
CA SER N 153 95.02 73.15 -5.44
C SER N 153 95.14 72.71 -3.99
N PHE N 154 96.35 72.93 -3.43
CA PHE N 154 96.60 72.56 -2.04
C PHE N 154 95.74 73.39 -1.10
N SER N 155 95.56 74.68 -1.39
CA SER N 155 94.72 75.52 -0.55
C SER N 155 93.27 75.04 -0.55
N ASP N 156 92.77 74.61 -1.71
CA ASP N 156 91.42 74.06 -1.78
C ASP N 156 91.30 72.84 -0.87
N PHE N 157 92.28 71.94 -0.94
CA PHE N 157 92.24 70.73 -0.11
C PHE N 157 92.27 71.08 1.36
N VAL N 158 93.15 71.98 1.77
CA VAL N 158 93.29 72.26 3.19
C VAL N 158 92.06 72.98 3.72
N GLU N 159 91.47 73.87 2.92
CA GLU N 159 90.22 74.51 3.34
C GLU N 159 89.06 73.53 3.42
N ARG N 160 88.96 72.59 2.48
CA ARG N 160 87.92 71.57 2.56
C ARG N 160 88.12 70.70 3.80
N PHE N 161 89.36 70.32 4.09
CA PHE N 161 89.64 69.49 5.25
C PHE N 161 89.33 70.22 6.55
N LYS N 162 89.68 71.51 6.62
CA LYS N 162 89.36 72.31 7.80
C LYS N 162 87.86 72.44 7.98
N ALA N 163 87.14 72.70 6.89
CA ALA N 163 85.68 72.79 6.97
C ALA N 163 85.06 71.49 7.45
N ALA N 164 85.54 70.36 6.92
CA ALA N 164 85.02 69.06 7.35
C ALA N 164 85.32 68.80 8.81
N ALA N 165 86.54 69.09 9.26
CA ALA N 165 86.89 68.86 10.65
C ALA N 165 86.08 69.74 11.59
N ALA N 166 85.80 70.98 11.19
CA ALA N 166 85.01 71.88 12.02
C ALA N 166 83.54 71.49 12.02
N SER N 167 83.02 70.98 10.91
CA SER N 167 81.60 70.67 10.78
C SER N 167 81.24 69.30 11.32
N ASN N 168 82.21 68.52 11.80
CA ASN N 168 81.92 67.19 12.35
C ASN N 168 81.21 67.37 13.67
N PHE N 169 79.89 67.19 13.67
CA PHE N 169 79.09 67.41 14.86
C PHE N 169 79.27 66.26 15.84
N GLY N 170 79.53 66.60 17.10
CA GLY N 170 79.73 65.60 18.12
C GLY N 170 81.08 64.91 18.02
N SER N 171 81.23 63.88 18.83
CA SER N 171 82.46 63.10 18.81
C SER N 171 82.60 62.33 17.50
N GLY N 172 83.80 62.35 16.95
CA GLY N 172 84.06 61.65 15.71
C GLY N 172 85.44 62.01 15.16
N TRP N 173 85.65 61.61 13.91
CA TRP N 173 86.92 61.84 13.23
C TRP N 173 86.65 62.37 11.82
N THR N 174 87.67 63.03 11.26
CA THR N 174 87.69 63.41 9.85
C THR N 174 88.86 62.71 9.20
N TRP N 175 88.61 62.06 8.06
CA TRP N 175 89.61 61.18 7.44
C TRP N 175 89.89 61.59 6.00
N LEU N 176 91.13 61.37 5.59
CA LEU N 176 91.53 61.39 4.19
C LEU N 176 91.97 59.98 3.82
N ALA N 177 91.34 59.41 2.79
CA ALA N 177 91.54 58.00 2.48
C ALA N 177 91.68 57.81 0.96
N TYR N 178 92.26 56.67 0.61
CA TYR N 178 92.42 56.27 -0.78
C TYR N 178 91.28 55.34 -1.16
N LYS N 179 90.61 55.64 -2.28
CA LYS N 179 89.38 54.95 -2.67
C LYS N 179 89.74 53.65 -3.40
N ALA N 180 90.09 52.64 -2.59
CA ALA N 180 90.40 51.32 -3.12
C ALA N 180 89.45 50.29 -2.56
N ASN N 181 88.16 50.61 -2.53
CA ASN N 181 87.16 49.79 -1.89
C ASN N 181 86.56 48.77 -2.85
N ARG N 182 86.21 47.61 -2.31
CA ARG N 182 85.47 46.58 -3.03
C ARG N 182 84.25 46.18 -2.21
N LEU N 183 83.09 46.16 -2.85
CA LEU N 183 81.84 45.86 -2.17
C LEU N 183 81.57 44.36 -2.15
N ASP N 184 80.82 43.92 -1.15
CA ASP N 184 80.47 42.50 -1.02
C ASP N 184 79.19 42.17 -1.77
N VAL N 185 79.15 42.54 -3.05
CA VAL N 185 78.02 42.24 -3.93
C VAL N 185 78.58 41.90 -5.30
N ALA N 186 77.88 41.01 -6.00
CA ALA N 186 78.23 40.75 -7.39
C ALA N 186 77.80 41.94 -8.25
N ASN N 187 78.32 41.97 -9.48
CA ASN N 187 78.12 43.09 -10.40
C ASN N 187 78.67 44.39 -9.81
N ALA N 188 79.66 44.28 -8.93
CA ALA N 188 80.34 45.44 -8.36
C ALA N 188 81.71 45.67 -8.98
N VAL N 189 82.04 44.96 -10.05
CA VAL N 189 83.33 45.08 -10.72
C VAL N 189 83.16 45.91 -11.98
N ASN N 190 84.07 46.88 -12.17
CA ASN N 190 84.04 47.72 -13.35
C ASN N 190 85.00 47.15 -14.39
N PRO N 191 84.51 46.62 -15.51
CA PRO N 191 85.42 46.03 -16.50
C PRO N 191 86.37 47.02 -17.14
N LEU N 192 86.08 48.32 -17.08
CA LEU N 192 86.89 49.35 -17.73
C LEU N 192 87.26 50.42 -16.70
N PRO N 193 88.21 50.14 -15.81
CA PRO N 193 88.66 51.17 -14.88
C PRO N 193 89.32 52.33 -15.61
N LYS N 194 89.12 53.53 -15.08
CA LYS N 194 89.71 54.74 -15.65
C LYS N 194 90.86 55.30 -14.82
N GLU N 195 91.25 54.60 -13.75
CA GLU N 195 92.37 54.97 -12.89
C GLU N 195 92.06 56.24 -12.10
N GLU N 196 90.89 56.84 -12.33
CA GLU N 196 90.42 57.96 -11.54
C GLU N 196 89.49 57.53 -10.42
N ASP N 197 88.85 56.36 -10.56
CA ASP N 197 87.96 55.87 -9.51
C ASP N 197 88.70 55.57 -8.21
N LYS N 198 90.01 55.37 -8.27
CA LYS N 198 90.84 55.18 -7.08
C LYS N 198 91.50 56.51 -6.75
N LYS N 199 90.74 57.37 -6.08
CA LYS N 199 91.15 58.74 -5.80
C LYS N 199 91.19 58.95 -4.28
N LEU N 200 91.56 60.17 -3.89
CA LEU N 200 91.60 60.57 -2.49
C LEU N 200 90.34 61.37 -2.19
N VAL N 201 89.64 61.01 -1.11
CA VAL N 201 88.40 61.64 -0.73
C VAL N 201 88.45 61.99 0.75
N ILE N 202 87.64 62.99 1.13
CA ILE N 202 87.52 63.43 2.51
C ILE N 202 86.21 62.90 3.06
N VAL N 203 86.29 62.21 4.20
CA VAL N 203 85.12 61.61 4.82
C VAL N 203 85.13 61.93 6.30
N LYS N 204 83.94 62.03 6.89
CA LYS N 204 83.77 62.28 8.31
C LYS N 204 82.99 61.12 8.93
N THR N 205 83.42 60.70 10.11
CA THR N 205 82.79 59.57 10.78
C THR N 205 82.51 59.92 12.23
N PRO N 206 81.41 59.42 12.77
CA PRO N 206 81.10 59.65 14.18
C PRO N 206 81.62 58.53 15.08
N ASN N 207 82.00 58.93 16.29
CA ASN N 207 82.42 58.01 17.36
C ASN N 207 83.66 57.25 16.90
N ALA N 208 83.64 55.93 16.81
CA ALA N 208 84.83 55.14 16.51
C ALA N 208 84.86 54.62 15.08
N VAL N 209 84.01 55.14 14.19
CA VAL N 209 83.97 54.64 12.82
C VAL N 209 85.21 55.11 12.07
N ASN N 210 85.79 54.20 11.29
CA ASN N 210 86.97 54.47 10.48
C ASN N 210 86.72 54.02 9.05
N PRO N 211 87.43 54.59 8.07
CA PRO N 211 87.13 54.27 6.66
C PRO N 211 87.33 52.82 6.29
N LEU N 212 88.11 52.05 7.05
CA LEU N 212 88.41 50.68 6.66
C LEU N 212 87.18 49.78 6.66
N VAL N 213 86.09 50.21 7.31
CA VAL N 213 84.87 49.41 7.28
C VAL N 213 84.29 49.38 5.87
N TRP N 214 84.47 50.44 5.09
CA TRP N 214 84.08 50.44 3.69
C TRP N 214 85.16 49.90 2.78
N ASP N 215 86.17 49.21 3.31
CA ASP N 215 87.31 48.71 2.55
C ASP N 215 88.17 49.85 1.99
N TYR N 216 88.11 51.00 2.62
CA TYR N 216 88.96 52.13 2.28
C TYR N 216 90.33 52.00 2.94
N SER N 217 91.27 52.81 2.49
CA SER N 217 92.62 52.85 3.07
C SER N 217 92.84 54.21 3.73
N PRO N 218 92.75 54.29 5.05
CA PRO N 218 93.00 55.57 5.73
C PRO N 218 94.43 56.04 5.51
N LEU N 219 94.58 57.36 5.37
CA LEU N 219 95.87 57.99 5.14
C LEU N 219 96.20 59.06 6.16
N LEU N 220 95.20 59.84 6.58
CA LEU N 220 95.41 60.93 7.53
C LEU N 220 94.13 61.15 8.30
N THR N 221 94.25 61.46 9.59
CA THR N 221 93.09 61.70 10.44
C THR N 221 93.38 62.87 11.38
N ILE N 222 92.30 63.54 11.79
CA ILE N 222 92.34 64.53 12.84
C ILE N 222 91.24 64.19 13.83
N ASP N 223 91.59 64.13 15.12
CA ASP N 223 90.64 63.70 16.14
C ASP N 223 89.75 64.89 16.50
N THR N 224 88.49 64.84 16.08
CA THR N 224 87.52 65.87 16.41
C THR N 224 86.78 65.58 17.71
N TRP N 225 87.08 64.46 18.36
CA TRP N 225 86.62 64.24 19.72
C TRP N 225 87.12 65.36 20.60
N GLU N 226 86.23 65.88 21.45
CA GLU N 226 86.60 67.03 22.27
C GLU N 226 87.69 66.70 23.28
N HIS N 227 87.85 65.43 23.66
CA HIS N 227 88.90 65.06 24.58
C HIS N 227 90.29 65.26 24.00
N ALA N 228 90.41 65.33 22.68
CA ALA N 228 91.72 65.47 22.05
C ALA N 228 92.31 66.86 22.25
N TYR N 229 91.46 67.89 22.36
CA TYR N 229 91.94 69.26 22.36
C TYR N 229 91.30 70.17 23.41
N TYR N 230 90.39 69.66 24.24
CA TYR N 230 89.69 70.55 25.16
C TYR N 230 90.63 71.13 26.21
N LEU N 231 91.59 70.34 26.70
CA LEU N 231 92.53 70.85 27.68
C LEU N 231 93.47 71.90 27.09
N ASP N 232 93.57 71.97 25.76
CA ASP N 232 94.41 72.96 25.10
C ASP N 232 93.61 74.08 24.45
N PHE N 233 92.67 73.74 23.56
CA PHE N 233 91.93 74.73 22.80
C PHE N 233 90.51 74.93 23.30
N GLU N 234 90.05 74.13 24.26
CA GLU N 234 88.66 74.20 24.77
C GLU N 234 87.73 74.02 23.58
N ASN N 235 86.78 74.93 23.35
CA ASN N 235 85.86 74.81 22.23
C ASN N 235 86.35 75.52 20.98
N ARG N 236 87.55 76.10 21.02
CA ARG N 236 88.12 76.80 19.86
C ARG N 236 88.64 75.77 18.87
N ARG N 237 87.69 75.06 18.24
CA ARG N 237 88.05 73.97 17.34
C ARG N 237 88.75 74.47 16.08
N ILE N 238 88.38 75.65 15.59
CA ILE N 238 89.01 76.18 14.37
C ILE N 238 90.49 76.41 14.59
N GLU N 239 90.85 76.99 15.74
CA GLU N 239 92.26 77.21 16.06
C GLU N 239 93.01 75.88 16.17
N TYR N 240 92.38 74.88 16.80
CA TYR N 240 93.01 73.57 16.92
C TYR N 240 93.24 72.94 15.55
N ILE N 241 92.26 73.04 14.66
CA ILE N 241 92.40 72.47 13.32
C ILE N 241 93.50 73.18 12.54
N ASN N 242 93.54 74.52 12.63
CA ASN N 242 94.58 75.26 11.93
C ASN N 242 95.96 74.91 12.45
N THR N 243 96.11 74.82 13.78
CA THR N 243 97.40 74.44 14.36
C THR N 243 97.79 73.03 13.94
N PHE N 244 96.84 72.10 13.95
CA PHE N 244 97.12 70.74 13.50
C PHE N 244 97.61 70.73 12.06
N MET N 245 96.89 71.42 11.17
CA MET N 245 97.22 71.37 9.75
C MET N 245 98.56 72.05 9.47
N GLU N 246 98.89 73.12 10.19
CA GLU N 246 100.09 73.88 9.89
C GLU N 246 101.29 73.50 10.75
N LYS N 247 101.14 72.62 11.73
CA LYS N 247 102.27 72.26 12.59
C LYS N 247 102.44 70.76 12.83
N LEU N 248 101.40 69.95 12.66
CA LEU N 248 101.45 68.55 13.07
C LEU N 248 101.27 67.55 11.94
N VAL N 249 100.88 68.00 10.75
CA VAL N 249 100.63 67.06 9.66
C VAL N 249 101.96 66.52 9.15
N SER N 250 102.18 65.22 9.34
CA SER N 250 103.40 64.56 8.88
C SER N 250 103.14 64.05 7.47
N TRP N 251 103.58 64.82 6.46
CA TRP N 251 103.36 64.45 5.08
C TRP N 251 104.12 63.18 4.70
N GLU N 252 105.21 62.87 5.40
CA GLU N 252 105.95 61.65 5.10
C GLU N 252 105.10 60.41 5.40
N THR N 253 104.45 60.39 6.55
CA THR N 253 103.59 59.26 6.91
C THR N 253 102.40 59.15 5.95
N VAL N 254 101.82 60.29 5.58
CA VAL N 254 100.71 60.29 4.64
C VAL N 254 101.14 59.73 3.29
N SER N 255 102.32 60.14 2.82
CA SER N 255 102.83 59.64 1.55
C SER N 255 103.12 58.14 1.62
N THR N 256 103.70 57.69 2.74
CA THR N 256 103.96 56.26 2.89
C THR N 256 102.66 55.46 2.89
N ARG N 257 101.63 55.97 3.57
CA ARG N 257 100.34 55.29 3.56
C ARG N 257 99.70 55.32 2.17
N LEU N 258 99.90 56.40 1.41
CA LEU N 258 99.41 56.44 0.03
C LEU N 258 100.09 55.38 -0.81
N GLU N 259 101.40 55.24 -0.65
CA GLU N 259 102.13 54.22 -1.41
C GLU N 259 101.70 52.81 -0.97
N SER N 260 101.44 52.62 0.32
CA SER N 260 100.94 51.33 0.79
C SER N 260 99.57 51.02 0.20
N ALA N 261 98.71 52.03 0.11
CA ALA N 261 97.40 51.83 -0.51
C ALA N 261 97.54 51.51 -2.00
N MET N 262 98.47 52.18 -2.68
CA MET N 262 98.74 51.84 -4.07
C MET N 262 99.23 50.40 -4.21
N ALA N 263 100.10 49.97 -3.30
CA ALA N 263 100.60 48.60 -3.33
C ALA N 263 99.47 47.61 -3.10
N ARG N 264 98.57 47.92 -2.16
CA ARG N 264 97.43 47.05 -1.90
C ARG N 264 96.52 46.96 -3.11
N ALA N 265 96.25 48.09 -3.76
CA ALA N 265 95.44 48.09 -4.97
C ALA N 265 96.11 47.27 -6.07
N ALA N 266 97.43 47.41 -6.22
CA ALA N 266 98.14 46.66 -7.24
C ALA N 266 98.10 45.16 -6.96
N GLN N 267 98.28 44.77 -5.69
CA GLN N 267 98.24 43.36 -5.36
C GLN N 267 96.83 42.79 -5.49
N ARG N 268 95.81 43.64 -5.32
CA ARG N 268 94.45 43.21 -5.60
C ARG N 268 94.14 43.19 -7.09
N GLU N 269 94.92 43.90 -7.91
CA GLU N 269 94.70 43.88 -9.35
C GLU N 269 94.90 42.49 -9.94
N GLN N 270 95.95 41.79 -9.49
CA GLN N 270 96.20 40.44 -9.97
C GLN N 270 95.96 39.41 -8.87
N PHE O 72 22.00 31.39 -39.81
CA PHE O 72 21.08 30.26 -39.69
C PHE O 72 19.79 30.67 -39.01
N VAL O 73 19.90 31.62 -38.07
CA VAL O 73 18.77 32.12 -37.31
C VAL O 73 18.41 33.50 -37.84
N ARG O 74 17.18 33.64 -38.33
CA ARG O 74 16.70 34.92 -38.84
C ARG O 74 16.57 35.93 -37.70
N GLU O 75 16.76 37.20 -38.01
CA GLU O 75 16.58 38.25 -37.02
C GLU O 75 15.11 38.49 -36.75
N ASP O 76 14.81 38.87 -35.51
CA ASP O 76 13.43 39.06 -35.09
C ASP O 76 12.86 40.42 -35.48
N TYR O 77 13.70 41.38 -35.85
CA TYR O 77 13.25 42.74 -36.12
C TYR O 77 13.83 43.21 -37.44
N LEU O 78 12.97 43.79 -38.29
CA LEU O 78 13.38 44.27 -39.60
C LEU O 78 13.57 45.79 -39.65
N VAL O 79 13.04 46.52 -38.68
CA VAL O 79 13.19 47.97 -38.66
C VAL O 79 14.54 48.30 -38.02
N ARG O 80 15.36 49.07 -38.75
CA ARG O 80 16.72 49.36 -38.33
C ARG O 80 16.76 50.73 -37.66
N LYS O 81 17.57 50.84 -36.62
CA LYS O 81 17.75 52.09 -35.89
C LYS O 81 18.95 52.84 -36.45
N LEU O 82 18.76 54.11 -36.78
CA LEU O 82 19.80 54.92 -37.41
C LEU O 82 20.07 56.16 -36.57
N SER O 83 21.28 56.69 -36.71
CA SER O 83 21.66 57.94 -36.11
C SER O 83 21.19 59.11 -36.96
N ALA O 84 21.35 60.33 -36.42
CA ALA O 84 21.02 61.52 -37.19
C ALA O 84 21.91 61.65 -38.42
N GLN O 85 23.21 61.38 -38.27
CA GLN O 85 24.13 61.46 -39.40
C GLN O 85 23.81 60.40 -40.45
N GLU O 86 23.53 59.18 -40.02
CA GLU O 86 23.18 58.12 -40.97
C GLU O 86 21.88 58.43 -41.69
N LEU O 87 20.91 59.00 -40.98
CA LEU O 87 19.66 59.40 -41.63
C LEU O 87 19.89 60.54 -42.62
N GLN O 88 20.77 61.47 -42.28
CA GLN O 88 21.11 62.54 -43.21
C GLN O 88 21.74 61.97 -44.48
N ASP O 89 22.67 61.03 -44.33
CA ASP O 89 23.29 60.40 -45.49
C ASP O 89 22.26 59.64 -46.31
N LEU O 90 21.33 58.95 -45.65
CA LEU O 90 20.31 58.20 -46.36
C LEU O 90 19.39 59.13 -47.15
N VAL O 91 19.01 60.26 -46.56
CA VAL O 91 18.12 61.19 -47.27
C VAL O 91 18.86 61.86 -48.42
N LYS O 92 20.13 62.22 -48.21
CA LYS O 92 20.92 62.85 -49.28
C LYS O 92 21.09 61.93 -50.47
N GLY O 93 21.35 60.64 -50.21
CA GLY O 93 21.65 59.72 -51.29
C GLY O 93 20.44 59.40 -52.14
N GLU O 94 20.72 58.81 -53.30
CA GLU O 94 19.67 58.41 -54.22
C GLU O 94 18.77 57.36 -53.57
N ARG O 95 17.45 57.56 -53.69
CA ARG O 95 16.47 56.67 -53.09
C ARG O 95 15.48 56.23 -54.16
N LYS O 96 15.25 54.91 -54.24
CA LYS O 96 14.29 54.35 -55.17
C LYS O 96 12.94 54.05 -54.55
N VAL O 97 12.92 53.69 -53.28
CA VAL O 97 11.68 53.31 -52.59
C VAL O 97 11.40 54.36 -51.52
N PRO O 98 10.15 54.49 -51.09
CA PRO O 98 9.83 55.45 -50.03
C PRO O 98 10.57 55.13 -48.75
N LEU O 99 10.93 56.17 -48.01
CA LEU O 99 11.63 56.06 -46.75
C LEU O 99 10.69 56.52 -45.63
N ILE O 100 10.48 55.66 -44.64
CA ILE O 100 9.60 55.94 -43.52
C ILE O 100 10.47 56.04 -42.27
N VAL O 101 10.48 57.21 -41.65
CA VAL O 101 11.31 57.49 -40.49
C VAL O 101 10.42 57.54 -39.26
N ASP O 102 10.77 56.77 -38.24
CA ASP O 102 10.03 56.69 -36.99
C ASP O 102 10.81 57.32 -35.87
N PHE O 103 10.17 58.22 -35.13
CA PHE O 103 10.75 58.80 -33.93
C PHE O 103 10.08 58.18 -32.71
N TYR O 104 10.88 57.62 -31.81
CA TYR O 104 10.34 56.86 -30.70
C TYR O 104 11.22 57.03 -29.48
N ALA O 105 10.67 56.69 -28.32
CA ALA O 105 11.43 56.61 -27.08
C ALA O 105 10.95 55.39 -26.32
N THR O 106 11.88 54.67 -25.69
CA THR O 106 11.53 53.44 -24.99
C THR O 106 10.68 53.70 -23.75
N TRP O 107 10.73 54.92 -23.20
CA TRP O 107 9.90 55.25 -22.05
C TRP O 107 8.47 55.65 -22.45
N CYS O 108 8.19 55.74 -23.74
CA CYS O 108 6.87 56.15 -24.22
C CYS O 108 6.00 54.91 -24.42
N GLY O 109 4.85 54.90 -23.77
CA GLY O 109 3.94 53.79 -23.83
C GLY O 109 3.36 53.50 -25.19
N PRO O 110 2.87 54.53 -25.89
CA PRO O 110 2.33 54.32 -27.25
C PRO O 110 3.36 53.82 -28.25
N CYS O 111 4.66 53.99 -27.99
CA CYS O 111 5.66 53.60 -28.97
C CYS O 111 5.80 52.09 -29.11
N ILE O 112 5.30 51.31 -28.15
CA ILE O 112 5.35 49.86 -28.27
C ILE O 112 4.40 49.39 -29.37
N LEU O 113 3.16 49.89 -29.35
CA LEU O 113 2.19 49.54 -30.38
C LEU O 113 2.65 50.04 -31.75
N MET O 114 3.22 51.24 -31.80
CA MET O 114 3.77 51.74 -33.05
C MET O 114 4.92 50.88 -33.53
N ALA O 115 5.74 50.38 -32.61
CA ALA O 115 6.84 49.50 -32.99
C ALA O 115 6.31 48.21 -33.62
N GLN O 116 5.28 47.61 -33.03
CA GLN O 116 4.71 46.40 -33.59
C GLN O 116 4.06 46.68 -34.95
N GLU O 117 3.34 47.79 -35.07
CA GLU O 117 2.73 48.15 -36.34
C GLU O 117 3.77 48.35 -37.43
N LEU O 118 4.89 49.00 -37.08
CA LEU O 118 5.93 49.22 -38.07
C LEU O 118 6.68 47.95 -38.42
N GLU O 119 6.80 47.01 -37.48
CA GLU O 119 7.33 45.70 -37.83
C GLU O 119 6.41 45.00 -38.83
N MET O 120 5.10 45.07 -38.60
CA MET O 120 4.17 44.48 -39.55
C MET O 120 4.26 45.16 -40.91
N LEU O 121 4.37 46.49 -40.92
CA LEU O 121 4.49 47.23 -42.18
C LEU O 121 5.76 46.87 -42.92
N ALA O 122 6.88 46.71 -42.20
CA ALA O 122 8.13 46.30 -42.82
C ALA O 122 8.00 44.89 -43.40
N VAL O 123 7.27 44.01 -42.72
CA VAL O 123 7.01 42.69 -43.27
C VAL O 123 6.21 42.80 -44.56
N GLU O 124 5.22 43.69 -44.59
CA GLU O 124 4.38 43.84 -45.79
C GLU O 124 5.19 44.37 -46.96
N TYR O 125 5.93 45.45 -46.75
CA TYR O 125 6.74 46.07 -47.81
C TYR O 125 8.15 45.50 -47.70
N GLU O 126 8.38 44.37 -48.37
CA GLU O 126 9.67 43.69 -48.27
C GLU O 126 10.81 44.57 -48.77
N SER O 127 10.80 44.88 -50.06
CA SER O 127 11.82 45.73 -50.66
C SER O 127 11.24 46.98 -51.30
N ASN O 128 9.94 47.21 -51.18
CA ASN O 128 9.28 48.36 -51.79
C ASN O 128 9.22 49.56 -50.87
N ALA O 129 9.74 49.46 -49.66
CA ALA O 129 9.81 50.58 -48.74
C ALA O 129 10.95 50.35 -47.77
N MET O 130 11.38 51.43 -47.12
CA MET O 130 12.48 51.39 -46.16
C MET O 130 11.98 51.99 -44.86
N ILE O 131 11.97 51.18 -43.80
CA ILE O 131 11.47 51.59 -42.49
C ILE O 131 12.65 51.73 -41.56
N VAL O 132 12.83 52.91 -40.99
CA VAL O 132 13.91 53.20 -40.05
C VAL O 132 13.33 53.89 -38.84
N LYS O 133 14.07 53.86 -37.74
CA LYS O 133 13.62 54.46 -36.49
C LYS O 133 14.75 55.25 -35.86
N VAL O 134 14.41 56.37 -35.26
CA VAL O 134 15.36 57.25 -34.59
C VAL O 134 14.90 57.43 -33.14
N ASP O 135 15.80 57.16 -32.19
CA ASP O 135 15.49 57.33 -30.79
C ASP O 135 15.70 58.79 -30.39
N THR O 136 14.69 59.38 -29.76
CA THR O 136 14.76 60.77 -29.35
C THR O 136 15.62 60.98 -28.12
N ASP O 137 15.98 59.92 -27.40
CA ASP O 137 16.92 60.03 -26.30
C ASP O 137 18.36 60.07 -26.77
N ASP O 138 18.61 59.81 -28.05
CA ASP O 138 19.94 59.91 -28.64
C ASP O 138 20.07 61.03 -29.65
N GLU O 139 18.96 61.49 -30.23
CA GLU O 139 18.93 62.52 -31.26
C GLU O 139 17.84 63.53 -30.94
N TYR O 140 17.83 64.02 -29.70
CA TYR O 140 16.79 64.93 -29.25
C TYR O 140 16.82 66.24 -30.04
N GLU O 141 18.02 66.80 -30.22
CA GLU O 141 18.14 68.04 -30.99
C GLU O 141 17.77 67.82 -32.45
N PHE O 142 18.17 66.68 -33.01
CA PHE O 142 17.81 66.37 -34.39
C PHE O 142 16.30 66.22 -34.54
N ALA O 143 15.65 65.59 -33.56
CA ALA O 143 14.19 65.47 -33.61
C ALA O 143 13.52 66.83 -33.50
N ARG O 144 14.04 67.70 -32.63
CA ARG O 144 13.46 69.04 -32.50
C ARG O 144 13.64 69.85 -33.78
N ASP O 145 14.79 69.69 -34.45
CA ASP O 145 15.00 70.37 -35.73
C ASP O 145 14.01 69.91 -36.78
N MET O 146 13.70 68.62 -36.82
CA MET O 146 12.81 68.05 -37.82
C MET O 146 11.34 68.34 -37.53
N GLN O 147 11.04 69.24 -36.59
CA GLN O 147 9.67 69.63 -36.25
C GLN O 147 8.88 68.44 -35.70
N VAL O 148 9.44 67.82 -34.66
CA VAL O 148 8.78 66.75 -33.93
C VAL O 148 8.24 67.36 -32.64
N ARG O 149 6.91 67.29 -32.48
CA ARG O 149 6.23 67.87 -31.32
C ARG O 149 5.80 66.83 -30.31
N GLY O 150 6.01 65.56 -30.59
CA GLY O 150 5.60 64.52 -29.66
C GLY O 150 5.88 63.16 -30.26
N LEU O 151 5.50 62.13 -29.52
CA LEU O 151 5.68 60.75 -29.92
C LEU O 151 4.36 60.00 -29.78
N PRO O 152 4.08 59.04 -30.69
CA PRO O 152 4.88 58.65 -31.86
C PRO O 152 4.74 59.60 -33.03
N THR O 153 5.81 59.80 -33.80
CA THR O 153 5.79 60.68 -34.97
C THR O 153 6.46 59.96 -36.13
N LEU O 154 5.82 59.99 -37.29
CA LEU O 154 6.32 59.34 -38.49
C LEU O 154 6.58 60.38 -39.57
N PHE O 155 7.65 60.17 -40.34
CA PHE O 155 7.97 60.99 -41.49
C PHE O 155 8.00 60.10 -42.72
N PHE O 156 7.14 60.40 -43.69
CA PHE O 156 7.10 59.69 -44.96
C PHE O 156 7.84 60.52 -45.99
N ILE O 157 9.01 60.03 -46.42
CA ILE O 157 9.90 60.77 -47.31
C ILE O 157 9.82 60.10 -48.68
N SER O 158 9.41 60.86 -49.69
CA SER O 158 9.26 60.35 -51.04
C SER O 158 10.64 60.24 -51.70
N PRO O 159 10.82 59.24 -52.58
CA PRO O 159 12.10 59.14 -53.30
C PRO O 159 12.38 60.31 -54.23
N ASP O 160 11.35 61.05 -54.64
CA ASP O 160 11.57 62.21 -55.49
C ASP O 160 11.92 63.43 -54.63
N PRO O 161 13.09 64.03 -54.81
CA PRO O 161 13.44 65.21 -54.01
C PRO O 161 12.53 66.40 -54.23
N SER O 162 11.87 66.49 -55.39
CA SER O 162 10.98 67.62 -55.65
C SER O 162 9.79 67.62 -54.71
N LYS O 163 9.23 66.44 -54.43
CA LYS O 163 8.07 66.34 -53.56
C LYS O 163 8.45 66.65 -52.12
N ASP O 164 7.44 66.81 -51.28
CA ASP O 164 7.61 67.17 -49.88
C ASP O 164 7.19 66.03 -48.98
N ALA O 165 7.89 65.87 -47.86
CA ALA O 165 7.63 64.79 -46.93
C ALA O 165 6.34 65.04 -46.15
N ILE O 166 5.82 63.97 -45.56
CA ILE O 166 4.59 64.01 -44.78
C ILE O 166 4.89 63.58 -43.37
N ARG O 167 4.47 64.38 -42.39
CA ARG O 167 4.61 64.07 -40.98
C ARG O 167 3.25 63.70 -40.42
N THR O 168 3.16 62.52 -39.81
CA THR O 168 1.94 62.06 -39.17
C THR O 168 2.18 61.91 -37.68
N GLU O 169 1.25 62.42 -36.88
CA GLU O 169 1.36 62.42 -35.42
C GLU O 169 0.23 61.59 -34.84
N GLY O 170 0.59 60.66 -33.95
CA GLY O 170 -0.36 59.79 -33.30
C GLY O 170 -0.24 58.36 -33.77
N LEU O 171 -1.02 57.49 -33.11
CA LEU O 171 -1.07 56.08 -33.45
C LEU O 171 -2.04 55.89 -34.61
N ILE O 172 -1.54 56.17 -35.80
CA ILE O 172 -2.35 56.10 -37.01
C ILE O 172 -2.53 54.63 -37.39
N PRO O 173 -3.60 54.27 -38.09
CA PRO O 173 -3.80 52.87 -38.47
C PRO O 173 -2.78 52.41 -39.51
N LEU O 174 -2.60 51.10 -39.58
CA LEU O 174 -1.71 50.51 -40.58
C LEU O 174 -2.21 50.78 -41.99
N GLN O 175 -3.53 50.74 -42.18
CA GLN O 175 -4.10 51.05 -43.49
C GLN O 175 -3.82 52.48 -43.90
N MET O 176 -3.79 53.40 -42.93
CA MET O 176 -3.43 54.78 -43.22
C MET O 176 -1.99 54.88 -43.72
N MET O 177 -1.08 54.14 -43.08
CA MET O 177 0.30 54.09 -43.56
C MET O 177 0.37 53.53 -44.97
N ARG O 178 -0.38 52.46 -45.24
CA ARG O 178 -0.39 51.88 -46.58
C ARG O 178 -0.91 52.87 -47.60
N ASP O 179 -1.98 53.59 -47.28
CA ASP O 179 -2.51 54.60 -48.19
C ASP O 179 -1.50 55.70 -48.46
N ILE O 180 -0.83 56.19 -47.41
CA ILE O 180 0.15 57.25 -47.60
C ILE O 180 1.28 56.77 -48.50
N ILE O 181 1.80 55.57 -48.23
CA ILE O 181 2.92 55.04 -49.01
C ILE O 181 2.51 54.85 -50.46
N ASP O 182 1.31 54.32 -50.70
CA ASP O 182 0.89 53.99 -52.06
C ASP O 182 0.57 55.24 -52.87
N ASN O 183 -0.17 56.19 -52.29
CA ASN O 183 -0.74 57.29 -53.05
C ASN O 183 -0.07 58.64 -52.80
N ASP O 184 1.02 58.66 -52.02
CA ASP O 184 1.66 59.95 -51.76
C ASP O 184 3.18 59.92 -51.89
N MET O 185 3.81 58.76 -51.97
CA MET O 185 5.27 58.71 -52.06
C MET O 185 5.73 58.35 -53.47
N LEU P 78 -62.80 -9.67 -62.38
CA LEU P 78 -62.89 -8.40 -63.09
C LEU P 78 -64.32 -7.86 -63.08
N VAL P 79 -64.50 -6.67 -62.50
CA VAL P 79 -65.80 -6.01 -62.45
C VAL P 79 -65.77 -4.84 -63.41
N ARG P 80 -66.76 -4.79 -64.31
CA ARG P 80 -66.80 -3.82 -65.38
C ARG P 80 -67.89 -2.80 -65.11
N LYS P 81 -67.57 -1.52 -65.32
CA LYS P 81 -68.52 -0.44 -65.11
C LYS P 81 -69.45 -0.35 -66.32
N LEU P 82 -70.74 -0.59 -66.10
CA LEU P 82 -71.74 -0.59 -67.15
C LEU P 82 -72.82 0.43 -66.84
N SER P 83 -73.24 1.17 -67.85
CA SER P 83 -74.27 2.18 -67.68
C SER P 83 -75.65 1.52 -67.52
N ALA P 84 -76.67 2.37 -67.35
CA ALA P 84 -78.02 1.87 -67.15
C ALA P 84 -78.54 1.13 -68.37
N GLN P 85 -78.31 1.69 -69.57
CA GLN P 85 -78.82 1.05 -70.78
C GLN P 85 -78.09 -0.27 -71.05
N GLU P 86 -76.80 -0.34 -70.73
CA GLU P 86 -76.07 -1.59 -70.89
C GLU P 86 -76.64 -2.67 -69.95
N LEU P 87 -76.97 -2.28 -68.72
CA LEU P 87 -77.57 -3.23 -67.79
C LEU P 87 -78.96 -3.65 -68.24
N GLN P 88 -79.72 -2.72 -68.84
CA GLN P 88 -81.00 -3.07 -69.44
C GLN P 88 -80.81 -4.11 -70.53
N ASP P 89 -79.83 -3.90 -71.41
CA ASP P 89 -79.55 -4.86 -72.47
C ASP P 89 -79.16 -6.23 -71.91
N LEU P 90 -78.34 -6.25 -70.87
CA LEU P 90 -77.91 -7.52 -70.29
C LEU P 90 -79.05 -8.24 -69.60
N VAL P 91 -79.91 -7.51 -68.89
CA VAL P 91 -81.03 -8.15 -68.19
C VAL P 91 -82.05 -8.66 -69.19
N LYS P 92 -82.43 -7.82 -70.17
CA LYS P 92 -83.41 -8.23 -71.17
C LYS P 92 -82.85 -9.29 -72.11
N GLY P 93 -81.54 -9.48 -72.16
CA GLY P 93 -80.94 -10.59 -72.85
C GLY P 93 -81.05 -11.85 -72.02
N GLU P 94 -80.27 -12.86 -72.43
CA GLU P 94 -80.25 -14.13 -71.73
C GLU P 94 -78.82 -14.54 -71.41
N ARG P 95 -78.65 -15.15 -70.25
CA ARG P 95 -77.33 -15.56 -69.78
C ARG P 95 -77.47 -16.86 -69.00
N LYS P 96 -76.39 -17.64 -68.98
CA LYS P 96 -76.36 -18.93 -68.31
C LYS P 96 -75.67 -18.87 -66.95
N VAL P 97 -75.20 -17.71 -66.53
CA VAL P 97 -74.44 -17.59 -65.29
C VAL P 97 -75.10 -16.54 -64.39
N PRO P 98 -74.97 -16.65 -63.07
CA PRO P 98 -75.52 -15.62 -62.18
C PRO P 98 -74.88 -14.26 -62.45
N LEU P 99 -75.70 -13.22 -62.35
CA LEU P 99 -75.26 -11.84 -62.58
C LEU P 99 -75.34 -11.07 -61.26
N ILE P 100 -74.24 -10.46 -60.87
CA ILE P 100 -74.16 -9.64 -59.67
C ILE P 100 -73.93 -8.20 -60.10
N VAL P 101 -74.83 -7.30 -59.69
CA VAL P 101 -74.74 -5.90 -60.04
C VAL P 101 -74.37 -5.13 -58.78
N ASP P 102 -73.27 -4.38 -58.85
CA ASP P 102 -72.77 -3.60 -57.73
C ASP P 102 -73.18 -2.15 -57.90
N PHE P 103 -74.02 -1.65 -57.00
CA PHE P 103 -74.37 -0.25 -56.96
C PHE P 103 -73.42 0.46 -56.00
N TYR P 104 -72.68 1.44 -56.51
CA TYR P 104 -71.60 2.05 -55.77
C TYR P 104 -71.52 3.53 -56.09
N ALA P 105 -70.74 4.25 -55.28
CA ALA P 105 -70.37 5.62 -55.56
C ALA P 105 -68.90 5.80 -55.21
N THR P 106 -68.26 6.76 -55.86
CA THR P 106 -66.83 6.98 -55.66
C THR P 106 -66.51 7.62 -54.31
N TRP P 107 -67.51 8.10 -53.58
CA TRP P 107 -67.30 8.80 -52.32
C TRP P 107 -67.53 7.93 -51.09
N CYS P 108 -67.75 6.62 -51.27
CA CYS P 108 -68.04 5.72 -50.17
C CYS P 108 -66.90 4.73 -49.99
N GLY P 109 -66.37 4.66 -48.77
CA GLY P 109 -65.33 3.73 -48.41
C GLY P 109 -65.78 2.28 -48.35
N PRO P 110 -66.94 2.03 -47.74
CA PRO P 110 -67.52 0.67 -47.82
C PRO P 110 -67.74 0.21 -49.24
N CYS P 111 -67.93 1.12 -50.20
CA CYS P 111 -67.98 0.72 -51.59
C CYS P 111 -66.62 0.18 -52.06
N ILE P 112 -65.52 0.77 -51.58
CA ILE P 112 -64.20 0.27 -51.95
C ILE P 112 -63.96 -1.09 -51.29
N LEU P 113 -64.38 -1.25 -50.04
CA LEU P 113 -64.24 -2.55 -49.38
C LEU P 113 -65.06 -3.62 -50.09
N MET P 114 -66.28 -3.28 -50.50
CA MET P 114 -67.09 -4.19 -51.29
C MET P 114 -66.46 -4.47 -52.64
N ALA P 115 -65.78 -3.49 -53.23
CA ALA P 115 -65.07 -3.72 -54.48
C ALA P 115 -63.96 -4.74 -54.30
N GLN P 116 -63.22 -4.65 -53.20
CA GLN P 116 -62.20 -5.66 -52.91
C GLN P 116 -62.84 -7.04 -52.72
N GLU P 117 -63.95 -7.09 -51.98
CA GLU P 117 -64.63 -8.37 -51.77
C GLU P 117 -65.11 -8.97 -53.08
N LEU P 118 -65.70 -8.15 -53.95
CA LEU P 118 -66.20 -8.63 -55.23
C LEU P 118 -65.06 -9.01 -56.17
N GLU P 119 -63.91 -8.33 -56.06
CA GLU P 119 -62.75 -8.74 -56.82
C GLU P 119 -62.29 -10.13 -56.42
N MET P 120 -62.21 -10.39 -55.10
CA MET P 120 -61.87 -11.73 -54.66
C MET P 120 -62.91 -12.74 -55.12
N LEU P 121 -64.19 -12.38 -55.04
CA LEU P 121 -65.26 -13.29 -55.46
C LEU P 121 -65.15 -13.62 -56.94
N ALA P 122 -64.87 -12.61 -57.78
CA ALA P 122 -64.68 -12.84 -59.20
C ALA P 122 -63.45 -13.69 -59.48
N VAL P 123 -62.43 -13.59 -58.63
CA VAL P 123 -61.32 -14.53 -58.72
C VAL P 123 -61.80 -15.95 -58.39
N GLU P 124 -62.67 -16.07 -57.38
CA GLU P 124 -63.22 -17.37 -57.02
C GLU P 124 -64.05 -17.97 -58.15
N TYR P 125 -64.90 -17.16 -58.77
CA TYR P 125 -65.74 -17.60 -59.89
C TYR P 125 -65.16 -17.04 -61.18
N GLU P 126 -64.28 -17.84 -61.80
CA GLU P 126 -63.54 -17.35 -62.96
C GLU P 126 -64.46 -17.00 -64.11
N SER P 127 -65.33 -17.92 -64.50
CA SER P 127 -66.21 -17.71 -65.65
C SER P 127 -67.65 -18.13 -65.40
N ASN P 128 -67.97 -18.68 -64.23
CA ASN P 128 -69.31 -19.15 -63.93
C ASN P 128 -70.21 -18.08 -63.33
N ALA P 129 -69.73 -16.83 -63.26
CA ALA P 129 -70.53 -15.73 -62.76
C ALA P 129 -70.07 -14.44 -63.41
N MET P 130 -70.94 -13.44 -63.38
CA MET P 130 -70.66 -12.13 -63.95
C MET P 130 -70.94 -11.06 -62.92
N ILE P 131 -69.94 -10.21 -62.67
CA ILE P 131 -70.04 -9.13 -61.69
C ILE P 131 -69.84 -7.81 -62.41
N VAL P 132 -70.80 -6.91 -62.28
CA VAL P 132 -70.75 -5.59 -62.92
C VAL P 132 -71.02 -4.52 -61.87
N LYS P 133 -70.58 -3.31 -62.17
CA LYS P 133 -70.72 -2.18 -61.27
C LYS P 133 -71.42 -1.04 -61.98
N VAL P 134 -72.41 -0.45 -61.32
CA VAL P 134 -73.16 0.70 -61.82
C VAL P 134 -72.97 1.85 -60.85
N ASP P 135 -72.50 2.97 -61.35
CA ASP P 135 -72.28 4.15 -60.52
C ASP P 135 -73.61 4.82 -60.21
N THR P 136 -73.86 5.06 -58.93
CA THR P 136 -75.14 5.64 -58.52
C THR P 136 -75.23 7.12 -58.89
N ASP P 137 -74.13 7.85 -58.73
CA ASP P 137 -74.16 9.29 -59.03
C ASP P 137 -74.41 9.53 -60.51
N ASP P 138 -73.95 8.63 -61.37
CA ASP P 138 -74.21 8.76 -62.81
C ASP P 138 -75.56 8.20 -63.23
N GLU P 139 -76.17 7.36 -62.40
CA GLU P 139 -77.43 6.69 -62.72
C GLU P 139 -78.40 6.80 -61.55
N TYR P 140 -78.57 8.02 -61.04
CA TYR P 140 -79.38 8.22 -59.84
C TYR P 140 -80.85 7.87 -60.09
N GLU P 141 -81.37 8.20 -61.28
CA GLU P 141 -82.75 7.84 -61.60
C GLU P 141 -82.91 6.33 -61.72
N PHE P 142 -81.94 5.66 -62.34
CA PHE P 142 -82.00 4.20 -62.45
C PHE P 142 -81.84 3.54 -61.10
N ALA P 143 -80.95 4.08 -60.25
CA ALA P 143 -80.79 3.54 -58.91
C ALA P 143 -82.06 3.72 -58.08
N ARG P 144 -82.73 4.86 -58.23
CA ARG P 144 -84.00 5.07 -57.55
C ARG P 144 -85.07 4.12 -58.07
N ASP P 145 -85.04 3.81 -59.37
CA ASP P 145 -86.01 2.86 -59.91
C ASP P 145 -85.79 1.45 -59.39
N MET P 146 -84.56 1.12 -59.00
CA MET P 146 -84.23 -0.19 -58.47
C MET P 146 -84.41 -0.29 -56.96
N GLN P 147 -84.95 0.76 -56.34
CA GLN P 147 -85.17 0.81 -54.89
C GLN P 147 -83.86 0.64 -54.13
N VAL P 148 -82.81 1.28 -54.64
CA VAL P 148 -81.52 1.30 -53.94
C VAL P 148 -81.62 2.36 -52.84
N ARG P 149 -81.65 1.92 -51.59
CA ARG P 149 -81.85 2.80 -50.44
C ARG P 149 -80.56 3.30 -49.83
N GLY P 150 -79.42 2.95 -50.41
CA GLY P 150 -78.14 3.38 -49.89
C GLY P 150 -77.02 2.53 -50.47
N LEU P 151 -75.83 2.72 -49.92
CA LEU P 151 -74.64 2.06 -50.42
C LEU P 151 -73.85 1.45 -49.28
N PRO P 152 -73.13 0.34 -49.53
CA PRO P 152 -73.08 -0.42 -50.78
C PRO P 152 -74.30 -1.31 -50.96
N THR P 153 -74.74 -1.53 -52.20
CA THR P 153 -75.90 -2.36 -52.49
C THR P 153 -75.55 -3.31 -53.64
N LEU P 154 -75.83 -4.60 -53.44
CA LEU P 154 -75.62 -5.60 -54.47
C LEU P 154 -76.96 -6.19 -54.89
N PHE P 155 -77.08 -6.46 -56.19
CA PHE P 155 -78.24 -7.15 -56.75
C PHE P 155 -77.80 -8.46 -57.35
N PHE P 156 -78.41 -9.56 -56.91
CA PHE P 156 -78.11 -10.89 -57.41
C PHE P 156 -79.23 -11.31 -58.35
N ILE P 157 -78.93 -11.37 -59.64
CA ILE P 157 -79.92 -11.67 -60.66
C ILE P 157 -79.73 -13.11 -61.12
N SER P 158 -80.74 -13.95 -60.90
CA SER P 158 -80.65 -15.34 -61.31
C SER P 158 -80.78 -15.46 -62.82
N PRO P 159 -80.05 -16.37 -63.45
CA PRO P 159 -80.23 -16.57 -64.90
C PRO P 159 -81.63 -17.03 -65.26
N ASP P 160 -82.29 -17.79 -64.41
CA ASP P 160 -83.65 -18.23 -64.66
C ASP P 160 -84.61 -17.07 -64.49
N PRO P 161 -85.41 -16.72 -65.49
CA PRO P 161 -86.40 -15.63 -65.32
C PRO P 161 -87.45 -15.92 -64.27
N SER P 162 -87.66 -17.18 -63.90
CA SER P 162 -88.72 -17.50 -62.94
C SER P 162 -88.42 -16.96 -61.55
N LYS P 163 -87.18 -17.10 -61.09
CA LYS P 163 -86.84 -16.72 -59.73
C LYS P 163 -86.69 -15.21 -59.60
N ASP P 164 -86.62 -14.76 -58.35
CA ASP P 164 -86.53 -13.35 -58.02
C ASP P 164 -85.09 -12.96 -57.72
N ALA P 165 -84.83 -11.65 -57.80
CA ALA P 165 -83.51 -11.10 -57.52
C ALA P 165 -83.35 -10.82 -56.03
N ILE P 166 -82.10 -10.86 -55.57
CA ILE P 166 -81.76 -10.61 -54.17
C ILE P 166 -81.08 -9.26 -54.08
N ARG P 167 -81.57 -8.41 -53.19
CA ARG P 167 -80.97 -7.11 -52.91
C ARG P 167 -80.34 -7.16 -51.53
N THR P 168 -79.02 -7.02 -51.48
CA THR P 168 -78.27 -7.06 -50.23
C THR P 168 -77.78 -5.66 -49.89
N GLU P 169 -78.10 -5.20 -48.68
CA GLU P 169 -77.70 -3.89 -48.20
C GLU P 169 -76.60 -4.03 -47.17
N GLY P 170 -75.54 -3.26 -47.33
CA GLY P 170 -74.43 -3.27 -46.40
C GLY P 170 -73.25 -4.07 -46.92
N LEU P 171 -72.20 -4.10 -46.10
CA LEU P 171 -70.95 -4.77 -46.43
C LEU P 171 -71.00 -6.20 -45.89
N ILE P 172 -71.67 -7.06 -46.65
CA ILE P 172 -71.87 -8.46 -46.25
C ILE P 172 -70.60 -9.25 -46.52
N PRO P 173 -70.36 -10.35 -45.81
CA PRO P 173 -69.16 -11.14 -46.06
C PRO P 173 -69.29 -11.98 -47.33
N LEU P 174 -68.15 -12.52 -47.76
CA LEU P 174 -68.12 -13.33 -48.97
C LEU P 174 -68.94 -14.61 -48.84
N GLN P 175 -68.98 -15.19 -47.63
CA GLN P 175 -69.72 -16.43 -47.45
C GLN P 175 -71.20 -16.26 -47.73
N MET P 176 -71.76 -15.08 -47.41
CA MET P 176 -73.15 -14.82 -47.75
C MET P 176 -73.37 -14.81 -49.26
N MET P 177 -72.45 -14.19 -50.00
CA MET P 177 -72.57 -14.19 -51.46
C MET P 177 -72.48 -15.61 -52.02
N ARG P 178 -71.53 -16.39 -51.49
CA ARG P 178 -71.40 -17.77 -51.94
C ARG P 178 -72.65 -18.59 -51.63
N ASP P 179 -73.21 -18.41 -50.45
CA ASP P 179 -74.43 -19.12 -50.08
C ASP P 179 -75.59 -18.71 -50.98
N ILE P 180 -75.72 -17.42 -51.27
CA ILE P 180 -76.80 -16.96 -52.15
C ILE P 180 -76.66 -17.59 -53.52
N ILE P 181 -75.45 -17.55 -54.08
CA ILE P 181 -75.24 -18.06 -55.44
C ILE P 181 -75.45 -19.57 -55.48
N ASP P 182 -75.07 -20.28 -54.42
CA ASP P 182 -75.17 -21.73 -54.43
C ASP P 182 -76.51 -22.26 -53.92
N ASN P 183 -77.37 -21.41 -53.38
CA ASN P 183 -78.65 -21.87 -52.84
C ASN P 183 -79.85 -21.31 -53.57
N ASP P 184 -79.90 -20.00 -53.81
CA ASP P 184 -81.10 -19.42 -54.42
C ASP P 184 -80.76 -18.66 -55.69
N MET P 185 -80.02 -19.30 -56.60
CA MET P 185 -79.63 -18.67 -57.84
C MET P 185 -79.91 -19.57 -59.03
N ILE Q 230 64.83 -72.24 -6.69
CA ILE Q 230 64.39 -73.57 -6.30
C ILE Q 230 63.80 -74.29 -7.51
N VAL Q 231 63.92 -75.61 -7.53
CA VAL Q 231 63.45 -76.43 -8.63
C VAL Q 231 62.23 -77.21 -8.17
N GLU Q 232 61.20 -77.26 -9.02
CA GLU Q 232 59.98 -78.00 -8.70
C GLU Q 232 60.05 -79.37 -9.36
N PRO Q 233 60.21 -80.45 -8.60
CA PRO Q 233 60.21 -81.78 -9.21
C PRO Q 233 58.85 -82.12 -9.81
N LYS Q 234 58.89 -82.86 -10.92
CA LYS Q 234 57.69 -83.31 -11.59
C LYS Q 234 57.46 -84.80 -11.31
N PHE Q 235 56.21 -85.16 -11.05
CA PHE Q 235 55.85 -86.51 -10.66
C PHE Q 235 54.80 -87.04 -11.62
N ARG Q 236 55.04 -88.24 -12.17
CA ARG Q 236 54.10 -88.91 -13.06
C ARG Q 236 53.98 -90.36 -12.64
N LEU Q 237 52.78 -90.78 -12.27
CA LEU Q 237 52.51 -92.16 -11.87
C LEU Q 237 51.09 -92.52 -12.26
N SER Q 238 50.91 -93.78 -12.67
CA SER Q 238 49.58 -94.26 -13.00
C SER Q 238 48.82 -94.62 -11.72
N LEU Q 239 47.49 -94.66 -11.84
CA LEU Q 239 46.66 -94.97 -10.68
C LEU Q 239 46.89 -96.41 -10.21
N ALA Q 240 47.11 -97.33 -11.14
CA ALA Q 240 47.35 -98.73 -10.76
C ALA Q 240 48.65 -98.88 -9.98
N GLU Q 241 49.69 -98.17 -10.39
CA GLU Q 241 50.97 -98.25 -9.66
C GLU Q 241 50.87 -97.60 -8.29
N LEU Q 242 50.04 -96.55 -8.17
CA LEU Q 242 49.90 -95.87 -6.88
C LEU Q 242 49.29 -96.80 -5.84
N LEU Q 243 48.24 -97.54 -6.21
CA LEU Q 243 47.58 -98.42 -5.25
C LEU Q 243 48.49 -99.57 -4.83
N ASP Q 244 49.26 -100.13 -5.76
CA ASP Q 244 50.14 -101.24 -5.43
C ASP Q 244 51.30 -100.80 -4.55
N GLU Q 245 51.88 -99.63 -4.85
CA GLU Q 245 52.98 -99.13 -4.03
C GLU Q 245 52.52 -98.85 -2.60
N SER Q 246 51.34 -98.25 -2.44
CA SER Q 246 50.80 -97.99 -1.11
C SER Q 246 50.08 -99.20 -0.52
N LYS Q 247 49.88 -100.26 -1.30
CA LYS Q 247 49.26 -101.51 -0.82
C LYS Q 247 47.86 -101.26 -0.26
N VAL Q 248 47.15 -100.28 -0.81
CA VAL Q 248 45.81 -99.95 -0.33
C VAL Q 248 44.81 -100.89 -1.00
N VAL Q 249 43.95 -101.49 -0.19
CA VAL Q 249 42.90 -102.39 -0.67
C VAL Q 249 41.64 -101.56 -0.87
N PRO Q 250 41.18 -101.34 -2.09
CA PRO Q 250 39.96 -100.54 -2.29
C PRO Q 250 38.70 -101.34 -2.03
N ILE Q 251 37.67 -100.63 -1.58
CA ILE Q 251 36.36 -101.27 -1.40
C ILE Q 251 35.75 -101.58 -2.76
N SER Q 252 35.81 -100.63 -3.69
CA SER Q 252 35.33 -100.81 -5.05
C SER Q 252 36.01 -99.80 -5.95
N VAL Q 253 36.16 -100.15 -7.22
CA VAL Q 253 36.86 -99.32 -8.20
C VAL Q 253 35.92 -99.00 -9.35
N TYR Q 254 35.85 -97.73 -9.71
CA TYR Q 254 35.06 -97.27 -10.84
C TYR Q 254 35.97 -96.56 -11.84
N GLY Q 255 35.68 -96.75 -13.12
CA GLY Q 255 36.40 -96.05 -14.17
C GLY Q 255 37.70 -96.71 -14.59
N ASP Q 256 38.69 -95.89 -14.96
CA ASP Q 256 39.95 -96.38 -15.49
C ASP Q 256 41.00 -96.42 -14.39
N LEU Q 257 41.75 -97.52 -14.34
CA LEU Q 257 42.83 -97.68 -13.38
C LEU Q 257 44.20 -97.25 -13.90
N ASP Q 258 44.29 -96.90 -15.18
CA ASP Q 258 45.57 -96.53 -15.80
C ASP Q 258 45.70 -95.03 -16.01
N VAL Q 259 44.86 -94.23 -15.37
CA VAL Q 259 44.90 -92.78 -15.56
C VAL Q 259 46.18 -92.22 -14.95
N GLU Q 260 46.89 -91.40 -15.72
CA GLU Q 260 48.07 -90.70 -15.20
C GLU Q 260 47.65 -89.68 -14.15
N ILE Q 261 48.39 -89.64 -13.05
CA ILE Q 261 48.12 -88.71 -11.95
C ILE Q 261 49.29 -87.76 -11.81
N THR Q 262 49.01 -86.46 -11.86
CA THR Q 262 50.04 -85.44 -11.78
C THR Q 262 50.20 -84.86 -10.38
N GLY Q 263 49.36 -85.26 -9.44
CA GLY Q 263 49.47 -84.75 -8.08
C GLY Q 263 48.34 -85.28 -7.23
N ILE Q 264 48.50 -85.12 -5.92
CA ILE Q 264 47.51 -85.54 -4.94
C ILE Q 264 47.16 -84.34 -4.07
N GLN Q 265 45.87 -84.03 -3.97
CA GLN Q 265 45.39 -82.94 -3.14
C GLN Q 265 44.12 -83.37 -2.43
N HIS Q 266 44.00 -83.02 -1.15
CA HIS Q 266 42.80 -83.30 -0.39
C HIS Q 266 41.91 -82.07 -0.19
N ASP Q 267 42.44 -80.87 -0.43
CA ASP Q 267 41.67 -79.65 -0.31
C ASP Q 267 41.17 -79.22 -1.69
N SER Q 268 39.92 -78.78 -1.75
CA SER Q 268 39.32 -78.39 -3.02
C SER Q 268 40.05 -77.19 -3.64
N ARG Q 269 40.44 -76.23 -2.82
CA ARG Q 269 41.06 -75.00 -3.32
C ARG Q 269 42.47 -75.21 -3.85
N GLY Q 270 43.06 -76.38 -3.64
CA GLY Q 270 44.42 -76.63 -4.10
C GLY Q 270 44.53 -77.64 -5.22
N VAL Q 271 43.41 -78.11 -5.73
CA VAL Q 271 43.40 -79.13 -6.77
C VAL Q 271 43.75 -78.49 -8.11
N SER Q 272 44.72 -79.08 -8.81
CA SER Q 272 45.11 -78.66 -10.15
C SER Q 272 44.61 -79.68 -11.16
N SER Q 273 44.63 -79.27 -12.43
CA SER Q 273 44.17 -80.14 -13.51
C SER Q 273 45.05 -81.37 -13.61
N GLY Q 274 44.42 -82.54 -13.73
CA GLY Q 274 45.13 -83.80 -13.83
C GLY Q 274 45.55 -84.42 -12.51
N ASP Q 275 45.31 -83.74 -11.39
CA ASP Q 275 45.71 -84.24 -10.09
C ASP Q 275 44.71 -85.27 -9.57
N LEU Q 276 45.10 -85.96 -8.51
CA LEU Q 276 44.24 -86.91 -7.81
C LEU Q 276 43.60 -86.22 -6.61
N PHE Q 277 42.30 -86.44 -6.43
CA PHE Q 277 41.55 -85.82 -5.35
C PHE Q 277 41.16 -86.87 -4.32
N VAL Q 278 41.34 -86.53 -3.04
CA VAL Q 278 40.93 -87.38 -1.92
C VAL Q 278 39.89 -86.60 -1.11
N CYS Q 279 38.71 -87.19 -0.94
CA CYS Q 279 37.60 -86.54 -0.26
C CYS Q 279 37.56 -86.96 1.20
N CYS Q 280 37.47 -85.97 2.09
CA CYS Q 280 37.37 -86.25 3.52
C CYS Q 280 35.91 -86.53 3.91
N GLU Q 281 35.74 -87.06 5.11
CA GLU Q 281 34.41 -87.38 5.61
C GLU Q 281 33.70 -86.19 6.24
N ASN Q 282 34.44 -85.15 6.61
CA ASN Q 282 33.85 -83.94 7.18
C ASN Q 282 33.56 -82.88 6.14
N GLU Q 283 33.76 -83.18 4.86
CA GLU Q 283 33.52 -82.25 3.78
C GLU Q 283 32.40 -82.78 2.89
N GLY Q 284 31.44 -81.91 2.57
CA GLY Q 284 30.25 -82.32 1.86
C GLY Q 284 30.49 -82.49 0.36
N ASP Q 285 29.37 -82.70 -0.34
CA ASP Q 285 29.41 -82.93 -1.78
C ASP Q 285 29.89 -81.71 -2.56
N SER Q 286 29.81 -80.52 -1.98
CA SER Q 286 30.25 -79.32 -2.67
C SER Q 286 31.74 -79.34 -2.96
N VAL Q 287 32.52 -79.99 -2.09
CA VAL Q 287 33.96 -80.08 -2.30
C VAL Q 287 34.27 -80.92 -3.53
N LEU Q 288 33.52 -82.02 -3.72
CA LEU Q 288 33.75 -82.89 -4.88
C LEU Q 288 33.48 -82.15 -6.18
N SER Q 289 32.39 -81.39 -6.25
CA SER Q 289 32.04 -80.69 -7.49
C SER Q 289 33.08 -79.61 -7.81
N GLU Q 290 33.54 -78.88 -6.80
CA GLU Q 290 34.55 -77.85 -7.03
C GLU Q 290 35.87 -78.45 -7.49
N ALA Q 291 36.25 -79.60 -6.92
CA ALA Q 291 37.48 -80.27 -7.34
C ALA Q 291 37.39 -80.70 -8.80
N ASP Q 292 36.24 -81.22 -9.22
CA ASP Q 292 36.09 -81.64 -10.61
C ASP Q 292 36.17 -80.45 -11.56
N LYS Q 293 35.66 -79.29 -11.15
CA LYS Q 293 35.76 -78.10 -11.98
C LYS Q 293 37.20 -77.69 -12.19
N ARG Q 294 38.03 -77.77 -11.14
CA ARG Q 294 39.42 -77.35 -11.22
C ARG Q 294 40.30 -78.34 -11.97
N GLY Q 295 39.77 -79.52 -12.31
CA GLY Q 295 40.54 -80.47 -13.11
C GLY Q 295 40.84 -81.78 -12.42
N ALA Q 296 39.96 -82.23 -11.53
CA ALA Q 296 40.12 -83.52 -10.89
C ALA Q 296 39.73 -84.63 -11.86
N VAL Q 297 40.58 -85.66 -11.96
CA VAL Q 297 40.33 -86.77 -12.86
C VAL Q 297 39.93 -88.03 -12.13
N ALA Q 298 40.48 -88.29 -10.94
CA ALA Q 298 40.09 -89.43 -10.12
C ALA Q 298 39.91 -88.97 -8.70
N VAL Q 299 38.87 -89.48 -8.04
CA VAL Q 299 38.52 -89.08 -6.68
C VAL Q 299 38.60 -90.30 -5.78
N VAL Q 300 39.32 -90.17 -4.67
CA VAL Q 300 39.41 -91.21 -3.65
C VAL Q 300 38.52 -90.78 -2.49
N ALA Q 301 37.41 -91.49 -2.30
CA ALA Q 301 36.45 -91.18 -1.26
C ALA Q 301 36.12 -92.44 -0.48
N SER Q 302 35.72 -92.25 0.77
CA SER Q 302 35.42 -93.38 1.65
C SER Q 302 34.01 -93.92 1.47
N LYS Q 303 33.17 -93.26 0.67
CA LYS Q 303 31.80 -93.67 0.47
C LYS Q 303 31.45 -93.57 -1.01
N GLU Q 304 30.45 -94.34 -1.43
CA GLU Q 304 30.03 -94.34 -2.81
C GLU Q 304 29.39 -93.01 -3.19
N ILE Q 305 29.73 -92.52 -4.38
CA ILE Q 305 29.22 -91.25 -4.89
C ILE Q 305 28.79 -91.46 -6.32
N ASP Q 306 27.59 -90.97 -6.67
CA ASP Q 306 27.06 -91.11 -8.02
C ASP Q 306 27.87 -90.21 -8.95
N ILE Q 307 28.71 -90.82 -9.79
CA ILE Q 307 29.58 -90.05 -10.68
C ILE Q 307 29.00 -89.87 -12.08
N GLU Q 308 28.02 -90.70 -12.47
CA GLU Q 308 27.49 -90.62 -13.83
C GLU Q 308 26.71 -89.33 -14.09
N ASP Q 309 26.23 -88.66 -13.04
CA ASP Q 309 25.44 -87.45 -13.22
C ASP Q 309 25.95 -86.24 -12.46
N THR Q 310 26.93 -86.39 -11.57
CA THR Q 310 27.44 -85.29 -10.78
C THR Q 310 28.88 -84.93 -11.12
N LEU Q 311 29.80 -85.90 -11.06
CA LEU Q 311 31.21 -85.65 -11.25
C LEU Q 311 31.63 -85.95 -12.67
N GLY Q 312 32.54 -85.14 -13.20
CA GLY Q 312 33.16 -85.38 -14.48
C GLY Q 312 34.43 -86.20 -14.41
N CYS Q 313 34.78 -86.72 -13.24
CA CYS Q 313 36.01 -87.48 -13.08
C CYS Q 313 35.91 -88.82 -13.79
N ARG Q 314 37.06 -89.27 -14.31
CA ARG Q 314 37.12 -90.53 -15.06
C ARG Q 314 37.19 -91.76 -14.16
N ALA Q 315 37.42 -91.59 -12.86
CA ALA Q 315 37.55 -92.73 -11.97
C ALA Q 315 37.15 -92.34 -10.55
N LEU Q 316 36.66 -93.32 -9.81
CA LEU Q 316 36.32 -93.15 -8.40
C LEU Q 316 36.85 -94.33 -7.62
N VAL Q 317 37.52 -94.06 -6.49
CA VAL Q 317 38.12 -95.09 -5.66
C VAL Q 317 37.46 -95.04 -4.28
N ILE Q 318 37.02 -96.19 -3.80
CA ILE Q 318 36.36 -96.31 -2.50
C ILE Q 318 37.32 -97.04 -1.55
N VAL Q 319 37.67 -96.40 -0.45
CA VAL Q 319 38.56 -96.96 0.55
C VAL Q 319 37.90 -96.88 1.92
N GLU Q 320 38.38 -97.70 2.84
CA GLU Q 320 37.76 -97.78 4.16
C GLU Q 320 38.03 -96.51 4.98
N ASP Q 321 39.26 -96.01 4.96
CA ASP Q 321 39.65 -94.85 5.75
C ASP Q 321 40.47 -93.91 4.88
N THR Q 322 39.84 -92.82 4.43
CA THR Q 322 40.55 -91.85 3.60
C THR Q 322 41.67 -91.16 4.36
N GLU Q 323 41.45 -90.86 5.65
CA GLU Q 323 42.45 -90.14 6.42
C GLU Q 323 43.74 -90.94 6.58
N ALA Q 324 43.61 -92.24 6.84
CA ALA Q 324 44.79 -93.08 6.94
C ALA Q 324 45.46 -93.26 5.58
N VAL Q 325 44.67 -93.53 4.54
CA VAL Q 325 45.20 -93.65 3.19
C VAL Q 325 45.68 -92.31 2.66
N LEU Q 326 45.24 -91.19 3.26
CA LEU Q 326 45.71 -89.88 2.83
C LEU Q 326 47.22 -89.76 2.93
N ALA Q 327 47.79 -90.21 4.04
CA ALA Q 327 49.24 -90.28 4.15
C ALA Q 327 49.81 -91.39 3.28
N ALA Q 328 49.07 -92.51 3.14
CA ALA Q 328 49.56 -93.62 2.34
C ALA Q 328 49.66 -93.25 0.86
N LEU Q 329 48.67 -92.53 0.34
CA LEU Q 329 48.72 -92.12 -1.07
C LEU Q 329 49.86 -91.15 -1.32
N ALA Q 330 50.08 -90.21 -0.40
CA ALA Q 330 51.12 -89.20 -0.59
C ALA Q 330 52.51 -89.82 -0.63
N SER Q 331 52.78 -90.78 0.27
CA SER Q 331 54.13 -91.32 0.39
C SER Q 331 54.57 -92.03 -0.87
N SER Q 332 53.69 -92.84 -1.46
CA SER Q 332 54.07 -93.60 -2.65
C SER Q 332 54.15 -92.73 -3.89
N PHE Q 333 53.35 -91.66 -3.95
CA PHE Q 333 53.36 -90.80 -5.13
C PHE Q 333 54.69 -90.08 -5.30
N TYR Q 334 55.27 -89.62 -4.20
CA TYR Q 334 56.55 -88.92 -4.23
C TYR Q 334 57.73 -89.86 -3.98
N ARG Q 335 57.55 -91.17 -4.19
CA ARG Q 335 58.62 -92.17 -4.10
C ARG Q 335 59.24 -92.21 -2.70
N HIS Q 336 58.45 -91.87 -1.68
CA HIS Q 336 58.87 -91.93 -0.28
C HIS Q 336 60.18 -91.19 -0.07
N PRO Q 337 60.19 -89.86 -0.15
CA PRO Q 337 61.46 -89.12 -0.11
C PRO Q 337 62.23 -89.26 1.19
N SER Q 338 61.59 -89.72 2.27
CA SER Q 338 62.26 -89.80 3.57
C SER Q 338 63.37 -90.84 3.59
N LYS Q 339 63.42 -91.75 2.61
CA LYS Q 339 64.43 -92.80 2.65
C LYS Q 339 65.82 -92.29 2.27
N ASN Q 340 65.90 -91.24 1.46
CA ASN Q 340 67.16 -90.75 0.95
C ASN Q 340 67.72 -89.56 1.74
N MET Q 341 67.04 -89.16 2.81
CA MET Q 341 67.49 -88.07 3.66
C MET Q 341 67.40 -88.48 5.12
N ALA Q 342 68.32 -87.97 5.93
CA ALA Q 342 68.33 -88.24 7.36
C ALA Q 342 67.33 -87.30 8.03
N VAL Q 343 66.26 -87.87 8.58
CA VAL Q 343 65.20 -87.10 9.22
C VAL Q 343 65.36 -87.23 10.73
N ILE Q 344 65.51 -86.09 11.40
CA ILE Q 344 65.65 -86.03 12.84
C ILE Q 344 64.36 -85.44 13.41
N GLY Q 345 63.71 -86.19 14.29
CA GLY Q 345 62.43 -85.76 14.86
C GLY Q 345 62.62 -85.02 16.17
N VAL Q 346 61.82 -83.97 16.34
CA VAL Q 346 61.82 -83.16 17.55
C VAL Q 346 60.38 -83.04 18.03
N THR Q 347 60.18 -83.22 19.34
CA THR Q 347 58.85 -83.08 19.94
C THR Q 347 58.97 -82.34 21.26
N GLY Q 348 57.89 -81.72 21.67
CA GLY Q 348 57.85 -80.98 22.91
C GLY Q 348 56.92 -79.80 22.82
N THR Q 349 56.72 -79.14 23.97
CA THR Q 349 55.85 -77.97 24.05
C THR Q 349 56.54 -76.69 23.64
N ASN Q 350 57.85 -76.71 23.41
CA ASN Q 350 58.58 -75.50 23.03
C ASN Q 350 59.82 -75.89 22.26
N GLY Q 351 60.38 -74.90 21.54
CA GLY Q 351 61.61 -75.12 20.82
C GLY Q 351 61.49 -75.96 19.57
N LYS Q 352 60.29 -76.22 19.09
CA LYS Q 352 60.13 -77.00 17.87
C LYS Q 352 60.76 -76.30 16.68
N THR Q 353 60.55 -74.99 16.56
CA THR Q 353 61.22 -74.22 15.52
C THR Q 353 62.69 -73.97 15.86
N THR Q 354 62.99 -73.70 17.13
CA THR Q 354 64.35 -73.35 17.52
C THR Q 354 65.32 -74.51 17.31
N THR Q 355 64.90 -75.73 17.67
CA THR Q 355 65.78 -76.89 17.52
C THR Q 355 66.07 -77.17 16.05
N THR Q 356 65.07 -77.03 15.19
CA THR Q 356 65.26 -77.32 13.76
C THR Q 356 66.27 -76.37 13.14
N TYR Q 357 66.19 -75.07 13.46
CA TYR Q 357 67.11 -74.11 12.86
C TYR Q 357 68.52 -74.25 13.42
N LEU Q 358 68.64 -74.53 14.72
CA LEU Q 358 69.96 -74.77 15.30
C LEU Q 358 70.61 -76.00 14.68
N ILE Q 359 69.84 -77.07 14.49
CA ILE Q 359 70.37 -78.28 13.85
C ILE Q 359 70.75 -78.01 12.40
N LYS Q 360 69.87 -77.33 11.66
CA LYS Q 360 70.11 -77.10 10.24
C LYS Q 360 71.34 -76.22 10.02
N SER Q 361 71.43 -75.08 10.70
CA SER Q 361 72.68 -74.29 10.55
C SER Q 361 73.78 -74.84 11.50
N LEU Q 362 73.69 -76.14 11.83
CA LEU Q 362 74.79 -76.89 12.50
C LEU Q 362 75.21 -78.01 11.55
N TYR Q 363 74.25 -78.83 11.13
CA TYR Q 363 74.54 -79.86 10.11
C TYR Q 363 75.23 -79.13 8.97
N GLU Q 364 74.86 -77.86 8.76
CA GLU Q 364 75.51 -77.05 7.73
C GLU Q 364 76.94 -76.70 8.13
N ALA Q 365 77.21 -76.59 9.44
CA ALA Q 365 78.58 -76.44 9.89
C ALA Q 365 79.40 -77.67 9.53
N MET Q 366 78.79 -78.86 9.60
CA MET Q 366 79.41 -80.08 9.13
C MET Q 366 79.49 -80.18 7.62
N GLY Q 367 78.85 -79.25 6.91
CA GLY Q 367 78.83 -79.27 5.45
C GLY Q 367 77.67 -80.01 4.84
N VAL Q 368 76.77 -80.56 5.64
CA VAL Q 368 75.62 -81.31 5.13
C VAL Q 368 74.48 -80.35 4.88
N ARG Q 369 73.88 -80.44 3.68
CA ARG Q 369 72.72 -79.62 3.38
C ARG Q 369 71.54 -80.02 4.25
N THR Q 370 70.86 -79.03 4.81
CA THR Q 370 69.73 -79.27 5.69
C THR Q 370 68.66 -78.20 5.45
N GLY Q 371 67.42 -78.54 5.78
CA GLY Q 371 66.32 -77.61 5.58
C GLY Q 371 65.49 -77.38 6.82
N MET Q 372 64.31 -76.78 6.64
CA MET Q 372 63.43 -76.42 7.74
C MET Q 372 62.05 -77.00 7.52
N PHE Q 373 61.50 -77.64 8.56
CA PHE Q 373 60.11 -78.07 8.60
C PHE Q 373 59.55 -77.54 9.92
N SER Q 374 59.08 -76.30 9.90
CA SER Q 374 58.65 -75.63 11.12
C SER Q 374 57.40 -74.81 10.85
N THR Q 375 56.64 -74.56 11.93
CA THR Q 375 55.45 -73.74 11.81
C THR Q 375 55.80 -72.30 11.45
N VAL Q 376 56.96 -71.82 11.89
CA VAL Q 376 57.36 -70.44 11.61
C VAL Q 376 57.64 -70.26 10.12
N SER Q 377 58.60 -71.02 9.59
CA SER Q 377 58.98 -70.89 8.19
C SER Q 377 59.64 -72.18 7.74
N CYS Q 378 59.70 -72.35 6.42
CA CYS Q 378 60.33 -73.50 5.80
C CYS Q 378 61.44 -73.05 4.86
N TYR Q 379 62.58 -73.74 4.93
CA TYR Q 379 63.71 -73.46 4.07
C TYR Q 379 64.15 -74.75 3.38
N VAL Q 380 64.47 -74.66 2.09
CA VAL Q 380 65.00 -75.82 1.37
C VAL Q 380 66.41 -76.14 1.86
N HIS Q 381 67.33 -75.19 1.68
CA HIS Q 381 68.66 -75.26 2.24
C HIS Q 381 69.30 -73.89 2.14
N GLY Q 382 70.11 -73.56 3.13
CA GLY Q 382 70.74 -72.24 3.18
C GLY Q 382 69.79 -71.15 3.60
N ASP Q 383 69.43 -70.28 2.66
CA ASP Q 383 68.56 -69.14 2.96
C ASP Q 383 67.30 -69.12 2.12
N ASN Q 384 67.09 -70.13 1.27
CA ASN Q 384 65.94 -70.16 0.37
C ASN Q 384 64.69 -70.53 1.16
N LYS Q 385 63.94 -69.51 1.57
CA LYS Q 385 62.70 -69.74 2.28
C LYS Q 385 61.62 -70.26 1.33
N MET Q 386 60.68 -71.02 1.88
CA MET Q 386 59.55 -71.55 1.14
C MET Q 386 58.29 -70.81 1.53
N ASP Q 387 57.46 -70.48 0.54
CA ASP Q 387 56.22 -69.73 0.77
C ASP Q 387 55.21 -70.67 1.41
N SER Q 388 55.41 -70.92 2.70
CA SER Q 388 54.56 -71.86 3.43
C SER Q 388 53.16 -71.27 3.61
N PRO Q 389 52.11 -72.03 3.31
CA PRO Q 389 50.75 -71.53 3.57
C PRO Q 389 50.54 -71.28 5.06
N THR Q 390 49.70 -70.28 5.35
CA THR Q 390 49.49 -69.83 6.73
C THR Q 390 48.57 -70.81 7.45
N THR Q 391 49.12 -71.98 7.74
CA THR Q 391 48.45 -73.01 8.54
C THR Q 391 49.44 -73.57 9.53
N THR Q 392 49.03 -73.69 10.80
CA THR Q 392 49.93 -74.12 11.86
C THR Q 392 50.22 -75.62 11.82
N SER Q 393 49.40 -76.41 11.13
CA SER Q 393 49.57 -77.86 11.08
C SER Q 393 49.49 -78.33 9.63
N PRO Q 394 50.62 -78.52 8.96
CA PRO Q 394 50.59 -79.04 7.60
C PRO Q 394 50.06 -80.46 7.55
N ASP Q 395 49.37 -80.78 6.46
CA ASP Q 395 48.81 -82.11 6.28
C ASP Q 395 49.86 -83.09 5.80
N ALA Q 396 49.51 -84.38 5.82
CA ALA Q 396 50.46 -85.41 5.43
C ALA Q 396 50.88 -85.28 3.97
N VAL Q 397 49.93 -84.97 3.08
CA VAL Q 397 50.27 -84.79 1.68
C VAL Q 397 51.20 -83.59 1.49
N LEU Q 398 50.93 -82.51 2.22
CA LEU Q 398 51.80 -81.33 2.13
C LEU Q 398 53.21 -81.66 2.59
N VAL Q 399 53.34 -82.44 3.67
CA VAL Q 399 54.66 -82.83 4.16
C VAL Q 399 55.40 -83.66 3.13
N GLN Q 400 54.71 -84.66 2.56
CA GLN Q 400 55.32 -85.52 1.54
C GLN Q 400 55.70 -84.72 0.30
N SER Q 401 54.81 -83.84 -0.15
CA SER Q 401 55.10 -83.02 -1.31
C SER Q 401 56.26 -82.05 -1.04
N MET Q 402 56.27 -81.44 0.15
CA MET Q 402 57.33 -80.50 0.49
C MET Q 402 58.68 -81.20 0.59
N MET Q 403 58.71 -82.39 1.19
CA MET Q 403 59.95 -83.14 1.31
C MET Q 403 60.51 -83.53 -0.05
N ALA Q 404 59.63 -83.94 -0.97
CA ALA Q 404 60.09 -84.32 -2.30
C ALA Q 404 60.71 -83.14 -3.03
N LYS Q 405 60.17 -81.94 -2.82
CA LYS Q 405 60.77 -80.74 -3.42
C LYS Q 405 62.15 -80.47 -2.85
N MET Q 406 62.36 -80.72 -1.56
CA MET Q 406 63.65 -80.49 -0.95
C MET Q 406 64.69 -81.49 -1.47
N LEU Q 407 64.34 -82.78 -1.48
CA LEU Q 407 65.29 -83.80 -1.92
C LEU Q 407 65.67 -83.62 -3.39
N HIS Q 408 64.76 -83.08 -4.20
CA HIS Q 408 65.07 -82.83 -5.60
C HIS Q 408 66.09 -81.71 -5.76
N ASN Q 409 66.14 -80.78 -4.80
CA ASN Q 409 67.06 -79.66 -4.86
C ASN Q 409 68.40 -79.96 -4.19
N GLY Q 410 68.63 -81.20 -3.77
CA GLY Q 410 69.88 -81.60 -3.16
C GLY Q 410 69.90 -81.65 -1.65
N THR Q 411 68.74 -81.58 -0.99
CA THR Q 411 68.70 -81.65 0.46
C THR Q 411 69.16 -83.02 0.94
N GLU Q 412 69.95 -83.02 2.02
CA GLU Q 412 70.50 -84.25 2.58
C GLU Q 412 70.00 -84.56 3.98
N ALA Q 413 69.59 -83.55 4.75
CA ALA Q 413 69.07 -83.76 6.10
C ALA Q 413 67.85 -82.89 6.31
N LEU Q 414 67.00 -83.30 7.24
CA LEU Q 414 65.76 -82.57 7.49
C LEU Q 414 65.31 -82.83 8.92
N VAL Q 415 64.72 -81.81 9.53
CA VAL Q 415 64.17 -81.90 10.88
C VAL Q 415 62.75 -81.34 10.84
N MET Q 416 61.81 -82.08 11.41
CA MET Q 416 60.40 -81.75 11.35
C MET Q 416 59.84 -81.52 12.75
N GLU Q 417 58.81 -80.69 12.83
CA GLU Q 417 58.09 -80.48 14.08
C GLU Q 417 57.07 -81.59 14.26
N ALA Q 418 57.35 -82.51 15.18
CA ALA Q 418 56.45 -83.64 15.45
C ALA Q 418 55.54 -83.24 16.62
N SER Q 419 54.60 -82.35 16.33
CA SER Q 419 53.67 -81.89 17.34
C SER Q 419 52.72 -83.02 17.74
N PRO Q 420 52.20 -82.97 18.98
CA PRO Q 420 51.24 -84.01 19.39
C PRO Q 420 50.02 -84.10 18.50
N GLN Q 421 49.53 -82.96 17.99
CA GLN Q 421 48.37 -82.97 17.10
C GLN Q 421 48.69 -83.70 15.80
N GLU Q 422 49.86 -83.45 15.22
CA GLU Q 422 50.19 -84.03 13.92
C GLU Q 422 50.51 -85.51 14.03
N LEU Q 423 51.21 -85.92 15.10
CA LEU Q 423 51.53 -87.32 15.27
C LEU Q 423 50.28 -88.16 15.51
N ALA Q 424 49.36 -87.66 16.34
CA ALA Q 424 48.15 -88.41 16.64
C ALA Q 424 47.22 -88.50 15.43
N SER Q 425 47.08 -87.39 14.69
CA SER Q 425 46.15 -87.34 13.56
C SER Q 425 46.62 -88.16 12.36
N GLY Q 426 47.85 -88.67 12.39
CA GLY Q 426 48.35 -89.45 11.27
C GLY Q 426 49.03 -88.65 10.19
N LYS Q 427 49.40 -87.40 10.48
CA LYS Q 427 50.09 -86.57 9.50
C LYS Q 427 51.58 -86.90 9.40
N CYS Q 428 52.10 -87.78 10.25
CA CYS Q 428 53.49 -88.21 10.21
C CYS Q 428 53.61 -89.72 10.30
N ASP Q 429 52.61 -90.45 9.80
CA ASP Q 429 52.67 -91.91 9.82
C ASP Q 429 53.58 -92.45 8.72
N GLU Q 430 53.64 -91.79 7.57
CA GLU Q 430 54.39 -92.26 6.41
C GLU Q 430 55.71 -91.51 6.23
N VAL Q 431 56.33 -91.10 7.32
CA VAL Q 431 57.63 -90.41 7.29
C VAL Q 431 58.62 -91.23 8.11
N ASP Q 432 59.77 -91.54 7.50
CA ASP Q 432 60.80 -92.33 8.16
C ASP Q 432 61.65 -91.41 9.04
N PHE Q 433 61.64 -91.68 10.35
CA PHE Q 433 62.38 -90.87 11.31
C PHE Q 433 63.63 -91.61 11.76
N ASP Q 434 64.77 -90.93 11.71
CA ASP Q 434 66.03 -91.51 12.18
C ASP Q 434 66.24 -91.22 13.66
N ILE Q 435 66.28 -89.95 14.04
CA ILE Q 435 66.57 -89.54 15.40
C ILE Q 435 65.36 -88.80 15.96
N ALA Q 436 65.01 -89.08 17.21
CA ALA Q 436 63.88 -88.46 17.88
C ALA Q 436 64.38 -87.67 19.08
N VAL Q 437 63.91 -86.43 19.21
CA VAL Q 437 64.33 -85.53 20.27
C VAL Q 437 63.13 -85.17 21.12
N PHE Q 438 63.27 -85.34 22.45
CA PHE Q 438 62.23 -85.00 23.41
C PHE Q 438 62.75 -83.90 24.32
N THR Q 439 61.99 -82.82 24.45
CA THR Q 439 62.39 -81.67 25.24
C THR Q 439 61.60 -81.55 26.54
N ASN Q 440 60.27 -81.50 26.46
CA ASN Q 440 59.44 -81.29 27.63
C ASN Q 440 58.01 -81.68 27.32
N LEU Q 441 57.38 -82.42 28.24
CA LEU Q 441 55.99 -82.83 28.12
C LEU Q 441 55.19 -82.20 29.25
N THR Q 442 54.42 -81.17 28.93
CA THR Q 442 53.61 -80.48 29.92
C THR Q 442 52.23 -80.20 29.34
N ARG Q 443 51.24 -80.14 30.23
CA ARG Q 443 49.85 -79.87 29.84
C ARG Q 443 49.71 -78.38 29.57
N GLU Q 444 50.01 -78.00 28.33
CA GLU Q 444 49.96 -76.59 27.91
C GLU Q 444 48.99 -76.33 26.78
N ASP Q 445 48.94 -77.21 25.78
CA ASP Q 445 48.03 -77.03 24.65
C ASP Q 445 46.60 -77.29 25.11
N SER Q 446 45.80 -76.23 25.22
CA SER Q 446 44.40 -76.36 25.60
C SER Q 446 43.52 -76.79 24.44
N ASP Q 447 44.00 -76.72 23.21
CA ASP Q 447 43.23 -77.14 22.04
C ASP Q 447 43.33 -78.64 21.77
N PHE Q 448 44.17 -79.36 22.52
CA PHE Q 448 44.33 -80.79 22.30
C PHE Q 448 43.06 -81.52 22.70
N ARG Q 449 42.47 -82.24 21.75
CA ARG Q 449 41.22 -82.98 21.99
C ARG Q 449 41.55 -84.38 22.52
N GLY Q 450 42.10 -84.39 23.73
CA GLY Q 450 42.46 -85.65 24.36
C GLY Q 450 42.86 -85.43 25.81
N THR Q 451 42.99 -86.54 26.53
CA THR Q 451 43.35 -86.51 27.94
C THR Q 451 44.87 -86.47 28.10
N ASP Q 452 45.32 -86.50 29.35
CA ASP Q 452 46.76 -86.46 29.63
C ASP Q 452 47.47 -87.71 29.11
N GLU Q 453 46.87 -88.88 29.33
CA GLU Q 453 47.50 -90.12 28.87
C GLU Q 453 47.56 -90.17 27.35
N GLU Q 454 46.48 -89.78 26.68
CA GLU Q 454 46.49 -89.75 25.22
C GLU Q 454 47.47 -88.71 24.69
N TYR Q 455 47.57 -87.57 25.39
CA TYR Q 455 48.57 -86.56 25.03
C TYR Q 455 49.98 -87.12 25.19
N ARG Q 456 50.22 -87.85 26.28
CA ARG Q 456 51.52 -88.50 26.45
C ARG Q 456 51.73 -89.58 25.39
N ASP Q 457 50.69 -90.37 25.10
CA ASP Q 457 50.80 -91.39 24.07
C ASP Q 457 50.88 -90.80 22.67
N ALA Q 458 50.44 -89.56 22.49
CA ALA Q 458 50.57 -88.91 21.18
C ALA Q 458 52.03 -88.73 20.81
N GLU Q 459 52.84 -88.19 21.72
CA GLU Q 459 54.27 -88.07 21.49
C GLU Q 459 55.00 -89.39 21.64
N ALA Q 460 54.39 -90.37 22.32
CA ALA Q 460 55.01 -91.69 22.45
C ALA Q 460 55.09 -92.41 21.11
N LYS Q 461 54.24 -92.05 20.14
CA LYS Q 461 54.33 -92.66 18.83
C LYS Q 461 55.63 -92.31 18.13
N LEU Q 462 56.20 -91.15 18.44
CA LEU Q 462 57.48 -90.76 17.84
C LEU Q 462 58.58 -91.71 18.25
N PHE Q 463 58.62 -92.10 19.52
CA PHE Q 463 59.63 -93.03 20.03
C PHE Q 463 59.17 -94.48 19.97
N ALA Q 464 57.93 -94.75 19.56
CA ALA Q 464 57.48 -96.13 19.41
C ALA Q 464 57.99 -96.76 18.13
N ARG Q 465 58.60 -95.98 17.25
CA ARG Q 465 59.17 -96.47 16.00
C ARG Q 465 60.66 -96.76 16.09
N MET Q 466 61.23 -96.69 17.30
CA MET Q 466 62.67 -96.85 17.51
C MET Q 466 62.99 -98.33 17.47
N VAL Q 467 63.40 -98.82 16.30
CA VAL Q 467 63.69 -100.24 16.08
C VAL Q 467 65.17 -100.47 15.76
N ASP Q 468 65.66 -99.87 14.68
CA ASP Q 468 67.02 -100.14 14.21
C ASP Q 468 68.02 -99.44 15.12
N PRO Q 469 68.97 -100.17 15.74
CA PRO Q 469 69.93 -99.53 16.63
C PRO Q 469 70.98 -98.72 15.89
N GLU Q 470 71.41 -99.22 14.73
CA GLU Q 470 72.49 -98.57 13.99
C GLU Q 470 72.06 -97.25 13.38
N ARG Q 471 70.83 -97.18 12.86
CA ARG Q 471 70.35 -96.00 12.15
C ARG Q 471 69.69 -94.98 13.06
N HIS Q 472 69.16 -95.41 14.21
CA HIS Q 472 68.35 -94.54 15.06
C HIS Q 472 69.06 -94.26 16.37
N ARG Q 473 68.82 -93.06 16.91
CA ARG Q 473 69.35 -92.62 18.18
C ARG Q 473 68.23 -92.00 19.01
N LYS Q 474 68.33 -92.14 20.33
CA LYS Q 474 67.35 -91.59 21.26
C LYS Q 474 67.89 -90.32 21.90
N VAL Q 475 67.09 -89.27 21.89
CA VAL Q 475 67.43 -87.99 22.52
C VAL Q 475 66.25 -87.62 23.42
N VAL Q 476 66.42 -87.80 24.73
CA VAL Q 476 65.35 -87.60 25.69
C VAL Q 476 65.86 -86.72 26.84
N ASN Q 477 65.07 -85.72 27.20
CA ASN Q 477 65.38 -84.87 28.35
C ASN Q 477 65.05 -85.61 29.64
N ILE Q 478 66.00 -85.63 30.57
CA ILE Q 478 65.80 -86.34 31.83
C ILE Q 478 65.13 -85.47 32.89
N ASP Q 479 65.38 -84.16 32.87
CA ASP Q 479 64.79 -83.27 33.88
C ASP Q 479 63.28 -83.38 33.90
N ASP Q 480 62.65 -83.57 32.74
CA ASP Q 480 61.22 -83.76 32.70
C ASP Q 480 60.85 -85.08 33.39
N PRO Q 481 59.83 -85.08 34.26
CA PRO Q 481 59.45 -86.32 34.95
C PRO Q 481 59.04 -87.45 34.03
N ASN Q 482 58.58 -87.16 32.82
CA ASN Q 482 58.16 -88.19 31.87
C ASN Q 482 59.33 -88.81 31.11
N ALA Q 483 60.56 -88.60 31.58
CA ALA Q 483 61.72 -89.16 30.89
C ALA Q 483 61.71 -90.68 30.89
N ALA Q 484 61.38 -91.29 32.04
CA ALA Q 484 61.42 -92.74 32.14
C ALA Q 484 60.42 -93.41 31.22
N PHE Q 485 59.33 -92.73 30.88
CA PHE Q 485 58.32 -93.33 30.02
C PHE Q 485 58.78 -93.36 28.56
N PHE Q 486 59.48 -92.31 28.12
CA PHE Q 486 59.90 -92.24 26.72
C PHE Q 486 61.09 -93.16 26.44
N VAL Q 487 62.01 -93.28 27.39
CA VAL Q 487 63.22 -94.06 27.16
C VAL Q 487 62.94 -95.55 27.01
N GLN Q 488 61.79 -96.03 27.48
CA GLN Q 488 61.45 -97.44 27.39
C GLN Q 488 60.76 -97.82 26.09
N GLN Q 489 60.38 -96.84 25.27
CA GLN Q 489 59.69 -97.15 24.03
C GLN Q 489 60.66 -97.65 22.96
N GLY Q 490 60.17 -98.54 22.12
CA GLY Q 490 60.97 -99.06 21.04
C GLY Q 490 62.04 -100.04 21.52
N ASN Q 491 63.04 -100.22 20.67
CA ASN Q 491 64.15 -101.13 20.98
C ASN Q 491 65.03 -100.53 22.06
N PRO Q 492 65.21 -101.19 23.20
CA PRO Q 492 66.09 -100.64 24.24
C PRO Q 492 67.55 -100.54 23.82
N ASP Q 493 67.98 -101.32 22.82
CA ASP Q 493 69.38 -101.31 22.41
C ASP Q 493 69.78 -100.03 21.69
N VAL Q 494 68.82 -99.21 21.28
CA VAL Q 494 69.15 -97.95 20.60
C VAL Q 494 69.87 -97.03 21.57
N PRO Q 495 70.98 -96.40 21.16
CA PRO Q 495 71.70 -95.50 22.09
C PRO Q 495 70.82 -94.35 22.54
N VAL Q 496 71.02 -93.94 23.79
CA VAL Q 496 70.24 -92.87 24.42
C VAL Q 496 71.19 -91.75 24.79
N VAL Q 497 70.88 -90.53 24.32
CA VAL Q 497 71.63 -89.34 24.64
C VAL Q 497 70.69 -88.39 25.38
N THR Q 498 71.11 -87.92 26.55
CA THR Q 498 70.25 -87.18 27.45
C THR Q 498 70.88 -85.83 27.80
N PHE Q 499 70.03 -84.83 28.03
CA PHE Q 499 70.47 -83.50 28.40
C PHE Q 499 69.59 -82.97 29.51
N ALA Q 500 70.22 -82.36 30.52
CA ALA Q 500 69.51 -81.77 31.65
C ALA Q 500 70.44 -80.82 32.37
N MET Q 501 69.85 -79.84 33.06
CA MET Q 501 70.63 -78.87 33.81
C MET Q 501 70.85 -79.31 35.25
N GLU Q 502 69.77 -79.54 36.00
CA GLU Q 502 69.91 -79.92 37.41
C GLU Q 502 70.50 -81.32 37.56
N ASN Q 503 70.12 -82.24 36.68
CA ASN Q 503 70.55 -83.63 36.77
C ASN Q 503 71.89 -83.79 36.05
N THR Q 504 72.95 -84.03 36.82
CA THR Q 504 74.27 -84.23 36.25
C THR Q 504 74.50 -85.65 35.74
N LYS Q 505 73.59 -86.58 36.05
CA LYS Q 505 73.74 -87.96 35.57
C LYS Q 505 73.61 -88.07 34.06
N ALA Q 506 73.01 -87.07 33.41
CA ALA Q 506 72.86 -87.09 31.97
C ALA Q 506 74.20 -86.89 31.28
N ASP Q 507 74.27 -87.32 30.02
CA ASP Q 507 75.50 -87.14 29.24
C ASP Q 507 75.83 -85.67 29.07
N VAL Q 508 74.83 -84.84 28.78
CA VAL Q 508 75.01 -83.41 28.55
C VAL Q 508 74.39 -82.66 29.72
N HIS Q 509 75.20 -81.86 30.41
CA HIS Q 509 74.71 -81.05 31.51
C HIS Q 509 75.56 -79.79 31.63
N PRO Q 510 74.94 -78.61 31.62
CA PRO Q 510 75.71 -77.37 31.79
C PRO Q 510 76.31 -77.27 33.19
N LEU Q 511 77.46 -76.60 33.26
CA LEU Q 511 78.19 -76.43 34.51
C LEU Q 511 78.01 -75.04 35.12
N LYS Q 512 78.13 -73.99 34.30
CA LYS Q 512 77.92 -72.62 34.77
C LYS Q 512 77.35 -71.80 33.63
N PHE Q 513 76.33 -71.00 33.93
CA PHE Q 513 75.68 -70.17 32.93
C PHE Q 513 75.59 -68.73 33.42
N GLU Q 514 75.83 -67.79 32.50
CA GLU Q 514 75.69 -66.36 32.76
C GLU Q 514 74.63 -65.80 31.82
N LEU Q 515 73.70 -65.04 32.38
CA LEU Q 515 72.61 -64.44 31.62
C LEU Q 515 72.80 -62.93 31.52
N SER Q 516 72.53 -62.40 30.32
CA SER Q 516 72.63 -60.98 30.08
C SER Q 516 71.50 -60.56 29.14
N LEU Q 517 71.37 -59.25 28.94
CA LEU Q 517 70.30 -58.72 28.11
C LEU Q 517 70.51 -58.95 26.62
N PHE Q 518 71.72 -59.27 26.20
CA PHE Q 518 72.04 -59.38 24.79
C PHE Q 518 72.75 -60.67 24.39
N GLU Q 519 73.32 -61.43 25.33
CA GLU Q 519 73.99 -62.67 25.00
C GLU Q 519 73.91 -63.61 26.19
N THR Q 520 74.11 -64.90 25.93
CA THR Q 520 74.09 -65.92 26.96
C THR Q 520 75.37 -66.74 26.89
N GLN Q 521 76.03 -66.88 28.04
CA GLN Q 521 77.24 -67.69 28.15
C GLN Q 521 76.95 -68.89 29.02
N VAL Q 522 77.02 -70.09 28.43
CA VAL Q 522 76.74 -71.33 29.15
C VAL Q 522 77.94 -72.26 28.99
N LEU Q 523 78.36 -72.85 30.10
CA LEU Q 523 79.46 -73.82 30.12
C LEU Q 523 78.85 -75.21 30.28
N VAL Q 524 78.97 -76.04 29.24
CA VAL Q 524 78.30 -77.33 29.22
C VAL Q 524 79.34 -78.44 29.21
N ASN Q 525 78.96 -79.60 29.75
CA ASN Q 525 79.79 -80.78 29.81
C ASN Q 525 79.18 -81.89 28.96
N THR Q 526 79.98 -82.45 28.06
CA THR Q 526 79.57 -83.54 27.19
C THR Q 526 80.55 -84.69 27.34
N PRO Q 527 80.14 -85.92 27.01
CA PRO Q 527 81.09 -87.03 27.07
C PRO Q 527 82.30 -86.85 26.17
N GLN Q 528 82.15 -86.15 25.04
CA GLN Q 528 83.28 -85.86 24.17
C GLN Q 528 84.14 -84.72 24.68
N GLY Q 529 83.66 -83.94 25.63
CA GLY Q 529 84.44 -82.86 26.20
C GLY Q 529 83.56 -81.74 26.69
N ILE Q 530 84.18 -80.80 27.39
CA ILE Q 530 83.49 -79.63 27.94
C ILE Q 530 83.52 -78.51 26.91
N LEU Q 531 82.35 -77.95 26.61
CA LEU Q 531 82.20 -76.90 25.62
C LEU Q 531 81.86 -75.58 26.30
N GLU Q 532 82.47 -74.50 25.81
CA GLU Q 532 82.13 -73.15 26.24
C GLU Q 532 81.32 -72.49 25.12
N ILE Q 533 80.12 -72.03 25.47
CA ILE Q 533 79.16 -71.52 24.50
C ILE Q 533 78.84 -70.07 24.82
N SER Q 534 78.94 -69.20 23.81
CA SER Q 534 78.57 -67.80 23.92
C SER Q 534 77.53 -67.53 22.83
N SER Q 535 76.27 -67.78 23.15
CA SER Q 535 75.17 -67.67 22.20
C SER Q 535 74.30 -66.48 22.52
N GLY Q 536 73.71 -65.90 21.48
CA GLY Q 536 72.85 -64.74 21.62
C GLY Q 536 71.41 -65.02 22.01
N LEU Q 537 71.06 -66.29 22.23
CA LEU Q 537 69.70 -66.62 22.62
C LEU Q 537 69.40 -66.11 24.03
N LEU Q 538 68.12 -65.83 24.27
CA LEU Q 538 67.68 -65.15 25.49
C LEU Q 538 67.14 -66.16 26.50
N GLY Q 539 67.49 -65.96 27.77
CA GLY Q 539 66.94 -66.78 28.83
C GLY Q 539 67.52 -68.18 28.85
N ARG Q 540 66.76 -69.11 29.41
CA ARG Q 540 67.16 -70.50 29.51
C ARG Q 540 66.22 -71.45 28.79
N HIS Q 541 65.11 -70.98 28.24
CA HIS Q 541 64.22 -71.85 27.48
C HIS Q 541 64.86 -72.28 26.16
N ASN Q 542 65.68 -71.42 25.56
CA ASN Q 542 66.41 -71.76 24.35
C ASN Q 542 67.68 -72.54 24.62
N ILE Q 543 68.10 -72.66 25.89
CA ILE Q 543 69.27 -73.45 26.22
C ILE Q 543 69.03 -74.93 25.93
N TYR Q 544 67.82 -75.41 26.20
CA TYR Q 544 67.48 -76.80 25.88
C TYR Q 544 67.63 -77.08 24.39
N ASN Q 545 67.20 -76.14 23.56
CA ASN Q 545 67.41 -76.27 22.12
C ASN Q 545 68.90 -76.28 21.79
N ILE Q 546 69.68 -75.44 22.48
CA ILE Q 546 71.13 -75.52 22.37
C ILE Q 546 71.63 -76.87 22.88
N LEU Q 547 71.11 -77.31 24.03
CA LEU Q 547 71.49 -78.62 24.55
C LEU Q 547 71.06 -79.74 23.61
N ALA Q 548 69.86 -79.62 23.03
CA ALA Q 548 69.39 -80.64 22.09
C ALA Q 548 70.32 -80.75 20.89
N ALA Q 549 70.74 -79.61 20.34
CA ALA Q 549 71.72 -79.64 19.25
C ALA Q 549 73.03 -80.24 19.71
N VAL Q 550 73.45 -79.92 20.94
CA VAL Q 550 74.62 -80.56 21.52
C VAL Q 550 74.38 -82.06 21.70
N ALA Q 551 73.20 -82.42 22.22
CA ALA Q 551 72.88 -83.82 22.43
C ALA Q 551 72.84 -84.59 21.11
N VAL Q 552 72.22 -84.01 20.08
CA VAL Q 552 72.22 -84.64 18.77
C VAL Q 552 73.63 -84.71 18.20
N GLY Q 553 74.42 -83.66 18.42
CA GLY Q 553 75.81 -83.67 17.99
C GLY Q 553 76.60 -84.80 18.63
N ILE Q 554 76.42 -85.00 19.93
CA ILE Q 554 77.04 -86.13 20.61
C ILE Q 554 76.44 -87.44 20.10
N ALA Q 555 75.14 -87.43 19.80
CA ALA Q 555 74.48 -88.64 19.32
C ALA Q 555 75.05 -89.09 17.97
N VAL Q 556 75.31 -88.13 17.07
CA VAL Q 556 75.83 -88.45 15.75
C VAL Q 556 77.35 -88.41 15.78
N GLY Q 557 77.92 -88.21 16.98
CA GLY Q 557 79.36 -88.11 17.12
C GLY Q 557 79.95 -86.93 16.39
N ALA Q 558 79.23 -85.80 16.36
CA ALA Q 558 79.73 -84.61 15.68
C ALA Q 558 80.92 -84.04 16.45
N PRO Q 559 81.98 -83.64 15.74
CA PRO Q 559 83.11 -82.99 16.43
C PRO Q 559 82.67 -81.73 17.15
N LEU Q 560 83.29 -81.49 18.31
CA LEU Q 560 82.89 -80.38 19.16
C LEU Q 560 83.12 -79.02 18.52
N GLU Q 561 84.04 -78.93 17.56
CA GLU Q 561 84.31 -77.64 16.92
C GLU Q 561 83.11 -77.14 16.13
N ASP Q 562 82.42 -78.03 15.40
CA ASP Q 562 81.26 -77.62 14.64
C ASP Q 562 80.06 -77.35 15.52
N ILE Q 563 79.99 -77.98 16.69
CA ILE Q 563 78.88 -77.74 17.61
C ILE Q 563 78.91 -76.30 18.11
N VAL Q 564 80.11 -75.77 18.37
CA VAL Q 564 80.24 -74.39 18.79
C VAL Q 564 79.77 -73.45 17.68
N ARG Q 565 80.20 -73.71 16.44
CA ARG Q 565 79.85 -72.83 15.33
C ARG Q 565 78.35 -72.85 15.06
N GLY Q 566 77.74 -74.03 15.10
CA GLY Q 566 76.31 -74.12 14.80
C GLY Q 566 75.45 -73.40 15.81
N VAL Q 567 75.77 -73.55 17.10
CA VAL Q 567 75.01 -72.89 18.15
C VAL Q 567 75.21 -71.38 18.11
N GLU Q 568 76.47 -70.94 18.00
CA GLU Q 568 76.76 -69.51 18.02
C GLU Q 568 76.27 -68.79 16.78
N GLU Q 569 76.09 -69.51 15.66
CA GLU Q 569 75.59 -68.86 14.45
C GLU Q 569 74.17 -68.34 14.64
N VAL Q 570 73.32 -69.13 15.32
CA VAL Q 570 71.94 -68.73 15.54
C VAL Q 570 71.91 -67.61 16.58
N ASP Q 571 71.30 -66.49 16.21
CA ASP Q 571 71.20 -65.33 17.08
C ASP Q 571 69.76 -64.97 17.42
N ALA Q 572 68.87 -64.96 16.43
CA ALA Q 572 67.46 -64.62 16.66
C ALA Q 572 66.62 -65.51 15.76
N VAL Q 573 66.06 -66.57 16.34
CA VAL Q 573 65.23 -67.49 15.57
C VAL Q 573 63.99 -66.75 15.08
N PRO Q 574 63.62 -66.85 13.80
CA PRO Q 574 62.41 -66.16 13.33
C PRO Q 574 61.17 -66.66 14.05
N GLY Q 575 60.26 -65.73 14.33
CA GLY Q 575 59.01 -66.05 14.98
C GLY Q 575 59.14 -66.53 16.41
N ARG Q 576 60.33 -66.43 17.01
CA ARG Q 576 60.53 -66.90 18.38
C ARG Q 576 61.62 -66.03 19.01
N CYS Q 577 61.20 -64.98 19.72
CA CYS Q 577 62.10 -64.09 20.43
C CYS Q 577 63.16 -63.51 19.50
N GLU Q 578 62.75 -63.15 18.29
CA GLU Q 578 63.66 -62.55 17.31
C GLU Q 578 63.97 -61.13 17.76
N LEU Q 579 65.14 -60.95 18.38
CA LEU Q 579 65.47 -59.67 18.98
C LEU Q 579 65.69 -58.61 17.92
N ILE Q 580 65.14 -57.42 18.17
CA ILE Q 580 65.30 -56.27 17.29
C ILE Q 580 66.37 -55.39 17.92
N ASP Q 581 67.59 -55.48 17.40
CA ASP Q 581 68.73 -54.75 17.95
C ASP Q 581 69.07 -53.59 17.03
N GLU Q 582 69.03 -52.38 17.58
CA GLU Q 582 69.37 -51.15 16.85
C GLU Q 582 70.27 -50.27 17.70
N GLU Q 583 71.30 -50.89 18.28
CA GLU Q 583 72.33 -50.18 19.06
C GLU Q 583 71.71 -49.40 20.22
N GLN Q 584 70.69 -49.97 20.83
CA GLN Q 584 70.02 -49.34 21.96
C GLN Q 584 70.47 -49.97 23.28
N ALA Q 585 69.98 -49.40 24.37
CA ALA Q 585 70.27 -49.89 25.72
C ALA Q 585 69.23 -50.88 26.22
N PHE Q 586 68.55 -51.58 25.32
CA PHE Q 586 67.48 -52.51 25.67
C PHE Q 586 67.31 -53.50 24.52
N GLY Q 587 66.21 -54.27 24.57
CA GLY Q 587 65.97 -55.27 23.55
C GLY Q 587 64.49 -55.35 23.22
N VAL Q 588 64.21 -55.76 21.99
CA VAL Q 588 62.86 -55.90 21.47
C VAL Q 588 62.75 -57.27 20.81
N ILE Q 589 61.95 -58.16 21.40
CA ILE Q 589 61.78 -59.50 20.88
C ILE Q 589 60.31 -59.72 20.54
N VAL Q 590 60.06 -60.70 19.68
CA VAL Q 590 58.72 -61.02 19.19
C VAL Q 590 58.45 -62.48 19.47
N ASP Q 591 57.33 -62.76 20.13
CA ASP Q 591 56.89 -64.12 20.41
C ASP Q 591 55.46 -64.31 19.90
N HIS Q 592 55.18 -65.51 19.40
CA HIS Q 592 53.89 -65.83 18.81
C HIS Q 592 52.86 -66.24 19.86
N ALA Q 593 53.19 -66.15 21.14
CA ALA Q 593 52.33 -66.63 22.21
C ALA Q 593 51.02 -65.85 22.27
N ASN Q 594 49.92 -66.50 21.90
CA ASN Q 594 48.59 -65.92 21.98
C ASN Q 594 47.72 -66.62 23.01
N THR Q 595 48.30 -67.52 23.81
CA THR Q 595 47.60 -68.25 24.85
C THR Q 595 48.11 -67.83 26.23
N PRO Q 596 47.27 -67.92 27.27
CA PRO Q 596 47.73 -67.48 28.60
C PRO Q 596 48.95 -68.21 29.11
N ASP Q 597 49.06 -69.52 28.84
CA ASP Q 597 50.19 -70.28 29.36
C ASP Q 597 51.50 -69.85 28.72
N GLY Q 598 51.52 -69.74 27.39
CA GLY Q 598 52.73 -69.34 26.71
C GLY Q 598 53.17 -67.93 27.08
N LEU Q 599 52.22 -67.00 27.15
CA LEU Q 599 52.54 -65.63 27.54
C LEU Q 599 53.04 -65.58 28.98
N SER Q 600 52.42 -66.35 29.87
CA SER Q 600 52.88 -66.39 31.26
C SER Q 600 54.31 -66.91 31.35
N ARG Q 601 54.60 -67.99 30.63
CA ARG Q 601 55.95 -68.55 30.64
C ARG Q 601 56.95 -67.56 30.06
N LEU Q 602 56.60 -66.88 28.97
CA LEU Q 602 57.51 -65.92 28.37
C LEU Q 602 57.78 -64.74 29.31
N LEU Q 603 56.74 -64.22 29.95
CA LEU Q 603 56.93 -63.09 30.86
C LEU Q 603 57.71 -63.51 32.10
N ASP Q 604 57.55 -64.75 32.56
CA ASP Q 604 58.40 -65.26 33.64
C ASP Q 604 59.84 -65.37 33.18
N SER Q 605 60.06 -65.81 31.94
CA SER Q 605 61.41 -65.98 31.43
C SER Q 605 62.10 -64.63 31.21
N VAL Q 606 61.32 -63.57 30.95
CA VAL Q 606 61.92 -62.24 30.81
C VAL Q 606 62.50 -61.78 32.15
N ARG Q 607 61.85 -62.15 33.26
CA ARG Q 607 62.31 -61.69 34.57
C ARG Q 607 63.70 -62.22 34.89
N GLU Q 608 63.98 -63.47 34.57
CA GLU Q 608 65.28 -64.07 34.85
C GLU Q 608 66.40 -63.45 34.03
N LEU Q 609 66.08 -62.68 32.98
CA LEU Q 609 67.07 -62.01 32.17
C LEU Q 609 67.55 -60.70 32.80
N LYS Q 610 67.09 -60.39 34.02
CA LYS Q 610 67.42 -59.17 34.75
C LYS Q 610 67.06 -57.92 33.96
N PRO Q 611 65.77 -57.62 33.79
CA PRO Q 611 65.38 -56.31 33.27
C PRO Q 611 65.09 -55.33 34.39
N ARG Q 612 65.54 -54.09 34.19
CA ARG Q 612 65.29 -53.05 35.18
C ARG Q 612 63.80 -52.72 35.28
N ARG Q 613 63.15 -52.51 34.13
CA ARG Q 613 61.72 -52.29 34.08
C ARG Q 613 61.16 -53.06 32.88
N ILE Q 614 59.99 -53.67 33.08
CA ILE Q 614 59.38 -54.54 32.08
C ILE Q 614 58.19 -53.80 31.48
N ILE Q 615 58.15 -53.72 30.15
CA ILE Q 615 57.06 -53.08 29.41
C ILE Q 615 56.50 -54.10 28.43
N THR Q 616 55.18 -54.27 28.43
CA THR Q 616 54.54 -55.31 27.65
C THR Q 616 53.44 -54.72 26.78
N VAL Q 617 53.33 -55.25 25.56
CA VAL Q 617 52.29 -54.88 24.60
C VAL Q 617 51.63 -56.17 24.15
N ILE Q 618 50.30 -56.26 24.28
CA ILE Q 618 49.57 -57.49 24.02
C ILE Q 618 48.16 -57.15 23.56
N GLY Q 619 47.45 -58.17 23.06
CA GLY Q 619 46.06 -58.04 22.67
C GLY Q 619 45.42 -59.40 22.52
N CYS Q 620 44.17 -59.39 22.06
CA CYS Q 620 43.44 -60.62 21.81
C CYS Q 620 42.56 -60.45 20.58
N ALA Q 621 42.24 -61.58 19.96
CA ALA Q 621 41.49 -61.59 18.71
C ALA Q 621 40.00 -61.40 19.00
N GLY Q 622 39.17 -61.50 17.96
CA GLY Q 622 37.73 -61.33 18.09
C GLY Q 622 36.99 -62.52 17.51
N GLU Q 623 35.70 -62.60 17.84
CA GLU Q 623 34.80 -63.66 17.42
C GLU Q 623 35.23 -65.02 17.97
N ASN Q 624 36.29 -65.04 18.79
CA ASN Q 624 36.85 -66.28 19.31
C ASN Q 624 37.48 -66.00 20.67
N GLU Q 625 37.85 -67.09 21.36
CA GLU Q 625 38.60 -67.08 22.61
C GLU Q 625 38.14 -65.99 23.58
N ARG Q 626 36.83 -65.77 23.65
CA ARG Q 626 36.29 -64.68 24.46
C ARG Q 626 36.42 -64.92 25.95
N GLY Q 627 36.77 -66.13 26.38
CA GLY Q 627 36.67 -66.49 27.79
C GLY Q 627 37.79 -66.00 28.67
N LYS Q 628 38.95 -65.66 28.11
CA LYS Q 628 40.13 -65.39 28.93
C LYS Q 628 40.86 -64.14 28.46
N ARG Q 629 40.10 -63.11 28.06
CA ARG Q 629 40.73 -61.84 27.75
C ARG Q 629 41.40 -61.17 28.95
N PRO Q 630 40.81 -61.10 30.15
CA PRO Q 630 41.47 -60.36 31.24
C PRO Q 630 42.70 -61.02 31.82
N VAL Q 631 42.92 -62.32 31.60
CA VAL Q 631 44.03 -63.00 32.26
C VAL Q 631 45.38 -62.53 31.71
N MET Q 632 45.46 -62.30 30.40
CA MET Q 632 46.73 -61.85 29.80
C MET Q 632 47.14 -60.50 30.36
N THR Q 633 46.21 -59.55 30.42
CA THR Q 633 46.54 -58.25 30.96
C THR Q 633 46.75 -58.30 32.46
N LYS Q 634 46.08 -59.23 33.16
CA LYS Q 634 46.34 -59.40 34.59
C LYS Q 634 47.77 -59.83 34.84
N ILE Q 635 48.23 -60.85 34.11
CA ILE Q 635 49.60 -61.31 34.30
C ILE Q 635 50.60 -60.24 33.84
N ALA Q 636 50.25 -59.49 32.79
CA ALA Q 636 51.12 -58.40 32.34
C ALA Q 636 51.24 -57.32 33.41
N THR Q 637 50.13 -56.91 34.00
CA THR Q 637 50.18 -55.88 35.03
C THR Q 637 50.92 -56.35 36.27
N GLU Q 638 50.70 -57.60 36.68
CA GLU Q 638 51.37 -58.10 37.87
C GLU Q 638 52.84 -58.46 37.63
N LYS Q 639 53.26 -58.61 36.37
CA LYS Q 639 54.66 -58.90 36.07
C LYS Q 639 55.41 -57.73 35.47
N SER Q 640 54.75 -56.86 34.71
CA SER Q 640 55.38 -55.73 34.06
C SER Q 640 55.02 -54.43 34.78
N ASP Q 641 55.92 -53.45 34.71
CA ASP Q 641 55.70 -52.18 35.38
C ASP Q 641 54.72 -51.30 34.61
N VAL Q 642 55.06 -50.95 33.37
CA VAL Q 642 54.20 -50.16 32.51
C VAL Q 642 53.82 -51.04 31.32
N THR Q 643 52.51 -51.24 31.13
CA THR Q 643 52.02 -52.15 30.11
C THR Q 643 51.09 -51.41 29.16
N MET Q 644 51.55 -51.19 27.93
CA MET Q 644 50.66 -50.70 26.89
C MET Q 644 49.66 -51.78 26.51
N LEU Q 645 48.48 -51.34 26.05
CA LEU Q 645 47.41 -52.26 25.69
C LEU Q 645 46.96 -52.00 24.26
N THR Q 646 46.62 -53.07 23.56
CA THR Q 646 46.15 -53.01 22.18
C THR Q 646 45.44 -54.32 21.86
N SER Q 647 45.19 -54.57 20.58
CA SER Q 647 44.60 -55.81 20.12
C SER Q 647 45.60 -56.61 19.31
N ASP Q 648 45.31 -57.89 19.12
CA ASP Q 648 46.10 -58.76 18.26
C ASP Q 648 45.52 -58.79 16.84
N ASN Q 649 44.26 -59.22 16.72
CA ASN Q 649 43.56 -59.22 15.45
C ASN Q 649 42.08 -59.00 15.71
N PRO Q 650 41.64 -57.73 15.70
CA PRO Q 650 40.24 -57.45 16.07
C PRO Q 650 39.23 -58.17 15.21
N GLY Q 651 39.51 -58.33 13.92
CA GLY Q 651 38.56 -58.97 13.04
C GLY Q 651 37.30 -58.13 12.90
N ASN Q 652 36.19 -58.81 12.61
CA ASN Q 652 34.90 -58.12 12.51
C ASN Q 652 34.45 -57.57 13.84
N GLU Q 653 34.92 -58.12 14.95
CA GLU Q 653 34.58 -57.59 16.26
C GLU Q 653 35.33 -56.28 16.51
N ASP Q 654 34.64 -55.33 17.13
CA ASP Q 654 35.23 -54.02 17.37
C ASP Q 654 36.35 -54.12 18.39
N PRO Q 655 37.55 -53.59 18.09
CA PRO Q 655 38.66 -53.69 19.05
C PRO Q 655 38.42 -52.94 20.35
N LEU Q 656 37.56 -51.92 20.36
CA LEU Q 656 37.31 -51.17 21.58
C LEU Q 656 36.70 -52.05 22.67
N ASP Q 657 35.79 -52.94 22.29
CA ASP Q 657 35.19 -53.86 23.25
C ASP Q 657 36.25 -54.79 23.84
N ILE Q 658 37.15 -55.30 23.01
CA ILE Q 658 38.22 -56.17 23.50
C ILE Q 658 39.12 -55.41 24.45
N LEU Q 659 39.49 -54.17 24.09
CA LEU Q 659 40.37 -53.38 24.94
C LEU Q 659 39.71 -53.03 26.27
N ASP Q 660 38.38 -52.87 26.27
CA ASP Q 660 37.67 -52.71 27.53
C ASP Q 660 37.67 -54.01 28.32
N ASP Q 661 37.55 -55.15 27.63
CA ASP Q 661 37.62 -56.44 28.30
C ASP Q 661 38.98 -56.66 28.95
N MET Q 662 40.03 -56.01 28.42
CA MET Q 662 41.34 -56.10 29.05
C MET Q 662 41.32 -55.50 30.45
N LEU Q 663 40.74 -54.31 30.59
CA LEU Q 663 40.75 -53.64 31.88
C LEU Q 663 39.85 -54.31 32.91
N SER Q 664 39.02 -55.28 32.49
CA SER Q 664 38.11 -55.93 33.43
C SER Q 664 38.85 -56.73 34.49
N GLY Q 665 40.06 -57.20 34.18
CA GLY Q 665 40.83 -57.99 35.12
C GLY Q 665 41.60 -57.20 36.16
N ILE Q 666 41.57 -55.87 36.10
CA ILE Q 666 42.27 -55.01 37.04
C ILE Q 666 41.32 -54.13 37.83
N GLY Q 667 40.05 -54.03 37.43
CA GLY Q 667 39.11 -53.15 38.08
C GLY Q 667 38.81 -51.87 37.35
N TRP Q 668 39.30 -51.71 36.12
CA TRP Q 668 39.04 -50.54 35.29
C TRP Q 668 38.13 -50.91 34.13
N THR Q 669 37.60 -49.87 33.48
CA THR Q 669 36.87 -50.00 32.24
C THR Q 669 37.35 -48.92 31.29
N MET Q 670 37.04 -49.10 30.00
CA MET Q 670 37.40 -48.07 29.04
C MET Q 670 36.72 -46.75 29.33
N GLN Q 671 35.53 -46.78 29.93
CA GLN Q 671 34.88 -45.54 30.34
C GLN Q 671 35.70 -44.83 31.41
N GLU Q 672 36.09 -45.54 32.46
CA GLU Q 672 36.91 -44.94 33.51
C GLU Q 672 38.28 -44.54 32.98
N TYR Q 673 38.90 -45.40 32.16
CA TYR Q 673 40.22 -45.07 31.63
C TYR Q 673 40.18 -43.83 30.74
N LEU Q 674 39.15 -43.72 29.90
CA LEU Q 674 39.00 -42.53 29.06
C LEU Q 674 38.68 -41.31 29.91
N LYS Q 675 37.99 -41.50 31.03
CA LYS Q 675 37.81 -40.40 31.98
C LYS Q 675 39.15 -39.95 32.55
N HIS Q 676 40.07 -40.90 32.78
CA HIS Q 676 41.42 -40.53 33.18
C HIS Q 676 42.11 -39.71 32.10
N GLY Q 677 41.94 -40.10 30.83
CA GLY Q 677 42.65 -39.44 29.75
C GLY Q 677 42.26 -37.98 29.59
N GLU Q 678 40.99 -37.65 29.83
CA GLU Q 678 40.52 -36.29 29.61
C GLU Q 678 41.22 -35.29 30.53
N HIS Q 679 41.44 -35.67 31.79
CA HIS Q 679 42.10 -34.79 32.75
C HIS Q 679 43.62 -34.93 32.72
N ASP Q 680 44.16 -35.52 31.64
CA ASP Q 680 45.59 -35.73 31.43
C ASP Q 680 46.35 -36.11 32.70
N TYR Q 681 45.91 -37.18 33.37
CA TYR Q 681 46.61 -37.72 34.52
C TYR Q 681 46.25 -39.19 34.66
N TYR Q 682 47.26 -40.01 34.96
CA TYR Q 682 47.10 -41.46 35.07
C TYR Q 682 47.73 -41.95 36.36
N PRO Q 683 46.98 -41.94 37.46
CA PRO Q 683 47.49 -42.52 38.71
C PRO Q 683 47.82 -44.00 38.54
N PRO Q 684 48.89 -44.47 39.16
CA PRO Q 684 49.34 -45.86 38.91
C PRO Q 684 48.43 -46.90 39.54
N LEU Q 685 48.80 -48.18 39.40
CA LEU Q 685 48.00 -49.29 39.88
C LEU Q 685 48.15 -49.42 41.40
N SER Q 686 47.57 -50.49 41.95
CA SER Q 686 47.63 -50.75 43.38
C SER Q 686 49.02 -51.17 43.84
N ASN Q 687 49.92 -51.49 42.92
CA ASN Q 687 51.27 -51.94 43.26
C ASN Q 687 52.33 -51.02 42.65
N GLY Q 688 51.97 -49.78 42.35
CA GLY Q 688 52.90 -48.83 41.80
C GLY Q 688 53.13 -48.95 40.30
N HIS Q 689 52.48 -49.90 39.64
CA HIS Q 689 52.66 -50.10 38.21
C HIS Q 689 51.81 -49.11 37.41
N ARG Q 690 52.35 -48.65 36.30
CA ARG Q 690 51.67 -47.70 35.42
C ARG Q 690 50.92 -48.44 34.32
N LEU Q 691 49.89 -47.79 33.79
CA LEU Q 691 49.04 -48.40 32.77
C LEU Q 691 48.62 -47.33 31.76
N PHE Q 692 48.89 -47.58 30.48
CA PHE Q 692 48.45 -46.73 29.39
C PHE Q 692 47.88 -47.61 28.29
N LEU Q 693 47.03 -47.01 27.45
CA LEU Q 693 46.27 -47.81 26.49
C LEU Q 693 46.10 -47.02 25.21
N HIS Q 694 45.98 -47.75 24.10
CA HIS Q 694 45.73 -47.16 22.79
C HIS Q 694 45.11 -48.22 21.90
N ASP Q 695 44.24 -47.76 20.98
CA ASP Q 695 43.41 -48.70 20.21
C ASP Q 695 44.27 -49.53 19.25
N VAL Q 696 45.11 -48.88 18.48
CA VAL Q 696 45.83 -49.53 17.38
C VAL Q 696 47.23 -49.90 17.87
N ARG Q 697 47.67 -51.11 17.51
CA ARG Q 697 48.99 -51.59 17.90
C ARG Q 697 50.11 -50.70 17.37
N ARG Q 698 49.86 -49.93 16.32
CA ARG Q 698 50.91 -49.16 15.66
C ARG Q 698 51.53 -48.13 16.61
N VAL Q 699 50.72 -47.16 17.04
CA VAL Q 699 51.21 -46.13 17.95
C VAL Q 699 51.61 -46.73 19.29
N ALA Q 700 50.93 -47.80 19.71
CA ALA Q 700 51.27 -48.45 20.99
C ALA Q 700 52.71 -48.97 20.97
N VAL Q 701 53.07 -49.74 19.94
CA VAL Q 701 54.43 -50.25 19.87
C VAL Q 701 55.41 -49.14 19.56
N ARG Q 702 54.97 -48.09 18.85
CA ARG Q 702 55.83 -46.92 18.66
C ARG Q 702 56.24 -46.32 19.99
N CYS Q 703 55.26 -46.10 20.88
CA CYS Q 703 55.57 -45.52 22.19
C CYS Q 703 56.35 -46.51 23.05
N ALA Q 704 56.05 -47.80 22.95
CA ALA Q 704 56.79 -48.79 23.72
C ALA Q 704 58.27 -48.81 23.32
N VAL Q 705 58.54 -48.75 22.02
CA VAL Q 705 59.92 -48.65 21.55
C VAL Q 705 60.56 -47.35 22.02
N ALA Q 706 59.82 -46.24 21.91
CA ALA Q 706 60.36 -44.96 22.36
C ALA Q 706 60.63 -44.94 23.86
N MET Q 707 60.02 -45.86 24.61
CA MET Q 707 60.22 -45.91 26.05
C MET Q 707 61.12 -47.06 26.49
N GLY Q 708 61.92 -47.62 25.59
CA GLY Q 708 62.99 -48.52 26.00
C GLY Q 708 64.12 -47.73 26.61
N GLU Q 709 64.61 -48.18 27.77
CA GLU Q 709 65.64 -47.46 28.51
C GLU Q 709 66.74 -48.43 28.93
N GLU Q 710 67.72 -47.91 29.65
CA GLU Q 710 68.85 -48.72 30.09
C GLU Q 710 68.39 -49.81 31.05
N GLY Q 711 68.70 -51.06 30.73
CA GLY Q 711 68.33 -52.18 31.56
C GLY Q 711 66.87 -52.58 31.48
N ASP Q 712 66.06 -51.86 30.71
CA ASP Q 712 64.64 -52.16 30.60
C ASP Q 712 64.39 -53.14 29.46
N MET Q 713 63.27 -53.83 29.53
CA MET Q 713 62.86 -54.76 28.50
C MET Q 713 61.45 -54.41 28.03
N VAL Q 714 61.26 -54.35 26.72
CA VAL Q 714 59.97 -54.08 26.11
C VAL Q 714 59.53 -55.31 25.33
N VAL Q 715 58.29 -55.73 25.53
CA VAL Q 715 57.78 -56.98 24.99
C VAL Q 715 56.63 -56.70 24.05
N VAL Q 716 56.69 -57.27 22.85
CA VAL Q 716 55.58 -57.28 21.90
C VAL Q 716 55.31 -58.73 21.53
N ALA Q 717 54.05 -59.14 21.65
CA ALA Q 717 53.70 -60.55 21.52
C ALA Q 717 52.35 -60.68 20.82
N GLY Q 718 51.97 -61.93 20.54
CA GLY Q 718 50.69 -62.24 19.96
C GLY Q 718 50.67 -62.48 18.47
N LYS Q 719 51.72 -62.07 17.75
CA LYS Q 719 51.76 -62.21 16.30
C LYS Q 719 52.84 -63.18 15.85
N GLY Q 720 54.09 -62.95 16.24
CA GLY Q 720 55.14 -63.93 15.97
C GLY Q 720 55.48 -64.05 14.50
N HIS Q 721 55.46 -65.30 14.00
CA HIS Q 721 56.02 -65.60 12.68
C HIS Q 721 55.24 -64.96 11.55
N GLU Q 722 53.91 -64.90 11.65
CA GLU Q 722 53.12 -64.40 10.54
C GLU Q 722 53.33 -62.90 10.37
N SER Q 723 52.93 -62.41 9.20
CA SER Q 723 53.04 -61.00 8.85
C SER Q 723 51.74 -60.49 8.24
N TYR Q 724 50.61 -60.81 8.87
CA TYR Q 724 49.31 -60.37 8.40
C TYR Q 724 48.55 -59.72 9.55
N GLN Q 725 47.64 -58.81 9.18
CA GLN Q 725 46.76 -58.15 10.12
C GLN Q 725 45.31 -58.40 9.71
N LEU Q 726 44.45 -58.67 10.70
CA LEU Q 726 43.06 -59.01 10.45
C LEU Q 726 42.16 -57.93 11.02
N GLU Q 727 41.53 -57.16 10.14
CA GLU Q 727 40.50 -56.19 10.51
C GLU Q 727 39.27 -56.45 9.67
N GLY Q 728 38.12 -56.59 10.33
CA GLY Q 728 36.90 -56.94 9.63
C GLY Q 728 37.02 -58.29 8.95
N ASP Q 729 37.09 -58.28 7.61
CA ASP Q 729 37.36 -59.49 6.84
C ASP Q 729 38.61 -59.42 5.99
N LYS Q 730 39.07 -58.23 5.61
CA LYS Q 730 40.28 -58.09 4.82
C LYS Q 730 41.50 -58.40 5.67
N LYS Q 731 42.40 -59.24 5.13
CA LYS Q 731 43.62 -59.61 5.83
C LYS Q 731 44.73 -58.67 5.39
N GLU Q 732 44.91 -57.59 6.14
CA GLU Q 732 45.95 -56.63 5.82
C GLU Q 732 47.33 -57.23 6.08
N PHE Q 733 48.32 -56.76 5.31
CA PHE Q 733 49.69 -57.23 5.44
C PHE Q 733 50.44 -56.29 6.39
N TYR Q 734 50.72 -56.78 7.59
CA TYR Q 734 51.39 -55.99 8.62
C TYR Q 734 52.39 -56.88 9.35
N ASP Q 735 53.63 -56.41 9.45
CA ASP Q 735 54.69 -57.14 10.12
C ASP Q 735 55.12 -56.39 11.37
N ASP Q 736 55.16 -57.10 12.50
CA ASP Q 736 55.57 -56.47 13.75
C ASP Q 736 57.07 -56.25 13.82
N ARG Q 737 57.86 -57.20 13.29
CA ARG Q 737 59.31 -57.08 13.37
C ARG Q 737 59.81 -55.87 12.59
N GLU Q 738 59.31 -55.69 11.37
CA GLU Q 738 59.74 -54.56 10.55
C GLU Q 738 59.29 -53.23 11.16
N GLU Q 739 58.09 -53.20 11.74
CA GLU Q 739 57.63 -51.97 12.38
C GLU Q 739 58.47 -51.65 13.61
N CYS Q 740 58.85 -52.67 14.39
CA CYS Q 740 59.74 -52.43 15.52
C CYS Q 740 61.11 -51.95 15.06
N ARG Q 741 61.59 -52.50 13.94
CA ARG Q 741 62.85 -52.01 13.37
C ARG Q 741 62.74 -50.54 13.01
N GLU Q 742 61.65 -50.15 12.34
CA GLU Q 742 61.46 -48.75 11.96
C GLU Q 742 61.33 -47.86 13.19
N ALA Q 743 60.65 -48.34 14.23
CA ALA Q 743 60.50 -47.56 15.45
C ALA Q 743 61.84 -47.33 16.14
N LEU Q 744 62.64 -48.39 16.29
CA LEU Q 744 63.97 -48.25 16.86
C LEU Q 744 64.89 -47.42 15.97
N GLN Q 745 64.59 -47.35 14.68
CA GLN Q 745 65.43 -46.57 13.76
C GLN Q 745 65.41 -45.08 14.11
N TYR Q 746 64.22 -44.54 14.42
CA TYR Q 746 64.03 -43.10 14.55
C TYR Q 746 63.56 -42.70 15.93
N VAL Q 747 63.96 -43.45 16.97
CA VAL Q 747 63.55 -43.10 18.33
C VAL Q 747 64.18 -41.79 18.78
N ASP Q 748 65.34 -41.44 18.23
CA ASP Q 748 66.12 -40.32 18.74
C ASP Q 748 65.38 -38.99 18.58
N GLU Q 749 64.92 -38.69 17.37
CA GLU Q 749 64.47 -37.33 17.06
C GLU Q 749 63.23 -36.96 17.86
N LEU Q 750 62.34 -37.93 18.12
CA LEU Q 750 61.15 -37.64 18.89
C LEU Q 750 61.49 -37.21 20.30
N HIS Q 751 62.48 -37.87 20.92
CA HIS Q 751 62.82 -37.56 22.30
C HIS Q 751 63.71 -36.33 22.43
N GLN Q 752 64.57 -36.07 21.43
CA GLN Q 752 65.52 -34.97 21.57
C GLN Q 752 64.93 -33.61 21.23
N ALA Q 753 63.71 -33.55 20.69
CA ALA Q 753 63.12 -32.30 20.25
C ALA Q 753 62.34 -31.59 21.34
N GLY Q 754 62.49 -32.01 22.59
CA GLY Q 754 61.80 -31.38 23.70
C GLY Q 754 60.49 -32.01 24.10
N ILE Q 755 60.19 -33.20 23.60
CA ILE Q 755 58.93 -33.89 23.90
C ILE Q 755 59.18 -34.87 25.04
N ASP Q 756 58.35 -34.79 26.07
CA ASP Q 756 58.46 -35.68 27.23
C ASP Q 756 57.71 -36.97 26.92
N THR Q 757 58.36 -37.83 26.13
CA THR Q 757 57.84 -39.14 25.74
C THR Q 757 57.87 -40.16 26.88
N SER Q 758 58.16 -39.72 28.11
CA SER Q 758 58.31 -40.65 29.23
C SER Q 758 57.02 -41.42 29.50
N GLU Q 759 55.89 -40.74 29.48
CA GLU Q 759 54.61 -41.38 29.72
C GLU Q 759 53.49 -40.50 29.20
N PHE Q 760 52.34 -41.12 28.92
CA PHE Q 760 51.18 -40.35 28.51
C PHE Q 760 50.68 -39.48 29.66
N PRO Q 761 50.33 -38.22 29.39
CA PRO Q 761 50.42 -37.51 28.12
C PRO Q 761 51.81 -36.93 27.89
N TRP Q 762 52.21 -36.72 26.63
CA TRP Q 762 53.52 -36.16 26.34
C TRP Q 762 53.52 -34.66 26.61
N ARG Q 763 54.49 -34.20 27.40
CA ARG Q 763 54.61 -32.78 27.75
C ARG Q 763 55.30 -32.06 26.60
N LEU Q 764 54.50 -31.55 25.67
CA LEU Q 764 55.04 -30.77 24.57
C LEU Q 764 55.62 -29.45 25.09
N PRO Q 765 56.67 -28.94 24.46
CA PRO Q 765 57.28 -27.69 24.93
C PRO Q 765 56.32 -26.52 25.02
N GLU Q 766 55.39 -26.41 24.06
CA GLU Q 766 54.46 -25.30 24.01
C GLU Q 766 53.08 -25.67 24.55
N SER Q 767 52.97 -26.73 25.33
CA SER Q 767 51.70 -27.17 25.91
C SER Q 767 51.88 -27.29 27.42
N HIS Q 768 51.46 -26.27 28.16
CA HIS Q 768 51.51 -26.30 29.62
C HIS Q 768 50.16 -25.91 30.21
N GLY R 35 -73.76 -24.99 36.42
CA GLY R 35 -73.74 -24.35 35.12
C GLY R 35 -74.58 -25.06 34.08
N ILE R 36 -75.04 -26.27 34.42
CA ILE R 36 -75.86 -27.07 33.51
C ILE R 36 -77.31 -26.63 33.64
N GLN R 37 -77.97 -26.40 32.50
CA GLN R 37 -79.37 -26.03 32.50
C GLN R 37 -79.96 -26.36 31.14
N ARG R 38 -81.02 -27.16 31.13
CA ARG R 38 -81.74 -27.51 29.91
C ARG R 38 -83.11 -26.84 29.91
N ASP R 39 -83.49 -26.27 28.78
CA ASP R 39 -84.72 -25.50 28.67
C ASP R 39 -85.91 -26.36 28.26
N ASP R 40 -86.07 -27.49 28.95
CA ASP R 40 -87.24 -28.37 28.91
C ASP R 40 -87.44 -29.07 27.57
N ASN R 41 -86.61 -28.80 26.56
CA ASN R 41 -86.78 -29.39 25.24
C ASN R 41 -85.58 -30.23 24.81
N GLY R 42 -84.68 -30.57 25.73
CA GLY R 42 -83.48 -31.30 25.40
C GLY R 42 -82.29 -30.42 25.04
N ARG R 43 -82.52 -29.16 24.72
CA ARG R 43 -81.43 -28.24 24.43
C ARG R 43 -80.82 -27.71 25.73
N ARG R 44 -79.51 -27.62 25.76
CA ARG R 44 -78.78 -27.12 26.92
C ARG R 44 -78.42 -25.66 26.69
N ILE R 45 -78.91 -24.79 27.58
CA ILE R 45 -78.63 -23.37 27.49
C ILE R 45 -77.37 -23.06 28.29
N TRP R 46 -76.46 -22.30 27.69
CA TRP R 46 -75.18 -21.99 28.31
C TRP R 46 -74.83 -20.54 28.06
N ARG R 47 -74.00 -19.99 28.93
CA ARG R 47 -73.63 -18.58 28.86
C ARG R 47 -72.49 -18.38 27.88
N ARG R 48 -72.69 -17.51 26.90
CA ARG R 48 -71.63 -17.18 25.96
C ARG R 48 -70.62 -16.24 26.62
N ARG R 49 -69.35 -16.42 26.30
CA ARG R 49 -68.29 -15.60 26.85
C ARG R 49 -68.04 -14.40 25.95
N THR R 50 -68.02 -13.21 26.53
CA THR R 50 -67.89 -11.97 25.78
C THR R 50 -66.81 -11.08 26.40
N LEU R 51 -66.33 -10.13 25.60
CA LEU R 51 -65.25 -9.25 26.04
C LEU R 51 -65.70 -8.37 27.19
N THR R 52 -66.93 -7.86 27.14
CA THR R 52 -67.57 -7.06 28.20
C THR R 52 -66.65 -5.97 28.76
N LYS R 53 -65.73 -5.49 27.94
CA LYS R 53 -64.79 -4.46 28.36
C LYS R 53 -64.30 -3.70 27.13
N LYS R 54 -63.66 -2.57 27.37
CA LYS R 54 -63.18 -1.70 26.31
C LYS R 54 -61.69 -1.92 26.10
N ASP R 55 -61.31 -2.23 24.85
CA ASP R 55 -59.91 -2.31 24.45
C ASP R 55 -59.69 -1.29 23.34
N ASP R 56 -59.02 -0.19 23.67
CA ASP R 56 -58.77 0.86 22.68
C ASP R 56 -57.82 0.44 21.58
N MET R 57 -57.08 -0.66 21.77
CA MET R 57 -56.15 -1.13 20.74
C MET R 57 -56.86 -1.83 19.58
N LEU R 58 -58.15 -2.14 19.71
CA LEU R 58 -58.86 -2.81 18.63
C LEU R 58 -59.19 -1.84 17.50
N ARG R 59 -59.83 -0.71 17.83
CA ARG R 59 -60.26 0.24 16.82
C ARG R 59 -59.07 0.87 16.10
N TYR R 60 -57.99 1.14 16.82
CA TYR R 60 -56.86 1.89 16.27
C TYR R 60 -55.92 1.04 15.42
N LYS R 61 -56.01 -0.28 15.50
CA LYS R 61 -55.00 -1.15 14.89
C LYS R 61 -55.49 -1.96 13.70
N LEU R 62 -56.79 -2.22 13.60
CA LEU R 62 -57.33 -3.01 12.50
C LEU R 62 -57.75 -2.09 11.36
N GLN R 63 -56.76 -1.44 10.77
CA GLN R 63 -56.95 -0.57 9.61
C GLN R 63 -55.91 -0.91 8.55
N ARG R 64 -56.31 -0.77 7.29
CA ARG R 64 -55.50 -1.19 6.16
C ARG R 64 -55.11 0.01 5.31
N VAL R 65 -53.85 0.06 4.89
CA VAL R 65 -53.38 1.07 3.95
C VAL R 65 -53.86 0.70 2.56
N PRO R 66 -54.34 1.66 1.77
CA PRO R 66 -54.98 1.32 0.50
C PRO R 66 -54.08 1.43 -0.74
N PHE R 67 -52.88 1.99 -0.62
CA PHE R 67 -52.10 2.31 -1.80
C PHE R 67 -50.74 1.62 -1.82
N VAL R 68 -50.70 0.32 -1.56
CA VAL R 68 -49.44 -0.42 -1.54
C VAL R 68 -49.42 -1.53 -2.59
N GLU R 69 -50.29 -1.45 -3.60
CA GLU R 69 -50.32 -2.48 -4.63
C GLU R 69 -49.00 -2.55 -5.39
N GLU R 70 -48.49 -1.41 -5.83
CA GLU R 70 -47.21 -1.39 -6.55
C GLU R 70 -46.07 -1.80 -5.64
N GLN R 71 -46.13 -1.40 -4.36
CA GLN R 71 -45.08 -1.75 -3.42
C GLN R 71 -45.03 -3.26 -3.20
N VAL R 72 -46.20 -3.88 -2.96
CA VAL R 72 -46.24 -5.33 -2.77
C VAL R 72 -45.78 -6.05 -4.03
N ARG R 73 -46.24 -5.58 -5.19
CA ARG R 73 -45.82 -6.22 -6.44
C ARG R 73 -44.32 -6.12 -6.63
N LYS R 74 -43.73 -4.96 -6.34
CA LYS R 74 -42.29 -4.81 -6.50
C LYS R 74 -41.53 -5.66 -5.49
N ILE R 75 -42.04 -5.79 -4.27
CA ILE R 75 -41.42 -6.66 -3.28
C ILE R 75 -41.40 -8.10 -3.78
N LYS R 76 -42.53 -8.55 -4.32
CA LYS R 76 -42.59 -9.91 -4.86
C LYS R 76 -41.66 -10.07 -6.07
N GLU R 77 -41.57 -9.04 -6.91
CA GLU R 77 -40.73 -9.12 -8.10
C GLU R 77 -39.25 -9.21 -7.74
N VAL R 78 -38.80 -8.41 -6.76
CA VAL R 78 -37.37 -8.38 -6.45
C VAL R 78 -36.96 -9.52 -5.53
N GLY R 79 -37.89 -10.12 -4.79
CA GLY R 79 -37.57 -11.24 -3.95
C GLY R 79 -37.16 -10.88 -2.53
N LYS R 80 -37.95 -10.04 -1.87
CA LYS R 80 -37.74 -9.76 -0.46
C LYS R 80 -38.55 -10.68 0.44
N VAL R 81 -39.57 -11.33 -0.11
CA VAL R 81 -40.30 -12.36 0.63
C VAL R 81 -39.36 -13.48 1.02
N MET R 82 -38.37 -13.78 0.17
CA MET R 82 -37.39 -14.80 0.53
C MET R 82 -36.49 -14.32 1.66
N THR R 83 -36.19 -13.01 1.73
CA THR R 83 -35.45 -12.49 2.86
C THR R 83 -36.25 -12.65 4.15
N MET R 84 -37.55 -12.35 4.10
CA MET R 84 -38.40 -12.56 5.26
C MET R 84 -38.45 -14.03 5.66
N ASP R 85 -38.53 -14.92 4.67
CA ASP R 85 -38.54 -16.36 4.94
C ASP R 85 -37.23 -16.81 5.58
N ILE R 86 -36.10 -16.29 5.09
CA ILE R 86 -34.81 -16.66 5.65
C ILE R 86 -34.71 -16.20 7.09
N GLU R 87 -35.19 -14.99 7.39
CA GLU R 87 -35.18 -14.53 8.78
C GLU R 87 -36.10 -15.39 9.64
N ARG R 88 -37.26 -15.79 9.09
CA ARG R 88 -38.19 -16.61 9.85
C ARG R 88 -37.62 -17.98 10.16
N LEU R 89 -36.91 -18.59 9.22
CA LEU R 89 -36.33 -19.90 9.45
C LEU R 89 -35.26 -19.88 10.53
N LEU R 90 -34.56 -18.76 10.66
CA LEU R 90 -33.49 -18.65 11.66
C LEU R 90 -34.01 -18.33 13.06
N LEU R 91 -35.29 -17.99 13.20
CA LEU R 91 -35.86 -17.80 14.53
C LEU R 91 -36.00 -19.10 15.31
N SER R 92 -35.88 -20.24 14.64
CA SER R 92 -35.98 -21.54 15.29
C SER R 92 -34.66 -22.30 15.29
N GLU R 93 -33.56 -21.62 14.99
CA GLU R 93 -32.24 -22.24 14.91
C GLU R 93 -31.36 -21.68 16.00
N ASP R 94 -30.79 -22.56 16.82
CA ASP R 94 -29.86 -22.12 17.86
C ASP R 94 -28.56 -21.61 17.25
N ASN R 95 -28.08 -22.27 16.20
CA ASN R 95 -26.84 -21.89 15.54
C ASN R 95 -27.11 -21.69 14.05
N ARG R 96 -26.71 -20.54 13.53
CA ARG R 96 -26.96 -20.24 12.12
C ARG R 96 -26.02 -20.99 11.19
N PHE R 97 -24.80 -21.28 11.64
CA PHE R 97 -23.88 -22.05 10.81
C PHE R 97 -24.40 -23.46 10.58
N GLU R 98 -25.00 -24.05 11.61
CA GLU R 98 -25.64 -25.36 11.44
C GLU R 98 -26.80 -25.28 10.46
N PHE R 99 -27.56 -24.17 10.50
CA PHE R 99 -28.64 -23.97 9.54
C PHE R 99 -28.10 -23.94 8.12
N VAL R 100 -27.01 -23.19 7.91
CA VAL R 100 -26.43 -23.10 6.58
C VAL R 100 -25.93 -24.45 6.11
N ASN R 101 -25.27 -25.20 7.00
CA ASN R 101 -24.77 -26.52 6.63
C ASN R 101 -25.91 -27.47 6.28
N SER R 102 -26.99 -27.44 7.05
CA SER R 102 -28.12 -28.32 6.77
C SER R 102 -28.80 -27.96 5.45
N VAL R 103 -28.94 -26.66 5.18
CA VAL R 103 -29.53 -26.23 3.91
C VAL R 103 -28.65 -26.67 2.74
N ALA R 104 -27.33 -26.53 2.89
CA ALA R 104 -26.42 -26.95 1.82
C ALA R 104 -26.49 -28.45 1.60
N ALA R 105 -26.58 -29.23 2.68
CA ALA R 105 -26.68 -30.68 2.54
C ALA R 105 -27.98 -31.09 1.86
N GLU R 106 -29.10 -30.44 2.23
CA GLU R 106 -30.37 -30.76 1.59
C GLU R 106 -30.36 -30.38 0.12
N ALA R 107 -29.75 -29.23 -0.21
CA ALA R 107 -29.64 -28.84 -1.62
C ALA R 107 -28.77 -29.82 -2.39
N THR R 108 -27.69 -30.31 -1.77
CA THR R 108 -26.85 -31.30 -2.42
C THR R 108 -27.63 -32.58 -2.69
N GLU R 109 -28.44 -33.02 -1.73
CA GLU R 109 -29.29 -34.19 -1.95
C GLU R 109 -30.26 -33.95 -3.10
N TYR R 110 -30.87 -32.76 -3.14
CA TYR R 110 -31.78 -32.42 -4.23
C TYR R 110 -31.09 -32.52 -5.57
N VAL R 111 -29.88 -31.97 -5.68
CA VAL R 111 -29.18 -31.97 -6.95
C VAL R 111 -28.76 -33.39 -7.34
N GLU R 112 -28.30 -34.18 -6.36
CA GLU R 112 -27.88 -35.53 -6.68
C GLU R 112 -29.04 -36.40 -7.14
N LYS R 113 -30.20 -36.26 -6.51
CA LYS R 113 -31.35 -37.09 -6.89
C LYS R 113 -31.89 -36.71 -8.25
N ASN R 114 -32.10 -35.41 -8.49
CA ASN R 114 -32.65 -34.91 -9.76
C ASN R 114 -31.73 -33.80 -10.27
N ARG R 115 -30.70 -34.18 -11.03
CA ARG R 115 -29.72 -33.22 -11.50
C ARG R 115 -30.31 -32.25 -12.51
N ASP R 116 -31.12 -32.77 -13.45
CA ASP R 116 -31.53 -31.97 -14.61
C ASP R 116 -32.57 -30.91 -14.26
N GLU R 117 -33.21 -31.01 -13.10
CA GLU R 117 -34.27 -30.08 -12.76
C GLU R 117 -33.76 -28.75 -12.23
N TYR R 118 -32.48 -28.64 -11.91
CA TYR R 118 -31.93 -27.45 -11.28
C TYR R 118 -30.86 -26.83 -12.16
N GLY R 119 -30.49 -25.60 -11.80
CA GLY R 119 -29.50 -24.83 -12.52
C GLY R 119 -30.06 -23.77 -13.43
N GLY R 120 -31.31 -23.89 -13.84
CA GLY R 120 -31.93 -22.89 -14.69
C GLY R 120 -32.93 -22.03 -13.95
N THR R 121 -34.21 -22.20 -14.25
CA THR R 121 -35.24 -21.44 -13.57
C THR R 121 -35.45 -21.91 -12.13
N LYS R 122 -35.05 -23.14 -11.82
CA LYS R 122 -35.16 -23.69 -10.47
C LYS R 122 -33.77 -23.84 -9.88
N LYS R 123 -33.55 -23.21 -8.73
CA LYS R 123 -32.30 -23.33 -7.99
C LYS R 123 -32.52 -24.21 -6.77
N ALA R 124 -31.53 -25.06 -6.48
CA ALA R 124 -31.69 -26.05 -5.43
C ALA R 124 -31.83 -25.40 -4.06
N ILE R 125 -31.02 -24.38 -3.77
CA ILE R 125 -31.08 -23.72 -2.46
C ILE R 125 -32.41 -23.02 -2.28
N PHE R 126 -32.91 -22.38 -3.34
CA PHE R 126 -34.21 -21.73 -3.27
C PHE R 126 -35.32 -22.76 -3.07
N HIS R 127 -35.19 -23.92 -3.72
CA HIS R 127 -36.16 -24.99 -3.52
C HIS R 127 -36.14 -25.48 -2.07
N VAL R 128 -34.94 -25.64 -1.49
CA VAL R 128 -34.84 -26.06 -0.10
C VAL R 128 -35.50 -25.04 0.82
N LEU R 129 -35.23 -23.75 0.57
CA LEU R 129 -35.82 -22.70 1.41
C LEU R 129 -37.33 -22.69 1.30
N SER R 130 -37.86 -22.81 0.07
CA SER R 130 -39.32 -22.82 -0.10
C SER R 130 -39.94 -24.04 0.57
N ASN R 131 -39.30 -25.20 0.45
CA ASN R 131 -39.82 -26.40 1.10
C ASN R 131 -39.82 -26.26 2.61
N ARG R 132 -38.75 -25.70 3.17
CA ARG R 132 -38.70 -25.51 4.62
C ARG R 132 -39.75 -24.51 5.08
N VAL R 133 -40.02 -23.49 4.27
CA VAL R 133 -41.12 -22.57 4.60
C VAL R 133 -42.46 -23.28 4.43
N ASN R 134 -42.62 -24.07 3.37
CA ASN R 134 -43.88 -24.78 3.15
C ASN R 134 -44.13 -25.84 4.21
N ASP R 135 -43.06 -26.44 4.75
CA ASP R 135 -43.22 -27.44 5.81
C ASP R 135 -43.86 -26.86 7.06
N LEU R 136 -43.77 -25.55 7.25
CA LEU R 136 -44.43 -24.89 8.38
C LEU R 136 -45.90 -24.64 8.12
N GLY R 137 -46.38 -24.90 6.91
CA GLY R 137 -47.76 -24.62 6.54
C GLY R 137 -47.98 -23.30 5.84
N PHE R 138 -46.92 -22.62 5.41
CA PHE R 138 -47.02 -21.33 4.76
C PHE R 138 -46.77 -21.53 3.27
N ASP R 139 -47.76 -21.19 2.46
CA ASP R 139 -47.70 -21.44 1.03
C ASP R 139 -46.72 -20.49 0.35
N ARG R 140 -45.84 -21.03 -0.49
CA ARG R 140 -44.88 -20.26 -1.25
C ARG R 140 -44.74 -20.86 -2.64
N PRO R 141 -44.47 -20.04 -3.65
CA PRO R 141 -44.15 -20.59 -4.97
C PRO R 141 -42.89 -21.44 -4.90
N GLU R 142 -42.84 -22.47 -5.75
CA GLU R 142 -41.78 -23.45 -5.67
C GLU R 142 -40.45 -22.83 -6.09
N ALA R 143 -39.48 -22.86 -5.18
CA ALA R 143 -38.13 -22.34 -5.38
C ALA R 143 -38.13 -20.85 -5.73
N TYR R 144 -39.21 -20.14 -5.41
CA TYR R 144 -39.33 -18.71 -5.70
C TYR R 144 -39.08 -18.43 -7.18
N ALA R 145 -39.52 -19.34 -8.03
CA ALA R 145 -39.30 -19.24 -9.47
C ALA R 145 -40.41 -18.40 -10.08
N GLU R 146 -40.05 -17.24 -10.64
CA GLU R 146 -41.01 -16.36 -11.28
C GLU R 146 -40.41 -15.85 -12.59
N SER R 147 -41.30 -15.51 -13.52
CA SER R 147 -40.91 -14.96 -14.82
C SER R 147 -41.74 -13.71 -15.09
N ASP R 148 -41.47 -13.08 -16.23
CA ASP R 148 -42.17 -11.87 -16.61
C ASP R 148 -43.25 -12.19 -17.63
N PRO R 149 -44.53 -12.02 -17.30
CA PRO R 149 -45.58 -12.30 -18.29
C PRO R 149 -45.60 -11.32 -19.45
N TYR R 150 -44.92 -10.18 -19.34
CA TYR R 150 -45.00 -9.12 -20.32
C TYR R 150 -43.84 -9.12 -21.31
N LYS R 151 -43.05 -10.19 -21.35
CA LYS R 151 -41.97 -10.26 -22.33
C LYS R 151 -42.58 -10.33 -23.74
N PRO R 152 -42.18 -9.44 -24.65
CA PRO R 152 -42.81 -9.35 -25.97
C PRO R 152 -42.34 -10.41 -26.96
N GLY R 153 -42.49 -11.67 -26.58
CA GLY R 153 -42.11 -12.76 -27.45
C GLY R 153 -40.69 -13.22 -27.20
N PRO R 154 -40.26 -14.26 -27.92
CA PRO R 154 -38.91 -14.78 -27.71
C PRO R 154 -37.85 -13.85 -28.29
N GLY R 155 -36.69 -13.85 -27.64
CA GLY R 155 -35.56 -13.06 -28.08
C GLY R 155 -35.42 -11.72 -27.39
N TYR R 156 -36.49 -11.18 -26.82
CA TYR R 156 -36.46 -9.86 -26.19
C TYR R 156 -36.00 -10.01 -24.75
N LEU R 157 -34.97 -9.26 -24.38
CA LEU R 157 -34.41 -9.27 -23.04
C LEU R 157 -34.70 -7.92 -22.37
N LYS R 158 -35.19 -7.97 -21.13
CA LYS R 158 -35.45 -6.75 -20.39
C LYS R 158 -34.15 -5.99 -20.16
N GLU R 159 -34.17 -4.69 -20.44
CA GLU R 159 -33.04 -3.81 -20.22
C GLU R 159 -33.26 -3.08 -18.90
N TYR R 160 -32.42 -3.38 -17.90
CA TYR R 160 -32.60 -2.81 -16.58
C TYR R 160 -32.26 -1.33 -16.59
N TYR R 161 -33.05 -0.55 -15.86
CA TYR R 161 -32.88 0.89 -15.76
C TYR R 161 -32.15 1.18 -14.45
N THR R 162 -30.84 1.38 -14.54
CA THR R 162 -30.00 1.62 -13.36
C THR R 162 -30.37 2.90 -12.65
N ILE S 193 -91.27 -0.68 -11.41
CA ILE S 193 -89.91 -0.89 -10.94
C ILE S 193 -89.06 0.34 -11.22
N SER S 194 -89.62 1.51 -10.91
CA SER S 194 -88.91 2.77 -11.15
C SER S 194 -87.69 2.92 -10.24
N HIS S 195 -87.63 2.18 -9.14
CA HIS S 195 -86.49 2.28 -8.23
C HIS S 195 -85.28 1.47 -8.72
N THR S 196 -85.45 0.66 -9.76
CA THR S 196 -84.33 -0.04 -10.36
C THR S 196 -83.70 0.73 -11.51
N TYR S 197 -84.29 1.84 -11.91
CA TYR S 197 -83.76 2.65 -13.01
C TYR S 197 -82.60 3.49 -12.48
N GLY S 198 -81.40 3.19 -12.95
CA GLY S 198 -80.19 3.85 -12.48
C GLY S 198 -79.84 5.08 -13.29
N TRP S 199 -78.55 5.45 -13.21
CA TRP S 199 -78.01 6.59 -13.92
C TRP S 199 -76.79 6.14 -14.73
N PRO S 200 -76.62 6.66 -15.95
CA PRO S 200 -77.44 7.66 -16.65
C PRO S 200 -78.75 7.07 -17.16
N PRO S 201 -79.70 7.93 -17.58
CA PRO S 201 -80.96 7.41 -18.11
C PRO S 201 -80.75 6.56 -19.37
N LEU S 202 -81.61 5.58 -19.53
CA LEU S 202 -81.55 4.71 -20.70
C LEU S 202 -82.04 5.44 -21.94
N VAL S 203 -81.43 5.15 -23.08
CA VAL S 203 -81.81 5.71 -24.37
C VAL S 203 -82.15 4.56 -25.30
N CYS S 204 -83.31 4.63 -25.94
CA CYS S 204 -83.76 3.62 -26.89
C CYS S 204 -83.48 4.10 -28.31
N CYS S 205 -82.69 3.33 -29.04
CA CYS S 205 -82.32 3.64 -30.42
C CYS S 205 -83.12 2.69 -31.33
N PHE S 206 -84.16 3.21 -31.96
CA PHE S 206 -85.06 2.43 -32.78
C PHE S 206 -84.61 2.50 -34.24
N GLY S 207 -84.52 1.35 -34.89
CA GLY S 207 -84.15 1.30 -36.29
C GLY S 207 -83.57 -0.03 -36.72
N SER S 208 -82.50 0.02 -37.52
CA SER S 208 -81.87 -1.17 -38.06
C SER S 208 -80.41 -1.22 -37.63
N ALA S 209 -79.91 -2.43 -37.43
CA ALA S 209 -78.50 -2.63 -37.10
C ALA S 209 -77.76 -3.03 -38.37
N GLN S 210 -77.54 -2.04 -39.23
CA GLN S 210 -76.82 -2.26 -40.47
C GLN S 210 -75.32 -2.30 -40.22
N HIS S 211 -74.59 -2.83 -41.20
CA HIS S 211 -73.13 -2.91 -41.13
C HIS S 211 -72.54 -2.06 -42.24
N ALA S 212 -71.99 -0.92 -41.87
CA ALA S 212 -71.33 0.00 -42.80
C ALA S 212 -72.27 0.38 -43.95
N PHE S 213 -73.46 0.85 -43.60
CA PHE S 213 -74.49 1.24 -44.56
C PHE S 213 -74.70 2.75 -44.49
N VAL S 214 -74.57 3.42 -45.62
CA VAL S 214 -74.62 4.88 -45.70
C VAL S 214 -75.92 5.27 -46.38
N PRO S 215 -76.75 6.10 -45.74
CA PRO S 215 -78.00 6.52 -46.39
C PRO S 215 -77.78 7.31 -47.66
N SER S 216 -77.01 8.39 -47.58
CA SER S 216 -76.76 9.26 -48.72
C SER S 216 -75.48 10.05 -48.47
N GLY S 217 -75.16 10.94 -49.41
CA GLY S 217 -74.01 11.81 -49.28
C GLY S 217 -74.15 13.05 -50.14
N ARG S 218 -73.94 14.22 -49.56
CA ARG S 218 -74.12 15.47 -50.27
C ARG S 218 -72.80 16.25 -50.34
N PRO S 219 -72.61 17.07 -51.37
CA PRO S 219 -71.41 17.93 -51.40
C PRO S 219 -71.38 18.84 -50.19
N ALA S 220 -70.19 19.04 -49.63
CA ALA S 220 -70.05 19.72 -48.37
C ALA S 220 -68.77 20.54 -48.36
N ASN S 221 -68.73 21.51 -47.43
CA ASN S 221 -67.56 22.33 -47.18
C ASN S 221 -67.12 22.14 -45.74
N ARG S 222 -65.80 22.04 -45.54
CA ARG S 222 -65.24 21.87 -44.22
C ARG S 222 -64.18 22.93 -43.96
N LEU S 223 -64.02 23.29 -42.70
CA LEU S 223 -62.94 24.17 -42.30
C LEU S 223 -61.61 23.43 -42.40
N LEU S 224 -60.65 24.03 -43.10
CA LEU S 224 -59.38 23.36 -43.38
C LEU S 224 -58.29 24.41 -43.52
N ASP S 225 -57.06 23.99 -43.23
CA ASP S 225 -55.89 24.81 -43.45
C ASP S 225 -55.24 24.35 -44.75
N TYR S 226 -55.20 25.24 -45.75
CA TYR S 226 -54.82 24.86 -47.10
C TYR S 226 -53.34 25.00 -47.37
N GLU S 227 -52.63 25.83 -46.60
CA GLU S 227 -51.17 25.80 -46.68
C GLU S 227 -50.64 24.44 -46.26
N ARG S 228 -51.18 23.88 -45.18
CA ARG S 228 -50.80 22.54 -44.75
C ARG S 228 -51.19 21.50 -45.80
N GLN S 229 -52.38 21.63 -46.38
CA GLN S 229 -52.82 20.67 -47.38
C GLN S 229 -51.90 20.70 -48.60
N GLU S 230 -51.49 21.89 -49.02
CA GLU S 230 -50.54 21.98 -50.13
C GLU S 230 -49.20 21.38 -49.75
N ARG S 231 -48.73 21.63 -48.51
CA ARG S 231 -47.43 21.11 -48.09
C ARG S 231 -47.47 19.60 -47.86
N MET S 232 -48.58 19.09 -47.33
CA MET S 232 -48.69 17.69 -46.94
C MET S 232 -49.43 16.84 -47.96
N LYS S 233 -49.61 17.34 -49.19
CA LYS S 233 -50.45 16.65 -50.15
C LYS S 233 -49.88 15.31 -50.59
N ASP S 234 -48.58 15.08 -50.40
CA ASP S 234 -47.99 13.80 -50.79
C ASP S 234 -48.04 12.76 -49.68
N ALA S 235 -48.44 13.16 -48.47
CA ALA S 235 -48.53 12.23 -47.34
C ALA S 235 -49.93 12.12 -46.75
N VAL S 236 -50.79 13.11 -46.96
CA VAL S 236 -52.13 13.12 -46.40
C VAL S 236 -53.12 12.92 -47.54
N TRP S 237 -53.99 11.92 -47.39
CA TRP S 237 -54.98 11.64 -48.41
C TRP S 237 -56.19 12.56 -48.25
N ALA S 238 -56.66 13.09 -49.38
CA ALA S 238 -57.85 13.93 -49.39
C ALA S 238 -58.72 13.52 -50.56
N PRO S 239 -60.04 13.65 -50.42
CA PRO S 239 -60.92 13.37 -51.56
C PRO S 239 -60.89 14.52 -52.56
N GLU S 240 -61.03 14.16 -53.85
CA GLU S 240 -61.10 15.17 -54.89
C GLU S 240 -62.34 16.04 -54.72
N LYS S 241 -63.47 15.44 -54.36
CA LYS S 241 -64.68 16.15 -54.00
C LYS S 241 -65.05 15.77 -52.57
N TYR S 242 -65.24 16.76 -51.71
CA TYR S 242 -65.61 16.51 -50.33
C TYR S 242 -67.11 16.30 -50.26
N ILE S 243 -67.52 15.05 -50.04
CA ILE S 243 -68.93 14.67 -49.90
C ILE S 243 -69.08 14.00 -48.54
N ARG S 244 -70.05 14.47 -47.76
CA ARG S 244 -70.21 14.04 -46.37
C ARG S 244 -71.53 13.32 -46.20
N ALA S 245 -71.47 12.13 -45.61
CA ALA S 245 -72.68 11.40 -45.27
C ALA S 245 -73.25 11.93 -43.95
N PRO S 246 -74.58 11.97 -43.82
CA PRO S 246 -75.18 12.49 -42.58
C PRO S 246 -74.93 11.61 -41.37
N GLY S 247 -74.64 10.33 -41.55
CA GLY S 247 -74.48 9.43 -40.43
C GLY S 247 -74.67 7.99 -40.88
N GLY S 248 -75.17 7.17 -39.96
CA GLY S 248 -75.41 5.78 -40.25
C GLY S 248 -76.74 5.27 -39.73
N CYS S 249 -76.76 4.02 -39.26
CA CYS S 249 -77.97 3.40 -38.78
C CYS S 249 -78.20 3.73 -37.31
N ALA S 250 -79.31 3.23 -36.75
CA ALA S 250 -79.59 3.43 -35.34
C ALA S 250 -78.68 2.56 -34.47
N GLY S 251 -78.27 1.39 -34.97
CA GLY S 251 -77.33 0.57 -34.23
C GLY S 251 -75.98 1.25 -34.06
N GLY S 252 -75.52 1.97 -35.08
CA GLY S 252 -74.29 2.71 -34.96
C GLY S 252 -74.37 3.80 -33.91
N VAL S 253 -75.51 4.49 -33.85
CA VAL S 253 -75.69 5.53 -32.83
C VAL S 253 -75.76 4.90 -31.43
N ALA S 254 -76.38 3.73 -31.32
CA ALA S 254 -76.40 3.03 -30.04
C ALA S 254 -75.00 2.63 -29.60
N ILE S 255 -74.19 2.13 -30.54
CA ILE S 255 -72.81 1.75 -30.21
C ILE S 255 -72.00 2.98 -29.82
N ALA S 256 -72.14 4.07 -30.56
CA ALA S 256 -71.39 5.29 -30.26
C ALA S 256 -71.78 5.86 -28.89
N LEU S 257 -73.08 5.84 -28.58
CA LEU S 257 -73.54 6.37 -27.30
C LEU S 257 -73.00 5.54 -26.13
N ALA S 258 -72.94 4.22 -26.31
CA ALA S 258 -72.39 3.36 -25.26
C ALA S 258 -70.90 3.65 -25.05
N SER S 259 -70.17 3.94 -26.12
CA SER S 259 -68.75 4.24 -26.00
C SER S 259 -68.49 5.52 -25.22
N LEU S 260 -69.48 6.41 -25.11
CA LEU S 260 -69.35 7.64 -24.36
C LEU S 260 -69.68 7.46 -22.89
N GLY S 261 -69.96 6.23 -22.44
CA GLY S 261 -70.38 5.99 -21.08
C GLY S 261 -71.86 6.15 -20.85
N GLY S 262 -72.67 6.30 -21.90
CA GLY S 262 -74.10 6.38 -21.76
C GLY S 262 -74.77 5.02 -21.83
N LYS S 263 -76.03 4.99 -21.42
CA LYS S 263 -76.83 3.78 -21.42
C LYS S 263 -77.72 3.77 -22.65
N ALA S 264 -77.55 2.78 -23.50
CA ALA S 264 -78.24 2.72 -24.79
C ALA S 264 -78.81 1.34 -25.03
N ALA S 265 -80.04 1.30 -25.55
CA ALA S 265 -80.70 0.07 -25.93
C ALA S 265 -81.15 0.17 -27.38
N PHE S 266 -80.96 -0.90 -28.14
CA PHE S 266 -81.34 -0.95 -29.55
C PHE S 266 -82.61 -1.76 -29.70
N MET S 267 -83.62 -1.16 -30.34
CA MET S 267 -84.91 -1.81 -30.57
C MET S 267 -85.05 -2.06 -32.06
N GLY S 268 -84.99 -3.33 -32.44
CA GLY S 268 -85.08 -3.69 -33.83
C GLY S 268 -85.19 -5.20 -33.97
N LYS S 269 -85.11 -5.66 -35.21
CA LYS S 269 -85.22 -7.09 -35.50
C LYS S 269 -84.00 -7.56 -36.29
N LEU S 270 -83.49 -8.73 -35.91
CA LEU S 270 -82.41 -9.39 -36.64
C LEU S 270 -82.80 -10.83 -36.91
N GLY S 271 -82.31 -11.36 -38.03
CA GLY S 271 -82.53 -12.75 -38.33
C GLY S 271 -81.65 -13.66 -37.50
N ASP S 272 -82.00 -14.94 -37.50
CA ASP S 272 -81.29 -15.94 -36.72
C ASP S 272 -80.17 -16.60 -37.50
N ASP S 273 -79.90 -16.14 -38.72
CA ASP S 273 -78.81 -16.68 -39.50
C ASP S 273 -77.47 -16.18 -38.95
N ASP S 274 -76.39 -16.55 -39.64
CA ASP S 274 -75.05 -16.24 -39.15
C ASP S 274 -74.80 -14.74 -39.11
N PHE S 275 -75.26 -14.01 -40.12
CA PHE S 275 -75.02 -12.56 -40.15
C PHE S 275 -75.81 -11.87 -39.04
N GLY S 276 -77.06 -12.27 -38.82
CA GLY S 276 -77.85 -11.66 -37.76
C GLY S 276 -77.31 -11.96 -36.38
N GLN S 277 -76.84 -13.19 -36.17
CA GLN S 277 -76.23 -13.53 -34.89
C GLN S 277 -74.91 -12.80 -34.68
N ALA S 278 -74.13 -12.63 -35.75
CA ALA S 278 -72.90 -11.86 -35.65
C ALA S 278 -73.19 -10.41 -35.30
N MET S 279 -74.21 -9.81 -35.94
CA MET S 279 -74.57 -8.43 -35.62
C MET S 279 -75.07 -8.30 -34.18
N LEU S 280 -75.87 -9.28 -33.73
CA LEU S 280 -76.35 -9.25 -32.35
C LEU S 280 -75.18 -9.36 -31.37
N TYR S 281 -74.23 -10.24 -31.65
CA TYR S 281 -73.05 -10.38 -30.79
C TYR S 281 -72.23 -9.10 -30.77
N TYR S 282 -72.05 -8.47 -31.94
CA TYR S 282 -71.29 -7.23 -32.01
C TYR S 282 -71.97 -6.12 -31.22
N LEU S 283 -73.30 -6.04 -31.29
CA LEU S 283 -74.04 -5.10 -30.46
C LEU S 283 -73.89 -5.43 -28.98
N ASN S 284 -73.83 -6.73 -28.64
CA ASN S 284 -73.74 -7.11 -27.23
C ASN S 284 -72.38 -6.74 -26.64
N VAL S 285 -71.29 -7.02 -27.36
CA VAL S 285 -69.96 -6.70 -26.85
C VAL S 285 -69.66 -5.21 -26.82
N CYS S 286 -70.51 -4.39 -27.44
CA CYS S 286 -70.39 -2.94 -27.38
C CYS S 286 -71.23 -2.34 -26.26
N GLN S 287 -71.65 -3.16 -25.29
CA GLN S 287 -72.40 -2.72 -24.13
C GLN S 287 -73.74 -2.09 -24.50
N VAL S 288 -74.30 -2.50 -25.64
CA VAL S 288 -75.62 -2.05 -26.07
C VAL S 288 -76.65 -3.06 -25.59
N GLN S 289 -77.68 -2.59 -24.89
CA GLN S 289 -78.72 -3.48 -24.40
C GLN S 289 -79.54 -4.01 -25.56
N THR S 290 -79.47 -5.32 -25.79
CA THR S 290 -80.15 -5.97 -26.91
C THR S 290 -81.36 -6.77 -26.47
N ARG S 291 -81.87 -6.54 -25.25
CA ARG S 291 -83.07 -7.22 -24.81
C ARG S 291 -84.30 -6.80 -25.59
N SER S 292 -84.24 -5.66 -26.29
CA SER S 292 -85.32 -5.21 -27.14
C SER S 292 -85.14 -5.60 -28.59
N VAL S 293 -84.15 -6.44 -28.89
CA VAL S 293 -83.90 -6.92 -30.24
C VAL S 293 -84.69 -8.22 -30.43
N LYS S 294 -85.54 -8.23 -31.45
CA LYS S 294 -86.38 -9.40 -31.75
C LYS S 294 -85.68 -10.27 -32.78
N ILE S 295 -85.51 -11.55 -32.46
CA ILE S 295 -84.87 -12.50 -33.35
C ILE S 295 -85.95 -13.28 -34.08
N ASP S 296 -85.95 -13.18 -35.41
CA ASP S 296 -86.95 -13.82 -36.25
C ASP S 296 -86.29 -14.95 -37.02
N SER S 297 -86.80 -16.16 -36.87
CA SER S 297 -86.26 -17.32 -37.57
C SER S 297 -86.78 -17.45 -39.00
N LYS S 298 -87.84 -16.73 -39.34
CA LYS S 298 -88.43 -16.80 -40.67
C LYS S 298 -87.91 -15.72 -41.62
N ARG S 299 -86.99 -14.88 -41.16
CA ARG S 299 -86.48 -13.76 -41.95
C ARG S 299 -84.99 -13.92 -42.16
N VAL S 300 -84.50 -13.29 -43.23
CA VAL S 300 -83.09 -13.27 -43.57
C VAL S 300 -82.55 -11.88 -43.29
N THR S 301 -81.40 -11.82 -42.63
CA THR S 301 -80.80 -10.53 -42.28
C THR S 301 -80.18 -9.88 -43.51
N ALA S 302 -80.51 -8.61 -43.72
CA ALA S 302 -79.91 -7.76 -44.76
C ALA S 302 -80.18 -8.27 -46.17
N CYS S 303 -81.19 -9.13 -46.34
CA CYS S 303 -81.54 -9.65 -47.65
C CYS S 303 -83.04 -9.51 -47.87
N SER S 304 -83.42 -9.02 -49.04
CA SER S 304 -84.83 -8.88 -49.42
C SER S 304 -85.04 -9.48 -50.80
N THR S 305 -86.22 -10.06 -51.01
CA THR S 305 -86.59 -10.61 -52.29
C THR S 305 -87.33 -9.56 -53.10
N MET S 306 -86.86 -9.30 -54.32
CA MET S 306 -87.41 -8.26 -55.17
C MET S 306 -87.96 -8.87 -56.45
N LYS S 307 -89.15 -8.44 -56.84
CA LYS S 307 -89.80 -8.89 -58.07
C LYS S 307 -89.54 -7.85 -59.14
N ILE S 308 -88.56 -8.12 -60.01
CA ILE S 308 -88.19 -7.17 -61.05
C ILE S 308 -89.17 -7.28 -62.21
N SER S 309 -89.76 -6.14 -62.59
CA SER S 309 -90.63 -6.09 -63.74
C SER S 309 -89.78 -5.93 -65.00
N LYS S 310 -89.79 -6.95 -65.87
CA LYS S 310 -88.94 -6.99 -67.04
C LYS S 310 -89.69 -6.66 -68.32
N ARG S 311 -90.87 -6.03 -68.22
CA ARG S 311 -91.62 -5.63 -69.39
C ARG S 311 -91.26 -4.23 -69.84
N GLY S 312 -91.41 -3.24 -68.95
CA GLY S 312 -90.99 -1.87 -69.21
C GLY S 312 -89.60 -1.61 -68.68
N ARG S 313 -89.41 -0.44 -68.09
CA ARG S 313 -88.14 -0.16 -67.43
C ARG S 313 -88.03 -0.95 -66.13
N LEU S 314 -86.82 -0.95 -65.57
CA LEU S 314 -86.52 -1.82 -64.44
C LEU S 314 -87.02 -1.21 -63.14
N LYS S 315 -87.92 -1.93 -62.46
CA LYS S 315 -88.33 -1.64 -61.10
C LYS S 315 -88.17 -2.91 -60.27
N SER S 316 -87.99 -2.74 -58.96
CA SER S 316 -87.68 -3.87 -58.09
C SER S 316 -88.86 -4.35 -57.27
N THR S 317 -89.68 -3.46 -56.72
CA THR S 317 -90.95 -3.81 -56.09
C THR S 317 -90.78 -4.91 -55.04
N CYS S 318 -90.09 -4.54 -53.96
CA CYS S 318 -89.78 -5.47 -52.88
C CYS S 318 -91.00 -6.27 -52.44
N VAL S 319 -90.82 -7.59 -52.35
CA VAL S 319 -91.90 -8.50 -52.00
C VAL S 319 -91.76 -8.94 -50.55
N LYS S 320 -90.65 -9.59 -50.22
CA LYS S 320 -90.39 -10.03 -48.86
C LYS S 320 -89.28 -9.18 -48.25
N PRO S 321 -89.58 -8.34 -47.27
CA PRO S 321 -88.55 -7.46 -46.70
C PRO S 321 -87.51 -8.26 -45.92
N CYS S 322 -86.47 -7.56 -45.50
CA CYS S 322 -85.39 -8.16 -44.73
C CYS S 322 -85.81 -8.29 -43.27
N ALA S 323 -84.94 -8.89 -42.46
CA ALA S 323 -85.24 -9.06 -41.04
C ALA S 323 -85.43 -7.74 -40.34
N GLU S 324 -84.55 -6.77 -40.57
CA GLU S 324 -84.67 -5.47 -39.92
C GLU S 324 -85.57 -4.53 -40.71
N ASP S 325 -86.72 -5.05 -41.12
CA ASP S 325 -87.82 -4.25 -41.63
C ASP S 325 -89.17 -4.83 -41.24
N SER S 326 -89.18 -5.91 -40.45
CA SER S 326 -90.39 -6.68 -40.17
C SER S 326 -90.71 -6.68 -38.67
N LEU S 327 -90.34 -5.62 -37.96
CA LEU S 327 -90.66 -5.51 -36.54
C LEU S 327 -92.12 -5.11 -36.42
N SER S 328 -92.94 -6.00 -35.86
CA SER S 328 -94.37 -5.73 -35.74
C SER S 328 -94.64 -4.90 -34.50
N LYS S 329 -95.86 -4.34 -34.45
CA LYS S 329 -96.27 -3.55 -33.30
C LYS S 329 -96.30 -4.39 -32.02
N SER S 330 -96.58 -5.68 -32.14
CA SER S 330 -96.58 -6.56 -30.97
C SER S 330 -95.19 -6.89 -30.48
N GLU S 331 -94.18 -6.77 -31.32
CA GLU S 331 -92.81 -7.07 -30.96
C GLU S 331 -92.08 -5.90 -30.31
N ILE S 332 -92.72 -4.72 -30.26
CA ILE S 332 -92.12 -3.59 -29.56
C ILE S 332 -92.03 -3.91 -28.08
N ASN S 333 -90.83 -3.76 -27.52
CA ASN S 333 -90.62 -3.98 -26.10
C ASN S 333 -91.04 -2.73 -25.33
N VAL S 334 -92.05 -2.85 -24.49
CA VAL S 334 -92.57 -1.71 -23.76
C VAL S 334 -91.85 -1.47 -22.44
N ASP S 335 -91.19 -2.49 -21.89
CA ASP S 335 -90.41 -2.29 -20.67
C ASP S 335 -89.27 -1.32 -20.90
N VAL S 336 -88.54 -1.49 -22.01
CA VAL S 336 -87.45 -0.58 -22.31
C VAL S 336 -87.98 0.82 -22.62
N LEU S 337 -89.18 0.91 -23.18
CA LEU S 337 -89.77 2.23 -23.44
C LEU S 337 -90.19 2.91 -22.14
N LYS S 338 -90.61 2.14 -21.14
CA LYS S 338 -90.89 2.72 -19.83
C LYS S 338 -89.61 3.18 -19.16
N GLU S 339 -88.56 2.35 -19.21
CA GLU S 339 -87.30 2.71 -18.57
C GLU S 339 -86.61 3.87 -19.27
N ALA S 340 -86.61 3.87 -20.61
CA ALA S 340 -85.89 4.89 -21.35
C ALA S 340 -86.48 6.27 -21.11
N LYS S 341 -85.60 7.28 -21.11
CA LYS S 341 -86.01 8.67 -20.97
C LYS S 341 -85.91 9.46 -22.26
N MET S 342 -85.31 8.89 -23.31
CA MET S 342 -85.25 9.52 -24.61
C MET S 342 -85.41 8.44 -25.67
N PHE S 343 -86.18 8.74 -26.72
CA PHE S 343 -86.44 7.83 -27.82
C PHE S 343 -85.78 8.36 -29.08
N TYR S 344 -84.96 7.52 -29.72
CA TYR S 344 -84.22 7.89 -30.91
C TYR S 344 -84.68 7.06 -32.09
N PHE S 345 -84.81 7.70 -33.25
CA PHE S 345 -85.18 7.01 -34.48
C PHE S 345 -84.71 7.83 -35.66
N THR S 346 -84.69 7.18 -36.83
CA THR S 346 -84.25 7.80 -38.07
C THR S 346 -85.31 7.61 -39.14
N THR S 347 -85.09 8.25 -40.29
CA THR S 347 -86.03 8.20 -41.40
C THR S 347 -85.95 6.90 -42.20
N HIS S 348 -84.90 6.10 -41.99
CA HIS S 348 -84.81 4.83 -42.70
C HIS S 348 -85.93 3.88 -42.30
N SER S 349 -86.49 4.07 -41.10
CA SER S 349 -87.59 3.24 -40.63
C SER S 349 -88.92 3.62 -41.25
N LEU S 350 -89.01 4.75 -41.95
CA LEU S 350 -90.25 5.20 -42.55
C LEU S 350 -90.37 4.78 -44.02
N LEU S 351 -89.38 4.08 -44.55
CA LEU S 351 -89.43 3.70 -45.97
C LEU S 351 -90.39 2.54 -46.23
N ASP S 352 -90.50 1.61 -45.30
CA ASP S 352 -91.44 0.50 -45.42
C ASP S 352 -92.74 0.84 -44.68
N LYS S 353 -93.86 0.40 -45.27
CA LYS S 353 -95.16 0.74 -44.71
C LYS S 353 -95.34 0.15 -43.32
N LYS S 354 -95.10 -1.15 -43.17
CA LYS S 354 -95.27 -1.79 -41.88
C LYS S 354 -94.26 -1.27 -40.87
N MET S 355 -93.01 -1.07 -41.30
CA MET S 355 -92.01 -0.50 -40.40
C MET S 355 -92.34 0.93 -40.03
N MET S 356 -92.93 1.70 -40.95
CA MET S 356 -93.36 3.05 -40.62
C MET S 356 -94.48 3.02 -39.57
N SER S 357 -95.43 2.10 -39.72
CA SER S 357 -96.49 1.97 -38.72
C SER S 357 -95.91 1.59 -37.36
N THR S 358 -94.96 0.66 -37.35
CA THR S 358 -94.31 0.26 -36.10
C THR S 358 -93.58 1.45 -35.47
N THR S 359 -92.89 2.24 -36.29
CA THR S 359 -92.20 3.41 -35.78
C THR S 359 -93.17 4.41 -35.19
N LEU S 360 -94.30 4.66 -35.87
CA LEU S 360 -95.30 5.57 -35.33
C LEU S 360 -95.84 5.07 -33.99
N GLN S 361 -96.12 3.77 -33.91
CA GLN S 361 -96.62 3.20 -32.66
C GLN S 361 -95.59 3.37 -31.54
N ALA S 362 -94.32 3.09 -31.83
CA ALA S 362 -93.28 3.22 -30.81
C ALA S 362 -93.12 4.67 -30.37
N ILE S 363 -93.16 5.61 -31.31
CA ILE S 363 -93.05 7.03 -30.96
C ILE S 363 -94.21 7.44 -30.06
N LYS S 364 -95.43 7.03 -30.42
CA LYS S 364 -96.60 7.39 -29.61
C LYS S 364 -96.53 6.78 -28.21
N ILE S 365 -96.10 5.51 -28.13
CA ILE S 365 -95.98 4.86 -26.83
C ILE S 365 -94.94 5.57 -25.97
N SER S 366 -93.80 5.93 -26.57
CA SER S 366 -92.76 6.63 -25.82
C SER S 366 -93.25 8.00 -25.36
N LYS S 367 -93.99 8.72 -26.22
CA LYS S 367 -94.53 10.01 -25.82
C LYS S 367 -95.51 9.86 -24.66
N GLN S 368 -96.33 8.81 -24.69
CA GLN S 368 -97.27 8.58 -23.59
C GLN S 368 -96.54 8.37 -22.27
N LEU S 369 -95.40 7.66 -22.30
CA LEU S 369 -94.61 7.40 -21.13
C LEU S 369 -93.67 8.55 -20.76
N GLY S 370 -93.90 9.75 -21.32
CA GLY S 370 -93.12 10.92 -20.97
C GLY S 370 -91.66 10.89 -21.35
N ASN S 371 -91.35 10.45 -22.56
CA ASN S 371 -89.99 10.46 -23.06
C ASN S 371 -89.77 11.63 -24.02
N VAL S 372 -88.50 11.99 -24.20
CA VAL S 372 -88.10 13.01 -25.17
C VAL S 372 -87.80 12.32 -26.48
N ILE S 373 -88.41 12.80 -27.56
CA ILE S 373 -88.32 12.17 -28.87
C ILE S 373 -87.22 12.87 -29.66
N PHE S 374 -86.22 12.10 -30.08
CA PHE S 374 -85.10 12.61 -30.85
C PHE S 374 -85.25 12.08 -32.27
N TYR S 375 -85.46 12.99 -33.22
CA TYR S 375 -85.57 12.63 -34.64
C TYR S 375 -84.27 12.99 -35.33
N ASP S 376 -83.54 11.98 -35.79
CA ASP S 376 -82.34 12.17 -36.58
C ASP S 376 -82.73 11.90 -38.04
N LEU S 377 -82.79 12.96 -38.83
CA LEU S 377 -83.32 12.84 -40.19
C LEU S 377 -82.55 11.80 -40.99
N ASN S 378 -81.27 12.07 -41.28
CA ASN S 378 -80.43 11.19 -42.08
C ASN S 378 -81.17 10.75 -43.34
N LEU S 379 -81.46 11.73 -44.18
CA LEU S 379 -82.37 11.54 -45.31
C LEU S 379 -81.85 10.45 -46.23
N PRO S 380 -82.64 9.40 -46.50
CA PRO S 380 -82.15 8.30 -47.34
C PRO S 380 -81.97 8.74 -48.78
N LEU S 381 -81.35 7.86 -49.56
CA LEU S 381 -81.00 8.17 -50.94
C LEU S 381 -82.22 8.45 -51.82
N PRO S 382 -83.27 7.63 -51.84
CA PRO S 382 -84.38 7.91 -52.78
C PRO S 382 -85.20 9.15 -52.41
N LEU S 383 -85.05 9.68 -51.21
CA LEU S 383 -85.85 10.80 -50.76
C LEU S 383 -85.27 12.15 -51.14
N TRP S 384 -84.14 12.18 -51.85
CA TRP S 384 -83.53 13.43 -52.27
C TRP S 384 -84.13 13.98 -53.56
N GLN S 385 -85.03 13.24 -54.19
CA GLN S 385 -85.87 13.77 -55.26
C GLN S 385 -87.27 14.04 -54.72
N SER S 386 -87.95 15.01 -55.34
CA SER S 386 -89.34 15.30 -54.99
C SER S 386 -89.49 15.67 -53.51
N LEU S 387 -88.91 16.79 -53.12
CA LEU S 387 -89.02 17.34 -51.75
C LEU S 387 -90.41 17.20 -51.17
N GLU S 388 -91.44 17.36 -52.01
CA GLU S 388 -92.81 17.30 -51.53
C GLU S 388 -93.15 15.92 -50.98
N GLU S 389 -92.69 14.85 -51.64
CA GLU S 389 -92.96 13.51 -51.12
C GLU S 389 -92.18 13.25 -49.84
N THR S 390 -90.97 13.81 -49.71
CA THR S 390 -90.23 13.71 -48.47
C THR S 390 -90.99 14.38 -47.33
N LYS S 391 -91.52 15.58 -47.59
CA LYS S 391 -92.33 16.27 -46.58
C LYS S 391 -93.56 15.45 -46.23
N SER S 392 -94.24 14.89 -47.24
CA SER S 392 -95.42 14.08 -46.97
C SER S 392 -95.08 12.88 -46.10
N LEU S 393 -93.93 12.25 -46.36
CA LEU S 393 -93.53 11.08 -45.58
C LEU S 393 -93.17 11.46 -44.14
N ILE S 394 -92.45 12.57 -43.95
CA ILE S 394 -91.86 12.86 -42.65
C ILE S 394 -92.66 13.88 -41.84
N GLN S 395 -93.80 14.36 -42.35
CA GLN S 395 -94.53 15.41 -41.64
C GLN S 395 -95.11 14.91 -40.32
N GLU S 396 -95.59 13.67 -40.29
CA GLU S 396 -96.22 13.16 -39.08
C GLU S 396 -95.20 12.98 -37.96
N VAL S 397 -94.02 12.44 -38.28
CA VAL S 397 -93.02 12.22 -37.24
C VAL S 397 -92.29 13.51 -36.91
N TRP S 398 -92.28 14.48 -37.82
CA TRP S 398 -91.63 15.75 -37.54
C TRP S 398 -92.32 16.50 -36.41
N ASP S 399 -93.64 16.39 -36.33
CA ASP S 399 -94.42 17.08 -35.30
C ASP S 399 -94.40 16.37 -33.96
N LEU S 400 -93.92 15.12 -33.91
CA LEU S 400 -93.85 14.36 -32.67
C LEU S 400 -92.47 14.35 -32.05
N ALA S 401 -91.55 15.16 -32.56
CA ALA S 401 -90.16 15.15 -32.12
C ALA S 401 -89.87 16.38 -31.28
N ASP S 402 -89.20 16.17 -30.15
CA ASP S 402 -88.77 17.27 -29.30
C ASP S 402 -87.43 17.84 -29.73
N VAL S 403 -86.51 16.99 -30.16
CA VAL S 403 -85.21 17.40 -30.66
C VAL S 403 -85.04 16.81 -32.05
N ILE S 404 -84.61 17.64 -33.00
CA ILE S 404 -84.39 17.22 -34.38
C ILE S 404 -82.97 17.63 -34.77
N GLU S 405 -82.23 16.70 -35.37
CA GLU S 405 -80.89 16.99 -35.88
C GLU S 405 -80.89 16.75 -37.38
N VAL S 406 -80.53 17.79 -38.13
CA VAL S 406 -80.41 17.72 -39.58
C VAL S 406 -79.07 18.31 -39.97
N THR S 407 -78.59 17.93 -41.14
CA THR S 407 -77.39 18.53 -41.69
C THR S 407 -77.74 19.89 -42.30
N LYS S 408 -76.70 20.62 -42.72
CA LYS S 408 -76.95 21.87 -43.43
C LYS S 408 -77.62 21.61 -44.77
N GLN S 409 -77.17 20.58 -45.49
CA GLN S 409 -77.79 20.21 -46.75
C GLN S 409 -79.24 19.78 -46.56
N GLU S 410 -79.51 19.00 -45.52
CA GLU S 410 -80.89 18.58 -45.25
C GLU S 410 -81.77 19.77 -44.90
N LEU S 411 -81.24 20.72 -44.11
CA LEU S 411 -82.01 21.92 -43.78
C LEU S 411 -82.30 22.74 -45.03
N GLU S 412 -81.32 22.88 -45.92
CA GLU S 412 -81.55 23.60 -47.17
C GLU S 412 -82.57 22.88 -48.04
N PHE S 413 -82.50 21.55 -48.10
CA PHE S 413 -83.45 20.78 -48.90
C PHE S 413 -84.86 20.94 -48.38
N LEU S 414 -85.05 20.85 -47.06
CA LEU S 414 -86.38 20.96 -46.48
C LEU S 414 -86.93 22.38 -46.50
N CYS S 415 -86.07 23.38 -46.53
CA CYS S 415 -86.50 24.77 -46.59
C CYS S 415 -86.58 25.30 -48.01
N GLY S 416 -86.30 24.47 -49.02
CA GLY S 416 -86.32 24.91 -50.39
C GLY S 416 -85.28 25.98 -50.69
N ILE S 417 -84.05 25.75 -50.24
CA ILE S 417 -82.95 26.69 -50.44
C ILE S 417 -81.94 26.04 -51.38
N GLU S 418 -81.58 26.76 -52.43
CA GLU S 418 -80.58 26.25 -53.36
C GLU S 418 -79.18 26.61 -52.88
N PRO S 419 -78.21 25.70 -52.98
CA PRO S 419 -76.85 26.00 -52.52
C PRO S 419 -76.19 27.10 -53.34
N THR S 420 -76.00 28.26 -52.74
CA THR S 420 -75.42 29.41 -53.42
C THR S 420 -73.90 29.46 -53.33
N GLU S 421 -73.29 28.74 -52.40
CA GLU S 421 -71.86 28.81 -52.19
C GLU S 421 -71.12 27.92 -53.18
N GLU S 422 -69.80 27.98 -53.13
CA GLU S 422 -68.93 27.19 -53.98
C GLU S 422 -68.35 26.02 -53.20
N PHE S 423 -68.12 24.92 -53.90
CA PHE S 423 -67.55 23.72 -53.31
C PHE S 423 -66.17 23.44 -53.87
N ASP S 424 -65.32 22.88 -53.01
CA ASP S 424 -63.98 22.42 -53.40
C ASP S 424 -63.10 23.57 -53.87
N THR S 425 -63.21 24.71 -53.18
CA THR S 425 -62.32 25.84 -53.40
C THR S 425 -61.45 26.03 -52.16
N LYS S 426 -60.16 26.26 -52.38
CA LYS S 426 -59.17 26.25 -51.30
C LYS S 426 -59.19 27.57 -50.54
N ASN S 427 -60.27 27.75 -49.77
CA ASN S 427 -60.40 28.88 -48.86
C ASN S 427 -61.45 28.52 -47.82
N ASN S 428 -61.59 29.39 -46.82
CA ASN S 428 -62.53 29.20 -45.72
C ASN S 428 -63.41 30.43 -45.56
N ASP S 429 -63.99 30.91 -46.66
CA ASP S 429 -64.83 32.09 -46.62
C ASP S 429 -66.12 31.81 -45.85
N SER S 430 -66.61 32.84 -45.16
CA SER S 430 -67.75 32.68 -44.26
C SER S 430 -69.03 32.29 -44.99
N SER S 431 -69.11 32.50 -46.30
CA SER S 431 -70.30 32.13 -47.04
C SER S 431 -70.53 30.63 -47.07
N LYS S 432 -69.47 29.83 -46.90
CA LYS S 432 -69.63 28.38 -46.83
C LYS S 432 -70.19 27.93 -45.49
N PHE S 433 -70.10 28.75 -44.45
CA PHE S 433 -70.59 28.43 -43.11
C PHE S 433 -71.48 29.59 -42.67
N VAL S 434 -72.75 29.55 -43.03
CA VAL S 434 -73.69 30.62 -42.75
C VAL S 434 -74.67 30.15 -41.69
N HIS S 435 -74.88 30.99 -40.68
CA HIS S 435 -75.85 30.72 -39.62
C HIS S 435 -77.18 31.31 -40.04
N TYR S 436 -78.08 30.47 -40.53
CA TYR S 436 -79.39 30.94 -40.96
C TYR S 436 -80.17 31.52 -39.79
N GLU S 437 -80.87 32.63 -40.04
CA GLU S 437 -81.67 33.26 -39.03
C GLU S 437 -82.86 32.37 -38.66
N PRO S 438 -83.42 32.56 -37.46
CA PRO S 438 -84.58 31.74 -37.07
C PRO S 438 -85.78 31.88 -37.99
N GLU S 439 -85.87 32.97 -38.76
CA GLU S 439 -86.93 33.10 -39.74
C GLU S 439 -86.79 32.09 -40.87
N THR S 440 -85.55 31.74 -41.22
CA THR S 440 -85.33 30.71 -42.23
C THR S 440 -85.84 29.36 -41.76
N VAL S 441 -85.57 29.02 -40.49
CA VAL S 441 -86.05 27.77 -39.92
C VAL S 441 -87.44 27.90 -39.32
N GLU S 442 -88.07 29.08 -39.44
CA GLU S 442 -89.42 29.27 -38.90
C GLU S 442 -90.45 28.33 -39.51
N PRO S 443 -90.50 28.12 -40.84
CA PRO S 443 -91.51 27.21 -41.39
C PRO S 443 -91.43 25.79 -40.84
N LEU S 444 -90.23 25.32 -40.49
CA LEU S 444 -90.07 23.95 -40.01
C LEU S 444 -90.46 23.77 -38.55
N TRP S 445 -90.64 24.86 -37.80
CA TRP S 445 -90.90 24.74 -36.38
C TRP S 445 -92.35 24.34 -36.13
N HIS S 446 -92.58 23.72 -34.96
CA HIS S 446 -93.91 23.31 -34.55
C HIS S 446 -94.04 23.54 -33.04
N GLU S 447 -95.15 23.08 -32.46
CA GLU S 447 -95.49 23.46 -31.09
C GLU S 447 -94.57 22.79 -30.08
N ASN S 448 -94.31 21.50 -30.23
CA ASN S 448 -93.58 20.72 -29.24
C ASN S 448 -92.08 20.64 -29.50
N LEU S 449 -91.57 21.32 -30.52
CA LEU S 449 -90.14 21.30 -30.80
C LEU S 449 -89.39 22.13 -29.77
N LYS S 450 -88.35 21.54 -29.18
CA LYS S 450 -87.51 22.23 -28.20
C LYS S 450 -86.22 22.74 -28.82
N ILE S 451 -85.43 21.86 -29.43
CA ILE S 451 -84.14 22.22 -30.01
C ILE S 451 -84.07 21.68 -31.42
N LEU S 452 -83.50 22.47 -32.32
CA LEU S 452 -83.14 22.01 -33.66
C LEU S 452 -81.63 22.16 -33.82
N PHE S 453 -80.95 21.07 -34.13
CA PHE S 453 -79.51 21.07 -34.34
C PHE S 453 -79.23 20.96 -35.83
N VAL S 454 -78.49 21.93 -36.36
CA VAL S 454 -78.06 21.93 -37.76
C VAL S 454 -76.55 21.74 -37.75
N THR S 455 -76.09 20.61 -38.28
CA THR S 455 -74.68 20.25 -38.23
C THR S 455 -74.06 20.35 -39.61
N ASN S 456 -72.82 20.81 -39.65
CA ASN S 456 -72.05 20.89 -40.89
C ASN S 456 -70.83 19.99 -40.76
N GLY S 457 -71.05 18.78 -40.25
CA GLY S 457 -69.94 17.94 -39.84
C GLY S 457 -69.44 18.38 -38.48
N THR S 458 -68.17 18.16 -38.23
CA THR S 458 -67.53 18.63 -37.02
C THR S 458 -66.96 20.04 -37.16
N SER S 459 -67.17 20.68 -38.31
CA SER S 459 -66.71 22.05 -38.51
C SER S 459 -67.57 23.05 -37.76
N LYS S 460 -68.89 22.87 -37.78
CA LYS S 460 -69.79 23.86 -37.18
C LYS S 460 -71.12 23.21 -36.87
N ILE S 461 -71.68 23.55 -35.71
CA ILE S 461 -72.99 23.05 -35.29
C ILE S 461 -73.84 24.25 -34.88
N HIS S 462 -75.03 24.34 -35.46
CA HIS S 462 -75.98 25.41 -35.18
C HIS S 462 -77.14 24.86 -34.36
N TYR S 463 -77.51 25.56 -33.29
CA TYR S 463 -78.64 25.17 -32.47
C TYR S 463 -79.69 26.28 -32.48
N TYR S 464 -80.95 25.88 -32.47
CA TYR S 464 -82.07 26.80 -32.53
C TYR S 464 -83.09 26.45 -31.45
N THR S 465 -83.49 27.46 -30.69
CA THR S 465 -84.63 27.33 -29.78
C THR S 465 -85.60 28.47 -30.03
N LYS S 466 -86.64 28.59 -29.20
CA LYS S 466 -87.58 29.69 -29.36
C LYS S 466 -87.00 31.00 -28.84
N GLU S 467 -86.12 30.95 -27.84
CA GLU S 467 -85.53 32.15 -27.26
C GLU S 467 -84.07 32.36 -27.64
N HIS S 468 -83.34 31.30 -27.98
CA HIS S 468 -81.91 31.39 -28.24
C HIS S 468 -81.56 30.70 -29.54
N ASN S 469 -80.52 31.20 -30.19
CA ASN S 469 -79.95 30.57 -31.36
C ASN S 469 -78.48 30.93 -31.44
N GLY S 470 -77.68 30.03 -32.00
CA GLY S 470 -76.26 30.28 -32.09
C GLY S 470 -75.57 29.11 -32.74
N ALA S 471 -74.25 29.25 -32.88
CA ALA S 471 -73.42 28.23 -33.51
C ALA S 471 -72.12 28.09 -32.74
N VAL S 472 -71.50 26.92 -32.88
CA VAL S 472 -70.22 26.60 -32.27
C VAL S 472 -69.30 26.08 -33.34
N LEU S 473 -68.10 26.66 -33.43
CA LEU S 473 -67.12 26.22 -34.40
C LEU S 473 -66.36 24.99 -33.87
N GLY S 474 -65.92 24.16 -34.81
CA GLY S 474 -65.26 22.91 -34.47
C GLY S 474 -63.99 22.72 -35.27
N MET S 475 -63.72 21.46 -35.60
CA MET S 475 -62.48 21.08 -36.28
C MET S 475 -62.76 19.85 -37.13
N GLU S 476 -62.35 19.90 -38.40
CA GLU S 476 -62.59 18.78 -39.31
C GLU S 476 -61.35 18.40 -40.11
N ASP S 477 -60.16 18.76 -39.62
CA ASP S 477 -58.92 18.31 -40.24
C ASP S 477 -58.42 17.04 -39.56
N VAL S 478 -59.27 16.02 -39.61
CA VAL S 478 -58.99 14.73 -38.99
C VAL S 478 -58.39 13.81 -40.05
N PRO S 479 -57.69 12.74 -39.67
CA PRO S 479 -57.19 11.79 -40.67
C PRO S 479 -58.33 11.14 -41.41
N ILE S 480 -58.26 11.17 -42.74
CA ILE S 480 -59.30 10.62 -43.61
C ILE S 480 -58.66 9.58 -44.52
N THR S 481 -59.39 8.50 -44.76
CA THR S 481 -58.93 7.36 -45.52
C THR S 481 -59.98 7.03 -46.59
N PRO S 482 -59.55 6.50 -47.74
CA PRO S 482 -60.53 6.05 -48.74
C PRO S 482 -61.59 5.11 -48.18
N PHE S 483 -61.28 4.37 -47.12
CA PHE S 483 -62.27 3.54 -46.44
C PHE S 483 -63.16 4.33 -45.48
N THR S 484 -62.79 5.57 -45.14
CA THR S 484 -63.53 6.36 -44.17
C THR S 484 -63.89 7.73 -44.71
N ARG S 485 -63.99 7.89 -46.03
CA ARG S 485 -64.14 9.21 -46.61
C ARG S 485 -65.54 9.79 -46.44
N ASP S 486 -66.56 8.96 -46.21
CA ASP S 486 -67.93 9.46 -46.13
C ASP S 486 -68.21 10.24 -44.86
N MET S 487 -67.35 10.11 -43.84
CA MET S 487 -67.47 10.85 -42.58
C MET S 487 -68.76 10.50 -41.83
N SER S 488 -69.19 9.24 -41.91
CA SER S 488 -70.38 8.83 -41.18
C SER S 488 -70.11 8.67 -39.69
N ALA S 489 -68.87 8.27 -39.35
CA ALA S 489 -68.51 8.14 -37.94
C ALA S 489 -68.60 9.49 -37.23
N SER S 490 -68.22 10.57 -37.92
CA SER S 490 -68.35 11.90 -37.34
C SER S 490 -69.79 12.21 -37.00
N GLY S 491 -70.72 11.92 -37.92
CA GLY S 491 -72.13 12.18 -37.65
C GLY S 491 -72.66 11.34 -36.51
N ASP S 492 -72.30 10.04 -36.48
CA ASP S 492 -72.73 9.19 -35.38
C ASP S 492 -72.21 9.71 -34.05
N GLY S 493 -70.94 10.12 -34.00
CA GLY S 493 -70.39 10.65 -32.76
C GLY S 493 -71.04 11.95 -32.33
N ILE S 494 -71.35 12.82 -33.30
CA ILE S 494 -72.01 14.08 -32.98
C ILE S 494 -73.38 13.81 -32.38
N VAL S 495 -74.15 12.92 -33.01
CA VAL S 495 -75.49 12.61 -32.49
C VAL S 495 -75.40 11.97 -31.12
N ALA S 496 -74.44 11.07 -30.93
CA ALA S 496 -74.28 10.42 -29.64
C ALA S 496 -73.93 11.43 -28.55
N GLY S 497 -73.02 12.37 -28.86
CA GLY S 497 -72.69 13.39 -27.88
C GLY S 497 -73.86 14.29 -27.55
N LEU S 498 -74.63 14.68 -28.56
CA LEU S 498 -75.83 15.49 -28.31
C LEU S 498 -76.80 14.75 -27.41
N ILE S 499 -77.04 13.47 -27.70
CA ILE S 499 -77.97 12.69 -26.89
C ILE S 499 -77.45 12.56 -25.46
N ARG S 500 -76.16 12.29 -25.29
CA ARG S 500 -75.58 12.15 -23.96
C ARG S 500 -75.77 13.43 -23.16
N MET S 501 -75.39 14.57 -23.74
CA MET S 501 -75.47 15.83 -23.00
C MET S 501 -76.90 16.22 -22.70
N LEU S 502 -77.83 15.94 -23.63
CA LEU S 502 -79.23 16.27 -23.37
C LEU S 502 -79.85 15.36 -22.33
N THR S 503 -79.44 14.09 -22.28
CA THR S 503 -80.02 13.17 -21.30
C THR S 503 -79.45 13.36 -19.91
N VAL S 504 -78.17 13.72 -19.78
CA VAL S 504 -77.60 13.86 -18.44
C VAL S 504 -78.17 15.07 -17.71
N GLN S 505 -78.55 16.12 -18.45
CA GLN S 505 -79.15 17.33 -17.86
C GLN S 505 -80.38 17.69 -18.67
N PRO S 506 -81.49 16.96 -18.49
CA PRO S 506 -82.68 17.21 -19.32
C PRO S 506 -83.40 18.50 -19.01
N ASP S 507 -83.12 19.15 -17.88
CA ASP S 507 -83.79 20.40 -17.52
C ASP S 507 -83.06 21.63 -18.03
N LEU S 508 -81.98 21.46 -18.79
CA LEU S 508 -81.21 22.57 -19.35
C LEU S 508 -81.30 22.62 -20.87
N MET S 509 -82.39 22.10 -21.44
CA MET S 509 -82.56 22.12 -22.89
C MET S 509 -82.80 23.53 -23.43
N ASN S 510 -83.10 24.50 -22.57
CA ASN S 510 -83.29 25.88 -22.99
C ASN S 510 -82.17 26.79 -22.50
N ASP S 511 -81.20 26.26 -21.76
CA ASP S 511 -80.08 27.06 -21.27
C ASP S 511 -79.07 27.24 -22.39
N LYS S 512 -78.76 28.50 -22.73
CA LYS S 512 -77.91 28.77 -23.88
C LYS S 512 -76.49 28.27 -23.65
N GLY S 513 -75.94 28.49 -22.46
CA GLY S 513 -74.59 28.02 -22.18
C GLY S 513 -74.47 26.52 -22.24
N TYR S 514 -75.47 25.81 -21.71
CA TYR S 514 -75.45 24.36 -21.78
C TYR S 514 -75.61 23.87 -23.21
N LEU S 515 -76.34 24.61 -24.05
CA LEU S 515 -76.44 24.23 -25.46
C LEU S 515 -75.11 24.42 -26.18
N GLU S 516 -74.39 25.51 -25.87
CA GLU S 516 -73.06 25.70 -26.43
C GLU S 516 -72.12 24.58 -26.00
N ARG S 517 -72.18 24.21 -24.71
CA ARG S 517 -71.35 23.13 -24.20
C ARG S 517 -71.71 21.81 -24.89
N THR S 518 -73.00 21.56 -25.10
CA THR S 518 -73.44 20.34 -25.77
C THR S 518 -72.92 20.29 -27.21
N ALA S 519 -73.00 21.41 -27.93
CA ALA S 519 -72.50 21.44 -29.29
C ALA S 519 -70.99 21.18 -29.34
N ARG S 520 -70.23 21.80 -28.42
CA ARG S 520 -68.80 21.57 -28.40
C ARG S 520 -68.47 20.11 -28.09
N TYR S 521 -69.20 19.53 -27.12
CA TYR S 521 -68.97 18.13 -26.77
C TYR S 521 -69.28 17.21 -27.94
N ALA S 522 -70.36 17.49 -28.67
CA ALA S 522 -70.69 16.68 -29.85
C ALA S 522 -69.62 16.79 -30.93
N ILE S 523 -69.10 18.00 -31.13
CA ILE S 523 -68.00 18.18 -32.09
C ILE S 523 -66.81 17.31 -31.69
N GLU S 524 -66.45 17.36 -30.41
CA GLU S 524 -65.31 16.59 -29.93
C GLU S 524 -65.54 15.09 -30.11
N CYS S 525 -66.76 14.63 -29.81
CA CYS S 525 -67.07 13.21 -29.96
C CYS S 525 -66.98 12.77 -31.42
N GLY S 526 -67.50 13.59 -32.34
CA GLY S 526 -67.38 13.26 -33.75
C GLY S 526 -65.94 13.21 -34.22
N VAL S 527 -65.13 14.17 -33.77
CA VAL S 527 -63.71 14.18 -34.15
C VAL S 527 -63.02 12.91 -33.67
N VAL S 528 -63.28 12.54 -32.40
CA VAL S 528 -62.65 11.35 -31.84
C VAL S 528 -63.09 10.10 -32.58
N ASP S 529 -64.38 9.99 -32.90
CA ASP S 529 -64.87 8.82 -33.62
C ASP S 529 -64.26 8.72 -35.02
N GLN S 530 -64.15 9.85 -35.73
CA GLN S 530 -63.53 9.80 -37.05
C GLN S 530 -62.07 9.40 -36.97
N TRP S 531 -61.35 9.93 -35.98
CA TRP S 531 -59.95 9.56 -35.80
C TRP S 531 -59.80 8.06 -35.53
N LEU S 532 -60.65 7.53 -34.65
CA LEU S 532 -60.61 6.11 -34.33
C LEU S 532 -60.92 5.26 -35.55
N LEU S 533 -61.93 5.64 -36.33
CA LEU S 533 -62.28 4.85 -37.51
C LEU S 533 -61.16 4.87 -38.53
N ALA S 534 -60.53 6.04 -38.73
CA ALA S 534 -59.39 6.12 -39.64
C ALA S 534 -58.27 5.20 -39.20
N GLN S 535 -58.01 5.14 -37.88
CA GLN S 535 -56.97 4.25 -37.40
C GLN S 535 -57.35 2.78 -37.56
N THR S 536 -58.63 2.46 -37.36
CA THR S 536 -59.05 1.05 -37.40
C THR S 536 -59.02 0.51 -38.82
N ARG S 537 -59.58 1.25 -39.77
CA ARG S 537 -59.74 0.67 -41.11
C ARG S 537 -58.45 0.70 -41.91
N GLY S 538 -57.68 1.78 -41.81
CA GLY S 538 -56.43 1.89 -42.55
C GLY S 538 -56.66 2.11 -44.03
N TYR S 539 -55.54 2.37 -44.75
CA TYR S 539 -55.63 2.72 -46.15
C TYR S 539 -55.65 1.48 -47.04
N PRO S 540 -56.30 1.57 -48.20
CA PRO S 540 -56.19 0.49 -49.18
C PRO S 540 -54.80 0.44 -49.76
N PRO S 541 -54.32 -0.75 -50.15
CA PRO S 541 -52.97 -0.90 -50.69
C PRO S 541 -52.85 -0.41 -52.12
N ASN S 562 -63.25 -13.26 -46.75
CA ASN S 562 -63.31 -11.82 -46.99
C ASN S 562 -61.96 -11.32 -47.52
N GLY S 563 -61.94 -10.88 -48.77
CA GLY S 563 -60.73 -10.30 -49.31
C GLY S 563 -60.69 -8.81 -49.07
N ILE S 564 -60.01 -8.40 -47.99
CA ILE S 564 -59.93 -7.00 -47.59
C ILE S 564 -58.51 -6.78 -47.08
N ARG S 565 -57.69 -6.10 -47.87
CA ARG S 565 -56.31 -5.79 -47.50
C ARG S 565 -56.22 -4.30 -47.20
N SER S 566 -55.56 -3.96 -46.10
CA SER S 566 -55.36 -2.57 -45.73
C SER S 566 -53.93 -2.36 -45.25
N ILE S 567 -53.44 -1.14 -45.42
CA ILE S 567 -52.13 -0.75 -44.94
C ILE S 567 -52.31 0.36 -43.91
N THR S 568 -51.33 0.49 -43.03
CA THR S 568 -51.40 1.51 -41.99
C THR S 568 -51.03 2.88 -42.56
N GLU S 569 -51.23 3.91 -41.75
CA GLU S 569 -50.79 5.24 -42.14
C GLU S 569 -49.28 5.30 -42.30
N ARG S 570 -48.55 4.52 -41.50
CA ARG S 570 -47.10 4.45 -41.64
C ARG S 570 -46.69 3.87 -42.97
N GLU S 571 -47.38 2.80 -43.42
CA GLU S 571 -47.07 2.19 -44.71
C GLU S 571 -47.53 3.08 -45.86
N TYR S 572 -48.64 3.79 -45.69
CA TYR S 572 -49.12 4.68 -46.74
C TYR S 572 -48.13 5.81 -47.00
N ARG S 573 -47.52 6.33 -45.93
CA ARG S 573 -46.54 7.41 -46.04
C ARG S 573 -45.12 6.91 -46.23
N THR S 574 -44.95 5.70 -46.77
CA THR S 574 -43.64 5.15 -47.07
C THR S 574 -43.43 5.18 -48.58
N SER S 575 -42.31 5.77 -49.00
CA SER S 575 -42.01 5.91 -50.42
C SER S 575 -41.05 4.83 -50.88
N LYS S 576 -40.88 4.75 -52.20
CA LYS S 576 -39.97 3.78 -52.78
C LYS S 576 -38.53 4.22 -52.56
N PRO S 577 -37.58 3.27 -52.49
CA PRO S 577 -36.18 3.64 -52.27
C PRO S 577 -35.59 4.49 -53.37
N TYR S 578 -36.18 4.51 -54.57
CA TYR S 578 -35.64 5.19 -55.74
C TYR S 578 -34.23 4.69 -56.07
N ASP S 579 -33.99 3.39 -55.87
CA ASP S 579 -32.71 2.77 -56.14
C ASP S 579 -32.68 2.07 -57.50
N GLU S 580 -33.48 2.55 -58.44
CA GLU S 580 -33.45 1.97 -59.78
C GLU S 580 -32.12 2.33 -60.45
N PRO S 581 -31.40 1.34 -61.00
CA PRO S 581 -30.11 1.65 -61.64
C PRO S 581 -30.22 2.68 -62.75
N ASP S 582 -31.32 2.67 -63.50
CA ASP S 582 -31.54 3.69 -64.51
C ASP S 582 -31.85 5.05 -63.91
N GLY S 583 -32.23 5.09 -62.64
CA GLY S 583 -32.58 6.34 -61.98
C GLY S 583 -31.39 7.26 -61.79
N PRO S 584 -31.66 8.55 -61.64
CA PRO S 584 -30.56 9.52 -61.49
C PRO S 584 -30.05 9.63 -60.06
N TYR S 585 -30.40 8.66 -59.20
CA TYR S 585 -30.05 8.69 -57.80
C TYR S 585 -29.22 7.46 -57.40
N VAL S 586 -28.35 6.99 -58.28
CA VAL S 586 -27.54 5.82 -58.02
C VAL S 586 -26.21 5.97 -58.75
N MET S 587 -25.14 5.48 -58.11
CA MET S 587 -23.80 5.56 -58.70
C MET S 587 -23.70 4.56 -59.83
N LYS S 588 -23.87 5.04 -61.06
CA LYS S 588 -23.75 4.21 -62.23
C LYS S 588 -22.28 3.83 -62.48
N PRO S 589 -22.04 2.76 -63.23
CA PRO S 589 -20.65 2.41 -63.58
C PRO S 589 -19.98 3.56 -64.32
N VAL S 590 -18.66 3.67 -64.11
CA VAL S 590 -17.89 4.83 -64.57
C VAL S 590 -17.97 5.04 -66.08
N GLU S 591 -18.43 4.03 -66.84
CA GLU S 591 -18.65 4.23 -68.26
C GLU S 591 -19.69 5.33 -68.51
N GLU S 592 -20.76 5.32 -67.74
CA GLU S 592 -21.84 6.30 -67.85
C GLU S 592 -21.95 7.05 -66.53
N ARG S 593 -21.43 8.28 -66.49
CA ARG S 593 -21.39 9.06 -65.26
C ARG S 593 -22.17 10.36 -65.35
N GLU S 594 -22.00 11.14 -66.42
CA GLU S 594 -22.70 12.40 -66.65
C GLU S 594 -22.48 13.38 -65.49
N TYR S 595 -21.22 13.79 -65.36
CA TYR S 595 -20.87 14.81 -64.39
C TYR S 595 -21.51 16.14 -64.76
N ARG S 596 -21.77 16.97 -63.75
CA ARG S 596 -22.25 18.33 -63.94
C ARG S 596 -21.18 19.30 -63.45
N LYS S 597 -20.90 20.31 -64.26
CA LYS S 597 -19.82 21.24 -63.97
C LYS S 597 -20.22 22.20 -62.86
N LEU S 598 -19.27 22.51 -61.98
CA LEU S 598 -19.51 23.43 -60.87
C LEU S 598 -19.48 24.88 -61.34
N MET T 37 46.36 69.71 -4.27
CA MET T 37 45.91 70.39 -3.07
C MET T 37 46.44 71.81 -3.01
N GLN T 38 46.25 72.47 -1.86
CA GLN T 38 46.75 73.82 -1.68
C GLN T 38 48.27 73.85 -1.64
N THR T 39 48.87 72.93 -0.89
CA THR T 39 50.32 72.92 -0.71
C THR T 39 50.99 72.34 -1.94
N PRO T 40 51.99 73.03 -2.51
CA PRO T 40 52.72 72.47 -3.64
C PRO T 40 53.53 71.25 -3.24
N LEU T 41 53.82 70.40 -4.24
CA LEU T 41 54.49 69.13 -3.97
C LEU T 41 55.88 69.33 -3.37
N GLU T 42 56.58 70.41 -3.73
CA GLU T 42 57.94 70.60 -3.22
C GLU T 42 57.94 70.75 -1.71
N GLU T 43 57.01 71.53 -1.16
CA GLU T 43 56.93 71.69 0.29
C GLU T 43 56.51 70.39 0.96
N LEU T 44 55.57 69.66 0.36
CA LEU T 44 55.08 68.42 0.96
C LEU T 44 56.18 67.37 1.03
N TYR T 45 56.94 67.21 -0.04
CA TYR T 45 57.95 66.17 -0.15
C TYR T 45 59.35 66.64 0.23
N ASN T 46 59.51 67.91 0.60
CA ASN T 46 60.78 68.46 1.07
C ASN T 46 61.87 68.29 0.00
N VAL T 47 61.64 68.99 -1.12
CA VAL T 47 62.58 69.03 -2.23
C VAL T 47 63.12 70.44 -2.33
N LYS T 48 64.44 70.57 -2.21
CA LYS T 48 65.09 71.87 -2.33
C LYS T 48 65.28 72.22 -3.80
N VAL T 49 64.82 73.40 -4.19
CA VAL T 49 64.98 73.90 -5.55
C VAL T 49 65.71 75.23 -5.49
N GLU T 50 66.76 75.37 -6.29
CA GLU T 50 67.62 76.54 -6.33
C GLU T 50 67.70 77.08 -7.75
N ARG T 51 66.54 77.27 -8.36
CA ARG T 51 66.45 77.66 -9.76
C ARG T 51 67.23 78.94 -10.04
N LYS T 52 67.84 78.99 -11.23
CA LYS T 52 68.73 80.08 -11.62
C LYS T 52 69.85 80.25 -10.60
N VAL T 53 70.52 79.15 -10.29
CA VAL T 53 71.57 79.16 -9.28
C VAL T 53 72.75 79.99 -9.79
N SER T 54 73.26 80.87 -8.93
CA SER T 54 74.37 81.73 -9.30
C SER T 54 75.65 80.92 -9.43
N GLN T 55 76.65 81.53 -10.07
CA GLN T 55 77.94 80.87 -10.26
C GLN T 55 78.65 80.63 -8.93
N ARG T 56 78.45 81.52 -7.96
CA ARG T 56 79.14 81.40 -6.67
C ARG T 56 78.78 80.09 -5.98
N ARG T 57 77.49 79.79 -5.87
CA ARG T 57 77.08 78.54 -5.23
C ARG T 57 77.54 77.33 -6.03
N LEU T 58 77.51 77.43 -7.37
CA LEU T 58 77.95 76.32 -8.20
C LEU T 58 79.42 76.01 -7.99
N GLU T 59 80.28 77.04 -7.93
CA GLU T 59 81.70 76.78 -7.72
C GLU T 59 81.98 76.39 -6.27
N GLU T 60 81.15 76.84 -5.32
CA GLU T 60 81.30 76.38 -3.95
C GLU T 60 81.00 74.89 -3.83
N LEU T 61 79.94 74.42 -4.51
CA LEU T 61 79.60 73.01 -4.48
C LEU T 61 80.55 72.15 -5.32
N GLY T 62 81.33 72.76 -6.21
CA GLY T 62 82.16 71.98 -7.11
C GLY T 62 81.38 71.19 -8.13
N VAL T 63 80.35 71.79 -8.72
CA VAL T 63 79.51 71.09 -9.67
C VAL T 63 80.29 70.75 -10.94
N SER T 64 81.21 71.63 -11.35
CA SER T 64 81.96 71.41 -12.58
C SER T 64 82.81 70.15 -12.54
N ARG T 65 83.11 69.64 -11.34
CA ARG T 65 83.93 68.44 -11.20
C ARG T 65 83.09 67.20 -10.88
N TRP T 66 81.80 67.24 -11.19
CA TRP T 66 80.91 66.12 -10.98
C TRP T 66 80.70 65.36 -12.28
N SER T 67 80.21 64.13 -12.16
CA SER T 67 79.97 63.32 -13.33
C SER T 67 78.66 63.70 -14.01
N VAL T 68 78.53 63.27 -15.26
CA VAL T 68 77.39 63.63 -16.11
C VAL T 68 76.57 62.38 -16.37
N TRP T 69 75.27 62.46 -16.08
CA TRP T 69 74.33 61.40 -16.39
C TRP T 69 73.42 61.85 -17.52
N LYS T 70 73.33 61.04 -18.57
CA LYS T 70 72.62 61.40 -19.78
C LYS T 70 71.40 60.50 -19.97
N THR T 71 70.39 61.04 -20.63
CA THR T 71 69.21 60.24 -20.99
C THR T 71 68.44 60.98 -22.07
N GLY T 72 67.66 60.21 -22.83
CA GLY T 72 66.73 60.77 -23.78
C GLY T 72 65.31 60.61 -23.27
N LYS T 73 64.36 60.41 -24.16
CA LYS T 73 62.97 60.15 -23.75
C LYS T 73 62.92 58.77 -23.11
N CYS T 74 62.82 58.73 -21.79
CA CYS T 74 62.79 57.47 -21.06
C CYS T 74 61.94 57.68 -19.80
N LYS T 75 62.03 56.72 -18.88
CA LYS T 75 61.25 56.78 -17.65
C LYS T 75 61.96 55.93 -16.60
N LEU T 76 62.50 56.57 -15.58
CA LEU T 76 63.28 55.88 -14.56
C LEU T 76 62.50 55.77 -13.27
N PRO T 77 62.04 54.59 -12.86
CA PRO T 77 61.43 54.42 -11.54
C PRO T 77 62.51 54.21 -10.49
N TRP T 78 62.65 55.18 -9.60
CA TRP T 78 63.74 55.19 -8.63
C TRP T 78 63.22 55.55 -7.25
N ASP T 79 63.88 55.01 -6.22
CA ASP T 79 63.64 55.38 -4.84
C ASP T 79 64.94 55.91 -4.27
N TRP T 80 64.92 57.15 -3.78
CA TRP T 80 66.12 57.80 -3.27
C TRP T 80 66.36 57.37 -1.83
N GLN T 81 67.08 56.25 -1.66
CA GLN T 81 67.52 55.85 -0.34
C GLN T 81 68.75 56.62 0.12
N VAL T 82 69.06 57.72 -0.54
CA VAL T 82 70.16 58.60 -0.16
C VAL T 82 69.89 59.96 -0.78
N ASP T 83 70.40 61.02 -0.14
CA ASP T 83 70.26 62.35 -0.69
C ASP T 83 71.07 62.49 -1.97
N GLN T 84 70.61 63.37 -2.87
CA GLN T 84 71.28 63.57 -4.14
C GLN T 84 71.02 64.99 -4.63
N LEU T 85 72.10 65.75 -4.84
CA LEU T 85 72.01 67.05 -5.49
C LEU T 85 72.10 66.88 -7.00
N VAL T 86 71.27 67.62 -7.73
CA VAL T 86 71.19 67.50 -9.18
C VAL T 86 71.16 68.90 -9.78
N TYR T 87 72.05 69.15 -10.74
CA TYR T 87 72.07 70.39 -11.50
C TYR T 87 71.75 70.05 -12.96
N ILE T 88 70.73 70.72 -13.50
CA ILE T 88 70.28 70.49 -14.86
C ILE T 88 70.75 71.65 -15.73
N GLU T 89 71.59 71.35 -16.72
CA GLU T 89 72.05 72.35 -17.68
C GLU T 89 71.38 72.21 -19.04
N GLU T 90 71.13 70.99 -19.49
CA GLU T 90 70.43 70.73 -20.74
C GLU T 90 69.38 69.65 -20.50
N GLY T 91 68.17 69.91 -20.96
CA GLY T 91 67.07 68.97 -20.83
C GLY T 91 66.07 69.41 -19.77
N GLU T 92 64.95 68.70 -19.76
CA GLU T 92 63.86 68.95 -18.82
C GLU T 92 63.40 67.64 -18.22
N VAL T 93 63.07 67.65 -16.93
CA VAL T 93 62.61 66.47 -16.22
C VAL T 93 61.34 66.83 -15.46
N ARG T 94 60.32 65.99 -15.58
CA ARG T 94 59.10 66.11 -14.80
C ARG T 94 59.08 64.97 -13.78
N VAL T 95 58.97 65.33 -12.50
CA VAL T 95 59.08 64.37 -11.42
C VAL T 95 57.68 64.10 -10.86
N VAL T 96 57.31 62.82 -10.83
CA VAL T 96 56.01 62.40 -10.30
C VAL T 96 56.23 61.47 -9.11
N PRO T 97 55.91 61.90 -7.90
CA PRO T 97 56.04 61.00 -6.74
C PRO T 97 55.04 59.86 -6.84
N GLU T 98 55.37 58.78 -6.13
CA GLU T 98 54.56 57.57 -6.13
C GLU T 98 53.13 57.85 -5.67
N GLY T 99 52.17 57.70 -6.59
CA GLY T 99 50.78 57.91 -6.30
C GLY T 99 50.26 59.29 -6.65
N SER T 100 51.15 60.25 -6.89
CA SER T 100 50.72 61.61 -7.16
C SER T 100 50.11 61.73 -8.55
N LYS T 101 49.10 62.60 -8.66
CA LYS T 101 48.51 62.98 -9.93
C LYS T 101 49.05 64.30 -10.44
N ARG T 102 50.05 64.86 -9.78
CA ARG T 102 50.68 66.11 -10.20
C ARG T 102 52.19 65.90 -10.28
N PHE T 103 52.88 66.88 -10.83
CA PHE T 103 54.32 66.78 -11.05
C PHE T 103 55.00 68.07 -10.63
N MET T 104 56.30 67.96 -10.35
CA MET T 104 57.15 69.10 -10.08
C MET T 104 57.94 69.42 -11.34
N GLN T 105 57.76 70.62 -11.87
CA GLN T 105 58.39 71.03 -13.12
C GLN T 105 59.76 71.61 -12.86
N PHE T 106 60.79 70.96 -13.38
CA PHE T 106 62.18 71.41 -13.24
C PHE T 106 62.75 71.69 -14.63
N LEU T 107 63.28 72.90 -14.81
CA LEU T 107 63.90 73.31 -16.05
C LEU T 107 65.41 73.24 -15.93
N ALA T 108 66.10 73.72 -16.98
CA ALA T 108 67.54 73.79 -16.96
C ALA T 108 68.01 74.98 -16.12
N GLY T 109 69.19 74.84 -15.53
CA GLY T 109 69.73 75.86 -14.66
C GLY T 109 69.26 75.82 -13.23
N ASP T 110 68.53 74.78 -12.84
CA ASP T 110 68.01 74.64 -11.49
C ASP T 110 68.83 73.61 -10.73
N LEU T 111 69.09 73.91 -9.46
CA LEU T 111 69.76 72.99 -8.55
C LEU T 111 68.73 72.35 -7.64
N VAL T 112 68.62 71.02 -7.70
CA VAL T 112 67.57 70.27 -7.01
C VAL T 112 68.23 69.23 -6.12
N ARG T 113 67.74 69.12 -4.88
CA ARG T 113 68.22 68.14 -3.92
C ARG T 113 67.09 67.16 -3.63
N TYR T 114 67.18 65.97 -4.19
CA TYR T 114 66.16 64.95 -3.95
C TYR T 114 66.36 64.33 -2.58
N PRO T 115 65.33 64.32 -1.73
CA PRO T 115 65.52 63.85 -0.35
C PRO T 115 65.59 62.35 -0.26
N LYS T 116 66.13 61.89 0.88
CA LYS T 116 66.18 60.46 1.17
C LYS T 116 64.79 59.90 1.35
N TRP T 117 64.60 58.64 0.93
CA TRP T 117 63.37 57.87 0.98
C TRP T 117 62.32 58.33 -0.01
N LEU T 118 62.61 59.32 -0.86
CA LEU T 118 61.65 59.73 -1.86
C LEU T 118 61.45 58.63 -2.88
N GLU T 119 60.18 58.33 -3.17
CA GLU T 119 59.79 57.33 -4.16
C GLU T 119 59.06 58.08 -5.27
N ALA T 120 59.80 58.56 -6.25
CA ALA T 120 59.22 59.33 -7.35
C ALA T 120 59.42 58.56 -8.65
N ASP T 121 58.96 59.17 -9.75
CA ASP T 121 59.07 58.58 -11.08
C ASP T 121 59.61 59.65 -12.02
N LEU T 122 60.82 59.44 -12.52
CA LEU T 122 61.47 60.43 -13.37
C LEU T 122 61.00 60.27 -14.82
N PHE T 123 60.64 61.40 -15.42
CA PHE T 123 60.14 61.44 -16.78
C PHE T 123 60.95 62.42 -17.60
N PHE T 124 61.29 62.02 -18.83
CA PHE T 124 62.05 62.86 -19.75
C PHE T 124 61.38 62.84 -21.11
N ASN T 125 61.21 64.02 -21.70
CA ASN T 125 60.58 64.15 -23.01
C ASN T 125 61.54 64.72 -24.05
N ALA T 126 62.84 64.69 -23.77
CA ALA T 126 63.84 65.32 -24.61
C ALA T 126 65.22 64.86 -24.12
N PRO T 127 66.26 65.03 -24.93
CA PRO T 127 67.61 64.72 -24.45
C PRO T 127 67.93 65.51 -23.20
N TYR T 128 68.57 64.83 -22.24
CA TYR T 128 68.76 65.37 -20.91
C TYR T 128 70.14 65.00 -20.40
N SER T 129 70.71 65.90 -19.60
CA SER T 129 72.05 65.71 -19.07
C SER T 129 72.18 66.54 -17.80
N GLU T 130 72.73 65.94 -16.74
CA GLU T 130 72.77 66.58 -15.43
C GLU T 130 74.05 66.20 -14.71
N ARG T 131 74.41 67.03 -13.74
CA ARG T 131 75.54 66.78 -12.85
C ARG T 131 75.01 66.51 -11.44
N TYR T 132 75.64 65.57 -10.75
CA TYR T 132 75.11 65.02 -9.51
C TYR T 132 76.13 65.14 -8.39
N CYS T 133 75.64 64.98 -7.15
CA CYS T 133 76.52 64.73 -6.01
C CYS T 133 75.68 64.01 -4.95
N PHE T 134 75.85 62.69 -4.86
CA PHE T 134 75.18 61.94 -3.80
C PHE T 134 75.77 62.33 -2.46
N LYS T 135 74.91 62.64 -1.50
CA LYS T 135 75.33 63.14 -0.19
C LYS T 135 74.88 62.17 0.89
N ALA T 136 75.80 61.84 1.78
CA ALA T 136 75.49 61.00 2.93
C ALA T 136 75.03 61.90 4.08
N TYR T 137 74.92 61.32 5.27
CA TYR T 137 74.53 62.11 6.43
C TYR T 137 75.57 63.18 6.73
N ALA T 138 75.11 64.32 7.23
CA ALA T 138 75.94 65.50 7.45
C ALA T 138 76.57 65.95 6.13
N ASP T 139 77.89 65.87 6.03
CA ASP T 139 78.62 66.25 4.81
C ASP T 139 78.32 67.68 4.41
N ASP T 140 77.40 67.86 3.47
CA ASP T 140 77.01 69.18 3.01
C ASP T 140 75.50 69.29 2.85
N ALA U 79 60.49 -17.56 -58.19
CA ALA U 79 61.52 -18.55 -58.51
C ALA U 79 62.88 -18.08 -58.00
N GLU U 80 63.88 -18.95 -58.14
CA GLU U 80 65.22 -18.64 -57.68
C GLU U 80 66.05 -18.05 -58.82
N TYR U 81 66.93 -17.11 -58.47
CA TYR U 81 67.71 -16.41 -59.47
C TYR U 81 68.78 -17.32 -60.08
N LYS U 82 69.06 -17.10 -61.36
CA LYS U 82 70.09 -17.84 -62.09
C LYS U 82 71.14 -16.85 -62.57
N PHE U 83 72.34 -16.94 -62.00
CA PHE U 83 73.43 -16.07 -62.40
C PHE U 83 73.94 -16.45 -63.78
N PRO U 84 74.48 -15.49 -64.53
CA PRO U 84 75.04 -15.81 -65.84
C PRO U 84 76.20 -16.79 -65.74
N ASP U 85 76.34 -17.62 -66.77
CA ASP U 85 77.39 -18.63 -66.78
C ASP U 85 78.76 -17.97 -66.87
N PRO U 86 79.79 -18.60 -66.28
CA PRO U 86 81.13 -18.03 -66.33
C PRO U 86 81.65 -17.98 -67.77
N ILE U 87 82.50 -17.00 -68.03
CA ILE U 87 83.09 -16.78 -69.34
C ILE U 87 84.55 -17.21 -69.27
N PRO U 88 84.94 -18.33 -69.90
CA PRO U 88 86.35 -18.71 -69.92
C PRO U 88 87.24 -17.67 -70.59
N GLU U 89 86.73 -16.97 -71.61
CA GLU U 89 87.50 -15.92 -72.24
C GLU U 89 87.78 -14.79 -71.25
N PHE U 90 86.76 -14.37 -70.51
CA PHE U 90 86.96 -13.37 -69.47
C PHE U 90 87.80 -13.92 -68.32
N ALA U 91 87.66 -15.22 -68.02
CA ALA U 91 88.46 -15.81 -66.96
C ALA U 91 89.95 -15.78 -67.30
N GLU U 92 90.30 -16.10 -68.54
CA GLU U 92 91.69 -15.97 -68.97
C GLU U 92 92.13 -14.51 -68.99
N ALA U 93 91.28 -13.62 -69.52
CA ALA U 93 91.65 -12.22 -69.62
C ALA U 93 91.84 -11.59 -68.24
N GLU U 94 90.95 -11.91 -67.29
CA GLU U 94 91.07 -11.33 -65.96
C GLU U 94 92.25 -11.94 -65.20
N THR U 95 92.49 -13.24 -65.36
CA THR U 95 93.57 -13.89 -64.63
C THR U 95 94.94 -13.34 -65.05
N LYS U 96 95.14 -13.15 -66.36
CA LYS U 96 96.42 -12.64 -66.83
C LYS U 96 96.68 -11.24 -66.30
N LYS U 97 95.67 -10.37 -66.35
CA LYS U 97 95.79 -9.06 -65.73
C LYS U 97 95.97 -9.17 -64.22
N PHE U 98 95.26 -10.11 -63.60
CA PHE U 98 95.43 -10.35 -62.16
C PHE U 98 96.85 -10.81 -61.85
N ARG U 99 97.39 -11.71 -62.67
CA ARG U 99 98.73 -12.24 -62.42
C ARG U 99 99.78 -11.14 -62.46
N ASP U 100 99.69 -10.25 -63.45
CA ASP U 100 100.70 -9.19 -63.59
C ASP U 100 100.65 -8.22 -62.43
N HIS U 101 99.46 -7.85 -61.97
CA HIS U 101 99.34 -6.80 -60.96
C HIS U 101 99.90 -7.26 -59.62
N MET U 102 99.48 -8.44 -59.14
CA MET U 102 99.88 -8.87 -57.81
C MET U 102 101.34 -9.29 -57.75
N ALA U 103 101.89 -9.83 -58.84
CA ALA U 103 103.28 -10.25 -58.84
C ALA U 103 104.21 -9.05 -58.62
N LYS U 104 103.92 -7.92 -59.27
CA LYS U 104 104.71 -6.72 -59.04
C LYS U 104 104.49 -6.19 -57.63
N LYS U 105 103.28 -6.33 -57.10
CA LYS U 105 102.96 -5.77 -55.79
C LYS U 105 103.75 -6.45 -54.68
N LEU U 106 103.71 -7.79 -54.64
CA LEU U 106 104.36 -8.52 -53.56
C LEU U 106 105.88 -8.58 -53.72
N ALA U 107 106.42 -8.23 -54.89
CA ALA U 107 107.86 -8.15 -55.05
C ALA U 107 108.45 -6.93 -54.32
N LYS U 108 107.61 -5.94 -54.00
CA LYS U 108 108.06 -4.75 -53.30
C LYS U 108 108.07 -4.91 -51.78
N ARG U 109 107.56 -6.03 -51.26
CA ARG U 109 107.56 -6.31 -49.84
C ARG U 109 108.63 -7.35 -49.53
N ASP U 110 109.44 -7.09 -48.50
CA ASP U 110 110.51 -7.99 -48.13
C ASP U 110 110.02 -9.24 -47.40
N LEU U 111 108.73 -9.30 -47.06
CA LEU U 111 108.21 -10.45 -46.32
C LEU U 111 108.19 -11.73 -47.16
N PHE U 112 108.33 -11.62 -48.48
CA PHE U 112 108.30 -12.79 -49.35
C PHE U 112 109.68 -13.27 -49.76
N GLU U 113 110.65 -12.36 -49.87
CA GLU U 113 112.02 -12.69 -50.25
C GLU U 113 112.07 -13.44 -51.59
N ASP U 114 112.59 -14.66 -51.58
CA ASP U 114 112.76 -15.45 -52.78
C ASP U 114 111.55 -16.31 -53.13
N SER U 115 110.47 -16.20 -52.35
CA SER U 115 109.25 -16.97 -52.59
C SER U 115 108.27 -16.23 -53.50
N VAL U 116 108.76 -15.33 -54.35
CA VAL U 116 107.88 -14.52 -55.18
C VAL U 116 107.10 -15.39 -56.16
N ASP U 117 107.81 -16.26 -56.88
CA ASP U 117 107.17 -17.01 -57.97
C ASP U 117 106.19 -18.06 -57.44
N GLU U 118 106.56 -18.77 -56.38
CA GLU U 118 105.71 -19.87 -55.92
C GLU U 118 104.41 -19.36 -55.31
N ILE U 119 104.48 -18.30 -54.51
CA ILE U 119 103.26 -17.71 -53.97
C ILE U 119 102.40 -17.14 -55.08
N VAL U 120 103.04 -16.54 -56.09
CA VAL U 120 102.32 -16.07 -57.27
C VAL U 120 101.68 -17.24 -58.01
N GLY U 121 102.43 -18.33 -58.18
CA GLY U 121 101.91 -19.48 -58.90
C GLY U 121 100.74 -20.15 -58.19
N VAL U 122 100.81 -20.23 -56.86
CA VAL U 122 99.73 -20.87 -56.10
C VAL U 122 98.43 -20.09 -56.26
N CYS U 123 98.52 -18.76 -56.14
CA CYS U 123 97.31 -17.94 -56.19
C CYS U 123 96.71 -17.89 -57.59
N THR U 124 97.54 -17.97 -58.63
CA THR U 124 97.03 -17.84 -59.99
C THR U 124 96.08 -18.97 -60.35
N GLU U 125 96.45 -20.21 -60.01
CA GLU U 125 95.62 -21.35 -60.36
C GLU U 125 94.30 -21.35 -59.59
N ILE U 126 94.34 -21.02 -58.30
CA ILE U 126 93.12 -21.01 -57.49
C ILE U 126 92.19 -19.89 -57.95
N PHE U 127 92.75 -18.70 -58.20
CA PHE U 127 91.92 -17.57 -58.64
C PHE U 127 91.31 -17.84 -60.01
N GLU U 128 92.09 -18.44 -60.93
CA GLU U 128 91.54 -18.78 -62.23
C GLU U 128 90.46 -19.85 -62.12
N THR U 129 90.62 -20.79 -61.18
CA THR U 129 89.64 -21.85 -61.00
C THR U 129 88.28 -21.27 -60.61
N PHE U 130 88.27 -20.28 -59.71
CA PHE U 130 87.02 -19.66 -59.31
C PHE U 130 86.37 -18.91 -60.48
N LEU U 131 87.17 -18.22 -61.29
CA LEU U 131 86.62 -17.46 -62.41
C LEU U 131 85.95 -18.36 -63.44
N ARG U 132 86.57 -19.51 -63.74
CA ARG U 132 86.04 -20.38 -64.77
C ARG U 132 84.78 -21.13 -64.31
N ASN U 133 84.62 -21.32 -62.99
CA ASN U 133 83.59 -22.20 -62.46
C ASN U 133 82.48 -21.48 -61.71
N GLU U 134 82.82 -20.68 -60.70
CA GLU U 134 81.84 -20.13 -59.79
C GLU U 134 81.50 -18.66 -60.05
N TYR U 135 82.43 -17.88 -60.58
CA TYR U 135 82.18 -16.46 -60.81
C TYR U 135 81.32 -16.28 -62.05
N GLY U 136 80.25 -15.50 -61.93
CA GLY U 136 79.36 -15.26 -63.05
C GLY U 136 78.88 -13.83 -63.14
N GLY U 137 79.61 -12.90 -62.54
CA GLY U 137 79.27 -11.50 -62.62
C GLY U 137 79.10 -10.85 -61.27
N PRO U 138 78.43 -9.70 -61.24
CA PRO U 138 78.18 -9.01 -59.96
C PRO U 138 77.35 -9.88 -59.02
N GLY U 139 77.65 -9.77 -57.73
CA GLY U 139 76.96 -10.56 -56.72
C GLY U 139 77.53 -11.95 -56.51
N THR U 140 78.56 -12.33 -57.25
CA THR U 140 79.17 -13.65 -57.11
C THR U 140 80.60 -13.60 -56.60
N LEU U 141 81.05 -12.43 -56.11
CA LEU U 141 82.41 -12.29 -55.59
C LEU U 141 82.47 -12.96 -54.22
N LEU U 142 82.55 -14.29 -54.24
CA LEU U 142 82.60 -15.06 -53.01
C LEU U 142 83.93 -14.84 -52.29
N VAL U 143 83.88 -14.77 -50.96
CA VAL U 143 85.10 -14.67 -50.16
C VAL U 143 85.73 -16.03 -49.89
N ILE U 144 85.04 -17.11 -50.24
CA ILE U 144 85.59 -18.45 -50.00
C ILE U 144 86.90 -18.67 -50.73
N PRO U 145 87.04 -18.34 -52.03
CA PRO U 145 88.35 -18.54 -52.69
C PRO U 145 89.47 -17.74 -52.05
N PHE U 146 89.18 -16.55 -51.53
CA PHE U 146 90.23 -15.75 -50.90
C PHE U 146 90.73 -16.40 -49.61
N ILE U 147 89.88 -17.17 -48.93
CA ILE U 147 90.33 -17.92 -47.76
C ILE U 147 91.12 -19.15 -48.20
N ASP U 148 90.86 -19.66 -49.41
CA ASP U 148 91.58 -20.85 -49.89
C ASP U 148 93.07 -20.58 -50.02
N MET U 149 93.44 -19.42 -50.56
CA MET U 149 94.86 -19.09 -50.68
C MET U 149 95.50 -18.87 -49.31
N ALA U 150 94.78 -18.23 -48.40
CA ALA U 150 95.35 -17.92 -47.08
C ALA U 150 95.69 -19.18 -46.31
N ASP U 151 94.79 -20.18 -46.33
CA ASP U 151 95.06 -21.43 -45.62
C ASP U 151 96.10 -22.27 -46.34
N THR U 152 96.05 -22.30 -47.67
CA THR U 152 96.96 -23.15 -48.43
C THR U 152 98.41 -22.72 -48.27
N LEU U 153 98.67 -21.41 -48.29
CA LEU U 153 100.04 -20.92 -48.20
C LEU U 153 100.67 -21.29 -46.86
N ASN U 154 99.91 -21.16 -45.77
CA ASN U 154 100.42 -21.59 -44.47
C ASN U 154 100.59 -23.10 -44.41
N GLU U 155 99.75 -23.85 -45.15
CA GLU U 155 99.94 -25.29 -45.24
C GLU U 155 101.20 -25.65 -46.01
N ARG U 156 101.58 -24.83 -46.98
CA ARG U 156 102.80 -25.03 -47.76
C ARG U 156 104.01 -24.35 -47.14
N GLU U 157 103.86 -23.72 -45.97
CA GLU U 157 104.88 -22.99 -45.24
C GLU U 157 105.33 -21.72 -45.96
N LEU U 158 104.66 -21.34 -47.04
CA LEU U 158 105.04 -20.13 -47.76
C LEU U 158 104.75 -18.91 -46.90
N PRO U 159 105.65 -17.93 -46.85
CA PRO U 159 105.44 -16.77 -45.98
C PRO U 159 104.36 -15.84 -46.53
N GLY U 160 103.87 -14.98 -45.64
CA GLY U 160 102.86 -14.01 -46.03
C GLY U 160 101.54 -14.62 -46.46
N GLY U 161 101.08 -15.64 -45.74
CA GLY U 161 99.81 -16.28 -46.04
C GLY U 161 98.65 -15.32 -45.97
N PRO U 162 98.44 -14.70 -44.81
CA PRO U 162 97.41 -13.65 -44.73
C PRO U 162 97.65 -12.49 -45.67
N GLN U 163 98.92 -12.11 -45.88
CA GLN U 163 99.22 -10.95 -46.71
C GLN U 163 98.82 -11.17 -48.17
N ALA U 164 99.13 -12.34 -48.72
CA ALA U 164 98.82 -12.60 -50.12
C ALA U 164 97.32 -12.64 -50.35
N ALA U 165 96.55 -13.23 -49.43
CA ALA U 165 95.11 -13.24 -49.56
C ALA U 165 94.53 -11.84 -49.38
N ARG U 166 95.13 -11.02 -48.52
CA ARG U 166 94.67 -9.64 -48.35
C ARG U 166 94.84 -8.85 -49.64
N ALA U 167 95.98 -9.01 -50.32
CA ALA U 167 96.18 -8.31 -51.57
C ALA U 167 95.22 -8.79 -52.64
N ALA U 168 95.05 -10.12 -52.76
CA ALA U 168 94.23 -10.67 -53.83
C ALA U 168 92.78 -10.22 -53.73
N ILE U 169 92.23 -10.18 -52.51
CA ILE U 169 90.86 -9.74 -52.33
C ILE U 169 90.73 -8.23 -52.59
N LYS U 170 91.81 -7.47 -52.36
CA LYS U 170 91.76 -6.03 -52.58
C LYS U 170 91.73 -5.70 -54.07
N TRP U 171 92.56 -6.35 -54.87
CA TRP U 171 92.57 -6.05 -56.30
C TRP U 171 91.30 -6.54 -56.98
N ALA U 172 90.72 -7.64 -56.50
CA ALA U 172 89.48 -8.15 -57.10
C ALA U 172 88.31 -7.20 -56.87
N GLN U 173 88.39 -6.34 -55.86
CA GLN U 173 87.31 -5.42 -55.57
C GLN U 173 87.37 -4.13 -56.38
N ASP U 174 88.42 -3.94 -57.18
CA ASP U 174 88.56 -2.75 -58.00
C ASP U 174 88.55 -3.02 -59.49
N HIS U 175 88.88 -4.25 -59.92
CA HIS U 175 89.00 -4.56 -61.34
C HIS U 175 88.01 -5.61 -61.82
N VAL U 176 87.77 -6.66 -61.03
CA VAL U 176 86.92 -7.76 -61.47
C VAL U 176 85.48 -7.28 -61.68
N ASP U 177 84.97 -6.48 -60.75
CA ASP U 177 83.60 -6.00 -60.86
C ASP U 177 83.40 -5.14 -62.11
N LYS U 178 84.36 -4.24 -62.38
CA LYS U 178 84.20 -3.32 -63.51
C LYS U 178 84.44 -4.02 -64.84
N ASP U 179 85.39 -4.95 -64.89
CA ASP U 179 85.74 -5.58 -66.16
C ASP U 179 84.62 -6.47 -66.67
N TRP U 180 83.88 -7.12 -65.76
CA TRP U 180 82.80 -8.01 -66.19
C TRP U 180 81.72 -7.24 -66.93
N LYS U 181 81.34 -6.06 -66.41
CA LYS U 181 80.29 -5.28 -67.05
C LYS U 181 80.71 -4.82 -68.45
N GLU U 182 81.95 -4.35 -68.59
CA GLU U 182 82.43 -3.91 -69.89
C GLU U 182 82.51 -5.08 -70.87
N TRP U 183 82.96 -6.25 -70.40
CA TRP U 183 83.08 -7.40 -71.28
C TRP U 183 81.72 -7.87 -71.80
N THR U 184 80.72 -7.94 -70.91
CA THR U 184 79.40 -8.43 -71.27
C THR U 184 78.50 -7.35 -71.85
N GLY U 185 78.90 -6.08 -71.78
CA GLY U 185 78.06 -5.01 -72.28
C GLY U 185 76.92 -4.62 -71.38
N THR U 186 76.88 -5.14 -70.15
CA THR U 186 75.84 -4.81 -69.19
C THR U 186 76.30 -3.66 -68.30
N ASP U 187 75.32 -3.01 -67.66
CA ASP U 187 75.60 -1.92 -66.74
C ASP U 187 75.85 -2.44 -65.33
MG MG Y . -13.29 7.36 -4.31
ZN ZN Z . -15.75 -18.45 29.95
FE FE AA . 76.13 70.58 26.23
N SAH BA . -62.69 -26.37 28.62
CA SAH BA . -61.84 -25.22 28.89
CB SAH BA . -60.63 -25.23 27.97
CG SAH BA . -59.49 -26.09 28.50
SD SAH BA . -58.88 -25.48 30.08
C SAH BA . -62.61 -23.91 28.74
O SAH BA . -62.17 -22.87 29.23
OXT SAH BA . -63.67 -23.85 28.12
C5' SAH BA . -58.77 -27.17 30.72
C4' SAH BA . -60.08 -27.65 31.33
O4' SAH BA . -60.83 -28.36 30.34
C3' SAH BA . -59.84 -28.60 32.49
O3' SAH BA . -60.33 -28.04 33.69
C2' SAH BA . -60.62 -29.85 32.17
O2' SAH BA . -61.63 -30.03 33.13
C1' SAH BA . -61.26 -29.61 30.82
N9 SAH BA . -60.83 -30.66 29.87
C8 SAH BA . -59.61 -30.73 29.25
N7 SAH BA . -59.58 -31.82 28.47
C5 SAH BA . -60.76 -32.46 28.58
C6 SAH BA . -61.25 -33.62 28.00
N6 SAH BA . -60.51 -34.32 27.16
N1 SAH BA . -62.53 -34.05 28.31
C2 SAH BA . -63.30 -33.32 29.18
N3 SAH BA . -62.81 -32.17 29.75
C4 SAH BA . -61.56 -31.74 29.46
FE FE CA . 90.71 60.30 20.75
#